data_6EMW
#
_entry.id   6EMW
#
loop_
_entity.id
_entity.type
_entity.pdbx_description
1 polymer 'ATP-dependent Clp protease ATP-binding subunit'
2 polymer 'ATP-dependent Clp protease ATP-binding subunit'
3 polymer 'Class III stress response-related ATPase, AAA+ superfamily'
4 polymer 'ATP-dependent Clp protease ATP-binding subunit ClpC'
5 polymer 'ATP-dependent Clp protease ATP-binding subunit ClpC'
6 polymer 'ATP-dependent Clp protease ATP-binding subunit ClpC'
7 polymer 'Adapter protein MecA'
#
loop_
_entity_poly.entity_id
_entity_poly.type
_entity_poly.pdbx_seq_one_letter_code
_entity_poly.pdbx_strand_id
1 'polypeptide(L)'
;KLTKEELKEIVTMMVNKLTNRLSEQNINIIVTDKAKDKIAEEGYDPEYGARPLIRAIQKTIEDNLSELILDGNQIEGKKV
TV
;
A,G,M,S,Y,k
2 'polypeptide(L)'
;LTKINETESEKLLSLEDTLHERVIGQKDAVNSISKAVRRARAGLKDPKRPIGSFIFLGPTGVGKTELARALAESMFGDDD
AMIRVDMSEFMEKHAVSRLVGAPPGYVGHDDGGQLTEKVRRKPYSVILFDEIEKAHPDVFNILLQVLDDGHLTDTKGRTV
DFRNTIIIMTSNVGAQELQDQRFAGFGGSSDGQDYETIRKTMLKELKNSFRPEFLNRVDDIIVFH
;
B,H,N,T,Z,l
3 'polypeptide(L)' NNLKEIEQEIEKVKNEKDAAVHAQEFENAANLRDKQTKLEKQYEEAKNEWKNAQN C,I,O,U,a,m
4 'polypeptide(L)'
;SVVDTVAILKGLRDRYEAHHRINISDEAIEAAVKLSNRYVSDRFLPDKAIDLIDEASSKVRLKSHTTPNNLKEIEQEIEK
VKNEKDAAVHAQEFENAANLRDKQTKLEKQYEEAKNEWKNAQNGMSTSLSEEDIAEVIAGWTGIP
;
D,J,P,V,b,n
5 'polypeptide(L)'
;TLDSLARDLTVIAKDGTLDPVIGRDKEITRVIEVLSRRTKNNPVLIGEPGVGKTAIAEGLAQAIVNNEVPETLKDKRVMS
LDMGTVVAGTKYRGEFEERLKKVMEEIQQAGNVILFIDELHTLVGAGGAEGAIDASNILKPALARGELQCIGATTLDEYR
KNIEKDAALERRFQPVQVDEP
;
E,K,Q,W,c,o
6 'polypeptide(L)'
;RLTERAQRVLAHAQEEAIRLNHSNIGTEHLLLGLMKEPEGIAAKVLESFNITEDKVIEEVEKLIGHGQDHVGTLHYTPRA
KKVIELSMDEARKLHHNFVGTEHILLGLIRENEGVAARVFANLDLNITKARAQVVKALGNPEMSNKNAQASKSNNTP
;
F,L,R,X,d,p
7 'polypeptide(L)'
;MRIERVDDTTVKLFITYSDIEARGFSREDLWTNRKRGEEFFWSMMDEINEEEDFVVEGPLWIQVHAFEKGVEVTISKSKN
EDMMNMSDDD
;
e,f,g,h,i,j
#
# COMPACT_ATOMS: atom_id res chain seq x y z
N LYS A 1 4.22 60.08 -36.99
CA LYS A 1 5.47 60.66 -37.45
C LYS A 1 6.50 60.65 -36.35
N LEU A 2 7.72 60.31 -36.71
CA LEU A 2 8.82 60.23 -35.76
C LEU A 2 9.82 61.31 -36.13
N THR A 3 9.86 62.37 -35.33
CA THR A 3 10.53 63.59 -35.73
C THR A 3 12.05 63.40 -35.78
N LYS A 4 12.69 64.32 -36.49
CA LYS A 4 14.14 64.37 -36.59
C LYS A 4 14.73 64.18 -35.20
N GLU A 5 14.05 64.76 -34.22
CA GLU A 5 14.33 64.50 -32.83
C GLU A 5 14.51 63.02 -32.66
N GLU A 6 13.38 62.31 -32.76
CA GLU A 6 13.36 60.89 -32.51
C GLU A 6 14.51 60.21 -33.23
N LEU A 7 14.68 60.54 -34.51
CA LEU A 7 15.70 59.92 -35.32
C LEU A 7 17.00 59.95 -34.56
N LYS A 8 17.59 61.13 -34.42
CA LYS A 8 18.87 61.17 -33.73
C LYS A 8 18.71 60.76 -32.27
N GLU A 9 17.55 61.03 -31.68
CA GLU A 9 17.32 60.56 -30.33
C GLU A 9 17.45 59.05 -30.26
N ILE A 10 16.72 58.35 -31.12
CA ILE A 10 16.89 56.91 -31.14
C ILE A 10 18.32 56.56 -31.49
N VAL A 11 18.90 57.30 -32.44
CA VAL A 11 20.30 57.13 -32.77
C VAL A 11 21.15 57.11 -31.52
N THR A 12 20.78 57.92 -30.54
CA THR A 12 21.41 57.75 -29.24
C THR A 12 21.23 56.33 -28.77
N MET A 13 20.02 56.00 -28.35
CA MET A 13 19.83 54.75 -27.67
C MET A 13 20.29 53.60 -28.53
N MET A 14 20.32 53.82 -29.84
CA MET A 14 21.07 52.92 -30.71
C MET A 14 22.46 52.69 -30.15
N VAL A 15 23.13 53.75 -29.72
CA VAL A 15 24.46 53.59 -29.18
C VAL A 15 24.47 52.73 -27.94
N ASN A 16 23.35 52.68 -27.24
CA ASN A 16 23.33 52.06 -25.93
C ASN A 16 23.85 50.63 -25.97
N LYS A 17 23.24 49.81 -26.82
CA LYS A 17 23.66 48.43 -26.95
C LYS A 17 25.17 48.33 -27.10
N LEU A 18 25.75 49.21 -27.89
CA LEU A 18 27.20 49.25 -28.03
C LEU A 18 27.79 49.40 -26.65
N THR A 19 27.59 50.59 -26.09
CA THR A 19 28.13 50.88 -24.78
C THR A 19 27.66 49.85 -23.76
N ASN A 20 26.34 49.69 -23.60
CA ASN A 20 25.82 48.86 -22.52
C ASN A 20 26.31 47.44 -22.62
N ARG A 21 26.89 47.08 -23.75
CA ARG A 21 27.51 45.79 -23.91
C ARG A 21 29.00 45.94 -24.11
N LEU A 22 29.40 46.60 -25.17
CA LEU A 22 30.77 46.47 -25.64
C LEU A 22 31.64 47.20 -24.65
N SER A 23 31.46 48.52 -24.59
CA SER A 23 32.15 49.26 -23.57
C SER A 23 31.71 48.82 -22.18
N GLU A 24 30.69 47.94 -22.08
CA GLU A 24 30.38 47.33 -20.80
C GLU A 24 30.74 45.86 -20.70
N GLN A 25 34.19 45.14 -23.97
CA GLN A 25 35.25 45.89 -24.64
C GLN A 25 35.81 47.02 -23.79
N ASN A 26 34.94 47.82 -23.19
CA ASN A 26 35.37 48.95 -22.38
C ASN A 26 36.21 49.93 -23.21
N ILE A 27 35.52 50.58 -24.14
CA ILE A 27 36.19 51.43 -25.11
C ILE A 27 35.45 52.74 -25.26
N ASN A 28 36.13 53.85 -24.97
CA ASN A 28 35.51 55.15 -25.03
C ASN A 28 34.97 55.45 -26.42
N ILE A 29 33.95 56.29 -26.47
CA ILE A 29 33.20 56.49 -27.70
C ILE A 29 33.05 57.96 -28.02
N ILE A 30 33.40 58.33 -29.25
CA ILE A 30 33.16 59.68 -29.75
C ILE A 30 32.05 59.66 -30.78
N VAL A 31 31.37 60.80 -30.89
CA VAL A 31 30.15 60.90 -31.66
C VAL A 31 30.22 62.15 -32.53
N THR A 32 30.20 61.97 -33.84
CA THR A 32 30.21 63.11 -34.75
C THR A 32 28.79 63.32 -35.25
N ASP A 33 28.15 64.36 -34.73
CA ASP A 33 26.75 64.60 -35.04
C ASP A 33 26.52 64.58 -36.54
N LYS A 34 27.35 65.33 -37.26
CA LYS A 34 27.32 65.38 -38.70
C LYS A 34 27.20 63.98 -39.28
N ALA A 35 28.26 63.19 -39.12
CA ALA A 35 28.20 61.80 -39.55
C ALA A 35 26.98 61.13 -38.94
N LYS A 36 26.86 61.20 -37.61
CA LYS A 36 25.69 60.65 -36.93
C LYS A 36 24.44 61.03 -37.68
N ASP A 37 24.33 62.32 -37.99
CA ASP A 37 23.21 62.78 -38.77
C ASP A 37 23.30 62.27 -40.20
N LYS A 38 24.45 62.44 -40.84
CA LYS A 38 24.68 61.84 -42.15
C LYS A 38 24.28 60.39 -42.13
N ILE A 39 24.72 59.66 -41.10
CA ILE A 39 24.14 58.37 -40.85
C ILE A 39 22.64 58.50 -40.69
N ALA A 40 22.21 59.22 -39.65
CA ALA A 40 20.78 59.37 -39.38
C ALA A 40 20.03 59.79 -40.63
N GLU A 41 20.62 60.69 -41.41
CA GLU A 41 20.14 61.01 -42.75
C GLU A 41 19.80 59.73 -43.47
N GLU A 42 20.83 58.96 -43.81
CA GLU A 42 20.58 57.65 -44.38
C GLU A 42 19.99 56.71 -43.36
N GLY A 43 20.04 57.06 -42.08
CA GLY A 43 19.51 56.20 -41.04
C GLY A 43 18.03 56.01 -41.16
N TYR A 44 17.27 57.10 -41.13
CA TYR A 44 15.84 56.97 -41.18
C TYR A 44 15.39 56.71 -42.60
N ASP A 45 14.54 55.71 -42.76
CA ASP A 45 13.77 55.54 -43.98
C ASP A 45 12.32 55.83 -43.68
N PRO A 46 11.61 56.35 -44.65
CA PRO A 46 10.18 56.51 -44.47
C PRO A 46 9.54 55.18 -44.16
N GLU A 47 9.48 54.31 -45.16
CA GLU A 47 8.76 53.05 -45.07
C GLU A 47 9.20 52.22 -43.87
N TYR A 48 10.46 51.82 -43.84
CA TYR A 48 10.94 50.91 -42.82
C TYR A 48 11.24 51.64 -41.52
N GLY A 49 11.01 52.94 -41.47
CA GLY A 49 11.49 53.74 -40.36
C GLY A 49 12.99 53.85 -40.47
N ALA A 50 13.59 54.31 -39.38
CA ALA A 50 15.03 54.22 -39.31
C ALA A 50 15.50 52.81 -39.05
N ARG A 51 14.58 51.86 -38.85
CA ARG A 51 14.86 50.53 -38.35
C ARG A 51 16.13 49.94 -38.92
N PRO A 52 16.42 50.09 -40.22
CA PRO A 52 17.71 49.62 -40.73
C PRO A 52 18.89 50.08 -39.92
N LEU A 53 18.72 51.16 -39.16
CA LEU A 53 19.83 51.78 -38.47
C LEU A 53 20.70 50.76 -37.77
N ILE A 54 20.05 49.82 -37.09
CA ILE A 54 20.76 48.74 -36.44
C ILE A 54 21.82 48.19 -37.36
N ARG A 55 21.37 47.56 -38.44
CA ARG A 55 22.30 47.16 -39.46
C ARG A 55 23.17 48.34 -39.86
N ALA A 56 22.52 49.44 -40.23
CA ALA A 56 23.22 50.58 -40.80
C ALA A 56 24.47 50.88 -40.00
N ILE A 57 24.28 51.17 -38.74
CA ILE A 57 25.39 51.36 -37.81
C ILE A 57 26.40 50.24 -37.95
N GLN A 58 26.03 49.06 -37.49
CA GLN A 58 26.99 48.00 -37.22
C GLN A 58 28.01 47.88 -38.33
N LYS A 59 27.52 48.03 -39.55
CA LYS A 59 28.28 47.70 -40.75
C LYS A 59 29.65 48.32 -40.66
N THR A 60 29.69 49.63 -40.79
CA THR A 60 30.93 50.39 -40.71
C THR A 60 31.35 50.59 -39.28
N ILE A 61 30.38 50.70 -38.38
CA ILE A 61 30.67 51.22 -37.05
C ILE A 61 31.46 50.19 -36.30
N GLU A 62 30.81 49.06 -36.03
CA GLU A 62 31.52 47.94 -35.43
C GLU A 62 32.79 47.67 -36.20
N ASP A 63 32.73 47.82 -37.52
CA ASP A 63 33.91 47.62 -38.36
C ASP A 63 35.06 48.48 -37.89
N ASN A 64 34.93 49.79 -38.09
CA ASN A 64 36.05 50.68 -37.85
C ASN A 64 36.66 50.38 -36.49
N LEU A 65 35.81 50.11 -35.51
CA LEU A 65 36.28 49.54 -34.27
C LEU A 65 37.08 48.28 -34.55
N SER A 66 36.38 47.25 -35.01
CA SER A 66 37.05 45.99 -35.29
C SER A 66 38.30 46.23 -36.09
N GLU A 67 38.21 47.13 -37.05
CA GLU A 67 39.40 47.57 -37.75
C GLU A 67 40.40 48.10 -36.74
N LEU A 68 40.07 49.23 -36.12
CA LEU A 68 41.01 49.81 -35.18
C LEU A 68 41.25 48.89 -33.99
N ILE A 69 40.40 47.88 -33.79
CA ILE A 69 40.78 46.78 -32.92
C ILE A 69 42.04 46.12 -33.43
N LEU A 70 42.16 46.01 -34.75
CA LEU A 70 43.38 45.45 -35.29
C LEU A 70 44.50 46.47 -35.28
N ASP A 71 44.17 47.72 -35.62
CA ASP A 71 45.14 48.64 -36.21
C ASP A 71 46.34 48.92 -35.33
N GLY A 72 46.31 48.56 -34.04
CA GLY A 72 47.43 48.64 -33.12
C GLY A 72 47.93 50.07 -32.96
N ASN A 73 47.40 51.00 -33.78
CA ASN A 73 47.83 52.39 -33.70
C ASN A 73 47.13 53.15 -32.58
N GLN A 74 45.81 53.08 -32.51
CA GLN A 74 45.04 53.74 -31.47
C GLN A 74 43.96 52.76 -31.02
N ILE A 75 43.97 52.43 -29.73
CA ILE A 75 43.46 51.13 -29.30
C ILE A 75 42.47 51.20 -28.15
N GLU A 76 42.18 50.07 -27.53
CA GLU A 76 41.07 50.01 -26.58
C GLU A 76 41.17 51.11 -25.54
N GLY A 77 40.01 51.63 -25.19
CA GLY A 77 39.75 52.68 -24.22
C GLY A 77 39.97 54.07 -24.85
N LYS A 78 40.38 54.14 -26.12
CA LYS A 78 40.42 55.39 -26.87
C LYS A 78 39.02 55.69 -27.42
N LYS A 79 38.94 56.65 -28.33
CA LYS A 79 37.79 56.73 -29.25
C LYS A 79 38.19 57.40 -30.56
N VAL A 80 37.68 56.88 -31.67
CA VAL A 80 37.87 57.46 -33.01
C VAL A 80 36.57 57.18 -33.77
N THR A 81 36.32 57.96 -34.82
CA THR A 81 35.20 57.67 -35.72
C THR A 81 35.47 58.30 -37.08
N VAL A 82 34.46 58.30 -37.93
CA VAL A 82 34.53 59.00 -39.21
C VAL A 82 33.81 60.32 -39.11
N LEU B 1 16.01 52.18 -4.50
CA LEU B 1 15.71 53.61 -4.43
C LEU B 1 14.26 53.87 -4.81
N THR B 2 13.83 53.37 -5.96
CA THR B 2 12.43 53.52 -6.30
C THR B 2 11.57 52.80 -5.28
N LYS B 3 11.93 51.56 -4.96
CA LYS B 3 11.33 50.88 -3.83
C LYS B 3 11.35 51.78 -2.62
N ILE B 4 12.44 52.51 -2.44
CA ILE B 4 12.54 53.40 -1.31
C ILE B 4 11.57 54.54 -1.54
N ASN B 5 11.90 55.34 -2.54
CA ASN B 5 11.30 56.67 -2.62
C ASN B 5 9.84 56.61 -3.00
N GLU B 6 9.56 56.04 -4.18
CA GLU B 6 8.19 55.93 -4.65
C GLU B 6 7.19 56.47 -3.63
N THR B 7 7.03 57.79 -3.61
CA THR B 7 6.12 58.43 -2.67
C THR B 7 4.68 58.35 -3.16
N GLU B 8 4.51 58.21 -4.48
CA GLU B 8 3.19 58.12 -5.08
C GLU B 8 2.80 59.43 -5.76
N SER B 9 3.81 60.16 -6.23
CA SER B 9 3.58 61.43 -6.91
C SER B 9 4.84 61.90 -7.63
N GLU B 10 5.96 61.29 -7.29
CA GLU B 10 7.25 61.64 -7.89
C GLU B 10 7.26 61.26 -9.36
N LYS B 11 6.82 60.05 -9.66
CA LYS B 11 6.57 59.70 -11.04
C LYS B 11 5.68 60.78 -11.62
N LEU B 12 4.44 60.80 -11.16
CA LEU B 12 3.39 61.64 -11.72
C LEU B 12 3.94 63.02 -11.97
N LEU B 13 4.28 63.70 -10.88
CA LEU B 13 4.75 65.07 -10.97
C LEU B 13 5.84 65.19 -12.03
N SER B 14 6.72 64.22 -12.10
CA SER B 14 7.78 64.31 -13.08
C SER B 14 7.51 63.48 -14.31
N LEU B 15 6.37 62.78 -14.35
CA LEU B 15 6.20 61.65 -15.26
C LEU B 15 6.46 62.05 -16.69
N GLU B 16 6.05 63.24 -17.06
CA GLU B 16 6.38 63.72 -18.39
C GLU B 16 7.88 63.73 -18.54
N ASP B 17 8.53 64.63 -17.81
CA ASP B 17 9.97 64.73 -17.91
C ASP B 17 10.62 63.42 -17.51
N THR B 18 9.97 62.66 -16.64
CA THR B 18 10.29 61.26 -16.51
C THR B 18 10.23 60.62 -17.87
N LEU B 19 9.01 60.46 -18.38
CA LEU B 19 8.84 59.80 -19.66
C LEU B 19 9.70 60.46 -20.71
N HIS B 20 9.81 61.78 -20.66
CA HIS B 20 10.60 62.51 -21.65
C HIS B 20 12.00 61.98 -21.74
N GLU B 21 12.45 61.24 -20.72
CA GLU B 21 13.74 60.61 -20.76
C GLU B 21 13.79 59.57 -21.88
N ARG B 22 12.67 59.35 -22.56
CA ARG B 22 12.65 58.22 -23.47
C ARG B 22 12.50 58.58 -24.94
N VAL B 23 11.30 58.94 -25.37
CA VAL B 23 11.04 59.01 -26.80
C VAL B 23 10.45 60.35 -27.14
N ILE B 24 11.11 61.04 -28.06
CA ILE B 24 10.59 62.31 -28.49
C ILE B 24 9.28 62.09 -29.22
N GLY B 25 8.47 63.14 -29.26
CA GLY B 25 7.23 63.10 -29.98
C GLY B 25 6.17 62.38 -29.18
N GLN B 26 4.92 62.69 -29.53
CA GLN B 26 3.77 62.25 -28.77
C GLN B 26 3.85 62.74 -27.34
N LYS B 27 4.63 63.80 -27.13
CA LYS B 27 4.78 64.39 -25.83
C LYS B 27 3.42 64.57 -25.18
N ASP B 28 2.50 65.19 -25.90
CA ASP B 28 1.10 65.21 -25.52
C ASP B 28 0.61 63.83 -25.14
N ALA B 29 0.60 62.91 -26.09
CA ALA B 29 0.20 61.55 -25.79
C ALA B 29 0.95 61.05 -24.58
N VAL B 30 2.26 61.24 -24.62
CA VAL B 30 3.07 61.01 -23.44
C VAL B 30 2.43 61.68 -22.24
N ASN B 31 2.19 62.99 -22.36
CA ASN B 31 1.49 63.71 -21.32
C ASN B 31 0.16 63.06 -21.04
N SER B 32 -0.64 62.89 -22.10
CA SER B 32 -1.93 62.23 -21.94
C SER B 32 -1.76 60.94 -21.18
N ILE B 33 -0.80 60.13 -21.62
CA ILE B 33 -0.52 58.88 -20.91
C ILE B 33 -0.23 59.18 -19.46
N SER B 34 0.72 60.08 -19.22
CA SER B 34 0.95 60.55 -17.87
C SER B 34 -0.36 61.00 -17.26
N LYS B 35 -1.02 61.94 -17.93
CA LYS B 35 -2.35 62.33 -17.53
C LYS B 35 -3.22 61.11 -17.28
N ALA B 36 -3.23 60.19 -18.24
CA ALA B 36 -4.08 59.01 -18.15
C ALA B 36 -3.85 58.27 -16.85
N VAL B 37 -2.69 57.64 -16.74
CA VAL B 37 -2.40 56.74 -15.65
C VAL B 37 -2.58 57.41 -14.30
N ARG B 38 -2.61 58.72 -14.25
CA ARG B 38 -2.92 59.36 -12.98
C ARG B 38 -4.35 59.06 -12.60
N ARG B 39 -5.23 58.99 -13.59
CA ARG B 39 -6.56 58.46 -13.35
C ARG B 39 -6.50 57.00 -12.98
N ALA B 40 -5.41 56.31 -13.30
CA ALA B 40 -5.24 55.01 -12.70
C ALA B 40 -5.13 55.11 -11.21
N ARG B 41 -5.08 56.31 -10.68
CA ARG B 41 -5.27 56.53 -9.27
C ARG B 41 -6.48 57.44 -9.07
N ALA B 42 -6.69 57.79 -7.80
CA ALA B 42 -7.74 58.69 -7.35
C ALA B 42 -9.09 57.98 -7.37
N GLY B 43 -9.18 56.90 -8.14
CA GLY B 43 -10.39 56.13 -8.23
C GLY B 43 -11.60 56.95 -8.61
N LEU B 44 -11.39 58.13 -9.18
CA LEU B 44 -12.52 58.93 -9.62
C LEU B 44 -13.23 58.27 -10.79
N LYS B 45 -12.49 57.53 -11.60
CA LYS B 45 -13.09 56.58 -12.53
C LYS B 45 -13.26 55.27 -11.78
N ASP B 46 -13.64 54.22 -12.48
CA ASP B 46 -13.89 52.96 -11.79
C ASP B 46 -12.60 52.42 -11.23
N PRO B 47 -12.49 52.29 -9.90
CA PRO B 47 -11.26 51.73 -9.33
C PRO B 47 -10.87 50.43 -9.96
N LYS B 48 -11.83 49.66 -10.44
CA LYS B 48 -11.56 48.56 -11.35
C LYS B 48 -11.91 49.07 -12.74
N ARG B 49 -10.90 49.27 -13.56
CA ARG B 49 -11.10 49.85 -14.87
C ARG B 49 -9.75 49.84 -15.56
N GLY B 52 -6.34 50.00 -18.20
CA GLY B 52 -5.41 50.99 -18.73
C GLY B 52 -5.27 50.72 -20.21
N SER B 53 -5.89 51.57 -21.03
CA SER B 53 -6.37 51.20 -22.35
C SER B 53 -5.91 52.20 -23.40
N PHE B 54 -5.02 51.76 -24.29
CA PHE B 54 -4.32 52.71 -25.14
C PHE B 54 -4.22 52.18 -26.55
N ILE B 55 -4.84 52.88 -27.49
CA ILE B 55 -4.77 52.51 -28.89
C ILE B 55 -3.66 53.30 -29.55
N PHE B 56 -2.61 52.61 -29.95
CA PHE B 56 -1.53 53.29 -30.63
C PHE B 56 -1.83 53.45 -32.11
N LEU B 57 -1.70 54.68 -32.58
CA LEU B 57 -1.81 55.03 -33.98
C LEU B 57 -0.39 55.32 -34.39
N GLY B 58 0.23 54.41 -35.13
CA GLY B 58 1.63 54.60 -35.40
C GLY B 58 2.24 53.41 -36.10
N PRO B 59 3.52 53.55 -36.39
CA PRO B 59 4.26 52.62 -37.21
C PRO B 59 5.23 51.80 -36.38
N THR B 60 6.02 51.01 -37.07
CA THR B 60 7.24 50.52 -36.47
C THR B 60 8.17 51.70 -36.20
N GLY B 61 9.06 51.53 -35.24
CA GLY B 61 9.87 52.65 -34.81
C GLY B 61 9.10 53.72 -34.08
N VAL B 62 7.80 53.56 -33.90
CA VAL B 62 6.95 54.61 -33.38
C VAL B 62 7.00 54.71 -31.87
N GLY B 63 7.83 53.92 -31.22
CA GLY B 63 7.86 53.92 -29.78
C GLY B 63 6.71 53.19 -29.15
N LYS B 64 5.79 52.70 -29.96
CA LYS B 64 4.67 51.93 -29.46
C LYS B 64 5.20 50.92 -28.47
N THR B 65 6.27 50.26 -28.85
CA THR B 65 6.88 49.33 -27.93
C THR B 65 7.56 50.10 -26.80
N GLU B 66 8.44 51.04 -27.18
CA GLU B 66 9.26 51.79 -26.24
C GLU B 66 8.42 52.25 -25.07
N LEU B 67 7.47 53.10 -25.39
CA LEU B 67 6.54 53.65 -24.45
C LEU B 67 6.07 52.54 -23.55
N ALA B 68 5.26 51.68 -24.15
CA ALA B 68 4.68 50.57 -23.40
C ALA B 68 5.73 49.91 -22.55
N ARG B 69 6.86 49.57 -23.17
CA ARG B 69 8.00 49.11 -22.42
C ARG B 69 8.26 50.06 -21.28
N ALA B 70 8.75 51.24 -21.60
CA ALA B 70 9.17 52.14 -20.54
C ALA B 70 8.08 52.37 -19.53
N LEU B 71 6.83 52.33 -19.96
CA LEU B 71 5.73 52.69 -19.09
C LEU B 71 5.85 52.03 -17.74
N ALA B 72 5.68 50.72 -17.68
CA ALA B 72 5.83 50.06 -16.39
C ALA B 72 7.28 50.06 -15.96
N GLU B 73 8.19 49.87 -16.91
CA GLU B 73 9.60 50.09 -16.63
C GLU B 73 9.77 51.40 -15.90
N SER B 74 9.01 52.41 -16.30
CA SER B 74 8.81 53.56 -15.45
C SER B 74 7.86 53.23 -14.32
N MET B 75 6.60 52.92 -14.65
CA MET B 75 5.60 52.70 -13.62
C MET B 75 5.97 51.60 -12.66
N PHE B 76 5.99 50.37 -13.13
CA PHE B 76 6.23 49.25 -12.25
C PHE B 76 7.69 48.96 -12.09
N GLY B 77 8.56 49.82 -12.61
CA GLY B 77 9.98 49.67 -12.38
C GLY B 77 10.50 48.41 -13.05
N ASP B 78 9.88 48.07 -14.18
CA ASP B 78 10.35 46.98 -15.01
C ASP B 78 9.45 46.91 -16.22
N ASP B 79 9.97 46.39 -17.32
CA ASP B 79 9.18 46.20 -18.52
C ASP B 79 8.65 44.78 -18.64
N ASP B 80 9.09 43.88 -17.78
CA ASP B 80 8.61 42.51 -17.89
C ASP B 80 7.16 42.40 -17.46
N ALA B 81 6.64 43.45 -16.84
CA ALA B 81 5.21 43.55 -16.62
C ALA B 81 4.46 43.45 -17.94
N MET B 82 5.09 43.88 -19.02
CA MET B 82 4.44 43.90 -20.31
C MET B 82 4.12 42.48 -20.74
N ILE B 83 3.10 42.37 -21.58
CA ILE B 83 2.78 41.10 -22.23
C ILE B 83 2.53 41.34 -23.71
N ARG B 84 3.38 40.77 -24.53
CA ARG B 84 3.13 40.71 -25.97
C ARG B 84 1.96 39.77 -26.22
N VAL B 85 1.05 40.20 -27.09
CA VAL B 85 -0.02 39.33 -27.55
C VAL B 85 -0.23 39.58 -29.03
N ASP B 86 -0.20 38.52 -29.83
CA ASP B 86 -0.28 38.66 -31.27
C ASP B 86 -1.73 38.53 -31.71
N MET B 87 -2.28 39.63 -32.21
CA MET B 87 -3.64 39.60 -32.74
C MET B 87 -3.71 38.70 -33.96
N SER B 88 -2.60 38.55 -34.68
CA SER B 88 -2.53 37.53 -35.71
C SER B 88 -2.95 36.20 -35.15
N GLU B 89 -2.62 35.95 -33.89
CA GLU B 89 -2.92 34.70 -33.25
C GLU B 89 -4.29 34.68 -32.63
N PHE B 90 -5.07 35.72 -32.86
CA PHE B 90 -6.42 35.78 -32.34
C PHE B 90 -7.36 35.54 -33.51
N MET B 91 -7.99 34.37 -33.52
CA MET B 91 -8.85 34.01 -34.65
C MET B 91 -10.26 33.65 -34.23
N GLU B 92 -10.47 32.44 -33.72
CA GLU B 92 -11.83 32.08 -33.34
C GLU B 92 -11.86 31.45 -31.96
N LYS B 93 -11.17 30.34 -31.78
CA LYS B 93 -11.32 29.56 -30.57
C LYS B 93 -10.25 29.86 -29.53
N HIS B 94 -9.30 30.73 -29.82
CA HIS B 94 -8.25 30.99 -28.85
C HIS B 94 -8.82 31.52 -27.55
N ALA B 95 -10.10 31.90 -27.54
CA ALA B 95 -10.75 32.30 -26.30
C ALA B 95 -10.42 31.31 -25.21
N VAL B 96 -10.45 30.02 -25.54
CA VAL B 96 -9.93 29.00 -24.64
C VAL B 96 -8.49 29.34 -24.29
N SER B 97 -7.64 29.44 -25.30
CA SER B 97 -6.26 29.75 -25.01
C SER B 97 -6.10 31.18 -24.54
N ARG B 98 -7.17 31.96 -24.56
CA ARG B 98 -7.22 33.14 -23.70
C ARG B 98 -7.71 32.81 -22.30
N LEU B 99 -8.74 31.97 -22.20
CA LEU B 99 -9.51 31.83 -20.99
C LEU B 99 -9.80 30.36 -20.75
N VAL B 100 -9.52 29.89 -19.52
CA VAL B 100 -9.28 28.48 -19.25
C VAL B 100 -10.38 27.59 -19.83
N GLY B 101 -9.97 26.55 -20.55
CA GLY B 101 -10.91 25.63 -21.15
C GLY B 101 -11.57 24.72 -20.13
N ALA B 102 -11.24 23.43 -20.19
CA ALA B 102 -11.83 22.77 -18.92
C ALA B 102 -12.58 21.80 -19.82
N PRO B 103 -11.84 21.07 -20.65
CA PRO B 103 -12.44 20.11 -21.57
C PRO B 103 -12.49 20.76 -22.72
N PRO B 104 -13.03 21.90 -23.14
CA PRO B 104 -13.18 22.20 -24.56
C PRO B 104 -14.49 21.64 -25.11
N HIS B 109 -5.56 20.08 -23.24
CA HIS B 109 -5.98 20.05 -21.85
C HIS B 109 -6.92 21.20 -21.50
N ASP B 110 -6.80 21.64 -20.25
CA ASP B 110 -7.51 22.81 -19.77
C ASP B 110 -6.49 23.95 -19.76
N ASP B 111 -6.65 24.88 -20.69
CA ASP B 111 -5.67 25.93 -20.91
C ASP B 111 -6.37 27.28 -21.04
N GLY B 112 -5.75 28.33 -20.50
CA GLY B 112 -6.35 29.65 -20.55
C GLY B 112 -5.37 30.78 -20.29
N GLY B 113 -5.43 31.81 -21.11
CA GLY B 113 -4.56 32.95 -20.97
C GLY B 113 -3.17 32.74 -21.53
N GLN B 114 -2.89 33.37 -22.67
CA GLN B 114 -1.52 33.53 -23.14
C GLN B 114 -0.80 34.56 -22.26
N LEU B 115 -1.55 35.55 -21.80
CA LEU B 115 -1.00 36.59 -20.94
C LEU B 115 -1.65 36.60 -19.56
N THR B 116 -2.76 35.88 -19.41
CA THR B 116 -3.47 35.80 -18.15
C THR B 116 -2.64 35.08 -17.09
N GLU B 117 -2.56 33.75 -17.20
CA GLU B 117 -1.79 32.96 -16.26
C GLU B 117 -0.51 33.71 -15.93
N LYS B 118 0.04 34.41 -16.92
CA LYS B 118 1.10 35.36 -16.65
C LYS B 118 0.65 36.46 -15.70
N VAL B 119 -0.61 36.86 -15.79
CA VAL B 119 -1.09 37.81 -14.81
C VAL B 119 -1.46 37.10 -13.53
N ARG B 120 -2.11 35.94 -13.67
CA ARG B 120 -2.17 34.98 -12.59
C ARG B 120 -0.78 34.83 -12.01
N ARG B 121 0.22 34.85 -12.89
CA ARG B 121 1.57 35.02 -12.41
C ARG B 121 1.81 36.44 -11.91
N LYS B 122 1.48 37.44 -12.73
CA LYS B 122 1.92 38.82 -12.48
C LYS B 122 0.74 39.78 -12.48
N PRO B 123 0.16 40.05 -11.30
CA PRO B 123 -1.03 40.89 -11.22
C PRO B 123 -0.81 42.32 -11.62
N TYR B 124 0.43 42.76 -11.73
CA TYR B 124 0.74 44.12 -12.14
C TYR B 124 1.54 44.03 -13.41
N SER B 125 0.97 44.47 -14.51
CA SER B 125 1.50 44.03 -15.79
C SER B 125 1.12 45.04 -16.86
N VAL B 126 1.49 44.71 -18.09
CA VAL B 126 1.13 45.51 -19.26
C VAL B 126 0.79 44.56 -20.38
N ILE B 127 -0.18 44.93 -21.19
CA ILE B 127 -0.75 43.99 -22.16
C ILE B 127 -0.71 44.63 -23.54
N LEU B 128 0.03 44.04 -24.45
CA LEU B 128 0.16 44.56 -25.80
C LEU B 128 -0.69 43.77 -26.79
N PHE B 129 -1.47 44.48 -27.59
CA PHE B 129 -2.21 43.92 -28.70
C PHE B 129 -1.82 44.60 -30.01
N ASP B 130 -2.11 43.93 -31.12
CA ASP B 130 -1.39 44.13 -32.36
C ASP B 130 -2.35 44.48 -33.49
N GLU B 131 -2.30 45.71 -33.97
CA GLU B 131 -3.20 46.18 -35.01
C GLU B 131 -4.61 45.71 -34.67
N ILE B 132 -4.94 45.93 -33.41
CA ILE B 132 -5.73 44.99 -32.64
C ILE B 132 -6.97 44.55 -33.41
N GLU B 133 -7.61 45.49 -34.09
CA GLU B 133 -8.72 45.18 -34.98
C GLU B 133 -8.37 44.06 -35.95
N LYS B 134 -7.09 43.84 -36.20
CA LYS B 134 -6.67 42.62 -36.89
C LYS B 134 -7.25 41.40 -36.24
N ALA B 135 -7.39 41.41 -34.92
CA ALA B 135 -8.00 40.30 -34.21
C ALA B 135 -9.51 40.30 -34.45
N HIS B 136 -10.11 39.20 -34.13
CA HIS B 136 -11.44 38.89 -34.65
C HIS B 136 -12.54 39.41 -33.75
N PRO B 137 -13.72 39.63 -34.32
CA PRO B 137 -14.89 39.97 -33.51
C PRO B 137 -15.15 38.90 -32.48
N ASP B 138 -14.51 37.76 -32.72
CA ASP B 138 -14.24 36.82 -31.66
C ASP B 138 -13.81 37.60 -30.43
N VAL B 139 -12.64 38.25 -30.51
CA VAL B 139 -11.98 38.65 -29.29
C VAL B 139 -12.61 39.89 -28.70
N PHE B 140 -13.22 40.73 -29.54
CA PHE B 140 -13.66 42.04 -29.08
C PHE B 140 -14.43 41.94 -27.78
N ASN B 141 -15.27 40.91 -27.65
CA ASN B 141 -15.99 40.73 -26.41
C ASN B 141 -15.05 40.30 -25.30
N ILE B 142 -14.11 39.41 -25.60
CA ILE B 142 -13.19 39.07 -24.53
C ILE B 142 -12.16 40.17 -24.41
N LEU B 143 -11.91 40.88 -25.49
CA LEU B 143 -11.33 42.19 -25.33
C LEU B 143 -12.22 43.03 -24.45
N LEU B 144 -13.50 43.06 -24.78
CA LEU B 144 -14.43 43.78 -23.94
C LEU B 144 -14.38 43.27 -22.51
N GLN B 145 -14.15 41.96 -22.33
CA GLN B 145 -13.96 41.45 -20.98
C GLN B 145 -12.98 42.32 -20.20
N VAL B 146 -11.85 42.63 -20.82
CA VAL B 146 -10.95 43.61 -20.23
C VAL B 146 -11.68 44.92 -20.01
N LEU B 147 -12.25 45.43 -21.09
CA LEU B 147 -13.05 46.65 -21.00
C LEU B 147 -14.17 46.47 -20.00
N ASP B 148 -14.76 45.29 -19.98
CA ASP B 148 -15.70 44.93 -18.94
C ASP B 148 -15.04 45.14 -17.59
N ASP B 149 -15.75 45.82 -16.71
CA ASP B 149 -15.64 45.69 -15.27
C ASP B 149 -14.24 46.04 -14.77
N GLY B 150 -13.32 46.28 -15.68
CA GLY B 150 -11.95 46.58 -15.32
C GLY B 150 -11.24 45.45 -14.60
N HIS B 151 -11.82 44.26 -14.61
CA HIS B 151 -11.12 43.07 -14.15
C HIS B 151 -11.20 41.99 -15.21
N LEU B 152 -10.60 40.84 -14.92
CA LEU B 152 -10.46 39.78 -15.90
C LEU B 152 -10.96 38.47 -15.31
N THR B 153 -12.10 38.01 -15.79
CA THR B 153 -12.59 36.68 -15.48
C THR B 153 -11.75 35.64 -16.20
N ASP B 154 -11.85 34.40 -15.75
CA ASP B 154 -11.06 33.31 -16.29
C ASP B 154 -11.99 32.18 -16.73
N THR B 155 -11.41 31.21 -17.43
CA THR B 155 -12.17 30.02 -17.75
C THR B 155 -12.48 29.20 -16.53
N LYS B 156 -11.56 29.14 -15.58
CA LYS B 156 -11.93 28.69 -14.25
C LYS B 156 -12.78 29.72 -13.53
N GLY B 157 -12.96 30.90 -14.11
CA GLY B 157 -13.85 31.91 -13.57
C GLY B 157 -13.13 33.03 -12.87
N ARG B 158 -11.89 32.83 -12.46
CA ARG B 158 -11.21 33.81 -11.62
C ARG B 158 -11.18 35.17 -12.29
N THR B 159 -11.68 36.17 -11.58
CA THR B 159 -11.77 37.54 -12.06
C THR B 159 -10.67 38.37 -11.42
N VAL B 160 -9.84 39.02 -12.24
CA VAL B 160 -8.64 39.66 -11.71
C VAL B 160 -8.52 41.06 -12.29
N ASP B 161 -8.00 41.98 -11.47
CA ASP B 161 -8.01 43.39 -11.84
C ASP B 161 -7.13 43.67 -13.04
N PHE B 162 -7.69 44.40 -13.98
CA PHE B 162 -6.86 45.02 -15.00
C PHE B 162 -6.26 46.33 -14.51
N ARG B 163 -7.03 47.10 -13.72
CA ARG B 163 -6.56 48.40 -13.27
C ARG B 163 -5.18 48.30 -12.63
N ASN B 164 -4.87 47.15 -12.07
CA ASN B 164 -3.52 46.93 -11.56
C ASN B 164 -2.56 46.55 -12.65
N THR B 165 -3.02 46.55 -13.90
CA THR B 165 -2.10 46.39 -15.03
C THR B 165 -2.35 47.43 -16.09
N ILE B 166 -1.68 47.27 -17.22
CA ILE B 166 -1.89 48.14 -18.36
C ILE B 166 -2.23 47.27 -19.55
N ILE B 167 -2.97 47.84 -20.50
CA ILE B 167 -3.16 47.15 -21.77
C ILE B 167 -2.85 48.13 -22.88
N ILE B 168 -2.47 47.59 -24.03
CA ILE B 168 -1.95 48.37 -25.14
C ILE B 168 -2.68 47.95 -26.40
N MET B 169 -3.09 48.94 -27.18
CA MET B 169 -3.68 48.69 -28.48
C MET B 169 -2.87 49.44 -29.52
N THR B 170 -2.66 48.80 -30.66
CA THR B 170 -1.83 49.34 -31.71
C THR B 170 -2.63 49.37 -33.00
N SER B 171 -2.41 50.41 -33.80
CA SER B 171 -3.02 50.46 -35.12
C SER B 171 -2.09 51.14 -36.10
N ASN B 172 -1.87 50.49 -37.23
CA ASN B 172 -1.32 51.12 -38.42
C ASN B 172 -2.42 51.61 -39.33
N VAL B 173 -3.66 51.52 -38.88
CA VAL B 173 -4.83 51.77 -39.73
C VAL B 173 -4.64 53.01 -40.58
N GLY B 174 -4.10 54.06 -39.99
CA GLY B 174 -3.90 55.29 -40.72
C GLY B 174 -2.64 55.27 -41.55
N ALA B 175 -2.09 54.09 -41.84
CA ALA B 175 -0.85 54.02 -42.61
C ALA B 175 -0.93 54.96 -43.80
N GLN B 176 -2.01 54.84 -44.55
CA GLN B 176 -2.43 55.91 -45.45
C GLN B 176 -2.51 57.20 -44.67
N GLU B 177 -3.50 57.27 -43.78
CA GLU B 177 -3.85 58.51 -43.11
C GLU B 177 -2.66 59.11 -42.39
N LEU B 178 -1.63 58.30 -42.14
CA LEU B 178 -0.34 58.82 -41.71
C LEU B 178 0.22 59.77 -42.75
N GLN B 179 -0.17 59.63 -44.01
CA GLN B 179 0.35 60.52 -45.04
C GLN B 179 0.15 61.97 -44.64
N ASP B 180 -0.90 62.25 -43.89
CA ASP B 180 -1.09 63.57 -43.29
C ASP B 180 0.17 63.97 -42.55
N GLN B 181 0.43 63.34 -41.41
CA GLN B 181 1.66 63.67 -40.71
C GLN B 181 2.89 63.17 -41.45
N ARG B 182 2.74 62.32 -42.48
CA ARG B 182 3.83 62.15 -43.44
C ARG B 182 4.11 63.47 -44.15
N GLY B 192 3.33 65.89 -42.61
CA GLY B 192 3.28 66.60 -41.35
C GLY B 192 1.95 67.32 -41.14
N GLN B 193 0.90 66.85 -41.79
CA GLN B 193 -0.37 67.57 -41.78
C GLN B 193 -1.04 67.48 -40.41
N ASP B 194 -1.99 68.40 -40.18
CA ASP B 194 -2.76 68.40 -38.95
C ASP B 194 -3.40 67.05 -38.74
N TYR B 195 -3.16 66.47 -37.58
CA TYR B 195 -3.63 65.13 -37.33
C TYR B 195 -5.14 65.11 -37.24
N GLU B 196 -5.73 66.22 -36.80
CA GLU B 196 -7.18 66.27 -36.62
C GLU B 196 -7.89 65.70 -37.82
N THR B 197 -7.39 66.00 -39.00
CA THR B 197 -7.79 65.26 -40.19
C THR B 197 -7.71 63.78 -39.90
N ILE B 198 -6.49 63.27 -39.83
CA ILE B 198 -6.33 61.83 -39.75
C ILE B 198 -6.89 61.28 -38.44
N ARG B 199 -6.76 62.05 -37.36
CA ARG B 199 -7.43 61.68 -36.11
C ARG B 199 -8.86 61.29 -36.38
N LYS B 200 -9.65 62.26 -36.82
CA LYS B 200 -10.98 61.95 -37.33
C LYS B 200 -10.90 60.86 -38.38
N THR B 201 -10.04 61.08 -39.37
CA THR B 201 -9.98 60.19 -40.52
C THR B 201 -9.70 58.75 -40.10
N MET B 202 -8.83 58.56 -39.13
CA MET B 202 -8.65 57.19 -38.66
C MET B 202 -9.76 56.82 -37.69
N LEU B 203 -10.26 57.78 -36.93
CA LEU B 203 -11.22 57.47 -35.87
C LEU B 203 -12.35 56.60 -36.37
N LYS B 204 -13.18 57.16 -37.24
CA LYS B 204 -14.21 56.36 -37.86
C LYS B 204 -13.66 55.06 -38.40
N GLU B 205 -12.52 55.14 -39.10
CA GLU B 205 -11.91 53.97 -39.70
C GLU B 205 -11.72 52.85 -38.68
N LEU B 206 -11.17 53.20 -37.53
CA LEU B 206 -11.14 52.20 -36.48
C LEU B 206 -12.51 52.09 -35.81
N LYS B 207 -13.18 53.22 -35.62
CA LYS B 207 -14.55 53.19 -35.14
C LYS B 207 -15.39 52.22 -35.95
N ASN B 208 -15.09 52.10 -37.24
CA ASN B 208 -15.65 51.01 -38.02
C ASN B 208 -15.56 49.71 -37.26
N SER B 209 -14.32 49.28 -36.97
CA SER B 209 -14.10 47.94 -36.44
C SER B 209 -14.76 47.71 -35.09
N PHE B 210 -15.21 48.74 -34.40
CA PHE B 210 -15.58 48.56 -33.01
C PHE B 210 -16.85 49.32 -32.68
N ARG B 211 -17.79 48.63 -32.08
CA ARG B 211 -18.83 49.32 -31.36
C ARG B 211 -18.16 50.28 -30.39
N PRO B 212 -18.63 51.51 -30.29
CA PRO B 212 -17.90 52.49 -29.48
C PRO B 212 -17.65 52.00 -28.08
N GLU B 213 -18.65 51.33 -27.50
CA GLU B 213 -18.56 50.88 -26.11
C GLU B 213 -17.22 50.24 -25.84
N PHE B 214 -16.78 49.37 -26.75
CA PHE B 214 -15.40 48.95 -26.86
C PHE B 214 -14.49 50.14 -26.68
N LEU B 215 -14.55 51.05 -27.66
CA LEU B 215 -13.72 52.23 -27.66
C LEU B 215 -14.00 53.14 -26.46
N ASN B 216 -15.13 52.96 -25.80
CA ASN B 216 -15.48 53.94 -24.80
C ASN B 216 -14.88 53.65 -23.45
N ARG B 217 -14.33 52.48 -23.25
CA ARG B 217 -13.54 52.25 -22.06
C ARG B 217 -12.09 52.56 -22.29
N VAL B 218 -11.74 52.99 -23.50
CA VAL B 218 -10.36 53.38 -23.75
C VAL B 218 -9.98 54.54 -22.84
N ASP B 219 -8.74 54.50 -22.36
CA ASP B 219 -8.18 55.69 -21.78
C ASP B 219 -8.31 56.80 -22.81
N ASP B 220 -7.49 56.72 -23.85
CA ASP B 220 -7.70 57.50 -25.06
C ASP B 220 -6.92 56.85 -26.18
N ILE B 221 -7.28 57.22 -27.38
CA ILE B 221 -6.57 56.74 -28.55
C ILE B 221 -5.20 57.41 -28.58
N ILE B 222 -4.20 56.68 -29.03
CA ILE B 222 -2.82 57.17 -29.01
C ILE B 222 -2.33 57.28 -30.44
N VAL B 223 -2.16 58.48 -30.91
CA VAL B 223 -1.45 58.70 -32.14
C VAL B 223 0.05 58.57 -31.88
N PHE B 224 0.78 58.20 -32.93
CA PHE B 224 2.22 58.41 -33.03
C PHE B 224 2.45 59.22 -34.30
N HIS B 225 3.05 60.38 -34.15
CA HIS B 225 3.13 61.26 -35.29
C HIS B 225 4.57 61.34 -35.77
N ASN C 1 25.38 52.69 15.04
CA ASN C 1 26.81 52.96 15.23
C ASN C 1 27.07 53.51 16.63
N ASN C 2 26.42 54.62 16.97
CA ASN C 2 26.63 55.24 18.27
C ASN C 2 26.54 54.21 19.39
N LEU C 3 25.54 53.34 19.31
CA LEU C 3 25.45 52.21 20.22
C LEU C 3 26.71 51.34 20.13
N LYS C 4 26.96 50.77 18.96
CA LYS C 4 28.15 49.94 18.80
C LYS C 4 29.43 50.71 18.98
N GLU C 5 29.45 52.01 18.65
CA GLU C 5 30.59 52.83 19.01
C GLU C 5 30.82 52.76 20.52
N ILE C 6 29.74 52.83 21.28
CA ILE C 6 29.85 52.62 22.72
C ILE C 6 30.23 51.18 23.02
N GLU C 7 29.55 50.22 22.37
CA GLU C 7 29.99 48.84 22.44
C GLU C 7 31.48 48.74 22.15
N GLN C 8 31.93 49.43 21.11
CA GLN C 8 33.32 49.40 20.69
C GLN C 8 34.25 49.85 21.80
N GLU C 9 34.19 51.15 22.11
CA GLU C 9 35.05 51.71 23.15
C GLU C 9 34.99 50.91 24.42
N ILE C 10 33.82 50.36 24.75
CA ILE C 10 33.73 49.37 25.81
C ILE C 10 34.75 48.26 25.58
N GLU C 11 34.69 47.64 24.39
CA GLU C 11 35.55 46.50 24.13
C GLU C 11 37.01 46.90 24.15
N LYS C 12 37.31 48.15 23.83
CA LYS C 12 38.69 48.64 23.78
C LYS C 12 39.49 48.31 25.01
N VAL C 13 39.20 49.01 26.10
CA VAL C 13 40.06 48.94 27.25
C VAL C 13 39.76 47.71 28.08
N LYS C 14 38.51 47.24 28.05
CA LYS C 14 38.10 46.16 28.92
C LYS C 14 39.03 44.96 28.78
N ASN C 15 39.50 44.70 27.57
CA ASN C 15 40.48 43.65 27.38
C ASN C 15 41.86 44.15 27.75
N GLU C 16 42.13 45.43 27.52
CA GLU C 16 43.44 45.98 27.86
C GLU C 16 43.70 45.87 29.34
N LYS C 17 42.77 46.40 30.14
CA LYS C 17 42.92 46.38 31.59
C LYS C 17 43.19 44.98 32.09
N ASP C 18 42.65 43.97 31.40
CA ASP C 18 42.84 42.57 31.76
C ASP C 18 44.32 42.22 31.87
N ALA C 19 45.01 42.26 30.73
CA ALA C 19 46.37 41.75 30.69
C ALA C 19 47.32 42.51 31.60
N ALA C 20 46.92 43.68 32.09
CA ALA C 20 47.88 44.57 32.71
C ALA C 20 48.42 43.98 34.02
N VAL C 21 47.54 43.69 34.97
CA VAL C 21 47.99 43.24 36.28
C VAL C 21 48.50 41.81 36.24
N HIS C 22 48.37 41.12 35.11
CA HIS C 22 48.67 39.69 35.04
C HIS C 22 50.05 39.35 35.55
N ALA C 23 50.97 40.30 35.52
CA ALA C 23 52.36 40.05 35.94
C ALA C 23 52.75 41.04 37.03
N GLN C 24 53.87 40.74 37.68
CA GLN C 24 54.31 41.52 38.83
C GLN C 24 55.03 42.75 38.31
N GLU C 25 54.45 43.93 38.57
CA GLU C 25 54.87 45.17 37.95
C GLU C 25 54.73 46.29 38.97
N PHE C 26 55.64 47.25 38.93
CA PHE C 26 55.50 48.50 39.67
C PHE C 26 55.00 49.63 38.81
N GLU C 27 54.80 49.40 37.50
CA GLU C 27 54.63 50.48 36.53
C GLU C 27 53.35 50.30 35.74
N ASN C 28 48.27 47.18 38.23
CA ASN C 28 46.96 47.68 38.63
C ASN C 28 46.98 49.15 39.03
N ALA C 29 48.16 49.69 39.30
CA ALA C 29 48.27 51.06 39.80
C ALA C 29 47.68 52.07 38.81
N ALA C 30 48.22 52.12 37.61
CA ALA C 30 47.96 53.26 36.71
C ALA C 30 46.69 53.07 35.89
N ASN C 31 46.73 52.21 34.88
CA ASN C 31 45.65 52.17 33.91
C ASN C 31 44.41 51.49 34.47
N LEU C 32 44.59 50.47 35.31
CA LEU C 32 43.45 49.79 35.92
C LEU C 32 42.54 50.79 36.61
N ARG C 33 43.14 51.70 37.38
CA ARG C 33 42.34 52.77 37.97
C ARG C 33 41.87 53.74 36.89
N ASP C 34 42.72 53.99 35.88
CA ASP C 34 42.32 54.87 34.79
C ASP C 34 41.11 54.30 34.06
N LYS C 35 41.19 53.03 33.68
CA LYS C 35 40.14 52.43 32.86
C LYS C 35 38.82 52.35 33.63
N GLN C 36 38.86 51.86 34.88
CA GLN C 36 37.62 51.61 35.61
C GLN C 36 36.80 52.89 35.77
N THR C 37 37.46 54.03 35.91
CA THR C 37 36.73 55.29 35.76
C THR C 37 36.41 55.57 34.31
N LYS C 38 37.42 55.44 33.43
CA LYS C 38 37.20 55.71 32.02
C LYS C 38 36.10 54.83 31.45
N LEU C 39 35.98 53.59 31.95
CA LEU C 39 34.85 52.76 31.53
C LEU C 39 33.55 53.28 32.12
N GLU C 40 33.59 53.79 33.34
CA GLU C 40 32.40 54.36 33.96
C GLU C 40 31.95 55.64 33.29
N LYS C 41 32.78 56.21 32.39
CA LYS C 41 32.44 57.49 31.78
C LYS C 41 31.22 57.36 30.86
N GLN C 42 31.32 56.53 29.82
CA GLN C 42 30.28 56.41 28.83
C GLN C 42 29.38 55.19 28.99
N TYR C 43 29.59 54.39 30.04
CA TYR C 43 28.83 53.15 30.22
C TYR C 43 27.32 53.40 30.34
N GLU C 44 26.91 54.62 30.65
CA GLU C 44 25.54 54.84 31.12
C GLU C 44 24.51 54.73 30.01
N GLU C 45 24.75 55.41 28.88
CA GLU C 45 23.66 55.65 27.94
C GLU C 45 23.13 54.37 27.29
N ALA C 46 23.90 53.28 27.33
CA ALA C 46 23.71 52.13 26.45
C ALA C 46 22.28 51.60 26.46
N LYS C 47 21.89 50.93 27.53
CA LYS C 47 20.56 50.29 27.55
C LYS C 47 19.41 51.28 27.45
N ASN C 48 19.43 52.44 28.11
CA ASN C 48 18.36 53.43 27.84
C ASN C 48 18.32 53.84 26.38
N GLU C 49 19.48 54.15 25.80
CA GLU C 49 19.51 54.42 24.37
C GLU C 49 19.24 53.15 23.57
N TRP C 50 19.49 51.98 24.17
CA TRP C 50 18.97 50.74 23.60
C TRP C 50 17.48 50.59 23.88
N LYS C 51 16.99 51.18 24.96
CA LYS C 51 15.56 51.07 25.27
C LYS C 51 14.70 51.79 24.24
N ASN C 52 15.28 52.68 23.43
CA ASN C 52 14.56 53.21 22.29
C ASN C 52 14.21 52.09 21.31
N ALA C 53 15.12 51.12 21.15
CA ALA C 53 14.78 49.92 20.40
C ALA C 53 13.74 49.08 21.14
N GLN C 54 13.74 49.12 22.47
CA GLN C 54 12.77 48.39 23.27
C GLN C 54 11.38 49.01 23.17
N ASN C 55 19.34 54.74 15.68
CA ASN C 55 18.05 55.41 15.72
C ASN C 55 16.95 54.50 15.21
N SER D 1 -15.05 41.62 6.24
CA SER D 1 -14.94 42.96 5.70
C SER D 1 -13.64 43.60 6.17
N VAL D 2 -13.12 44.45 5.31
CA VAL D 2 -11.93 45.22 5.65
C VAL D 2 -12.06 45.85 7.02
N VAL D 3 -13.23 46.42 7.32
CA VAL D 3 -13.37 47.17 8.55
C VAL D 3 -13.35 46.25 9.75
N ASP D 4 -14.21 45.22 9.74
CA ASP D 4 -14.22 44.27 10.83
C ASP D 4 -12.82 43.78 11.09
N THR D 5 -12.09 43.56 10.00
CA THR D 5 -10.70 43.17 10.13
C THR D 5 -9.98 44.13 11.06
N VAL D 6 -10.07 45.42 10.76
CA VAL D 6 -9.45 46.42 11.62
C VAL D 6 -9.82 46.16 13.06
N ALA D 7 -11.11 45.98 13.33
CA ALA D 7 -11.53 45.63 14.68
C ALA D 7 -10.85 44.36 15.15
N ILE D 8 -10.87 43.32 14.33
CA ILE D 8 -10.24 42.08 14.77
C ILE D 8 -8.74 42.29 14.85
N LEU D 9 -8.22 43.17 14.00
CA LEU D 9 -6.85 43.59 14.16
C LEU D 9 -6.70 44.38 15.46
N LYS D 10 -7.57 45.36 15.66
CA LYS D 10 -7.67 45.99 16.97
C LYS D 10 -7.77 44.94 18.05
N GLY D 11 -8.43 43.82 17.75
CA GLY D 11 -8.38 42.70 18.65
C GLY D 11 -6.95 42.30 18.92
N LEU D 12 -6.20 41.99 17.88
CA LEU D 12 -4.81 41.62 18.13
C LEU D 12 -3.89 42.82 18.20
N ARG D 13 -4.44 44.02 18.09
CA ARG D 13 -3.59 45.19 18.19
C ARG D 13 -2.71 45.04 19.40
N ASP D 14 -3.24 44.91 20.62
CA ASP D 14 -2.36 44.77 21.76
C ASP D 14 -1.47 43.57 21.66
N ARG D 15 -1.93 42.56 20.94
CA ARG D 15 -1.31 41.27 21.01
C ARG D 15 0.13 41.35 20.56
N TYR D 16 0.36 41.54 19.29
CA TYR D 16 1.73 41.39 18.85
C TYR D 16 2.58 42.61 19.17
N GLU D 17 1.96 43.75 19.40
CA GLU D 17 2.76 44.85 19.91
C GLU D 17 3.23 44.54 21.31
N ALA D 18 2.39 43.90 22.12
CA ALA D 18 2.90 43.48 23.40
C ALA D 18 3.90 42.36 23.19
N HIS D 19 3.87 41.72 22.02
CA HIS D 19 4.98 40.86 21.64
C HIS D 19 6.15 41.66 21.10
N HIS D 20 5.85 42.65 20.28
CA HIS D 20 6.86 43.41 19.59
C HIS D 20 7.16 44.74 20.26
N ARG D 21 6.55 45.00 21.41
CA ARG D 21 6.88 46.17 22.19
C ARG D 21 6.75 47.45 21.41
N ILE D 22 5.63 47.64 20.72
CA ILE D 22 5.44 48.80 19.87
C ILE D 22 4.05 49.37 20.13
N ASN D 23 3.76 50.48 19.46
CA ASN D 23 2.47 51.15 19.61
C ASN D 23 1.81 51.20 18.24
N ILE D 24 0.71 50.47 18.09
CA ILE D 24 0.06 50.41 16.80
C ILE D 24 -0.73 51.67 16.57
N SER D 25 -0.61 52.24 15.37
CA SER D 25 -1.36 53.42 14.99
C SER D 25 -2.43 53.00 14.01
N ASP D 26 -3.68 53.10 14.44
CA ASP D 26 -4.80 52.60 13.66
C ASP D 26 -4.78 53.16 12.25
N GLU D 27 -4.23 54.35 12.08
CA GLU D 27 -4.02 54.90 10.75
C GLU D 27 -3.38 53.85 9.85
N ALA D 28 -2.18 53.40 10.22
CA ALA D 28 -1.61 52.22 9.58
C ALA D 28 -2.64 51.11 9.52
N ILE D 29 -3.27 50.83 10.65
CA ILE D 29 -4.09 49.65 10.76
C ILE D 29 -5.14 49.63 9.66
N GLU D 30 -5.91 50.70 9.55
CA GLU D 30 -6.85 50.76 8.45
C GLU D 30 -6.11 50.80 7.12
N ALA D 31 -4.92 51.38 7.11
CA ALA D 31 -4.22 51.62 5.86
C ALA D 31 -4.02 50.32 5.10
N ALA D 32 -3.14 49.47 5.62
CA ALA D 32 -2.89 48.19 4.97
C ALA D 32 -4.19 47.47 4.71
N VAL D 33 -5.12 47.60 5.64
CA VAL D 33 -6.40 46.92 5.51
C VAL D 33 -6.97 47.15 4.13
N LYS D 34 -7.13 48.42 3.76
CA LYS D 34 -7.34 48.73 2.37
C LYS D 34 -6.21 48.17 1.54
N LEU D 35 -5.00 48.59 1.88
CA LEU D 35 -3.89 48.44 0.96
C LEU D 35 -3.62 46.97 0.67
N SER D 36 -3.52 46.15 1.71
CA SER D 36 -3.28 44.74 1.49
C SER D 36 -4.39 44.15 0.64
N ASN D 37 -5.63 44.35 1.08
CA ASN D 37 -6.79 43.95 0.29
C ASN D 37 -6.62 44.38 -1.14
N ARG D 38 -6.14 45.60 -1.33
CA ARG D 38 -5.79 46.03 -2.67
C ARG D 38 -4.66 45.17 -3.22
N TYR D 39 -3.54 45.11 -2.51
CA TYR D 39 -2.34 44.60 -3.15
C TYR D 39 -2.06 43.14 -2.88
N VAL D 40 -2.73 42.49 -1.94
CA VAL D 40 -2.32 41.14 -1.65
C VAL D 40 -3.44 40.18 -1.98
N SER D 41 -3.24 39.29 -2.95
CA SER D 41 -4.26 38.29 -3.25
C SER D 41 -4.38 37.18 -2.22
N ASP D 42 -3.25 36.66 -1.75
CA ASP D 42 -3.20 35.28 -1.31
C ASP D 42 -3.68 35.09 0.12
N ARG D 43 -2.89 35.55 1.07
CA ARG D 43 -3.37 35.49 2.42
C ARG D 43 -4.50 36.50 2.60
N PHE D 44 -5.07 36.52 3.77
CA PHE D 44 -6.32 37.22 3.97
C PHE D 44 -6.15 38.32 4.97
N LEU D 45 -6.75 39.45 4.64
CA LEU D 45 -6.65 40.62 5.48
C LEU D 45 -6.91 40.31 6.94
N PRO D 46 -7.86 39.43 7.29
CA PRO D 46 -7.91 38.93 8.66
C PRO D 46 -6.57 38.56 9.18
N ASP D 47 -5.69 38.09 8.31
CA ASP D 47 -4.31 37.86 8.70
C ASP D 47 -3.41 38.87 8.00
N LYS D 48 -3.40 38.79 6.68
CA LYS D 48 -2.33 39.40 5.90
C LYS D 48 -2.07 40.84 6.35
N ALA D 49 -3.12 41.54 6.75
CA ALA D 49 -2.92 42.79 7.44
C ALA D 49 -1.95 42.54 8.57
N ILE D 50 -2.42 41.80 9.57
CA ILE D 50 -1.56 41.50 10.71
C ILE D 50 -0.23 40.98 10.23
N ASP D 51 -0.23 40.16 9.18
CA ASP D 51 1.02 39.78 8.54
C ASP D 51 1.83 41.03 8.32
N LEU D 52 1.34 41.89 7.44
CA LEU D 52 2.03 43.14 7.23
C LEU D 52 2.31 43.79 8.56
N ILE D 53 1.28 43.91 9.39
CA ILE D 53 1.38 44.53 10.68
C ILE D 53 2.56 43.96 11.42
N ASP D 54 2.45 42.70 11.85
CA ASP D 54 3.54 42.09 12.59
C ASP D 54 4.85 42.27 11.83
N GLU D 55 4.81 42.06 10.52
CA GLU D 55 6.01 42.29 9.73
C GLU D 55 6.44 43.74 9.82
N ALA D 56 5.49 44.64 9.59
CA ALA D 56 5.78 46.03 9.88
C ALA D 56 6.22 46.16 11.33
N SER D 57 5.41 45.62 12.24
CA SER D 57 5.79 45.56 13.65
C SER D 57 7.18 45.00 13.81
N SER D 58 7.55 44.07 12.94
CA SER D 58 8.94 43.66 12.93
C SER D 58 9.80 44.78 12.37
N LYS D 59 9.56 45.16 11.11
CA LYS D 59 10.41 46.12 10.47
C LYS D 59 10.72 47.30 11.35
N VAL D 60 9.69 47.85 12.00
CA VAL D 60 9.95 48.88 13.00
C VAL D 60 10.86 48.27 14.05
N ARG D 61 10.38 47.25 14.75
CA ARG D 61 11.18 46.62 15.78
C ARG D 61 12.56 46.32 15.25
N LEU D 62 12.62 45.74 14.04
CA LEU D 62 13.86 45.49 13.36
C LEU D 62 14.72 46.73 13.49
N LYS D 63 14.28 47.83 12.90
CA LYS D 63 14.94 49.09 13.13
C LYS D 63 14.98 49.40 14.61
N SER D 64 13.82 49.27 15.25
CA SER D 64 13.69 49.49 16.68
C SER D 64 14.36 48.35 17.41
N HIS D 65 14.28 47.15 16.84
CA HIS D 65 14.89 45.97 17.43
C HIS D 65 16.37 46.24 17.66
N THR D 66 17.04 46.71 16.61
CA THR D 66 18.45 47.05 16.70
C THR D 66 18.64 48.49 16.25
N THR D 67 19.86 48.81 15.83
CA THR D 67 20.14 50.16 15.34
C THR D 67 19.25 50.39 14.13
N PRO D 68 18.59 51.54 14.09
CA PRO D 68 17.69 51.90 12.99
C PRO D 68 18.35 51.71 11.63
N GLY D 124 13.78 56.40 17.73
CA GLY D 124 13.30 56.08 19.05
C GLY D 124 11.82 55.76 19.07
N MET D 125 11.10 56.03 17.98
CA MET D 125 9.66 55.86 18.00
C MET D 125 9.34 54.40 18.25
N SER D 126 8.61 54.15 19.31
CA SER D 126 8.11 52.81 19.58
C SER D 126 6.84 52.52 18.82
N THR D 127 6.05 53.56 18.59
CA THR D 127 4.83 53.43 17.82
C THR D 127 5.13 53.00 16.40
N SER D 128 4.14 52.41 15.76
CA SER D 128 4.26 52.06 14.36
C SER D 128 3.65 53.16 13.53
N LEU D 129 4.39 53.66 12.55
CA LEU D 129 3.85 54.74 11.73
C LEU D 129 2.64 54.20 11.00
N SER D 130 1.78 55.11 10.57
CA SER D 130 0.90 54.70 9.52
C SER D 130 1.71 54.24 8.33
N GLU D 131 2.27 55.21 7.62
CA GLU D 131 2.67 54.99 6.25
C GLU D 131 3.69 53.88 6.09
N GLU D 132 4.95 54.18 6.45
CA GLU D 132 6.06 53.28 6.13
C GLU D 132 5.75 51.88 6.58
N ASP D 133 5.29 51.75 7.83
CA ASP D 133 4.83 50.48 8.35
C ASP D 133 3.98 49.79 7.34
N ILE D 134 2.99 50.50 6.82
CA ILE D 134 2.31 49.96 5.67
C ILE D 134 3.30 50.09 4.54
N ALA D 135 3.54 51.33 4.15
CA ALA D 135 4.11 51.69 2.87
C ALA D 135 5.38 50.92 2.60
N GLU D 136 6.44 51.29 3.32
CA GLU D 136 7.75 50.70 3.10
C GLU D 136 7.63 49.19 2.96
N VAL D 137 7.20 48.56 4.04
CA VAL D 137 6.93 47.13 4.03
C VAL D 137 6.11 46.73 2.83
N ILE D 138 4.99 47.42 2.62
CA ILE D 138 4.18 47.13 1.45
C ILE D 138 4.97 47.42 0.18
N ALA D 139 5.74 48.49 0.18
CA ALA D 139 6.65 48.69 -0.93
C ALA D 139 7.70 47.60 -0.93
N GLY D 140 8.25 47.29 0.24
CA GLY D 140 9.07 46.10 0.34
C GLY D 140 8.32 44.90 -0.17
N TRP D 141 7.01 44.88 0.07
CA TRP D 141 6.20 43.86 -0.57
C TRP D 141 6.23 44.03 -2.09
N THR D 142 6.01 45.25 -2.58
CA THR D 142 5.92 45.38 -4.03
C THR D 142 6.78 46.49 -4.63
N GLY D 143 6.43 47.74 -4.44
CA GLY D 143 7.20 48.82 -5.01
C GLY D 143 6.35 50.04 -5.26
N ILE D 144 6.97 51.05 -5.85
CA ILE D 144 6.30 52.29 -6.23
C ILE D 144 5.56 52.89 -5.05
N PRO D 145 6.24 53.16 -3.95
CA PRO D 145 5.53 53.56 -2.73
C PRO D 145 4.60 54.72 -2.93
N THR E 1 -7.18 9.89 31.86
CA THR E 1 -6.57 10.03 30.54
C THR E 1 -7.01 11.31 29.86
N LEU E 2 -7.81 11.18 28.80
CA LEU E 2 -8.30 12.33 28.05
C LEU E 2 -7.31 13.47 28.14
N ASP E 3 -6.18 13.29 27.49
CA ASP E 3 -5.07 14.23 27.53
C ASP E 3 -4.26 14.04 26.25
N SER E 4 -3.03 14.56 26.26
CA SER E 4 -2.17 14.68 25.09
C SER E 4 -2.99 15.29 23.96
N LEU E 5 -3.18 14.54 22.88
CA LEU E 5 -4.04 14.99 21.81
C LEU E 5 -5.36 15.52 22.35
N ALA E 6 -5.91 14.88 23.36
CA ALA E 6 -7.09 15.44 23.99
C ALA E 6 -6.69 16.69 24.74
N ARG E 7 -7.26 17.83 24.35
CA ARG E 7 -7.07 19.11 25.03
C ARG E 7 -8.31 19.97 24.78
N ASP E 8 -8.48 20.98 25.62
CA ASP E 8 -9.60 21.89 25.53
C ASP E 8 -9.13 23.31 25.79
N LEU E 9 -9.75 24.25 25.08
CA LEU E 9 -9.53 25.66 25.30
C LEU E 9 -10.61 26.34 26.11
N THR E 10 -11.68 25.63 26.50
CA THR E 10 -12.77 26.28 27.20
C THR E 10 -12.30 26.86 28.51
N VAL E 11 -11.77 26.00 29.37
CA VAL E 11 -11.14 26.49 30.58
C VAL E 11 -10.13 27.55 30.23
N ILE E 12 -9.33 27.30 29.20
CA ILE E 12 -8.39 28.32 28.73
C ILE E 12 -9.10 29.62 28.45
N ALA E 13 -10.32 29.53 27.90
CA ALA E 13 -11.12 30.74 27.73
C ALA E 13 -11.56 31.28 29.07
N LYS E 14 -12.11 30.43 29.93
CA LYS E 14 -12.30 30.85 31.31
C LYS E 14 -10.99 31.26 31.94
N ASP E 15 -9.89 30.63 31.53
CA ASP E 15 -8.60 31.16 31.90
C ASP E 15 -8.28 32.42 31.14
N GLY E 16 -9.13 32.81 30.19
CA GLY E 16 -8.82 33.97 29.40
C GLY E 16 -7.59 33.81 28.54
N THR E 17 -7.22 32.56 28.24
CA THR E 17 -6.00 32.31 27.49
C THR E 17 -6.05 32.85 26.06
N LEU E 18 -7.20 33.30 25.57
CA LEU E 18 -7.36 33.56 24.15
C LEU E 18 -8.17 34.83 23.95
N ASP E 19 -8.56 35.08 22.70
CA ASP E 19 -8.99 36.39 22.24
C ASP E 19 -10.51 36.46 22.15
N PRO E 20 -11.15 37.46 22.74
CA PRO E 20 -12.58 37.65 22.48
C PRO E 20 -12.82 37.92 21.00
N VAL E 21 -13.73 37.15 20.42
CA VAL E 21 -13.97 37.24 18.98
C VAL E 21 -14.99 38.35 18.75
N ILE E 22 -15.30 38.61 17.49
CA ILE E 22 -16.46 39.45 17.16
C ILE E 22 -17.15 38.88 15.92
N GLY E 23 -18.44 39.17 15.82
CA GLY E 23 -19.16 39.21 14.57
C GLY E 23 -19.61 37.88 14.02
N ARG E 24 -18.98 36.79 14.41
CA ARG E 24 -19.39 35.48 13.95
C ARG E 24 -20.45 34.88 14.84
N ASP E 25 -20.98 35.71 15.72
CA ASP E 25 -22.00 35.34 16.68
C ASP E 25 -23.13 34.56 16.04
N LYS E 26 -23.96 35.24 15.26
CA LYS E 26 -25.03 34.53 14.58
C LYS E 26 -24.48 33.48 13.65
N GLU E 27 -23.31 33.72 13.10
CA GLU E 27 -22.60 32.66 12.39
C GLU E 27 -22.43 31.48 13.32
N ILE E 28 -21.89 31.73 14.49
CA ILE E 28 -21.75 30.67 15.49
C ILE E 28 -23.12 30.17 15.90
N THR E 29 -24.11 31.07 15.98
CA THR E 29 -25.46 30.68 16.34
C THR E 29 -25.89 29.46 15.54
N ARG E 30 -25.63 29.49 14.24
CA ARG E 30 -25.73 28.31 13.40
C ARG E 30 -24.86 27.22 13.96
N VAL E 31 -23.55 27.44 13.90
CA VAL E 31 -22.61 26.40 14.30
C VAL E 31 -23.04 25.80 15.62
N ILE E 32 -23.39 26.67 16.56
CA ILE E 32 -24.06 26.27 17.78
C ILE E 32 -25.18 25.34 17.41
N GLU E 33 -26.21 25.93 16.79
CA GLU E 33 -27.46 25.20 16.67
C GLU E 33 -27.29 23.90 15.94
N VAL E 34 -26.13 23.69 15.30
CA VAL E 34 -25.88 22.41 14.65
C VAL E 34 -25.97 21.29 15.66
N LEU E 35 -25.41 21.51 16.84
CA LEU E 35 -25.43 20.47 17.85
C LEU E 35 -26.86 20.05 18.21
N SER E 36 -27.80 20.98 18.10
CA SER E 36 -29.18 20.68 18.48
C SER E 36 -29.71 19.45 17.78
N ARG E 37 -29.14 19.10 16.65
CA ARG E 37 -29.77 18.17 15.73
C ARG E 37 -29.55 16.74 16.19
N ARG E 38 -30.65 16.03 16.44
CA ARG E 38 -30.56 14.58 16.50
C ARG E 38 -29.95 14.02 15.24
N THR E 39 -30.18 14.66 14.11
CA THR E 39 -29.62 14.20 12.86
C THR E 39 -28.12 14.46 12.83
N LYS E 40 -27.73 15.73 12.74
CA LYS E 40 -26.32 16.05 12.70
C LYS E 40 -26.07 17.12 13.75
N ASN E 41 -25.45 16.71 14.84
CA ASN E 41 -24.90 17.72 15.71
C ASN E 41 -23.64 18.33 15.12
N ASN E 42 -23.12 17.72 14.06
CA ASN E 42 -21.73 17.90 13.71
C ASN E 42 -21.60 18.79 12.49
N PRO E 43 -21.24 20.03 12.68
CA PRO E 43 -20.98 20.93 11.56
C PRO E 43 -19.59 20.78 11.01
N VAL E 44 -19.44 21.21 9.76
CA VAL E 44 -18.14 21.49 9.18
C VAL E 44 -18.18 22.88 8.57
N LEU E 45 -17.02 23.50 8.48
CA LEU E 45 -16.94 24.84 7.94
C LEU E 45 -16.18 24.88 6.62
N ILE E 46 -16.63 25.78 5.77
CA ILE E 46 -15.91 26.18 4.57
C ILE E 46 -15.53 27.63 4.75
N GLY E 47 -14.53 28.06 4.00
CA GLY E 47 -14.17 29.45 3.98
C GLY E 47 -12.69 29.60 3.68
N GLU E 48 -12.18 30.75 4.05
CA GLU E 48 -10.78 31.03 3.81
C GLU E 48 -9.95 30.69 5.03
N PRO E 49 -8.90 29.89 4.89
CA PRO E 49 -8.10 29.48 6.03
C PRO E 49 -7.50 30.66 6.79
N GLY E 50 -7.08 30.38 8.03
CA GLY E 50 -6.37 31.34 8.83
C GLY E 50 -7.14 32.58 9.20
N VAL E 51 -8.46 32.59 9.06
CA VAL E 51 -9.19 33.84 9.16
C VAL E 51 -9.77 34.07 10.54
N GLY E 52 -9.49 33.18 11.49
CA GLY E 52 -10.19 33.18 12.75
C GLY E 52 -11.13 32.02 12.95
N LYS E 53 -11.20 31.11 12.00
CA LYS E 53 -12.18 30.04 12.08
C LYS E 53 -11.99 29.16 13.31
N THR E 54 -10.75 28.74 13.57
CA THR E 54 -10.57 27.96 14.79
C THR E 54 -10.75 28.84 16.02
N ALA E 55 -10.61 30.15 15.86
CA ALA E 55 -11.06 31.04 16.92
C ALA E 55 -12.55 31.22 16.87
N ILE E 56 -13.12 31.31 15.68
CA ILE E 56 -14.54 31.15 15.52
C ILE E 56 -14.99 29.92 16.26
N ALA E 57 -14.24 28.84 16.15
CA ALA E 57 -14.43 27.69 17.01
C ALA E 57 -14.38 28.19 18.43
N GLU E 58 -13.22 28.72 18.82
CA GLU E 58 -13.11 29.24 20.16
C GLU E 58 -14.25 30.18 20.47
N GLY E 59 -14.70 30.94 19.47
CA GLY E 59 -15.88 31.75 19.68
C GLY E 59 -17.00 30.97 20.30
N LEU E 60 -17.26 29.79 19.76
CA LEU E 60 -18.19 28.88 20.42
C LEU E 60 -17.74 28.66 21.84
N ALA E 61 -16.50 28.20 21.99
CA ALA E 61 -15.98 27.86 23.30
C ALA E 61 -16.12 29.04 24.26
N GLN E 62 -15.79 30.25 23.79
CA GLN E 62 -16.14 31.39 24.63
C GLN E 62 -17.61 31.36 24.94
N ALA E 63 -18.44 31.49 23.90
CA ALA E 63 -19.88 31.46 24.12
C ALA E 63 -20.29 30.23 24.89
N ILE E 64 -19.46 29.19 24.88
CA ILE E 64 -19.69 28.07 25.78
C ILE E 64 -19.39 28.49 27.19
N VAL E 65 -18.12 28.82 27.47
CA VAL E 65 -17.79 29.24 28.83
C VAL E 65 -18.54 30.51 29.16
N ASN E 66 -18.89 31.29 28.14
CA ASN E 66 -19.82 32.39 28.36
C ASN E 66 -21.19 31.87 28.77
N ASN E 67 -21.44 30.59 28.55
CA ASN E 67 -22.77 30.01 28.63
C ASN E 67 -23.73 30.73 27.68
N GLU E 68 -23.17 31.40 26.68
CA GLU E 68 -23.99 31.80 25.54
C GLU E 68 -24.45 30.56 24.80
N VAL E 69 -23.79 29.44 25.08
CA VAL E 69 -24.28 28.10 24.75
C VAL E 69 -25.58 27.83 25.49
N PRO E 70 -26.65 27.50 24.81
CA PRO E 70 -27.85 27.07 25.53
C PRO E 70 -27.76 25.63 25.98
N GLU E 71 -28.86 25.13 26.52
CA GLU E 71 -28.85 24.12 27.57
C GLU E 71 -27.96 22.93 27.30
N THR E 72 -28.41 22.08 26.38
CA THR E 72 -27.89 20.72 26.29
C THR E 72 -26.38 20.73 26.28
N LEU E 73 -25.82 21.70 25.60
CA LEU E 73 -24.41 21.68 25.32
C LEU E 73 -23.62 22.27 26.46
N LYS E 74 -24.30 23.00 27.35
CA LYS E 74 -23.62 23.77 28.38
C LYS E 74 -22.69 22.89 29.21
N ASP E 75 -23.14 21.67 29.52
CA ASP E 75 -22.24 20.73 30.15
C ASP E 75 -21.08 20.36 29.24
N LYS E 76 -21.37 20.16 27.97
CA LYS E 76 -20.32 19.75 27.05
C LYS E 76 -19.27 20.82 26.91
N ARG E 77 -18.09 20.41 26.47
CA ARG E 77 -16.91 21.25 26.46
C ARG E 77 -16.15 21.06 25.16
N VAL E 78 -15.50 22.13 24.71
CA VAL E 78 -14.65 22.03 23.54
C VAL E 78 -13.60 20.96 23.73
N MET E 79 -13.24 20.35 22.63
CA MET E 79 -11.93 19.75 22.49
C MET E 79 -11.31 20.29 21.21
N SER E 80 -10.09 20.76 21.35
CA SER E 80 -9.31 21.21 20.22
C SER E 80 -8.39 20.07 19.84
N LEU E 81 -8.51 19.62 18.59
CA LEU E 81 -7.69 18.51 18.12
C LEU E 81 -6.22 18.80 18.31
N ASP E 82 -5.46 17.74 18.48
CA ASP E 82 -4.02 17.79 18.36
C ASP E 82 -3.64 16.84 17.25
N MET E 83 -2.79 17.27 16.34
CA MET E 83 -2.37 16.42 15.24
C MET E 83 -0.87 16.19 15.31
N GLY E 84 -0.51 14.94 15.12
CA GLY E 84 0.83 14.44 15.34
C GLY E 84 0.76 12.95 15.08
N THR E 85 1.86 12.23 15.27
CA THR E 85 1.89 10.82 14.96
C THR E 85 3.16 10.22 15.52
N VAL E 86 3.17 8.90 15.61
CA VAL E 86 4.13 8.18 16.44
C VAL E 86 4.36 6.75 15.96
N GLY E 94 4.76 2.27 15.95
CA GLY E 94 4.04 1.33 15.13
C GLY E 94 2.89 1.99 14.42
N GLU E 95 1.66 1.66 14.82
CA GLU E 95 0.51 2.37 14.27
C GLU E 95 0.45 3.78 14.86
N PHE E 96 -0.54 4.53 14.40
CA PHE E 96 -0.69 5.92 14.74
C PHE E 96 -2.15 6.15 15.11
N GLU E 97 -3.01 5.89 14.15
CA GLU E 97 -4.40 6.33 14.23
C GLU E 97 -5.16 5.61 15.33
N GLU E 98 -4.77 4.38 15.64
CA GLU E 98 -5.51 3.64 16.65
C GLU E 98 -5.64 4.45 17.93
N ARG E 99 -4.58 5.14 18.30
CA ARG E 99 -4.63 6.14 19.35
C ARG E 99 -5.81 7.05 19.07
N LEU E 100 -5.70 7.78 17.96
CA LEU E 100 -6.78 8.64 17.51
C LEU E 100 -8.08 7.88 17.44
N LYS E 101 -8.05 6.63 17.01
CA LYS E 101 -9.21 5.78 17.14
C LYS E 101 -9.56 5.57 18.60
N LYS E 102 -8.55 5.35 19.44
CA LYS E 102 -8.82 4.98 20.83
C LYS E 102 -9.56 6.07 21.58
N VAL E 103 -9.08 7.30 21.46
CA VAL E 103 -9.60 8.40 22.27
C VAL E 103 -11.10 8.55 22.13
N MET E 104 -11.66 7.98 21.08
CA MET E 104 -13.02 8.31 20.71
C MET E 104 -14.00 7.72 21.71
N GLU E 105 -13.80 6.47 22.10
CA GLU E 105 -14.65 5.92 23.15
C GLU E 105 -14.48 6.69 24.44
N GLU E 106 -13.23 7.04 24.74
CA GLU E 106 -12.93 7.79 25.95
C GLU E 106 -13.83 9.00 26.05
N ILE E 107 -13.80 9.81 25.00
CA ILE E 107 -14.67 10.97 24.96
C ILE E 107 -16.11 10.55 24.83
N GLN E 108 -16.39 9.44 24.14
CA GLN E 108 -17.74 8.90 24.16
C GLN E 108 -18.08 8.41 25.56
N GLN E 109 -17.08 7.86 26.26
CA GLN E 109 -17.28 7.49 27.65
C GLN E 109 -17.53 8.71 28.51
N ALA E 110 -17.03 9.86 28.08
CA ALA E 110 -17.08 11.07 28.90
C ALA E 110 -18.51 11.50 29.19
N GLY E 111 -19.51 10.86 28.58
CA GLY E 111 -20.91 11.13 28.84
C GLY E 111 -21.27 12.58 28.51
N ASN E 112 -20.02 15.15 28.00
CA ASN E 112 -19.50 16.19 28.85
C ASN E 112 -18.59 17.11 28.06
N VAL E 113 -18.39 16.82 26.77
CA VAL E 113 -17.43 17.52 25.94
C VAL E 113 -17.93 17.60 24.51
N ILE E 114 -17.11 18.21 23.66
CA ILE E 114 -17.23 18.11 22.22
C ILE E 114 -15.84 18.33 21.65
N LEU E 115 -15.55 17.70 20.54
CA LEU E 115 -14.31 17.97 19.83
C LEU E 115 -14.61 18.74 18.55
N PHE E 116 -13.68 19.59 18.19
CA PHE E 116 -13.65 20.20 16.87
C PHE E 116 -12.57 19.54 16.04
N ILE E 117 -12.95 18.80 15.03
CA ILE E 117 -11.99 18.36 14.03
C ILE E 117 -11.65 19.56 13.18
N ASP E 118 -10.41 19.64 12.73
CA ASP E 118 -9.95 20.96 12.37
C ASP E 118 -10.02 21.18 10.87
N GLU E 119 -9.07 20.64 10.11
CA GLU E 119 -9.02 21.02 8.70
C GLU E 119 -8.91 19.83 7.77
N LEU E 120 -7.80 19.11 7.84
CA LEU E 120 -7.71 17.96 6.97
C LEU E 120 -8.56 16.87 7.58
N HIS E 121 -9.63 16.52 6.90
CA HIS E 121 -10.49 15.48 7.34
C HIS E 121 -10.27 14.54 6.24
N THR E 122 -9.52 13.49 6.52
CA THR E 122 -8.60 13.10 5.48
C THR E 122 -8.94 11.84 4.74
N LEU E 123 -8.74 11.93 3.43
CA LEU E 123 -8.57 10.78 2.57
C LEU E 123 -7.08 10.49 2.58
N VAL E 124 -6.70 9.39 3.22
CA VAL E 124 -5.32 9.14 3.58
C VAL E 124 -4.88 7.78 3.02
N GLY E 125 -3.57 7.59 2.96
CA GLY E 125 -3.01 6.27 2.68
C GLY E 125 -3.19 5.31 3.84
N ALA E 126 -2.81 5.74 5.04
CA ALA E 126 -2.87 4.87 6.20
C ALA E 126 -3.51 5.55 7.40
N ALA E 135 -6.52 5.79 7.96
CA ALA E 135 -6.99 6.42 6.73
C ALA E 135 -8.46 6.14 6.52
N SER E 136 -9.01 6.70 5.46
CA SER E 136 -10.35 6.33 5.00
C SER E 136 -11.33 6.42 6.16
N ASN E 137 -11.88 5.28 6.57
CA ASN E 137 -12.76 5.30 7.72
C ASN E 137 -11.91 5.08 8.95
N ILE E 138 -11.71 6.16 9.68
CA ILE E 138 -11.09 6.16 10.99
C ILE E 138 -11.95 7.05 11.85
N LEU E 139 -12.60 6.48 12.84
CA LEU E 139 -13.71 7.11 13.56
C LEU E 139 -14.88 7.31 12.63
N LYS E 140 -14.61 7.36 11.34
CA LYS E 140 -15.65 7.67 10.39
C LYS E 140 -16.83 6.74 10.58
N PRO E 141 -16.64 5.45 10.82
CA PRO E 141 -17.76 4.65 11.32
C PRO E 141 -18.24 5.11 12.67
N ALA E 142 -17.34 5.27 13.63
CA ALA E 142 -17.78 5.71 14.94
C ALA E 142 -18.35 7.11 14.85
N LEU E 143 -17.83 7.90 13.93
CA LEU E 143 -18.57 9.04 13.44
C LEU E 143 -19.92 8.53 12.99
N ALA E 144 -19.92 7.73 11.93
CA ALA E 144 -21.17 7.24 11.35
C ALA E 144 -22.00 6.47 12.36
N ARG E 145 -21.44 6.16 13.52
CA ARG E 145 -22.19 5.57 14.62
C ARG E 145 -23.37 6.44 15.04
N GLY E 146 -23.46 7.66 14.53
CA GLY E 146 -24.57 8.50 14.92
C GLY E 146 -24.45 8.95 16.34
N GLU E 147 -23.22 9.15 16.81
CA GLU E 147 -22.98 9.60 18.17
C GLU E 147 -21.84 10.60 18.11
N LEU E 148 -21.41 11.06 19.28
CA LEU E 148 -20.19 11.84 19.39
C LEU E 148 -20.26 13.15 18.61
N GLN E 149 -20.98 14.12 19.16
CA GLN E 149 -20.99 15.48 18.67
C GLN E 149 -19.56 16.01 18.48
N CYS E 150 -19.28 16.52 17.28
CA CYS E 150 -17.95 16.96 16.86
C CYS E 150 -18.14 18.04 15.81
N ILE E 151 -17.09 18.79 15.47
CA ILE E 151 -17.16 19.79 14.41
C ILE E 151 -15.95 19.65 13.49
N GLY E 152 -16.19 19.77 12.18
CA GLY E 152 -15.12 19.90 11.22
C GLY E 152 -15.02 21.30 10.63
N ALA E 153 -13.98 21.50 9.81
CA ALA E 153 -13.92 22.66 8.92
C ALA E 153 -12.92 22.42 7.80
N THR E 154 -13.12 23.13 6.69
CA THR E 154 -12.18 23.16 5.58
C THR E 154 -12.53 24.29 4.64
N THR E 155 -11.97 24.28 3.45
CA THR E 155 -12.59 24.95 2.32
C THR E 155 -13.09 23.88 1.37
N LEU E 156 -14.11 24.22 0.58
CA LEU E 156 -14.82 23.21 -0.18
C LEU E 156 -13.87 22.33 -0.96
N ASP E 157 -12.78 22.92 -1.41
CA ASP E 157 -11.84 22.21 -2.26
C ASP E 157 -11.54 20.84 -1.70
N GLU E 158 -11.39 20.76 -0.39
CA GLU E 158 -11.36 19.46 0.26
C GLU E 158 -12.77 18.92 0.43
N TYR E 159 -13.69 19.80 0.86
CA TYR E 159 -15.05 19.39 1.18
C TYR E 159 -15.66 18.57 0.08
N ARG E 160 -15.26 18.83 -1.17
CA ARG E 160 -15.74 18.05 -2.28
C ARG E 160 -15.56 16.56 -2.07
N LYS E 161 -14.62 16.16 -1.23
CA LYS E 161 -14.29 14.75 -1.22
C LYS E 161 -14.89 13.99 -0.05
N ASN E 162 -14.26 14.06 1.12
CA ASN E 162 -14.45 13.03 2.15
C ASN E 162 -15.90 13.00 2.63
N ILE E 163 -16.38 14.13 3.14
CA ILE E 163 -17.78 14.24 3.56
C ILE E 163 -18.70 13.91 2.41
N GLU E 164 -18.35 14.37 1.21
CA GLU E 164 -19.19 14.22 0.03
C GLU E 164 -19.06 12.84 -0.60
N LYS E 165 -17.83 12.37 -0.84
CA LYS E 165 -17.67 11.10 -1.54
C LYS E 165 -18.35 9.97 -0.80
N ASP E 166 -18.42 10.05 0.53
CA ASP E 166 -19.39 9.23 1.25
C ASP E 166 -20.80 9.74 1.01
N ALA E 167 -21.04 11.01 1.36
CA ALA E 167 -22.37 11.55 1.37
C ALA E 167 -23.17 11.15 2.59
N ALA E 168 -22.82 10.04 3.23
CA ALA E 168 -23.36 9.72 4.53
C ALA E 168 -22.61 10.48 5.61
N LEU E 169 -21.34 10.77 5.37
CA LEU E 169 -20.67 11.74 6.20
C LEU E 169 -21.15 13.13 5.88
N GLU E 170 -21.48 13.37 4.61
CA GLU E 170 -22.39 14.47 4.32
C GLU E 170 -23.67 14.33 5.12
N ARG E 171 -24.23 13.12 5.15
CA ARG E 171 -25.34 12.90 6.04
C ARG E 171 -24.92 12.99 7.50
N ARG E 172 -23.63 12.83 7.79
CA ARG E 172 -23.11 13.14 9.12
C ARG E 172 -22.72 14.60 9.30
N PHE E 173 -22.25 15.29 8.26
CA PHE E 173 -21.71 16.62 8.45
C PHE E 173 -22.67 17.68 7.92
N GLN E 174 -22.68 18.83 8.57
CA GLN E 174 -23.41 19.99 8.10
C GLN E 174 -22.41 21.05 7.67
N PRO E 175 -22.39 21.37 6.38
CA PRO E 175 -21.46 22.36 5.89
C PRO E 175 -21.98 23.76 6.15
N VAL E 176 -21.05 24.66 6.46
CA VAL E 176 -21.32 26.08 6.63
C VAL E 176 -20.07 26.83 6.18
N GLN E 177 -20.28 28.03 5.66
CA GLN E 177 -19.17 28.87 5.26
C GLN E 177 -19.51 30.31 5.54
N VAL E 178 -18.49 31.12 5.76
CA VAL E 178 -18.65 32.54 5.99
C VAL E 178 -17.56 33.29 5.24
N ASP E 179 -17.94 34.39 4.63
CA ASP E 179 -17.03 35.20 3.84
C ASP E 179 -16.05 35.93 4.76
N GLU E 180 -14.98 36.44 4.15
CA GLU E 180 -14.11 37.32 4.90
C GLU E 180 -14.94 38.41 5.53
N PRO E 181 -14.76 38.68 6.82
CA PRO E 181 -15.57 39.68 7.49
C PRO E 181 -15.46 41.04 6.82
N ARG F 1 12.36 37.28 37.86
CA ARG F 1 12.63 38.10 39.04
C ARG F 1 11.91 37.54 40.26
N LEU F 2 12.53 37.71 41.43
CA LEU F 2 11.84 37.42 42.67
C LEU F 2 10.80 38.50 42.94
N THR F 3 10.17 38.41 44.11
CA THR F 3 9.15 39.37 44.53
C THR F 3 9.34 39.77 46.00
N GLU F 4 8.25 39.71 46.76
CA GLU F 4 8.29 40.07 48.18
C GLU F 4 9.14 39.09 48.99
N ARG F 5 8.58 37.91 49.26
CA ARG F 5 9.30 36.89 50.01
C ARG F 5 10.63 36.59 49.33
N ALA F 6 11.72 36.74 50.07
CA ALA F 6 13.04 36.49 49.53
C ALA F 6 13.65 37.82 49.07
N GLN F 7 12.99 38.47 48.13
CA GLN F 7 13.44 39.76 47.62
C GLN F 7 13.51 40.72 48.80
N ARG F 8 12.41 40.79 49.56
CA ARG F 8 12.35 41.65 50.74
C ARG F 8 13.49 41.25 51.66
N VAL F 9 13.58 39.95 51.96
CA VAL F 9 14.64 39.44 52.81
C VAL F 9 15.94 39.81 52.11
N LEU F 10 15.80 40.26 50.87
CA LEU F 10 16.94 40.68 50.06
C LEU F 10 17.18 42.18 50.18
N ALA F 11 16.11 42.97 50.36
CA ALA F 11 16.30 44.41 50.55
C ALA F 11 16.78 44.72 51.95
N HIS F 12 16.22 44.02 52.96
CA HIS F 12 16.78 44.18 54.29
C HIS F 12 18.19 43.63 54.31
N ALA F 13 18.47 42.63 53.46
CA ALA F 13 19.85 42.28 53.17
C ALA F 13 20.59 43.46 52.57
N GLN F 14 20.01 44.07 51.55
CA GLN F 14 20.57 45.31 51.02
C GLN F 14 20.58 46.40 52.08
N GLU F 15 19.52 46.46 52.90
CA GLU F 15 19.53 47.33 54.07
C GLU F 15 20.66 46.95 55.00
N GLU F 16 20.85 45.64 55.21
CA GLU F 16 22.03 45.18 55.96
C GLU F 16 23.30 45.41 55.15
N ALA F 17 23.22 45.27 53.84
CA ALA F 17 24.35 45.64 52.98
C ALA F 17 24.62 47.13 53.04
N ILE F 18 23.65 47.92 53.47
CA ILE F 18 23.89 49.31 53.81
C ILE F 18 24.20 49.51 55.29
N ARG F 19 24.03 48.49 56.12
CA ARG F 19 24.33 48.62 57.54
C ARG F 19 25.84 48.67 57.78
N LEU F 20 26.55 47.62 57.36
CA LEU F 20 28.00 47.57 57.48
C LEU F 20 28.71 47.91 56.17
N ASN F 21 27.96 48.23 55.11
CA ASN F 21 28.49 48.53 53.78
C ASN F 21 29.60 47.58 53.37
N HIS F 22 29.25 46.32 53.14
CA HIS F 22 30.25 45.33 52.78
C HIS F 22 30.74 45.56 51.35
N SER F 23 31.96 45.16 51.04
CA SER F 23 32.42 45.21 49.64
C SER F 23 31.72 44.20 48.77
N ASN F 24 31.06 43.23 49.39
CA ASN F 24 30.60 42.04 48.71
C ASN F 24 29.36 41.56 49.46
N ILE F 25 28.48 40.85 48.77
CA ILE F 25 27.25 40.42 49.43
C ILE F 25 27.52 39.07 50.08
N GLY F 26 27.59 39.08 51.40
CA GLY F 26 27.81 37.90 52.19
C GLY F 26 26.57 37.02 52.14
N THR F 27 26.73 35.72 52.32
CA THR F 27 25.57 34.86 52.55
C THR F 27 24.66 35.37 53.65
N GLU F 28 25.20 36.20 54.56
CA GLU F 28 24.51 36.57 55.77
C GLU F 28 23.66 37.83 55.63
N HIS F 29 23.86 38.62 54.57
CA HIS F 29 23.05 39.81 54.39
C HIS F 29 21.58 39.49 54.57
N LEU F 30 21.11 38.46 53.87
CA LEU F 30 19.72 38.07 54.04
C LEU F 30 19.54 37.17 55.25
N LEU F 31 20.60 36.54 55.75
CA LEU F 31 20.47 35.73 56.97
C LEU F 31 20.14 36.61 58.16
N LEU F 32 20.98 37.61 58.42
CA LEU F 32 20.62 38.59 59.44
C LEU F 32 19.44 39.44 59.01
N GLY F 33 19.09 39.44 57.73
CA GLY F 33 17.82 40.02 57.28
C GLY F 33 16.67 39.06 57.49
N LEU F 34 16.88 37.77 57.24
CA LEU F 34 15.88 36.75 57.56
C LEU F 34 15.31 36.95 58.94
N MET F 35 16.16 36.78 59.96
CA MET F 35 15.83 37.28 61.28
C MET F 35 15.58 38.78 61.21
N LYS F 36 14.51 39.23 61.85
CA LYS F 36 14.35 40.67 62.02
C LYS F 36 15.21 41.17 63.17
N GLU F 37 15.22 40.41 64.25
CA GLU F 37 15.85 40.77 65.52
C GLU F 37 15.85 39.44 66.27
N PRO F 38 16.49 39.31 67.45
CA PRO F 38 16.57 37.99 68.09
C PRO F 38 15.24 37.27 68.27
N GLU F 39 14.13 37.93 67.89
CA GLU F 39 12.80 37.35 68.01
C GLU F 39 12.79 35.93 67.48
N GLY F 40 12.10 35.06 68.20
CA GLY F 40 11.69 33.80 67.63
C GLY F 40 10.61 33.96 66.56
N ILE F 41 10.05 35.17 66.44
CA ILE F 41 8.93 35.36 65.54
C ILE F 41 9.27 35.03 64.11
N ALA F 42 13.62 30.93 64.58
CA ALA F 42 13.28 29.71 65.31
C ALA F 42 12.37 28.82 64.49
N ALA F 43 11.26 29.38 64.04
CA ALA F 43 10.30 28.75 63.16
C ALA F 43 10.97 28.25 61.89
N LYS F 44 12.23 28.62 61.68
CA LYS F 44 12.97 28.16 60.52
C LYS F 44 13.07 26.65 60.48
N VAL F 45 13.05 26.12 59.27
CA VAL F 45 13.00 24.73 58.87
C VAL F 45 14.34 24.03 59.08
N LEU F 46 15.37 24.76 59.49
CA LEU F 46 16.70 24.21 59.76
C LEU F 46 16.87 23.98 61.25
N GLU F 47 16.77 25.06 62.04
CA GLU F 47 16.91 24.94 63.49
C GLU F 47 16.04 23.81 64.03
N SER F 48 14.78 23.78 63.63
CA SER F 48 13.95 22.63 63.97
C SER F 48 14.61 21.34 63.48
N PHE F 49 15.11 21.32 62.25
CA PHE F 49 15.77 20.15 61.74
C PHE F 49 17.13 19.84 62.33
N ASN F 50 18.08 20.78 62.20
CA ASN F 50 19.45 20.46 62.60
C ASN F 50 20.14 21.57 63.42
N ILE F 51 20.46 22.68 62.77
CA ILE F 51 21.37 23.68 63.31
C ILE F 51 20.61 24.82 63.97
N THR F 52 20.84 25.01 65.28
CA THR F 52 20.29 26.16 65.99
C THR F 52 20.62 27.44 65.26
N GLU F 53 19.61 28.31 65.10
CA GLU F 53 19.87 29.61 64.50
C GLU F 53 20.39 30.60 65.53
N ASP F 54 19.95 30.52 66.78
CA ASP F 54 20.62 31.27 67.83
C ASP F 54 22.11 30.98 67.81
N LYS F 55 22.45 29.71 67.65
CA LYS F 55 23.81 29.31 67.26
C LYS F 55 24.21 29.93 65.93
N VAL F 56 23.31 29.89 64.94
CA VAL F 56 23.66 30.29 63.60
C VAL F 56 23.59 31.82 63.42
N ILE F 57 22.58 32.46 64.00
CA ILE F 57 22.44 33.92 63.93
C ILE F 57 23.68 34.63 64.44
N GLU F 58 24.05 34.38 65.68
CA GLU F 58 25.14 35.16 66.26
C GLU F 58 26.42 34.99 65.47
N GLU F 59 26.68 33.78 64.96
CA GLU F 59 27.94 33.54 64.28
C GLU F 59 27.90 34.11 62.86
N VAL F 60 26.72 34.15 62.24
CA VAL F 60 26.64 34.79 60.94
C VAL F 60 26.71 36.31 61.09
N GLU F 61 26.23 36.83 62.22
CA GLU F 61 26.31 38.26 62.46
C GLU F 61 27.75 38.76 62.42
N LYS F 62 28.64 38.04 63.09
CA LYS F 62 30.05 38.42 63.09
C LYS F 62 30.73 38.17 61.76
N LEU F 63 30.05 37.53 60.81
CA LEU F 63 30.59 37.49 59.46
C LEU F 63 30.29 38.79 58.72
N ILE F 64 29.14 39.40 59.03
CA ILE F 64 28.85 40.72 58.47
C ILE F 64 29.96 41.71 58.77
N GLY F 65 30.62 41.56 59.92
CA GLY F 65 31.65 42.51 60.33
C GLY F 65 33.05 42.11 59.88
N HIS F 66 36.36 46.45 55.21
CA HIS F 66 35.47 47.61 55.26
C HIS F 66 35.47 48.34 53.93
N GLY F 67 34.28 48.68 53.45
CA GLY F 67 34.06 49.24 52.13
C GLY F 67 33.36 50.60 52.29
N GLN F 68 33.07 51.23 51.16
CA GLN F 68 32.50 52.57 51.12
C GLN F 68 31.15 52.53 50.41
N ASP F 69 30.39 53.64 50.35
CA ASP F 69 28.97 53.53 49.94
C ASP F 69 28.73 52.98 48.55
N HIS F 70 29.47 53.46 47.55
CA HIS F 70 29.19 53.00 46.19
C HIS F 70 29.54 51.52 46.02
N VAL F 71 30.74 51.05 46.37
CA VAL F 71 30.98 49.60 46.39
C VAL F 71 30.22 48.87 47.49
N GLY F 72 29.63 49.57 48.45
CA GLY F 72 28.70 48.91 49.35
C GLY F 72 27.60 48.25 48.53
N THR F 73 27.18 47.06 48.97
CA THR F 73 26.18 46.22 48.30
C THR F 73 26.42 46.11 46.79
N LEU F 74 27.70 46.07 46.38
CA LEU F 74 27.97 46.06 44.95
C LEU F 74 27.88 44.64 44.38
N HIS F 75 28.40 43.64 45.08
CA HIS F 75 28.59 42.36 44.42
C HIS F 75 28.09 41.20 45.25
N TYR F 76 27.46 40.22 44.60
CA TYR F 76 26.80 39.12 45.32
C TYR F 76 27.73 38.16 46.03
N THR F 77 29.04 38.23 45.81
CA THR F 77 29.96 37.19 46.25
C THR F 77 29.66 35.88 45.55
N PRO F 78 30.08 35.75 44.30
CA PRO F 78 29.59 34.72 43.39
C PRO F 78 29.49 33.34 44.04
N ARG F 79 30.37 33.06 45.00
CA ARG F 79 30.13 31.91 45.89
C ARG F 79 28.70 31.95 46.42
N ALA F 80 28.28 33.12 46.92
CA ALA F 80 26.87 33.35 47.19
C ALA F 80 26.11 33.73 45.93
N LYS F 81 26.78 34.36 44.96
CA LYS F 81 26.09 34.92 43.81
C LYS F 81 25.15 33.95 43.11
N LYS F 82 25.57 32.69 42.97
CA LYS F 82 24.69 31.70 42.38
C LYS F 82 23.42 31.53 43.20
N VAL F 83 23.51 31.74 44.51
CA VAL F 83 22.49 31.25 45.42
C VAL F 83 21.16 31.90 45.13
N ILE F 84 21.17 33.18 44.76
CA ILE F 84 19.94 33.82 44.34
C ILE F 84 19.37 33.14 43.10
N GLU F 85 20.22 32.84 42.13
CA GLU F 85 19.76 32.05 41.01
C GLU F 85 19.60 30.59 41.43
N LEU F 86 20.51 30.11 42.28
CA LEU F 86 20.29 28.83 42.93
C LEU F 86 19.00 28.85 43.74
N SER F 87 18.58 30.03 44.21
CA SER F 87 17.28 30.12 44.85
C SER F 87 16.17 29.80 43.86
N MET F 88 16.37 30.19 42.59
CA MET F 88 15.40 29.90 41.56
C MET F 88 15.25 28.42 41.29
N ASP F 89 16.12 27.58 41.86
CA ASP F 89 16.19 26.18 41.48
C ASP F 89 14.96 25.37 41.92
N GLU F 90 14.43 25.63 43.11
CA GLU F 90 13.61 24.63 43.80
C GLU F 90 12.10 24.86 43.59
N ALA F 91 11.69 25.87 42.83
CA ALA F 91 10.27 26.16 42.74
C ALA F 91 9.48 24.96 42.24
N ARG F 92 10.11 24.07 41.49
CA ARG F 92 9.41 22.91 40.95
C ARG F 92 9.24 21.79 41.97
N LYS F 93 10.28 21.50 42.77
CA LYS F 93 10.14 20.49 43.81
C LYS F 93 9.48 21.07 45.05
N LEU F 94 9.74 22.34 45.36
CA LEU F 94 8.79 23.06 46.21
C LEU F 94 7.46 23.23 45.51
N HIS F 95 7.38 22.88 44.23
CA HIS F 95 6.13 22.75 43.49
C HIS F 95 5.41 24.11 43.44
N HIS F 96 6.10 25.05 42.81
CA HIS F 96 5.77 26.47 42.89
C HIS F 96 6.08 27.13 41.55
N ASN F 97 5.27 28.12 41.18
CA ASN F 97 5.61 28.95 40.04
C ASN F 97 6.61 30.04 40.40
N PHE F 98 6.60 30.50 41.65
CA PHE F 98 7.47 31.56 42.13
C PHE F 98 8.30 31.08 43.30
N VAL F 99 9.32 31.88 43.62
CA VAL F 99 10.45 31.47 44.43
C VAL F 99 10.38 32.27 45.73
N GLY F 100 10.05 31.59 46.82
CA GLY F 100 9.67 32.29 48.04
C GLY F 100 10.85 32.41 49.00
N THR F 101 10.57 32.95 50.19
CA THR F 101 11.60 33.16 51.19
C THR F 101 12.12 31.85 51.77
N GLU F 102 11.34 30.77 51.67
CA GLU F 102 11.87 29.45 52.00
C GLU F 102 12.79 28.95 50.90
N HIS F 103 12.57 29.42 49.67
CA HIS F 103 13.30 28.94 48.50
C HIS F 103 14.67 29.60 48.39
N ILE F 104 14.74 30.91 48.66
CA ILE F 104 16.03 31.59 48.68
C ILE F 104 16.93 30.96 49.72
N LEU F 105 16.43 30.81 50.94
CA LEU F 105 17.18 30.11 51.96
C LEU F 105 17.50 28.69 51.51
N LEU F 106 16.58 28.07 50.77
CA LEU F 106 16.82 26.72 50.27
C LEU F 106 18.12 26.65 49.51
N GLY F 107 18.39 27.66 48.69
CA GLY F 107 19.69 27.69 48.03
C GLY F 107 20.78 28.15 48.98
N LEU F 108 20.42 28.99 49.95
CA LEU F 108 21.40 29.43 50.92
C LEU F 108 22.01 28.27 51.68
N ASN F 112 23.98 26.23 51.07
CA ASN F 112 25.39 26.01 50.78
C ASN F 112 26.25 27.15 51.31
N GLU F 113 26.26 28.30 50.63
CA GLU F 113 27.19 29.35 51.03
C GLU F 113 26.73 30.04 52.30
N GLY F 114 25.43 30.03 52.58
CA GLY F 114 24.98 30.46 53.88
C GLY F 114 25.05 29.20 54.73
N VAL F 115 26.07 29.16 55.56
CA VAL F 115 26.43 27.99 56.32
C VAL F 115 27.79 28.27 56.94
N ALA F 116 28.17 27.48 57.91
CA ALA F 116 29.57 27.27 58.21
C ALA F 116 29.81 25.81 57.88
N ALA F 117 30.43 25.55 56.74
CA ALA F 117 30.67 24.18 56.32
C ALA F 117 32.19 24.02 56.36
N ARG F 118 32.66 23.34 57.40
CA ARG F 118 34.02 23.43 57.89
C ARG F 118 34.31 22.22 58.75
N VAL F 119 35.43 22.26 59.48
CA VAL F 119 35.73 21.23 60.48
C VAL F 119 34.55 21.06 61.43
N PHE F 120 34.07 22.18 61.99
CA PHE F 120 32.78 22.20 62.68
C PHE F 120 31.76 22.77 61.70
N ALA F 121 30.88 21.92 61.20
CA ALA F 121 29.98 22.30 60.12
C ALA F 121 28.66 22.77 60.73
N ASN F 122 28.37 24.06 60.59
CA ASN F 122 26.99 24.52 60.62
C ASN F 122 26.70 24.72 59.14
N LEU F 123 26.15 23.69 58.53
CA LEU F 123 25.72 23.78 57.15
C LEU F 123 24.34 24.40 57.20
N ASP F 124 23.61 24.33 56.11
CA ASP F 124 22.17 24.39 56.19
C ASP F 124 21.64 23.15 55.49
N LEU F 125 20.75 22.44 56.19
CA LEU F 125 20.20 21.18 55.70
C LEU F 125 19.64 21.39 54.31
N ASN F 126 20.12 20.61 53.34
CA ASN F 126 19.87 20.92 51.95
C ASN F 126 18.44 20.54 51.54
N ILE F 127 18.10 19.26 51.62
CA ILE F 127 16.80 18.75 51.17
C ILE F 127 15.89 18.36 52.33
N THR F 128 16.35 17.44 53.18
CA THR F 128 15.48 16.71 54.09
C THR F 128 14.60 17.63 54.92
N LYS F 129 15.20 18.55 55.67
CA LYS F 129 14.44 19.22 56.73
C LYS F 129 13.51 20.30 56.17
N ALA F 130 13.99 21.08 55.19
CA ALA F 130 13.14 22.15 54.65
C ALA F 130 11.86 21.58 54.08
N ARG F 131 11.97 20.59 53.19
CA ARG F 131 10.82 20.08 52.46
C ARG F 131 9.68 19.70 53.38
N ALA F 132 9.88 18.68 54.21
CA ALA F 132 8.81 18.23 55.08
C ALA F 132 8.41 19.31 56.07
N GLN F 133 9.32 20.21 56.42
CA GLN F 133 8.93 21.35 57.22
C GLN F 133 8.44 22.51 56.37
N VAL F 134 8.66 22.47 55.06
CA VAL F 134 7.82 23.23 54.15
C VAL F 134 6.51 22.49 53.87
N VAL F 135 6.53 21.16 53.92
CA VAL F 135 5.27 20.44 54.05
C VAL F 135 4.55 20.87 55.31
N LYS F 136 5.31 21.27 56.33
CA LYS F 136 4.73 21.99 57.46
C LYS F 136 4.38 23.42 57.06
N ALA F 137 5.34 24.15 56.49
CA ALA F 137 5.18 25.57 56.21
C ALA F 137 4.84 25.77 54.75
N LEU F 138 3.58 26.10 54.50
CA LEU F 138 3.01 26.15 53.14
C LEU F 138 3.09 24.75 52.54
N GLY F 139 3.57 24.62 51.31
CA GLY F 139 3.48 23.47 50.44
C GLY F 139 3.50 23.96 49.00
N ASN F 140 2.89 23.19 48.11
CA ASN F 140 2.42 23.79 46.87
C ASN F 140 1.50 24.96 47.19
N PRO F 141 0.91 24.97 48.38
CA PRO F 141 -0.04 25.96 48.85
C PRO F 141 0.47 27.37 48.59
N GLU F 142 1.79 27.56 48.66
CA GLU F 142 2.39 28.87 48.42
C GLU F 142 2.90 28.98 46.99
N MET F 143 1.98 29.05 46.04
CA MET F 143 2.33 29.18 44.63
C MET F 143 3.27 30.35 44.39
N SER F 144 2.92 31.50 44.94
CA SER F 144 3.74 32.70 44.79
C SER F 144 3.00 33.78 44.01
N ASN F 145 3.63 34.94 43.86
CA ASN F 145 3.03 36.06 43.13
C ASN F 145 2.28 36.97 44.08
N LYS F 146 3.00 37.62 44.99
CA LYS F 146 2.39 38.52 45.95
C LYS F 146 3.38 39.59 46.40
N ASN F 147 4.28 39.21 47.31
CA ASN F 147 5.28 40.13 47.83
C ASN F 147 6.21 39.48 48.82
N ALA F 148 5.63 38.79 49.80
CA ALA F 148 6.40 38.11 50.83
C ALA F 148 5.75 38.25 52.21
N GLN F 149 4.88 37.30 52.54
CA GLN F 149 4.20 37.31 53.82
C GLN F 149 4.19 35.92 54.46
N ALA F 150 4.97 35.76 55.51
CA ALA F 150 5.05 34.48 56.22
C ALA F 150 6.19 34.48 57.24
N SER F 151 6.38 35.63 57.90
CA SER F 151 7.43 35.76 58.89
C SER F 151 6.99 35.16 60.24
N LYS F 152 7.95 34.53 60.92
CA LYS F 152 7.66 33.91 62.21
C LYS F 152 6.49 32.94 62.11
N SER F 153 5.58 33.01 63.08
CA SER F 153 4.41 32.13 63.11
C SER F 153 3.31 32.63 62.19
N ASN F 154 3.43 32.32 60.90
CA ASN F 154 2.43 32.75 59.91
C ASN F 154 2.53 31.90 58.65
N ASN F 155 2.76 32.56 57.52
CA ASN F 155 2.87 31.88 56.23
C ASN F 155 1.59 31.11 55.91
N LYS G 1 -40.00 50.56 -25.26
CA LYS G 1 -39.61 51.95 -25.22
C LYS G 1 -39.14 52.33 -23.84
N LEU G 2 -38.07 53.11 -23.80
CA LEU G 2 -37.46 53.52 -22.55
C LEU G 2 -37.63 55.02 -22.45
N THR G 3 -38.53 55.46 -21.57
CA THR G 3 -39.00 56.82 -21.62
C THR G 3 -37.93 57.80 -21.15
N LYS G 4 -38.13 59.07 -21.52
CA LYS G 4 -37.26 60.16 -21.11
C LYS G 4 -36.94 60.01 -19.65
N GLU G 5 -37.95 59.58 -18.89
CA GLU G 5 -37.78 59.17 -17.52
C GLU G 5 -36.54 58.31 -17.44
N GLU G 6 -36.67 57.11 -18.00
CA GLU G 6 -35.62 56.12 -17.91
C GLU G 6 -34.29 56.74 -18.27
N LEU G 7 -34.26 57.48 -19.37
CA LEU G 7 -33.04 58.08 -19.85
C LEU G 7 -32.36 58.78 -18.69
N LYS G 8 -32.93 59.89 -18.24
CA LYS G 8 -32.27 60.61 -17.16
C LYS G 8 -32.26 59.77 -15.89
N GLU G 9 -33.26 58.92 -15.71
CA GLU G 9 -33.23 58.03 -14.55
C GLU G 9 -31.99 57.14 -14.60
N ILE G 10 -31.78 56.48 -15.72
CA ILE G 10 -30.55 55.69 -15.82
C ILE G 10 -29.35 56.60 -15.71
N VAL G 11 -29.44 57.78 -16.33
CA VAL G 11 -28.38 58.78 -16.17
C VAL G 11 -28.03 58.97 -14.72
N THR G 12 -29.03 58.90 -13.85
CA THR G 12 -28.69 58.84 -12.45
C THR G 12 -27.76 57.66 -12.20
N MET G 13 -28.31 56.46 -12.25
CA MET G 13 -27.55 55.32 -11.79
C MET G 13 -26.25 55.21 -12.57
N MET G 14 -26.22 55.78 -13.76
CA MET G 14 -24.95 56.04 -14.41
C MET G 14 -23.98 56.71 -13.44
N VAL G 15 -24.46 57.70 -12.70
CA VAL G 15 -23.58 58.38 -11.77
C VAL G 15 -23.09 57.44 -10.69
N ASN G 16 -23.84 56.39 -10.42
CA ASN G 16 -23.56 55.57 -9.25
C ASN G 16 -22.12 55.07 -9.26
N LYS G 17 -21.75 54.38 -10.34
CA LYS G 17 -20.39 53.86 -10.46
C LYS G 17 -19.37 54.92 -10.09
N LEU G 18 -19.57 56.14 -10.55
CA LEU G 18 -18.70 57.24 -10.20
C LEU G 18 -18.64 57.31 -8.69
N THR G 19 -19.77 57.73 -8.12
CA THR G 19 -19.84 57.87 -6.68
C THR G 19 -19.48 56.57 -5.99
N ASN G 20 -20.19 55.49 -6.30
CA ASN G 20 -20.02 54.24 -5.55
C ASN G 20 -18.61 53.74 -5.61
N ARG G 21 -17.81 54.28 -6.51
CA ARG G 21 -16.41 53.97 -6.57
C ARG G 21 -15.58 55.18 -6.25
N LEU G 22 -15.69 56.23 -7.04
CA LEU G 22 -14.68 57.26 -7.02
C LEU G 22 -14.85 58.02 -5.74
N SER G 23 -15.98 58.71 -5.62
CA SER G 23 -16.28 59.32 -4.35
C SER G 23 -16.40 58.29 -3.24
N GLU G 24 -16.36 56.99 -3.58
CA GLU G 24 -16.26 55.96 -2.54
C GLU G 24 -14.91 55.27 -2.47
N GLN G 25 -11.77 58.33 -4.45
CA GLN G 25 -11.60 59.77 -4.64
C GLN G 25 -12.25 60.60 -3.55
N ASN G 26 -13.50 60.28 -3.20
CA ASN G 26 -14.21 61.04 -2.17
C ASN G 26 -14.33 62.51 -2.58
N ILE G 27 -15.13 62.73 -3.62
CA ILE G 27 -15.25 64.05 -4.21
C ILE G 27 -16.70 64.39 -4.48
N ASN G 28 -17.17 65.48 -3.86
CA ASN G 28 -18.57 65.87 -3.99
C ASN G 28 -18.93 66.12 -5.45
N ILE G 29 -20.21 65.94 -5.76
CA ILE G 29 -20.64 65.93 -7.15
C ILE G 29 -21.83 66.84 -7.35
N ILE G 30 -21.73 67.72 -8.35
CA ILE G 30 -22.85 68.54 -8.76
C ILE G 30 -23.39 68.08 -10.10
N VAL G 31 -24.66 68.34 -10.32
CA VAL G 31 -25.39 67.79 -11.45
C VAL G 31 -26.19 68.89 -12.11
N THR G 32 -25.88 69.20 -13.36
CA THR G 32 -26.62 70.21 -14.11
C THR G 32 -27.59 69.49 -15.02
N ASP G 33 -28.87 69.52 -14.65
CA ASP G 33 -29.87 68.77 -15.39
C ASP G 33 -29.80 69.08 -16.86
N LYS G 34 -29.76 70.37 -17.19
CA LYS G 34 -29.62 70.84 -18.55
C LYS G 34 -28.52 70.07 -19.27
N ALA G 35 -27.29 70.29 -18.84
CA ALA G 35 -26.19 69.51 -19.40
C ALA G 35 -26.50 68.02 -19.31
N LYS G 36 -26.82 67.56 -18.09
CA LYS G 36 -27.20 66.16 -17.91
C LYS G 36 -28.18 65.76 -18.99
N ASP G 37 -29.18 66.58 -19.19
CA ASP G 37 -30.13 66.32 -20.26
C ASP G 37 -29.48 66.52 -21.61
N LYS G 38 -28.81 67.66 -21.81
CA LYS G 38 -28.01 67.87 -23.02
C LYS G 38 -27.13 66.65 -23.27
N ILE G 39 -26.46 66.20 -22.24
CA ILE G 39 -25.84 64.89 -22.32
C ILE G 39 -26.89 63.85 -22.67
N ALA G 40 -27.87 63.66 -21.77
CA ALA G 40 -28.90 62.65 -21.99
C ALA G 40 -29.52 62.78 -23.37
N GLU G 41 -29.73 64.02 -23.82
CA GLU G 41 -30.09 64.31 -25.20
C GLU G 41 -29.21 63.50 -26.12
N GLU G 42 -27.94 63.86 -26.16
CA GLU G 42 -27.00 63.05 -26.90
C GLU G 42 -26.77 61.71 -26.23
N GLY G 43 -27.20 61.55 -24.99
CA GLY G 43 -27.00 60.31 -24.29
C GLY G 43 -27.76 59.17 -24.91
N TYR G 44 -29.06 59.31 -25.03
CA TYR G 44 -29.84 58.23 -25.58
C TYR G 44 -29.71 58.19 -27.08
N ASP G 45 -29.44 57.02 -27.62
CA ASP G 45 -29.62 56.76 -29.04
C ASP G 45 -30.77 55.81 -29.21
N PRO G 46 -31.48 55.94 -30.31
CA PRO G 46 -32.51 54.97 -30.62
C PRO G 46 -31.92 53.58 -30.66
N GLU G 47 -31.14 53.33 -31.70
CA GLU G 47 -30.63 51.99 -31.99
C GLU G 47 -29.89 51.40 -30.80
N TYR G 48 -28.80 52.04 -30.40
CA TYR G 48 -27.94 51.48 -29.35
C TYR G 48 -28.50 51.74 -27.97
N GLY G 49 -29.66 52.37 -27.87
CA GLY G 49 -30.13 52.84 -26.60
C GLY G 49 -29.29 54.02 -26.18
N ALA G 50 -29.42 54.38 -24.91
CA ALA G 50 -28.47 55.33 -24.37
C ALA G 50 -27.12 54.70 -24.10
N ARG G 51 -26.99 53.38 -24.32
CA ARG G 51 -25.85 52.59 -23.89
C ARG G 51 -24.52 53.31 -24.06
N PRO G 52 -24.29 54.02 -25.16
CA PRO G 52 -23.06 54.81 -25.25
C PRO G 52 -22.80 55.68 -24.04
N LEU G 53 -23.85 55.98 -23.29
CA LEU G 53 -23.74 56.94 -22.20
C LEU G 53 -22.51 56.69 -21.36
N ILE G 54 -22.28 55.43 -21.03
CA ILE G 54 -21.10 55.04 -20.29
C ILE G 54 -19.89 55.75 -20.85
N ARG G 55 -19.53 55.39 -22.07
CA ARG G 55 -18.49 56.14 -22.75
C ARG G 55 -18.82 57.62 -22.71
N ALA G 56 -20.02 57.97 -23.18
CA ALA G 56 -20.40 59.36 -23.36
C ALA G 56 -19.97 60.17 -22.17
N ILE G 57 -20.49 59.82 -21.01
CA ILE G 57 -20.07 60.41 -19.76
C ILE G 57 -18.57 60.49 -19.65
N GLN G 58 -17.94 59.33 -19.47
CA GLN G 58 -16.57 59.27 -19.00
C GLN G 58 -15.70 60.28 -19.69
N LYS G 59 -15.93 60.41 -21.00
CA LYS G 59 -15.05 61.14 -21.89
C LYS G 59 -14.69 62.48 -21.28
N THR G 60 -15.66 63.36 -21.26
CA THR G 60 -15.50 64.69 -20.70
C THR G 60 -15.60 64.65 -19.19
N ILE G 61 -16.40 63.74 -18.66
CA ILE G 61 -16.82 63.84 -17.28
C ILE G 61 -15.64 63.51 -16.41
N GLU G 62 -15.20 62.25 -16.48
CA GLU G 62 -13.99 61.88 -15.79
C GLU G 62 -12.88 62.86 -16.11
N ASP G 63 -12.84 63.34 -17.35
CA ASP G 63 -11.85 64.31 -17.76
C ASP G 63 -11.87 65.52 -16.86
N ASN G 64 -12.94 66.31 -16.96
CA ASN G 64 -12.97 67.59 -16.26
C ASN G 64 -12.55 67.40 -14.81
N LEU G 65 -13.01 66.31 -14.21
CA LEU G 65 -12.45 65.88 -12.94
C LEU G 65 -10.95 65.76 -13.07
N SER G 66 -10.50 64.77 -13.83
CA SER G 66 -9.08 64.54 -13.99
C SER G 66 -8.38 65.84 -14.30
N GLU G 67 -9.00 66.65 -15.14
CA GLU G 67 -8.50 67.99 -15.35
C GLU G 67 -8.44 68.70 -14.01
N LEU G 68 -9.60 69.00 -13.43
CA LEU G 68 -9.60 69.71 -12.17
C LEU G 68 -8.91 68.92 -11.08
N ILE G 69 -8.68 67.63 -11.28
CA ILE G 69 -7.72 66.93 -10.44
C ILE G 69 -6.36 67.57 -10.56
N LEU G 70 -6.02 68.01 -11.75
CA LEU G 70 -4.75 68.71 -11.90
C LEU G 70 -4.87 70.15 -11.42
N ASP G 71 -5.98 70.79 -11.73
CA ASP G 71 -6.01 72.24 -11.86
C ASP G 71 -5.60 73.00 -10.60
N GLY G 72 -5.53 72.33 -9.46
CA GLY G 72 -5.03 72.88 -8.19
C GLY G 72 -5.86 74.08 -7.74
N ASN G 73 -6.78 74.55 -8.58
CA ASN G 73 -7.62 75.70 -8.23
C ASN G 73 -8.79 75.32 -7.34
N GLN G 74 -9.55 74.30 -7.74
CA GLN G 74 -10.69 73.83 -6.95
C GLN G 74 -10.65 72.31 -6.99
N ILE G 75 -10.58 71.69 -5.81
CA ILE G 75 -9.93 70.38 -5.71
C ILE G 75 -10.77 69.36 -4.97
N GLU G 76 -10.16 68.23 -4.59
CA GLU G 76 -10.93 67.10 -4.09
C GLU G 76 -11.86 67.53 -2.97
N GLY G 77 -13.05 66.92 -2.97
CA GLY G 77 -14.14 67.08 -2.06
C GLY G 77 -14.99 68.30 -2.43
N LYS G 78 -14.62 69.05 -3.48
CA LYS G 78 -15.46 70.10 -4.04
C LYS G 78 -16.48 69.47 -4.99
N LYS G 79 -17.15 70.30 -5.79
CA LYS G 79 -17.78 69.83 -7.02
C LYS G 79 -17.87 70.97 -8.04
N VAL G 80 -17.63 70.63 -9.31
CA VAL G 80 -17.77 71.54 -10.44
C VAL G 80 -18.25 70.70 -11.62
N THR G 81 -18.85 71.36 -12.62
CA THR G 81 -19.20 70.67 -13.86
C THR G 81 -19.33 71.70 -14.98
N VAL G 82 -19.84 71.25 -16.13
CA VAL G 82 -20.14 72.14 -17.23
C VAL G 82 -21.64 72.43 -17.25
N LEU H 1 -35.47 44.53 8.45
CA LEU H 1 -36.81 45.03 8.19
C LEU H 1 -37.53 44.16 7.18
N THR H 2 -36.91 43.91 6.04
CA THR H 2 -37.54 43.00 5.09
C THR H 2 -37.66 41.62 5.70
N LYS H 3 -36.56 41.14 6.31
CA LYS H 3 -36.63 39.95 7.14
C LYS H 3 -37.79 40.07 8.10
N ILE H 4 -37.98 41.25 8.65
CA ILE H 4 -39.06 41.46 9.59
C ILE H 4 -40.35 41.39 8.81
N ASN H 5 -40.56 42.38 7.96
CA ASN H 5 -41.90 42.65 7.46
C ASN H 5 -42.35 41.59 6.48
N GLU H 6 -41.61 41.44 5.39
CA GLU H 6 -41.95 40.44 4.37
C GLU H 6 -43.17 39.64 4.76
N THR H 7 -44.36 40.22 4.56
CA THR H 7 -45.60 39.55 4.89
C THR H 7 -46.00 38.53 3.82
N GLU H 8 -45.51 38.75 2.61
CA GLU H 8 -45.82 37.85 1.50
C GLU H 8 -46.84 38.46 0.55
N SER H 9 -46.86 39.79 0.48
CA SER H 9 -47.78 40.50 -0.38
C SER H 9 -47.39 41.97 -0.52
N GLU H 10 -46.49 42.42 0.36
CA GLU H 10 -46.03 43.80 0.34
C GLU H 10 -45.21 44.07 -0.89
N LYS H 11 -44.28 43.16 -1.20
CA LYS H 11 -43.66 43.21 -2.49
C LYS H 11 -44.74 43.28 -3.54
N LEU H 12 -45.45 42.17 -3.69
CA LEU H 12 -46.42 41.98 -4.76
C LEU H 12 -47.25 43.23 -4.91
N LEU H 13 -48.04 43.51 -3.88
CA LEU H 13 -48.94 44.65 -3.92
C LEU H 13 -48.21 45.90 -4.40
N SER H 14 -46.98 46.10 -3.95
CA SER H 14 -46.27 47.28 -4.35
C SER H 14 -45.29 47.01 -5.46
N LEU H 15 -45.19 45.75 -5.90
CA LEU H 15 -44.02 45.30 -6.65
C LEU H 15 -43.75 46.16 -7.86
N GLU H 16 -44.80 46.60 -8.53
CA GLU H 16 -44.60 47.53 -9.62
C GLU H 16 -43.91 48.77 -9.09
N ASP H 17 -44.61 49.52 -8.26
CA ASP H 17 -44.04 50.74 -7.73
C ASP H 17 -42.80 50.42 -6.92
N THR H 18 -42.74 49.23 -6.33
CA THR H 18 -41.48 48.69 -5.90
C THR H 18 -40.51 48.72 -7.06
N LEU H 19 -40.74 47.84 -8.03
CA LEU H 19 -39.82 47.75 -9.15
C LEU H 19 -39.64 49.11 -9.78
N HIS H 20 -40.72 49.89 -9.86
CA HIS H 20 -40.65 51.20 -10.48
C HIS H 20 -39.57 52.05 -9.88
N GLU H 21 -39.11 51.69 -8.69
CA GLU H 21 -37.99 52.38 -8.06
C GLU H 21 -36.74 52.20 -8.91
N ARG H 22 -36.81 51.42 -9.97
CA ARG H 22 -35.57 51.09 -10.65
C ARG H 22 -35.44 51.62 -12.07
N VAL H 23 -36.10 51.01 -13.03
CA VAL H 23 -35.80 51.28 -14.42
C VAL H 23 -37.06 51.66 -15.15
N ILE H 24 -37.04 52.83 -15.76
CA ILE H 24 -38.18 53.24 -16.53
C ILE H 24 -38.33 52.33 -17.74
N GLY H 25 -39.55 52.27 -18.26
CA GLY H 25 -39.80 51.51 -19.45
C GLY H 25 -39.93 50.03 -19.12
N GLN H 26 -40.62 49.34 -20.01
CA GLN H 26 -41.02 47.96 -19.79
C GLN H 26 -41.87 47.84 -18.55
N LYS H 27 -42.49 48.95 -18.17
CA LYS H 27 -43.35 48.98 -17.01
C LYS H 27 -44.31 47.80 -17.06
N ASP H 28 -44.98 47.64 -18.19
CA ASP H 28 -45.74 46.43 -18.47
C ASP H 28 -44.93 45.18 -18.18
N ALA H 29 -43.85 44.98 -18.91
CA ALA H 29 -42.98 43.85 -18.65
C ALA H 29 -42.65 43.79 -17.18
N VAL H 30 -42.22 44.94 -16.65
CA VAL H 30 -42.08 45.07 -15.21
C VAL H 30 -43.32 44.55 -14.53
N ASN H 31 -44.47 45.10 -14.91
CA ASN H 31 -45.74 44.62 -14.37
C ASN H 31 -45.88 43.13 -14.64
N SER H 32 -45.73 42.75 -15.91
CA SER H 32 -45.78 41.35 -16.26
C SER H 32 -44.89 40.55 -15.34
N ILE H 33 -43.64 40.99 -15.20
CA ILE H 33 -42.73 40.31 -14.29
C ILE H 33 -43.34 40.25 -12.91
N SER H 34 -43.76 41.40 -12.40
CA SER H 34 -44.50 41.41 -11.15
C SER H 34 -45.65 40.43 -11.25
N LYS H 35 -46.49 40.63 -12.26
CA LYS H 35 -47.54 39.67 -12.55
C LYS H 35 -46.99 38.27 -12.55
N ALA H 36 -45.90 38.06 -13.28
CA ALA H 36 -45.32 36.73 -13.43
C ALA H 36 -45.04 36.11 -12.09
N VAL H 37 -44.04 36.65 -11.40
CA VAL H 37 -43.54 36.04 -10.18
C VAL H 37 -44.63 35.83 -9.16
N ARG H 38 -45.76 36.51 -9.29
CA ARG H 38 -46.84 36.21 -8.38
C ARG H 38 -47.35 34.80 -8.64
N ARG H 39 -47.34 34.39 -9.89
CA ARG H 39 -47.56 33.00 -10.20
C ARG H 39 -46.44 32.14 -9.65
N ALA H 40 -45.28 32.73 -9.38
CA ALA H 40 -44.32 31.98 -8.60
C ALA H 40 -44.86 31.64 -7.23
N ARG H 41 -46.03 32.16 -6.89
CA ARG H 41 -46.77 31.68 -5.76
C ARG H 41 -48.11 31.16 -6.24
N ALA H 42 -48.93 30.79 -5.26
CA ALA H 42 -50.29 30.30 -5.43
C ALA H 42 -50.28 28.87 -5.96
N GLY H 43 -49.16 28.47 -6.54
CA GLY H 43 -49.01 27.13 -7.07
C GLY H 43 -50.10 26.74 -8.04
N LEU H 44 -50.80 27.73 -8.61
CA LEU H 44 -51.81 27.41 -9.60
C LEU H 44 -51.17 26.86 -10.87
N LYS H 45 -49.97 27.30 -11.17
CA LYS H 45 -49.12 26.61 -12.13
C LYS H 45 -48.34 25.53 -11.38
N ASP H 46 -47.40 24.90 -12.03
CA ASP H 46 -46.70 23.81 -11.37
C ASP H 46 -45.88 24.35 -10.22
N PRO H 47 -46.15 23.95 -8.99
CA PRO H 47 -45.35 24.43 -7.86
C PRO H 47 -43.87 24.24 -8.08
N LYS H 48 -43.50 23.23 -8.84
CA LYS H 48 -42.16 23.13 -9.38
C LYS H 48 -42.26 23.56 -10.83
N ARG H 49 -41.71 24.73 -11.14
CA ARG H 49 -41.85 25.30 -12.47
C ARG H 49 -41.00 26.56 -12.49
N GLY H 52 -38.76 30.14 -13.33
CA GLY H 52 -39.01 31.57 -13.52
C GLY H 52 -38.22 32.00 -14.74
N SER H 53 -38.93 32.23 -15.84
CA SER H 53 -38.39 32.06 -17.18
C SER H 53 -38.66 33.29 -18.04
N PHE H 54 -37.61 34.03 -18.38
CA PHE H 54 -37.81 35.36 -18.95
C PHE H 54 -36.84 35.60 -20.08
N ILE H 55 -37.38 35.78 -21.28
CA ILE H 55 -36.57 36.08 -22.44
C ILE H 55 -36.52 37.58 -22.65
N PHE H 56 -35.35 38.16 -22.45
CA PHE H 56 -35.22 39.58 -22.65
C PHE H 56 -34.99 39.89 -24.12
N LEU H 57 -35.80 40.80 -24.63
CA LEU H 57 -35.67 41.34 -25.97
C LEU H 57 -35.15 42.74 -25.74
N GLY H 58 -33.88 42.98 -26.02
CA GLY H 58 -33.32 44.26 -25.65
C GLY H 58 -31.83 44.31 -25.85
N PRO H 59 -31.30 45.49 -25.56
CA PRO H 59 -29.91 45.82 -25.85
C PRO H 59 -29.09 45.89 -24.58
N THR H 60 -27.85 46.29 -24.74
CA THR H 60 -27.12 46.80 -23.59
C THR H 60 -27.79 48.07 -23.10
N GLY H 61 -27.58 48.38 -21.83
CA GLY H 61 -28.30 49.48 -21.23
C GLY H 61 -29.78 49.23 -21.06
N VAL H 62 -30.27 48.06 -21.46
CA VAL H 62 -31.70 47.80 -21.51
C VAL H 62 -32.27 47.41 -20.16
N GLY H 63 -31.47 47.43 -19.11
CA GLY H 63 -31.94 47.01 -17.81
C GLY H 63 -32.05 45.52 -17.67
N LYS H 64 -31.77 44.79 -18.75
CA LYS H 64 -31.78 43.34 -18.69
C LYS H 64 -31.04 42.89 -17.46
N THR H 65 -29.89 43.50 -17.23
CA THR H 65 -29.16 43.19 -16.03
C THR H 65 -29.88 43.79 -14.83
N GLU H 66 -30.16 45.09 -14.89
CA GLU H 66 -30.75 45.84 -13.78
C GLU H 66 -31.89 45.07 -13.18
N LEU H 67 -32.90 44.89 -14.01
CA LEU H 67 -34.09 44.16 -13.64
C LEU H 67 -33.68 42.91 -12.91
N ALA H 68 -33.10 41.99 -13.68
CA ALA H 68 -32.70 40.72 -13.14
C ALA H 68 -31.95 40.92 -11.84
N ARG H 69 -30.97 41.82 -11.85
CA ARG H 69 -30.35 42.23 -10.62
C ARG H 69 -31.42 42.57 -9.61
N ALA H 70 -32.08 43.69 -9.83
CA ALA H 70 -33.00 44.18 -8.81
C ALA H 70 -34.01 43.14 -8.43
N LEU H 71 -34.37 42.26 -9.36
CA LEU H 71 -35.45 41.32 -9.13
C LEU H 71 -35.30 40.64 -7.78
N ALA H 72 -34.30 39.78 -7.64
CA ALA H 72 -34.12 39.14 -6.34
C ALA H 72 -33.63 40.15 -5.32
N GLU H 73 -32.75 41.05 -5.74
CA GLU H 73 -32.42 42.18 -4.88
C GLU H 73 -33.68 42.80 -4.33
N SER H 74 -34.72 42.87 -5.16
CA SER H 74 -36.06 43.06 -4.63
C SER H 74 -36.58 41.78 -4.02
N MET H 75 -36.76 40.73 -4.82
CA MET H 75 -37.35 39.51 -4.33
C MET H 75 -36.60 38.91 -3.17
N PHE H 76 -35.41 38.41 -3.42
CA PHE H 76 -34.67 37.72 -2.39
C PHE H 76 -33.83 38.66 -1.57
N GLY H 77 -34.01 39.96 -1.75
CA GLY H 77 -33.34 40.93 -0.90
C GLY H 77 -31.84 40.87 -1.11
N ASP H 78 -31.44 40.56 -2.33
CA ASP H 78 -30.05 40.60 -2.73
C ASP H 78 -29.97 40.23 -4.20
N ASP H 79 -28.94 40.71 -4.87
CA ASP H 79 -28.73 40.37 -6.26
C ASP H 79 -27.74 39.23 -6.42
N ASP H 80 -27.07 38.82 -5.34
CA ASP H 80 -26.10 37.75 -5.49
C ASP H 80 -26.79 36.42 -5.73
N ALA H 81 -28.11 36.38 -5.54
CA ALA H 81 -28.88 35.24 -6.00
C ALA H 81 -28.68 35.01 -7.49
N MET H 82 -28.41 36.08 -8.22
CA MET H 82 -28.26 35.97 -9.65
C MET H 82 -27.07 35.10 -10.00
N ILE H 83 -27.14 34.50 -11.18
CA ILE H 83 -26.01 33.78 -11.74
C ILE H 83 -25.82 34.18 -13.19
N ARG H 84 -24.68 34.79 -13.48
CA ARG H 84 -24.27 35.02 -14.85
C ARG H 84 -23.91 33.69 -15.48
N VAL H 85 -24.37 33.47 -16.70
CA VAL H 85 -23.95 32.31 -17.48
C VAL H 85 -23.75 32.74 -18.92
N ASP H 86 -22.58 32.45 -19.47
CA ASP H 86 -22.25 32.91 -20.81
C ASP H 86 -22.63 31.85 -21.82
N MET H 87 -23.62 32.16 -22.65
CA MET H 87 -24.00 31.25 -23.71
C MET H 87 -22.88 31.09 -24.71
N SER H 88 -22.03 32.11 -24.85
CA SER H 88 -20.79 31.94 -25.61
C SER H 88 -20.06 30.71 -25.11
N GLU H 89 -20.14 30.45 -23.83
CA GLU H 89 -19.43 29.34 -23.22
C GLU H 89 -20.22 28.06 -23.28
N PHE H 90 -21.36 28.07 -23.97
CA PHE H 90 -22.17 26.88 -24.10
C PHE H 90 -22.00 26.39 -25.53
N MET H 91 -21.28 25.28 -25.68
CA MET H 91 -20.97 24.77 -27.01
C MET H 91 -21.43 23.33 -27.22
N GLU H 92 -20.69 22.36 -26.71
CA GLU H 92 -21.11 20.98 -26.92
C GLU H 92 -21.06 20.18 -25.62
N LYS H 93 -19.89 20.08 -25.02
CA LYS H 93 -19.72 19.16 -23.92
C LYS H 93 -19.85 19.82 -22.56
N HIS H 94 -20.07 21.14 -22.51
CA HIS H 94 -20.15 21.79 -21.21
C HIS H 94 -21.28 21.23 -20.38
N ALA H 95 -22.16 20.42 -20.99
CA ALA H 95 -23.19 19.74 -20.22
C ALA H 95 -22.59 19.12 -18.98
N VAL H 96 -21.42 18.50 -19.13
CA VAL H 96 -20.65 18.09 -17.97
C VAL H 96 -20.42 19.29 -17.06
N SER H 97 -19.79 20.32 -17.60
CA SER H 97 -19.55 21.48 -16.77
C SER H 97 -20.83 22.22 -16.45
N ARG H 98 -21.94 21.83 -17.05
CA ARG H 98 -23.23 22.14 -16.46
C ARG H 98 -23.64 21.14 -15.40
N LEU H 99 -23.42 19.85 -15.66
CA LEU H 99 -24.06 18.78 -14.90
C LEU H 99 -23.03 17.70 -14.62
N VAL H 100 -22.94 17.28 -13.36
CA VAL H 100 -21.74 16.63 -12.83
C VAL H 100 -21.29 15.47 -13.71
N GLY H 101 -20.00 15.46 -14.04
CA GLY H 101 -19.44 14.41 -14.88
C GLY H 101 -19.31 13.10 -14.15
N ALA H 102 -18.08 12.68 -13.89
CA ALA H 102 -18.21 11.46 -12.93
C ALA H 102 -17.42 10.64 -13.94
N PRO H 103 -16.22 11.09 -14.26
CA PRO H 103 -15.36 10.39 -15.22
C PRO H 103 -15.53 11.06 -16.34
N PRO H 104 -16.58 11.37 -17.10
CA PRO H 104 -16.42 11.86 -18.46
C PRO H 104 -16.34 10.72 -19.46
N HIS H 109 -11.77 16.29 -13.65
CA HIS H 109 -12.40 15.50 -12.60
C HIS H 109 -13.87 15.28 -12.84
N ASP H 110 -14.61 15.22 -11.75
CA ASP H 110 -16.06 15.14 -11.79
C ASP H 110 -16.57 16.54 -11.48
N ASP H 111 -17.11 17.21 -12.49
CA ASP H 111 -17.48 18.61 -12.37
C ASP H 111 -18.87 18.82 -12.97
N GLY H 112 -19.66 19.69 -12.36
CA GLY H 112 -21.00 19.97 -12.84
C GLY H 112 -21.60 21.25 -12.31
N GLY H 113 -22.22 22.01 -13.20
CA GLY H 113 -22.84 23.26 -12.83
C GLY H 113 -21.87 24.42 -12.69
N GLN H 114 -21.89 25.32 -13.66
CA GLN H 114 -21.27 26.64 -13.49
C GLN H 114 -22.10 27.48 -12.53
N LEU H 115 -23.40 27.27 -12.57
CA LEU H 115 -24.33 27.99 -11.70
C LEU H 115 -25.10 27.06 -10.76
N THR H 116 -25.01 25.76 -11.03
CA THR H 116 -25.69 24.75 -10.21
C THR H 116 -25.08 24.69 -8.81
N GLU H 117 -23.91 24.07 -8.71
CA GLU H 117 -23.24 23.96 -7.43
C GLU H 117 -23.39 25.25 -6.66
N LYS H 118 -23.42 26.38 -7.39
CA LYS H 118 -23.84 27.64 -6.80
C LYS H 118 -25.27 27.57 -6.30
N VAL H 119 -26.12 26.83 -6.99
CA VAL H 119 -27.46 26.65 -6.45
C VAL H 119 -27.45 25.59 -5.38
N ARG H 120 -26.72 24.50 -5.65
CA ARG H 120 -26.31 23.59 -4.59
C ARG H 120 -25.78 24.42 -3.44
N ARG H 121 -25.06 25.49 -3.79
CA ARG H 121 -24.77 26.50 -2.79
C ARG H 121 -26.03 27.27 -2.42
N LYS H 122 -26.73 27.82 -3.41
CA LYS H 122 -27.78 28.81 -3.17
C LYS H 122 -29.08 28.41 -3.81
N PRO H 123 -29.96 27.74 -3.07
CA PRO H 123 -31.21 27.23 -3.63
C PRO H 123 -32.17 28.30 -4.06
N TYR H 124 -31.96 29.54 -3.66
CA TYR H 124 -32.82 30.63 -4.07
C TYR H 124 -31.96 31.62 -4.83
N SER H 125 -32.21 31.75 -6.12
CA SER H 125 -31.19 32.33 -6.96
C SER H 125 -31.83 32.91 -8.21
N VAL H 126 -30.98 33.40 -9.10
CA VAL H 126 -31.42 33.92 -10.38
C VAL H 126 -30.39 33.51 -11.42
N ILE H 127 -30.84 33.18 -12.62
CA ILE H 127 -29.99 32.55 -13.61
C ILE H 127 -30.04 33.34 -14.90
N LEU H 128 -28.90 33.90 -15.30
CA LEU H 128 -28.83 34.71 -16.51
C LEU H 128 -28.22 33.92 -17.66
N PHE H 129 -28.88 33.95 -18.81
CA PHE H 129 -28.35 33.41 -20.05
C PHE H 129 -28.31 34.49 -21.11
N ASP H 130 -27.51 34.25 -22.15
CA ASP H 130 -26.94 35.32 -22.97
C ASP H 130 -27.26 35.11 -24.43
N GLU H 131 -28.11 35.97 -24.99
CA GLU H 131 -28.54 35.84 -26.38
C GLU H 131 -28.88 34.37 -26.64
N ILE H 132 -29.64 33.84 -25.69
CA ILE H 132 -29.45 32.46 -25.24
C ILE H 132 -29.37 31.50 -26.42
N GLU H 133 -30.20 31.72 -27.42
CA GLU H 133 -30.12 30.96 -28.67
C GLU H 133 -28.72 30.94 -29.23
N LYS H 134 -27.88 31.91 -28.86
CA LYS H 134 -26.45 31.80 -29.13
C LYS H 134 -25.91 30.47 -28.65
N ALA H 135 -26.43 29.97 -27.54
CA ALA H 135 -26.01 28.67 -27.05
C ALA H 135 -26.59 27.55 -27.92
N HIS H 136 -26.03 26.39 -27.77
CA HIS H 136 -26.17 25.36 -28.77
C HIS H 136 -27.39 24.48 -28.53
N PRO H 137 -27.89 23.87 -29.59
CA PRO H 137 -28.97 22.88 -29.43
C PRO H 137 -28.54 21.78 -28.50
N ASP H 138 -27.23 21.73 -28.28
CA ASP H 138 -26.68 21.12 -27.10
C ASP H 138 -27.56 21.48 -25.91
N VAL H 139 -27.55 22.77 -25.56
CA VAL H 139 -28.03 23.11 -24.23
C VAL H 139 -29.54 23.11 -24.15
N PHE H 140 -30.21 23.34 -25.28
CA PHE H 140 -31.65 23.55 -25.22
C PHE H 140 -32.34 22.49 -24.39
N ASN H 141 -31.89 21.25 -24.53
CA ASN H 141 -32.48 20.19 -23.72
C ASN H 141 -32.08 20.35 -22.26
N ILE H 142 -30.83 20.70 -21.99
CA ILE H 142 -30.50 20.90 -20.59
C ILE H 142 -31.01 22.26 -20.17
N LEU H 143 -31.13 23.18 -21.12
CA LEU H 143 -32.03 24.28 -20.88
C LEU H 143 -33.42 23.76 -20.59
N LEU H 144 -33.89 22.88 -21.45
CA LEU H 144 -35.17 22.27 -21.22
C LEU H 144 -35.21 21.59 -19.86
N GLN H 145 -34.09 21.01 -19.44
CA GLN H 145 -34.02 20.46 -18.08
C GLN H 145 -34.58 21.45 -17.07
N VAL H 146 -34.15 22.70 -17.17
CA VAL H 146 -34.76 23.74 -16.35
C VAL H 146 -36.25 23.80 -16.66
N LEU H 147 -36.56 23.96 -17.94
CA LEU H 147 -37.95 23.98 -18.36
C LEU H 147 -38.64 22.69 -17.95
N ASP H 148 -37.91 21.58 -18.05
CA ASP H 148 -38.38 20.33 -17.49
C ASP H 148 -38.72 20.53 -16.03
N ASP H 149 -39.90 20.07 -15.65
CA ASP H 149 -40.21 19.63 -14.29
C ASP H 149 -40.07 20.75 -13.28
N GLY H 150 -39.56 21.89 -13.72
CA GLY H 150 -39.34 23.01 -12.82
C GLY H 150 -38.32 22.73 -11.73
N HIS H 151 -37.58 21.65 -11.85
CA HIS H 151 -36.45 21.41 -10.98
C HIS H 151 -35.22 21.10 -11.82
N LEU H 152 -34.09 20.87 -11.13
CA LEU H 152 -32.82 20.72 -11.81
C LEU H 152 -32.15 19.44 -11.34
N THR H 153 -32.10 18.45 -12.21
CA THR H 153 -31.30 17.25 -11.99
C THR H 153 -29.82 17.58 -12.12
N ASP H 154 -28.99 16.70 -11.61
CA ASP H 154 -27.55 16.89 -11.60
C ASP H 154 -26.87 15.70 -12.26
N THR H 155 -25.56 15.85 -12.51
CA THR H 155 -24.80 14.72 -12.98
C THR H 155 -24.66 13.65 -11.92
N LYS H 156 -24.53 14.05 -10.66
CA LYS H 156 -24.76 13.09 -9.59
C LYS H 156 -26.23 12.75 -9.46
N GLY H 157 -27.11 13.42 -10.21
CA GLY H 157 -28.51 13.11 -10.24
C GLY H 157 -29.38 14.05 -9.45
N ARG H 158 -28.80 14.78 -8.51
CA ARG H 158 -29.60 15.58 -7.59
C ARG H 158 -30.50 16.54 -8.35
N THR H 159 -31.80 16.47 -8.06
CA THR H 159 -32.82 17.28 -8.71
C THR H 159 -33.24 18.38 -7.75
N VAL H 160 -33.15 19.64 -8.19
CA VAL H 160 -33.33 20.76 -7.28
C VAL H 160 -34.26 21.78 -7.91
N ASP H 161 -35.07 22.43 -7.08
CA ASP H 161 -36.13 23.29 -7.58
C ASP H 161 -35.58 24.51 -8.29
N PHE H 162 -36.11 24.76 -9.48
CA PHE H 162 -35.93 26.06 -10.09
C PHE H 162 -36.92 27.08 -9.55
N ARG H 163 -38.16 26.64 -9.30
CA ARG H 163 -39.19 27.57 -8.85
C ARG H 163 -38.72 28.39 -7.66
N ASN H 164 -37.81 27.85 -6.88
CA ASN H 164 -37.22 28.62 -5.80
C ASN H 164 -36.11 29.52 -6.30
N THR H 165 -35.89 29.55 -7.60
CA THR H 165 -34.98 30.53 -8.18
C THR H 165 -35.59 31.22 -9.36
N ILE H 166 -34.79 32.02 -10.06
CA ILE H 166 -35.22 32.68 -11.27
C ILE H 166 -34.24 32.32 -12.37
N ILE H 167 -34.71 32.35 -13.61
CA ILE H 167 -33.80 32.24 -14.72
C ILE H 167 -34.11 33.35 -15.70
N ILE H 168 -33.10 33.71 -16.48
CA ILE H 168 -33.15 34.89 -17.33
C ILE H 168 -32.70 34.49 -18.72
N MET H 169 -33.43 34.94 -19.73
CA MET H 169 -33.05 34.75 -21.12
C MET H 169 -32.97 36.11 -21.77
N THR H 170 -31.96 36.29 -22.61
CA THR H 170 -31.69 37.57 -23.25
C THR H 170 -31.63 37.37 -24.74
N SER H 171 -32.13 38.34 -25.49
CA SER H 171 -31.99 38.31 -26.94
C SER H 171 -31.83 39.71 -27.48
N ASN H 172 -30.81 39.89 -28.30
CA ASN H 172 -30.69 41.02 -29.20
C ASN H 172 -31.27 40.71 -30.56
N VAL H 173 -31.90 39.54 -30.70
CA VAL H 173 -32.32 39.04 -32.01
C VAL H 173 -33.00 40.12 -32.82
N GLY H 174 -33.84 40.92 -32.20
CA GLY H 174 -34.52 41.96 -32.90
C GLY H 174 -33.68 43.20 -33.09
N ALA H 175 -32.35 43.09 -32.95
CA ALA H 175 -31.49 44.26 -33.08
C ALA H 175 -31.90 45.08 -34.29
N GLN H 176 -32.04 44.40 -35.42
CA GLN H 176 -32.80 44.93 -36.54
C GLN H 176 -34.17 45.32 -36.05
N GLU H 177 -34.96 44.30 -35.71
CA GLU H 177 -36.38 44.48 -35.41
C GLU H 177 -36.61 45.51 -34.33
N LEU H 178 -35.57 45.80 -33.55
CA LEU H 178 -35.57 46.96 -32.67
C LEU H 178 -35.78 48.23 -33.46
N GLN H 179 -35.40 48.25 -34.73
CA GLN H 179 -35.57 49.46 -35.53
C GLN H 179 -37.00 49.96 -35.44
N ASP H 180 -37.95 49.05 -35.29
CA ASP H 180 -39.33 49.41 -35.00
C ASP H 180 -39.37 50.38 -33.83
N GLN H 181 -39.11 49.89 -32.63
CA GLN H 181 -39.10 50.82 -31.51
C GLN H 181 -37.89 51.75 -31.56
N ARG H 182 -36.90 51.49 -32.44
CA ARG H 182 -35.96 52.55 -32.77
C ARG H 182 -36.70 53.70 -33.44
N GLY H 192 -39.56 53.91 -32.75
CA GLY H 192 -40.62 53.85 -31.73
C GLY H 192 -41.86 53.14 -32.23
N GLN H 193 -41.71 52.26 -33.21
CA GLN H 193 -42.86 51.65 -33.85
C GLN H 193 -43.55 50.65 -32.92
N ASP H 194 -44.80 50.32 -33.25
CA ASP H 194 -45.56 49.34 -32.50
C ASP H 194 -44.78 48.05 -32.43
N TYR H 195 -44.60 47.56 -31.21
CA TYR H 195 -43.75 46.39 -31.05
C TYR H 195 -44.42 45.17 -31.62
N GLU H 196 -45.76 45.16 -31.64
CA GLU H 196 -46.49 44.00 -32.12
C GLU H 196 -45.93 43.51 -33.43
N THR H 197 -45.56 44.44 -34.30
CA THR H 197 -44.72 44.11 -35.43
C THR H 197 -43.54 43.28 -34.95
N ILE H 198 -42.61 43.94 -34.29
CA ILE H 198 -41.36 43.27 -33.96
C ILE H 198 -41.60 42.13 -32.98
N ARG H 199 -42.55 42.29 -32.05
CA ARG H 199 -42.94 41.18 -31.19
C ARG H 199 -43.15 39.93 -32.03
N LYS H 200 -44.15 39.98 -32.88
CA LYS H 200 -44.30 38.93 -33.89
C LYS H 200 -43.01 38.73 -34.64
N THR H 201 -42.48 39.84 -35.16
CA THR H 201 -41.33 39.76 -36.06
C THR H 201 -40.14 39.08 -35.38
N MET H 202 -39.93 39.37 -34.10
CA MET H 202 -38.87 38.61 -33.43
C MET H 202 -39.36 37.24 -33.02
N LEU H 203 -40.65 37.13 -32.67
CA LEU H 203 -41.17 35.89 -32.12
C LEU H 203 -40.77 34.68 -32.96
N LYS H 204 -41.31 34.61 -34.17
CA LYS H 204 -40.87 33.56 -35.08
C LYS H 204 -39.37 33.47 -35.15
N GLU H 205 -38.71 34.63 -35.27
CA GLU H 205 -37.25 34.66 -35.39
C GLU H 205 -36.60 33.89 -34.26
N LEU H 206 -37.03 34.14 -33.04
CA LEU H 206 -36.52 33.29 -31.96
C LEU H 206 -37.26 31.96 -31.96
N LYS H 207 -38.57 31.98 -32.23
CA LYS H 207 -39.30 30.73 -32.41
C LYS H 207 -38.57 29.82 -33.38
N ASN H 208 -37.92 30.40 -34.38
CA ASN H 208 -36.99 29.62 -35.19
C ASN H 208 -36.12 28.75 -34.29
N SER H 209 -35.33 29.39 -33.44
CA SER H 209 -34.28 28.70 -32.69
C SER H 209 -34.83 27.63 -31.76
N PHE H 210 -36.13 27.62 -31.48
CA PHE H 210 -36.60 26.79 -30.39
C PHE H 210 -37.90 26.09 -30.76
N ARG H 211 -37.94 24.80 -30.55
CA ARG H 211 -39.22 24.13 -30.46
C ARG H 211 -40.05 24.87 -29.42
N PRO H 212 -41.32 25.13 -29.70
CA PRO H 212 -42.08 25.97 -28.78
C PRO H 212 -42.04 25.45 -27.37
N GLU H 213 -42.11 24.13 -27.21
CA GLU H 213 -42.17 23.53 -25.88
C GLU H 213 -41.14 24.16 -24.97
N PHE H 214 -39.92 24.32 -25.47
CA PHE H 214 -38.92 25.20 -24.89
C PHE H 214 -39.58 26.51 -24.49
N LEU H 215 -40.03 27.25 -25.49
CA LEU H 215 -40.66 28.54 -25.28
C LEU H 215 -41.94 28.42 -24.47
N ASN H 216 -42.51 27.24 -24.34
CA ASN H 216 -43.82 27.18 -23.74
C ASN H 216 -43.77 27.07 -22.24
N ARG H 217 -42.62 26.80 -21.67
CA ARG H 217 -42.48 26.92 -20.24
C ARG H 217 -42.03 28.31 -19.84
N VAL H 218 -41.83 29.20 -20.80
CA VAL H 218 -41.48 30.56 -20.47
C VAL H 218 -42.58 31.19 -19.64
N ASP H 219 -42.17 31.98 -18.67
CA ASP H 219 -43.12 32.89 -18.04
C ASP H 219 -43.74 33.70 -19.16
N ASP H 220 -42.97 34.62 -19.72
CA ASP H 220 -43.30 35.26 -20.98
C ASP H 220 -42.05 35.88 -21.55
N ILE H 221 -42.11 36.17 -22.82
CA ILE H 221 -41.01 36.84 -23.48
C ILE H 221 -40.95 38.27 -22.99
N ILE H 222 -39.75 38.82 -22.85
CA ILE H 222 -39.58 40.15 -22.29
C ILE H 222 -38.96 41.04 -23.34
N VAL H 223 -39.73 41.95 -23.84
CA VAL H 223 -39.19 43.03 -24.65
C VAL H 223 -38.51 44.05 -23.74
N PHE H 224 -37.53 44.74 -24.30
CA PHE H 224 -37.05 46.01 -23.78
C PHE H 224 -37.19 47.03 -24.89
N HIS H 225 -37.94 48.08 -24.66
CA HIS H 225 -38.26 48.97 -25.75
C HIS H 225 -37.54 50.30 -25.54
N ASN I 1 -28.50 43.01 32.12
CA ASN I 1 -27.79 43.88 33.05
C ASN I 1 -28.43 43.86 34.43
N ASN I 2 -29.72 44.19 34.51
CA ASN I 2 -30.41 44.22 35.79
C ASN I 2 -30.14 42.94 36.58
N LEU I 3 -30.22 41.79 35.91
CA LEU I 3 -29.81 40.54 36.53
C LEU I 3 -28.36 40.61 37.01
N LYS I 4 -27.43 40.81 36.08
CA LYS I 4 -26.03 40.90 36.47
C LYS I 4 -25.74 42.08 37.37
N GLU I 5 -26.49 43.18 37.23
CA GLU I 5 -26.39 44.25 38.22
C GLU I 5 -26.67 43.70 39.60
N ILE I 6 -27.70 42.85 39.71
CA ILE I 6 -27.94 42.16 40.96
C ILE I 6 -26.82 41.18 41.26
N GLU I 7 -26.43 40.38 40.26
CA GLU I 7 -25.23 39.56 40.40
C GLU I 7 -24.07 40.40 40.91
N GLN I 8 -23.90 41.59 40.32
CA GLN I 8 -22.81 42.48 40.67
C GLN I 8 -22.86 42.85 42.16
N GLU I 9 -23.86 43.65 42.53
CA GLU I 9 -23.99 44.10 43.91
C GLU I 9 -23.90 42.94 44.88
N ILE I 10 -24.43 41.78 44.49
CA ILE I 10 -24.17 40.56 45.24
C ILE I 10 -22.67 40.39 45.46
N GLU I 11 -21.92 40.39 44.35
CA GLU I 11 -20.49 40.11 44.44
C GLU I 11 -19.77 41.18 45.26
N LYS I 12 -20.32 42.41 45.29
CA LYS I 12 -19.70 43.52 45.99
C LYS I 12 -19.34 43.19 47.42
N VAL I 13 -20.36 43.11 48.27
CA VAL I 13 -20.10 43.03 49.70
C VAL I 13 -19.75 41.62 50.11
N LYS I 14 -20.27 40.62 49.38
CA LYS I 14 -20.09 39.25 49.80
C LYS I 14 -18.64 38.91 50.04
N ASN I 15 -17.76 39.48 49.23
CA ASN I 15 -16.33 39.31 49.46
C ASN I 15 -15.86 40.26 50.55
N GLU I 16 -16.47 41.45 50.62
CA GLU I 16 -16.06 42.41 51.63
C GLU I 16 -16.29 41.85 53.01
N LYS I 17 -17.53 41.42 53.27
CA LYS I 17 -17.88 40.88 54.58
C LYS I 17 -16.92 39.79 54.99
N ASP I 18 -16.38 39.05 54.03
CA ASP I 18 -15.45 37.97 54.29
C ASP I 18 -14.25 38.44 55.10
N ALA I 19 -13.45 39.31 54.50
CA ALA I 19 -12.18 39.69 55.11
C ALA I 19 -12.35 40.37 56.45
N ALA I 20 -13.56 40.81 56.78
CA ALA I 20 -13.71 41.73 57.91
C ALA I 20 -13.38 41.05 59.22
N VAL I 21 -14.08 39.98 59.55
CA VAL I 21 -13.90 39.34 60.85
C VAL I 21 -12.59 38.57 60.93
N HIS I 22 -11.85 38.47 59.84
CA HIS I 22 -10.67 37.59 59.78
C HIS I 22 -9.68 37.88 60.89
N ALA I 23 -9.69 39.08 61.44
CA ALA I 23 -8.74 39.47 62.48
C ALA I 23 -9.48 39.96 63.71
N GLN I 24 -8.74 40.06 64.80
CA GLN I 24 -9.34 40.39 66.09
C GLN I 24 -9.51 41.90 66.16
N GLU I 25 -10.76 42.35 66.20
CA GLU I 25 -11.12 43.75 66.02
C GLU I 25 -12.30 44.07 66.92
N PHE I 26 -12.31 45.28 67.47
CA PHE I 26 -13.48 45.82 68.16
C PHE I 26 -14.29 46.75 67.28
N GLU I 27 -13.83 47.01 66.04
CA GLU I 27 -14.36 48.12 65.24
C GLU I 27 -14.85 47.63 63.89
N ASN I 28 -16.97 41.58 63.07
CA ASN I 28 -18.32 41.08 62.79
C ASN I 28 -19.40 42.01 63.29
N ALA I 29 -19.07 42.94 64.18
CA ALA I 29 -20.07 43.78 64.81
C ALA I 29 -20.82 44.62 63.78
N ALA I 30 -20.10 45.46 63.02
CA ALA I 30 -20.76 46.53 62.25
C ALA I 30 -21.22 46.04 60.88
N ASN I 31 -20.28 45.85 59.95
CA ASN I 31 -20.67 45.65 58.57
C ASN I 31 -21.23 44.25 58.33
N LEU I 32 -20.70 43.25 59.04
CA LEU I 32 -21.20 41.89 58.89
C LEU I 32 -22.70 41.84 59.12
N ARG I 33 -23.16 42.52 60.18
CA ARG I 33 -24.59 42.64 60.37
C ARG I 33 -25.20 43.55 59.31
N ASP I 34 -24.49 44.61 58.93
CA ASP I 34 -24.99 45.50 57.88
C ASP I 34 -25.18 44.73 56.58
N LYS I 35 -24.16 44.00 56.17
CA LYS I 35 -24.19 43.33 54.87
C LYS I 35 -25.27 42.24 54.83
N GLN I 36 -25.33 41.40 55.87
CA GLN I 36 -26.22 40.24 55.82
C GLN I 36 -27.67 40.68 55.67
N THR I 37 -28.05 41.81 56.25
CA THR I 37 -29.33 42.41 55.88
C THR I 37 -29.26 43.05 54.51
N LYS I 38 -28.22 43.86 54.26
CA LYS I 38 -28.08 44.52 52.98
C LYS I 38 -28.05 43.51 51.84
N LEU I 39 -27.48 42.33 52.07
CA LEU I 39 -27.53 41.30 51.05
C LEU I 39 -28.94 40.74 50.93
N GLU I 40 -29.66 40.63 52.05
CA GLU I 40 -31.03 40.15 52.01
C GLU I 40 -31.97 41.14 51.35
N LYS I 41 -31.51 42.36 51.07
CA LYS I 41 -32.39 43.38 50.51
C LYS I 41 -32.82 43.02 49.08
N GLN I 42 -31.87 42.89 48.18
CA GLN I 42 -32.16 42.66 46.77
C GLN I 42 -32.00 41.21 46.32
N TYR I 43 -31.66 40.30 47.23
CA TYR I 43 -31.41 38.91 46.86
C TYR I 43 -32.61 38.23 46.22
N GLU I 44 -33.82 38.78 46.40
CA GLU I 44 -35.03 38.02 46.13
C GLU I 44 -35.28 37.85 44.63
N GLU I 45 -35.23 38.94 43.87
CA GLU I 45 -35.79 38.93 42.53
C GLU I 45 -35.10 37.97 41.58
N ALA I 46 -33.86 37.56 41.90
CA ALA I 46 -32.94 36.98 40.92
C ALA I 46 -33.55 35.82 40.14
N LYS I 47 -33.70 34.67 40.78
CA LYS I 47 -34.18 33.49 40.04
C LYS I 47 -35.58 33.64 39.48
N ASN I 48 -36.56 34.24 40.17
CA ASN I 48 -37.84 34.50 39.49
C ASN I 48 -37.67 35.39 38.27
N GLU I 49 -36.91 36.47 38.41
CA GLU I 49 -36.61 37.28 37.23
C GLU I 49 -35.68 36.53 36.29
N TRP I 50 -34.93 35.56 36.80
CA TRP I 50 -34.26 34.60 35.91
C TRP I 50 -35.25 33.57 35.37
N LYS I 51 -36.33 33.30 36.09
CA LYS I 51 -37.31 32.33 35.61
C LYS I 51 -38.04 32.83 34.37
N ASN I 52 -37.98 34.13 34.08
CA ASN I 52 -38.45 34.60 32.78
C ASN I 52 -37.62 33.99 31.66
N ALA I 53 -36.31 33.84 31.88
CA ALA I 53 -35.49 33.07 30.95
C ALA I 53 -35.87 31.60 30.96
N GLN I 54 -36.33 31.08 32.08
CA GLN I 54 -36.74 29.69 32.20
C GLN I 54 -38.06 29.43 31.45
N ASN I 55 -34.13 41.01 29.78
CA ASN I 55 -35.45 40.80 29.22
C ASN I 55 -35.42 39.76 28.13
N SER J 1 -44.90 6.72 6.22
CA SER J 1 -45.83 7.76 5.84
C SER J 1 -45.63 8.97 6.74
N VAL J 2 -45.88 10.13 6.16
CA VAL J 2 -45.84 11.37 6.92
C VAL J 2 -46.62 11.24 8.21
N VAL J 3 -47.80 10.64 8.15
CA VAL J 3 -48.67 10.62 9.32
C VAL J 3 -48.10 9.71 10.40
N ASP J 4 -47.78 8.47 10.03
CA ASP J 4 -47.18 7.55 11.00
C ASP J 4 -46.00 8.22 11.66
N THR J 5 -45.24 8.95 10.86
CA THR J 5 -44.14 9.71 11.41
C THR J 5 -44.62 10.54 12.58
N VAL J 6 -45.65 11.35 12.36
CA VAL J 6 -46.21 12.16 13.43
C VAL J 6 -46.42 11.30 14.67
N ALA J 7 -47.07 10.15 14.49
CA ALA J 7 -47.25 9.22 15.59
C ALA J 7 -45.89 8.83 16.18
N ILE J 8 -44.96 8.42 15.33
CA ILE J 8 -43.67 8.02 15.85
C ILE J 8 -42.98 9.23 16.43
N LEU J 9 -43.23 10.40 15.87
CA LEU J 9 -42.79 11.62 16.50
C LEU J 9 -43.51 11.82 17.81
N LYS J 10 -44.83 11.70 17.79
CA LYS J 10 -45.59 11.63 19.03
C LYS J 10 -44.96 10.59 19.95
N GLY J 11 -44.42 9.52 19.38
CA GLY J 11 -43.64 8.61 20.17
C GLY J 11 -42.52 9.35 20.86
N LEU J 12 -41.67 10.03 20.11
CA LEU J 12 -40.60 10.76 20.76
C LEU J 12 -41.02 12.15 21.20
N ARG J 13 -42.28 12.49 21.00
CA ARG J 13 -42.73 13.79 21.44
C ARG J 13 -42.26 14.01 22.88
N ASP J 14 -42.65 13.17 23.83
CA ASP J 14 -42.19 13.40 25.20
C ASP J 14 -40.70 13.36 25.30
N ARG J 15 -40.06 12.62 24.41
CA ARG J 15 -38.67 12.29 24.58
C ARG J 15 -37.83 13.54 24.64
N TYR J 16 -37.66 14.20 23.52
CA TYR J 16 -36.67 15.26 23.55
C TYR J 16 -37.18 16.52 24.20
N GLU J 17 -38.49 16.68 24.30
CA GLU J 17 -38.97 17.78 25.12
C GLU J 17 -38.65 17.53 26.56
N ALA J 18 -38.76 16.29 27.01
CA ALA J 18 -38.30 16.03 28.36
C ALA J 18 -36.79 16.15 28.41
N HIS J 19 -36.13 16.11 27.25
CA HIS J 19 -34.74 16.51 27.19
C HIS J 19 -34.61 18.01 27.11
N HIS J 20 -35.46 18.64 26.32
CA HIS J 20 -35.37 20.05 26.04
C HIS J 20 -36.33 20.88 26.85
N ARG J 21 -37.07 20.24 27.76
CA ARG J 21 -37.93 20.95 28.69
C ARG J 21 -38.91 21.87 27.99
N ILE J 22 -39.62 21.35 26.99
CA ILE J 22 -40.53 22.16 26.22
C ILE J 22 -41.84 21.39 26.04
N ASN J 23 -42.80 22.04 25.39
CA ASN J 23 -44.11 21.46 25.16
C ASN J 23 -44.35 21.40 23.66
N ILE J 24 -44.39 20.19 23.11
CA ILE J 24 -44.53 20.06 21.68
C ILE J 24 -45.97 20.30 21.27
N SER J 25 -46.17 21.10 20.24
CA SER J 25 -47.50 21.36 19.72
C SER J 25 -47.65 20.62 18.41
N ASP J 26 -48.53 19.60 18.42
CA ASP J 26 -48.68 18.71 17.29
C ASP J 26 -48.91 19.48 15.99
N GLU J 27 -49.52 20.67 16.10
CA GLU J 27 -49.62 21.54 14.94
C GLU J 27 -48.29 21.65 14.23
N ALA J 28 -47.27 22.17 14.94
CA ALA J 28 -45.91 22.06 14.44
C ALA J 28 -45.62 20.65 13.99
N ILE J 29 -45.93 19.68 14.83
CA ILE J 29 -45.50 18.32 14.58
C ILE J 29 -45.93 17.86 13.20
N GLU J 30 -47.22 17.97 12.92
CA GLU J 30 -47.66 17.63 11.58
C GLU J 30 -47.07 18.60 10.57
N ALA J 31 -46.84 19.83 10.99
CA ALA J 31 -46.43 20.86 10.05
C ALA J 31 -45.17 20.47 9.31
N ALA J 32 -44.04 20.44 10.03
CA ALA J 32 -42.79 20.06 9.40
C ALA J 32 -42.94 18.74 8.68
N VAL J 33 -43.73 17.84 9.27
CA VAL J 33 -43.91 16.53 8.69
C VAL J 33 -44.24 16.65 7.22
N LYS J 34 -45.29 17.42 6.91
CA LYS J 34 -45.46 17.86 5.54
C LYS J 34 -44.22 18.61 5.08
N LEU J 35 -43.90 19.65 5.83
CA LEU J 35 -42.99 20.66 5.32
C LEU J 35 -41.62 20.06 5.03
N SER J 36 -41.06 19.33 5.99
CA SER J 36 -39.77 18.72 5.76
C SER J 36 -39.84 17.80 4.56
N ASN J 37 -40.78 16.86 4.59
CA ASN J 37 -41.03 16.01 3.45
C ASN J 37 -41.07 16.82 2.17
N ARG J 38 -41.72 17.96 2.23
CA ARG J 38 -41.67 18.88 1.11
C ARG J 38 -40.24 19.36 0.90
N TYR J 39 -39.64 19.95 1.92
CA TYR J 39 -38.43 20.71 1.69
C TYR J 39 -37.14 19.96 1.93
N VAL J 40 -37.16 18.81 2.55
CA VAL J 40 -35.88 18.20 2.87
C VAL J 40 -35.73 16.89 2.14
N SER J 41 -34.77 16.80 1.22
CA SER J 41 -34.52 15.52 0.54
C SER J 41 -33.86 14.46 1.39
N ASP J 42 -32.86 14.84 2.16
CA ASP J 42 -31.78 13.91 2.51
C ASP J 42 -32.13 13.04 3.69
N ARG J 43 -32.17 13.60 4.88
CA ARG J 43 -32.60 12.80 6.00
C ARG J 43 -34.09 12.53 5.86
N PHE J 44 -34.61 11.77 6.79
CA PHE J 44 -35.93 11.20 6.61
C PHE J 44 -36.85 11.70 7.69
N LEU J 45 -38.06 12.03 7.25
CA LEU J 45 -39.06 12.56 8.16
C LEU J 45 -39.17 11.74 9.43
N PRO J 46 -39.08 10.41 9.40
CA PRO J 46 -38.92 9.66 10.64
C PRO J 46 -37.90 10.29 11.54
N ASP J 47 -36.88 10.90 10.97
CA ASP J 47 -35.95 11.68 11.77
C ASP J 47 -36.12 13.15 11.46
N LYS J 48 -35.86 13.51 10.22
CA LYS J 48 -35.61 14.90 9.88
C LYS J 48 -36.66 15.82 10.47
N ALA J 49 -37.89 15.35 10.56
CA ALA J 49 -38.87 16.05 11.37
C ALA J 49 -38.27 16.28 12.73
N ILE J 50 -38.09 15.18 13.47
CA ILE J 50 -37.51 15.30 14.80
C ILE J 50 -36.25 16.13 14.75
N ASP J 51 -35.44 15.94 13.70
CA ASP J 51 -34.31 16.83 13.48
C ASP J 51 -34.79 18.24 13.61
N LEU J 52 -35.65 18.66 12.68
CA LEU J 52 -36.21 19.98 12.80
C LEU J 52 -36.75 20.19 14.19
N ILE J 53 -37.57 19.25 14.63
CA ILE J 53 -38.20 19.31 15.93
C ILE J 53 -37.15 19.63 16.98
N ASP J 54 -36.28 18.66 17.26
CA ASP J 54 -35.25 18.88 18.27
C ASP J 54 -34.52 20.18 17.99
N GLU J 55 -34.19 20.43 16.72
CA GLU J 55 -33.54 21.68 16.39
C GLU J 55 -34.46 22.83 16.71
N ALA J 56 -35.70 22.76 16.24
CA ALA J 56 -36.69 23.72 16.71
C ALA J 56 -36.73 23.68 18.22
N SER J 57 -36.91 22.49 18.79
CA SER J 57 -36.85 22.33 20.23
C SER J 57 -35.61 22.96 20.78
N SER J 58 -34.52 22.94 20.03
CA SER J 58 -33.37 23.73 20.44
C SER J 58 -33.69 25.19 20.27
N LYS J 59 -33.94 25.62 19.03
CA LYS J 59 -34.11 27.03 18.77
C LYS J 59 -35.00 27.71 19.78
N VAL J 60 -36.13 27.08 20.10
CA VAL J 60 -36.94 27.58 21.19
C VAL J 60 -36.08 27.59 22.44
N ARG J 61 -35.65 26.41 22.88
CA ARG J 61 -34.82 26.31 24.07
C ARG J 61 -33.69 27.31 23.99
N LEU J 62 -33.03 27.37 22.83
CA LEU J 62 -32.00 28.35 22.57
C LEU J 62 -32.49 29.69 23.06
N LYS J 63 -33.55 30.19 22.42
CA LYS J 63 -34.20 31.37 22.95
C LYS J 63 -34.62 31.15 24.38
N SER J 64 -35.30 30.03 24.59
CA SER J 64 -35.77 29.64 25.91
C SER J 64 -34.57 29.23 26.75
N HIS J 65 -33.58 28.62 26.10
CA HIS J 65 -32.36 28.19 26.77
C HIS J 65 -31.75 29.38 27.49
N THR J 66 -31.56 30.46 26.75
CA THR J 66 -31.02 31.68 27.32
C THR J 66 -31.99 32.83 27.05
N THR J 67 -31.47 34.05 27.06
CA THR J 67 -32.30 35.22 26.78
C THR J 67 -32.83 35.06 25.37
N PRO J 68 -34.14 35.28 25.20
CA PRO J 68 -34.79 35.16 23.89
C PRO J 68 -34.04 35.94 22.81
N GLY J 124 -41.35 33.56 27.40
CA GLY J 124 -41.58 32.61 28.48
C GLY J 124 -42.20 31.32 27.99
N MET J 125 -42.67 31.27 26.75
CA MET J 125 -43.39 30.10 26.28
C MET J 125 -42.45 28.91 26.31
N SER J 126 -42.84 27.89 27.07
CA SER J 126 -42.11 26.64 27.07
C SER J 126 -42.52 25.75 25.92
N THR J 127 -43.77 25.85 25.51
CA THR J 127 -44.28 25.10 24.40
C THR J 127 -43.55 25.50 23.12
N SER J 128 -43.57 24.60 22.15
CA SER J 128 -43.01 24.90 20.85
C SER J 128 -44.14 25.34 19.94
N LEU J 129 -43.95 26.49 19.29
CA LEU J 129 -45.01 26.98 18.42
C LEU J 129 -45.20 25.98 17.29
N SER J 130 -46.35 26.02 16.68
CA SER J 130 -46.40 25.42 15.36
C SER J 130 -45.37 26.11 14.49
N GLU J 131 -45.71 27.32 14.06
CA GLU J 131 -45.10 27.88 12.87
C GLU J 131 -43.60 28.03 12.98
N GLU J 132 -43.15 29.02 13.75
CA GLU J 132 -41.74 29.40 13.75
C GLU J 132 -40.87 28.20 13.97
N ASP J 133 -41.22 27.41 14.99
CA ASP J 133 -40.55 26.15 15.26
C ASP J 133 -40.36 25.39 13.97
N ILE J 134 -41.43 25.27 13.21
CA ILE J 134 -41.23 24.76 11.88
C ILE J 134 -40.59 25.90 11.14
N ALA J 135 -41.38 26.95 10.93
CA ALA J 135 -41.13 27.97 9.93
C ALA J 135 -39.74 28.53 10.04
N GLU J 136 -39.52 29.32 11.08
CA GLU J 136 -38.24 30.00 11.25
C GLU J 136 -37.10 29.05 10.98
N VAL J 137 -37.01 28.03 11.82
CA VAL J 137 -36.03 26.97 11.63
C VAL J 137 -36.03 26.48 10.20
N ILE J 138 -37.19 26.13 9.69
CA ILE J 138 -37.27 25.71 8.30
C ILE J 138 -36.86 26.84 7.39
N ALA J 139 -37.26 28.05 7.70
CA ALA J 139 -36.72 29.18 6.97
C ALA J 139 -35.23 29.30 7.23
N GLY J 140 -34.82 29.17 8.49
CA GLY J 140 -33.41 29.03 8.78
C GLY J 140 -32.83 27.90 7.97
N TRP J 141 -33.61 26.85 7.76
CA TRP J 141 -33.18 25.83 6.83
C TRP J 141 -33.09 26.41 5.42
N THR J 142 -34.12 27.12 4.98
CA THR J 142 -34.07 27.56 3.59
C THR J 142 -34.34 29.05 3.36
N GLY J 143 -35.58 29.49 3.52
CA GLY J 143 -35.90 30.89 3.30
C GLY J 143 -37.34 31.05 2.87
N ILE J 144 -37.69 32.30 2.58
CA ILE J 144 -39.02 32.67 2.09
C ILE J 144 -40.10 32.12 3.01
N PRO J 145 -40.07 32.45 4.29
CA PRO J 145 -40.99 31.81 5.24
C PRO J 145 -42.43 31.89 4.82
N THR K 1 -21.00 -16.34 31.50
CA THR K 1 -20.46 -15.29 30.66
C THR K 1 -21.56 -14.58 29.89
N LEU K 2 -21.58 -14.78 28.58
CA LEU K 2 -22.60 -14.16 27.73
C LEU K 2 -23.05 -12.84 28.32
N ASP K 3 -22.15 -11.87 28.29
CA ASP K 3 -22.35 -10.57 28.90
C ASP K 3 -21.45 -9.58 28.18
N SER K 4 -21.25 -8.41 28.80
CA SER K 4 -20.60 -7.25 28.20
C SER K 4 -21.24 -7.01 26.84
N LEU K 5 -20.45 -7.12 25.78
CA LEU K 5 -20.99 -7.02 24.44
C LEU K 5 -22.24 -7.88 24.29
N ALA K 6 -22.25 -9.05 24.89
CA ALA K 6 -23.48 -9.83 24.87
C ALA K 6 -24.49 -9.15 25.78
N ARG K 7 -25.62 -8.73 25.18
CA ARG K 7 -26.74 -8.15 25.92
C ARG K 7 -28.02 -8.41 25.13
N ASP K 8 -29.14 -8.32 25.82
CA ASP K 8 -30.45 -8.54 25.22
C ASP K 8 -31.43 -7.50 25.72
N LEU K 9 -32.35 -7.12 24.83
CA LEU K 9 -33.43 -6.24 25.18
C LEU K 9 -34.76 -6.95 25.39
N THR K 10 -34.82 -8.27 25.17
CA THR K 10 -36.10 -8.96 25.29
C THR K 10 -36.66 -8.84 26.67
N VAL K 11 -35.91 -9.32 27.66
CA VAL K 11 -36.29 -9.10 29.03
C VAL K 11 -36.56 -7.63 29.25
N ILE K 12 -35.67 -6.77 28.74
CA ILE K 12 -35.90 -5.34 28.82
C ILE K 12 -37.27 -4.98 28.27
N ALA K 13 -37.68 -5.66 27.20
CA ALA K 13 -39.02 -5.47 26.70
C ALA K 13 -40.05 -6.02 27.68
N LYS K 14 -39.86 -7.25 28.13
CA LYS K 14 -40.66 -7.72 29.26
C LYS K 14 -40.46 -6.82 30.46
N ASP K 15 -39.28 -6.24 30.62
CA ASP K 15 -39.14 -5.17 31.58
C ASP K 15 -39.83 -3.91 31.12
N GLY K 16 -40.33 -3.89 29.90
CA GLY K 16 -40.92 -2.67 29.39
C GLY K 16 -39.94 -1.55 29.24
N THR K 17 -38.65 -1.87 29.11
CA THR K 17 -37.63 -0.84 29.03
C THR K 17 -37.73 0.03 27.79
N LEU K 18 -38.56 -0.32 26.82
CA LEU K 18 -38.50 0.29 25.50
C LEU K 18 -39.91 0.54 24.98
N ASP K 19 -39.99 0.92 23.71
CA ASP K 19 -41.16 1.56 23.14
C ASP K 19 -41.98 0.58 22.33
N PRO K 20 -43.29 0.46 22.56
CA PRO K 20 -44.11 -0.34 21.64
C PRO K 20 -44.08 0.26 20.25
N VAL K 21 -43.77 -0.58 19.26
CA VAL K 21 -43.60 -0.11 17.91
C VAL K 21 -44.96 -0.09 17.25
N ILE K 22 -45.02 0.36 15.99
CA ILE K 22 -46.21 0.16 15.17
C ILE K 22 -45.80 -0.13 13.74
N GLY K 23 -46.67 -0.84 13.04
CA GLY K 23 -46.75 -0.80 11.60
C GLY K 23 -45.76 -1.65 10.86
N ARG K 24 -44.64 -1.99 11.46
CA ARG K 24 -43.66 -2.84 10.81
C ARG K 24 -43.95 -4.31 11.05
N ASP K 25 -45.11 -4.58 11.59
CA ASP K 25 -45.58 -5.91 11.92
C ASP K 25 -45.37 -6.88 10.78
N LYS K 26 -46.15 -6.75 9.72
CA LYS K 26 -45.96 -7.64 8.59
C LYS K 26 -44.56 -7.47 8.00
N GLU K 27 -44.02 -6.27 8.10
CA GLU K 27 -42.61 -6.09 7.79
C GLU K 27 -41.79 -7.03 8.64
N ILE K 28 -42.01 -6.98 9.95
CA ILE K 28 -41.34 -7.91 10.83
C ILE K 28 -41.73 -9.34 10.52
N THR K 29 -42.99 -9.55 10.14
CA THR K 29 -43.47 -10.88 9.76
C THR K 29 -42.48 -11.55 8.83
N ARG K 30 -42.04 -10.80 7.82
CA ARG K 30 -40.93 -11.21 7.00
C ARG K 30 -39.72 -11.45 7.88
N VAL K 31 -39.20 -10.38 8.47
CA VAL K 31 -37.98 -10.47 9.24
C VAL K 31 -38.04 -11.66 10.16
N ILE K 32 -39.18 -11.81 10.85
CA ILE K 32 -39.50 -13.02 11.57
C ILE K 32 -39.22 -14.19 10.66
N GLU K 33 -40.07 -14.33 9.65
CA GLU K 33 -40.09 -15.57 8.91
C GLU K 33 -38.75 -15.88 8.30
N VAL K 34 -37.82 -14.92 8.31
CA VAL K 34 -36.48 -15.21 7.82
C VAL K 34 -35.86 -16.34 8.61
N LEU K 35 -36.05 -16.32 9.92
CA LEU K 35 -35.48 -17.35 10.76
C LEU K 35 -35.96 -18.73 10.36
N SER K 36 -37.17 -18.83 9.84
CA SER K 36 -37.73 -20.13 9.50
C SER K 36 -36.82 -20.92 8.58
N ARG K 37 -35.96 -20.24 7.85
CA ARG K 37 -35.28 -20.83 6.72
C ARG K 37 -34.12 -21.69 7.18
N ARG K 38 -34.17 -22.98 6.84
CA ARG K 38 -32.95 -23.78 6.89
C ARG K 38 -31.85 -23.14 6.07
N THR K 39 -32.21 -22.46 4.99
CA THR K 39 -31.22 -21.82 4.15
C THR K 39 -30.66 -20.60 4.86
N LYS K 40 -31.46 -19.56 5.02
CA LYS K 40 -31.00 -18.36 5.69
C LYS K 40 -32.00 -18.01 6.76
N ASN K 41 -31.64 -18.25 8.00
CA ASN K 41 -32.40 -17.65 9.06
C ASN K 41 -32.10 -16.17 9.17
N ASN K 42 -31.08 -15.71 8.48
CA ASN K 42 -30.40 -14.47 8.85
C ASN K 42 -30.76 -13.36 7.89
N PRO K 43 -31.65 -12.47 8.28
CA PRO K 43 -31.96 -11.32 7.45
C PRO K 43 -30.98 -10.18 7.64
N VAL K 44 -30.94 -9.32 6.64
CA VAL K 44 -30.35 -8.00 6.78
C VAL K 44 -31.35 -6.98 6.27
N LEU K 45 -31.24 -5.76 6.78
CA LEU K 45 -32.16 -4.71 6.38
C LEU K 45 -31.46 -3.61 5.61
N ILE K 46 -32.23 -3.05 4.68
CA ILE K 46 -31.86 -1.82 4.00
C ILE K 46 -32.91 -0.79 4.39
N GLY K 47 -32.55 0.47 4.23
CA GLY K 47 -33.50 1.53 4.44
C GLY K 47 -32.78 2.78 4.90
N GLU K 48 -33.55 3.66 5.52
CA GLU K 48 -33.01 4.90 5.99
C GLU K 48 -32.61 4.79 7.46
N PRO K 49 -31.38 5.13 7.81
CA PRO K 49 -30.92 4.98 9.20
C PRO K 49 -31.77 5.76 10.18
N GLY K 50 -31.65 5.39 11.45
CA GLY K 50 -32.27 6.10 12.54
C GLY K 50 -33.78 6.12 12.54
N VAL K 51 -34.43 5.25 11.76
CA VAL K 51 -35.85 5.40 11.53
C VAL K 51 -36.68 4.55 12.47
N GLY K 52 -36.06 3.85 13.40
CA GLY K 52 -36.75 2.83 14.16
C GLY K 52 -36.33 1.42 13.84
N LYS K 53 -35.37 1.24 12.95
CA LYS K 53 -35.02 -0.11 12.50
C LYS K 53 -34.52 -0.97 13.65
N THR K 54 -33.61 -0.46 14.45
CA THR K 54 -33.19 -1.28 15.58
C THR K 54 -34.31 -1.42 16.60
N ALA K 55 -35.27 -0.50 16.56
CA ALA K 55 -36.49 -0.75 17.30
C ALA K 55 -37.40 -1.69 16.54
N ILE K 56 -37.46 -1.53 15.22
CA ILE K 56 -38.03 -2.55 14.38
C ILE K 56 -37.45 -3.90 14.78
N ALA K 57 -36.14 -3.93 15.01
CA ALA K 57 -35.51 -5.08 15.63
C ALA K 57 -36.26 -5.35 16.92
N GLU K 58 -36.19 -4.39 17.84
CA GLU K 58 -36.90 -4.57 19.09
C GLU K 58 -38.33 -4.98 18.83
N GLY K 59 -38.93 -4.45 17.76
CA GLY K 59 -40.26 -4.88 17.39
C GLY K 59 -40.36 -6.39 17.36
N LEU K 60 -39.39 -7.03 16.72
CA LEU K 60 -39.29 -8.47 16.81
C LEU K 60 -39.24 -8.87 18.27
N ALA K 61 -38.26 -8.34 18.98
CA ALA K 61 -38.05 -8.70 20.37
C ALA K 61 -39.33 -8.52 21.18
N GLN K 62 -40.04 -7.40 20.97
CA GLN K 62 -41.36 -7.33 21.57
C GLN K 62 -42.17 -8.52 21.13
N ALA K 63 -42.45 -8.61 19.83
CA ALA K 63 -43.21 -9.73 19.31
C ALA K 63 -42.61 -11.05 19.74
N ILE K 64 -41.34 -11.05 20.10
CA ILE K 64 -40.76 -12.23 20.73
C ILE K 64 -41.31 -12.37 22.14
N VAL K 65 -41.00 -11.41 23.00
CA VAL K 65 -41.52 -11.49 24.36
C VAL K 65 -43.03 -11.43 24.33
N ASN K 66 -43.59 -10.80 23.30
CA ASN K 66 -45.01 -10.92 23.07
C ASN K 66 -45.40 -12.35 22.75
N ASN K 67 -44.43 -13.18 22.38
CA ASN K 67 -44.66 -14.48 21.79
C ASN K 67 -45.49 -14.35 20.52
N GLU K 68 -45.51 -13.15 19.94
CA GLU K 68 -45.96 -13.03 18.56
C GLU K 68 -44.99 -13.76 17.65
N VAL K 69 -43.81 -14.05 18.17
CA VAL K 69 -42.89 -15.02 17.60
C VAL K 69 -43.53 -16.39 17.62
N PRO K 70 -43.63 -17.07 16.48
CA PRO K 70 -44.08 -18.46 16.51
C PRO K 70 -42.97 -19.41 16.90
N GLU K 71 -43.27 -20.69 16.82
CA GLU K 71 -42.71 -21.70 17.70
C GLU K 71 -41.20 -21.66 17.86
N THR K 72 -40.50 -22.06 16.81
CA THR K 72 -39.10 -22.45 16.95
C THR K 72 -38.33 -21.37 17.66
N LEU K 73 -38.66 -20.13 17.38
CA LEU K 73 -37.84 -19.04 17.81
C LEU K 73 -38.22 -18.61 19.22
N LYS K 74 -39.39 -19.04 19.69
CA LYS K 74 -39.92 -18.55 20.95
C LYS K 74 -38.94 -18.74 22.09
N ASP K 75 -38.25 -19.89 22.11
CA ASP K 75 -37.18 -20.06 23.06
C ASP K 75 -36.05 -19.08 22.82
N LYS K 76 -35.71 -18.86 21.55
CA LYS K 76 -34.59 -17.97 21.25
C LYS K 76 -34.91 -16.56 21.68
N ARG K 77 -33.84 -15.77 21.86
CA ARG K 77 -33.93 -14.45 22.45
C ARG K 77 -33.05 -13.49 21.66
N VAL K 78 -33.48 -12.24 21.64
CA VAL K 78 -32.66 -11.19 21.03
C VAL K 78 -31.29 -11.15 21.68
N MET K 79 -30.31 -10.79 20.86
CA MET K 79 -29.12 -10.15 21.35
C MET K 79 -28.92 -8.88 20.56
N SER K 80 -28.72 -7.80 21.29
CA SER K 80 -28.39 -6.52 20.70
C SER K 80 -26.88 -6.36 20.77
N LEU K 81 -26.26 -6.19 19.61
CA LEU K 81 -24.81 -6.05 19.56
C LEU K 81 -24.34 -4.92 20.46
N ASP K 82 -23.12 -5.07 20.94
CA ASP K 82 -22.40 -3.97 21.53
C ASP K 82 -21.13 -3.79 20.72
N MET K 83 -20.82 -2.56 20.35
CA MET K 83 -19.64 -2.29 19.57
C MET K 83 -18.70 -1.39 20.34
N GLY K 84 -17.43 -1.78 20.32
CA GLY K 84 -16.38 -1.21 21.15
C GLY K 84 -15.13 -2.00 20.83
N THR K 85 -14.03 -1.72 21.51
CA THR K 85 -12.78 -2.39 21.20
C THR K 85 -11.77 -2.05 22.29
N VAL K 86 -10.71 -2.85 22.33
CA VAL K 86 -9.84 -2.92 23.48
C VAL K 86 -8.43 -3.38 23.14
N GLY K 94 -4.56 -5.66 23.18
CA GLY K 94 -3.95 -6.37 22.07
C GLY K 94 -4.90 -6.51 20.91
N GLU K 95 -5.38 -7.73 20.65
CA GLU K 95 -6.40 -7.91 19.64
C GLU K 95 -7.72 -7.39 20.17
N PHE K 96 -8.73 -7.46 19.32
CA PHE K 96 -10.04 -6.92 19.58
C PHE K 96 -11.07 -7.98 19.22
N GLU K 97 -11.06 -8.33 17.94
CA GLU K 97 -12.15 -9.09 17.35
C GLU K 97 -12.24 -10.49 17.92
N GLU K 98 -11.10 -11.05 18.33
CA GLU K 98 -11.13 -12.42 18.83
C GLU K 98 -12.19 -12.58 19.91
N ARG K 99 -12.31 -11.59 20.77
CA ARG K 99 -13.42 -11.49 21.71
C ARG K 99 -14.70 -11.69 20.91
N LEU K 100 -14.96 -10.73 20.03
CA LEU K 100 -16.10 -10.81 19.13
C LEU K 100 -16.14 -12.13 18.40
N LYS K 101 -14.97 -12.65 18.02
CA LYS K 101 -14.91 -14.01 17.54
C LYS K 101 -15.30 -14.99 18.64
N LYS K 102 -14.81 -14.74 19.86
CA LYS K 102 -15.00 -15.72 20.91
C LYS K 102 -16.46 -15.94 21.24
N VAL K 103 -17.20 -14.85 21.42
CA VAL K 103 -18.58 -14.92 21.91
C VAL K 103 -19.43 -15.83 21.07
N MET K 104 -18.99 -16.12 19.85
CA MET K 104 -19.86 -16.74 18.89
C MET K 104 -20.14 -18.19 19.26
N GLU K 105 -19.12 -18.92 19.66
CA GLU K 105 -19.37 -20.28 20.13
C GLU K 105 -20.23 -20.25 21.37
N GLU K 106 -19.95 -19.29 22.25
CA GLU K 106 -20.72 -19.15 23.48
C GLU K 106 -22.20 -19.14 23.17
N ILE K 107 -22.59 -18.22 22.30
CA ILE K 107 -23.97 -18.14 21.89
C ILE K 107 -24.34 -19.35 21.04
N GLN K 108 -23.39 -19.88 20.27
CA GLN K 108 -23.66 -21.17 19.63
C GLN K 108 -23.77 -22.27 20.66
N GLN K 109 -23.00 -22.17 21.73
CA GLN K 109 -23.15 -23.11 22.83
C GLN K 109 -24.49 -22.93 23.52
N ALA K 110 -25.07 -21.74 23.42
CA ALA K 110 -26.30 -21.43 24.14
C ALA K 110 -27.46 -22.31 23.72
N GLY K 111 -27.29 -23.12 22.69
CA GLY K 111 -28.30 -24.07 22.24
C GLY K 111 -29.59 -23.35 21.82
N ASN K 112 -30.91 -20.79 22.06
CA ASN K 112 -31.72 -20.17 23.11
C ASN K 112 -31.81 -18.67 22.88
N VAL K 113 -31.13 -18.17 21.85
CA VAL K 113 -31.01 -16.74 21.62
C VAL K 113 -30.97 -16.46 20.13
N ILE K 114 -30.83 -15.18 19.81
CA ILE K 114 -30.44 -14.72 18.49
C ILE K 114 -29.76 -13.37 18.67
N LEU K 115 -28.81 -13.07 17.81
CA LEU K 115 -28.21 -11.74 17.80
C LEU K 115 -28.67 -10.98 16.58
N PHE K 116 -28.80 -9.68 16.74
CA PHE K 116 -28.94 -8.77 15.63
C PHE K 116 -27.62 -8.03 15.42
N ILE K 117 -26.97 -8.31 14.31
CA ILE K 117 -25.86 -7.47 13.90
C ILE K 117 -26.44 -6.19 13.36
N ASP K 118 -25.75 -5.07 13.58
CA ASP K 118 -26.51 -3.85 13.53
C ASP K 118 -26.34 -3.14 12.19
N GLU K 119 -25.23 -2.47 11.97
CA GLU K 119 -25.14 -1.63 10.78
C GLU K 119 -23.89 -1.84 9.98
N LEU K 120 -22.73 -1.50 10.55
CA LEU K 120 -21.53 -1.73 9.80
C LEU K 120 -21.23 -3.22 9.88
N HIS K 121 -21.32 -3.88 8.76
CA HIS K 121 -21.03 -5.27 8.69
C HIS K 121 -19.86 -5.21 7.80
N THR K 122 -18.69 -5.38 8.37
CA THR K 122 -17.63 -4.53 7.91
C THR K 122 -16.57 -5.18 7.05
N LEU K 123 -16.22 -4.44 6.01
CA LEU K 123 -14.97 -4.63 5.30
C LEU K 123 -13.97 -3.75 6.02
N VAL K 124 -13.04 -4.37 6.72
CA VAL K 124 -12.21 -3.69 7.71
C VAL K 124 -10.74 -3.93 7.39
N GLY K 125 -9.88 -3.10 7.97
CA GLY K 125 -8.45 -3.33 7.94
C GLY K 125 -8.04 -4.49 8.84
N ALA K 126 -8.50 -4.47 10.08
CA ALA K 126 -8.12 -5.51 11.05
C ALA K 126 -9.32 -6.06 11.80
N ALA K 135 -11.21 -8.28 10.83
CA ALA K 135 -11.65 -7.74 9.55
C ALA K 135 -12.12 -8.85 8.64
N SER K 136 -12.59 -8.48 7.46
CA SER K 136 -12.86 -9.44 6.40
C SER K 136 -13.74 -10.57 6.94
N ASN K 137 -13.19 -11.78 6.99
CA ASN K 137 -13.96 -12.88 7.56
C ASN K 137 -13.65 -12.91 9.05
N ILE K 138 -14.62 -12.46 9.82
CA ILE K 138 -14.63 -12.56 11.26
C ILE K 138 -16.03 -13.01 11.62
N LEU K 139 -16.15 -14.22 12.15
CA LEU K 139 -17.41 -14.93 12.26
C LEU K 139 -17.94 -15.26 10.89
N LYS K 140 -17.50 -14.51 9.90
CA LYS K 140 -18.05 -14.66 8.57
C LYS K 140 -17.95 -16.10 8.12
N PRO K 141 -16.86 -16.82 8.38
CA PRO K 141 -16.90 -18.27 8.25
C PRO K 141 -17.87 -18.91 9.21
N ALA K 142 -17.78 -18.58 10.49
CA ALA K 142 -18.71 -19.19 11.44
C ALA K 142 -20.13 -18.75 11.13
N LEU K 143 -20.27 -17.54 10.60
CA LEU K 143 -21.46 -17.22 9.85
C LEU K 143 -21.63 -18.27 8.79
N ALA K 144 -20.70 -18.28 7.84
CA ALA K 144 -20.79 -19.20 6.71
C ALA K 144 -20.85 -20.66 7.15
N ARG K 145 -20.60 -20.92 8.43
CA ARG K 145 -20.78 -22.24 9.00
C ARG K 145 -22.20 -22.76 8.83
N GLY K 146 -23.12 -21.91 8.39
CA GLY K 146 -24.48 -22.38 8.21
C GLY K 146 -25.15 -22.62 9.53
N GLU K 147 -24.81 -21.85 10.54
CA GLU K 147 -25.40 -21.97 11.86
C GLU K 147 -25.62 -20.57 12.39
N LEU K 148 -26.06 -20.49 13.64
CA LEU K 148 -26.11 -19.22 14.36
C LEU K 148 -27.01 -18.20 13.69
N GLN K 149 -28.32 -18.39 13.86
CA GLN K 149 -29.31 -17.39 13.47
C GLN K 149 -28.95 -16.01 14.01
N CYS K 150 -28.93 -15.02 13.12
CA CYS K 150 -28.50 -13.66 13.43
C CYS K 150 -29.21 -12.72 12.44
N ILE K 151 -29.20 -11.42 12.69
CA ILE K 151 -29.78 -10.46 11.75
C ILE K 151 -28.82 -9.31 11.53
N GLY K 152 -28.70 -8.85 10.30
CA GLY K 152 -28.00 -7.63 9.97
C GLY K 152 -28.96 -6.51 9.55
N ALA K 153 -28.38 -5.32 9.34
CA ALA K 153 -29.07 -4.24 8.65
C ALA K 153 -28.08 -3.20 8.14
N THR K 154 -28.48 -2.48 7.11
CA THR K 154 -27.73 -1.34 6.60
C THR K 154 -28.60 -0.55 5.64
N THR K 155 -28.00 0.34 4.87
CA THR K 155 -28.58 0.76 3.61
C THR K 155 -27.72 0.18 2.50
N LEU K 156 -28.32 -0.01 1.33
CA LEU K 156 -27.67 -0.78 0.29
C LEU K 156 -26.26 -0.28 0.03
N ASP K 157 -26.06 1.02 0.19
CA ASP K 157 -24.78 1.63 -0.12
C ASP K 157 -23.65 0.82 0.47
N GLU K 158 -23.84 0.34 1.69
CA GLU K 158 -22.93 -0.66 2.22
C GLU K 158 -23.26 -2.03 1.67
N TYR K 159 -24.56 -2.35 1.62
CA TYR K 159 -25.00 -3.69 1.24
C TYR K 159 -24.37 -4.13 -0.06
N ARG K 160 -24.07 -3.18 -0.94
CA ARG K 160 -23.38 -3.51 -2.18
C ARG K 160 -22.13 -4.31 -1.96
N LYS K 161 -21.52 -4.24 -0.78
CA LYS K 161 -20.20 -4.82 -0.66
C LYS K 161 -20.18 -6.17 0.04
N ASN K 162 -20.21 -6.16 1.38
CA ASN K 162 -19.73 -7.31 2.15
C ASN K 162 -20.57 -8.56 1.86
N ILE K 163 -21.88 -8.47 2.10
CA ILE K 163 -22.79 -9.55 1.81
C ILE K 163 -22.71 -9.91 0.32
N GLU K 164 -22.60 -8.90 -0.53
CA GLU K 164 -22.60 -9.10 -1.97
C GLU K 164 -21.25 -9.53 -2.51
N LYS K 165 -20.18 -8.84 -2.14
CA LYS K 165 -18.87 -9.16 -2.70
C LYS K 165 -18.48 -10.60 -2.42
N ASP K 166 -18.92 -11.15 -1.30
CA ASP K 166 -18.93 -12.60 -1.17
C ASP K 166 -20.02 -13.20 -2.06
N ALA K 167 -21.26 -12.80 -1.82
CA ALA K 167 -22.39 -13.43 -2.44
C ALA K 167 -22.79 -14.74 -1.78
N ALA K 168 -21.86 -15.39 -1.08
CA ALA K 168 -22.22 -16.50 -0.23
C ALA K 168 -22.73 -15.98 1.11
N LEU K 169 -22.25 -14.82 1.52
CA LEU K 169 -22.91 -14.13 2.61
C LEU K 169 -24.21 -13.54 2.14
N GLU K 170 -24.26 -13.11 0.88
CA GLU K 170 -25.54 -12.99 0.22
C GLU K 170 -26.29 -14.31 0.29
N ARG K 171 -25.60 -15.41 0.02
CA ARG K 171 -26.22 -16.70 0.24
C ARG K 171 -26.45 -16.96 1.72
N ARG K 172 -25.73 -16.25 2.60
CA ARG K 172 -26.05 -16.25 4.02
C ARG K 172 -27.10 -15.23 4.41
N PHE K 173 -27.15 -14.07 3.77
CA PHE K 173 -28.02 -13.00 4.23
C PHE K 173 -29.23 -12.85 3.34
N GLN K 174 -30.35 -12.47 3.95
CA GLN K 174 -31.55 -12.13 3.22
C GLN K 174 -31.81 -10.64 3.37
N PRO K 175 -31.73 -9.91 2.26
CA PRO K 175 -31.93 -8.47 2.32
C PRO K 175 -33.42 -8.14 2.34
N VAL K 176 -33.75 -7.10 3.10
CA VAL K 176 -35.09 -6.55 3.16
C VAL K 176 -34.95 -5.06 3.40
N GLN K 177 -35.91 -4.30 2.88
CA GLN K 177 -35.92 -2.86 3.11
C GLN K 177 -37.35 -2.41 3.24
N VAL K 178 -37.54 -1.30 3.95
CA VAL K 178 -38.85 -0.70 4.12
C VAL K 178 -38.71 0.81 4.03
N ASP K 179 -39.65 1.44 3.34
CA ASP K 179 -39.65 2.87 3.13
C ASP K 179 -39.97 3.60 4.43
N GLU K 180 -39.69 4.89 4.43
CA GLU K 180 -40.13 5.70 5.54
C GLU K 180 -41.63 5.47 5.73
N PRO K 181 -42.08 5.23 6.95
CA PRO K 181 -43.49 4.95 7.18
C PRO K 181 -44.37 6.07 6.69
N ARG L 1 -34.22 12.12 46.90
CA ARG L 1 -34.60 12.25 48.31
C ARG L 1 -34.64 10.90 49.00
N LEU L 2 -34.29 10.88 50.28
CA LEU L 2 -34.51 9.68 51.09
C LEU L 2 -36.01 9.54 51.37
N THR L 3 -36.33 8.53 52.19
CA THR L 3 -37.71 8.25 52.58
C THR L 3 -37.82 7.96 54.08
N GLU L 4 -38.49 6.85 54.41
CA GLU L 4 -38.67 6.46 55.80
C GLU L 4 -37.35 6.07 56.45
N ARG L 5 -36.87 4.88 56.13
CA ARG L 5 -35.61 4.39 56.67
C ARG L 5 -34.50 5.39 56.38
N ALA L 6 -33.83 5.85 57.42
CA ALA L 6 -32.76 6.83 57.26
C ALA L 6 -33.32 8.23 57.48
N GLN L 7 -34.28 8.62 56.65
CA GLN L 7 -34.92 9.92 56.77
C GLN L 7 -35.52 10.01 58.16
N ARG L 8 -36.30 8.99 58.53
CA ARG L 8 -36.92 8.94 59.85
C ARG L 8 -35.82 9.02 60.90
N VAL L 9 -34.81 8.17 60.74
CA VAL L 9 -33.68 8.18 61.65
C VAL L 9 -33.08 9.56 61.55
N LEU L 10 -33.55 10.31 60.56
CA LEU L 10 -33.09 11.68 60.32
C LEU L 10 -34.01 12.68 61.01
N ALA L 11 -35.31 12.38 61.11
CA ALA L 11 -36.22 13.27 61.81
C ALA L 11 -36.06 13.14 63.31
N HIS L 12 -35.91 11.90 63.81
CA HIS L 12 -35.58 11.77 65.21
C HIS L 12 -34.21 12.35 65.49
N ALA L 13 -33.34 12.32 64.48
CA ALA L 13 -32.13 13.14 64.52
C ALA L 13 -32.49 14.62 64.61
N GLN L 14 -33.39 15.07 63.73
CA GLN L 14 -33.92 16.43 63.84
C GLN L 14 -34.66 16.60 65.16
N GLU L 15 -35.40 15.58 65.57
CA GLU L 15 -35.98 15.58 66.91
C GLU L 15 -34.90 15.67 67.96
N GLU L 16 -33.81 14.91 67.77
CA GLU L 16 -32.64 15.07 68.64
C GLU L 16 -31.95 16.40 68.38
N ALA L 17 -31.96 16.87 67.14
CA ALA L 17 -31.48 18.22 66.86
C ALA L 17 -32.38 19.27 67.49
N ILE L 18 -33.60 18.91 67.84
CA ILE L 18 -34.44 19.75 68.68
C ILE L 18 -34.30 19.42 70.16
N ARG L 19 -33.65 18.30 70.50
CA ARG L 19 -33.49 17.95 71.91
C ARG L 19 -32.48 18.86 72.59
N LEU L 20 -31.25 18.89 72.09
CA LEU L 20 -30.21 19.76 72.62
C LEU L 20 -30.01 21.02 71.78
N ASN L 21 -30.80 21.18 70.71
CA ASN L 21 -30.70 22.32 69.80
C ASN L 21 -29.26 22.67 69.45
N HIS L 22 -28.60 21.79 68.71
CA HIS L 22 -27.20 22.01 68.38
C HIS L 22 -27.09 23.11 67.31
N SER L 23 -25.96 23.82 67.28
CA SER L 23 -25.74 24.78 66.20
C SER L 23 -25.53 24.10 64.87
N ASN L 24 -25.26 22.80 64.89
CA ASN L 24 -24.74 22.09 63.74
C ASN L 24 -25.20 20.66 63.87
N ILE L 25 -25.32 19.94 62.75
CA ILE L 25 -25.83 18.58 62.82
C ILE L 25 -24.65 17.66 63.03
N GLY L 26 -24.56 17.11 64.23
CA GLY L 26 -23.53 16.19 64.60
C GLY L 26 -23.74 14.87 63.88
N THR L 27 -22.68 14.11 63.66
CA THR L 27 -22.85 12.72 63.23
C THR L 27 -23.81 11.94 64.10
N GLU L 28 -23.99 12.39 65.35
CA GLU L 28 -24.69 11.61 66.36
C GLU L 28 -26.19 11.87 66.38
N HIS L 29 -26.67 12.95 65.77
CA HIS L 29 -28.11 13.22 65.76
C HIS L 29 -28.88 11.98 65.36
N LEU L 30 -28.48 11.37 64.25
CA LEU L 30 -29.14 10.14 63.84
C LEU L 30 -28.58 8.93 64.56
N LEU L 31 -27.37 9.01 65.13
CA LEU L 31 -26.83 7.90 65.89
C LEU L 31 -27.64 7.67 67.16
N LEU L 32 -27.78 8.71 67.98
CA LEU L 32 -28.70 8.60 69.10
C LEU L 32 -30.15 8.53 68.65
N GLY L 33 -30.43 8.89 67.39
CA GLY L 33 -31.74 8.60 66.82
C GLY L 33 -31.84 7.15 66.32
N LEU L 34 -30.76 6.64 65.73
CA LEU L 34 -30.70 5.22 65.36
C LEU L 34 -31.19 4.34 66.49
N MET L 35 -30.45 4.34 67.60
CA MET L 35 -30.97 3.83 68.84
C MET L 35 -32.24 4.60 69.21
N LYS L 36 -33.28 3.88 69.61
CA LYS L 36 -34.42 4.57 70.19
C LYS L 36 -34.15 4.91 71.64
N GLU L 37 -33.56 3.97 72.37
CA GLU L 37 -33.34 4.03 73.80
C GLU L 37 -32.34 2.89 74.03
N PRO L 38 -31.78 2.70 75.23
CA PRO L 38 -30.74 1.66 75.38
C PRO L 38 -31.13 0.27 74.90
N GLU L 39 -32.38 0.11 74.45
CA GLU L 39 -32.87 -1.16 73.95
C GLU L 39 -31.86 -1.79 72.99
N GLY L 40 -31.69 -3.09 73.13
CA GLY L 40 -31.07 -3.86 72.06
C GLY L 40 -31.97 -3.99 70.86
N ILE L 41 -33.24 -3.58 70.97
CA ILE L 41 -34.18 -3.79 69.90
C ILE L 41 -33.77 -3.13 68.61
N ALA L 42 -27.77 -2.94 68.99
CA ALA L 42 -27.11 -4.23 69.12
C ALA L 42 -27.11 -5.00 67.82
N ALA L 43 -28.30 -5.19 67.27
CA ALA L 43 -28.54 -5.80 65.98
C ALA L 43 -27.76 -5.08 64.88
N LYS L 44 -27.17 -3.93 65.21
CA LYS L 44 -26.37 -3.21 64.24
C LYS L 44 -25.20 -4.04 63.74
N VAL L 45 -24.89 -3.81 62.47
CA VAL L 45 -23.93 -4.50 61.64
C VAL L 45 -22.48 -4.14 61.99
N LEU L 46 -22.29 -3.20 62.92
CA LEU L 46 -20.97 -2.78 63.38
C LEU L 46 -20.62 -3.48 64.69
N GLU L 47 -21.45 -3.26 65.71
CA GLU L 47 -21.22 -3.89 67.01
C GLU L 47 -20.97 -5.38 66.85
N SER L 48 -21.84 -6.06 66.10
CA SER L 48 -21.56 -7.44 65.76
C SER L 48 -20.18 -7.57 65.10
N PHE L 49 -19.88 -6.70 64.15
CA PHE L 49 -18.59 -6.73 63.50
C PHE L 49 -17.42 -6.28 64.34
N ASN L 50 -17.44 -5.04 64.83
CA ASN L 50 -16.26 -4.51 65.50
C ASN L 50 -16.55 -3.77 66.80
N ILE L 51 -17.17 -2.59 66.69
CA ILE L 51 -17.24 -1.63 67.79
C ILE L 51 -18.56 -1.75 68.53
N THR L 52 -18.49 -2.07 69.82
CA THR L 52 -19.68 -2.07 70.67
C THR L 52 -20.42 -0.74 70.56
N GLU L 53 -21.74 -0.81 70.39
CA GLU L 53 -22.53 0.41 70.38
C GLU L 53 -22.85 0.89 71.78
N ASP L 54 -23.04 -0.02 72.75
CA ASP L 54 -23.10 0.41 74.14
C ASP L 54 -21.86 1.21 74.47
N LYS L 55 -20.70 0.75 74.01
CA LYS L 55 -19.51 1.58 73.94
C LYS L 55 -19.73 2.81 73.08
N VAL L 56 -20.33 2.64 71.92
CA VAL L 56 -20.44 3.74 70.96
C VAL L 56 -21.60 4.67 71.29
N ILE L 57 -22.75 4.13 71.72
CA ILE L 57 -23.91 4.96 72.10
C ILE L 57 -23.55 5.97 73.16
N GLU L 58 -23.06 5.51 74.31
CA GLU L 58 -22.85 6.43 75.42
C GLU L 58 -21.87 7.53 75.04
N GLU L 59 -20.84 7.20 74.27
CA GLU L 59 -19.83 8.20 73.96
C GLU L 59 -20.32 9.15 72.87
N VAL L 60 -21.20 8.67 71.98
CA VAL L 60 -21.76 9.60 71.00
C VAL L 60 -22.80 10.48 71.67
N GLU L 61 -23.46 9.98 72.72
CA GLU L 61 -24.44 10.79 73.43
C GLU L 61 -23.81 12.05 73.99
N LYS L 62 -22.64 11.91 74.62
CA LYS L 62 -21.96 13.05 75.18
C LYS L 62 -21.36 13.95 74.12
N LEU L 63 -21.40 13.55 72.85
CA LEU L 63 -21.05 14.50 71.81
C LEU L 63 -22.22 15.41 71.49
N ILE L 64 -23.44 14.89 71.61
CA ILE L 64 -24.62 15.74 71.47
C ILE L 64 -24.55 16.93 72.40
N GLY L 65 -23.96 16.76 73.58
CA GLY L 65 -23.91 17.81 74.58
C GLY L 65 -22.69 18.70 74.47
N HIS L 66 -23.72 25.61 72.78
CA HIS L 66 -25.16 25.70 72.93
C HIS L 66 -25.75 26.74 71.99
N GLY L 67 -26.83 26.36 71.31
CA GLY L 67 -27.44 27.16 70.27
C GLY L 67 -28.90 27.45 70.64
N GLN L 68 -29.60 28.15 69.75
CA GLN L 68 -30.97 28.60 70.00
C GLN L 68 -31.89 28.01 68.94
N ASP L 69 -33.22 28.20 69.03
CA ASP L 69 -34.13 27.38 68.19
C ASP L 69 -33.95 27.53 66.70
N HIS L 70 -33.83 28.76 66.18
CA HIS L 70 -33.73 28.89 64.73
C HIS L 70 -32.43 28.31 64.19
N VAL L 71 -31.25 28.66 64.72
CA VAL L 71 -30.03 27.94 64.32
C VAL L 71 -29.99 26.51 64.83
N GLY L 72 -30.86 26.11 65.75
CA GLY L 72 -31.00 24.68 66.03
C GLY L 72 -31.30 23.94 64.75
N THR L 73 -30.72 22.75 64.60
CA THR L 73 -30.81 21.89 63.43
C THR L 73 -30.63 22.66 62.12
N LEU L 74 -29.73 23.65 62.13
CA LEU L 74 -29.58 24.48 60.94
C LEU L 74 -28.64 23.83 59.93
N HIS L 75 -27.53 23.25 60.38
CA HIS L 75 -26.51 22.91 59.41
C HIS L 75 -25.97 21.50 59.61
N TYR L 76 -25.72 20.79 58.50
CA TYR L 76 -25.35 19.36 58.58
C TYR L 76 -23.99 19.07 59.18
N THR L 77 -23.14 20.09 59.41
CA THR L 77 -21.74 19.86 59.72
C THR L 77 -21.04 19.19 58.57
N PRO L 78 -20.70 19.96 57.54
CA PRO L 78 -20.32 19.43 56.24
C PRO L 78 -19.36 18.23 56.33
N ARG L 79 -18.51 18.20 57.36
CA ARG L 79 -17.82 16.97 57.69
C ARG L 79 -18.80 15.80 57.75
N ALA L 80 -19.93 16.00 58.45
CA ALA L 80 -21.06 15.10 58.34
C ALA L 80 -21.91 15.39 57.11
N LYS L 81 -21.93 16.65 56.66
CA LYS L 81 -22.85 17.05 55.60
C LYS L 81 -22.81 16.15 54.38
N LYS L 82 -21.62 15.75 53.96
CA LYS L 82 -21.53 14.83 52.83
C LYS L 82 -22.25 13.53 53.12
N VAL L 83 -22.29 13.13 54.39
CA VAL L 83 -22.61 11.74 54.72
C VAL L 83 -24.01 11.39 54.28
N ILE L 84 -24.94 12.34 54.37
CA ILE L 84 -26.27 12.09 53.84
C ILE L 84 -26.21 11.87 52.33
N GLU L 85 -25.45 12.70 51.63
CA GLU L 85 -25.22 12.42 50.21
C GLU L 85 -24.26 11.25 50.05
N LEU L 86 -23.26 11.17 50.93
CA LEU L 86 -22.46 9.96 51.02
C LEU L 86 -23.34 8.76 51.36
N SER L 87 -24.46 8.99 52.04
CA SER L 87 -25.41 7.89 52.25
C SER L 87 -25.96 7.42 50.92
N MET L 88 -26.15 8.35 49.98
CA MET L 88 -26.65 8.00 48.66
C MET L 88 -25.69 7.14 47.87
N ASP L 89 -24.46 6.94 48.38
CA ASP L 89 -23.42 6.31 47.58
C ASP L 89 -23.66 4.82 47.33
N GLU L 90 -24.17 4.09 48.32
CA GLU L 90 -24.00 2.64 48.35
C GLU L 90 -25.19 1.88 47.78
N ALA L 91 -26.24 2.56 47.32
CA ALA L 91 -27.44 1.84 46.89
C ALA L 91 -27.12 0.82 45.81
N ARG L 92 -26.06 1.05 45.03
CA ARG L 92 -25.74 0.13 43.94
C ARG L 92 -25.01 -1.12 44.44
N LYS L 93 -24.04 -0.96 45.36
CA LYS L 93 -23.38 -2.14 45.92
C LYS L 93 -24.20 -2.79 47.00
N LEU L 94 -24.94 -1.98 47.79
CA LEU L 94 -26.06 -2.56 48.50
C LEU L 94 -27.13 -3.02 47.53
N HIS L 95 -26.99 -2.71 46.24
CA HIS L 95 -27.79 -3.27 45.17
C HIS L 95 -29.26 -2.91 45.35
N HIS L 96 -29.50 -1.61 45.31
CA HIS L 96 -30.75 -1.00 45.76
C HIS L 96 -31.06 0.20 44.88
N ASN L 97 -32.35 0.44 44.64
CA ASN L 97 -32.76 1.68 44.01
C ASN L 97 -32.85 2.83 45.00
N PHE L 98 -33.14 2.52 46.26
CA PHE L 98 -33.29 3.53 47.31
C PHE L 98 -32.33 3.26 48.45
N VAL L 99 -32.20 4.27 49.31
CA VAL L 99 -31.10 4.39 50.24
C VAL L 99 -31.66 4.25 51.63
N GLY L 100 -31.37 3.13 52.30
CA GLY L 100 -32.09 2.75 53.50
C GLY L 100 -31.33 3.16 54.76
N THR L 101 -31.87 2.75 55.90
CA THR L 101 -31.27 3.12 57.19
C THR L 101 -29.95 2.40 57.42
N GLU L 102 -29.71 1.29 56.73
CA GLU L 102 -28.38 0.70 56.75
C GLU L 102 -27.42 1.49 55.87
N HIS L 103 -27.95 2.19 54.87
CA HIS L 103 -27.15 2.91 53.89
C HIS L 103 -26.69 4.26 54.42
N ILE L 104 -27.58 4.97 55.12
CA ILE L 104 -27.19 6.22 55.76
C ILE L 104 -26.06 5.97 56.75
N LEU L 105 -26.27 5.00 57.65
CA LEU L 105 -25.19 4.60 58.54
C LEU L 105 -23.97 4.16 57.77
N LEU L 106 -24.18 3.51 56.62
CA LEU L 106 -23.06 3.09 55.80
C LEU L 106 -22.14 4.25 55.49
N GLY L 107 -22.71 5.41 55.18
CA GLY L 107 -21.87 6.58 54.99
C GLY L 107 -21.41 7.14 56.33
N LEU L 108 -22.22 6.97 57.37
CA LEU L 108 -21.84 7.44 58.68
C LEU L 108 -20.56 6.80 59.15
N ASN L 112 -17.75 7.15 58.52
CA ASN L 112 -16.62 8.07 58.63
C ASN L 112 -16.84 9.09 59.74
N GLU L 113 -17.68 10.11 59.52
CA GLU L 113 -17.79 11.17 60.53
C GLU L 113 -18.57 10.70 61.75
N GLY L 114 -19.44 9.71 61.59
CA GLY L 114 -20.01 9.08 62.77
C GLY L 114 -19.03 7.99 63.12
N VAL L 115 -18.26 8.27 64.15
CA VAL L 115 -17.13 7.45 64.55
C VAL L 115 -16.39 8.23 65.61
N ALA L 116 -15.51 7.56 66.33
CA ALA L 116 -14.39 8.23 66.96
C ALA L 116 -13.17 7.66 66.25
N ALA L 117 -12.60 8.43 65.33
CA ALA L 117 -11.46 7.96 64.57
C ALA L 117 -10.30 8.83 65.02
N ARG L 118 -9.44 8.26 65.85
CA ARG L 118 -8.56 9.00 66.74
C ARG L 118 -7.44 8.06 67.19
N VAL L 119 -6.67 8.50 68.20
CA VAL L 119 -5.68 7.62 68.82
C VAL L 119 -6.34 6.32 69.27
N PHE L 120 -7.46 6.42 69.97
CA PHE L 120 -8.34 5.27 70.22
C PHE L 120 -9.49 5.39 69.23
N ALA L 121 -9.49 4.51 68.21
CA ALA L 121 -10.44 4.64 67.12
C ALA L 121 -11.66 3.78 67.40
N ASN L 122 -12.79 4.43 67.64
CA ASN L 122 -14.07 3.79 67.39
C ASN L 122 -14.48 4.38 66.04
N LEU L 123 -14.13 3.68 64.98
CA LEU L 123 -14.55 4.07 63.66
C LEU L 123 -15.94 3.52 63.50
N ASP L 124 -16.43 3.48 62.28
CA ASP L 124 -17.46 2.54 61.92
C ASP L 124 -16.96 1.75 60.73
N LEU L 125 -17.03 0.42 60.83
CA LEU L 125 -16.50 -0.47 59.81
C LEU L 125 -17.10 -0.09 58.47
N ASN L 126 -16.24 0.20 57.50
CA ASN L 126 -16.69 0.84 56.28
C ASN L 126 -17.42 -0.13 55.35
N ILE L 127 -16.72 -1.17 54.89
CA ILE L 127 -17.27 -2.12 53.92
C ILE L 127 -17.56 -3.48 54.55
N THR L 128 -16.54 -4.12 55.14
CA THR L 128 -16.58 -5.55 55.44
C THR L 128 -17.83 -5.95 56.22
N LYS L 129 -18.05 -5.34 57.38
CA LYS L 129 -19.02 -5.91 58.32
C LYS L 129 -20.45 -5.61 57.90
N ALA L 130 -20.73 -4.40 57.43
CA ALA L 130 -22.10 -4.06 57.05
C ALA L 130 -22.60 -4.99 55.96
N ARG L 131 -21.85 -5.11 54.87
CA ARG L 131 -22.28 -5.84 53.69
C ARG L 131 -22.77 -7.24 54.03
N ALA L 132 -21.86 -8.10 54.50
CA ALA L 132 -22.24 -9.47 54.80
C ALA L 132 -23.26 -9.53 55.92
N GLN L 133 -23.27 -8.54 56.81
CA GLN L 133 -24.33 -8.48 57.79
C GLN L 133 -25.55 -7.72 57.27
N VAL L 134 -25.41 -7.01 56.15
CA VAL L 134 -26.58 -6.69 55.35
C VAL L 134 -26.95 -7.86 54.45
N VAL L 135 -25.97 -8.68 54.05
CA VAL L 135 -26.31 -10.01 53.54
C VAL L 135 -27.08 -10.78 54.59
N LYS L 136 -26.80 -10.51 55.86
CA LYS L 136 -27.68 -10.97 56.93
C LYS L 136 -28.97 -10.16 56.95
N ALA L 137 -28.86 -8.83 56.97
CA ALA L 137 -30.02 -7.95 57.16
C ALA L 137 -30.44 -7.40 55.82
N LEU L 138 -31.56 -7.90 55.31
CA LEU L 138 -32.04 -7.65 53.95
C LEU L 138 -30.99 -8.15 52.96
N GLY L 139 -30.61 -7.36 51.98
CA GLY L 139 -29.87 -7.72 50.80
C GLY L 139 -30.27 -6.77 49.68
N ASN L 140 -30.16 -7.23 48.44
CA ASN L 140 -30.97 -6.61 47.39
C ASN L 140 -32.44 -6.66 47.78
N PRO L 141 -32.80 -7.58 48.67
CA PRO L 141 -34.15 -7.82 49.13
C PRO L 141 -34.84 -6.52 49.53
N GLU L 142 -34.07 -5.58 50.05
CA GLU L 142 -34.61 -4.28 50.46
C GLU L 142 -34.39 -3.23 49.38
N MET L 143 -35.13 -3.37 48.28
CA MET L 143 -35.01 -2.42 47.16
C MET L 143 -35.22 -0.99 47.64
N SER L 144 -36.28 -0.77 48.41
CA SER L 144 -36.60 0.56 48.92
C SER L 144 -37.91 1.07 48.36
N ASN L 145 -38.32 2.26 48.81
CA ASN L 145 -39.56 2.86 48.35
C ASN L 145 -40.72 2.49 49.27
N LYS L 146 -40.65 2.95 50.52
CA LYS L 146 -41.69 2.65 51.49
C LYS L 146 -41.76 3.75 52.55
N ASN L 147 -40.85 3.70 53.52
CA ASN L 147 -40.81 4.68 54.59
C ASN L 147 -39.66 4.44 55.55
N ALA L 148 -39.52 3.20 56.01
CA ALA L 148 -38.45 2.85 56.93
C ALA L 148 -38.95 1.88 58.01
N GLN L 149 -38.84 0.58 57.71
CA GLN L 149 -39.29 -0.45 58.65
C GLN L 149 -38.26 -1.58 58.76
N ALA L 150 -37.57 -1.63 59.88
CA ALA L 150 -36.57 -2.67 60.10
C ALA L 150 -35.74 -2.38 61.36
N SER L 151 -36.41 -1.87 62.39
CA SER L 151 -35.75 -1.54 63.65
C SER L 151 -35.56 -2.79 64.51
N LYS L 152 -34.43 -2.86 65.20
CA LYS L 152 -34.13 -4.00 66.06
C LYS L 152 -34.24 -5.31 65.29
N SER L 153 -34.87 -6.30 65.90
CA SER L 153 -35.05 -7.61 65.27
C SER L 153 -36.20 -7.62 64.27
N ASN L 154 -35.94 -7.15 63.06
CA ASN L 154 -36.97 -7.10 62.03
C ASN L 154 -36.34 -6.98 60.64
N ASN L 155 -36.69 -5.92 59.93
CA ASN L 155 -36.17 -5.68 58.59
C ASN L 155 -36.51 -6.84 57.65
N LYS M 1 -55.60 21.05 -38.19
CA LYS M 1 -56.30 22.18 -37.62
C LYS M 1 -56.87 21.82 -36.27
N LEU M 2 -56.76 22.74 -35.34
CA LEU M 2 -57.23 22.54 -33.98
C LEU M 2 -58.36 23.53 -33.75
N THR M 3 -59.59 23.02 -33.72
CA THR M 3 -60.75 23.88 -33.82
C THR M 3 -60.94 24.71 -32.57
N LYS M 4 -61.73 25.78 -32.72
CA LYS M 4 -62.10 26.65 -31.62
C LYS M 4 -62.48 25.79 -30.43
N GLU M 5 -63.15 24.69 -30.72
CA GLU M 5 -63.40 23.66 -29.75
C GLU M 5 -62.13 23.43 -28.97
N GLU M 6 -61.17 22.82 -29.67
CA GLU M 6 -59.93 22.41 -29.05
C GLU M 6 -59.37 23.54 -28.22
N LEU M 7 -59.33 24.73 -28.81
CA LEU M 7 -58.76 25.90 -28.15
C LEU M 7 -59.35 25.97 -26.75
N LYS M 8 -60.61 26.32 -26.64
CA LYS M 8 -61.17 26.46 -25.30
C LYS M 8 -61.19 25.11 -24.60
N GLU M 9 -61.34 24.03 -25.35
CA GLU M 9 -61.25 22.72 -24.72
C GLU M 9 -59.92 22.53 -24.04
N ILE M 10 -58.84 22.76 -24.76
CA ILE M 10 -57.54 22.69 -24.11
C ILE M 10 -57.46 23.72 -23.00
N VAL M 11 -57.99 24.91 -23.26
CA VAL M 11 -58.09 25.93 -22.22
C VAL M 11 -58.67 25.34 -20.95
N THR M 12 -59.61 24.43 -21.08
CA THR M 12 -60.00 23.70 -19.90
C THR M 12 -58.79 23.02 -19.30
N MET M 13 -58.32 21.97 -19.96
CA MET M 13 -57.32 21.14 -19.32
C MET M 13 -56.11 21.96 -18.94
N MET M 14 -55.92 23.09 -19.61
CA MET M 14 -55.02 24.10 -19.09
C MET M 14 -55.31 24.37 -17.63
N VAL M 15 -56.58 24.50 -17.27
CA VAL M 15 -56.93 24.78 -15.90
C VAL M 15 -56.51 23.64 -15.00
N ASN M 16 -56.39 22.44 -15.54
CA ASN M 16 -56.23 21.27 -14.71
C ASN M 16 -55.02 21.41 -13.79
N LYS M 17 -53.86 21.66 -14.38
CA LYS M 17 -52.65 21.83 -13.59
C LYS M 17 -52.88 22.76 -12.41
N LEU M 18 -53.59 23.85 -12.64
CA LEU M 18 -53.94 24.76 -11.57
C LEU M 18 -54.64 23.96 -10.50
N THR M 19 -55.85 23.53 -10.83
CA THR M 19 -56.65 22.78 -9.89
C THR M 19 -55.90 21.55 -9.40
N ASN M 20 -55.48 20.68 -10.33
CA ASN M 20 -54.91 19.39 -9.94
C ASN M 20 -53.69 19.56 -9.06
N ARG M 21 -53.16 20.77 -9.00
CA ARG M 21 -52.07 21.06 -8.11
C ARG M 21 -52.51 22.06 -7.07
N LEU M 22 -52.90 23.25 -7.48
CA LEU M 22 -52.97 24.36 -6.55
C LEU M 22 -54.16 24.11 -5.66
N SER M 23 -55.34 24.13 -6.27
CA SER M 23 -56.51 23.76 -5.51
C SER M 23 -56.42 22.31 -5.04
N GLU M 24 -55.38 21.56 -5.48
CA GLU M 24 -55.13 20.25 -4.90
C GLU M 24 -53.90 20.18 -4.03
N GLN M 25 -53.08 24.68 -2.53
CA GLN M 25 -53.84 25.90 -2.28
C GLN M 25 -55.27 25.65 -1.84
N ASN M 26 -55.97 24.77 -2.55
CA ASN M 26 -57.37 24.48 -2.23
C ASN M 26 -58.21 25.75 -2.31
N ILE M 27 -58.37 26.23 -3.54
CA ILE M 27 -59.03 27.51 -3.77
C ILE M 27 -60.01 27.40 -4.93
N ASN M 28 -61.28 27.67 -4.65
CA ASN M 28 -62.33 27.54 -5.65
C ASN M 28 -62.05 28.43 -6.85
N ILE M 29 -62.56 28.03 -8.00
CA ILE M 29 -62.18 28.67 -9.25
C ILE M 29 -63.40 29.05 -10.06
N ILE M 30 -63.47 30.29 -10.50
CA ILE M 30 -64.49 30.75 -11.41
C ILE M 30 -63.90 30.99 -12.79
N VAL M 31 -64.74 30.86 -13.80
CA VAL M 31 -64.31 30.85 -15.18
C VAL M 31 -65.21 31.76 -15.99
N THR M 32 -64.65 32.82 -16.56
CA THR M 32 -65.42 33.73 -17.40
C THR M 32 -65.11 33.39 -18.85
N ASP M 33 -66.07 32.74 -19.50
CA ASP M 33 -65.86 32.27 -20.86
C ASP M 33 -65.34 33.38 -21.75
N LYS M 34 -66.01 34.52 -21.69
CA LYS M 34 -65.62 35.71 -22.42
C LYS M 34 -64.13 35.94 -22.27
N ALA M 35 -63.71 36.29 -21.06
CA ALA M 35 -62.28 36.44 -20.80
C ALA M 35 -61.55 35.18 -21.24
N LYS M 36 -61.99 34.03 -20.74
CA LYS M 36 -61.39 32.76 -21.14
C LYS M 36 -61.22 32.75 -22.64
N ASP M 37 -62.28 33.11 -23.35
CA ASP M 37 -62.20 33.19 -24.80
C ASP M 37 -61.32 34.37 -25.21
N LYS M 38 -61.57 35.55 -24.65
CA LYS M 38 -60.67 36.69 -24.85
C LYS M 38 -59.23 36.26 -24.64
N ILE M 39 -58.98 35.56 -23.54
CA ILE M 39 -57.73 34.87 -23.40
C ILE M 39 -57.53 33.94 -24.58
N ALA M 40 -58.40 32.94 -24.70
CA ALA M 40 -58.28 31.95 -25.78
C ALA M 40 -58.10 32.63 -27.13
N GLU M 41 -58.83 33.71 -27.34
CA GLU M 41 -58.60 34.60 -28.48
C GLU M 41 -57.13 34.86 -28.62
N GLU M 42 -56.57 35.60 -27.67
CA GLU M 42 -55.14 35.77 -27.66
C GLU M 42 -54.42 34.48 -27.30
N GLY M 43 -55.16 33.49 -26.79
CA GLY M 43 -54.54 32.23 -26.41
C GLY M 43 -53.97 31.50 -27.59
N TYR M 44 -54.80 31.20 -28.58
CA TYR M 44 -54.31 30.45 -29.71
C TYR M 44 -53.53 31.35 -30.64
N ASP M 45 -52.36 30.89 -31.03
CA ASP M 45 -51.64 31.46 -32.16
C ASP M 45 -51.65 30.44 -33.29
N PRO M 46 -51.65 30.94 -34.50
CA PRO M 46 -51.51 30.04 -35.63
C PRO M 46 -50.22 29.25 -35.50
N GLU M 47 -49.10 29.94 -35.70
CA GLU M 47 -47.79 29.32 -35.77
C GLU M 47 -47.50 28.46 -34.56
N TYR M 48 -47.45 29.08 -33.39
CA TYR M 48 -47.04 28.37 -32.19
C TYR M 48 -48.18 27.55 -31.59
N GLY M 49 -49.34 27.55 -32.23
CA GLY M 49 -50.51 26.99 -31.62
C GLY M 49 -50.96 27.91 -30.51
N ALA M 50 -51.84 27.40 -29.69
CA ALA M 50 -52.14 28.11 -28.47
C ALA M 50 -51.03 27.97 -27.43
N ARG M 51 -50.00 27.18 -27.75
CA ARG M 51 -48.98 26.75 -26.79
C ARG M 51 -48.57 27.85 -25.82
N PRO M 52 -48.41 29.09 -26.26
CA PRO M 52 -48.13 30.16 -25.30
C PRO M 52 -49.09 30.19 -24.14
N LEU M 53 -50.27 29.60 -24.31
CA LEU M 53 -51.33 29.72 -23.32
C LEU M 53 -50.80 29.48 -21.92
N ILE M 54 -49.98 28.44 -21.77
CA ILE M 54 -49.36 28.14 -20.51
C ILE M 54 -48.84 29.42 -19.89
N ARG M 55 -47.82 29.99 -20.52
CA ARG M 55 -47.37 31.31 -20.10
C ARG M 55 -48.55 32.25 -20.04
N ALA M 56 -49.29 32.35 -21.14
CA ALA M 56 -50.35 33.34 -21.27
C ALA M 56 -51.17 33.40 -20.00
N ILE M 57 -51.77 32.28 -19.65
CA ILE M 57 -52.49 32.15 -18.40
C ILE M 57 -51.67 32.68 -17.24
N GLN M 58 -50.62 31.95 -16.89
CA GLN M 58 -49.97 32.10 -15.61
C GLN M 58 -49.77 33.56 -15.26
N LYS M 59 -49.42 34.33 -16.28
CA LYS M 59 -48.94 35.69 -16.13
C LYS M 59 -49.88 36.44 -15.20
N THR M 60 -51.05 36.74 -15.71
CA THR M 60 -52.08 37.44 -14.96
C THR M 60 -52.81 36.51 -14.02
N ILE M 61 -52.94 35.25 -14.41
CA ILE M 61 -53.88 34.38 -13.76
C ILE M 61 -53.35 34.04 -12.38
N GLU M 62 -52.23 33.32 -12.37
CA GLU M 62 -51.57 33.08 -11.11
C GLU M 62 -51.39 34.38 -10.35
N ASP M 63 -51.12 35.46 -11.07
CA ASP M 63 -50.96 36.75 -10.45
C ASP M 63 -52.18 37.12 -9.62
N ASN M 64 -53.30 37.37 -10.31
CA ASN M 64 -54.47 37.90 -9.61
C ASN M 64 -54.75 37.07 -8.38
N LEU M 65 -54.59 35.76 -8.51
CA LEU M 65 -54.55 34.91 -7.33
C LEU M 65 -53.50 35.43 -6.36
N SER M 66 -52.24 35.29 -6.75
CA SER M 66 -51.16 35.73 -5.89
C SER M 66 -51.44 37.10 -5.36
N GLU M 67 -51.96 37.96 -6.21
CA GLU M 67 -52.44 39.24 -5.74
C GLU M 67 -53.48 39.01 -4.66
N LEU M 68 -54.64 38.48 -5.05
CA LEU M 68 -55.68 38.27 -4.05
C LEU M 68 -55.25 37.31 -2.97
N ILE M 69 -54.16 36.56 -3.19
CA ILE M 69 -53.51 35.89 -2.07
C ILE M 69 -53.06 36.92 -1.06
N LEU M 70 -52.59 38.06 -1.54
CA LEU M 70 -52.21 39.10 -0.61
C LEU M 70 -53.43 39.84 -0.08
N ASP M 71 -54.40 40.09 -0.97
CA ASP M 71 -55.30 41.22 -0.81
C ASP M 71 -56.12 41.19 0.48
N GLY M 72 -56.16 40.06 1.18
CA GLY M 72 -56.80 39.92 2.49
C GLY M 72 -58.28 40.24 2.43
N ASN M 73 -58.76 40.74 1.29
CA ASN M 73 -60.18 41.09 1.16
C ASN M 73 -61.05 39.88 0.85
N GLN M 74 -60.66 39.10 -0.15
CA GLN M 74 -61.40 37.89 -0.52
C GLN M 74 -60.38 36.81 -0.82
N ILE M 75 -60.45 35.70 -0.08
CA ILE M 75 -59.27 34.90 0.20
C ILE M 75 -59.45 33.43 -0.09
N GLU M 76 -58.51 32.60 0.38
CA GLU M 76 -58.46 31.21 -0.04
C GLU M 76 -59.82 30.54 0.14
N GLY M 77 -60.13 29.68 -0.83
CA GLY M 77 -61.33 28.87 -0.96
C GLY M 77 -62.46 29.68 -1.59
N LYS M 78 -62.25 30.97 -1.88
CA LYS M 78 -63.19 31.77 -2.67
C LYS M 78 -62.96 31.51 -4.16
N LYS M 79 -63.54 32.34 -5.01
CA LYS M 79 -63.05 32.48 -6.38
C LYS M 79 -63.38 33.87 -6.92
N VAL M 80 -62.44 34.45 -7.67
CA VAL M 80 -62.61 35.73 -8.37
C VAL M 80 -61.81 35.62 -9.66
N THR M 81 -62.15 36.47 -10.64
CA THR M 81 -61.34 36.56 -11.85
C THR M 81 -61.58 37.91 -12.51
N VAL M 82 -61.08 38.07 -13.73
CA VAL M 82 -61.34 39.26 -14.53
C VAL M 82 -62.41 38.94 -15.55
N LEU N 1 -53.67 0.09 -4.84
CA LEU N 1 -54.86 -0.30 -5.58
C LEU N 1 -54.48 -0.97 -6.90
N THR N 2 -53.64 -0.32 -7.70
CA THR N 2 -53.19 -0.96 -8.91
C THR N 2 -52.41 -2.22 -8.56
N LYS N 3 -51.48 -2.10 -7.62
CA LYS N 3 -50.86 -3.28 -7.04
C LYS N 3 -51.92 -4.29 -6.66
N ILE N 4 -53.03 -3.79 -6.10
CA ILE N 4 -54.09 -4.69 -5.69
C ILE N 4 -54.72 -5.24 -6.95
N ASN N 5 -55.38 -4.35 -7.69
CA ASN N 5 -56.35 -4.81 -8.66
C ASN N 5 -55.67 -5.45 -9.87
N GLU N 6 -54.82 -4.68 -10.55
CA GLU N 6 -54.11 -5.19 -11.72
C GLU N 6 -54.44 -6.65 -11.97
N THR N 7 -55.57 -6.90 -12.60
CA THR N 7 -56.00 -8.26 -12.90
C THR N 7 -55.29 -8.80 -14.14
N GLU N 8 -54.86 -7.89 -15.01
CA GLU N 8 -54.17 -8.28 -16.24
C GLU N 8 -55.07 -8.14 -17.45
N SER N 9 -56.02 -7.20 -17.37
CA SER N 9 -56.96 -6.96 -18.45
C SER N 9 -57.72 -5.65 -18.25
N GLU N 10 -57.64 -5.13 -17.02
CA GLU N 10 -58.33 -3.89 -16.69
C GLU N 10 -57.70 -2.72 -17.42
N LYS N 11 -56.37 -2.65 -17.41
CA LYS N 11 -55.70 -1.73 -18.30
C LYS N 11 -56.24 -1.97 -19.69
N LEU N 12 -55.88 -3.11 -20.25
CA LEU N 12 -56.14 -3.44 -21.64
C LEU N 12 -57.55 -3.04 -21.99
N LEU N 13 -58.51 -3.72 -21.36
CA LEU N 13 -59.91 -3.48 -21.66
C LEU N 13 -60.21 -2.00 -21.65
N SER N 14 -59.64 -1.28 -20.69
CA SER N 14 -59.93 0.13 -20.61
C SER N 14 -58.85 0.98 -21.23
N LEU N 15 -57.78 0.34 -21.73
CA LEU N 15 -56.52 1.04 -21.95
C LEU N 15 -56.69 2.26 -22.82
N GLU N 16 -57.54 2.17 -23.82
CA GLU N 16 -57.85 3.34 -24.61
C GLU N 16 -58.39 4.42 -23.70
N ASP N 17 -59.59 4.18 -23.18
CA ASP N 17 -60.20 5.18 -22.31
C ASP N 17 -59.34 5.42 -21.09
N THR N 18 -58.56 4.41 -20.68
CA THR N 18 -57.44 4.66 -19.80
C THR N 18 -56.56 5.72 -20.44
N LEU N 19 -55.88 5.35 -21.51
CA LEU N 19 -54.96 6.28 -22.14
C LEU N 19 -55.67 7.57 -22.47
N HIS N 20 -56.93 7.46 -22.91
CA HIS N 20 -57.68 8.64 -23.30
C HIS N 20 -57.71 9.67 -22.19
N GLU N 21 -57.42 9.25 -20.97
CA GLU N 21 -57.30 10.18 -19.86
C GLU N 21 -56.17 11.16 -20.10
N ARG N 22 -55.42 10.99 -21.18
CA ARG N 22 -54.21 11.77 -21.30
C ARG N 22 -54.20 12.76 -22.45
N VAL N 23 -53.98 12.28 -23.67
CA VAL N 23 -53.67 13.20 -24.77
C VAL N 23 -54.61 12.95 -25.91
N ILE N 24 -55.30 14.00 -26.32
CA ILE N 24 -56.19 13.87 -27.44
C ILE N 24 -55.36 13.60 -28.70
N GLY N 25 -56.00 13.01 -29.70
CA GLY N 25 -55.35 12.78 -30.96
C GLY N 25 -54.46 11.57 -30.88
N GLN N 26 -54.21 11.00 -32.05
CA GLN N 26 -53.53 9.71 -32.17
C GLN N 26 -54.29 8.63 -31.44
N LYS N 27 -55.58 8.87 -31.23
CA LYS N 27 -56.43 7.91 -30.55
C LYS N 27 -56.20 6.53 -31.14
N ASP N 28 -56.29 6.43 -32.46
CA ASP N 28 -55.86 5.23 -33.17
C ASP N 28 -54.49 4.77 -32.70
N ALA N 29 -53.47 5.59 -32.92
CA ALA N 29 -52.14 5.23 -32.45
C ALA N 29 -52.21 4.84 -31.00
N VAL N 30 -52.85 5.70 -30.21
CA VAL N 30 -53.18 5.34 -28.84
C VAL N 30 -53.78 3.95 -28.82
N ASN N 31 -54.85 3.76 -29.58
CA ASN N 31 -55.46 2.44 -29.70
C ASN N 31 -54.42 1.44 -30.16
N SER N 32 -53.77 1.75 -31.28
CA SER N 32 -52.71 0.88 -31.78
C SER N 32 -51.76 0.54 -30.66
N ILE N 33 -51.29 1.56 -29.96
CA ILE N 33 -50.40 1.32 -28.84
C ILE N 33 -51.06 0.37 -27.86
N SER N 34 -52.28 0.72 -27.45
CA SER N 34 -53.05 -0.21 -26.64
C SER N 34 -53.09 -1.56 -27.32
N LYS N 35 -53.56 -1.57 -28.56
CA LYS N 35 -53.51 -2.77 -29.38
C LYS N 35 -52.13 -3.38 -29.30
N ALA N 36 -51.10 -2.58 -29.52
CA ALA N 36 -49.73 -3.07 -29.57
C ALA N 36 -49.39 -3.84 -28.30
N VAL N 37 -49.28 -3.11 -27.20
CA VAL N 37 -48.79 -3.68 -25.96
C VAL N 37 -49.58 -4.88 -25.52
N ARG N 38 -50.77 -5.07 -26.05
CA ARG N 38 -51.48 -6.30 -25.73
C ARG N 38 -50.75 -7.48 -26.33
N ARG N 39 -50.17 -7.27 -27.51
CA ARG N 39 -49.24 -8.26 -28.03
C ARG N 39 -48.01 -8.36 -27.16
N ALA N 40 -47.73 -7.34 -26.35
CA ALA N 40 -46.72 -7.55 -25.34
C ALA N 40 -47.14 -8.64 -24.38
N ARG N 41 -48.36 -9.13 -24.51
CA ARG N 41 -48.76 -10.35 -23.85
C ARG N 41 -49.17 -11.36 -24.91
N ALA N 42 -49.65 -12.50 -24.42
CA ALA N 42 -50.16 -13.61 -25.21
C ALA N 42 -49.02 -14.38 -25.84
N GLY N 43 -47.86 -13.75 -25.94
CA GLY N 43 -46.69 -14.38 -26.50
C GLY N 43 -46.92 -14.95 -27.88
N LEU N 44 -47.95 -14.49 -28.57
CA LEU N 44 -48.17 -14.96 -29.93
C LEU N 44 -47.08 -14.45 -30.85
N LYS N 45 -46.53 -13.29 -30.56
CA LYS N 45 -45.26 -12.88 -31.15
C LYS N 45 -44.14 -13.43 -30.27
N ASP N 46 -42.92 -13.03 -30.52
CA ASP N 46 -41.82 -13.59 -29.76
C ASP N 46 -41.92 -13.14 -28.31
N PRO N 47 -42.09 -14.05 -27.37
CA PRO N 47 -42.16 -13.66 -25.96
C PRO N 47 -41.00 -12.80 -25.55
N LYS N 48 -39.85 -12.97 -26.19
CA LYS N 48 -38.77 -12.00 -26.12
C LYS N 48 -38.84 -11.21 -27.43
N ARG N 49 -39.24 -9.96 -27.33
CA ARG N 49 -39.45 -9.15 -28.51
C ARG N 49 -39.79 -7.76 -28.03
N GLY N 52 -40.70 -3.58 -27.44
CA GLY N 52 -41.84 -2.68 -27.54
C GLY N 52 -41.36 -1.43 -28.27
N SER N 53 -41.75 -1.30 -29.52
CA SER N 53 -40.98 -0.56 -30.51
C SER N 53 -41.84 0.43 -31.26
N PHE N 54 -41.60 1.72 -31.04
CA PHE N 54 -42.56 2.73 -31.48
C PHE N 54 -41.84 3.92 -32.08
N ILE N 55 -42.07 4.17 -33.35
CA ILE N 55 -41.49 5.32 -34.01
C ILE N 55 -42.49 6.46 -34.02
N PHE N 56 -42.17 7.50 -33.27
CA PHE N 56 -43.06 8.64 -33.23
C PHE N 56 -42.81 9.56 -34.42
N LEU N 57 -43.89 9.87 -35.13
CA LEU N 57 -43.88 10.82 -36.21
C LEU N 57 -44.60 12.03 -35.63
N GLY N 58 -43.87 13.08 -35.30
CA GLY N 58 -44.50 14.17 -34.60
C GLY N 58 -43.52 15.20 -34.14
N PRO N 59 -44.06 16.23 -33.52
CA PRO N 59 -43.33 17.42 -33.16
C PRO N 59 -43.12 17.50 -31.65
N THR N 60 -42.55 18.61 -31.22
CA THR N 60 -42.69 18.97 -29.83
C THR N 60 -44.16 19.24 -29.53
N GLY N 61 -44.52 19.11 -28.26
CA GLY N 61 -45.91 19.19 -27.91
C GLY N 61 -46.75 18.04 -28.41
N VAL N 62 -46.14 17.07 -29.10
CA VAL N 62 -46.89 16.04 -29.78
C VAL N 62 -47.29 14.91 -28.85
N GLY N 63 -47.01 15.02 -27.57
CA GLY N 63 -47.29 13.94 -26.65
C GLY N 63 -46.33 12.80 -26.74
N LYS N 64 -45.39 12.88 -27.66
CA LYS N 64 -44.36 11.86 -27.79
C LYS N 64 -43.84 11.54 -26.42
N THR N 65 -43.56 12.58 -25.66
CA THR N 65 -43.12 12.36 -24.30
C THR N 65 -44.29 11.87 -23.48
N GLU N 66 -45.39 12.61 -23.50
CA GLU N 66 -46.57 12.35 -22.66
C GLU N 66 -46.91 10.88 -22.69
N LEU N 67 -47.26 10.44 -23.89
CA LEU N 67 -47.60 9.06 -24.13
C LEU N 67 -46.59 8.19 -23.46
N ALA N 68 -45.38 8.21 -24.02
CA ALA N 68 -44.32 7.38 -23.49
C ALA N 68 -44.27 7.47 -21.99
N ARG N 69 -44.26 8.70 -21.47
CA ARG N 69 -44.42 8.91 -20.05
C ARG N 69 -45.60 8.10 -19.56
N ALA N 70 -46.79 8.55 -19.92
CA ALA N 70 -47.96 7.92 -19.34
C ALA N 70 -47.97 6.43 -19.55
N LEU N 71 -47.38 5.96 -20.64
CA LEU N 71 -47.46 4.56 -20.99
C LEU N 71 -47.17 3.67 -19.79
N ALA N 72 -45.92 3.64 -19.34
CA ALA N 72 -45.63 2.84 -18.17
C ALA N 72 -46.26 3.44 -16.94
N GLU N 73 -46.23 4.77 -16.82
CA GLU N 73 -47.02 5.42 -15.80
C GLU N 73 -48.42 4.86 -15.77
N SER N 74 -48.96 4.58 -16.94
CA SER N 74 -50.11 3.68 -17.01
C SER N 74 -49.66 2.24 -16.82
N MET N 75 -48.85 1.72 -17.74
CA MET N 75 -48.48 0.32 -17.69
C MET N 75 -47.82 -0.07 -16.39
N PHE N 76 -46.61 0.42 -16.17
CA PHE N 76 -45.85 0.02 -15.01
C PHE N 76 -46.17 0.86 -13.81
N GLY N 77 -47.17 1.72 -13.90
CA GLY N 77 -47.61 2.48 -12.74
C GLY N 77 -46.52 3.45 -12.30
N ASP N 78 -45.77 3.94 -13.27
CA ASP N 78 -44.79 4.99 -13.04
C ASP N 78 -44.15 5.34 -14.36
N ASP N 79 -43.66 6.56 -14.46
CA ASP N 79 -42.97 6.98 -15.66
C ASP N 79 -41.46 6.88 -15.52
N ASP N 80 -40.97 6.61 -14.31
CA ASP N 80 -39.53 6.51 -14.15
C ASP N 80 -38.98 5.27 -14.82
N ALA N 81 -39.85 4.35 -15.21
CA ALA N 81 -39.46 3.26 -16.07
C ALA N 81 -38.83 3.80 -17.35
N MET N 82 -39.25 4.98 -17.77
CA MET N 82 -38.76 5.54 -19.02
C MET N 82 -37.27 5.81 -18.93
N ILE N 83 -36.62 5.80 -20.08
CA ILE N 83 -35.24 6.23 -20.18
C ILE N 83 -35.07 7.16 -21.36
N ARG N 84 -34.72 8.39 -21.06
CA ARG N 84 -34.28 9.34 -22.09
C ARG N 84 -32.96 8.87 -22.66
N VAL N 85 -32.83 8.91 -23.98
CA VAL N 85 -31.55 8.66 -24.62
C VAL N 85 -31.42 9.62 -25.79
N ASP N 86 -30.32 10.36 -25.82
CA ASP N 86 -30.13 11.40 -26.83
C ASP N 86 -29.39 10.82 -28.02
N MET N 87 -30.08 10.73 -29.15
CA MET N 87 -29.44 10.26 -30.37
C MET N 87 -28.37 11.23 -30.81
N SER N 88 -28.51 12.51 -30.46
CA SER N 88 -27.40 13.44 -30.64
C SER N 88 -26.14 12.88 -30.02
N GLU N 89 -26.30 12.15 -28.92
CA GLU N 89 -25.16 11.60 -28.21
C GLU N 89 -24.76 10.26 -28.75
N PHE N 90 -25.37 9.82 -29.83
CA PHE N 90 -25.03 8.55 -30.44
C PHE N 90 -24.23 8.86 -31.70
N MET N 91 -22.92 8.60 -31.65
CA MET N 91 -22.06 8.94 -32.78
C MET N 91 -21.29 7.75 -33.32
N GLU N 92 -20.21 7.35 -32.66
CA GLU N 92 -19.45 6.22 -33.19
C GLU N 92 -19.14 5.21 -32.10
N LYS N 93 -18.42 5.63 -31.07
CA LYS N 93 -17.89 4.69 -30.10
C LYS N 93 -18.76 4.55 -28.86
N HIS N 94 -19.86 5.30 -28.76
CA HIS N 94 -20.66 5.21 -27.55
C HIS N 94 -21.19 3.80 -27.35
N ALA N 95 -21.06 2.93 -28.36
CA ALA N 95 -21.42 1.54 -28.20
C ALA N 95 -20.86 1.02 -26.89
N VAL N 96 -19.61 1.37 -26.59
CA VAL N 96 -19.06 1.12 -25.27
C VAL N 96 -19.96 1.74 -24.23
N SER N 97 -20.18 3.05 -24.33
CA SER N 97 -21.04 3.68 -23.34
C SER N 97 -22.48 3.28 -23.52
N ARG N 98 -22.80 2.54 -24.57
CA ARG N 98 -24.00 1.73 -24.56
C ARG N 98 -23.80 0.39 -23.89
N LEU N 99 -22.67 -0.26 -24.18
CA LEU N 99 -22.48 -1.68 -23.88
C LEU N 99 -21.08 -1.88 -23.33
N VAL N 100 -21.01 -2.59 -22.19
CA VAL N 100 -19.86 -2.51 -21.29
C VAL N 100 -18.54 -2.68 -22.02
N GLY N 101 -17.61 -1.77 -21.77
CA GLY N 101 -16.30 -1.82 -22.40
C GLY N 101 -15.43 -2.93 -21.83
N ALA N 102 -14.37 -2.54 -21.13
CA ALA N 102 -13.80 -3.83 -20.46
C ALA N 102 -12.47 -3.53 -21.14
N PRO N 103 -11.92 -2.34 -20.86
CA PRO N 103 -10.65 -1.93 -21.43
C PRO N 103 -11.00 -1.15 -22.44
N PRO N 104 -11.74 -1.30 -23.52
CA PRO N 104 -11.70 -0.35 -24.63
C PRO N 104 -10.58 -0.71 -25.62
N HIS N 109 -12.86 3.75 -17.83
CA HIS N 109 -12.95 2.42 -17.24
C HIS N 109 -13.70 1.45 -18.11
N ASP N 110 -14.39 0.53 -17.45
CA ASP N 110 -15.29 -0.40 -18.11
C ASP N 110 -16.70 0.12 -17.89
N ASP N 111 -17.30 0.63 -18.95
CA ASP N 111 -18.58 1.32 -18.84
C ASP N 111 -19.52 0.83 -19.94
N GLY N 112 -20.80 0.71 -19.63
CA GLY N 112 -21.76 0.24 -20.60
C GLY N 112 -23.21 0.56 -20.24
N GLY N 113 -23.97 1.04 -21.21
CA GLY N 113 -25.36 1.38 -21.01
C GLY N 113 -25.57 2.72 -20.33
N GLN N 114 -26.02 3.69 -21.11
CA GLN N 114 -26.59 4.92 -20.54
C GLN N 114 -27.96 4.61 -19.94
N LEU N 115 -28.67 3.67 -20.56
CA LEU N 115 -29.98 3.27 -20.09
C LEU N 115 -30.02 1.79 -19.66
N THR N 116 -28.98 1.05 -20.03
CA THR N 116 -28.89 -0.37 -19.69
C THR N 116 -28.75 -0.56 -18.18
N GLU N 117 -27.56 -0.31 -17.66
CA GLU N 117 -27.31 -0.44 -16.24
C GLU N 117 -28.52 0.06 -15.47
N LYS N 118 -29.17 1.09 -16.01
CA LYS N 118 -30.48 1.47 -15.50
C LYS N 118 -31.49 0.35 -15.67
N VAL N 119 -31.38 -0.43 -16.74
CA VAL N 119 -32.25 -1.58 -16.85
C VAL N 119 -31.71 -2.72 -16.01
N ARG N 120 -30.40 -2.91 -16.06
CA ARG N 120 -29.70 -3.68 -15.04
C ARG N 120 -30.21 -3.21 -13.69
N ARG N 121 -30.42 -1.91 -13.57
CA ARG N 121 -31.17 -1.42 -12.43
C ARG N 121 -32.64 -1.80 -12.55
N LYS N 122 -33.28 -1.48 -13.68
CA LYS N 122 -34.73 -1.54 -13.79
C LYS N 122 -35.16 -2.39 -14.97
N PRO N 123 -35.43 -3.67 -14.74
CA PRO N 123 -35.76 -4.58 -15.84
C PRO N 123 -37.07 -4.28 -16.52
N TYR N 124 -37.91 -3.45 -15.93
CA TYR N 124 -39.18 -3.07 -16.54
C TYR N 124 -39.14 -1.58 -16.74
N SER N 125 -39.11 -1.15 -18.00
CA SER N 125 -38.67 0.20 -18.25
C SER N 125 -39.23 0.68 -19.58
N VAL N 126 -38.83 1.88 -19.96
CA VAL N 126 -39.21 2.45 -21.24
C VAL N 126 -38.00 3.20 -21.78
N ILE N 127 -37.80 3.15 -23.08
CA ILE N 127 -36.56 3.62 -23.68
C ILE N 127 -36.88 4.63 -24.78
N LEU N 128 -36.45 5.87 -24.59
CA LEU N 128 -36.71 6.92 -25.56
C LEU N 128 -35.48 7.19 -26.41
N PHE N 129 -35.69 7.24 -27.73
CA PHE N 129 -34.67 7.66 -28.68
C PHE N 129 -35.18 8.85 -29.50
N ASP N 130 -34.26 9.57 -30.11
CA ASP N 130 -34.48 10.96 -30.48
C ASP N 130 -34.20 11.17 -31.97
N GLU N 131 -35.26 11.44 -32.73
CA GLU N 131 -35.14 11.61 -34.17
C GLU N 131 -34.25 10.50 -34.71
N ILE N 132 -34.58 9.30 -34.25
CA ILE N 132 -33.57 8.31 -33.92
C ILE N 132 -32.57 8.14 -35.05
N GLU N 133 -33.05 8.15 -36.29
CA GLU N 133 -32.18 8.16 -37.45
C GLU N 133 -31.11 9.23 -37.36
N LYS N 134 -31.33 10.26 -36.56
CA LYS N 134 -30.26 11.18 -36.22
C LYS N 134 -29.04 10.42 -35.70
N ALA N 135 -29.28 9.33 -34.98
CA ALA N 135 -28.17 8.52 -34.50
C ALA N 135 -27.56 7.72 -35.66
N HIS N 136 -26.39 7.21 -35.43
CA HIS N 136 -25.52 6.79 -36.51
C HIS N 136 -25.76 5.34 -36.90
N PRO N 137 -25.41 5.00 -38.13
CA PRO N 137 -25.45 3.60 -38.56
C PRO N 137 -24.57 2.76 -37.66
N ASP N 138 -23.74 3.46 -36.93
CA ASP N 138 -23.19 2.93 -35.69
C ASP N 138 -24.29 2.19 -34.96
N VAL N 139 -25.29 2.94 -34.49
CA VAL N 139 -26.14 2.38 -33.46
C VAL N 139 -27.15 1.41 -34.04
N PHE N 140 -27.52 1.58 -35.30
CA PHE N 140 -28.63 0.82 -35.84
C PHE N 140 -28.51 -0.66 -35.51
N ASN N 141 -27.29 -1.19 -35.58
CA ASN N 141 -27.10 -2.58 -35.22
C ASN N 141 -27.27 -2.78 -33.72
N ILE N 142 -26.76 -1.87 -32.91
CA ILE N 142 -27.00 -2.04 -31.50
C ILE N 142 -28.40 -1.59 -31.18
N LEU N 143 -28.93 -0.69 -31.99
CA LEU N 143 -30.38 -0.57 -32.02
C LEU N 143 -30.98 -1.90 -32.41
N LEU N 144 -30.46 -2.47 -33.49
CA LEU N 144 -30.92 -3.78 -33.89
C LEU N 144 -30.76 -4.77 -32.76
N GLN N 145 -29.70 -4.64 -31.96
CA GLN N 145 -29.57 -5.49 -30.78
C GLN N 145 -30.86 -5.54 -30.00
N VAL N 146 -31.46 -4.38 -29.76
CA VAL N 146 -32.79 -4.35 -29.18
C VAL N 146 -33.75 -5.11 -30.07
N LEU N 147 -33.79 -4.72 -31.34
CA LEU N 147 -34.61 -5.41 -32.31
C LEU N 147 -34.24 -6.87 -32.36
N ASP N 148 -32.94 -7.14 -32.28
CA ASP N 148 -32.47 -8.51 -32.12
C ASP N 148 -33.16 -9.12 -30.92
N ASP N 149 -33.70 -10.33 -31.14
CA ASP N 149 -33.90 -11.34 -30.11
C ASP N 149 -34.83 -10.86 -29.00
N GLY N 150 -35.22 -9.59 -29.05
CA GLY N 150 -36.06 -9.04 -28.03
C GLY N 150 -35.44 -9.00 -26.65
N HIS N 151 -34.14 -9.25 -26.56
CA HIS N 151 -33.42 -9.03 -25.32
C HIS N 151 -32.20 -8.18 -25.59
N LEU N 152 -31.44 -7.89 -24.53
CA LEU N 152 -30.34 -6.95 -24.61
C LEU N 152 -29.08 -7.59 -24.05
N THR N 153 -28.15 -7.91 -24.92
CA THR N 153 -26.81 -8.31 -24.53
C THR N 153 -26.04 -7.12 -23.97
N ASP N 154 -24.97 -7.41 -23.26
CA ASP N 154 -24.16 -6.39 -22.62
C ASP N 154 -22.71 -6.54 -23.05
N THR N 155 -21.91 -5.53 -22.71
CA THR N 155 -20.48 -5.65 -22.92
C THR N 155 -19.86 -6.71 -22.04
N LYS N 156 -20.33 -6.83 -20.82
CA LYS N 156 -20.04 -8.04 -20.06
C LYS N 156 -20.80 -9.23 -20.60
N GLY N 157 -21.69 -9.03 -21.57
CA GLY N 157 -22.38 -10.10 -22.24
C GLY N 157 -23.81 -10.30 -21.79
N ARG N 158 -24.16 -9.78 -20.61
CA ARG N 158 -25.46 -10.09 -20.03
C ARG N 158 -26.58 -9.70 -20.99
N THR N 159 -27.45 -10.67 -21.29
CA THR N 159 -28.56 -10.48 -22.21
C THR N 159 -29.84 -10.35 -21.41
N VAL N 160 -30.59 -9.27 -21.62
CA VAL N 160 -31.71 -8.95 -20.76
C VAL N 160 -32.91 -8.58 -21.60
N ASP N 161 -34.10 -8.96 -21.12
CA ASP N 161 -35.31 -8.83 -21.93
C ASP N 161 -35.66 -7.38 -22.20
N PHE N 162 -35.93 -7.09 -23.45
CA PHE N 162 -36.61 -5.85 -23.79
C PHE N 162 -38.11 -5.98 -23.61
N ARG N 163 -38.67 -7.14 -23.94
CA ARG N 163 -40.12 -7.31 -23.88
C ARG N 163 -40.66 -6.91 -22.53
N ASN N 164 -39.85 -7.02 -21.49
CA ASN N 164 -40.26 -6.52 -20.19
C ASN N 164 -40.05 -5.03 -20.06
N THR N 165 -39.64 -4.38 -21.13
CA THR N 165 -39.61 -2.92 -21.15
C THR N 165 -40.26 -2.38 -22.41
N ILE N 166 -40.15 -1.07 -22.60
CA ILE N 166 -40.64 -0.42 -23.79
C ILE N 166 -39.48 0.35 -24.41
N ILE N 167 -39.55 0.55 -25.72
CA ILE N 167 -38.61 1.46 -26.35
C ILE N 167 -39.40 2.42 -27.22
N ILE N 168 -38.82 3.58 -27.46
CA ILE N 168 -39.50 4.68 -28.12
C ILE N 168 -38.62 5.21 -29.22
N MET N 169 -39.20 5.45 -30.37
CA MET N 169 -38.51 6.08 -31.48
C MET N 169 -39.29 7.32 -31.88
N THR N 170 -38.56 8.38 -32.18
CA THR N 170 -39.15 9.66 -32.50
C THR N 170 -38.64 10.13 -33.84
N SER N 171 -39.51 10.78 -34.62
CA SER N 171 -39.07 11.38 -35.86
C SER N 171 -39.84 12.66 -36.12
N ASN N 172 -39.12 13.73 -36.41
CA ASN N 172 -39.65 14.92 -37.03
C ASN N 172 -39.52 14.86 -38.54
N VAL N 173 -39.06 13.72 -39.06
CA VAL N 173 -38.69 13.61 -40.46
C VAL N 173 -39.73 14.25 -41.37
N GLY N 174 -40.99 14.03 -41.08
CA GLY N 174 -42.04 14.60 -41.88
C GLY N 174 -42.33 16.03 -41.55
N ALA N 175 -41.41 16.73 -40.88
CA ALA N 175 -41.65 18.11 -40.49
C ALA N 175 -42.24 18.88 -41.65
N GLN N 176 -41.60 18.77 -42.80
CA GLN N 176 -42.23 19.08 -44.07
C GLN N 176 -43.53 18.31 -44.17
N GLU N 177 -43.39 16.99 -44.32
CA GLU N 177 -44.52 16.13 -44.65
C GLU N 177 -45.65 16.29 -43.65
N LEU N 178 -45.34 16.83 -42.47
CA LEU N 178 -46.38 17.28 -41.55
C LEU N 178 -47.25 18.34 -42.20
N GLN N 179 -46.72 19.06 -43.19
CA GLN N 179 -47.53 20.09 -43.84
C GLN N 179 -48.85 19.52 -44.32
N ASP N 180 -48.86 18.24 -44.67
CA ASP N 180 -50.10 17.53 -44.96
C ASP N 180 -51.08 17.73 -43.82
N GLN N 181 -50.82 17.10 -42.68
CA GLN N 181 -51.72 17.31 -41.57
C GLN N 181 -51.57 18.72 -40.99
N ARG N 182 -50.55 19.49 -41.39
CA ARG N 182 -50.62 20.93 -41.17
C ARG N 182 -51.78 21.52 -41.96
N GLY N 192 -53.98 19.62 -42.53
CA GLY N 192 -54.86 18.55 -42.07
C GLY N 192 -55.05 17.47 -43.13
N GLN N 193 -54.11 17.33 -44.04
CA GLN N 193 -54.30 16.44 -45.18
C GLN N 193 -54.22 14.98 -44.75
N ASP N 194 -54.75 14.11 -45.62
CA ASP N 194 -54.71 12.68 -45.37
C ASP N 194 -53.28 12.24 -45.12
N TYR N 195 -53.08 11.56 -44.00
CA TYR N 195 -51.73 11.22 -43.63
C TYR N 195 -51.16 10.18 -44.58
N GLU N 196 -52.03 9.35 -45.15
CA GLU N 196 -51.58 8.28 -46.03
C GLU N 196 -50.57 8.79 -47.02
N THR N 197 -50.80 9.99 -47.54
CA THR N 197 -49.75 10.70 -48.23
C THR N 197 -48.48 10.69 -47.41
N ILE N 198 -48.49 11.47 -46.33
CA ILE N 198 -47.26 11.65 -45.58
C ILE N 198 -46.81 10.36 -44.93
N ARG N 199 -47.76 9.53 -44.48
CA ARG N 199 -47.42 8.20 -44.01
C ARG N 199 -46.47 7.52 -44.98
N LYS N 200 -46.97 7.25 -46.18
CA LYS N 200 -46.11 6.83 -47.26
C LYS N 200 -44.94 7.78 -47.41
N THR N 201 -45.27 9.07 -47.53
CA THR N 201 -44.26 10.06 -47.85
C THR N 201 -43.15 10.07 -46.81
N MET N 202 -43.47 9.91 -45.55
CA MET N 202 -42.40 9.80 -44.58
C MET N 202 -41.83 8.40 -44.58
N LEU N 203 -42.66 7.39 -44.82
CA LEU N 203 -42.23 6.00 -44.69
C LEU N 203 -40.93 5.75 -45.40
N LYS N 204 -40.95 5.82 -46.73
CA LYS N 204 -39.72 5.71 -47.49
C LYS N 204 -38.65 6.61 -46.91
N GLU N 205 -39.02 7.86 -46.61
CA GLU N 205 -38.04 8.83 -46.10
C GLU N 205 -37.32 8.28 -44.89
N LEU N 206 -38.05 7.72 -43.95
CA LEU N 206 -37.35 7.04 -42.87
C LEU N 206 -36.88 5.67 -43.32
N LYS N 207 -37.70 4.97 -44.13
CA LYS N 207 -37.24 3.72 -44.73
C LYS N 207 -35.90 3.92 -45.40
N ASN N 208 -35.65 5.10 -45.95
CA ASN N 208 -34.30 5.45 -46.37
C ASN N 208 -33.30 5.07 -45.30
N SER N 209 -33.43 5.67 -44.13
CA SER N 209 -32.41 5.55 -43.09
C SER N 209 -32.21 4.12 -42.60
N PHE N 210 -33.12 3.21 -42.90
CA PHE N 210 -33.08 1.93 -42.22
C PHE N 210 -33.36 0.79 -43.18
N ARG N 211 -32.51 -0.20 -43.16
CA ARG N 211 -32.89 -1.49 -43.69
C ARG N 211 -34.19 -1.90 -43.03
N PRO N 212 -35.15 -2.40 -43.78
CA PRO N 212 -36.47 -2.65 -43.19
C PRO N 212 -36.38 -3.51 -41.96
N GLU N 213 -35.51 -4.52 -42.00
CA GLU N 213 -35.42 -5.47 -40.90
C GLU N 213 -35.39 -4.75 -39.57
N PHE N 214 -34.59 -3.69 -39.49
CA PHE N 214 -34.69 -2.68 -38.45
C PHE N 214 -36.15 -2.36 -38.22
N LEU N 215 -36.76 -1.74 -39.23
CA LEU N 215 -38.15 -1.33 -39.15
C LEU N 215 -39.09 -2.51 -38.98
N ASN N 216 -38.64 -3.72 -39.25
CA ASN N 216 -39.60 -4.80 -39.27
C ASN N 216 -39.82 -5.41 -37.91
N ARG N 217 -38.99 -5.10 -36.94
CA ARG N 217 -39.30 -5.48 -35.58
C ARG N 217 -40.09 -4.40 -34.87
N VAL N 218 -40.38 -3.30 -35.56
CA VAL N 218 -41.19 -2.27 -34.95
C VAL N 218 -42.56 -2.83 -34.61
N ASP N 219 -43.09 -2.40 -33.46
CA ASP N 219 -44.50 -2.60 -33.21
C ASP N 219 -45.24 -2.01 -34.38
N ASP N 220 -45.27 -0.68 -34.45
CA ASP N 220 -45.66 0.03 -35.65
C ASP N 220 -45.16 1.45 -35.56
N ILE N 221 -45.12 2.10 -36.69
CA ILE N 221 -44.73 3.48 -36.74
C ILE N 221 -45.83 4.31 -36.11
N ILE N 222 -45.46 5.37 -35.42
CA ILE N 222 -46.42 6.18 -34.69
C ILE N 222 -46.43 7.58 -35.28
N VAL N 223 -47.48 7.92 -35.96
CA VAL N 223 -47.72 9.30 -36.32
C VAL N 223 -48.20 10.08 -35.11
N PHE N 224 -47.93 11.38 -35.11
CA PHE N 224 -48.64 12.35 -34.29
C PHE N 224 -49.22 13.38 -35.24
N HIS N 225 -50.52 13.55 -35.23
CA HIS N 225 -51.13 14.38 -36.24
C HIS N 225 -51.65 15.65 -35.61
N ASN O 1 -59.37 -13.12 20.76
CA ASN O 1 -60.09 -12.79 21.98
C ASN O 1 -60.35 -14.01 22.85
N ASN O 2 -61.01 -15.02 22.26
CA ASN O 2 -61.32 -16.23 23.02
C ASN O 2 -60.09 -16.74 23.75
N LEU O 3 -58.95 -16.77 23.06
CA LEU O 3 -57.69 -17.09 23.70
C LEU O 3 -57.41 -16.12 24.86
N LYS O 4 -57.28 -14.84 24.55
CA LYS O 4 -57.03 -13.86 25.61
C LYS O 4 -58.17 -13.77 26.61
N GLU O 5 -59.40 -14.02 26.18
CA GLU O 5 -60.49 -14.16 27.14
C GLU O 5 -60.14 -15.24 28.15
N ILE O 6 -59.62 -16.36 27.67
CA ILE O 6 -59.11 -17.38 28.57
C ILE O 6 -57.90 -16.87 29.33
N GLU O 7 -56.95 -16.25 28.63
CA GLU O 7 -55.86 -15.57 29.30
C GLU O 7 -56.41 -14.66 30.38
N GLN O 8 -57.45 -13.90 30.05
CA GLN O 8 -58.04 -12.95 30.97
C GLN O 8 -58.53 -13.64 32.23
N GLU O 9 -59.60 -14.43 32.10
CA GLU O 9 -60.17 -15.12 33.25
C GLU O 9 -59.11 -15.86 34.04
N ILE O 10 -58.10 -16.40 33.36
CA ILE O 10 -56.93 -16.89 34.06
C ILE O 10 -56.38 -15.82 34.99
N GLU O 11 -56.09 -14.65 34.43
CA GLU O 11 -55.46 -13.60 35.22
C GLU O 11 -56.36 -13.14 36.36
N LYS O 12 -57.68 -13.27 36.18
CA LYS O 12 -58.64 -12.83 37.18
C LYS O 12 -58.35 -13.35 38.57
N VAL O 13 -58.61 -14.63 38.77
CA VAL O 13 -58.59 -15.16 40.12
C VAL O 13 -57.17 -15.47 40.55
N LYS O 14 -56.29 -15.78 39.60
CA LYS O 14 -54.95 -16.23 39.95
C LYS O 14 -54.27 -15.24 40.88
N ASN O 15 -54.52 -13.95 40.67
CA ASN O 15 -53.99 -12.96 41.59
C ASN O 15 -54.87 -12.86 42.82
N GLU O 16 -56.18 -13.08 42.66
CA GLU O 16 -57.08 -13.00 43.80
C GLU O 16 -56.72 -14.05 44.83
N LYS O 17 -56.64 -15.30 44.40
CA LYS O 17 -56.33 -16.41 45.29
C LYS O 17 -55.05 -16.12 46.07
N ASP O 18 -54.12 -15.39 45.46
CA ASP O 18 -52.86 -15.04 46.10
C ASP O 18 -53.06 -14.35 47.43
N ALA O 19 -53.64 -13.15 47.38
CA ALA O 19 -53.73 -12.32 48.56
C ALA O 19 -54.53 -12.95 49.69
N ALA O 20 -55.31 -14.00 49.39
CA ALA O 20 -56.32 -14.45 50.33
C ALA O 20 -55.68 -15.02 51.60
N VAL O 21 -54.85 -16.05 51.43
CA VAL O 21 -54.30 -16.73 52.59
C VAL O 21 -53.22 -15.91 53.29
N HIS O 22 -52.84 -14.78 52.71
CA HIS O 22 -51.69 -14.02 53.20
C HIS O 22 -51.78 -13.69 54.68
N ALA O 23 -52.99 -13.66 55.23
CA ALA O 23 -53.19 -13.30 56.63
C ALA O 23 -53.95 -14.40 57.34
N GLN O 24 -53.96 -14.33 58.67
CA GLN O 24 -54.54 -15.38 59.48
C GLN O 24 -56.03 -15.15 59.56
N GLU O 25 -56.80 -16.08 58.98
CA GLU O 25 -58.22 -15.90 58.75
C GLU O 25 -58.92 -17.24 58.94
N PHE O 26 -60.12 -17.21 59.49
CA PHE O 26 -61.00 -18.38 59.51
C PHE O 26 -62.04 -18.34 58.42
N GLU O 27 -62.08 -17.28 57.60
CA GLU O 27 -63.21 -17.01 56.72
C GLU O 27 -62.76 -16.86 55.28
N ASN O 28 -57.44 -19.78 53.08
CA ASN O 28 -57.29 -20.88 52.12
C ASN O 28 -58.51 -21.77 52.06
N ALA O 29 -59.39 -21.71 53.06
CA ALA O 29 -60.52 -22.62 53.14
C ALA O 29 -61.45 -22.49 51.94
N ALA O 30 -61.99 -21.29 51.72
CA ALA O 30 -63.12 -21.14 50.79
C ALA O 30 -62.67 -20.96 49.35
N ASN O 31 -62.17 -19.77 49.02
CA ASN O 31 -61.96 -19.44 47.61
C ASN O 31 -60.75 -20.15 47.03
N LEU O 32 -59.70 -20.34 47.84
CA LEU O 32 -58.52 -21.04 47.36
C LEU O 32 -58.90 -22.40 46.80
N ARG O 33 -59.74 -23.13 47.51
CA ARG O 33 -60.25 -24.37 46.96
C ARG O 33 -61.20 -24.09 45.80
N ASP O 34 -62.01 -23.03 45.91
CA ASP O 34 -62.90 -22.67 44.81
C ASP O 34 -62.11 -22.37 43.55
N LYS O 35 -61.10 -21.51 43.66
CA LYS O 35 -60.36 -21.07 42.49
C LYS O 35 -59.60 -22.22 41.84
N GLN O 36 -58.89 -23.01 42.64
CA GLN O 36 -58.02 -24.03 42.06
C GLN O 36 -58.79 -25.03 41.22
N THR O 37 -60.04 -25.33 41.60
CA THR O 37 -60.92 -26.03 40.68
C THR O 37 -61.40 -25.10 39.58
N LYS O 38 -61.88 -23.92 39.96
CA LYS O 38 -62.38 -22.97 38.96
C LYS O 38 -61.32 -22.63 37.94
N LEU O 39 -60.05 -22.60 38.35
CA LEU O 39 -58.98 -22.40 37.37
C LEU O 39 -58.80 -23.64 36.51
N GLU O 40 -58.99 -24.82 37.10
CA GLU O 40 -58.88 -26.06 36.34
C GLU O 40 -60.02 -26.23 35.36
N LYS O 41 -61.06 -25.38 35.44
CA LYS O 41 -62.22 -25.55 34.58
C LYS O 41 -61.88 -25.28 33.11
N GLN O 42 -61.43 -24.06 32.81
CA GLN O 42 -61.17 -23.66 31.43
C GLN O 42 -59.70 -23.68 31.04
N TYR O 43 -58.81 -24.11 31.93
CA TYR O 43 -57.37 -24.09 31.65
C TYR O 43 -56.99 -24.93 30.43
N GLU O 44 -57.85 -25.86 30.01
CA GLU O 44 -57.41 -26.92 29.11
C GLU O 44 -57.20 -26.41 27.69
N GLU O 45 -58.17 -25.68 27.13
CA GLU O 45 -58.20 -25.47 25.68
C GLU O 45 -57.01 -24.67 25.17
N ALA O 46 -56.33 -23.93 26.04
CA ALA O 46 -55.45 -22.84 25.63
C ALA O 46 -54.43 -23.24 24.58
N LYS O 47 -53.41 -24.01 24.96
CA LYS O 47 -52.34 -24.33 24.01
C LYS O 47 -52.81 -25.15 22.83
N ASN O 48 -53.69 -26.14 22.96
CA ASN O 48 -54.23 -26.79 21.75
C ASN O 48 -54.94 -25.79 20.85
N GLU O 49 -55.80 -24.95 21.43
CA GLU O 49 -56.40 -23.89 20.62
C GLU O 49 -55.37 -22.84 20.23
N TRP O 50 -54.27 -22.75 20.99
CA TRP O 50 -53.10 -22.02 20.50
C TRP O 50 -52.33 -22.81 19.46
N LYS O 51 -52.41 -24.14 19.52
CA LYS O 51 -51.70 -24.95 18.54
C LYS O 51 -52.27 -24.80 17.14
N ASN O 52 -53.48 -24.26 17.01
CA ASN O 52 -53.95 -23.85 15.68
C ASN O 52 -53.06 -22.75 15.10
N ALA O 53 -52.58 -21.85 15.96
CA ALA O 53 -51.56 -20.90 15.52
C ALA O 53 -50.23 -21.60 15.23
N GLN O 54 -49.96 -22.71 15.93
CA GLN O 54 -48.73 -23.47 15.72
C GLN O 54 -48.78 -24.23 14.39
N ASN O 55 -58.74 -17.08 15.75
CA ASN O 55 -58.84 -17.94 14.58
C ASN O 55 -57.75 -17.63 13.59
N SER P 1 -31.36 -27.28 -14.99
CA SER P 1 -32.65 -27.19 -15.65
C SER P 1 -33.73 -26.94 -14.62
N VAL P 2 -34.75 -26.22 -15.07
CA VAL P 2 -35.92 -25.98 -14.24
C VAL P 2 -36.41 -27.27 -13.61
N VAL P 3 -36.46 -28.34 -14.39
CA VAL P 3 -37.07 -29.57 -13.88
C VAL P 3 -36.20 -30.20 -12.81
N ASP P 4 -34.92 -30.41 -13.12
CA ASP P 4 -34.00 -30.96 -12.13
C ASP P 4 -34.11 -30.18 -10.84
N THR P 5 -34.22 -28.87 -10.99
CA THR P 5 -34.42 -28.03 -9.83
C THR P 5 -35.56 -28.56 -9.00
N VAL P 6 -36.73 -28.75 -9.63
CA VAL P 6 -37.87 -29.31 -8.92
C VAL P 6 -37.44 -30.53 -8.12
N ALA P 7 -36.75 -31.45 -8.80
CA ALA P 7 -36.23 -32.62 -8.11
C ALA P 7 -35.33 -32.21 -6.96
N ILE P 8 -34.38 -31.31 -7.22
CA ILE P 8 -33.49 -30.91 -6.14
C ILE P 8 -34.28 -30.13 -5.11
N LEU P 9 -35.32 -29.43 -5.55
CA LEU P 9 -36.25 -28.86 -4.61
C LEU P 9 -36.99 -29.95 -3.88
N LYS P 10 -37.54 -30.90 -4.62
CA LYS P 10 -38.04 -32.12 -4.01
C LYS P 10 -37.01 -32.69 -3.06
N GLY P 11 -35.74 -32.55 -3.40
CA GLY P 11 -34.71 -32.88 -2.45
C GLY P 11 -34.92 -32.12 -1.17
N LEU P 12 -34.95 -30.79 -1.25
CA LEU P 12 -35.16 -30.04 -0.02
C LEU P 12 -36.62 -29.88 0.32
N ARG P 13 -37.50 -30.45 -0.47
CA ARG P 13 -38.91 -30.37 -0.15
C ARG P 13 -39.10 -30.70 1.31
N ASP P 14 -38.73 -31.89 1.78
CA ASP P 14 -38.94 -32.18 3.20
C ASP P 14 -38.19 -31.23 4.08
N ARG P 15 -37.10 -30.69 3.57
CA ARG P 15 -36.15 -30.00 4.42
C ARG P 15 -36.83 -28.83 5.10
N TYR P 16 -37.12 -27.78 4.36
CA TYR P 16 -37.54 -26.59 5.07
C TYR P 16 -38.99 -26.67 5.51
N GLU P 17 -39.78 -27.53 4.92
CA GLU P 17 -41.10 -27.74 5.50
C GLU P 17 -40.97 -28.42 6.84
N ALA P 18 -40.03 -29.36 6.96
CA ALA P 18 -39.81 -29.88 8.30
C ALA P 18 -39.18 -28.81 9.17
N HIS P 19 -38.62 -27.77 8.56
CA HIS P 19 -38.28 -26.58 9.31
C HIS P 19 -39.49 -25.71 9.53
N HIS P 20 -40.31 -25.56 8.51
CA HIS P 20 -41.42 -24.64 8.53
C HIS P 20 -42.74 -25.33 8.80
N ARG P 21 -42.71 -26.63 9.08
CA ARG P 21 -43.89 -27.35 9.49
C ARG P 21 -45.03 -27.21 8.51
N ILE P 22 -44.78 -27.41 7.22
CA ILE P 22 -45.79 -27.22 6.21
C ILE P 22 -45.74 -28.40 5.24
N ASN P 23 -46.66 -28.39 4.28
CA ASN P 23 -46.77 -29.47 3.30
C ASN P 23 -46.57 -28.86 1.92
N ILE P 24 -45.47 -29.20 1.27
CA ILE P 24 -45.19 -28.60 -0.02
C ILE P 24 -46.03 -29.25 -1.09
N SER P 25 -46.63 -28.44 -1.94
CA SER P 25 -47.42 -28.94 -3.05
C SER P 25 -46.64 -28.72 -4.33
N ASP P 26 -46.21 -29.83 -4.94
CA ASP P 26 -45.33 -29.78 -6.10
C ASP P 26 -45.89 -28.87 -7.18
N GLU P 27 -47.21 -28.75 -7.24
CA GLU P 27 -47.82 -27.77 -8.13
C GLU P 27 -47.14 -26.42 -7.99
N ALA P 28 -47.20 -25.85 -6.79
CA ALA P 28 -46.36 -24.70 -6.48
C ALA P 28 -44.93 -24.96 -6.91
N ILE P 29 -44.40 -26.11 -6.52
CA ILE P 29 -42.98 -26.35 -6.69
C ILE P 29 -42.57 -26.15 -8.13
N GLU P 30 -43.25 -26.83 -9.04
CA GLU P 30 -42.95 -26.58 -10.44
C GLU P 30 -43.32 -25.16 -10.81
N ALA P 31 -44.33 -24.60 -10.17
CA ALA P 31 -44.85 -23.32 -10.57
C ALA P 31 -43.77 -22.25 -10.57
N ALA P 32 -43.32 -21.88 -9.37
CA ALA P 32 -42.27 -20.88 -9.27
C ALA P 32 -41.09 -21.26 -10.14
N VAL P 33 -40.82 -22.56 -10.21
CA VAL P 33 -39.69 -23.03 -10.98
C VAL P 33 -39.70 -22.41 -12.36
N LYS P 34 -40.82 -22.59 -13.07
CA LYS P 34 -41.05 -21.76 -14.23
C LYS P 34 -41.01 -20.29 -13.84
N LEU P 35 -41.87 -19.95 -12.89
CA LEU P 35 -42.20 -18.55 -12.68
C LEU P 35 -40.97 -17.75 -12.27
N SER P 36 -40.24 -18.25 -11.28
CA SER P 36 -39.03 -17.55 -10.86
C SER P 36 -38.07 -17.40 -12.03
N ASN P 37 -37.75 -18.54 -12.66
CA ASN P 37 -36.94 -18.53 -13.85
C ASN P 37 -37.43 -17.48 -14.81
N ARG P 38 -38.75 -17.38 -14.96
CA ARG P 38 -39.33 -16.29 -15.73
C ARG P 38 -38.99 -14.96 -15.06
N TYR P 39 -39.37 -14.80 -13.81
CA TYR P 39 -39.40 -13.47 -13.24
C TYR P 39 -38.16 -13.08 -12.46
N VAL P 40 -37.28 -14.01 -12.11
CA VAL P 40 -36.20 -13.60 -11.25
C VAL P 40 -34.88 -13.76 -11.97
N SER P 41 -34.17 -12.66 -12.22
CA SER P 41 -32.85 -12.76 -12.85
C SER P 41 -31.76 -13.29 -11.94
N ASP P 42 -31.72 -12.83 -10.69
CA ASP P 42 -30.46 -12.73 -9.97
C ASP P 42 -30.08 -14.04 -9.30
N ARG P 43 -30.78 -14.41 -8.25
CA ARG P 43 -30.50 -15.69 -7.67
C ARG P 43 -30.97 -16.78 -8.62
N PHE P 44 -30.73 -18.02 -8.25
CA PHE P 44 -30.86 -19.10 -9.19
C PHE P 44 -31.92 -20.07 -8.73
N LEU P 45 -32.72 -20.49 -9.68
CA LEU P 45 -33.83 -21.39 -9.39
C LEU P 45 -33.39 -22.56 -8.51
N PRO P 46 -32.20 -23.13 -8.68
CA PRO P 46 -31.68 -24.05 -7.68
C PRO P 46 -31.88 -23.54 -6.29
N ASP P 47 -31.81 -22.23 -6.12
CA ASP P 47 -32.14 -21.62 -4.85
C ASP P 47 -33.45 -20.84 -4.98
N LYS P 48 -33.41 -19.82 -5.81
CA LYS P 48 -34.42 -18.78 -5.77
C LYS P 48 -35.82 -19.35 -5.71
N ALA P 49 -36.04 -20.48 -6.36
CA ALA P 49 -37.25 -21.23 -6.11
C ALA P 49 -37.38 -21.43 -4.63
N ILE P 50 -36.48 -22.24 -4.08
CA ILE P 50 -36.52 -22.50 -2.65
C ILE P 50 -36.59 -21.19 -1.89
N ASP P 51 -35.87 -20.18 -2.36
CA ASP P 51 -36.04 -18.84 -1.80
C ASP P 51 -37.50 -18.55 -1.74
N LEU P 52 -38.12 -18.42 -2.92
CA LEU P 52 -39.54 -18.21 -2.93
C LEU P 52 -40.22 -19.22 -2.03
N ILE P 53 -39.89 -20.48 -2.24
CA ILE P 53 -40.48 -21.57 -1.49
C ILE P 53 -40.42 -21.25 -0.01
N ASP P 54 -39.21 -21.29 0.55
CA ASP P 54 -39.06 -21.02 1.97
C ASP P 54 -39.75 -19.72 2.33
N GLU P 55 -39.59 -18.70 1.49
CA GLU P 55 -40.29 -17.45 1.73
C GLU P 55 -41.79 -17.67 1.67
N ALA P 56 -42.25 -18.31 0.61
CA ALA P 56 -43.63 -18.76 0.60
C ALA P 56 -43.88 -19.61 1.84
N SER P 57 -43.05 -20.63 2.04
CA SER P 57 -43.11 -21.43 3.24
C SER P 57 -43.14 -20.56 4.47
N SER P 58 -42.47 -19.43 4.42
CA SER P 58 -42.64 -18.47 5.50
C SER P 58 -44.03 -17.86 5.40
N LYS P 59 -44.31 -17.16 4.29
CA LYS P 59 -45.55 -16.43 4.18
C LYS P 59 -46.73 -17.25 4.65
N VAL P 60 -46.80 -18.50 4.21
CA VAL P 60 -47.82 -19.39 4.75
C VAL P 60 -47.61 -19.46 6.26
N ARG P 61 -46.46 -19.99 6.68
CA ARG P 61 -46.18 -20.11 8.09
C ARG P 61 -46.46 -18.79 8.78
N LEU P 62 -45.99 -17.69 8.19
CA LEU P 62 -46.28 -16.36 8.67
C LEU P 62 -47.75 -16.29 9.01
N LYS P 63 -48.59 -16.42 7.98
CA LYS P 63 -50.01 -16.56 8.24
C LYS P 63 -50.27 -17.73 9.17
N SER P 64 -49.67 -18.86 8.81
CA SER P 64 -49.78 -20.07 9.60
C SER P 64 -48.99 -19.90 10.88
N HIS P 65 -47.87 -19.18 10.80
CA HIS P 65 -47.02 -18.91 11.95
C HIS P 65 -47.86 -18.28 13.04
N THR P 66 -48.58 -17.22 12.68
CA THR P 66 -49.45 -16.55 13.62
C THR P 66 -50.86 -16.50 13.05
N THR P 67 -51.65 -15.54 13.51
CA THR P 67 -53.00 -15.39 13.01
C THR P 67 -52.90 -15.08 11.53
N PRO P 68 -53.69 -15.77 10.71
CA PRO P 68 -53.69 -15.58 9.26
C PRO P 68 -53.82 -14.11 8.87
N GLY P 124 -56.14 -22.74 8.41
CA GLY P 124 -55.62 -23.94 9.05
C GLY P 124 -54.73 -24.75 8.11
N MET P 125 -54.71 -24.43 6.82
CA MET P 125 -53.99 -25.27 5.88
C MET P 125 -52.52 -25.24 6.24
N SER P 126 -51.96 -26.40 6.51
CA SER P 126 -50.54 -26.53 6.73
C SER P 126 -49.78 -26.64 5.42
N THR P 127 -50.42 -27.23 4.42
CA THR P 127 -49.83 -27.35 3.11
C THR P 127 -49.60 -25.99 2.50
N SER P 128 -48.69 -25.93 1.55
CA SER P 128 -48.44 -24.71 0.82
C SER P 128 -49.22 -24.77 -0.48
N LEU P 129 -50.00 -23.73 -0.76
CA LEU P 129 -50.79 -23.75 -1.98
C LEU P 129 -49.84 -23.77 -3.15
N SER P 130 -50.34 -24.22 -4.28
CA SER P 130 -49.63 -23.85 -5.48
C SER P 130 -49.57 -22.35 -5.56
N GLU P 131 -50.69 -21.75 -5.93
CA GLU P 131 -50.68 -20.42 -6.49
C GLU P 131 -50.08 -19.38 -5.58
N GLU P 132 -50.85 -18.98 -4.56
CA GLU P 132 -50.48 -17.83 -3.74
C GLU P 132 -49.05 -17.95 -3.26
N ASP P 133 -48.73 -19.12 -2.72
CA ASP P 133 -47.37 -19.43 -2.32
C ASP P 133 -46.41 -18.99 -3.39
N ILE P 134 -46.70 -19.38 -4.62
CA ILE P 134 -45.94 -18.80 -5.70
C ILE P 134 -46.48 -17.39 -5.80
N ALA P 135 -47.73 -17.30 -6.24
CA ALA P 135 -48.32 -16.09 -6.79
C ALA P 135 -48.13 -14.91 -5.87
N GLU P 136 -48.86 -14.92 -4.77
CA GLU P 136 -48.85 -13.81 -3.85
C GLU P 136 -47.44 -13.35 -3.59
N VAL P 137 -46.66 -14.24 -2.99
CA VAL P 137 -45.25 -13.99 -2.77
C VAL P 137 -44.58 -13.47 -4.04
N ILE P 138 -44.76 -14.18 -5.14
CA ILE P 138 -44.21 -13.71 -6.40
C ILE P 138 -44.82 -12.37 -6.77
N ALA P 139 -46.11 -12.20 -6.54
CA ALA P 139 -46.68 -10.89 -6.70
C ALA P 139 -46.10 -9.95 -5.67
N GLY P 140 -46.00 -10.41 -4.42
CA GLY P 140 -45.24 -9.66 -3.44
C GLY P 140 -43.86 -9.39 -3.97
N TRP P 141 -43.30 -10.35 -4.71
CA TRP P 141 -42.06 -10.06 -5.40
C TRP P 141 -42.27 -8.95 -6.44
N THR P 142 -43.31 -9.06 -7.26
CA THR P 142 -43.43 -8.07 -8.32
C THR P 142 -44.80 -7.41 -8.44
N GLY P 143 -45.81 -8.13 -8.91
CA GLY P 143 -47.13 -7.53 -9.06
C GLY P 143 -47.91 -8.21 -10.17
N ILE P 144 -49.09 -7.67 -10.41
CA ILE P 144 -49.98 -8.13 -11.48
C ILE P 144 -50.19 -9.64 -11.39
N PRO P 145 -50.68 -10.13 -10.26
CA PRO P 145 -50.74 -11.58 -10.04
C PRO P 145 -51.43 -12.31 -11.17
N THR Q 1 -4.76 -31.04 16.47
CA THR Q 1 -5.21 -29.76 15.95
C THR Q 1 -6.22 -29.96 14.81
N LEU Q 2 -5.80 -29.60 13.60
CA LEU Q 2 -6.66 -29.75 12.43
C LEU Q 2 -8.12 -29.60 12.83
N ASP Q 3 -8.48 -28.39 13.20
CA ASP Q 3 -9.80 -28.07 13.71
C ASP Q 3 -10.06 -26.59 13.44
N SER Q 4 -11.06 -26.03 14.13
CA SER Q 4 -11.59 -24.70 13.87
C SER Q 4 -11.85 -24.57 12.39
N LEU Q 5 -11.15 -23.65 11.73
CA LEU Q 5 -11.25 -23.53 10.29
C LEU Q 5 -11.12 -24.89 9.62
N ALA Q 6 -10.25 -25.74 10.13
CA ALA Q 6 -10.20 -27.10 9.59
C ALA Q 6 -11.46 -27.82 10.02
N ARG Q 7 -12.27 -28.25 9.04
CA ARG Q 7 -13.45 -29.06 9.27
C ARG Q 7 -13.71 -29.90 8.02
N ASP Q 8 -14.49 -30.96 8.20
CA ASP Q 8 -14.83 -31.87 7.11
C ASP Q 8 -16.30 -32.24 7.21
N LEU Q 9 -16.89 -32.42 6.03
CA LEU Q 9 -18.26 -32.90 5.94
C LEU Q 9 -18.35 -34.38 5.56
N THR Q 10 -17.23 -35.06 5.30
CA THR Q 10 -17.30 -36.44 4.86
C THR Q 10 -17.97 -37.31 5.91
N VAL Q 11 -17.37 -37.33 7.10
CA VAL Q 11 -18.02 -38.00 8.21
C VAL Q 11 -19.44 -37.50 8.34
N ILE Q 12 -19.61 -36.19 8.26
CA ILE Q 12 -20.95 -35.62 8.28
C ILE Q 12 -21.83 -36.27 7.24
N ALA Q 13 -21.25 -36.57 6.07
CA ALA Q 13 -22.00 -37.32 5.07
C ALA Q 13 -22.22 -38.75 5.54
N LYS Q 14 -21.17 -39.42 5.99
CA LYS Q 14 -21.39 -40.69 6.69
C LYS Q 14 -22.30 -40.49 7.88
N ASP Q 15 -22.23 -39.34 8.52
CA ASP Q 15 -23.25 -39.00 9.49
C ASP Q 15 -24.57 -38.68 8.83
N GLY Q 16 -24.60 -38.63 7.50
CA GLY Q 16 -25.82 -38.25 6.84
C GLY Q 16 -26.25 -36.83 7.13
N THR Q 17 -25.31 -35.97 7.52
CA THR Q 17 -25.66 -34.62 7.91
C THR Q 17 -26.20 -33.79 6.76
N LEU Q 18 -26.13 -34.27 5.52
CA LEU Q 18 -26.36 -33.42 4.36
C LEU Q 18 -27.17 -34.18 3.32
N ASP Q 19 -27.29 -33.58 2.13
CA ASP Q 19 -28.31 -33.93 1.15
C ASP Q 19 -27.71 -34.80 0.06
N PRO Q 20 -28.30 -35.94 -0.27
CA PRO Q 20 -27.87 -36.68 -1.46
C PRO Q 20 -28.09 -35.82 -2.70
N VAL Q 21 -27.03 -35.69 -3.50
CA VAL Q 21 -27.08 -34.81 -4.66
C VAL Q 21 -27.65 -35.62 -5.83
N ILE Q 22 -27.82 -34.97 -6.98
CA ILE Q 22 -28.08 -35.70 -8.21
C ILE Q 22 -27.35 -35.02 -9.36
N GLY Q 23 -27.05 -35.82 -10.38
CA GLY Q 23 -26.84 -35.36 -11.72
C GLY Q 23 -25.48 -34.78 -12.03
N ARG Q 24 -24.75 -34.32 -11.03
CA ARG Q 24 -23.42 -33.79 -11.24
C ARG Q 24 -22.38 -34.87 -11.19
N ASP Q 25 -22.83 -36.12 -11.17
CA ASP Q 25 -22.01 -37.30 -11.10
C ASP Q 25 -20.86 -37.25 -12.09
N LYS Q 26 -21.15 -37.40 -13.37
CA LYS Q 26 -20.08 -37.31 -14.36
C LYS Q 26 -19.42 -35.95 -14.31
N GLU Q 27 -20.17 -34.92 -13.97
CA GLU Q 27 -19.56 -33.64 -13.67
C GLU Q 27 -18.53 -33.81 -12.59
N ILE Q 28 -18.93 -34.43 -11.48
CA ILE Q 28 -17.99 -34.73 -10.42
C ILE Q 28 -16.91 -35.67 -10.92
N THR Q 29 -17.29 -36.62 -11.78
CA THR Q 29 -16.34 -37.56 -12.35
C THR Q 29 -15.10 -36.83 -12.83
N ARG Q 30 -15.31 -35.73 -13.55
CA ARG Q 30 -14.25 -34.79 -13.86
C ARG Q 30 -13.61 -34.31 -12.57
N VAL Q 31 -14.38 -33.56 -11.79
CA VAL Q 31 -13.84 -32.95 -10.60
C VAL Q 31 -13.05 -33.96 -9.81
N ILE Q 32 -13.62 -35.15 -9.65
CA ILE Q 32 -12.90 -36.31 -9.16
C ILE Q 32 -11.60 -36.40 -9.91
N GLU Q 33 -11.70 -36.75 -11.18
CA GLU Q 33 -10.53 -37.18 -11.90
C GLU Q 33 -9.47 -36.10 -11.92
N VAL Q 34 -9.81 -34.88 -11.51
CA VAL Q 34 -8.81 -33.83 -11.43
C VAL Q 34 -7.71 -34.24 -10.48
N LEU Q 35 -8.08 -34.85 -9.35
CA LEU Q 35 -7.08 -35.25 -8.39
C LEU Q 35 -6.07 -36.21 -8.98
N SER Q 36 -6.49 -37.01 -9.96
CA SER Q 36 -5.61 -38.01 -10.54
C SER Q 36 -4.31 -37.41 -11.03
N ARG Q 37 -4.32 -36.13 -11.32
CA ARG Q 37 -3.25 -35.52 -12.10
C ARG Q 37 -2.03 -35.25 -11.23
N ARG Q 38 -0.90 -35.84 -11.60
CA ARG Q 38 0.37 -35.37 -11.09
C ARG Q 38 0.53 -33.88 -11.37
N THR Q 39 0.00 -33.42 -12.49
CA THR Q 39 0.11 -32.02 -12.82
C THR Q 39 -0.78 -31.19 -11.91
N LYS Q 40 -2.09 -31.31 -12.07
CA LYS Q 40 -3.01 -30.55 -11.24
C LYS Q 40 -4.02 -31.52 -10.65
N ASN Q 41 -3.86 -31.81 -9.38
CA ASN Q 41 -4.97 -32.45 -8.70
C ASN Q 41 -6.08 -31.47 -8.44
N ASN Q 42 -5.83 -30.19 -8.63
CA ASN Q 42 -6.62 -29.15 -7.98
C ASN Q 42 -7.53 -28.49 -8.98
N PRO Q 43 -8.81 -28.82 -8.96
CA PRO Q 43 -9.78 -28.15 -9.82
C PRO Q 43 -10.28 -26.86 -9.20
N VAL Q 44 -10.79 -26.01 -10.07
CA VAL Q 44 -11.65 -24.90 -9.67
C VAL Q 44 -12.91 -24.94 -10.52
N LEU Q 45 -13.98 -24.40 -9.97
CA LEU Q 45 -15.25 -24.40 -10.67
C LEU Q 45 -15.68 -23.01 -11.07
N ILE Q 46 -16.36 -22.94 -12.20
CA ILE Q 46 -17.07 -21.77 -12.65
C ILE Q 46 -18.54 -22.16 -12.67
N GLY Q 47 -19.40 -21.16 -12.64
CA GLY Q 47 -20.81 -21.39 -12.80
C GLY Q 47 -21.60 -20.34 -12.06
N GLU Q 48 -22.85 -20.68 -11.79
CA GLU Q 48 -23.72 -19.77 -11.09
C GLU Q 48 -23.71 -20.05 -9.60
N PRO Q 49 -23.45 -19.06 -8.76
CA PRO Q 49 -23.37 -19.28 -7.32
C PRO Q 49 -24.65 -19.86 -6.75
N GLY Q 50 -24.51 -20.42 -5.54
CA GLY Q 50 -25.64 -20.91 -4.78
C GLY Q 50 -26.41 -22.04 -5.40
N VAL Q 51 -25.84 -22.73 -6.39
CA VAL Q 51 -26.64 -23.66 -7.18
C VAL Q 51 -26.52 -25.09 -6.69
N GLY Q 52 -25.79 -25.32 -5.60
CA GLY Q 52 -25.43 -26.66 -5.21
C GLY Q 52 -23.96 -26.99 -5.37
N LYS Q 53 -23.15 -26.03 -5.81
CA LYS Q 53 -21.76 -26.31 -6.11
C LYS Q 53 -21.00 -26.80 -4.90
N THR Q 54 -21.13 -26.12 -3.76
CA THR Q 54 -20.45 -26.64 -2.59
C THR Q 54 -21.09 -27.93 -2.12
N ALA Q 55 -22.34 -28.17 -2.52
CA ALA Q 55 -22.89 -29.51 -2.35
C ALA Q 55 -22.40 -30.43 -3.44
N ILE Q 56 -22.30 -29.91 -4.66
CA ILE Q 56 -21.55 -30.60 -5.68
C ILE Q 56 -20.21 -31.01 -5.12
N ALA Q 57 -19.57 -30.11 -4.39
CA ALA Q 57 -18.42 -30.47 -3.60
C ALA Q 57 -18.80 -31.64 -2.74
N GLU Q 58 -19.75 -31.41 -1.84
CA GLU Q 58 -20.21 -32.49 -1.00
C GLU Q 58 -20.53 -33.71 -1.82
N GLY Q 59 -21.07 -33.50 -3.02
CA GLY Q 59 -21.29 -34.63 -3.92
C GLY Q 59 -20.06 -35.49 -4.02
N LEU Q 60 -18.91 -34.87 -4.24
CA LEU Q 60 -17.65 -35.60 -4.16
C LEU Q 60 -17.58 -36.30 -2.81
N ALA Q 61 -17.68 -35.50 -1.76
CA ALA Q 61 -17.54 -36.04 -0.41
C ALA Q 61 -18.49 -37.21 -0.19
N GLN Q 62 -19.74 -37.09 -0.62
CA GLN Q 62 -20.58 -38.28 -0.61
C GLN Q 62 -19.89 -39.38 -1.38
N ALA Q 63 -19.71 -39.16 -2.69
CA ALA Q 63 -19.04 -40.15 -3.50
C ALA Q 63 -17.71 -40.56 -2.90
N ILE Q 64 -17.14 -39.72 -2.05
CA ILE Q 64 -15.99 -40.13 -1.28
C ILE Q 64 -16.42 -41.13 -0.23
N VAL Q 65 -17.24 -40.68 0.72
CA VAL Q 65 -17.68 -41.61 1.74
C VAL Q 65 -18.48 -42.73 1.11
N ASN Q 66 -19.10 -42.45 -0.04
CA ASN Q 66 -19.66 -43.53 -0.83
C ASN Q 66 -18.58 -44.47 -1.32
N ASN Q 67 -17.33 -44.03 -1.28
CA ASN Q 67 -16.23 -44.70 -1.97
C ASN Q 67 -16.51 -44.82 -3.46
N GLU Q 68 -17.41 -43.98 -3.96
CA GLU Q 68 -17.48 -43.77 -5.39
C GLU Q 68 -16.20 -43.09 -5.86
N VAL Q 69 -15.46 -42.52 -4.91
CA VAL Q 69 -14.08 -42.13 -5.07
C VAL Q 69 -13.23 -43.36 -5.37
N PRO Q 70 -12.50 -43.40 -6.47
CA PRO Q 70 -11.55 -44.49 -6.66
C PRO Q 70 -10.27 -44.29 -5.88
N GLU Q 71 -9.32 -45.17 -6.12
CA GLU Q 71 -8.35 -45.60 -5.11
C GLU Q 71 -7.67 -44.47 -4.36
N THR Q 72 -6.77 -43.77 -5.04
CA THR Q 72 -5.78 -42.96 -4.36
C THR Q 72 -6.45 -42.05 -3.36
N LEU Q 73 -7.60 -41.55 -3.72
CA LEU Q 73 -8.20 -40.49 -2.95
C LEU Q 73 -9.02 -41.05 -1.81
N LYS Q 74 -9.33 -42.34 -1.87
CA LYS Q 74 -10.27 -42.95 -0.92
C LYS Q 74 -9.83 -42.70 0.51
N ASP Q 75 -8.53 -42.79 0.77
CA ASP Q 75 -8.03 -42.40 2.08
C ASP Q 75 -8.25 -40.93 2.34
N LYS Q 76 -8.02 -40.10 1.33
CA LYS Q 76 -8.15 -38.66 1.53
C LYS Q 76 -9.59 -38.29 1.85
N ARG Q 77 -9.76 -37.14 2.46
CA ARG Q 77 -11.03 -36.70 3.00
C ARG Q 77 -11.26 -35.24 2.67
N VAL Q 78 -12.53 -34.88 2.51
CA VAL Q 78 -12.87 -33.48 2.31
C VAL Q 78 -12.35 -32.64 3.46
N MET Q 79 -12.02 -31.41 3.13
CA MET Q 79 -12.06 -30.32 4.08
C MET Q 79 -12.88 -29.21 3.47
N SER Q 80 -13.83 -28.74 4.25
CA SER Q 80 -14.63 -27.59 3.88
C SER Q 80 -14.03 -26.38 4.57
N LEU Q 81 -13.64 -25.39 3.76
CA LEU Q 81 -13.03 -24.19 4.32
C LEU Q 81 -13.92 -23.56 5.35
N ASP Q 82 -13.29 -22.87 6.28
CA ASP Q 82 -13.97 -21.94 7.15
C ASP Q 82 -13.33 -20.59 6.92
N MET Q 83 -14.14 -19.55 6.75
CA MET Q 83 -13.62 -18.22 6.53
C MET Q 83 -14.07 -17.29 7.64
N GLY Q 84 -13.11 -16.52 8.12
CA GLY Q 84 -13.23 -15.72 9.32
C GLY Q 84 -11.87 -15.07 9.52
N THR Q 85 -11.69 -14.33 10.60
CA THR Q 85 -10.44 -13.60 10.80
C THR Q 85 -10.43 -13.05 12.21
N VAL Q 86 -9.24 -12.67 12.66
CA VAL Q 86 -8.97 -12.45 14.07
C VAL Q 86 -7.81 -11.51 14.31
N GLY Q 94 -3.97 -9.77 15.85
CA GLY Q 94 -2.85 -9.28 15.06
C GLY Q 94 -2.99 -9.67 13.61
N GLU Q 95 -2.13 -10.59 13.15
CA GLU Q 95 -2.30 -11.11 11.81
C GLU Q 95 -3.50 -12.04 11.77
N PHE Q 96 -3.77 -12.55 10.58
CA PHE Q 96 -4.94 -13.35 10.30
C PHE Q 96 -4.49 -14.57 9.53
N GLU Q 97 -3.93 -14.29 8.35
CA GLU Q 97 -3.72 -15.33 7.34
C GLU Q 97 -2.68 -16.35 7.78
N GLU Q 98 -1.73 -15.93 8.61
CA GLU Q 98 -0.69 -16.86 9.01
C GLU Q 98 -1.29 -18.14 9.57
N ARG Q 99 -2.35 -18.00 10.34
CA ARG Q 99 -3.17 -19.15 10.73
C ARG Q 99 -3.49 -19.94 9.48
N LEU Q 100 -4.25 -19.31 8.60
CA LEU Q 100 -4.59 -19.91 7.31
C LEU Q 100 -3.34 -20.38 6.60
N LYS Q 101 -2.25 -19.63 6.70
CA LYS Q 101 -0.97 -20.14 6.25
C LYS Q 101 -0.55 -21.35 7.07
N LYS Q 102 -0.76 -21.28 8.39
CA LYS Q 102 -0.23 -22.33 9.25
C LYS Q 102 -0.84 -23.69 8.95
N VAL Q 103 -2.17 -23.73 8.84
CA VAL Q 103 -2.88 -24.99 8.72
C VAL Q 103 -2.37 -25.83 7.58
N MET Q 104 -1.67 -25.21 6.65
CA MET Q 104 -1.39 -25.87 5.39
C MET Q 104 -0.39 -26.99 5.58
N GLU Q 105 0.67 -26.75 6.34
CA GLU Q 105 1.59 -27.83 6.62
C GLU Q 105 0.90 -28.91 7.41
N GLU Q 106 0.05 -28.51 8.36
CA GLU Q 106 -0.68 -29.46 9.17
C GLU Q 106 -1.37 -30.47 8.29
N ILE Q 107 -2.17 -29.97 7.36
CA ILE Q 107 -2.84 -30.84 6.42
C ILE Q 107 -1.84 -31.47 5.47
N GLN Q 108 -0.76 -30.75 5.13
CA GLN Q 108 0.31 -31.41 4.39
C GLN Q 108 0.98 -32.46 5.26
N GLN Q 109 1.08 -32.19 6.56
CA GLN Q 109 1.58 -33.20 7.48
C GLN Q 109 0.63 -34.38 7.56
N ALA Q 110 -0.66 -34.16 7.27
CA ALA Q 110 -1.66 -35.18 7.45
C ALA Q 110 -1.42 -36.40 6.56
N GLY Q 111 -0.45 -36.33 5.66
CA GLY Q 111 -0.05 -37.45 4.81
C GLY Q 111 -1.23 -37.91 3.93
N ASN Q 112 -4.10 -37.65 3.69
CA ASN Q 112 -5.22 -38.30 4.33
C ASN Q 112 -6.49 -37.49 4.14
N VAL Q 113 -6.38 -36.33 3.49
CA VAL Q 113 -7.48 -35.39 3.36
C VAL Q 113 -7.41 -34.68 2.03
N ILE Q 114 -8.36 -33.77 1.82
CA ILE Q 114 -8.29 -32.75 0.79
C ILE Q 114 -9.13 -31.58 1.28
N LEU Q 115 -8.75 -30.38 0.88
CA LEU Q 115 -9.57 -29.22 1.16
C LEU Q 115 -10.20 -28.71 -0.13
N PHE Q 116 -11.40 -28.17 0.01
CA PHE Q 116 -12.01 -27.40 -1.04
C PHE Q 116 -11.95 -25.93 -0.68
N ILE Q 117 -11.17 -25.18 -1.43
CA ILE Q 117 -11.25 -23.73 -1.33
C ILE Q 117 -12.52 -23.30 -2.02
N ASP Q 118 -13.15 -22.26 -1.51
CA ASP Q 118 -14.56 -22.16 -1.83
C ASP Q 118 -14.81 -21.19 -2.96
N GLU Q 119 -14.77 -19.89 -2.69
CA GLU Q 119 -15.22 -18.94 -3.72
C GLU Q 119 -14.25 -17.81 -3.94
N LEU Q 120 -14.08 -16.95 -2.95
CA LEU Q 120 -13.13 -15.88 -3.15
C LEU Q 120 -11.75 -16.48 -2.99
N HIS Q 121 -11.01 -16.50 -4.08
CA HIS Q 121 -9.68 -16.99 -4.06
C HIS Q 121 -8.98 -15.74 -4.39
N THR Q 122 -8.35 -15.15 -3.40
CA THR Q 122 -8.45 -13.71 -3.38
C THR Q 122 -7.22 -12.95 -3.75
N LEU Q 123 -7.46 -11.91 -4.53
CA LEU Q 123 -6.53 -10.80 -4.68
C LEU Q 123 -6.92 -9.81 -3.59
N VAL Q 124 -6.07 -9.68 -2.58
CA VAL Q 124 -6.44 -9.04 -1.33
C VAL Q 124 -5.44 -7.93 -1.03
N GLY Q 125 -5.83 -7.03 -0.13
CA GLY Q 125 -4.90 -6.06 0.41
C GLY Q 125 -3.90 -6.68 1.36
N ALA Q 126 -4.38 -7.47 2.32
CA ALA Q 126 -3.51 -8.08 3.31
C ALA Q 126 -3.78 -9.56 3.51
N ALA Q 135 -2.65 -11.84 1.79
CA ALA Q 135 -3.09 -11.44 0.45
C ALA Q 135 -2.21 -12.07 -0.59
N SER Q 136 -2.53 -11.81 -1.86
CA SER Q 136 -1.64 -12.16 -2.95
C SER Q 136 -1.23 -13.61 -2.85
N ASN Q 137 0.05 -13.87 -2.62
CA ASN Q 137 0.49 -15.24 -2.43
C ASN Q 137 0.38 -15.55 -0.96
N ILE Q 138 -0.63 -16.32 -0.64
CA ILE Q 138 -0.84 -16.90 0.68
C ILE Q 138 -1.23 -18.35 0.43
N LEU Q 139 -0.36 -19.27 0.82
CA LEU Q 139 -0.41 -20.66 0.40
C LEU Q 139 -0.13 -20.75 -1.08
N LYS Q 140 -0.36 -19.66 -1.80
CA LYS Q 140 -0.24 -19.69 -3.24
C LYS Q 140 1.12 -20.22 -3.65
N PRO Q 141 2.21 -19.86 -2.97
CA PRO Q 141 3.44 -20.62 -3.17
C PRO Q 141 3.31 -22.05 -2.71
N ALA Q 142 2.83 -22.26 -1.48
CA ALA Q 142 2.70 -23.64 -1.02
C ALA Q 142 1.68 -24.36 -1.86
N LEU Q 143 0.70 -23.64 -2.36
CA LEU Q 143 -0.03 -24.12 -3.52
C LEU Q 143 0.98 -24.43 -4.60
N ALA Q 144 1.65 -23.39 -5.09
CA ALA Q 144 2.59 -23.54 -6.18
C ALA Q 144 3.71 -24.52 -5.83
N ARG Q 145 3.81 -24.93 -4.58
CA ARG Q 145 4.72 -25.98 -4.16
C ARG Q 145 4.48 -27.29 -4.92
N GLY Q 146 3.39 -27.38 -5.67
CA GLY Q 146 3.14 -28.60 -6.39
C GLY Q 146 2.76 -29.73 -5.47
N GLU Q 147 2.07 -29.40 -4.39
CA GLU Q 147 1.63 -30.39 -3.42
C GLU Q 147 0.23 -30.00 -2.99
N LEU Q 148 -0.30 -30.75 -2.02
CA LEU Q 148 -1.53 -30.36 -1.35
C LEU Q 148 -2.71 -30.27 -2.29
N GLN Q 149 -3.24 -31.42 -2.68
CA GLN Q 149 -4.49 -31.52 -3.41
C GLN Q 149 -5.59 -30.71 -2.73
N CYS Q 150 -6.24 -29.83 -3.51
CA CYS Q 150 -7.24 -28.89 -3.02
C CYS Q 150 -8.19 -28.58 -4.18
N ILE Q 151 -9.34 -27.97 -3.91
CA ILE Q 151 -10.26 -27.57 -4.97
C ILE Q 151 -10.71 -26.14 -4.74
N GLY Q 152 -10.79 -25.35 -5.82
CA GLY Q 152 -11.42 -24.05 -5.79
C GLY Q 152 -12.75 -24.03 -6.54
N ALA Q 153 -13.43 -22.88 -6.45
CA ALA Q 153 -14.56 -22.58 -7.33
C ALA Q 153 -14.83 -21.09 -7.36
N THR Q 154 -15.44 -20.64 -8.46
CA THR Q 154 -15.94 -19.27 -8.58
C THR Q 154 -16.85 -19.18 -9.79
N THR Q 155 -17.15 -17.97 -10.23
CA THR Q 155 -17.54 -17.73 -11.59
C THR Q 155 -16.42 -16.99 -12.27
N LEU Q 156 -16.32 -17.14 -13.59
CA LEU Q 156 -15.15 -16.67 -14.31
C LEU Q 156 -14.82 -15.24 -13.95
N ASP Q 157 -15.84 -14.45 -13.69
CA ASP Q 157 -15.67 -13.03 -13.43
C ASP Q 157 -14.53 -12.80 -12.46
N GLU Q 158 -14.46 -13.65 -11.44
CA GLU Q 158 -13.26 -13.67 -10.61
C GLU Q 158 -12.16 -14.47 -11.28
N TYR Q 159 -12.52 -15.61 -11.87
CA TYR Q 159 -11.54 -16.53 -12.44
C TYR Q 159 -10.61 -15.81 -13.38
N ARG Q 160 -11.09 -14.76 -14.03
CA ARG Q 160 -10.22 -13.97 -14.90
C ARG Q 160 -8.96 -13.51 -14.20
N LYS Q 161 -8.96 -13.44 -12.88
CA LYS Q 161 -7.83 -12.77 -12.26
C LYS Q 161 -6.82 -13.73 -11.64
N ASN Q 162 -7.10 -14.23 -10.44
CA ASN Q 162 -6.03 -14.75 -9.57
C ASN Q 162 -5.35 -15.95 -10.21
N ILE Q 163 -6.13 -17.00 -10.51
CA ILE Q 163 -5.60 -18.17 -11.19
C ILE Q 163 -4.96 -17.78 -12.52
N GLU Q 164 -5.60 -16.84 -13.22
CA GLU Q 164 -5.16 -16.43 -14.55
C GLU Q 164 -4.01 -15.44 -14.50
N LYS Q 165 -4.13 -14.37 -13.70
CA LYS Q 165 -3.10 -13.34 -13.70
C LYS Q 165 -1.75 -13.91 -13.33
N ASP Q 166 -1.72 -14.95 -12.50
CA ASP Q 166 -0.53 -15.77 -12.43
C ASP Q 166 -0.38 -16.61 -13.70
N ALA Q 167 -1.39 -17.43 -13.98
CA ALA Q 167 -1.30 -18.42 -15.01
C ALA Q 167 -0.52 -19.65 -14.62
N ALA Q 168 0.36 -19.54 -13.62
CA ALA Q 168 0.94 -20.72 -13.02
C ALA Q 168 0.00 -21.30 -11.99
N LEU Q 169 -0.83 -20.46 -11.38
CA LEU Q 169 -1.95 -20.99 -10.63
C LEU Q 169 -3.01 -21.50 -11.58
N GLU Q 170 -3.15 -20.87 -12.73
CA GLU Q 170 -3.75 -21.55 -13.85
C GLU Q 170 -3.03 -22.85 -14.14
N ARG Q 171 -1.70 -22.81 -14.14
CA ARG Q 171 -0.97 -24.06 -14.22
C ARG Q 171 -1.16 -24.90 -12.97
N ARG Q 172 -1.55 -24.28 -11.85
CA ARG Q 172 -1.99 -25.04 -10.69
C ARG Q 172 -3.46 -25.44 -10.72
N PHE Q 173 -4.34 -24.62 -11.30
CA PHE Q 173 -5.76 -24.89 -11.19
C PHE Q 173 -6.32 -25.42 -12.50
N GLN Q 174 -7.32 -26.28 -12.39
CA GLN Q 174 -8.07 -26.76 -13.54
C GLN Q 174 -9.48 -26.21 -13.46
N PRO Q 175 -9.84 -25.37 -14.41
CA PRO Q 175 -11.17 -24.78 -14.40
C PRO Q 175 -12.20 -25.74 -14.98
N VAL Q 176 -13.38 -25.71 -14.39
CA VAL Q 176 -14.53 -26.47 -14.87
C VAL Q 176 -15.77 -25.65 -14.55
N GLN Q 177 -16.78 -25.79 -15.38
CA GLN Q 177 -18.05 -25.11 -15.14
C GLN Q 177 -19.18 -26.02 -15.58
N VAL Q 178 -20.34 -25.83 -14.98
CA VAL Q 178 -21.53 -26.57 -15.34
C VAL Q 178 -22.72 -25.61 -15.32
N ASP Q 179 -23.58 -25.76 -16.31
CA ASP Q 179 -24.75 -24.91 -16.46
C ASP Q 179 -25.78 -25.24 -15.39
N GLU Q 180 -26.73 -24.33 -15.23
CA GLU Q 180 -27.86 -24.64 -14.38
C GLU Q 180 -28.45 -25.97 -14.82
N PRO Q 181 -28.70 -26.88 -13.90
CA PRO Q 181 -29.22 -28.20 -14.27
C PRO Q 181 -30.51 -28.09 -15.05
N ARG R 1 -39.79 -36.24 25.68
CA ARG R 1 -40.22 -37.24 26.65
C ARG R 1 -39.09 -38.22 26.96
N LEU R 2 -39.04 -38.71 28.20
CA LEU R 2 -38.16 -39.81 28.53
C LEU R 2 -38.69 -41.10 27.92
N THR R 3 -38.02 -42.21 28.24
CA THR R 3 -38.40 -43.53 27.75
C THR R 3 -38.34 -44.57 28.87
N GLU R 4 -37.68 -45.69 28.58
CA GLU R 4 -37.54 -46.78 29.54
C GLU R 4 -36.67 -46.35 30.74
N ARG R 5 -35.36 -46.32 30.53
CA ARG R 5 -34.44 -45.92 31.58
C ARG R 5 -34.83 -44.55 32.11
N ALA R 6 -35.05 -44.46 33.42
CA ALA R 6 -35.45 -43.20 34.04
C ALA R 6 -36.97 -43.17 34.16
N GLN R 7 -37.65 -43.23 33.02
CA GLN R 7 -39.11 -43.22 32.99
C GLN R 7 -39.59 -44.40 33.83
N ARG R 8 -39.05 -45.58 33.52
CA ARG R 8 -39.40 -46.79 34.25
C ARG R 8 -39.10 -46.56 35.73
N VAL R 9 -37.88 -46.11 36.01
CA VAL R 9 -37.48 -45.80 37.38
C VAL R 9 -38.46 -44.74 37.86
N LEU R 10 -39.24 -44.21 36.92
CA LEU R 10 -40.24 -43.20 37.21
C LEU R 10 -41.60 -43.83 37.44
N ALA R 11 -41.91 -44.94 36.76
CA ALA R 11 -43.17 -45.62 36.99
C ALA R 11 -43.13 -46.41 38.29
N HIS R 12 -42.01 -47.08 38.56
CA HIS R 12 -41.88 -47.70 39.87
C HIS R 12 -41.84 -46.64 40.94
N ALA R 13 -41.33 -45.45 40.60
CA ALA R 13 -41.55 -44.27 41.43
C ALA R 13 -43.04 -43.99 41.56
N GLN R 14 -43.74 -43.94 40.43
CA GLN R 14 -45.20 -43.83 40.46
C GLN R 14 -45.81 -45.03 41.18
N GLU R 15 -45.25 -46.22 40.92
CA GLU R 15 -45.64 -47.39 41.71
C GLU R 15 -45.35 -47.17 43.19
N GLU R 16 -44.18 -46.59 43.49
CA GLU R 16 -43.91 -46.18 44.85
C GLU R 16 -44.78 -45.00 45.26
N ALA R 17 -45.08 -44.10 44.32
CA ALA R 17 -46.05 -43.06 44.58
C ALA R 17 -47.44 -43.62 44.80
N ILE R 18 -47.68 -44.85 44.35
CA ILE R 18 -48.88 -45.57 44.73
C ILE R 18 -48.67 -46.45 45.95
N ARG R 19 -47.42 -46.63 46.39
CA ARG R 19 -47.17 -47.45 47.57
C ARG R 19 -47.63 -46.74 48.85
N LEU R 20 -47.06 -45.57 49.12
CA LEU R 20 -47.45 -44.77 50.27
C LEU R 20 -48.39 -43.63 49.91
N ASN R 21 -48.79 -43.52 48.63
CA ASN R 21 -49.68 -42.48 48.13
C ASN R 21 -49.32 -41.10 48.70
N HIS R 22 -48.18 -40.57 48.30
CA HIS R 22 -47.73 -39.29 48.83
C HIS R 22 -48.56 -38.16 48.21
N SER R 23 -48.71 -37.04 48.93
CA SER R 23 -49.37 -35.88 48.32
C SER R 23 -48.54 -35.25 47.24
N ASN R 24 -47.25 -35.60 47.17
CA ASN R 24 -46.28 -34.87 46.40
C ASN R 24 -45.21 -35.88 46.00
N ILE R 25 -44.52 -35.62 44.89
CA ILE R 25 -43.52 -36.57 44.42
C ILE R 25 -42.20 -36.23 45.09
N GLY R 26 -41.80 -37.07 46.03
CA GLY R 26 -40.56 -36.91 46.74
C GLY R 26 -39.40 -37.21 45.80
N THR R 27 -38.23 -36.63 46.07
CA THR R 27 -37.02 -37.08 45.37
C THR R 27 -36.82 -38.58 45.43
N GLU R 28 -37.42 -39.23 46.43
CA GLU R 28 -37.13 -40.61 46.73
C GLU R 28 -38.02 -41.60 45.98
N HIS R 29 -39.13 -41.15 45.40
CA HIS R 29 -40.00 -42.07 44.66
C HIS R 29 -39.18 -42.91 43.69
N LEU R 30 -38.34 -42.24 42.90
CA LEU R 30 -37.50 -42.98 41.99
C LEU R 30 -36.23 -43.49 42.68
N LEU R 31 -35.84 -42.90 43.82
CA LEU R 31 -34.68 -43.41 44.54
C LEU R 31 -34.96 -44.80 45.10
N LEU R 32 -36.04 -44.93 45.87
CA LEU R 32 -36.45 -46.27 46.27
C LEU R 32 -36.97 -47.08 45.10
N GLY R 33 -37.29 -46.43 43.97
CA GLY R 33 -37.53 -47.16 42.74
C GLY R 33 -36.24 -47.54 42.03
N LEU R 34 -35.25 -46.65 42.04
CA LEU R 34 -33.93 -46.97 41.53
C LEU R 34 -33.46 -48.33 42.03
N MET R 35 -33.25 -48.42 43.34
CA MET R 35 -33.14 -49.71 43.98
C MET R 35 -34.41 -50.51 43.73
N LYS R 36 -34.26 -51.77 43.35
CA LYS R 36 -35.43 -52.64 43.33
C LYS R 36 -35.76 -53.13 44.73
N GLU R 37 -34.74 -53.49 45.47
CA GLU R 37 -34.83 -54.11 46.77
C GLU R 37 -33.41 -54.00 47.31
N PRO R 38 -33.11 -54.35 48.57
CA PRO R 38 -31.74 -54.13 49.09
C PRO R 38 -30.62 -54.70 48.23
N GLU R 39 -30.98 -55.40 47.15
CA GLU R 39 -30.00 -55.99 46.26
C GLU R 39 -28.91 -54.99 45.92
N GLY R 40 -27.68 -55.48 45.90
CA GLY R 40 -26.61 -54.75 45.23
C GLY R 40 -26.77 -54.76 43.72
N ILE R 41 -27.70 -55.57 43.20
CA ILE R 41 -27.82 -55.73 41.76
C ILE R 41 -28.11 -54.42 41.05
N ALA R 42 -25.70 -50.27 44.67
CA ALA R 42 -24.27 -50.40 44.92
C ALA R 42 -23.45 -49.98 43.72
N ALA R 43 -23.75 -50.60 42.58
CA ALA R 43 -23.17 -50.28 41.29
C ALA R 43 -23.37 -48.81 40.94
N LYS R 44 -24.18 -48.11 41.73
CA LYS R 44 -24.39 -46.68 41.50
C LYS R 44 -23.08 -45.91 41.59
N VAL R 45 -23.02 -44.88 40.75
CA VAL R 45 -21.90 -44.00 40.48
C VAL R 45 -21.64 -43.02 41.62
N LEU R 46 -22.49 -43.02 42.66
CA LEU R 46 -22.33 -42.16 43.83
C LEU R 46 -21.69 -42.94 44.96
N GLU R 47 -22.36 -44.01 45.39
CA GLU R 47 -21.82 -44.85 46.47
C GLU R 47 -20.35 -45.20 46.22
N SER R 48 -20.05 -45.67 45.01
CA SER R 48 -18.65 -45.84 44.64
C SER R 48 -17.88 -44.53 44.83
N PHE R 49 -18.43 -43.42 44.37
CA PHE R 49 -17.78 -42.14 44.54
C PHE R 49 -17.75 -41.60 45.95
N ASN R 50 -18.93 -41.38 46.55
CA ASN R 50 -18.95 -40.70 47.84
C ASN R 50 -19.88 -41.34 48.87
N ILE R 51 -21.18 -41.24 48.65
CA ILE R 51 -22.19 -41.51 49.68
C ILE R 51 -22.73 -42.93 49.54
N THR R 52 -22.54 -43.74 50.58
CA THR R 52 -23.14 -45.06 50.63
C THR R 52 -24.63 -44.99 50.36
N GLU R 53 -25.13 -45.88 49.49
CA GLU R 53 -26.57 -45.92 49.26
C GLU R 53 -27.27 -46.75 50.33
N ASP R 54 -26.64 -47.81 50.85
CA ASP R 54 -27.18 -48.46 52.04
C ASP R 54 -27.41 -47.43 53.12
N LYS R 55 -26.43 -46.53 53.30
CA LYS R 55 -26.65 -45.30 54.05
C LYS R 55 -27.77 -44.46 53.43
N VAL R 56 -27.76 -44.32 52.11
CA VAL R 56 -28.70 -43.40 51.46
C VAL R 56 -30.08 -44.04 51.27
N ILE R 57 -30.13 -45.32 50.89
CA ILE R 57 -31.40 -46.02 50.71
C ILE R 57 -32.27 -45.95 51.95
N GLU R 58 -31.75 -46.44 53.08
CA GLU R 58 -32.60 -46.54 54.26
C GLU R 58 -33.12 -45.18 54.68
N GLU R 59 -32.29 -44.15 54.56
CA GLU R 59 -32.72 -42.84 55.03
C GLU R 59 -33.68 -42.18 54.03
N VAL R 60 -33.54 -42.48 52.74
CA VAL R 60 -34.52 -41.96 51.80
C VAL R 60 -35.83 -42.73 51.93
N GLU R 61 -35.77 -43.99 52.33
CA GLU R 61 -36.98 -44.77 52.52
C GLU R 61 -37.90 -44.11 53.55
N LYS R 62 -37.33 -43.70 54.67
CA LYS R 62 -38.12 -43.05 55.71
C LYS R 62 -38.55 -41.65 55.32
N LEU R 63 -38.09 -41.13 54.19
CA LEU R 63 -38.68 -39.90 53.70
C LEU R 63 -39.97 -40.19 52.95
N ILE R 64 -40.05 -41.35 52.30
CA ILE R 64 -41.30 -41.77 51.69
C ILE R 64 -42.43 -41.76 52.68
N GLY R 65 -42.14 -42.06 53.95
CA GLY R 65 -43.17 -42.17 54.97
C GLY R 65 -43.43 -40.86 55.71
N HIS R 66 -49.89 -37.81 54.97
CA HIS R 66 -50.60 -38.90 54.31
C HIS R 66 -51.70 -38.36 53.40
N GLY R 67 -51.76 -38.90 52.20
CA GLY R 67 -52.65 -38.42 51.14
C GLY R 67 -53.57 -39.56 50.71
N GLN R 68 -54.42 -39.28 49.71
CA GLN R 68 -55.44 -40.21 49.25
C GLN R 68 -55.20 -40.52 47.78
N ASP R 69 -55.96 -41.44 47.15
CA ASP R 69 -55.54 -41.95 45.83
C ASP R 69 -55.44 -40.91 44.72
N HIS R 70 -56.43 -40.03 44.58
CA HIS R 70 -56.37 -39.08 43.48
C HIS R 70 -55.23 -38.09 43.64
N VAL R 71 -55.09 -37.39 44.78
CA VAL R 71 -53.87 -36.60 44.99
C VAL R 71 -52.62 -37.44 45.19
N GLY R 72 -52.73 -38.75 45.39
CA GLY R 72 -51.55 -39.59 45.30
C GLY R 72 -50.88 -39.39 43.95
N THR R 73 -49.55 -39.38 43.95
CA THR R 73 -48.70 -39.14 42.78
C THR R 73 -49.18 -37.94 41.95
N LEU R 74 -49.69 -36.90 42.62
CA LEU R 74 -50.24 -35.78 41.87
C LEU R 74 -49.15 -34.80 41.44
N HIS R 75 -48.19 -34.50 42.32
CA HIS R 75 -47.35 -33.36 42.02
C HIS R 75 -45.87 -33.66 42.24
N TYR R 76 -45.02 -33.16 41.35
CA TYR R 76 -43.59 -33.51 41.36
C TYR R 76 -42.80 -33.00 42.54
N THR R 77 -43.36 -32.12 43.37
CA THR R 77 -42.58 -31.38 44.36
C THR R 77 -41.56 -30.50 43.68
N PRO R 78 -42.00 -29.35 43.15
CA PRO R 78 -41.22 -28.56 42.20
C PRO R 78 -39.76 -28.41 42.59
N ARG R 79 -39.46 -28.40 43.90
CA ARG R 79 -38.08 -28.60 44.33
C ARG R 79 -37.48 -29.82 43.64
N ALA R 80 -38.21 -30.94 43.64
CA ALA R 80 -37.88 -32.05 42.76
C ALA R 80 -38.39 -31.84 41.34
N LYS R 81 -39.48 -31.09 41.18
CA LYS R 81 -40.14 -31.00 39.89
C LYS R 81 -39.20 -30.64 38.75
N LYS R 82 -38.27 -29.72 38.98
CA LYS R 82 -37.30 -29.38 37.96
C LYS R 82 -36.48 -30.60 37.56
N VAL R 83 -36.26 -31.51 38.51
CA VAL R 83 -35.19 -32.49 38.37
C VAL R 83 -35.44 -33.40 37.17
N ILE R 84 -36.70 -33.72 36.91
CA ILE R 84 -37.01 -34.47 35.71
C ILE R 84 -36.63 -33.67 34.46
N GLU R 85 -36.97 -32.39 34.45
CA GLU R 85 -36.48 -31.55 33.37
C GLU R 85 -35.00 -31.24 33.56
N LEU R 86 -34.58 -31.05 34.81
CA LEU R 86 -33.17 -31.03 35.11
C LEU R 86 -32.50 -32.34 34.70
N SER R 87 -33.26 -33.44 34.69
CA SER R 87 -32.72 -34.67 34.14
C SER R 87 -32.40 -34.51 32.67
N MET R 88 -33.22 -33.74 31.96
CA MET R 88 -33.00 -33.50 30.55
C MET R 88 -31.72 -32.72 30.28
N ASP R 89 -31.07 -32.21 31.32
CA ASP R 89 -29.97 -31.26 31.13
C ASP R 89 -28.72 -31.90 30.54
N GLU R 90 -28.38 -33.13 30.95
CA GLU R 90 -27.01 -33.61 30.81
C GLU R 90 -26.79 -34.46 29.56
N ALA R 91 -27.82 -34.67 28.72
CA ALA R 91 -27.65 -35.58 27.59
C ALA R 91 -26.49 -35.16 26.70
N ARG R 92 -26.15 -33.88 26.68
CA ARG R 92 -25.08 -33.40 25.81
C ARG R 92 -23.69 -33.66 26.40
N LYS R 93 -23.51 -33.43 27.70
CA LYS R 93 -22.22 -33.75 28.32
C LYS R 93 -22.11 -35.23 28.65
N LEU R 94 -23.21 -35.86 29.04
CA LEU R 94 -23.27 -37.31 28.89
C LEU R 94 -23.22 -37.72 27.43
N HIS R 95 -23.31 -36.75 26.52
CA HIS R 95 -23.04 -36.95 25.10
C HIS R 95 -24.03 -37.96 24.51
N HIS R 96 -25.30 -37.57 24.57
CA HIS R 96 -26.43 -38.47 24.37
C HIS R 96 -27.55 -37.71 23.68
N ASN R 97 -28.29 -38.40 22.82
CA ASN R 97 -29.52 -37.83 22.29
C ASN R 97 -30.69 -37.98 23.26
N PHE R 98 -30.67 -39.03 24.08
CA PHE R 98 -31.74 -39.32 25.02
C PHE R 98 -31.19 -39.38 26.45
N VAL R 99 -32.12 -39.37 27.39
CA VAL R 99 -31.85 -39.05 28.78
C VAL R 99 -32.11 -40.31 29.59
N GLY R 100 -31.04 -40.92 30.08
CA GLY R 100 -31.13 -42.27 30.62
C GLY R 100 -31.29 -42.27 32.13
N THR R 101 -31.29 -43.47 32.71
CA THR R 101 -31.47 -43.62 34.14
C THR R 101 -30.29 -43.09 34.94
N GLU R 102 -29.11 -42.99 34.32
CA GLU R 102 -28.01 -42.29 34.95
C GLU R 102 -28.22 -40.78 34.90
N HIS R 103 -28.97 -40.32 33.91
CA HIS R 103 -29.17 -38.89 33.67
C HIS R 103 -30.24 -38.32 34.59
N ILE R 104 -31.33 -39.05 34.80
CA ILE R 104 -32.33 -38.62 35.76
C ILE R 104 -31.72 -38.48 37.14
N LEU R 105 -31.03 -39.52 37.60
CA LEU R 105 -30.30 -39.43 38.85
C LEU R 105 -29.29 -38.30 38.80
N LEU R 106 -28.69 -38.06 37.63
CA LEU R 106 -27.74 -36.96 37.50
C LEU R 106 -28.36 -35.66 37.95
N GLY R 107 -29.61 -35.42 37.59
CA GLY R 107 -30.27 -34.24 38.10
C GLY R 107 -30.71 -34.43 39.53
N LEU R 108 -31.02 -35.67 39.91
CA LEU R 108 -31.40 -35.94 41.29
C LEU R 108 -30.31 -35.55 42.26
N ASN R 112 -29.35 -33.05 43.34
CA ASN R 112 -29.69 -31.92 44.20
C ASN R 112 -30.81 -32.29 45.17
N GLU R 113 -32.07 -32.36 44.71
CA GLU R 113 -33.16 -32.56 45.66
C GLU R 113 -33.20 -34.00 46.15
N GLY R 114 -32.68 -34.94 45.37
CA GLY R 114 -32.48 -36.28 45.91
C GLY R 114 -31.11 -36.21 46.55
N VAL R 115 -31.13 -36.13 47.87
CA VAL R 115 -29.95 -35.89 48.67
C VAL R 115 -30.43 -35.63 50.07
N ALA R 116 -29.52 -35.69 51.03
CA ALA R 116 -29.70 -34.96 52.27
C ALA R 116 -28.59 -33.92 52.26
N ALA R 117 -28.93 -32.69 51.95
CA ALA R 117 -27.94 -31.62 51.87
C ALA R 117 -28.27 -30.69 53.02
N ARG R 118 -27.46 -30.78 54.08
CA ARG R 118 -27.83 -30.35 55.42
C ARG R 118 -26.56 -30.18 56.23
N VAL R 119 -26.70 -30.03 57.56
CA VAL R 119 -25.56 -30.03 58.46
C VAL R 119 -24.72 -31.29 58.23
N PHE R 120 -25.36 -32.45 58.22
CA PHE R 120 -24.75 -33.69 57.74
C PHE R 120 -25.25 -33.90 56.31
N ALA R 121 -24.37 -33.69 55.33
CA ALA R 121 -24.78 -33.69 53.95
C ALA R 121 -24.57 -35.08 53.36
N ASN R 122 -25.67 -35.76 53.04
CA ASN R 122 -25.62 -36.80 52.03
C ASN R 122 -26.20 -36.08 50.81
N LEU R 123 -25.32 -35.53 50.01
CA LEU R 123 -25.71 -34.91 48.76
C LEU R 123 -25.80 -36.06 47.77
N ASP R 124 -25.86 -35.72 46.50
CA ASP R 124 -25.43 -36.65 45.48
C ASP R 124 -24.39 -35.94 44.64
N LEU R 125 -23.25 -36.60 44.46
CA LEU R 125 -22.11 -36.01 43.76
C LEU R 125 -22.58 -35.52 42.39
N ASN R 126 -22.37 -34.24 42.12
CA ASN R 126 -23.02 -33.59 40.98
C ASN R 126 -22.37 -34.00 39.66
N ILE R 127 -21.08 -33.67 39.48
CA ILE R 127 -20.38 -33.89 38.22
C ILE R 127 -19.35 -35.01 38.34
N THR R 128 -18.40 -34.88 39.27
CA THR R 128 -17.17 -35.66 39.24
C THR R 128 -17.42 -37.16 39.13
N LYS R 129 -18.18 -37.73 40.06
CA LYS R 129 -18.19 -39.18 40.21
C LYS R 129 -19.02 -39.86 39.13
N ALA R 130 -20.19 -39.29 38.81
CA ALA R 130 -21.06 -39.93 37.80
C ALA R 130 -20.33 -40.04 36.47
N ARG R 131 -19.79 -38.93 35.97
CA ARG R 131 -19.21 -38.88 34.64
C ARG R 131 -18.19 -39.99 34.41
N ALA R 132 -17.07 -39.95 35.14
CA ALA R 132 -16.04 -40.96 34.95
C ALA R 132 -16.55 -42.36 35.29
N GLN R 133 -17.52 -42.45 36.19
CA GLN R 133 -18.14 -43.75 36.42
C GLN R 133 -19.29 -44.01 35.46
N VAL R 134 -19.76 -42.99 34.74
CA VAL R 134 -20.47 -43.23 33.50
C VAL R 134 -19.50 -43.47 32.36
N VAL R 135 -18.29 -42.89 32.42
CA VAL R 135 -17.21 -43.38 31.59
C VAL R 135 -16.95 -44.84 31.90
N LYS R 136 -17.20 -45.25 33.14
CA LYS R 136 -17.28 -46.67 33.45
C LYS R 136 -18.57 -47.28 32.90
N ALA R 137 -19.71 -46.67 33.22
CA ALA R 137 -21.02 -47.24 32.90
C ALA R 137 -21.56 -46.56 31.65
N LEU R 138 -21.54 -47.29 30.54
CA LEU R 138 -21.84 -46.75 29.21
C LEU R 138 -20.84 -45.65 28.88
N GLY R 139 -21.28 -44.50 28.42
CA GLY R 139 -20.52 -43.45 27.79
C GLY R 139 -21.44 -42.71 26.83
N ASN R 140 -20.85 -42.11 25.79
CA ASN R 140 -21.65 -41.85 24.60
C ASN R 140 -22.29 -43.15 24.11
N PRO R 141 -21.71 -44.29 24.49
CA PRO R 141 -22.13 -45.61 24.08
C PRO R 141 -23.63 -45.79 24.25
N GLU R 142 -24.20 -45.15 25.27
CA GLU R 142 -25.62 -45.24 25.53
C GLU R 142 -26.37 -44.04 24.94
N MET R 143 -26.45 -44.00 23.62
CA MET R 143 -27.13 -42.91 22.93
C MET R 143 -28.56 -42.73 23.46
N SER R 144 -29.29 -43.84 23.54
CA SER R 144 -30.67 -43.80 24.03
C SER R 144 -31.65 -44.23 22.94
N ASN R 145 -32.93 -44.28 23.28
CA ASN R 145 -33.96 -44.67 22.34
C ASN R 145 -34.23 -46.17 22.39
N LYS R 146 -34.72 -46.64 23.53
CA LYS R 146 -35.01 -48.05 23.71
C LYS R 146 -36.13 -48.26 24.73
N ASN R 147 -35.78 -48.17 26.01
CA ASN R 147 -36.75 -48.34 27.07
C ASN R 147 -36.13 -48.15 28.45
N ALA R 148 -35.01 -48.83 28.69
CA ALA R 148 -34.32 -48.73 29.97
C ALA R 148 -33.78 -50.10 30.39
N GLN R 149 -32.54 -50.38 30.00
CA GLN R 149 -31.91 -51.65 30.35
C GLN R 149 -30.46 -51.43 30.79
N ALA R 150 -30.22 -51.60 32.09
CA ALA R 150 -28.88 -51.43 32.64
C ALA R 150 -28.90 -51.44 34.17
N SER R 151 -29.76 -52.29 34.73
CA SER R 151 -29.88 -52.39 36.18
C SER R 151 -28.77 -53.25 36.77
N LYS R 152 -28.28 -52.87 37.95
CA LYS R 152 -27.22 -53.59 38.61
C LYS R 152 -26.01 -53.77 37.70
N SER R 153 -25.47 -54.98 37.67
CA SER R 153 -24.30 -55.29 36.84
C SER R 153 -24.70 -55.55 35.39
N ASN R 154 -24.89 -54.49 34.62
CA ASN R 154 -25.27 -54.62 33.22
C ASN R 154 -24.97 -53.34 32.45
N ASN R 155 -26.01 -52.75 31.85
CA ASN R 155 -25.86 -51.52 31.09
C ASN R 155 -24.87 -51.71 29.93
N LYS S 1 -38.46 -10.87 -54.25
CA LYS S 1 -39.88 -11.18 -54.16
C LYS S 1 -40.12 -12.24 -53.11
N LEU S 2 -41.17 -12.04 -52.33
CA LEU S 2 -41.51 -12.96 -51.26
C LEU S 2 -42.84 -13.59 -51.62
N THR S 3 -42.80 -14.86 -52.00
CA THR S 3 -43.94 -15.48 -52.67
C THR S 3 -45.10 -15.69 -51.71
N LYS S 4 -46.28 -15.88 -52.30
CA LYS S 4 -47.49 -16.17 -51.55
C LYS S 4 -47.18 -17.22 -50.51
N GLU S 5 -46.32 -18.16 -50.89
CA GLU S 5 -45.73 -19.10 -49.96
C GLU S 5 -45.31 -18.35 -48.73
N GLU S 6 -44.25 -17.55 -48.91
CA GLU S 6 -43.65 -16.84 -47.80
C GLU S 6 -44.71 -16.16 -46.98
N LEU S 7 -45.60 -15.45 -47.66
CA LEU S 7 -46.65 -14.70 -46.99
C LEU S 7 -47.29 -15.59 -45.95
N LYS S 8 -48.07 -16.56 -46.40
CA LYS S 8 -48.74 -17.41 -45.42
C LYS S 8 -47.73 -18.20 -44.60
N GLU S 9 -46.59 -18.53 -45.19
CA GLU S 9 -45.55 -19.20 -44.42
C GLU S 9 -45.14 -18.33 -43.25
N ILE S 10 -44.78 -17.09 -43.51
CA ILE S 10 -44.46 -16.21 -42.40
C ILE S 10 -45.67 -16.06 -41.50
N VAL S 11 -46.85 -15.95 -42.11
CA VAL S 11 -48.07 -15.93 -41.33
C VAL S 11 -48.09 -17.05 -40.32
N THR S 12 -47.56 -18.20 -40.68
CA THR S 12 -47.34 -19.20 -39.67
C THR S 12 -46.50 -18.62 -38.56
N MET S 13 -45.21 -18.43 -38.83
CA MET S 13 -44.30 -18.13 -37.75
C MET S 13 -44.75 -16.87 -37.04
N MET S 14 -45.52 -16.04 -37.73
CA MET S 14 -46.28 -15.01 -37.03
C MET S 14 -47.02 -15.60 -35.85
N VAL S 15 -47.66 -16.75 -36.06
CA VAL S 15 -48.40 -17.35 -34.96
C VAL S 15 -47.48 -17.74 -33.82
N ASN S 16 -46.20 -17.97 -34.12
CA ASN S 16 -45.32 -18.56 -33.13
C ASN S 16 -45.31 -17.75 -31.86
N LYS S 17 -44.98 -16.47 -31.97
CA LYS S 17 -44.96 -15.60 -30.80
C LYS S 17 -46.18 -15.78 -29.94
N LEU S 18 -47.34 -15.88 -30.57
CA LEU S 18 -48.58 -16.14 -29.86
C LEU S 18 -48.38 -17.40 -29.05
N THR S 19 -48.31 -18.50 -29.77
CA THR S 19 -48.15 -19.80 -29.12
C THR S 19 -46.92 -19.79 -28.22
N ASN S 20 -45.75 -19.51 -28.79
CA ASN S 20 -44.50 -19.67 -28.03
C ASN S 20 -44.49 -18.83 -26.78
N ARG S 21 -45.42 -17.90 -26.68
CA ARG S 21 -45.57 -17.12 -25.48
C ARG S 21 -46.91 -17.41 -24.83
N LEU S 22 -47.99 -17.13 -25.53
CA LEU S 22 -49.27 -17.02 -24.85
C LEU S 22 -49.69 -18.42 -24.47
N SER S 23 -49.94 -19.23 -25.48
CA SER S 23 -50.19 -20.62 -25.20
C SER S 23 -48.97 -21.28 -24.55
N GLU S 24 -47.84 -20.57 -24.44
CA GLU S 24 -46.74 -21.07 -23.65
C GLU S 24 -46.50 -20.30 -22.36
N GLN S 25 -50.70 -18.23 -21.28
CA GLN S 25 -52.14 -18.45 -21.50
C GLN S 25 -52.50 -19.92 -21.64
N ASN S 26 -51.75 -20.66 -22.44
CA ASN S 26 -52.04 -22.07 -22.65
C ASN S 26 -53.44 -22.26 -23.23
N ILE S 27 -53.59 -21.81 -24.48
CA ILE S 27 -54.89 -21.79 -25.11
C ILE S 27 -54.80 -22.32 -26.53
N ASN S 28 -55.54 -23.39 -26.81
CA ASN S 28 -55.49 -24.02 -28.12
C ASN S 28 -55.88 -23.04 -29.22
N ILE S 29 -55.37 -23.30 -30.41
CA ILE S 29 -55.49 -22.32 -31.48
C ILE S 29 -56.00 -22.97 -32.75
N ILE S 30 -57.03 -22.37 -33.34
CA ILE S 30 -57.53 -22.78 -34.64
C ILE S 30 -57.17 -21.75 -35.69
N VAL S 31 -57.06 -22.23 -36.92
CA VAL S 31 -56.53 -21.42 -38.01
C VAL S 31 -57.43 -21.57 -39.22
N THR S 32 -58.04 -20.48 -39.66
CA THR S 32 -58.88 -20.51 -40.85
C THR S 32 -58.08 -19.94 -42.01
N ASP S 33 -57.63 -20.83 -42.89
CA ASP S 33 -56.77 -20.42 -43.98
C ASP S 33 -57.36 -19.25 -44.72
N LYS S 34 -58.62 -19.37 -45.10
CA LYS S 34 -59.36 -18.32 -45.76
C LYS S 34 -59.11 -17.00 -45.07
N ALA S 35 -59.63 -16.86 -43.85
CA ALA S 35 -59.35 -15.67 -43.08
C ALA S 35 -57.86 -15.41 -43.03
N LYS S 36 -57.10 -16.42 -42.59
CA LYS S 36 -55.64 -16.29 -42.56
C LYS S 36 -55.16 -15.70 -43.85
N ASP S 37 -55.65 -16.23 -44.95
CA ASP S 37 -55.30 -15.68 -46.25
C ASP S 37 -55.95 -14.32 -46.43
N LYS S 38 -57.26 -14.22 -46.18
CA LYS S 38 -57.92 -12.92 -46.18
C LYS S 38 -57.13 -11.93 -45.35
N ILE S 39 -56.72 -12.35 -44.17
CA ILE S 39 -55.71 -11.59 -43.45
C ILE S 39 -54.48 -11.44 -44.33
N ALA S 40 -53.83 -12.56 -44.64
CA ALA S 40 -52.61 -12.52 -45.45
C ALA S 40 -52.78 -11.69 -46.70
N GLU S 41 -53.95 -11.79 -47.33
CA GLU S 41 -54.36 -10.89 -48.39
C GLU S 41 -54.07 -9.47 -47.97
N GLU S 42 -54.81 -8.98 -47.00
CA GLU S 42 -54.48 -7.69 -46.44
C GLU S 42 -53.18 -7.72 -45.66
N GLY S 43 -52.67 -8.90 -45.36
CA GLY S 43 -51.44 -9.00 -44.61
C GLY S 43 -50.26 -8.46 -45.35
N TYR S 44 -50.01 -8.98 -46.54
CA TYR S 44 -48.86 -8.52 -47.28
C TYR S 44 -49.15 -7.20 -47.94
N ASP S 45 -48.24 -6.26 -47.77
CA ASP S 45 -48.21 -5.06 -48.60
C ASP S 45 -46.99 -5.13 -49.49
N PRO S 46 -47.10 -4.56 -50.67
CA PRO S 46 -45.92 -4.46 -51.52
C PRO S 46 -44.83 -3.71 -50.80
N GLU S 47 -45.03 -2.41 -50.63
CA GLU S 47 -44.00 -1.53 -50.10
C GLU S 47 -43.46 -2.00 -48.76
N TYR S 48 -44.32 -2.06 -47.76
CA TYR S 48 -43.87 -2.37 -46.41
C TYR S 48 -43.69 -3.87 -46.21
N GLY S 49 -43.89 -4.66 -47.25
CA GLY S 49 -43.94 -6.09 -47.07
C GLY S 49 -45.23 -6.43 -46.36
N ALA S 50 -45.29 -7.67 -45.88
CA ALA S 50 -46.37 -8.01 -44.98
C ALA S 50 -46.15 -7.43 -43.60
N ARG S 51 -45.02 -6.77 -43.37
CA ARG S 51 -44.55 -6.37 -42.04
C ARG S 51 -45.66 -5.87 -41.15
N PRO S 52 -46.62 -5.08 -41.65
CA PRO S 52 -47.75 -4.71 -40.81
C PRO S 52 -48.42 -5.88 -40.13
N LEU S 53 -48.23 -7.07 -40.67
CA LEU S 53 -48.96 -8.24 -40.19
C LEU S 53 -48.94 -8.32 -38.68
N ILE S 54 -47.79 -8.08 -38.10
CA ILE S 54 -47.66 -8.06 -36.66
C ILE S 54 -48.80 -7.27 -36.06
N ARG S 55 -48.81 -5.98 -36.31
CA ARG S 55 -49.96 -5.19 -35.93
C ARG S 55 -51.22 -5.84 -36.45
N ALA S 56 -51.26 -6.08 -37.76
CA ALA S 56 -52.46 -6.55 -38.42
C ALA S 56 -53.14 -7.61 -37.59
N ILE S 57 -52.42 -8.70 -37.37
CA ILE S 57 -52.89 -9.76 -36.49
C ILE S 57 -53.40 -9.19 -35.19
N GLN S 58 -52.50 -8.70 -34.36
CA GLN S 58 -52.77 -8.48 -32.95
C GLN S 58 -54.12 -7.82 -32.76
N LYS S 59 -54.41 -6.88 -33.65
CA LYS S 59 -55.53 -5.96 -33.50
C LYS S 59 -56.78 -6.73 -33.13
N THR S 60 -57.30 -7.47 -34.10
CA THR S 60 -58.47 -8.29 -33.91
C THR S 60 -58.13 -9.59 -33.21
N ILE S 61 -56.93 -10.10 -33.45
CA ILE S 61 -56.64 -11.47 -33.11
C ILE S 61 -56.53 -11.57 -31.61
N GLU S 62 -55.52 -10.92 -31.05
CA GLU S 62 -55.43 -10.83 -29.62
C GLU S 62 -56.74 -10.39 -29.03
N ASP S 63 -57.43 -9.48 -29.72
CA ASP S 63 -58.72 -9.01 -29.28
C ASP S 63 -59.68 -10.16 -29.05
N ASN S 64 -60.10 -10.80 -30.14
CA ASN S 64 -61.14 -11.80 -30.03
C ASN S 64 -60.83 -12.76 -28.91
N LEU S 65 -59.56 -13.13 -28.78
CA LEU S 65 -59.11 -13.81 -27.58
C LEU S 65 -59.49 -13.00 -26.36
N SER S 66 -58.84 -11.84 -26.21
CA SER S 66 -59.11 -11.00 -25.05
C SER S 66 -60.59 -10.85 -24.86
N GLU S 67 -61.31 -10.67 -25.95
CA GLU S 67 -62.75 -10.71 -25.90
C GLU S 67 -63.19 -12.03 -25.28
N LEU S 68 -62.99 -13.13 -26.01
CA LEU S 68 -63.41 -14.41 -25.49
C LEU S 68 -62.69 -14.77 -24.21
N ILE S 69 -61.59 -14.08 -23.88
CA ILE S 69 -61.09 -14.14 -22.53
C ILE S 69 -62.15 -13.64 -21.56
N LEU S 70 -62.88 -12.63 -21.97
CA LEU S 70 -63.96 -12.16 -21.10
C LEU S 70 -65.17 -13.07 -21.20
N ASP S 71 -65.47 -13.51 -22.42
CA ASP S 71 -66.84 -13.88 -22.78
C ASP S 71 -67.44 -14.98 -21.92
N GLY S 72 -66.62 -15.70 -21.16
CA GLY S 72 -67.07 -16.71 -20.18
C GLY S 72 -67.83 -17.85 -20.87
N ASN S 73 -68.14 -17.70 -22.16
CA ASN S 73 -68.88 -18.72 -22.88
C ASN S 73 -67.99 -19.87 -23.34
N GLN S 74 -66.88 -19.56 -24.00
CA GLN S 74 -65.94 -20.57 -24.47
C GLN S 74 -64.54 -20.04 -24.18
N ILE S 75 -63.76 -20.79 -23.40
CA ILE S 75 -62.74 -20.18 -22.57
C ILE S 75 -61.38 -20.85 -22.71
N GLU S 76 -60.46 -20.53 -21.80
CA GLU S 76 -59.07 -20.93 -21.98
C GLU S 76 -58.96 -22.42 -22.26
N GLY S 77 -58.03 -22.75 -23.14
CA GLY S 77 -57.65 -24.06 -23.62
C GLY S 77 -58.59 -24.51 -24.76
N LYS S 78 -59.61 -23.71 -25.11
CA LYS S 78 -60.41 -23.94 -26.29
C LYS S 78 -59.69 -23.40 -27.52
N LYS S 79 -60.41 -23.29 -28.65
CA LYS S 79 -60.00 -22.40 -29.73
C LYS S 79 -61.21 -21.94 -30.53
N VAL S 80 -61.21 -20.66 -30.92
CA VAL S 80 -62.24 -20.07 -31.79
C VAL S 80 -61.52 -19.02 -32.64
N THR S 81 -62.12 -18.67 -33.78
CA THR S 81 -61.60 -17.56 -34.58
C THR S 81 -62.72 -17.01 -35.45
N VAL S 82 -62.36 -16.14 -36.39
CA VAL S 82 -63.30 -15.62 -37.38
C VAL S 82 -63.10 -16.37 -38.69
N LEU T 1 -29.91 -34.05 -27.47
CA LEU T 1 -30.03 -34.90 -28.64
C LEU T 1 -29.05 -34.47 -29.72
N THR T 2 -29.07 -33.19 -30.08
CA THR T 2 -28.09 -32.73 -31.05
C THR T 2 -26.70 -32.89 -30.48
N LYS T 3 -26.51 -32.44 -29.24
CA LYS T 3 -25.30 -32.77 -28.51
C LYS T 3 -25.01 -34.24 -28.63
N ILE T 4 -26.05 -35.06 -28.53
CA ILE T 4 -25.86 -36.49 -28.62
C ILE T 4 -25.48 -36.80 -30.05
N ASN T 5 -26.43 -36.60 -30.95
CA ASN T 5 -26.35 -37.23 -32.26
C ASN T 5 -25.27 -36.59 -33.12
N GLU T 6 -25.41 -35.30 -33.37
CA GLU T 6 -24.45 -34.57 -34.18
C GLU T 6 -23.29 -35.47 -34.61
N THR T 7 -23.52 -36.27 -35.65
CA THR T 7 -22.50 -37.18 -36.15
C THR T 7 -21.49 -36.45 -37.03
N GLU T 8 -21.92 -35.33 -37.61
CA GLU T 8 -21.05 -34.54 -38.48
C GLU T 8 -21.42 -34.73 -39.95
N SER T 9 -22.69 -35.03 -40.20
CA SER T 9 -23.17 -35.25 -41.57
C SER T 9 -24.69 -35.25 -41.61
N GLU T 10 -25.31 -35.37 -40.45
CA GLU T 10 -26.76 -35.40 -40.35
C GLU T 10 -27.35 -34.05 -40.73
N LYS T 11 -26.77 -32.99 -40.18
CA LYS T 11 -27.08 -31.67 -40.68
C LYS T 11 -26.91 -31.69 -42.19
N LEU T 12 -25.66 -31.80 -42.61
CA LEU T 12 -25.28 -31.66 -44.01
C LEU T 12 -26.25 -32.44 -44.86
N LEU T 13 -26.22 -33.76 -44.70
CA LEU T 13 -27.05 -34.62 -45.52
C LEU T 13 -28.48 -34.11 -45.55
N SER T 14 -28.99 -33.64 -44.43
CA SER T 14 -30.34 -33.19 -44.41
C SER T 14 -30.45 -31.68 -44.50
N LEU T 15 -29.31 -30.99 -44.56
CA LEU T 15 -29.27 -29.57 -44.23
C LEU T 15 -30.25 -28.76 -45.05
N GLU T 16 -30.42 -29.12 -46.31
CA GLU T 16 -31.44 -28.48 -47.10
C GLU T 16 -32.78 -28.68 -46.43
N ASP T 17 -33.24 -29.93 -46.43
CA ASP T 17 -34.52 -30.22 -45.84
C ASP T 17 -34.52 -29.86 -44.36
N THR T 18 -33.36 -29.92 -43.74
CA THR T 18 -33.18 -29.23 -42.48
C THR T 18 -33.56 -27.78 -42.65
N LEU T 19 -32.73 -27.05 -43.38
CA LEU T 19 -32.99 -25.63 -43.55
C LEU T 19 -34.38 -25.40 -44.09
N HIS T 20 -34.82 -26.29 -44.98
CA HIS T 20 -36.13 -26.14 -45.59
C HIS T 20 -37.22 -26.04 -44.54
N GLU T 21 -36.92 -26.46 -43.32
CA GLU T 21 -37.85 -26.31 -42.22
C GLU T 21 -38.11 -24.84 -41.94
N ARG T 22 -37.41 -23.95 -42.64
CA ARG T 22 -37.49 -22.55 -42.24
C ARG T 22 -38.14 -21.62 -43.24
N VAL T 23 -37.43 -21.26 -44.30
CA VAL T 23 -37.89 -20.15 -45.13
C VAL T 23 -37.93 -20.60 -46.57
N ILE T 24 -39.09 -20.46 -47.17
CA ILE T 24 -39.21 -20.80 -48.56
C ILE T 24 -38.38 -19.83 -49.39
N GLY T 25 -38.02 -20.28 -50.58
CA GLY T 25 -37.30 -19.43 -51.49
C GLY T 25 -35.84 -19.38 -51.13
N GLN T 26 -35.03 -19.05 -52.13
CA GLN T 26 -33.58 -19.12 -52.03
C GLN T 26 -33.14 -20.52 -51.70
N LYS T 27 -34.00 -21.49 -52.01
CA LYS T 27 -33.69 -22.89 -51.77
C LYS T 27 -32.29 -23.20 -52.28
N ASP T 28 -32.03 -22.84 -53.53
CA ASP T 28 -30.69 -22.85 -54.07
C ASP T 28 -29.70 -22.18 -53.11
N ALA T 29 -29.88 -20.89 -52.88
CA ALA T 29 -29.01 -20.20 -51.94
C ALA T 29 -28.96 -20.98 -50.65
N VAL T 30 -30.13 -21.35 -50.14
CA VAL T 30 -30.20 -22.28 -49.03
C VAL T 30 -29.31 -23.45 -49.31
N ASN T 31 -29.53 -24.11 -50.45
CA ASN T 31 -28.66 -25.21 -50.84
C ASN T 31 -27.23 -24.75 -50.90
N SER T 32 -27.00 -23.67 -51.66
CA SER T 32 -25.66 -23.11 -51.74
C SER T 32 -25.09 -22.94 -50.35
N ILE T 33 -25.86 -22.30 -49.48
CA ILE T 33 -25.41 -22.15 -48.10
C ILE T 33 -25.07 -23.50 -47.51
N SER T 34 -26.02 -24.42 -47.60
CA SER T 34 -25.73 -25.79 -47.20
C SER T 34 -24.48 -26.26 -47.92
N LYS T 35 -24.49 -26.18 -49.24
CA LYS T 35 -23.30 -26.46 -50.01
C LYS T 35 -22.11 -25.71 -49.43
N ALA T 36 -22.28 -24.42 -49.18
CA ALA T 36 -21.19 -23.59 -48.71
C ALA T 36 -20.57 -24.16 -47.45
N VAL T 37 -21.33 -24.11 -46.36
CA VAL T 37 -20.81 -24.46 -45.05
C VAL T 37 -20.22 -25.85 -45.02
N ARG T 38 -20.55 -26.70 -45.99
CA ARG T 38 -19.89 -27.98 -46.03
C ARG T 38 -18.42 -27.79 -46.34
N ARG T 39 -18.12 -26.81 -47.18
CA ARG T 39 -16.74 -26.39 -47.34
C ARG T 39 -16.20 -25.80 -46.06
N ALA T 40 -17.08 -25.35 -45.16
CA ALA T 40 -16.58 -25.05 -43.83
C ALA T 40 -16.01 -26.28 -43.17
N ARG T 41 -16.15 -27.43 -43.79
CA ARG T 41 -15.40 -28.59 -43.41
C ARG T 41 -14.55 -29.05 -44.59
N ALA T 42 -13.89 -30.19 -44.38
CA ALA T 42 -13.05 -30.86 -45.36
C ALA T 42 -11.73 -30.12 -45.52
N GLY T 43 -11.70 -28.86 -45.11
CA GLY T 43 -10.50 -28.06 -45.19
C GLY T 43 -9.89 -28.03 -46.57
N LEU T 44 -10.67 -28.35 -47.60
CA LEU T 44 -10.14 -28.26 -48.95
C LEU T 44 -9.89 -26.82 -49.34
N LYS T 45 -10.69 -25.90 -48.81
CA LYS T 45 -10.33 -24.50 -48.82
C LYS T 45 -9.47 -24.22 -47.60
N ASP T 46 -9.18 -22.96 -47.33
CA ASP T 46 -8.30 -22.67 -46.22
C ASP T 46 -8.97 -23.05 -44.91
N PRO T 47 -8.41 -23.99 -44.16
CA PRO T 47 -9.02 -24.35 -42.87
C PRO T 47 -9.27 -23.15 -41.99
N LYS T 48 -8.47 -22.11 -42.13
CA LYS T 48 -8.80 -20.81 -41.60
C LYS T 48 -9.29 -19.99 -42.78
N ARG T 49 -10.58 -19.70 -42.80
CA ARG T 49 -11.18 -19.02 -43.93
C ARG T 49 -12.62 -18.75 -43.56
N GLY T 52 -16.75 -17.55 -43.18
CA GLY T 52 -18.06 -17.95 -43.70
C GLY T 52 -18.78 -16.69 -44.11
N SER T 53 -18.88 -16.46 -45.41
CA SER T 53 -18.97 -15.11 -45.98
C SER T 53 -20.13 -15.02 -46.96
N PHE T 54 -21.16 -14.27 -46.60
CA PHE T 54 -22.40 -14.35 -47.35
C PHE T 54 -22.98 -12.96 -47.55
N ILE T 55 -23.09 -12.55 -48.80
CA ILE T 55 -23.69 -11.27 -49.13
C ILE T 55 -25.16 -11.48 -49.47
N PHE T 56 -26.03 -10.97 -48.61
CA PHE T 56 -27.44 -11.09 -48.89
C PHE T 56 -27.91 -10.01 -49.84
N LEU T 57 -28.58 -10.43 -50.89
CA LEU T 57 -29.23 -9.55 -51.85
C LEU T 57 -30.70 -9.71 -51.54
N GLY T 58 -31.31 -8.73 -50.90
CA GLY T 58 -32.67 -8.92 -50.47
C GLY T 58 -33.16 -7.79 -49.59
N PRO T 59 -34.41 -7.94 -49.20
CA PRO T 59 -35.15 -6.89 -48.52
C PRO T 59 -35.35 -7.22 -47.06
N THR T 60 -36.11 -6.38 -46.39
CA THR T 60 -36.72 -6.80 -45.15
C THR T 60 -37.71 -7.92 -45.45
N GLY T 61 -37.98 -8.73 -44.43
CA GLY T 61 -38.77 -9.91 -44.66
C GLY T 61 -38.10 -10.96 -45.50
N VAL T 62 -36.87 -10.73 -45.94
CA VAL T 62 -36.23 -11.60 -46.91
C VAL T 62 -35.60 -12.81 -46.28
N GLY T 63 -35.77 -13.00 -44.97
CA GLY T 63 -35.14 -14.12 -44.30
C GLY T 63 -33.67 -13.91 -44.05
N LYS T 64 -33.13 -12.79 -44.52
CA LYS T 64 -31.75 -12.46 -44.28
C LYS T 64 -31.44 -12.71 -42.82
N THR T 65 -32.33 -12.24 -41.96
CA THR T 65 -32.17 -12.50 -40.55
C THR T 65 -32.44 -13.97 -40.28
N GLU T 66 -33.61 -14.45 -40.70
CA GLU T 66 -34.08 -15.80 -40.42
C GLU T 66 -32.97 -16.80 -40.64
N LEU T 67 -32.57 -16.86 -41.91
CA LEU T 67 -31.51 -17.74 -42.33
C LEU T 67 -30.38 -17.65 -41.35
N ALA T 68 -29.72 -16.49 -41.38
CA ALA T 68 -28.58 -16.26 -40.51
C ALA T 68 -28.89 -16.71 -39.11
N ARG T 69 -30.03 -16.29 -38.58
CA ARG T 69 -30.52 -16.81 -37.33
C ARG T 69 -30.47 -18.32 -37.39
N ALA T 70 -31.37 -18.90 -38.16
CA ALA T 70 -31.50 -20.34 -38.13
C ALA T 70 -30.18 -21.03 -38.39
N LEU T 71 -29.31 -20.40 -39.18
CA LEU T 71 -28.08 -21.06 -39.60
C LEU T 71 -27.39 -21.72 -38.42
N ALA T 72 -26.83 -20.92 -37.52
CA ALA T 72 -26.19 -21.53 -36.36
C ALA T 72 -27.22 -22.16 -35.45
N GLU T 73 -28.37 -21.51 -35.28
CA GLU T 73 -29.48 -22.17 -34.62
C GLU T 73 -29.67 -23.56 -35.18
N SER T 74 -29.49 -23.70 -36.48
CA SER T 74 -29.25 -25.02 -37.04
C SER T 74 -27.84 -25.47 -36.75
N MET T 75 -26.86 -24.77 -37.30
CA MET T 75 -25.47 -25.21 -37.17
C MET T 75 -25.04 -25.35 -35.73
N PHE T 76 -24.92 -24.24 -35.03
CA PHE T 76 -24.39 -24.28 -33.68
C PHE T 76 -25.47 -24.53 -32.66
N GLY T 77 -26.69 -24.85 -33.11
CA GLY T 77 -27.74 -25.23 -32.20
C GLY T 77 -28.12 -24.05 -31.31
N ASP T 78 -28.03 -22.85 -31.87
CA ASP T 78 -28.48 -21.65 -31.22
C ASP T 78 -28.26 -20.49 -32.16
N ASP T 79 -29.07 -19.45 -32.02
CA ASP T 79 -28.89 -18.26 -32.81
C ASP T 79 -28.10 -17.18 -32.09
N ASP T 80 -27.83 -17.38 -30.81
CA ASP T 80 -27.09 -16.37 -30.10
C ASP T 80 -25.65 -16.32 -30.53
N ALA T 81 -25.21 -17.32 -31.28
CA ALA T 81 -23.93 -17.24 -31.97
C ALA T 81 -23.88 -16.01 -32.86
N MET T 82 -25.03 -15.59 -33.36
CA MET T 82 -25.07 -14.49 -34.28
C MET T 82 -24.59 -13.22 -33.60
N ILE T 83 -24.08 -12.29 -34.40
CA ILE T 83 -23.77 -10.96 -33.92
C ILE T 83 -24.30 -9.93 -34.90
N ARG T 84 -25.23 -9.12 -34.42
CA ARG T 84 -25.66 -7.94 -35.16
C ARG T 84 -24.53 -6.93 -35.17
N VAL T 85 -24.28 -6.34 -36.32
CA VAL T 85 -23.35 -5.23 -36.42
C VAL T 85 -23.92 -4.21 -37.39
N ASP T 86 -24.02 -2.96 -36.95
CA ASP T 86 -24.64 -1.92 -37.76
C ASP T 86 -23.60 -1.21 -38.58
N MET T 87 -23.67 -1.39 -39.90
CA MET T 87 -22.76 -0.67 -40.78
C MET T 87 -23.00 0.83 -40.71
N SER T 88 -24.23 1.23 -40.38
CA SER T 88 -24.47 2.63 -40.06
C SER T 88 -23.47 3.10 -39.02
N GLU T 89 -23.11 2.21 -38.11
CA GLU T 89 -22.21 2.55 -37.03
C GLU T 89 -20.77 2.39 -37.43
N PHE T 90 -20.51 2.08 -38.68
CA PHE T 90 -19.15 1.94 -39.16
C PHE T 90 -18.82 3.17 -39.99
N MET T 91 -17.98 4.04 -39.44
CA MET T 91 -17.67 5.29 -40.11
C MET T 91 -16.18 5.50 -40.35
N GLU T 92 -15.42 5.89 -39.34
CA GLU T 92 -14.00 6.11 -39.57
C GLU T 92 -13.17 5.43 -38.49
N LYS T 93 -13.36 5.83 -37.24
CA LYS T 93 -12.45 5.42 -36.19
C LYS T 93 -12.95 4.23 -35.41
N HIS T 94 -14.14 3.71 -35.72
CA HIS T 94 -14.65 2.59 -34.94
C HIS T 94 -13.73 1.40 -35.03
N ALA T 95 -12.75 1.42 -35.94
CA ALA T 95 -11.75 0.38 -35.99
C ALA T 95 -11.24 0.07 -34.59
N VAL T 96 -10.99 1.13 -33.82
CA VAL T 96 -10.74 0.95 -32.40
C VAL T 96 -11.89 0.18 -31.77
N SER T 97 -13.09 0.71 -31.88
CA SER T 97 -14.22 0.01 -31.29
C SER T 97 -14.53 -1.27 -32.05
N ARG T 98 -13.87 -1.51 -33.17
CA ARG T 98 -13.77 -2.87 -33.68
C ARG T 98 -12.62 -3.63 -33.04
N LEU T 99 -11.47 -2.98 -32.88
CA LEU T 99 -10.21 -3.65 -32.61
C LEU T 99 -9.45 -2.87 -31.55
N VAL T 100 -8.99 -3.59 -30.51
CA VAL T 100 -8.66 -2.97 -29.23
C VAL T 100 -7.75 -1.77 -29.38
N GLY T 101 -8.14 -0.66 -28.73
CA GLY T 101 -7.36 0.56 -28.79
C GLY T 101 -6.08 0.47 -27.98
N ALA T 102 -6.02 1.24 -26.90
CA ALA T 102 -4.76 0.79 -26.13
C ALA T 102 -4.26 2.23 -26.19
N PRO T 103 -5.06 3.15 -25.66
CA PRO T 103 -4.70 4.57 -25.66
C PRO T 103 -5.38 5.05 -26.69
N PRO T 104 -5.43 4.79 -28.00
CA PRO T 104 -6.03 5.72 -28.94
C PRO T 104 -5.03 6.76 -29.43
N HIS T 109 -11.25 4.41 -22.99
CA HIS T 109 -10.25 3.47 -22.55
C HIS T 109 -9.63 2.69 -23.69
N ASP T 110 -9.28 1.45 -23.40
CA ASP T 110 -8.80 0.52 -24.39
C ASP T 110 -9.96 -0.40 -24.73
N ASP T 111 -10.52 -0.23 -25.92
CA ASP T 111 -11.75 -0.92 -26.30
C ASP T 111 -11.59 -1.49 -27.71
N GLY T 112 -12.16 -2.68 -27.92
CA GLY T 112 -12.06 -3.31 -29.23
C GLY T 112 -13.08 -4.42 -29.45
N GLY T 113 -13.71 -4.40 -30.63
CA GLY T 113 -14.70 -5.40 -30.97
C GLY T 113 -16.07 -5.13 -30.38
N GLN T 114 -17.00 -4.71 -31.22
CA GLN T 114 -18.41 -4.74 -30.88
C GLN T 114 -18.91 -6.18 -30.88
N LEU T 115 -18.35 -6.98 -31.77
CA LEU T 115 -18.72 -8.39 -31.88
C LEU T 115 -17.53 -9.31 -31.58
N THR T 116 -16.33 -8.75 -31.52
CA THR T 116 -15.12 -9.52 -31.25
C THR T 116 -15.14 -10.06 -29.82
N GLU T 117 -14.88 -9.18 -28.86
CA GLU T 117 -14.86 -9.58 -27.46
C GLU T 117 -16.01 -10.55 -27.22
N LYS T 118 -17.13 -10.35 -27.92
CA LYS T 118 -18.17 -11.36 -27.97
C LYS T 118 -17.66 -12.65 -28.57
N VAL T 119 -16.75 -12.57 -29.54
CA VAL T 119 -16.17 -13.79 -30.04
C VAL T 119 -15.07 -14.25 -29.11
N ARG T 120 -14.26 -13.31 -28.63
CA ARG T 120 -13.43 -13.53 -27.46
C ARG T 120 -14.31 -14.17 -26.40
N ARG T 121 -15.55 -13.72 -26.31
CA ARG T 121 -16.52 -14.47 -25.55
C ARG T 121 -16.88 -15.78 -26.26
N LYS T 122 -17.28 -15.70 -27.53
CA LYS T 122 -17.92 -16.83 -28.22
C LYS T 122 -17.19 -17.16 -29.51
N PRO T 123 -16.26 -18.10 -29.46
CA PRO T 123 -15.45 -18.43 -30.64
C PRO T 123 -16.22 -19.05 -31.77
N TYR T 124 -17.44 -19.50 -31.53
CA TYR T 124 -18.27 -20.08 -32.56
C TYR T 124 -19.50 -19.22 -32.68
N SER T 125 -19.65 -18.52 -33.79
CA SER T 125 -20.56 -17.40 -33.80
C SER T 125 -21.02 -17.11 -35.21
N VAL T 126 -21.79 -16.05 -35.35
CA VAL T 126 -22.26 -15.58 -36.64
C VAL T 126 -22.22 -14.07 -36.62
N ILE T 127 -21.87 -13.47 -37.74
CA ILE T 127 -21.58 -12.05 -37.78
C ILE T 127 -22.42 -11.39 -38.86
N LEU T 128 -23.30 -10.48 -38.47
CA LEU T 128 -24.18 -9.79 -39.40
C LEU T 128 -23.68 -8.40 -39.70
N PHE T 129 -23.61 -8.05 -40.98
CA PHE T 129 -23.33 -6.70 -41.43
C PHE T 129 -24.45 -6.20 -42.32
N ASP T 130 -24.52 -4.89 -42.49
CA ASP T 130 -25.76 -4.21 -42.85
C ASP T 130 -25.57 -3.36 -44.09
N GLU T 131 -26.18 -3.76 -45.19
CA GLU T 131 -26.03 -3.06 -46.47
C GLU T 131 -24.56 -2.74 -46.66
N ILE T 132 -23.76 -3.76 -46.42
CA ILE T 132 -22.48 -3.60 -45.77
C ILE T 132 -21.66 -2.49 -46.41
N GLU T 133 -21.70 -2.41 -47.73
CA GLU T 133 -21.08 -1.31 -48.45
C GLU T 133 -21.51 0.03 -47.90
N LYS T 134 -22.64 0.10 -47.21
CA LYS T 134 -22.96 1.28 -46.42
C LYS T 134 -21.83 1.66 -45.51
N ALA T 135 -21.11 0.66 -44.98
CA ALA T 135 -19.95 0.93 -44.15
C ALA T 135 -18.79 1.43 -44.99
N HIS T 136 -17.83 1.99 -44.34
CA HIS T 136 -16.86 2.86 -45.00
C HIS T 136 -15.67 2.08 -45.52
N PRO T 137 -15.01 2.62 -46.53
CA PRO T 137 -13.75 2.05 -47.00
C PRO T 137 -12.75 1.97 -45.87
N ASP T 138 -13.07 2.72 -44.82
CA ASP T 138 -12.55 2.42 -43.50
C ASP T 138 -12.58 0.92 -43.31
N VAL T 139 -13.77 0.35 -43.24
CA VAL T 139 -13.88 -0.97 -42.66
C VAL T 139 -13.43 -2.05 -43.63
N PHE T 140 -13.54 -1.79 -44.92
CA PHE T 140 -13.33 -2.85 -45.90
C PHE T 140 -12.05 -3.62 -45.61
N ASN T 141 -11.00 -2.91 -45.21
CA ASN T 141 -9.77 -3.60 -44.87
C ASN T 141 -9.93 -4.38 -43.58
N ILE T 142 -10.61 -3.82 -42.59
CA ILE T 142 -10.80 -4.61 -41.40
C ILE T 142 -11.92 -5.58 -41.64
N LEU T 143 -12.82 -5.25 -42.55
CA LEU T 143 -13.61 -6.30 -43.15
C LEU T 143 -12.70 -7.30 -43.80
N LEU T 144 -11.78 -6.79 -44.61
CA LEU T 144 -10.81 -7.68 -45.23
C LEU T 144 -10.06 -8.46 -44.18
N GLN T 145 -9.79 -7.86 -43.01
CA GLN T 145 -9.20 -8.61 -41.91
C GLN T 145 -9.90 -9.94 -41.72
N VAL T 146 -11.23 -9.90 -41.68
CA VAL T 146 -11.99 -11.14 -41.68
C VAL T 146 -11.65 -11.95 -42.91
N LEU T 147 -11.80 -11.32 -44.06
CA LEU T 147 -11.45 -11.96 -45.31
C LEU T 147 -9.99 -12.39 -45.28
N ASP T 148 -9.15 -11.55 -44.70
CA ASP T 148 -7.78 -11.93 -44.43
C ASP T 148 -7.77 -13.22 -43.64
N ASP T 149 -6.96 -14.16 -44.10
CA ASP T 149 -6.36 -15.21 -43.29
C ASP T 149 -7.41 -16.10 -42.62
N GLY T 150 -8.67 -15.74 -42.77
CA GLY T 150 -9.73 -16.49 -42.13
C GLY T 150 -9.69 -16.49 -40.62
N HIS T 151 -8.87 -15.63 -40.03
CA HIS T 151 -8.91 -15.41 -38.60
C HIS T 151 -9.01 -13.92 -38.32
N LEU T 152 -9.08 -13.57 -37.04
CA LEU T 152 -9.34 -12.20 -36.63
C LEU T 152 -8.28 -11.75 -35.65
N THR T 153 -7.41 -10.87 -36.09
CA THR T 153 -6.47 -10.17 -35.22
C THR T 153 -7.22 -9.17 -34.36
N ASP T 154 -6.57 -8.74 -33.28
CA ASP T 154 -7.17 -7.81 -32.33
C ASP T 154 -6.28 -6.60 -32.16
N THR T 155 -6.80 -5.59 -31.48
CA THR T 155 -5.99 -4.45 -31.11
C THR T 155 -4.93 -4.82 -30.10
N LYS T 156 -5.25 -5.71 -29.17
CA LYS T 156 -4.20 -6.36 -28.42
C LYS T 156 -3.44 -7.36 -29.27
N GLY T 157 -3.89 -7.61 -30.50
CA GLY T 157 -3.19 -8.45 -31.44
C GLY T 157 -3.78 -9.83 -31.60
N ARG T 158 -4.58 -10.27 -30.64
CA ARG T 158 -5.05 -11.66 -30.65
C ARG T 158 -5.76 -11.98 -31.94
N THR T 159 -5.30 -13.04 -32.61
CA THR T 159 -5.84 -13.48 -33.88
C THR T 159 -6.70 -14.70 -33.66
N VAL T 160 -7.96 -14.66 -34.09
CA VAL T 160 -8.92 -15.70 -33.73
C VAL T 160 -9.67 -16.14 -34.96
N ASP T 161 -10.00 -17.43 -35.03
CA ASP T 161 -10.55 -18.02 -36.23
C ASP T 161 -11.93 -17.47 -36.55
N PHE T 162 -12.10 -17.07 -37.80
CA PHE T 162 -13.44 -16.85 -38.32
C PHE T 162 -14.09 -18.15 -38.76
N ARG T 163 -13.30 -19.05 -39.34
CA ARG T 163 -13.85 -20.30 -39.86
C ARG T 163 -14.68 -21.01 -38.82
N ASN T 164 -14.37 -20.80 -37.55
CA ASN T 164 -15.21 -21.34 -36.50
C ASN T 164 -16.41 -20.47 -36.23
N THR T 165 -16.61 -19.43 -37.02
CA THR T 165 -17.84 -18.66 -36.97
C THR T 165 -18.41 -18.44 -38.34
N ILE T 166 -19.45 -17.62 -38.41
CA ILE T 166 -20.05 -17.23 -39.68
C ILE T 166 -20.06 -15.73 -39.75
N ILE T 167 -20.03 -15.19 -40.96
CA ILE T 167 -20.27 -13.77 -41.14
C ILE T 167 -21.33 -13.58 -42.21
N ILE T 168 -22.01 -12.45 -42.13
CA ILE T 168 -23.17 -12.20 -42.96
C ILE T 168 -23.02 -10.83 -43.59
N MET T 169 -23.31 -10.74 -44.88
CA MET T 169 -23.34 -9.48 -45.59
C MET T 169 -24.71 -9.31 -46.21
N THR T 170 -25.23 -8.10 -46.14
CA THR T 170 -26.56 -7.79 -46.61
C THR T 170 -26.49 -6.66 -47.63
N SER T 171 -27.34 -6.74 -48.64
CA SER T 171 -27.44 -5.63 -49.58
C SER T 171 -28.87 -5.50 -50.07
N ASN T 172 -29.40 -4.28 -50.00
CA ASN T 172 -30.58 -3.87 -50.73
C ASN T 172 -30.21 -3.25 -52.06
N VAL T 173 -28.93 -3.28 -52.41
CA VAL T 173 -28.42 -2.53 -53.55
C VAL T 173 -29.31 -2.69 -54.77
N GLY T 174 -29.78 -3.89 -55.01
CA GLY T 174 -30.64 -4.13 -56.14
C GLY T 174 -32.07 -3.75 -55.88
N ALA T 175 -32.34 -2.92 -54.87
CA ALA T 175 -33.72 -2.55 -54.55
C ALA T 175 -34.46 -2.20 -55.82
N GLN T 176 -33.86 -1.34 -56.63
CA GLN T 176 -34.23 -1.21 -58.02
C GLN T 176 -34.17 -2.59 -58.66
N GLU T 177 -32.94 -3.09 -58.80
CA GLU T 177 -32.70 -4.29 -59.58
C GLU T 177 -33.54 -5.45 -59.11
N LEU T 178 -34.06 -5.36 -57.88
CA LEU T 178 -35.10 -6.28 -57.44
C LEU T 178 -36.31 -6.19 -58.33
N GLN T 179 -36.51 -5.05 -58.99
CA GLN T 179 -37.68 -4.92 -59.86
C GLN T 179 -37.75 -6.07 -60.85
N ASP T 180 -36.59 -6.60 -61.25
CA ASP T 180 -36.53 -7.81 -62.03
C ASP T 180 -37.36 -8.90 -61.37
N GLN T 181 -36.88 -9.44 -60.24
CA GLN T 181 -37.69 -10.44 -59.57
C GLN T 181 -38.93 -9.82 -58.92
N ARG T 182 -39.02 -8.47 -58.85
CA ARG T 182 -40.34 -7.88 -58.61
C ARG T 182 -41.27 -8.20 -59.77
N GLY T 192 -40.61 -10.68 -61.24
CA GLY T 192 -40.18 -12.08 -61.22
C GLY T 192 -39.18 -12.39 -62.32
N GLN T 193 -38.44 -11.39 -62.79
CA GLN T 193 -37.57 -11.58 -63.94
C GLN T 193 -36.36 -12.42 -63.59
N ASP T 194 -35.72 -12.96 -64.63
CA ASP T 194 -34.50 -13.74 -64.45
C ASP T 194 -33.48 -12.93 -63.67
N TYR T 195 -32.99 -13.53 -62.61
CA TYR T 195 -32.11 -12.79 -61.74
C TYR T 195 -30.78 -12.53 -62.43
N GLU T 196 -30.40 -13.41 -63.34
CA GLU T 196 -29.11 -13.29 -64.01
C GLU T 196 -28.89 -11.87 -64.49
N THR T 197 -29.95 -11.26 -65.02
CA THR T 197 -29.95 -9.82 -65.20
C THR T 197 -29.46 -9.15 -63.94
N ILE T 198 -30.32 -9.14 -62.91
CA ILE T 198 -30.01 -8.36 -61.74
C ILE T 198 -28.78 -8.91 -61.02
N ARG T 199 -28.60 -10.23 -61.03
CA ARG T 199 -27.37 -10.82 -60.52
C ARG T 199 -26.17 -10.06 -61.06
N LYS T 200 -25.98 -10.16 -62.37
CA LYS T 200 -25.01 -9.30 -63.04
C LYS T 200 -25.25 -7.86 -62.66
N THR T 201 -26.50 -7.41 -62.84
CA THR T 201 -26.82 -6.00 -62.69
C THR T 201 -26.46 -5.49 -61.31
N MET T 202 -26.70 -6.31 -60.27
CA MET T 202 -26.23 -5.86 -58.97
C MET T 202 -24.76 -6.14 -58.80
N LEU T 203 -24.25 -7.21 -59.40
CA LEU T 203 -22.87 -7.63 -59.18
C LEU T 203 -21.91 -6.47 -59.32
N LYS T 204 -21.76 -5.98 -60.54
CA LYS T 204 -20.94 -4.80 -60.75
C LYS T 204 -21.30 -3.70 -59.76
N GLU T 205 -22.60 -3.47 -59.57
CA GLU T 205 -23.06 -2.41 -58.68
C GLU T 205 -22.44 -2.55 -57.31
N LEU T 206 -22.45 -3.75 -56.76
CA LEU T 206 -21.71 -3.94 -55.52
C LEU T 206 -20.23 -4.10 -55.81
N LYS T 207 -19.89 -4.80 -56.91
CA LYS T 207 -18.51 -4.86 -57.34
C LYS T 207 -17.91 -3.48 -57.41
N ASN T 208 -18.72 -2.48 -57.76
CA ASN T 208 -18.30 -1.10 -57.60
C ASN T 208 -17.66 -0.90 -56.23
N SER T 209 -18.44 -1.12 -55.18
CA SER T 209 -18.01 -0.76 -53.83
C SER T 209 -16.78 -1.51 -53.37
N PHE T 210 -16.37 -2.56 -54.04
CA PHE T 210 -15.37 -3.44 -53.46
C PHE T 210 -14.37 -3.89 -54.50
N ARG T 211 -13.09 -3.73 -54.19
CA ARG T 211 -12.09 -4.49 -54.89
C ARG T 211 -12.47 -5.95 -54.82
N PRO T 212 -12.38 -6.68 -55.91
CA PRO T 212 -12.91 -8.05 -55.90
C PRO T 212 -12.31 -8.87 -54.78
N GLU T 213 -11.03 -8.69 -54.52
CA GLU T 213 -10.34 -9.50 -53.51
C GLU T 213 -11.17 -9.60 -52.25
N PHE T 214 -11.71 -8.45 -51.81
CA PHE T 214 -12.80 -8.41 -50.85
C PHE T 214 -13.83 -9.47 -51.21
N LEU T 215 -14.48 -9.27 -52.34
CA LEU T 215 -15.52 -10.17 -52.81
C LEU T 215 -14.98 -11.56 -53.08
N ASN T 216 -13.68 -11.72 -53.20
CA ASN T 216 -13.21 -13.02 -53.64
C ASN T 216 -13.01 -14.00 -52.52
N ARG T 217 -13.04 -13.54 -51.28
CA ARG T 217 -13.10 -14.48 -50.18
C ARG T 217 -14.52 -14.80 -49.79
N VAL T 218 -15.49 -14.21 -50.49
CA VAL T 218 -16.88 -14.55 -50.21
C VAL T 218 -17.10 -16.03 -50.46
N ASP T 219 -17.92 -16.64 -49.61
CA ASP T 219 -18.46 -17.93 -49.93
C ASP T 219 -19.14 -17.78 -51.28
N ASP T 220 -20.28 -17.11 -51.30
CA ASP T 220 -20.88 -16.63 -52.53
C ASP T 220 -21.87 -15.54 -52.18
N ILE T 221 -22.22 -14.77 -53.17
CA ILE T 221 -23.23 -13.74 -53.00
C ILE T 221 -24.58 -14.41 -52.82
N ILE T 222 -25.42 -13.84 -51.99
CA ILE T 222 -26.71 -14.44 -51.67
C ILE T 222 -27.82 -13.52 -52.15
N VAL T 223 -28.49 -13.93 -53.17
CA VAL T 223 -29.74 -13.27 -53.54
C VAL T 223 -30.85 -13.70 -52.59
N PHE T 224 -31.83 -12.83 -52.42
CA PHE T 224 -33.15 -13.19 -51.91
C PHE T 224 -34.15 -12.76 -52.96
N HIS T 225 -34.92 -13.71 -53.46
CA HIS T 225 -35.77 -13.39 -54.59
C HIS T 225 -37.22 -13.38 -54.15
N ASN U 1 -24.98 -56.03 -13.73
CA ASN U 1 -26.01 -56.80 -13.06
C ASN U 1 -25.51 -58.18 -12.65
N ASN U 2 -25.01 -58.95 -13.62
CA ASN U 2 -24.53 -60.29 -13.32
C ASN U 2 -23.59 -60.28 -12.13
N LEU U 3 -22.68 -59.31 -12.09
CA LEU U 3 -21.84 -59.10 -10.92
C LEU U 3 -22.70 -58.86 -9.68
N LYS U 4 -23.49 -57.78 -9.69
CA LYS U 4 -24.34 -57.50 -8.54
C LYS U 4 -25.39 -58.57 -8.31
N GLU U 5 -25.86 -59.23 -9.37
CA GLU U 5 -26.68 -60.41 -9.16
C GLU U 5 -25.96 -61.42 -8.29
N ILE U 6 -24.67 -61.62 -8.55
CA ILE U 6 -23.86 -62.45 -7.67
C ILE U 6 -23.69 -61.78 -6.32
N GLU U 7 -23.37 -60.48 -6.31
CA GLU U 7 -23.39 -59.72 -5.07
C GLU U 7 -24.70 -59.95 -4.34
N GLN U 8 -25.81 -59.88 -5.07
CA GLN U 8 -27.14 -60.05 -4.50
C GLN U 8 -27.28 -61.39 -3.80
N GLU U 9 -27.31 -62.46 -4.59
CA GLU U 9 -27.48 -63.80 -4.04
C GLU U 9 -26.51 -64.06 -2.91
N ILE U 10 -25.30 -63.51 -3.01
CA ILE U 10 -24.41 -63.49 -1.87
C ILE U 10 -25.11 -62.92 -0.64
N GLU U 11 -25.65 -61.71 -0.80
CA GLU U 11 -26.25 -61.03 0.34
C GLU U 11 -27.46 -61.79 0.85
N LYS U 12 -28.12 -62.56 -0.01
CA LYS U 12 -29.33 -63.29 0.35
C LYS U 12 -29.15 -64.13 1.60
N VAL U 13 -28.42 -65.23 1.46
CA VAL U 13 -28.39 -66.21 2.51
C VAL U 13 -27.42 -65.81 3.60
N LYS U 14 -26.38 -65.06 3.24
CA LYS U 14 -25.32 -64.75 4.20
C LYS U 14 -25.89 -64.14 5.46
N ASN U 15 -26.93 -63.33 5.33
CA ASN U 15 -27.59 -62.81 6.51
C ASN U 15 -28.55 -63.85 7.08
N GLU U 16 -29.15 -64.66 6.21
CA GLU U 16 -30.08 -65.68 6.69
C GLU U 16 -29.37 -66.66 7.59
N LYS U 17 -28.28 -67.23 7.10
CA LYS U 17 -27.52 -68.21 7.87
C LYS U 17 -27.16 -67.67 9.24
N ASP U 18 -26.96 -66.36 9.34
CA ASP U 18 -26.61 -65.70 10.58
C ASP U 18 -27.62 -66.00 11.67
N ALA U 19 -28.85 -65.52 11.48
CA ALA U 19 -29.84 -65.59 12.54
C ALA U 19 -30.18 -67.01 12.95
N ALA U 20 -29.80 -68.00 12.15
CA ALA U 20 -30.35 -69.34 12.34
C ALA U 20 -29.89 -69.95 13.64
N VAL U 21 -28.58 -70.09 13.82
CA VAL U 21 -28.06 -70.77 14.99
C VAL U 21 -28.20 -69.94 16.26
N HIS U 22 -28.64 -68.69 16.14
CA HIS U 22 -28.62 -67.76 17.27
C HIS U 22 -29.34 -68.31 18.49
N ALA U 23 -30.26 -69.25 18.31
CA ALA U 23 -31.03 -69.80 19.41
C ALA U 23 -30.88 -71.31 19.44
N GLN U 24 -31.31 -71.89 20.56
CA GLN U 24 -31.12 -73.31 20.78
C GLN U 24 -32.23 -74.07 20.06
N GLU U 25 -31.86 -74.84 19.05
CA GLU U 25 -32.80 -75.44 18.11
C GLU U 25 -32.29 -76.81 17.72
N PHE U 26 -33.22 -77.75 17.53
CA PHE U 26 -32.91 -79.03 16.93
C PHE U 26 -33.27 -79.09 15.44
N GLU U 27 -33.85 -78.01 14.90
CA GLU U 27 -34.49 -78.06 13.60
C GLU U 27 -33.93 -77.01 12.66
N ASN U 28 -27.89 -74.83 13.29
CA ASN U 28 -26.72 -75.01 12.43
C ASN U 28 -26.80 -76.28 11.60
N ALA U 29 -27.66 -77.22 11.97
CA ALA U 29 -27.71 -78.52 11.31
C ALA U 29 -28.04 -78.38 9.83
N ALA U 30 -29.20 -77.80 9.51
CA ALA U 30 -29.74 -77.91 8.14
C ALA U 30 -29.20 -76.83 7.21
N ASN U 31 -29.67 -75.60 7.37
CA ASN U 31 -29.40 -74.58 6.36
C ASN U 31 -27.97 -74.08 6.44
N LEU U 32 -27.41 -73.99 7.65
CA LEU U 32 -26.03 -73.54 7.79
C LEU U 32 -25.10 -74.38 6.93
N ARG U 33 -25.28 -75.70 6.97
CA ARG U 33 -24.53 -76.56 6.06
C ARG U 33 -25.00 -76.36 4.63
N ASP U 34 -26.30 -76.17 4.43
CA ASP U 34 -26.81 -75.92 3.08
C ASP U 34 -26.20 -74.66 2.50
N LYS U 35 -26.24 -73.57 3.26
CA LYS U 35 -25.78 -72.29 2.74
C LYS U 35 -24.29 -72.30 2.45
N GLN U 36 -23.48 -72.79 3.39
CA GLN U 36 -22.04 -72.69 3.24
C GLN U 36 -21.55 -73.40 1.99
N THR U 37 -22.21 -74.49 1.60
CA THR U 37 -21.97 -75.02 0.26
C THR U 37 -22.64 -74.16 -0.79
N LYS U 38 -23.92 -73.83 -0.57
CA LYS U 38 -24.65 -73.02 -1.54
C LYS U 38 -23.95 -71.69 -1.78
N LEU U 39 -23.32 -71.13 -0.75
CA LEU U 39 -22.53 -69.92 -0.95
C LEU U 39 -21.27 -70.23 -1.74
N GLU U 40 -20.67 -71.40 -1.52
CA GLU U 40 -19.49 -71.80 -2.26
C GLU U 40 -19.80 -72.09 -3.72
N LYS U 41 -21.07 -72.16 -4.09
CA LYS U 41 -21.43 -72.53 -5.46
C LYS U 41 -21.01 -71.45 -6.45
N GLN U 42 -21.54 -70.23 -6.29
CA GLN U 42 -21.31 -69.16 -7.24
C GLN U 42 -20.26 -68.14 -6.79
N TYR U 43 -19.65 -68.34 -5.62
CA TYR U 43 -18.70 -67.37 -5.08
C TYR U 43 -17.51 -67.12 -6.01
N GLU U 44 -17.24 -68.02 -6.94
CA GLU U 44 -15.94 -68.05 -7.60
C GLU U 44 -15.78 -66.90 -8.61
N GLU U 45 -16.76 -66.70 -9.49
CA GLU U 45 -16.53 -65.90 -10.68
C GLU U 45 -16.25 -64.44 -10.36
N ALA U 46 -16.61 -63.97 -9.16
CA ALA U 46 -16.76 -62.55 -8.88
C ALA U 46 -15.55 -61.72 -9.27
N LYS U 47 -14.46 -61.82 -8.50
CA LYS U 47 -13.30 -60.97 -8.76
C LYS U 47 -12.65 -61.20 -10.12
N ASN U 48 -12.50 -62.45 -10.62
CA ASN U 48 -12.03 -62.60 -12.00
C ASN U 48 -12.95 -61.92 -13.00
N GLU U 49 -14.25 -62.12 -12.86
CA GLU U 49 -15.18 -61.39 -13.71
C GLU U 49 -15.20 -59.91 -13.34
N TRP U 50 -14.80 -59.58 -12.10
CA TRP U 50 -14.49 -58.19 -11.78
C TRP U 50 -13.15 -57.78 -12.33
N LYS U 51 -12.23 -58.73 -12.51
CA LYS U 51 -10.92 -58.39 -13.06
C LYS U 51 -11.00 -57.93 -14.51
N ASN U 52 -12.10 -58.21 -15.20
CA ASN U 52 -12.33 -57.58 -16.49
C ASN U 52 -12.42 -56.07 -16.35
N ALA U 53 -13.03 -55.60 -15.27
CA ALA U 53 -12.97 -54.17 -14.95
C ALA U 53 -11.56 -53.74 -14.57
N GLN U 54 -10.78 -54.64 -13.99
CA GLN U 54 -9.41 -54.34 -13.61
C GLN U 54 -8.50 -54.23 -14.84
N ASN U 55 -20.29 -55.89 -18.10
CA ASN U 55 -19.39 -55.95 -19.25
C ASN U 55 -18.66 -54.64 -19.44
N SER V 1 4.40 -29.76 -32.70
CA SER V 1 3.59 -30.23 -33.81
C SER V 1 2.61 -31.26 -33.31
N VAL V 2 1.47 -31.30 -33.97
CA VAL V 2 0.46 -32.30 -33.70
C VAL V 2 1.08 -33.69 -33.66
N VAL V 3 1.96 -33.98 -34.61
CA VAL V 3 2.47 -35.33 -34.73
C VAL V 3 3.40 -35.66 -33.58
N ASP V 4 4.40 -34.81 -33.35
CA ASP V 4 5.30 -35.02 -32.23
C ASP V 4 4.51 -35.24 -30.97
N THR V 5 3.43 -34.48 -30.83
CA THR V 5 2.54 -34.67 -29.71
C THR V 5 2.15 -36.13 -29.61
N VAL V 6 1.64 -36.69 -30.69
CA VAL V 6 1.28 -38.10 -30.70
C VAL V 6 2.42 -38.92 -30.12
N ALA V 7 3.63 -38.70 -30.63
CA ALA V 7 4.79 -39.39 -30.08
C ALA V 7 4.92 -39.11 -28.59
N ILE V 8 4.85 -37.85 -28.20
CA ILE V 8 4.99 -37.55 -26.79
C ILE V 8 3.79 -38.11 -26.04
N LEU V 9 2.66 -38.15 -26.70
CA LEU V 9 1.52 -38.86 -26.15
C LEU V 9 1.83 -40.35 -26.10
N LYS V 10 2.30 -40.90 -27.20
CA LYS V 10 2.86 -42.24 -27.18
C LYS V 10 3.86 -42.38 -26.06
N GLY V 11 4.58 -41.30 -25.76
CA GLY V 11 5.39 -41.29 -24.57
C GLY V 11 4.55 -41.58 -23.36
N LEU V 12 3.51 -40.79 -23.13
CA LEU V 12 2.67 -41.08 -21.97
C LEU V 12 1.60 -42.10 -22.26
N ARG V 13 1.58 -42.63 -23.48
CA ARG V 13 0.58 -43.63 -23.78
C ARG V 13 0.58 -44.66 -22.66
N ASP V 14 1.68 -45.35 -22.40
CA ASP V 14 1.64 -46.34 -21.31
C ASP V 14 1.29 -45.72 -20.00
N ARG V 15 1.61 -44.46 -19.84
CA ARG V 15 1.57 -43.85 -18.53
C ARG V 15 0.19 -43.92 -17.95
N TYR V 16 -0.73 -43.13 -18.47
CA TYR V 16 -1.98 -43.05 -17.75
C TYR V 16 -2.88 -44.25 -18.01
N GLU V 17 -2.65 -44.99 -19.07
CA GLU V 17 -3.36 -46.24 -19.18
C GLU V 17 -2.90 -47.21 -18.12
N ALA V 18 -1.60 -47.20 -17.82
CA ALA V 18 -1.18 -48.02 -16.71
C ALA V 18 -1.70 -47.40 -15.42
N HIS V 19 -2.10 -46.13 -15.47
CA HIS V 19 -2.87 -45.58 -14.37
C HIS V 19 -4.33 -45.96 -14.49
N HIS V 20 -4.86 -45.90 -15.70
CA HIS V 20 -6.27 -46.09 -15.94
C HIS V 20 -6.59 -47.49 -16.44
N ARG V 21 -5.59 -48.36 -16.50
CA ARG V 21 -5.82 -49.75 -16.82
C ARG V 21 -6.56 -49.94 -18.13
N ILE V 22 -6.10 -49.28 -19.19
CA ILE V 22 -6.78 -49.32 -20.47
C ILE V 22 -5.75 -49.53 -21.56
N ASN V 23 -6.23 -49.65 -22.79
CA ASN V 23 -5.37 -49.87 -23.95
C ASN V 23 -5.59 -48.72 -24.92
N ILE V 24 -4.58 -47.89 -25.09
CA ILE V 24 -4.73 -46.73 -25.95
C ILE V 24 -4.65 -47.15 -27.41
N SER V 25 -5.57 -46.64 -28.20
CA SER V 25 -5.57 -46.92 -29.63
C SER V 25 -5.12 -45.66 -30.35
N ASP V 26 -3.95 -45.74 -30.96
CA ASP V 26 -3.32 -44.58 -31.58
C ASP V 26 -4.26 -43.88 -32.54
N GLU V 27 -5.17 -44.64 -33.14
CA GLU V 27 -6.22 -44.03 -33.94
C GLU V 27 -6.85 -42.86 -33.20
N ALA V 28 -7.45 -43.15 -32.05
CA ALA V 28 -7.84 -42.07 -31.14
C ALA V 28 -6.70 -41.09 -30.96
N ILE V 29 -5.52 -41.62 -30.66
CA ILE V 29 -4.42 -40.76 -30.26
C ILE V 29 -4.19 -39.67 -31.29
N GLU V 30 -3.99 -40.07 -32.54
CA GLU V 30 -3.86 -39.05 -33.57
C GLU V 30 -5.15 -38.28 -33.71
N ALA V 31 -6.28 -38.92 -33.45
CA ALA V 31 -7.56 -38.30 -33.73
C ALA V 31 -7.70 -36.98 -33.00
N ALA V 32 -7.83 -37.05 -31.67
CA ALA V 32 -7.95 -35.83 -30.89
C ALA V 32 -6.84 -34.87 -31.23
N VAL V 33 -5.65 -35.42 -31.48
CA VAL V 33 -4.50 -34.59 -31.78
C VAL V 33 -4.86 -33.57 -32.84
N LYS V 34 -5.35 -34.05 -33.97
CA LYS V 34 -6.02 -33.15 -34.89
C LYS V 34 -7.17 -32.46 -34.18
N LEU V 35 -8.06 -33.26 -33.64
CA LEU V 35 -9.37 -32.76 -33.27
C LEU V 35 -9.26 -31.70 -32.19
N SER V 36 -8.51 -31.98 -31.13
CA SER V 36 -8.35 -31.00 -30.08
C SER V 36 -7.74 -29.73 -30.65
N ASN V 37 -6.59 -29.89 -31.32
CA ASN V 37 -5.97 -28.77 -32.02
C ASN V 37 -7.01 -28.01 -32.81
N ARG V 38 -7.88 -28.73 -33.48
CA ARG V 38 -9.01 -28.10 -34.13
C ARG V 38 -9.90 -27.42 -33.09
N TYR V 39 -10.38 -28.18 -32.13
CA TYR V 39 -11.48 -27.68 -31.33
C TYR V 39 -11.09 -27.04 -30.02
N VAL V 40 -9.85 -27.18 -29.56
CA VAL V 40 -9.57 -26.66 -28.25
C VAL V 40 -8.55 -25.54 -28.34
N SER V 41 -8.93 -24.31 -27.99
CA SER V 41 -7.96 -23.21 -27.98
C SER V 41 -6.95 -23.26 -26.86
N ASP V 42 -7.41 -23.56 -25.65
CA ASP V 42 -6.77 -23.04 -24.45
C ASP V 42 -5.58 -23.88 -24.02
N ARG V 43 -5.84 -25.06 -23.50
CA ARG V 43 -4.73 -25.92 -23.18
C ARG V 43 -4.09 -26.40 -24.47
N PHE V 44 -3.02 -27.15 -24.34
CA PHE V 44 -2.17 -27.43 -25.47
C PHE V 44 -2.14 -28.91 -25.75
N LEU V 45 -2.22 -29.22 -27.03
CA LEU V 45 -2.24 -30.60 -27.48
C LEU V 45 -1.17 -31.42 -26.80
N PRO V 46 0.05 -30.91 -26.58
CA PRO V 46 0.99 -31.61 -25.70
C PRO V 46 0.33 -32.10 -24.45
N ASP V 47 -0.67 -31.36 -23.96
CA ASP V 47 -1.46 -31.84 -22.85
C ASP V 47 -2.86 -32.17 -23.34
N LYS V 48 -3.55 -31.13 -23.81
CA LYS V 48 -5.00 -31.20 -23.95
C LYS V 48 -5.43 -32.47 -24.64
N ALA V 49 -4.63 -32.95 -25.57
CA ALA V 49 -4.84 -34.31 -26.06
C ALA V 49 -4.92 -35.22 -24.88
N ILE V 50 -3.78 -35.39 -24.20
CA ILE V 50 -3.75 -36.25 -23.04
C ILE V 50 -4.88 -35.90 -22.10
N ASP V 51 -5.16 -34.61 -21.94
CA ASP V 51 -6.34 -34.20 -21.22
C ASP V 51 -7.51 -35.00 -21.73
N LEU V 52 -7.87 -34.77 -22.98
CA LEU V 52 -8.93 -35.56 -23.56
C LEU V 52 -8.66 -37.02 -23.31
N ILE V 53 -7.47 -37.46 -23.66
CA ILE V 53 -7.06 -38.84 -23.51
C ILE V 53 -7.40 -39.32 -22.12
N ASP V 54 -6.68 -38.84 -21.13
CA ASP V 54 -6.94 -39.27 -19.76
C ASP V 54 -8.42 -39.12 -19.44
N GLU V 55 -9.01 -38.01 -19.85
CA GLU V 55 -10.45 -37.85 -19.64
C GLU V 55 -11.21 -38.92 -20.39
N ALA V 56 -10.89 -39.08 -21.67
CA ALA V 56 -11.42 -40.24 -22.37
C ALA V 56 -11.04 -41.49 -21.61
N SER V 57 -9.74 -41.65 -21.33
CA SER V 57 -9.29 -42.75 -20.50
C SER V 57 -10.10 -42.85 -19.23
N SER V 58 -10.55 -41.72 -18.72
CA SER V 58 -11.50 -41.80 -17.63
C SER V 58 -12.83 -42.28 -18.17
N LYS V 59 -13.43 -41.52 -19.08
CA LYS V 59 -14.77 -41.85 -19.54
C LYS V 59 -14.93 -43.31 -19.84
N VAL V 60 -13.96 -43.89 -20.55
CA VAL V 60 -13.97 -45.33 -20.73
C VAL V 60 -13.93 -45.95 -19.34
N ARG V 61 -12.83 -45.73 -18.61
CA ARG V 61 -12.71 -46.30 -17.28
C ARG V 61 -13.98 -46.05 -16.50
N LEU V 62 -14.46 -44.80 -16.54
CA LEU V 62 -15.73 -44.44 -15.93
C LEU V 62 -16.74 -45.52 -16.26
N LYS V 63 -17.06 -45.65 -17.54
CA LYS V 63 -17.88 -46.77 -17.96
C LYS V 63 -17.22 -48.07 -17.54
N SER V 64 -15.94 -48.18 -17.87
CA SER V 64 -15.15 -49.35 -17.52
C SER V 64 -14.91 -49.35 -16.02
N HIS V 65 -14.75 -48.16 -15.45
CA HIS V 65 -14.54 -48.01 -14.01
C HIS V 65 -15.66 -48.71 -13.27
N THR V 66 -16.90 -48.38 -13.64
CA THR V 66 -18.06 -49.01 -13.03
C THR V 66 -18.93 -49.61 -14.13
N THR V 67 -20.21 -49.78 -13.84
CA THR V 67 -21.12 -50.33 -14.83
C THR V 67 -21.15 -49.36 -15.99
N PRO V 68 -21.03 -49.89 -17.21
CA PRO V 68 -21.03 -49.07 -18.43
C PRO V 68 -22.21 -48.10 -18.47
N GLY V 124 -16.95 -54.45 -21.94
CA GLY V 124 -15.77 -55.13 -21.45
C GLY V 124 -14.50 -54.59 -22.07
N MET V 125 -14.60 -53.77 -23.12
CA MET V 125 -13.41 -53.33 -23.82
C MET V 125 -12.54 -52.53 -22.86
N SER V 126 -11.32 -52.99 -22.67
CA SER V 126 -10.36 -52.24 -21.89
C SER V 126 -9.65 -51.19 -22.73
N THR V 127 -9.51 -51.46 -24.02
CA THR V 127 -8.91 -50.52 -24.93
C THR V 127 -9.76 -49.27 -25.04
N SER V 128 -9.14 -48.19 -25.45
CA SER V 128 -9.86 -46.95 -25.69
C SER V 128 -10.17 -46.87 -27.18
N LEU V 129 -11.44 -46.64 -27.50
CA LEU V 129 -11.80 -46.57 -28.91
C LEU V 129 -11.06 -45.39 -29.53
N SER V 130 -10.93 -45.44 -30.84
CA SER V 130 -10.65 -44.17 -31.49
C SER V 130 -11.77 -43.21 -31.16
N GLU V 131 -12.90 -43.42 -31.83
CA GLU V 131 -13.86 -42.35 -32.00
C GLU V 131 -14.38 -41.79 -30.68
N GLU V 132 -15.27 -42.54 -30.03
CA GLU V 132 -16.01 -42.02 -28.89
C GLU V 132 -15.07 -41.41 -27.88
N ASP V 133 -14.01 -42.14 -27.55
CA ASP V 133 -12.96 -41.64 -26.70
C ASP V 133 -12.59 -40.24 -27.12
N ILE V 134 -12.35 -40.06 -28.40
CA ILE V 134 -12.22 -38.71 -28.86
C ILE V 134 -13.64 -38.19 -28.85
N ALA V 135 -14.44 -38.72 -29.75
CA ALA V 135 -15.69 -38.12 -30.19
C ALA V 135 -16.57 -37.75 -29.03
N GLU V 136 -17.14 -38.78 -28.39
CA GLU V 136 -18.08 -38.56 -27.32
C GLU V 136 -17.57 -37.49 -26.38
N VAL V 137 -16.45 -37.80 -25.73
CA VAL V 137 -15.77 -36.84 -24.87
C VAL V 137 -15.63 -35.50 -25.55
N ILE V 138 -15.09 -35.50 -26.77
CA ILE V 138 -14.99 -34.26 -27.51
C ILE V 138 -16.37 -33.68 -27.77
N ALA V 139 -17.33 -34.54 -28.09
CA ALA V 139 -18.69 -34.05 -28.17
C ALA V 139 -19.15 -33.62 -26.79
N GLY V 140 -18.86 -34.43 -25.77
CA GLY V 140 -19.06 -33.97 -24.41
C GLY V 140 -18.34 -32.65 -24.21
N TRP V 141 -17.19 -32.50 -24.84
CA TRP V 141 -16.56 -31.20 -24.84
C TRP V 141 -17.44 -30.19 -25.57
N THR V 142 -17.93 -30.52 -26.76
CA THR V 142 -18.67 -29.51 -27.49
C THR V 142 -20.03 -29.94 -28.03
N GLY V 143 -20.06 -30.80 -29.04
CA GLY V 143 -21.33 -31.22 -29.59
C GLY V 143 -21.19 -31.59 -31.06
N ILE V 144 -22.33 -31.93 -31.66
CA ILE V 144 -22.41 -32.26 -33.08
C ILE V 144 -21.40 -33.32 -33.45
N PRO V 145 -21.43 -34.48 -32.79
CA PRO V 145 -20.38 -35.47 -32.99
C PRO V 145 -20.14 -35.81 -34.44
N THR W 1 20.78 -29.81 5.16
CA THR W 1 19.59 -29.06 4.77
C THR W 1 19.25 -29.30 3.30
N LEU W 2 19.40 -28.27 2.48
CA LEU W 2 19.10 -28.37 1.06
C LEU W 2 18.01 -29.39 0.82
N ASP W 3 16.80 -29.03 1.25
CA ASP W 3 15.66 -29.91 1.20
C ASP W 3 14.41 -29.03 1.17
N SER W 4 13.25 -29.64 1.47
CA SER W 4 11.94 -29.04 1.29
C SER W 4 11.87 -28.44 -0.09
N LEU W 5 11.71 -27.12 -0.18
CA LEU W 5 11.75 -26.46 -1.47
C LEU W 5 12.94 -26.91 -2.29
N ALA W 6 14.08 -27.11 -1.64
CA ALA W 6 15.19 -27.68 -2.38
C ALA W 6 14.88 -29.13 -2.70
N ARG W 7 14.82 -29.46 -4.00
CA ARG W 7 14.63 -30.83 -4.47
C ARG W 7 15.26 -30.94 -5.86
N ASP W 8 15.53 -32.17 -6.26
CA ASP W 8 16.14 -32.46 -7.54
C ASP W 8 15.48 -33.67 -8.17
N LEU W 9 15.37 -33.63 -9.49
CA LEU W 9 14.88 -34.75 -10.27
C LEU W 9 15.97 -35.55 -10.94
N THR W 10 17.24 -35.14 -10.83
CA THR W 10 18.30 -35.84 -11.55
C THR W 10 18.39 -37.28 -11.08
N VAL W 11 18.64 -37.47 -9.80
CA VAL W 11 18.59 -38.79 -9.23
C VAL W 11 17.28 -39.45 -9.61
N ILE W 12 16.18 -38.71 -9.49
CA ILE W 12 14.89 -39.22 -9.92
C ILE W 12 14.95 -39.70 -11.35
N ALA W 13 15.70 -39.00 -12.19
CA ALA W 13 15.92 -39.47 -13.54
C ALA W 13 16.79 -40.72 -13.54
N LYS W 14 17.91 -40.67 -12.83
CA LYS W 14 18.64 -41.92 -12.58
C LYS W 14 17.76 -42.92 -11.87
N ASP W 15 16.85 -42.45 -11.03
CA ASP W 15 15.82 -43.34 -10.55
C ASP W 15 14.81 -43.67 -11.62
N GLY W 16 14.91 -43.06 -12.79
CA GLY W 16 13.93 -43.29 -13.81
C GLY W 16 12.55 -42.83 -13.44
N THR W 17 12.46 -41.87 -12.52
CA THR W 17 11.16 -41.42 -12.04
C THR W 17 10.33 -40.73 -13.10
N LEU W 18 10.90 -40.42 -14.26
CA LEU W 18 10.25 -39.51 -15.20
C LEU W 18 10.45 -40.01 -16.62
N ASP W 19 10.07 -39.18 -17.59
CA ASP W 19 9.81 -39.60 -18.95
C ASP W 19 10.99 -39.26 -19.86
N PRO W 20 11.51 -40.20 -20.64
CA PRO W 20 12.50 -39.82 -21.66
C PRO W 20 11.87 -38.87 -22.66
N VAL W 21 12.55 -37.75 -22.89
CA VAL W 21 12.01 -36.71 -23.75
C VAL W 21 12.41 -37.03 -25.17
N ILE W 22 11.96 -36.22 -26.12
CA ILE W 22 12.49 -36.27 -27.48
C ILE W 22 12.61 -34.86 -28.03
N GLY W 23 13.53 -34.70 -28.96
CA GLY W 23 13.48 -33.67 -29.97
C GLY W 23 13.96 -32.30 -29.54
N ARG W 24 13.96 -32.01 -28.25
CA ARG W 24 14.44 -30.73 -27.76
C ARG W 24 15.92 -30.76 -27.50
N ASP W 25 16.56 -31.83 -27.94
CA ASP W 25 17.98 -32.07 -27.78
C ASP W 25 18.82 -30.85 -28.14
N LYS W 26 18.90 -30.55 -29.42
CA LYS W 26 19.65 -29.37 -29.82
C LYS W 26 19.04 -28.12 -29.21
N GLU W 27 17.74 -28.13 -29.01
CA GLU W 27 17.12 -27.08 -28.23
C GLU W 27 17.78 -27.02 -26.87
N ILE W 28 17.84 -28.15 -26.20
CA ILE W 28 18.53 -28.22 -24.93
C ILE W 28 20.01 -27.90 -25.11
N THR W 29 20.59 -28.33 -26.23
CA THR W 29 21.99 -28.04 -26.52
C THR W 29 22.30 -26.58 -26.26
N ARG W 30 21.42 -25.71 -26.75
CA ARG W 30 21.44 -24.31 -26.38
C ARG W 30 21.31 -24.19 -24.87
N VAL W 31 20.15 -24.58 -24.35
CA VAL W 31 19.88 -24.40 -22.93
C VAL W 31 21.07 -24.88 -22.13
N ILE W 32 21.56 -26.06 -22.48
CA ILE W 32 22.84 -26.55 -21.98
C ILE W 32 23.84 -25.43 -22.10
N GLU W 33 24.21 -25.13 -23.36
CA GLU W 33 25.37 -24.32 -23.57
C GLU W 33 25.24 -22.97 -22.91
N VAL W 34 24.05 -22.62 -22.44
CA VAL W 34 23.88 -21.37 -21.71
C VAL W 34 24.79 -21.36 -20.50
N LEU W 35 24.86 -22.47 -19.80
CA LEU W 35 25.68 -22.53 -18.60
C LEU W 35 27.13 -22.22 -18.90
N SER W 36 27.59 -22.53 -20.12
CA SER W 36 28.99 -22.33 -20.45
C SER W 36 29.43 -20.91 -20.20
N ARG W 37 28.50 -19.97 -20.19
CA ARG W 37 28.83 -18.56 -20.30
C ARG W 37 29.29 -18.02 -18.97
N ARG W 38 30.52 -17.50 -18.93
CA ARG W 38 30.91 -16.63 -17.84
C ARG W 38 29.93 -15.47 -17.71
N THR W 39 29.38 -15.01 -18.81
CA THR W 39 28.43 -13.92 -18.77
C THR W 39 27.11 -14.39 -18.17
N LYS W 40 26.38 -15.23 -18.89
CA LYS W 40 25.11 -15.72 -18.38
C LYS W 40 25.12 -17.22 -18.50
N ASN W 41 25.28 -17.90 -17.38
CA ASN W 41 24.96 -19.30 -17.39
C ASN W 41 23.48 -19.53 -17.43
N ASN W 42 22.69 -18.48 -17.22
CA ASN W 42 21.33 -18.63 -16.76
C ASN W 42 20.36 -18.36 -17.88
N PRO W 43 19.80 -19.38 -18.49
CA PRO W 43 18.77 -19.20 -19.50
C PRO W 43 17.39 -18.99 -18.91
N VAL W 44 16.54 -18.39 -19.71
CA VAL W 44 15.10 -18.43 -19.49
C VAL W 44 14.43 -18.89 -20.77
N LEU W 45 13.25 -19.47 -20.64
CA LEU W 45 12.53 -19.96 -21.79
C LEU W 45 11.26 -19.19 -22.03
N ILE W 46 10.93 -19.06 -23.30
CA ILE W 46 9.62 -18.59 -23.75
C ILE W 46 8.98 -19.75 -24.48
N GLY W 47 7.67 -19.69 -24.61
CA GLY W 47 6.96 -20.66 -25.40
C GLY W 47 5.56 -20.86 -24.86
N GLU W 48 4.99 -21.99 -25.22
CA GLU W 48 3.65 -22.29 -24.78
C GLU W 48 3.67 -23.14 -23.53
N PRO W 49 2.98 -22.75 -22.47
CA PRO W 49 3.01 -23.49 -21.22
C PRO W 49 2.56 -24.93 -21.38
N GLY W 50 2.90 -25.74 -20.37
CA GLY W 50 2.45 -27.11 -20.29
C GLY W 50 2.90 -28.01 -21.40
N VAL W 51 3.91 -27.63 -22.19
CA VAL W 51 4.20 -28.35 -23.40
C VAL W 51 5.30 -29.39 -23.23
N GLY W 52 5.79 -29.56 -22.01
CA GLY W 52 6.99 -30.35 -21.80
C GLY W 52 8.20 -29.53 -21.38
N LYS W 53 8.05 -28.22 -21.22
CA LYS W 53 9.20 -27.37 -20.96
C LYS W 53 9.90 -27.76 -19.66
N THR W 54 9.15 -27.94 -18.58
CA THR W 54 9.83 -28.36 -17.37
C THR W 54 10.33 -29.78 -17.51
N ALA W 55 9.77 -30.55 -18.43
CA ALA W 55 10.39 -31.80 -18.79
C ALA W 55 11.56 -31.56 -19.74
N ILE W 56 11.37 -30.63 -20.67
CA ILE W 56 12.52 -30.10 -21.40
C ILE W 56 13.62 -29.75 -20.42
N ALA W 57 13.25 -29.13 -19.31
CA ALA W 57 14.16 -28.97 -18.20
C ALA W 57 14.69 -30.34 -17.85
N GLU W 58 13.79 -31.21 -17.42
CA GLU W 58 14.21 -32.56 -17.10
C GLU W 58 15.03 -33.15 -18.23
N GLY W 59 14.68 -32.81 -19.47
CA GLY W 59 15.50 -33.25 -20.58
C GLY W 59 16.96 -32.95 -20.33
N LEU W 60 17.24 -31.73 -19.90
CA LEU W 60 18.60 -31.41 -19.45
C LEU W 60 19.00 -32.42 -18.39
N ALA W 61 18.20 -32.48 -17.33
CA ALA W 61 18.52 -33.34 -16.20
C ALA W 61 18.76 -34.77 -16.65
N GLN W 62 17.93 -35.29 -17.54
CA GLN W 62 18.29 -36.57 -18.14
C GLN W 62 19.66 -36.46 -18.76
N ALA W 63 19.78 -35.61 -19.78
CA ALA W 63 21.07 -35.43 -20.43
C ALA W 63 22.15 -35.10 -19.43
N ILE W 64 21.77 -34.61 -18.26
CA ILE W 64 22.72 -34.49 -17.17
C ILE W 64 23.06 -35.86 -16.64
N VAL W 65 22.07 -36.54 -16.06
CA VAL W 65 22.36 -37.88 -15.55
C VAL W 65 22.76 -38.79 -16.68
N ASN W 66 22.31 -38.47 -17.90
CA ASN W 66 22.87 -39.15 -19.06
C ASN W 66 24.33 -38.82 -19.24
N ASN W 67 24.81 -37.76 -18.57
CA ASN W 67 26.10 -37.17 -18.84
C ASN W 67 26.20 -36.73 -20.30
N GLU W 68 25.07 -36.56 -20.95
CA GLU W 68 25.05 -35.81 -22.20
C GLU W 68 25.41 -34.36 -21.91
N VAL W 69 25.33 -33.98 -20.65
CA VAL W 69 25.95 -32.78 -20.12
C VAL W 69 27.47 -32.87 -20.28
N PRO W 70 28.09 -31.92 -20.95
CA PRO W 70 29.56 -31.90 -20.95
C PRO W 70 30.13 -31.32 -19.68
N GLU W 71 31.44 -31.16 -19.66
CA GLU W 71 32.25 -31.26 -18.45
C GLU W 71 31.74 -30.48 -17.26
N THR W 72 31.88 -29.16 -17.33
CA THR W 72 31.82 -28.33 -16.14
C THR W 72 30.57 -28.66 -15.34
N LEU W 73 29.50 -28.90 -16.05
CA LEU W 73 28.22 -28.99 -15.41
C LEU W 73 27.96 -30.38 -14.87
N LYS W 74 28.74 -31.35 -15.33
CA LYS W 74 28.48 -32.75 -15.02
C LYS W 74 28.39 -32.98 -13.52
N ASP W 75 29.26 -32.32 -12.75
CA ASP W 75 29.12 -32.37 -11.32
C ASP W 75 27.83 -31.71 -10.86
N LYS W 76 27.47 -30.59 -11.48
CA LYS W 76 26.29 -29.86 -11.05
C LYS W 76 25.04 -30.70 -11.32
N ARG W 77 23.98 -30.36 -10.60
CA ARG W 77 22.77 -31.15 -10.57
C ARG W 77 21.55 -30.24 -10.65
N VAL W 78 20.49 -30.75 -11.26
CA VAL W 78 19.24 -30.02 -11.29
C VAL W 78 18.79 -29.69 -9.87
N MET W 79 18.12 -28.56 -9.76
CA MET W 79 17.15 -28.35 -8.71
C MET W 79 15.86 -27.90 -9.35
N SER W 80 14.79 -28.57 -8.98
CA SER W 80 13.45 -28.21 -9.40
C SER W 80 12.85 -27.38 -8.29
N LEU W 81 12.45 -26.15 -8.62
CA LEU W 81 11.87 -25.27 -7.62
C LEU W 81 10.68 -25.92 -6.95
N ASP W 82 10.45 -25.51 -5.72
CA ASP W 82 9.20 -25.76 -5.04
C ASP W 82 8.61 -24.41 -4.69
N MET W 83 7.33 -24.22 -4.96
CA MET W 83 6.69 -22.95 -4.66
C MET W 83 5.57 -23.17 -3.67
N GLY W 84 5.54 -22.30 -2.68
CA GLY W 84 4.69 -22.42 -1.50
C GLY W 84 5.06 -21.25 -0.62
N THR W 85 4.46 -21.16 0.57
CA THR W 85 4.70 -20.01 1.43
C THR W 85 4.10 -20.31 2.79
N VAL W 86 4.52 -19.52 3.77
CA VAL W 86 4.35 -19.87 5.17
C VAL W 86 4.35 -18.64 6.08
N GLY W 94 5.31 -15.81 9.44
CA GLY W 94 5.77 -14.44 9.33
C GLY W 94 6.16 -14.10 7.91
N GLU W 95 7.46 -13.93 7.67
CA GLU W 95 7.93 -13.74 6.32
C GLU W 95 7.85 -15.06 5.57
N PHE W 96 8.22 -15.01 4.30
CA PHE W 96 8.11 -16.12 3.39
C PHE W 96 9.43 -16.24 2.64
N GLU W 97 9.72 -15.17 1.89
CA GLU W 97 10.77 -15.22 0.89
C GLU W 97 12.14 -15.40 1.50
N GLU W 98 12.34 -14.90 2.72
CA GLU W 98 13.66 -15.01 3.32
C GLU W 98 14.17 -16.43 3.28
N ARG W 99 13.28 -17.39 3.53
CA ARG W 99 13.57 -18.79 3.30
C ARG W 99 14.13 -18.91 1.89
N LEU W 100 13.28 -18.61 0.92
CA LEU W 100 13.68 -18.60 -0.48
C LEU W 100 14.93 -17.78 -0.68
N LYS W 101 15.04 -16.66 0.03
CA LYS W 101 16.31 -15.96 0.07
C LYS W 101 17.39 -16.82 0.71
N LYS W 102 17.03 -17.50 1.80
CA LYS W 102 18.05 -18.21 2.56
C LYS W 102 18.72 -19.31 1.76
N VAL W 103 17.92 -20.13 1.09
CA VAL W 103 18.42 -21.32 0.42
C VAL W 103 19.54 -20.99 -0.55
N MET W 104 19.63 -19.74 -0.96
CA MET W 104 20.48 -19.39 -2.07
C MET W 104 21.94 -19.53 -1.72
N GLU W 105 22.34 -19.05 -0.55
CA GLU W 105 23.71 -19.27 -0.13
C GLU W 105 23.99 -20.74 0.03
N GLU W 106 23.02 -21.46 0.59
CA GLU W 106 23.16 -22.89 0.80
C GLU W 106 23.59 -23.56 -0.50
N ILE W 107 22.82 -23.33 -1.54
CA ILE W 107 23.16 -23.87 -2.83
C ILE W 107 24.40 -23.19 -3.38
N GLN W 108 24.60 -21.90 -3.07
CA GLN W 108 25.87 -21.28 -3.41
C GLN W 108 26.99 -21.91 -2.58
N GLN W 109 26.68 -22.28 -1.33
CA GLN W 109 27.65 -23.00 -0.53
C GLN W 109 27.91 -24.38 -1.11
N ALA W 110 26.97 -24.91 -1.86
CA ALA W 110 27.07 -26.28 -2.35
C ALA W 110 28.26 -26.48 -3.29
N GLY W 111 28.94 -25.40 -3.65
CA GLY W 111 30.16 -25.47 -4.47
C GLY W 111 29.86 -26.08 -5.83
N ASN W 112 27.84 -27.65 -7.21
CA ASN W 112 27.54 -29.06 -7.27
C ASN W 112 26.13 -29.28 -7.81
N VAL W 113 25.41 -28.19 -8.09
CA VAL W 113 24.01 -28.25 -8.47
C VAL W 113 23.69 -27.14 -9.46
N ILE W 114 22.43 -27.10 -9.85
CA ILE W 114 21.83 -25.94 -10.52
C ILE W 114 20.35 -25.98 -10.20
N LEU W 115 19.73 -24.81 -10.13
CA LEU W 115 18.29 -24.74 -9.99
C LEU W 115 17.68 -24.24 -11.28
N PHE W 116 16.48 -24.73 -11.56
CA PHE W 116 15.64 -24.17 -12.58
C PHE W 116 14.53 -23.38 -11.91
N ILE W 117 14.55 -22.07 -12.09
CA ILE W 117 13.39 -21.27 -11.73
C ILE W 117 12.34 -21.49 -12.78
N ASP W 118 11.08 -21.48 -12.38
CA ASP W 118 10.14 -22.17 -13.24
C ASP W 118 9.39 -21.21 -14.14
N GLU W 119 8.40 -20.51 -13.61
CA GLU W 119 7.53 -19.74 -14.50
C GLU W 119 7.33 -18.31 -14.05
N LEU W 120 6.67 -18.13 -12.92
CA LEU W 120 6.49 -16.76 -12.47
C LEU W 120 7.81 -16.32 -11.87
N HIS W 121 8.44 -15.38 -12.52
CA HIS W 121 9.67 -14.84 -12.04
C HIS W 121 9.22 -13.46 -11.77
N THR W 122 9.04 -13.15 -10.50
CA THR W 122 7.89 -12.33 -10.22
C THR W 122 8.16 -10.90 -9.86
N LEU W 123 7.32 -10.05 -10.44
CA LEU W 123 7.09 -8.71 -9.93
C LEU W 123 5.95 -8.84 -8.93
N VAL W 124 6.27 -8.69 -7.66
CA VAL W 124 5.40 -9.07 -6.57
C VAL W 124 5.15 -7.89 -5.65
N GLY W 125 4.11 -7.99 -4.83
CA GLY W 125 3.89 -7.05 -3.75
C GLY W 125 4.89 -7.24 -2.63
N ALA W 126 5.06 -8.48 -2.16
CA ALA W 126 5.95 -8.75 -1.03
C ALA W 126 6.86 -9.93 -1.29
N ALA W 135 9.54 -9.84 -2.82
CA ALA W 135 9.13 -9.27 -4.08
C ALA W 135 10.31 -8.61 -4.76
N SER W 136 10.06 -8.07 -5.95
CA SER W 136 11.03 -7.22 -6.62
C SER W 136 12.38 -7.91 -6.66
N ASN W 137 13.37 -7.35 -5.97
CA ASN W 137 14.67 -8.01 -5.91
C ASN W 137 14.64 -8.96 -4.73
N ILE W 138 14.53 -10.23 -5.04
CA ILE W 138 14.68 -11.31 -4.09
C ILE W 138 15.54 -12.35 -4.78
N LEU W 139 16.74 -12.55 -4.26
CA LEU W 139 17.82 -13.25 -4.95
C LEU W 139 18.26 -12.45 -6.16
N LYS W 140 17.38 -11.59 -6.65
CA LYS W 140 17.66 -10.87 -7.87
C LYS W 140 18.99 -10.15 -7.76
N PRO W 141 19.33 -9.53 -6.63
CA PRO W 141 20.72 -9.14 -6.44
C PRO W 141 21.67 -10.32 -6.39
N ALA W 142 21.35 -11.32 -5.56
CA ALA W 142 22.24 -12.46 -5.50
C ALA W 142 22.25 -13.19 -6.83
N LEU W 143 21.14 -13.14 -7.54
CA LEU W 143 21.18 -13.36 -8.96
C LEU W 143 22.21 -12.42 -9.55
N ALA W 144 21.91 -11.12 -9.48
CA ALA W 144 22.78 -10.11 -10.06
C ALA W 144 24.19 -10.17 -9.50
N ARG W 145 24.39 -10.94 -8.44
CA ARG W 145 25.73 -11.20 -7.91
C ARG W 145 26.65 -11.80 -8.95
N GLY W 146 26.12 -12.22 -10.10
CA GLY W 146 26.97 -12.80 -11.10
C GLY W 146 27.46 -14.16 -10.68
N GLU W 147 26.63 -14.90 -9.95
CA GLU W 147 26.97 -16.24 -9.51
C GLU W 147 25.72 -17.09 -9.63
N LEU W 148 25.82 -18.33 -9.17
CA LEU W 148 24.65 -19.18 -9.02
C LEU W 148 23.94 -19.45 -10.34
N GLN W 149 24.53 -20.32 -11.14
CA GLN W 149 23.88 -20.85 -12.34
C GLN W 149 22.48 -21.35 -12.03
N CYS W 150 21.51 -20.87 -12.81
CA CYS W 150 20.09 -21.14 -12.60
C CYS W 150 19.39 -21.03 -13.95
N ILE W 151 18.15 -21.50 -14.09
CA ILE W 151 17.39 -21.35 -15.32
C ILE W 151 16.00 -20.86 -15.01
N GLY W 152 15.49 -19.93 -15.83
CA GLY W 152 14.10 -19.53 -15.81
C GLY W 152 13.32 -20.03 -17.01
N ALA W 153 12.01 -19.79 -16.98
CA ALA W 153 11.18 -19.91 -18.17
C ALA W 153 9.87 -19.15 -18.00
N THR W 154 9.28 -18.77 -19.13
CA THR W 154 7.95 -18.18 -19.16
C THR W 154 7.45 -18.14 -20.58
N THR W 155 6.40 -17.39 -20.84
CA THR W 155 6.13 -16.87 -22.17
C THR W 155 6.39 -15.37 -22.13
N LEU W 156 6.74 -14.80 -23.29
CA LEU W 156 7.23 -13.44 -23.31
C LEU W 156 6.32 -12.50 -22.56
N ASP W 157 5.02 -12.78 -22.59
CA ASP W 157 4.04 -11.91 -21.99
C ASP W 157 4.48 -11.49 -20.60
N GLU W 158 5.03 -12.43 -19.85
CA GLU W 158 5.70 -12.06 -18.62
C GLU W 158 7.10 -11.54 -18.92
N TYR W 159 7.80 -12.23 -19.83
CA TYR W 159 9.20 -11.91 -20.11
C TYR W 159 9.38 -10.44 -20.38
N ARG W 160 8.36 -9.78 -20.94
CA ARG W 160 8.43 -8.36 -21.16
C ARG W 160 8.81 -7.58 -19.92
N LYS W 161 8.58 -8.14 -18.73
CA LYS W 161 8.72 -7.30 -17.57
C LYS W 161 10.01 -7.52 -16.80
N ASN W 162 10.06 -8.56 -15.97
CA ASN W 162 11.02 -8.61 -14.86
C ASN W 162 12.46 -8.63 -15.39
N ILE W 163 12.78 -9.62 -16.21
CA ILE W 163 14.10 -9.71 -16.82
C ILE W 163 14.38 -8.45 -17.64
N GLU W 164 13.35 -7.95 -18.33
CA GLU W 164 13.50 -6.81 -19.22
C GLU W 164 13.49 -5.48 -18.48
N LYS W 165 12.50 -5.27 -17.61
CA LYS W 165 12.38 -3.97 -16.96
C LYS W 165 13.64 -3.63 -16.17
N ASP W 166 14.33 -4.64 -15.65
CA ASP W 166 15.72 -4.42 -15.25
C ASP W 166 16.60 -4.28 -16.48
N ALA W 167 16.61 -5.29 -17.33
CA ALA W 167 17.54 -5.38 -18.41
C ALA W 167 18.92 -5.83 -17.99
N ALA W 168 19.27 -5.65 -16.72
CA ALA W 168 20.46 -6.29 -16.18
C ALA W 168 20.17 -7.72 -15.81
N LEU W 169 18.93 -8.01 -15.45
CA LEU W 169 18.50 -9.39 -15.38
C LEU W 169 18.33 -9.96 -16.78
N GLU W 170 17.91 -9.12 -17.70
CA GLU W 170 18.18 -9.41 -19.10
C GLU W 170 19.66 -9.63 -19.31
N ARG W 171 20.49 -8.76 -18.74
CA ARG W 171 21.91 -9.03 -18.76
C ARG W 171 22.26 -10.23 -17.92
N ARG W 172 21.40 -10.62 -16.98
CA ARG W 172 21.54 -11.90 -16.30
C ARG W 172 20.90 -13.07 -17.03
N PHE W 173 19.80 -12.86 -17.74
CA PHE W 173 19.06 -13.98 -18.32
C PHE W 173 19.28 -14.07 -19.82
N GLN W 174 19.28 -15.30 -20.33
CA GLN W 174 19.30 -15.54 -21.76
C GLN W 174 17.97 -16.14 -22.18
N PRO W 175 17.22 -15.40 -22.99
CA PRO W 175 15.93 -15.88 -23.42
C PRO W 175 16.06 -16.87 -24.56
N VAL W 176 15.20 -17.89 -24.55
CA VAL W 176 15.10 -18.87 -25.61
C VAL W 176 13.64 -19.30 -25.68
N GLN W 177 13.20 -19.65 -26.88
CA GLN W 177 11.85 -20.14 -27.07
C GLN W 177 11.86 -21.22 -28.13
N VAL W 178 10.90 -22.12 -28.05
CA VAL W 178 10.73 -23.18 -29.03
C VAL W 178 9.25 -23.34 -29.32
N ASP W 179 8.93 -23.52 -30.60
CA ASP W 179 7.56 -23.68 -31.04
C ASP W 179 7.01 -25.02 -30.60
N GLU W 180 5.69 -25.15 -30.68
CA GLU W 180 5.09 -26.45 -30.47
C GLU W 180 5.77 -27.44 -31.39
N PRO W 181 6.18 -28.59 -30.88
CA PRO W 181 6.89 -29.57 -31.70
C PRO W 181 6.07 -29.97 -32.92
N ARG X 1 0.67 -58.04 0.35
CA ARG X 1 0.95 -59.47 0.48
C ARG X 1 2.38 -59.70 0.97
N LEU X 2 2.57 -60.76 1.76
CA LEU X 2 3.92 -61.19 2.09
C LEU X 2 4.57 -61.84 0.86
N THR X 3 5.76 -62.37 1.07
CA THR X 3 6.52 -63.04 0.01
C THR X 3 7.15 -64.33 0.50
N GLU X 4 8.44 -64.50 0.24
CA GLU X 4 9.17 -65.70 0.65
C GLU X 4 9.28 -65.80 2.17
N ARG X 5 10.18 -65.00 2.75
CA ARG X 5 10.38 -64.99 4.19
C ARG X 5 9.04 -64.70 4.87
N ALA X 6 8.63 -65.60 5.76
CA ALA X 6 7.37 -65.44 6.48
C ALA X 6 6.29 -66.24 5.75
N GLN X 7 6.04 -65.86 4.50
CA GLN X 7 5.04 -66.56 3.69
C GLN X 7 5.43 -68.01 3.62
N ARG X 8 6.69 -68.27 3.25
CA ARG X 8 7.21 -69.63 3.18
C ARG X 8 7.03 -70.28 4.53
N VAL X 9 7.49 -69.61 5.58
CA VAL X 9 7.34 -70.11 6.93
C VAL X 9 5.85 -70.26 7.16
N LEU X 10 5.08 -69.71 6.22
CA LEU X 10 3.62 -69.78 6.26
C LEU X 10 3.11 -70.98 5.45
N ALA X 11 3.80 -71.34 4.37
CA ALA X 11 3.38 -72.51 3.60
C ALA X 11 3.79 -73.79 4.32
N HIS X 12 4.99 -73.83 4.88
CA HIS X 12 5.34 -74.97 5.71
C HIS X 12 4.44 -75.00 6.94
N ALA X 13 3.98 -73.82 7.39
CA ALA X 13 2.87 -73.77 8.33
C ALA X 13 1.62 -74.40 7.72
N GLN X 14 1.28 -73.98 6.50
CA GLN X 14 0.21 -74.65 5.76
C GLN X 14 0.55 -76.12 5.53
N GLU X 15 1.81 -76.40 5.22
CA GLU X 15 2.27 -77.78 5.16
C GLU X 15 2.09 -78.45 6.51
N GLU X 16 2.42 -77.74 7.59
CA GLU X 16 2.11 -78.23 8.92
C GLU X 16 0.61 -78.21 9.18
N ALA X 17 -0.08 -77.22 8.64
CA ALA X 17 -1.54 -77.23 8.68
C ALA X 17 -2.12 -78.39 7.88
N ILE X 18 -1.34 -78.95 6.97
CA ILE X 18 -1.70 -80.20 6.33
C ILE X 18 -1.11 -81.41 7.05
N ARG X 19 -0.20 -81.20 8.00
CA ARG X 19 0.39 -82.33 8.72
C ARG X 19 -0.61 -82.92 9.69
N LEU X 20 -1.11 -82.13 10.63
CA LEU X 20 -2.11 -82.57 11.58
C LEU X 20 -3.51 -82.13 11.20
N ASN X 21 -3.68 -81.44 10.07
CA ASN X 21 -4.96 -80.92 9.59
C ASN X 21 -5.79 -80.30 10.71
N HIS X 22 -5.32 -79.17 11.23
CA HIS X 22 -6.01 -78.52 12.34
C HIS X 22 -7.29 -77.86 11.83
N SER X 23 -8.31 -77.73 12.70
CA SER X 23 -9.49 -76.96 12.31
C SER X 23 -9.21 -75.49 12.18
N ASN X 24 -8.08 -75.04 12.70
CA ASN X 24 -7.82 -73.63 12.92
C ASN X 24 -6.31 -73.45 12.83
N ILE X 25 -5.86 -72.25 12.48
CA ILE X 25 -4.42 -72.05 12.32
C ILE X 25 -3.87 -71.62 13.66
N GLY X 26 -3.13 -72.53 14.28
CA GLY X 26 -2.50 -72.29 15.56
C GLY X 26 -1.36 -71.30 15.37
N THR X 27 -1.02 -70.57 16.43
CA THR X 27 0.23 -69.80 16.40
C THR X 27 1.43 -70.64 16.00
N GLU X 28 1.34 -71.96 16.18
CA GLU X 28 2.48 -72.83 16.07
C GLU X 28 2.70 -73.37 14.66
N HIS X 29 1.69 -73.27 13.77
CA HIS X 29 1.88 -73.76 12.41
C HIS X 29 3.17 -73.24 11.82
N LEU X 30 3.39 -71.94 11.93
CA LEU X 30 4.63 -71.39 11.44
C LEU X 30 5.76 -71.51 12.46
N LEU X 31 5.43 -71.70 13.74
CA LEU X 31 6.48 -71.91 14.74
C LEU X 31 7.20 -73.23 14.49
N LEU X 32 6.44 -74.33 14.44
CA LEU X 32 7.06 -75.57 14.03
C LEU X 32 7.46 -75.56 12.57
N GLY X 33 6.95 -74.61 11.78
CA GLY X 33 7.48 -74.37 10.45
C GLY X 33 8.74 -73.52 10.49
N LEU X 34 8.78 -72.51 11.36
CA LEU X 34 9.99 -71.74 11.58
C LEU X 34 11.21 -72.64 11.73
N MET X 35 11.23 -73.43 12.79
CA MET X 35 12.12 -74.55 12.86
C MET X 35 11.86 -75.49 11.69
N LYS X 36 12.93 -75.93 11.02
CA LYS X 36 12.75 -77.00 10.05
C LYS X 36 12.67 -78.34 10.74
N GLU X 37 13.51 -78.54 11.73
CA GLU X 37 13.70 -79.80 12.43
C GLU X 37 14.51 -79.38 13.66
N PRO X 38 14.79 -80.25 14.65
CA PRO X 38 15.47 -79.78 15.86
C PRO X 38 16.77 -79.04 15.62
N GLU X 39 17.20 -78.94 14.36
CA GLU X 39 18.42 -78.24 14.00
C GLU X 39 18.50 -76.90 14.71
N GLY X 40 19.70 -76.57 15.19
CA GLY X 40 20.00 -75.20 15.53
C GLY X 40 20.12 -74.32 14.30
N ILE X 41 20.15 -74.91 13.10
CA ILE X 41 20.39 -74.14 11.91
C ILE X 41 19.37 -73.05 11.69
N ALA X 42 17.50 -71.73 17.24
CA ALA X 42 18.53 -71.27 18.17
C ALA X 42 18.97 -69.86 17.86
N ALA X 43 19.37 -69.64 16.62
CA ALA X 43 19.74 -68.35 16.08
C ALA X 43 18.61 -67.34 16.24
N LYS X 44 17.43 -67.82 16.65
CA LYS X 44 16.31 -66.92 16.88
C LYS X 44 16.63 -65.88 17.94
N VAL X 45 16.06 -64.71 17.73
CA VAL X 45 16.23 -63.47 18.45
C VAL X 45 15.54 -63.49 19.81
N LEU X 46 14.82 -64.56 20.13
CA LEU X 46 14.12 -64.73 21.40
C LEU X 46 14.95 -65.61 22.33
N GLU X 47 15.21 -66.84 21.90
CA GLU X 47 16.01 -67.77 22.70
C GLU X 47 17.29 -67.10 23.18
N SER X 48 18.01 -66.46 22.27
CA SER X 48 19.15 -65.65 22.69
C SER X 48 18.71 -64.63 23.74
N PHE X 49 17.61 -63.93 23.48
CA PHE X 49 17.12 -62.96 24.44
C PHE X 49 16.53 -63.53 25.72
N ASN X 50 15.49 -64.35 25.61
CA ASN X 50 14.79 -64.78 26.82
C ASN X 50 14.47 -66.27 26.85
N ILE X 51 13.53 -66.72 26.01
CA ILE X 51 12.89 -68.01 26.14
C ILE X 51 13.55 -69.04 25.22
N THR X 52 14.11 -70.09 25.81
CA THR X 52 14.64 -71.20 25.03
C THR X 52 13.60 -71.71 24.04
N GLU X 53 14.03 -71.91 22.79
CA GLU X 53 13.12 -72.50 21.82
C GLU X 53 13.07 -74.02 21.93
N ASP X 54 14.18 -74.67 22.28
CA ASP X 54 14.10 -76.08 22.64
C ASP X 54 13.05 -76.28 23.71
N LYS X 55 13.04 -75.38 24.71
CA LYS X 55 11.91 -75.22 25.59
C LYS X 55 10.63 -74.88 24.84
N VAL X 56 10.73 -73.94 23.90
CA VAL X 56 9.54 -73.43 23.23
C VAL X 56 9.08 -74.36 22.10
N ILE X 57 10.01 -74.91 21.31
CA ILE X 57 9.67 -75.83 20.23
C ILE X 57 8.84 -77.00 20.72
N GLU X 58 9.38 -77.76 21.67
CA GLU X 58 8.70 -78.99 22.06
C GLU X 58 7.30 -78.71 22.59
N GLU X 59 7.14 -77.60 23.33
CA GLU X 59 5.84 -77.33 23.92
C GLU X 59 4.88 -76.77 22.89
N VAL X 60 5.38 -76.06 21.87
CA VAL X 60 4.47 -75.62 20.82
C VAL X 60 4.11 -76.79 19.93
N GLU X 61 4.99 -77.77 19.81
CA GLU X 61 4.70 -78.96 19.00
C GLU X 61 3.45 -79.66 19.51
N LYS X 62 3.37 -79.86 20.82
CA LYS X 62 2.22 -80.51 21.40
C LYS X 62 0.97 -79.64 21.39
N LEU X 63 1.09 -78.38 20.99
CA LEU X 63 -0.12 -77.62 20.73
C LEU X 63 -0.68 -77.93 19.35
N ILE X 64 0.19 -78.25 18.41
CA ILE X 64 -0.28 -78.72 17.10
C ILE X 64 -1.22 -79.90 17.24
N GLY X 65 -0.98 -80.75 18.25
CA GLY X 65 -1.76 -81.96 18.41
C GLY X 65 -2.97 -81.78 19.30
N HIS X 66 -9.46 -82.62 16.32
CA HIS X 66 -9.07 -83.19 15.05
C HIS X 66 -10.07 -82.83 13.96
N GLY X 67 -9.55 -82.41 12.81
CA GLY X 67 -10.34 -81.87 11.72
C GLY X 67 -10.09 -82.72 10.47
N GLN X 68 -10.71 -82.33 9.37
CA GLN X 68 -10.68 -83.07 8.11
C GLN X 68 -10.08 -82.20 7.02
N ASP X 69 -9.85 -82.72 5.80
CA ASP X 69 -8.99 -81.98 4.84
C ASP X 69 -9.51 -80.60 4.44
N HIS X 70 -10.79 -80.47 4.12
CA HIS X 70 -11.27 -79.17 3.65
C HIS X 70 -11.22 -78.12 4.77
N VAL X 71 -11.79 -78.38 5.96
CA VAL X 71 -11.56 -77.44 7.08
C VAL X 71 -10.13 -77.46 7.60
N GLY X 72 -9.31 -78.42 7.21
CA GLY X 72 -7.88 -78.29 7.49
C GLY X 72 -7.37 -76.98 6.90
N THR X 73 -6.46 -76.34 7.64
CA THR X 73 -5.89 -75.03 7.31
C THR X 73 -6.94 -74.03 6.85
N LEU X 74 -8.13 -74.07 7.46
CA LEU X 74 -9.20 -73.19 7.00
C LEU X 74 -9.09 -71.80 7.63
N HIS X 75 -8.78 -71.73 8.93
CA HIS X 75 -8.98 -70.45 9.59
C HIS X 75 -7.78 -70.05 10.44
N TYR X 76 -7.43 -68.76 10.43
CA TYR X 76 -6.20 -68.30 11.08
C TYR X 76 -6.21 -68.35 12.59
N THR X 77 -7.36 -68.63 13.23
CA THR X 77 -7.49 -68.45 14.67
C THR X 77 -7.33 -66.99 15.04
N PRO X 78 -8.37 -66.19 14.82
CA PRO X 78 -8.27 -64.74 14.82
C PRO X 78 -7.42 -64.18 15.97
N ARG X 79 -7.42 -64.87 17.12
CA ARG X 79 -6.40 -64.60 18.13
C ARG X 79 -5.02 -64.59 17.49
N ALA X 80 -4.71 -65.61 16.67
CA ALA X 80 -3.56 -65.55 15.79
C ALA X 80 -3.84 -64.76 14.52
N LYS X 81 -5.11 -64.74 14.08
CA LYS X 81 -5.43 -64.17 12.78
C LYS X 81 -4.88 -62.78 12.56
N LYS X 82 -4.94 -61.93 13.59
CA LYS X 82 -4.36 -60.60 13.47
C LYS X 82 -2.87 -60.68 13.18
N VAL X 83 -2.21 -61.72 13.67
CA VAL X 83 -0.76 -61.70 13.79
C VAL X 83 -0.11 -61.59 12.43
N ILE X 84 -0.69 -62.23 11.42
CA ILE X 84 -0.19 -62.05 10.07
C ILE X 84 -0.32 -60.60 9.63
N GLU X 85 -1.46 -59.99 9.90
CA GLU X 85 -1.57 -58.56 9.66
C GLU X 85 -0.81 -57.78 10.73
N LEU X 86 -0.84 -58.27 11.97
CA LEU X 86 0.06 -57.76 12.98
C LEU X 86 1.51 -57.95 12.55
N SER X 87 1.78 -58.97 11.73
CA SER X 87 3.13 -59.09 11.17
C SER X 87 3.44 -57.90 10.29
N MET X 88 2.43 -57.38 9.58
CA MET X 88 2.63 -56.23 8.73
C MET X 88 2.98 -54.97 9.51
N ASP X 89 2.90 -55.01 10.84
CA ASP X 89 2.99 -53.80 11.64
C ASP X 89 4.40 -53.20 11.64
N GLU X 90 5.45 -54.03 11.69
CA GLU X 90 6.75 -53.56 12.16
C GLU X 90 7.70 -53.15 11.03
N ALA X 91 7.27 -53.24 9.76
CA ALA X 91 8.21 -52.98 8.66
C ALA X 91 8.83 -51.60 8.79
N ARG X 92 8.14 -50.66 9.43
CA ARG X 92 8.67 -49.31 9.52
C ARG X 92 9.71 -49.17 10.63
N LYS X 93 9.49 -49.77 11.80
CA LYS X 93 10.50 -49.72 12.85
C LYS X 93 11.58 -50.77 12.62
N LEU X 94 11.22 -51.93 12.08
CA LEU X 94 12.24 -52.72 11.41
C LEU X 94 12.79 -52.01 10.18
N HIS X 95 12.16 -50.89 9.80
CA HIS X 95 12.70 -49.97 8.81
C HIS X 95 12.83 -50.67 7.45
N HIS X 96 11.68 -51.11 6.94
CA HIS X 96 11.58 -52.05 5.85
C HIS X 96 10.38 -51.70 5.00
N ASN X 97 10.49 -51.93 3.69
CA ASN X 97 9.32 -51.83 2.83
C ASN X 97 8.49 -53.12 2.86
N PHE X 98 9.13 -54.25 3.11
CA PHE X 98 8.47 -55.54 3.14
C PHE X 98 8.68 -56.23 4.48
N VAL X 99 7.89 -57.28 4.69
CA VAL X 99 7.64 -57.85 6.00
C VAL X 99 8.25 -59.24 6.01
N GLY X 100 9.34 -59.41 6.74
CA GLY X 100 10.17 -60.59 6.60
C GLY X 100 9.83 -61.65 7.66
N THR X 101 10.61 -62.73 7.67
CA THR X 101 10.37 -63.82 8.58
C THR X 101 10.69 -63.44 10.02
N GLU X 102 11.51 -62.42 10.23
CA GLU X 102 11.66 -61.86 11.57
C GLU X 102 10.45 -61.03 11.96
N HIS X 103 9.75 -60.49 10.97
CA HIS X 103 8.63 -59.59 11.20
C HIS X 103 7.35 -60.35 11.53
N ILE X 104 7.11 -61.45 10.83
CA ILE X 104 5.97 -62.30 11.15
C ILE X 104 6.08 -62.80 12.58
N LEU X 105 7.22 -63.38 12.92
CA LEU X 105 7.47 -63.76 14.29
C LEU X 105 7.35 -62.58 15.22
N LEU X 106 7.77 -61.39 14.76
CA LEU X 106 7.67 -60.20 15.58
C LEU X 106 6.23 -60.01 16.06
N GLY X 107 5.27 -60.25 15.19
CA GLY X 107 3.89 -60.19 15.65
C GLY X 107 3.51 -61.43 16.41
N LEU X 108 4.13 -62.56 16.08
CA LEU X 108 3.86 -63.79 16.80
C LEU X 108 4.18 -63.65 18.28
N ASN X 112 2.88 -62.38 20.54
CA ASN X 112 1.72 -62.43 21.41
C ASN X 112 1.08 -63.81 21.39
N GLU X 113 0.34 -64.17 20.33
CA GLU X 113 -0.41 -65.42 20.37
C GLU X 113 0.52 -66.61 20.19
N GLY X 114 1.66 -66.43 19.55
CA GLY X 114 2.68 -67.47 19.58
C GLY X 114 3.47 -67.18 20.83
N VAL X 115 3.21 -67.98 21.85
CA VAL X 115 3.72 -67.78 23.18
C VAL X 115 3.00 -68.76 24.08
N ALA X 116 3.51 -68.96 25.27
CA ALA X 116 2.69 -69.40 26.38
C ALA X 116 2.70 -68.24 27.34
N ALA X 117 1.63 -67.48 27.39
CA ALA X 117 1.57 -66.31 28.25
C ALA X 117 0.50 -66.66 29.28
N ARG X 118 0.95 -66.99 30.48
CA ARG X 118 0.20 -67.77 31.45
C ARG X 118 0.83 -67.57 32.82
N VAL X 119 0.41 -68.39 33.79
CA VAL X 119 1.07 -68.43 35.10
C VAL X 119 2.57 -68.62 34.93
N PHE X 120 2.97 -69.62 34.14
CA PHE X 120 4.34 -69.75 33.66
C PHE X 120 4.36 -69.20 32.24
N ALA X 121 4.96 -68.03 32.06
CA ALA X 121 4.90 -67.34 30.78
C ALA X 121 6.11 -67.70 29.95
N ASN X 122 5.89 -68.43 28.86
CA ASN X 122 6.82 -68.36 27.74
C ASN X 122 6.11 -67.45 26.77
N LEU X 123 6.43 -66.17 26.86
CA LEU X 123 5.90 -65.20 25.92
C LEU X 123 6.80 -65.28 24.71
N ASP X 124 6.71 -64.31 23.83
CA ASP X 124 7.83 -64.00 22.97
C ASP X 124 8.15 -62.53 23.16
N LEU X 125 9.43 -62.24 23.41
CA LEU X 125 9.89 -60.90 23.72
C LEU X 125 9.42 -59.97 22.62
N ASN X 126 8.68 -58.92 23.00
CA ASN X 126 7.95 -58.13 22.02
C ASN X 126 8.88 -57.21 21.23
N ILE X 127 9.54 -56.27 21.91
CA ILE X 127 10.38 -55.25 21.27
C ILE X 127 11.87 -55.51 21.51
N THR X 128 12.28 -55.57 22.78
CA THR X 128 13.69 -55.41 23.15
C THR X 128 14.61 -56.36 22.38
N LYS X 129 14.36 -57.66 22.46
CA LYS X 129 15.37 -58.62 22.04
C LYS X 129 15.43 -58.74 20.51
N ALA X 130 14.28 -58.76 19.84
CA ALA X 130 14.29 -58.91 18.38
C ALA X 130 15.08 -57.78 17.73
N ARG X 131 14.72 -56.53 18.06
CA ARG X 131 15.28 -55.36 17.40
C ARG X 131 16.81 -55.40 17.37
N ALA X 132 17.43 -55.30 18.54
CA ALA X 132 18.89 -55.27 18.59
C ALA X 132 19.48 -56.57 18.07
N GLN X 133 18.76 -57.67 18.17
CA GLN X 133 19.23 -58.89 17.54
C GLN X 133 18.77 -58.99 16.08
N VAL X 134 17.82 -58.16 15.67
CA VAL X 134 17.71 -57.85 14.25
C VAL X 134 18.71 -56.79 13.83
N VAL X 135 19.09 -55.90 14.76
CA VAL X 135 20.32 -55.13 14.54
C VAL X 135 21.50 -56.08 14.38
N LYS X 136 21.44 -57.24 15.03
CA LYS X 136 22.35 -58.32 14.71
C LYS X 136 21.98 -58.95 13.37
N ALA X 137 20.72 -59.35 13.20
CA ALA X 137 20.28 -60.11 12.04
C ALA X 137 19.61 -59.18 11.04
N LEU X 138 20.30 -58.88 9.96
CA LEU X 138 19.91 -57.86 8.98
C LEU X 138 19.86 -56.51 9.69
N GLY X 139 18.81 -55.75 9.51
CA GLY X 139 18.67 -54.35 9.85
C GLY X 139 17.66 -53.74 8.88
N ASN X 140 17.79 -52.43 8.64
CA ASN X 140 17.23 -51.90 7.40
C ASN X 140 17.80 -52.67 6.21
N PRO X 141 18.95 -53.30 6.39
CA PRO X 141 19.68 -54.04 5.37
C PRO X 141 18.76 -54.98 4.62
N GLU X 142 17.75 -55.52 5.31
CA GLU X 142 16.81 -56.44 4.69
C GLU X 142 15.52 -55.71 4.28
N MET X 143 15.63 -54.88 3.25
CA MET X 143 14.49 -54.12 2.76
C MET X 143 13.31 -55.04 2.44
N SER X 144 13.59 -56.11 1.70
CA SER X 144 12.55 -57.07 1.33
C SER X 144 12.35 -57.10 -0.18
N ASN X 145 11.47 -57.97 -0.64
CA ASN X 145 11.18 -58.09 -2.06
C ASN X 145 12.06 -59.15 -2.71
N LYS X 146 11.90 -60.40 -2.29
CA LYS X 146 12.68 -61.50 -2.84
C LYS X 146 11.91 -62.82 -2.76
N ASN X 147 11.89 -63.41 -1.57
CA ASN X 147 11.20 -64.67 -1.35
C ASN X 147 11.27 -65.14 0.09
N ALA X 148 12.49 -65.15 0.63
CA ALA X 148 12.70 -65.58 2.01
C ALA X 148 13.99 -66.40 2.14
N GLN X 149 15.09 -65.72 2.41
CA GLN X 149 16.38 -66.38 2.55
C GLN X 149 17.15 -65.85 3.75
N ALA X 150 17.24 -66.65 4.80
CA ALA X 150 17.95 -66.26 6.02
C ALA X 150 17.71 -67.25 7.15
N SER X 151 17.66 -68.53 6.80
CA SER X 151 17.43 -69.59 7.78
C SER X 151 18.71 -69.94 8.52
N LYS X 152 18.59 -70.22 9.81
CA LYS X 152 19.75 -70.57 10.63
C LYS X 152 20.83 -69.51 10.53
N SER X 153 22.08 -69.94 10.38
CA SER X 153 23.22 -69.02 10.27
C SER X 153 23.35 -68.45 8.87
N ASN X 154 22.57 -67.42 8.57
CA ASN X 154 22.61 -66.78 7.26
C ASN X 154 22.01 -65.38 7.31
N ASN X 155 20.97 -65.15 6.51
CA ASN X 155 20.31 -63.86 6.46
C ASN X 155 21.29 -62.75 6.06
N LYS Y 1 7.46 -4.66 -64.75
CA LYS Y 1 6.78 -5.68 -65.51
C LYS Y 1 6.97 -7.04 -64.87
N LEU Y 2 5.90 -7.80 -64.84
CA LEU Y 2 5.91 -9.12 -64.23
C LEU Y 2 5.66 -10.13 -65.34
N THR Y 3 6.70 -10.85 -65.73
CA THR Y 3 6.67 -11.59 -66.97
C THR Y 3 5.74 -12.79 -66.87
N LYS Y 4 5.36 -13.29 -68.04
CA LYS Y 4 4.53 -14.50 -68.16
C LYS Y 4 5.06 -15.54 -67.21
N GLU Y 5 6.38 -15.59 -67.11
CA GLU Y 5 7.06 -16.37 -66.09
C GLU Y 5 6.34 -16.15 -64.79
N GLU Y 6 6.53 -14.94 -64.26
CA GLU Y 6 6.00 -14.59 -62.94
C GLU Y 6 4.55 -15.04 -62.84
N LEU Y 7 3.76 -14.71 -63.84
CA LEU Y 7 2.34 -15.02 -63.84
C LEU Y 7 2.18 -16.47 -63.44
N LYS Y 8 2.54 -17.39 -64.33
CA LYS Y 8 2.35 -18.79 -63.97
C LYS Y 8 3.22 -19.18 -62.79
N GLU Y 9 4.37 -18.54 -62.65
CA GLU Y 9 5.18 -18.82 -61.48
C GLU Y 9 4.42 -18.50 -60.21
N ILE Y 10 3.87 -17.29 -60.13
CA ILE Y 10 3.06 -16.98 -58.97
C ILE Y 10 1.86 -17.92 -58.90
N VAL Y 11 1.28 -18.21 -60.07
CA VAL Y 11 0.21 -19.19 -60.14
C VAL Y 11 0.61 -20.46 -59.42
N THR Y 12 1.88 -20.83 -59.50
CA THR Y 12 2.33 -21.89 -58.63
C THR Y 12 2.04 -21.53 -57.19
N MET Y 13 2.81 -20.58 -56.67
CA MET Y 13 2.76 -20.36 -55.24
C MET Y 13 1.35 -20.01 -54.82
N MET Y 14 0.55 -19.52 -55.76
CA MET Y 14 -0.88 -19.49 -55.55
C MET Y 14 -1.38 -20.85 -55.05
N VAL Y 15 -0.91 -21.92 -55.67
CA VAL Y 15 -1.34 -23.23 -55.26
C VAL Y 15 -0.94 -23.53 -53.84
N ASN Y 16 0.13 -22.88 -53.36
CA ASN Y 16 0.73 -23.28 -52.10
C ASN Y 16 -0.30 -23.26 -50.98
N LYS Y 17 -0.95 -22.11 -50.77
CA LYS Y 17 -1.96 -21.99 -49.74
C LYS Y 17 -2.92 -23.17 -49.77
N LEU Y 18 -3.33 -23.57 -50.95
CA LEU Y 18 -4.18 -24.73 -51.10
C LEU Y 18 -3.49 -25.90 -50.43
N THR Y 19 -2.41 -26.34 -51.07
CA THR Y 19 -1.67 -27.47 -50.54
C THR Y 19 -1.23 -27.22 -49.11
N ASN Y 20 -0.49 -26.13 -48.87
CA ASN Y 20 0.11 -25.91 -47.57
C ASN Y 20 -0.93 -25.86 -46.46
N ARG Y 21 -2.18 -25.73 -46.85
CA ARG Y 21 -3.27 -25.79 -45.89
C ARG Y 21 -4.13 -27.00 -46.15
N LEU Y 22 -4.74 -27.06 -47.31
CA LEU Y 22 -5.86 -27.98 -47.49
C LEU Y 22 -5.29 -29.36 -47.53
N SER Y 23 -4.51 -29.64 -48.56
CA SER Y 23 -3.81 -30.91 -48.59
C SER Y 23 -2.84 -31.02 -47.41
N GLU Y 24 -2.67 -29.95 -46.63
CA GLU Y 24 -1.93 -30.06 -45.38
C GLU Y 24 -2.78 -29.97 -44.13
N GLN Y 25 -7.23 -31.20 -45.50
CA GLN Y 25 -7.89 -32.02 -46.52
C GLN Y 25 -7.04 -33.21 -46.95
N ASN Y 26 -5.76 -32.99 -47.24
CA ASN Y 26 -4.89 -34.05 -47.69
C ASN Y 26 -5.42 -34.68 -48.98
N ILE Y 27 -5.37 -33.89 -50.04
CA ILE Y 27 -5.96 -34.28 -51.32
C ILE Y 27 -5.01 -33.98 -52.46
N ASN Y 28 -4.63 -35.02 -53.19
CA ASN Y 28 -3.68 -34.86 -54.28
C ASN Y 28 -4.19 -33.88 -55.32
N ILE Y 29 -3.26 -33.26 -56.03
CA ILE Y 29 -3.60 -32.13 -56.88
C ILE Y 29 -3.01 -32.31 -58.26
N ILE Y 30 -3.84 -32.16 -59.30
CA ILE Y 30 -3.39 -32.15 -60.67
C ILE Y 30 -3.49 -30.74 -61.24
N VAL Y 31 -2.64 -30.47 -62.22
CA VAL Y 31 -2.46 -29.13 -62.74
C VAL Y 31 -2.47 -29.18 -64.25
N THR Y 32 -3.44 -28.52 -64.87
CA THR Y 32 -3.50 -28.46 -66.32
C THR Y 32 -2.97 -27.11 -66.75
N ASP Y 33 -1.75 -27.12 -67.30
CA ASP Y 33 -1.10 -25.87 -67.65
C ASP Y 33 -2.00 -25.01 -68.50
N LYS Y 34 -2.56 -25.61 -69.54
CA LYS Y 34 -3.51 -24.95 -70.43
C LYS Y 34 -4.52 -24.18 -69.62
N ALA Y 35 -5.37 -24.90 -68.91
CA ALA Y 35 -6.32 -24.24 -68.03
C ALA Y 35 -5.59 -23.29 -67.10
N LYS Y 36 -4.58 -23.79 -66.38
CA LYS Y 36 -3.77 -22.94 -65.52
C LYS Y 36 -3.42 -21.68 -66.25
N ASP Y 37 -2.94 -21.83 -67.47
CA ASP Y 37 -2.62 -20.67 -68.28
C ASP Y 37 -3.89 -19.96 -68.70
N LYS Y 38 -4.87 -20.70 -69.23
CA LYS Y 38 -6.19 -20.13 -69.50
C LYS Y 38 -6.68 -19.35 -68.30
N ILE Y 39 -6.57 -19.97 -67.12
CA ILE Y 39 -6.74 -19.20 -65.91
C ILE Y 39 -5.76 -18.05 -65.90
N ALA Y 40 -4.45 -18.37 -65.87
CA ALA Y 40 -3.43 -17.33 -65.82
C ALA Y 40 -3.65 -16.26 -66.88
N GLU Y 41 -4.07 -16.68 -68.07
CA GLU Y 41 -4.56 -15.77 -69.10
C GLU Y 41 -5.51 -14.78 -68.48
N GLU Y 42 -6.67 -15.26 -68.07
CA GLU Y 42 -7.57 -14.41 -67.33
C GLU Y 42 -7.03 -14.08 -65.95
N GLY Y 43 -6.01 -14.80 -65.50
CA GLY Y 43 -5.45 -14.55 -64.19
C GLY Y 43 -4.81 -13.20 -64.08
N TYR Y 44 -3.86 -12.90 -64.94
CA TYR Y 44 -3.18 -11.63 -64.84
C TYR Y 44 -4.04 -10.54 -65.45
N ASP Y 45 -4.19 -9.45 -64.71
CA ASP Y 45 -4.68 -8.21 -65.27
C ASP Y 45 -3.56 -7.22 -65.30
N PRO Y 46 -3.58 -6.34 -66.28
CA PRO Y 46 -2.60 -5.26 -66.29
C PRO Y 46 -2.70 -4.46 -65.00
N GLU Y 47 -3.79 -3.71 -64.89
CA GLU Y 47 -3.96 -2.76 -63.79
C GLU Y 47 -3.79 -3.41 -62.43
N TYR Y 48 -4.66 -4.36 -62.12
CA TYR Y 48 -4.66 -4.95 -60.78
C TYR Y 48 -3.59 -6.01 -60.63
N GLY Y 49 -2.78 -6.23 -61.66
CA GLY Y 49 -1.89 -7.36 -61.65
C GLY Y 49 -2.72 -8.61 -61.84
N ALA Y 50 -2.07 -9.74 -61.59
CA ALA Y 50 -2.84 -10.97 -61.50
C ALA Y 50 -3.62 -11.05 -60.21
N ARG Y 51 -3.46 -10.07 -59.31
CA ARG Y 51 -3.93 -10.13 -57.94
C ARG Y 51 -5.31 -10.76 -57.81
N PRO Y 52 -6.25 -10.47 -58.69
CA PRO Y 52 -7.53 -11.19 -58.63
C PRO Y 52 -7.39 -12.69 -58.55
N LEU Y 53 -6.24 -13.20 -58.98
CA LEU Y 53 -6.06 -14.64 -59.10
C LEU Y 53 -6.56 -15.37 -57.88
N ILE Y 54 -6.21 -14.85 -56.71
CA ILE Y 54 -6.69 -15.41 -55.45
C ILE Y 54 -8.16 -15.72 -55.57
N ARG Y 55 -8.96 -14.68 -55.67
CA ARG Y 55 -10.37 -14.89 -55.96
C ARG Y 55 -10.51 -15.79 -57.16
N ALA Y 56 -9.87 -15.41 -58.27
CA ALA Y 56 -10.06 -16.10 -59.54
C ALA Y 56 -10.05 -17.59 -59.34
N ILE Y 57 -8.94 -18.08 -58.83
CA ILE Y 57 -8.83 -19.48 -58.47
C ILE Y 57 -10.02 -19.94 -57.66
N GLN Y 58 -10.09 -19.47 -56.42
CA GLN Y 58 -10.94 -20.08 -55.42
C GLN Y 58 -12.31 -20.42 -55.98
N LYS Y 59 -12.81 -19.50 -56.80
CA LYS Y 59 -14.19 -19.50 -57.24
C LYS Y 59 -14.57 -20.90 -57.71
N THR Y 60 -14.02 -21.26 -58.86
CA THR Y 60 -14.26 -22.57 -59.45
C THR Y 60 -13.41 -23.62 -58.79
N ILE Y 61 -12.22 -23.24 -58.34
CA ILE Y 61 -11.21 -24.23 -58.00
C ILE Y 61 -11.64 -24.91 -56.72
N GLU Y 62 -11.66 -24.15 -55.64
CA GLU Y 62 -12.19 -24.69 -54.41
C GLU Y 62 -13.54 -25.34 -54.65
N ASP Y 63 -14.34 -24.75 -55.54
CA ASP Y 63 -15.63 -25.29 -55.87
C ASP Y 63 -15.52 -26.73 -56.33
N ASN Y 64 -14.93 -26.92 -57.51
CA ASN Y 64 -14.92 -28.25 -58.11
C ASN Y 64 -14.48 -29.27 -57.08
N LEU Y 65 -13.49 -28.91 -56.28
CA LEU Y 65 -13.18 -29.69 -55.10
C LEU Y 65 -14.42 -29.86 -54.26
N SER Y 66 -14.87 -28.76 -53.67
CA SER Y 66 -16.05 -28.81 -52.81
C SER Y 66 -17.15 -29.58 -53.50
N GLU Y 67 -17.31 -29.34 -54.79
CA GLU Y 67 -18.20 -30.17 -55.57
C GLU Y 67 -17.80 -31.62 -55.42
N LEU Y 68 -16.64 -31.97 -55.99
CA LEU Y 68 -16.21 -33.36 -55.92
C LEU Y 68 -15.98 -33.81 -54.49
N ILE Y 69 -15.90 -32.87 -53.54
CA ILE Y 69 -16.05 -33.25 -52.15
C ILE Y 69 -17.41 -33.89 -51.93
N LEU Y 70 -18.42 -33.37 -52.60
CA LEU Y 70 -19.73 -33.99 -52.48
C LEU Y 70 -19.82 -35.24 -53.33
N ASP Y 71 -19.24 -35.19 -54.53
CA ASP Y 71 -19.71 -36.01 -55.63
C ASP Y 71 -19.63 -37.51 -55.37
N GLY Y 72 -18.92 -37.94 -54.33
CA GLY Y 72 -18.85 -39.33 -53.88
C GLY Y 72 -18.29 -40.24 -54.96
N ASN Y 73 -18.11 -39.73 -56.18
CA ASN Y 73 -17.59 -40.54 -57.28
C ASN Y 73 -16.07 -40.68 -57.23
N GLN Y 74 -15.36 -39.57 -57.11
CA GLN Y 74 -13.91 -39.59 -57.03
C GLN Y 74 -13.50 -38.59 -55.95
N ILE Y 75 -12.79 -39.06 -54.93
CA ILE Y 75 -12.88 -38.45 -53.62
C ILE Y 75 -11.53 -38.15 -53.00
N GLU Y 76 -11.50 -37.83 -51.70
CA GLU Y 76 -10.30 -37.30 -51.09
C GLU Y 76 -9.10 -38.18 -51.38
N GLY Y 77 -7.97 -37.52 -51.59
CA GLY Y 77 -6.64 -38.05 -51.87
C GLY Y 77 -6.51 -38.37 -53.36
N LYS Y 78 -7.55 -38.18 -54.16
CA LYS Y 78 -7.47 -38.25 -55.62
C LYS Y 78 -6.94 -36.91 -56.17
N LYS Y 79 -7.04 -36.73 -57.48
CA LYS Y 79 -7.00 -35.38 -58.05
C LYS Y 79 -7.78 -35.34 -59.37
N VAL Y 80 -8.51 -34.25 -59.59
CA VAL Y 80 -9.23 -33.98 -60.83
C VAL Y 80 -9.20 -32.47 -61.03
N THR Y 81 -9.40 -32.03 -62.28
CA THR Y 81 -9.55 -30.60 -62.54
C THR Y 81 -10.31 -30.41 -63.85
N VAL Y 82 -10.34 -29.18 -64.33
CA VAL Y 82 -10.91 -28.86 -65.64
C VAL Y 82 -9.79 -28.70 -66.66
N LEU Z 1 24.73 -25.42 -45.02
CA LEU Z 1 25.46 -25.20 -46.27
C LEU Z 1 25.70 -23.72 -46.51
N THR Z 2 24.65 -22.92 -46.45
CA THR Z 2 24.88 -21.49 -46.58
C THR Z 2 25.73 -20.99 -45.42
N LYS Z 3 25.38 -21.40 -44.21
CA LYS Z 3 26.27 -21.20 -43.08
C LYS Z 3 27.66 -21.64 -43.44
N ILE Z 4 27.77 -22.76 -44.14
CA ILE Z 4 29.07 -23.27 -44.52
C ILE Z 4 29.63 -22.32 -45.55
N ASN Z 5 29.00 -22.31 -46.72
CA ASN Z 5 29.66 -21.78 -47.89
C ASN Z 5 29.79 -20.27 -47.84
N GLU Z 6 28.64 -19.59 -47.75
CA GLU Z 6 28.62 -18.14 -47.69
C GLU Z 6 30.03 -17.56 -47.68
N THR Z 7 30.64 -17.47 -48.85
CA THR Z 7 31.99 -16.95 -48.98
C THR Z 7 31.99 -15.42 -48.95
N GLU Z 8 30.88 -14.82 -49.32
CA GLU Z 8 30.75 -13.37 -49.34
C GLU Z 8 30.81 -12.82 -50.76
N SER Z 9 30.38 -13.64 -51.72
CA SER Z 9 30.39 -13.24 -53.12
C SER Z 9 29.56 -14.21 -53.97
N GLU Z 10 29.24 -15.36 -53.39
CA GLU Z 10 28.45 -16.38 -54.09
C GLU Z 10 27.05 -15.89 -54.32
N LYS Z 11 26.44 -15.33 -53.28
CA LYS Z 11 25.20 -14.61 -53.47
C LYS Z 11 25.42 -13.62 -54.60
N LEU Z 12 26.22 -12.60 -54.31
CA LEU Z 12 26.42 -11.46 -55.18
C LEU Z 12 26.58 -11.95 -56.60
N LEU Z 13 27.69 -12.66 -56.83
CA LEU Z 13 28.01 -13.12 -58.17
C LEU Z 13 26.80 -13.79 -58.81
N SER Z 14 26.06 -14.56 -58.04
CA SER Z 14 24.93 -15.24 -58.61
C SER Z 14 23.62 -14.53 -58.31
N LEU Z 15 23.67 -13.43 -57.57
CA LEU Z 15 22.50 -12.92 -56.88
C LEU Z 15 21.34 -12.70 -57.82
N GLU Z 16 21.64 -12.23 -59.03
CA GLU Z 16 20.58 -12.11 -60.02
C GLU Z 16 19.98 -13.48 -60.24
N ASP Z 17 20.77 -14.37 -60.84
CA ASP Z 17 20.25 -15.70 -61.12
C ASP Z 17 19.86 -16.40 -59.84
N THR Z 18 20.51 -16.04 -58.74
CA THR Z 18 19.95 -16.34 -57.43
C THR Z 18 18.54 -15.79 -57.37
N LEU Z 19 18.43 -14.47 -57.31
CA LEU Z 19 17.12 -13.86 -57.18
C LEU Z 19 16.21 -14.35 -58.29
N HIS Z 20 16.76 -14.52 -59.49
CA HIS Z 20 15.96 -14.94 -60.62
C HIS Z 20 15.21 -16.23 -60.32
N GLU Z 21 15.65 -16.96 -59.31
CA GLU Z 21 14.93 -18.14 -58.87
C GLU Z 21 13.55 -17.77 -58.37
N ARG Z 22 13.23 -16.48 -58.32
CA ARG Z 22 12.00 -16.11 -57.65
C ARG Z 22 10.95 -15.49 -58.53
N VAL Z 23 11.10 -14.23 -58.90
CA VAL Z 23 9.98 -13.51 -59.49
C VAL Z 23 10.42 -12.89 -60.80
N ILE Z 24 9.70 -13.22 -61.86
CA ILE Z 24 10.02 -12.65 -63.13
C ILE Z 24 9.73 -11.15 -63.09
N GLY Z 25 10.38 -10.42 -63.97
CA GLY Z 25 10.13 -9.01 -64.09
C GLY Z 25 10.86 -8.26 -63.01
N GLN Z 26 11.09 -6.97 -63.30
CA GLN Z 26 11.95 -6.13 -62.47
C GLN Z 26 13.35 -6.70 -62.37
N LYS Z 27 13.69 -7.54 -63.35
CA LYS Z 27 15.01 -8.14 -63.37
C LYS Z 27 16.06 -7.08 -63.15
N ASP Z 28 16.00 -6.00 -63.91
CA ASP Z 28 16.78 -4.81 -63.62
C ASP Z 28 16.71 -4.42 -62.16
N ALA Z 29 15.52 -4.06 -61.69
CA ALA Z 29 15.35 -3.73 -60.29
C ALA Z 29 15.94 -4.83 -59.45
N VAL Z 30 15.57 -6.07 -59.76
CA VAL Z 30 16.23 -7.22 -59.17
C VAL Z 30 17.72 -7.03 -59.25
N ASN Z 31 18.23 -6.80 -60.47
CA ASN Z 31 19.65 -6.53 -60.65
C ASN Z 31 20.05 -5.34 -59.80
N SER Z 32 19.34 -4.23 -59.98
CA SER Z 32 19.60 -3.06 -59.19
C SER Z 32 19.68 -3.42 -57.73
N ILE Z 33 18.67 -4.14 -57.24
CA ILE Z 33 18.68 -4.59 -55.87
C ILE Z 33 19.96 -5.37 -55.60
N SER Z 34 20.22 -6.37 -56.43
CA SER Z 34 21.49 -7.06 -56.34
C SER Z 34 22.61 -6.05 -56.38
N LYS Z 35 22.62 -5.24 -57.44
CA LYS Z 35 23.56 -4.14 -57.49
C LYS Z 35 23.55 -3.36 -56.20
N ALA Z 36 22.37 -3.00 -55.72
CA ALA Z 36 22.24 -2.18 -54.54
C ALA Z 36 22.98 -2.80 -53.35
N VAL Z 37 22.44 -3.91 -52.87
CA VAL Z 37 22.93 -4.51 -51.64
C VAL Z 37 24.41 -4.81 -51.70
N ARG Z 38 25.00 -4.85 -52.89
CA ARG Z 38 26.44 -5.01 -52.94
C ARG Z 38 27.11 -3.78 -52.36
N ARG Z 39 26.51 -2.63 -52.60
CA ARG Z 39 26.92 -1.44 -51.88
C ARG Z 39 26.63 -1.56 -50.41
N ALA Z 40 25.73 -2.45 -50.03
CA ALA Z 40 25.65 -2.77 -48.61
C ALA Z 40 26.95 -3.37 -48.13
N ARG Z 41 27.87 -3.64 -49.02
CA ARG Z 41 29.23 -3.94 -48.65
C ARG Z 41 30.15 -2.91 -49.27
N ALA Z 42 31.45 -3.14 -49.08
CA ALA Z 42 32.54 -2.33 -49.61
C ALA Z 42 32.66 -1.03 -48.83
N GLY Z 43 31.60 -0.66 -48.14
CA GLY Z 43 31.59 0.55 -47.34
C GLY Z 43 31.99 1.79 -48.12
N LEU Z 44 31.90 1.73 -49.44
CA LEU Z 44 32.22 2.91 -50.23
C LEU Z 44 31.17 4.00 -50.01
N LYS Z 45 29.94 3.60 -49.73
CA LYS Z 45 28.96 4.51 -49.17
C LYS Z 45 29.12 4.47 -47.65
N ASP Z 46 28.22 5.11 -46.92
CA ASP Z 46 28.38 5.16 -45.48
C ASP Z 46 28.24 3.76 -44.90
N PRO Z 47 29.27 3.22 -44.26
CA PRO Z 47 29.16 1.89 -43.66
C PRO Z 47 27.96 1.78 -42.76
N LYS Z 48 27.55 2.89 -42.15
CA LYS Z 48 26.24 2.98 -41.53
C LYS Z 48 25.36 3.74 -42.50
N ARG Z 49 24.42 3.06 -43.11
CA ARG Z 49 23.59 3.67 -44.14
C ARG Z 49 22.55 2.63 -44.54
N GLY Z 52 19.27 0.30 -46.07
CA GLY Z 52 18.93 -0.43 -47.29
C GLY Z 52 17.50 -0.06 -47.64
N SER Z 53 17.34 0.76 -48.67
CA SER Z 53 16.22 1.67 -48.80
C SER Z 53 15.57 1.56 -50.16
N PHE Z 54 14.36 1.03 -50.21
CA PHE Z 54 13.78 0.63 -51.49
C PHE Z 54 12.33 1.02 -51.56
N ILE Z 55 12.01 1.90 -52.51
CA ILE Z 55 10.64 2.31 -52.73
C ILE Z 55 10.04 1.47 -53.83
N PHE Z 56 9.07 0.63 -53.47
CA PHE Z 56 8.42 -0.19 -54.46
C PHE Z 56 7.32 0.59 -55.15
N LEU Z 57 7.37 0.58 -56.48
CA LEU Z 57 6.35 1.14 -57.33
C LEU Z 57 5.66 -0.07 -57.92
N GLY Z 58 4.45 -0.37 -57.45
CA GLY Z 58 3.85 -1.62 -57.86
C GLY Z 58 2.58 -1.91 -57.11
N PRO Z 59 1.98 -3.01 -57.49
CA PRO Z 59 0.66 -3.40 -57.04
C PRO Z 59 0.72 -4.56 -56.07
N THR Z 60 -0.44 -5.05 -55.70
CA THR Z 60 -0.52 -6.38 -55.15
C THR Z 60 -0.10 -7.38 -56.21
N GLY Z 61 0.36 -8.54 -55.77
CA GLY Z 61 0.92 -9.49 -56.71
C GLY Z 61 2.22 -9.05 -57.33
N VAL Z 62 2.74 -7.88 -56.97
CA VAL Z 62 3.88 -7.30 -57.64
C VAL Z 62 5.20 -7.85 -57.15
N GLY Z 63 5.17 -8.82 -56.25
CA GLY Z 63 6.40 -9.34 -55.69
C GLY Z 63 7.00 -8.44 -54.65
N LYS Z 64 6.41 -7.28 -54.43
CA LYS Z 64 6.88 -6.36 -53.41
C LYS Z 64 7.15 -7.15 -52.15
N THR Z 65 6.22 -8.01 -51.80
CA THR Z 65 6.43 -8.86 -50.66
C THR Z 65 7.49 -9.90 -51.00
N GLU Z 66 7.28 -10.64 -52.09
CA GLU Z 66 8.12 -11.76 -52.49
C GLU Z 66 9.58 -11.38 -52.37
N LEU Z 67 9.94 -10.40 -53.18
CA LEU Z 67 11.28 -9.87 -53.21
C LEU Z 67 11.75 -9.68 -51.80
N ALA Z 68 11.15 -8.69 -51.15
CA ALA Z 68 11.53 -8.35 -49.80
C ALA Z 68 11.63 -9.60 -48.97
N ARG Z 69 10.62 -10.45 -49.01
CA ARG Z 69 10.70 -11.76 -48.42
C ARG Z 69 12.00 -12.41 -48.86
N ALA Z 70 12.04 -12.81 -50.12
CA ALA Z 70 13.16 -13.60 -50.57
C ALA Z 70 14.47 -12.92 -50.27
N LEU Z 71 14.49 -11.59 -50.27
CA LEU Z 71 15.73 -10.86 -50.14
C LEU Z 71 16.58 -11.41 -49.02
N ALA Z 72 16.16 -11.22 -47.78
CA ALA Z 72 16.94 -11.77 -46.69
C ALA Z 72 16.85 -13.27 -46.68
N GLU Z 73 15.66 -13.81 -46.96
CA GLU Z 73 15.56 -15.23 -47.20
C GLU Z 73 16.65 -15.69 -48.14
N SER Z 74 16.95 -14.88 -49.13
CA SER Z 74 18.21 -15.02 -49.83
C SER Z 74 19.35 -14.48 -48.98
N MET Z 75 19.34 -13.18 -48.70
CA MET Z 75 20.46 -12.57 -47.99
C MET Z 75 20.72 -13.22 -46.64
N PHE Z 76 19.81 -13.02 -45.71
CA PHE Z 76 20.04 -13.50 -44.37
C PHE Z 76 19.59 -14.93 -44.18
N GLY Z 77 19.22 -15.60 -45.27
CA GLY Z 77 18.90 -17.00 -45.20
C GLY Z 77 17.65 -17.21 -44.37
N ASP Z 78 16.74 -16.26 -44.43
CA ASP Z 78 15.43 -16.37 -43.80
C ASP Z 78 14.65 -15.11 -44.12
N ASP Z 79 13.34 -15.22 -44.13
CA ASP Z 79 12.49 -14.07 -44.35
C ASP Z 79 11.99 -13.48 -43.04
N ASP Z 80 12.21 -14.15 -41.92
CA ASP Z 80 11.71 -13.61 -40.68
C ASP Z 80 12.50 -12.39 -40.25
N ALA Z 81 13.63 -12.15 -40.91
CA ALA Z 81 14.31 -10.87 -40.77
C ALA Z 81 13.39 -9.72 -41.11
N MET Z 82 12.44 -9.97 -42.00
CA MET Z 82 11.55 -8.92 -42.45
C MET Z 82 10.71 -8.42 -41.29
N ILE Z 83 10.27 -7.16 -41.41
CA ILE Z 83 9.30 -6.61 -40.48
C ILE Z 83 8.21 -5.89 -41.26
N ARG Z 84 7.00 -6.39 -41.15
CA ARG Z 84 5.83 -5.68 -41.62
C ARG Z 84 5.60 -4.46 -40.75
N VAL Z 85 5.33 -3.32 -41.38
CA VAL Z 85 4.92 -2.13 -40.65
C VAL Z 85 3.82 -1.44 -41.45
N ASP Z 86 2.71 -1.17 -40.79
CA ASP Z 86 1.55 -0.62 -41.48
C ASP Z 86 1.59 0.90 -41.38
N MET Z 87 1.78 1.55 -42.52
CA MET Z 87 1.75 3.00 -42.56
C MET Z 87 0.36 3.52 -42.21
N SER Z 88 -0.67 2.72 -42.48
CA SER Z 88 -1.99 3.04 -41.96
C SER Z 88 -1.91 3.30 -40.47
N GLU Z 89 -1.03 2.56 -39.79
CA GLU Z 89 -0.90 2.67 -38.36
C GLU Z 89 0.06 3.76 -37.96
N PHE Z 90 0.53 4.54 -38.91
CA PHE Z 90 1.44 5.64 -38.63
C PHE Z 90 0.65 6.92 -38.77
N MET Z 91 0.35 7.56 -37.64
CA MET Z 91 -0.48 8.75 -37.67
C MET Z 91 0.19 9.96 -37.02
N GLU Z 92 0.20 10.04 -35.69
CA GLU Z 92 0.82 11.20 -35.07
C GLU Z 92 1.76 10.79 -33.95
N LYS Z 93 1.25 10.11 -32.94
CA LYS Z 93 2.01 9.88 -31.74
C LYS Z 93 2.68 8.51 -31.71
N HIS Z 94 2.48 7.69 -32.73
CA HIS Z 94 3.07 6.36 -32.68
C HIS Z 94 4.58 6.44 -32.61
N ALA Z 95 5.16 7.63 -32.81
CA ALA Z 95 6.59 7.81 -32.63
C ALA Z 95 7.02 7.17 -31.32
N VAL Z 96 6.23 7.37 -30.27
CA VAL Z 96 6.41 6.60 -29.05
C VAL Z 96 6.39 5.12 -29.36
N SER Z 97 5.29 4.66 -29.94
CA SER Z 97 5.22 3.24 -30.26
C SER Z 97 6.16 2.89 -31.39
N ARG Z 98 6.80 3.87 -32.01
CA ARG Z 98 8.03 3.58 -32.73
C ARG Z 98 9.25 3.60 -31.84
N LEU Z 99 9.32 4.56 -30.93
CA LEU Z 99 10.55 4.88 -30.24
C LEU Z 99 10.25 5.12 -28.76
N VAL Z 100 11.02 4.47 -27.89
CA VAL Z 100 10.61 4.21 -26.52
C VAL Z 100 10.11 5.46 -25.82
N GLY Z 101 8.94 5.36 -25.19
CA GLY Z 101 8.35 6.49 -24.49
C GLY Z 101 9.07 6.80 -23.19
N ALA Z 102 8.39 6.54 -22.07
CA ALA Z 102 9.41 6.69 -20.91
C ALA Z 102 8.48 7.74 -20.29
N PRO Z 103 7.24 7.35 -20.04
CA PRO Z 103 6.25 8.26 -19.45
C PRO Z 103 5.55 8.67 -20.49
N PRO Z 104 5.83 9.28 -21.63
CA PRO Z 104 4.78 9.88 -22.45
C PRO Z 104 4.50 11.33 -22.02
N HIS Z 109 2.61 2.35 -20.80
CA HIS Z 109 3.92 2.28 -20.18
C HIS Z 109 4.98 2.99 -20.99
N ASP Z 110 6.19 2.45 -20.91
CA ASP Z 110 7.30 2.92 -21.73
C ASP Z 110 7.45 1.92 -22.87
N ASP Z 111 7.08 2.35 -24.07
CA ASP Z 111 7.00 1.45 -25.22
C ASP Z 111 7.67 2.11 -26.42
N GLY Z 112 8.36 1.32 -27.23
CA GLY Z 112 9.03 1.84 -28.40
C GLY Z 112 9.40 0.78 -29.42
N GLY Z 113 9.13 1.08 -30.69
CA GLY Z 113 9.45 0.17 -31.78
C GLY Z 113 8.43 -0.94 -31.95
N GLN Z 114 7.62 -0.85 -32.99
CA GLN Z 114 6.84 -1.98 -33.48
C GLN Z 114 7.77 -2.99 -34.14
N LEU Z 115 8.81 -2.48 -34.79
CA LEU Z 115 9.79 -3.32 -35.46
C LEU Z 115 11.19 -3.17 -34.85
N THR Z 116 11.38 -2.15 -34.02
CA THR Z 116 12.66 -1.90 -33.38
C THR Z 116 13.00 -3.01 -32.39
N GLU Z 117 12.35 -3.00 -31.23
CA GLU Z 117 12.60 -4.01 -30.23
C GLU Z 117 12.75 -5.35 -30.91
N LYS Z 118 12.03 -5.57 -32.00
CA LYS Z 118 12.30 -6.69 -32.87
C LYS Z 118 13.70 -6.63 -33.45
N VAL Z 119 14.19 -5.43 -33.72
CA VAL Z 119 15.56 -5.33 -34.16
C VAL Z 119 16.50 -5.40 -32.96
N ARG Z 120 16.11 -4.70 -31.89
CA ARG Z 120 16.68 -4.96 -30.58
C ARG Z 120 16.65 -6.46 -30.36
N ARG Z 121 15.59 -7.10 -30.83
CA ARG Z 121 15.63 -8.54 -30.94
C ARG Z 121 16.56 -8.98 -32.07
N LYS Z 122 16.37 -8.44 -33.27
CA LYS Z 122 17.02 -8.98 -34.47
C LYS Z 122 17.78 -7.91 -35.22
N PRO Z 123 19.07 -7.78 -34.95
CA PRO Z 123 19.86 -6.71 -35.56
C PRO Z 123 20.04 -6.84 -37.05
N TYR Z 124 19.72 -7.98 -37.63
CA TYR Z 124 19.82 -8.19 -39.06
C TYR Z 124 18.43 -8.51 -39.56
N SER Z 125 17.86 -7.62 -40.33
CA SER Z 125 16.41 -7.66 -40.50
C SER Z 125 16.03 -6.99 -41.80
N VAL Z 126 14.72 -6.91 -42.02
CA VAL Z 126 14.16 -6.22 -43.16
C VAL Z 126 12.92 -5.49 -42.71
N ILE Z 127 12.69 -4.31 -43.25
CA ILE Z 127 11.66 -3.42 -42.73
C ILE Z 127 10.72 -3.01 -43.85
N LEU Z 128 9.46 -3.39 -43.74
CA LEU Z 128 8.48 -3.08 -44.77
C LEU Z 128 7.60 -1.91 -44.34
N PHE Z 129 7.44 -0.94 -45.24
CA PHE Z 129 6.50 0.15 -45.07
C PHE Z 129 5.53 0.19 -46.24
N ASP Z 130 4.40 0.87 -46.04
CA ASP Z 130 3.19 0.60 -46.79
C ASP Z 130 2.68 1.87 -47.45
N GLU Z 131 2.74 1.94 -48.78
CA GLU Z 131 2.33 3.12 -49.52
C GLU Z 131 2.88 4.34 -48.81
N ILE Z 132 4.16 4.23 -48.48
CA ILE Z 132 4.69 4.76 -47.22
C ILE Z 132 4.25 6.19 -47.00
N GLU Z 133 4.25 6.99 -48.06
CA GLU Z 133 3.72 8.34 -48.01
C GLU Z 133 2.33 8.38 -47.42
N LYS Z 134 1.61 7.25 -47.43
CA LYS Z 134 0.39 7.15 -46.65
C LYS Z 134 0.65 7.52 -45.20
N ALA Z 135 1.82 7.20 -44.68
CA ALA Z 135 2.17 7.59 -43.33
C ALA Z 135 2.46 9.08 -43.26
N HIS Z 136 2.47 9.59 -42.06
CA HIS Z 136 2.33 11.02 -41.85
C HIS Z 136 3.66 11.74 -41.86
N PRO Z 137 3.64 13.02 -42.16
CA PRO Z 137 4.84 13.84 -42.04
C PRO Z 137 5.38 13.78 -40.62
N ASP Z 138 4.51 13.31 -39.74
CA ASP Z 138 4.94 12.72 -38.50
C ASP Z 138 6.18 11.88 -38.77
N VAL Z 139 5.99 10.79 -39.51
CA VAL Z 139 7.00 9.74 -39.47
C VAL Z 139 8.20 10.10 -40.31
N PHE Z 140 8.02 10.93 -41.35
CA PHE Z 140 9.08 11.13 -42.31
C PHE Z 140 10.41 11.42 -41.62
N ASN Z 141 10.37 12.21 -40.55
CA ASN Z 141 11.58 12.48 -39.83
C ASN Z 141 12.07 11.23 -39.09
N ILE Z 142 11.15 10.48 -38.50
CA ILE Z 142 11.62 9.26 -37.86
C ILE Z 142 11.84 8.22 -38.92
N LEU Z 143 11.13 8.33 -40.03
CA LEU Z 143 11.61 7.67 -41.22
C LEU Z 143 13.00 8.18 -41.55
N LEU Z 144 13.14 9.50 -41.57
CA LEU Z 144 14.44 10.07 -41.80
C LEU Z 144 15.44 9.56 -40.78
N GLN Z 145 15.00 9.33 -39.54
CA GLN Z 145 15.88 8.71 -38.56
C GLN Z 145 16.58 7.50 -39.15
N VAL Z 146 15.83 6.64 -39.80
CA VAL Z 146 16.44 5.54 -40.55
C VAL Z 146 17.38 6.12 -41.58
N LEU Z 147 16.85 7.00 -42.42
CA LEU Z 147 17.67 7.67 -43.41
C LEU Z 147 18.82 8.40 -42.74
N ASP Z 148 18.55 9.00 -41.59
CA ASP Z 148 19.59 9.54 -40.76
C ASP Z 148 20.61 8.46 -40.49
N ASP Z 149 21.89 8.81 -40.70
CA ASP Z 149 23.03 8.23 -40.01
C ASP Z 149 23.15 6.73 -40.29
N GLY Z 150 22.17 6.16 -40.97
CA GLY Z 150 22.17 4.74 -41.23
C GLY Z 150 22.09 3.87 -40.00
N HIS Z 151 21.78 4.47 -38.84
CA HIS Z 151 21.48 3.69 -37.66
C HIS Z 151 20.15 4.17 -37.07
N LEU Z 152 19.75 3.54 -35.97
CA LEU Z 152 18.44 3.78 -35.40
C LEU Z 152 18.57 4.09 -33.93
N THR Z 153 18.34 5.35 -33.57
CA THR Z 153 18.22 5.76 -32.19
C THR Z 153 16.91 5.24 -31.60
N ASP Z 154 16.83 5.24 -30.29
CA ASP Z 154 15.67 4.72 -29.58
C ASP Z 154 15.14 5.77 -28.63
N THR Z 155 13.96 5.51 -28.07
CA THR Z 155 13.44 6.36 -27.04
C THR Z 155 14.26 6.28 -25.77
N LYS Z 156 14.75 5.08 -25.44
CA LYS Z 156 15.83 5.02 -24.47
C LYS Z 156 17.14 5.54 -25.04
N GLY Z 157 17.18 5.86 -26.32
CA GLY Z 157 18.33 6.47 -26.94
C GLY Z 157 19.16 5.52 -27.77
N ARG Z 158 19.02 4.22 -27.55
CA ARG Z 158 19.92 3.27 -28.19
C ARG Z 158 19.89 3.42 -29.71
N THR Z 159 21.06 3.61 -30.28
CA THR Z 159 21.22 3.81 -31.71
C THR Z 159 21.76 2.53 -32.33
N VAL Z 160 21.06 2.00 -33.34
CA VAL Z 160 21.38 0.66 -33.84
C VAL Z 160 21.42 0.70 -35.36
N ASP Z 161 22.32 -0.10 -35.94
CA ASP Z 161 22.59 -0.03 -37.36
C ASP Z 161 21.39 -0.46 -38.18
N PHE Z 162 21.05 0.36 -39.16
CA PHE Z 162 20.17 -0.10 -40.22
C PHE Z 162 20.93 -0.88 -41.28
N ARG Z 163 22.16 -0.45 -41.59
CA ARG Z 163 22.92 -1.10 -42.65
C ARG Z 163 22.99 -2.59 -42.45
N ASN Z 164 22.90 -3.04 -41.21
CA ASN Z 164 22.82 -4.47 -40.96
C ASN Z 164 21.42 -4.99 -41.13
N THR Z 165 20.49 -4.16 -41.58
CA THR Z 165 19.18 -4.63 -41.97
C THR Z 165 18.77 -4.07 -43.31
N ILE Z 166 17.52 -4.32 -43.69
CA ILE Z 166 16.96 -3.77 -44.90
C ILE Z 166 15.70 -3.02 -44.54
N ILE Z 167 15.35 -2.02 -45.36
CA ILE Z 167 14.05 -1.40 -45.21
C ILE Z 167 13.39 -1.36 -46.58
N ILE Z 168 12.06 -1.31 -46.56
CA ILE Z 168 11.27 -1.45 -47.77
C ILE Z 168 10.26 -0.33 -47.80
N MET Z 169 10.11 0.28 -48.97
CA MET Z 169 9.10 1.29 -49.19
C MET Z 169 8.24 0.84 -50.37
N THR Z 170 6.94 1.05 -50.25
CA THR Z 170 5.99 0.61 -51.24
C THR Z 170 5.15 1.79 -51.70
N SER Z 171 4.83 1.81 -52.99
CA SER Z 171 3.91 2.82 -53.48
C SER Z 171 3.04 2.25 -54.59
N ASN Z 172 1.74 2.45 -54.47
CA ASN Z 172 0.81 2.31 -55.56
C ASN Z 172 0.58 3.63 -56.25
N VAL Z 173 1.33 4.66 -55.86
CA VAL Z 173 1.07 6.02 -56.30
C VAL Z 173 0.79 6.09 -57.79
N GLY Z 174 1.55 5.35 -58.58
CA GLY Z 174 1.35 5.35 -60.00
C GLY Z 174 0.23 4.45 -60.44
N ALA Z 175 -0.67 4.07 -59.53
CA ALA Z 175 -1.76 3.17 -59.91
C ALA Z 175 -2.38 3.60 -61.22
N GLN Z 176 -2.71 4.88 -61.30
CA GLN Z 176 -2.92 5.53 -62.58
C GLN Z 176 -1.70 5.30 -63.45
N GLU Z 177 -0.60 5.94 -63.06
CA GLU Z 177 0.59 5.99 -63.90
C GLU Z 177 1.07 4.60 -64.29
N LEU Z 178 0.62 3.58 -63.55
CA LEU Z 178 0.78 2.21 -63.99
C LEU Z 178 0.11 1.99 -65.33
N GLN Z 179 -0.91 2.79 -65.65
CA GLN Z 179 -1.60 2.62 -66.92
C GLN Z 179 -0.61 2.61 -68.08
N ASP Z 180 0.49 3.34 -67.93
CA ASP Z 180 1.60 3.27 -68.87
C ASP Z 180 1.99 1.82 -69.08
N GLN Z 181 2.62 1.22 -68.08
CA GLN Z 181 2.98 -0.19 -68.24
C GLN Z 181 1.73 -1.08 -68.21
N ARG Z 182 0.56 -0.56 -67.82
CA ARG Z 182 -0.68 -1.26 -68.15
C ARG Z 182 -0.84 -1.34 -69.66
N GLY Z 192 1.69 -1.20 -71.19
CA GLY Z 192 3.09 -1.60 -71.34
C GLY Z 192 3.98 -0.45 -71.77
N GLN Z 193 3.57 0.78 -71.49
CA GLN Z 193 4.29 1.94 -72.01
C GLN Z 193 5.63 2.11 -71.32
N ASP Z 194 6.50 2.90 -71.97
CA ASP Z 194 7.80 3.20 -71.40
C ASP Z 194 7.64 3.78 -70.03
N TYR Z 195 8.34 3.20 -69.07
CA TYR Z 195 8.14 3.61 -67.70
C TYR Z 195 8.69 5.01 -67.48
N GLU Z 196 9.71 5.37 -68.25
CA GLU Z 196 10.36 6.66 -68.09
C GLU Z 196 9.34 7.77 -67.96
N THR Z 197 8.27 7.67 -68.76
CA THR Z 197 7.10 8.47 -68.51
C THR Z 197 6.71 8.36 -67.05
N ILE Z 198 6.16 7.20 -66.68
CA ILE Z 198 5.60 7.07 -65.34
C ILE Z 198 6.68 7.19 -64.28
N ARG Z 199 7.88 6.68 -64.56
CA ARG Z 199 9.01 6.89 -63.67
C ARG Z 199 9.08 8.35 -63.26
N LYS Z 200 9.35 9.21 -64.24
CA LYS Z 200 9.22 10.63 -64.02
C LYS Z 200 7.85 10.95 -63.44
N THR Z 201 6.81 10.47 -64.12
CA THR Z 201 5.45 10.84 -63.77
C THR Z 201 5.14 10.48 -62.32
N MET Z 202 5.61 9.34 -61.85
CA MET Z 202 5.40 9.06 -60.44
C MET Z 202 6.43 9.80 -59.60
N LEU Z 203 7.64 9.98 -60.13
CA LEU Z 203 8.74 10.54 -59.34
C LEU Z 203 8.31 11.81 -58.61
N LYS Z 204 8.07 12.86 -59.38
CA LYS Z 204 7.53 14.07 -58.78
C LYS Z 204 6.36 13.78 -57.87
N GLU Z 205 5.44 12.92 -58.33
CA GLU Z 205 4.25 12.61 -57.56
C GLU Z 205 4.62 12.13 -56.17
N LEU Z 206 5.57 11.22 -56.09
CA LEU Z 206 6.05 10.87 -54.76
C LEU Z 206 7.02 11.93 -54.25
N LYS Z 207 7.86 12.46 -55.15
CA LYS Z 207 8.70 13.60 -54.77
C LYS Z 207 7.87 14.69 -54.13
N ASN Z 208 6.63 14.84 -54.56
CA ASN Z 208 5.69 15.67 -53.82
C ASN Z 208 5.79 15.38 -52.33
N SER Z 209 5.47 14.14 -51.96
CA SER Z 209 5.31 13.78 -50.55
C SER Z 209 6.58 13.97 -49.74
N PHE Z 210 7.73 14.12 -50.37
CA PHE Z 210 8.97 14.02 -49.62
C PHE Z 210 9.96 15.07 -50.05
N ARG Z 211 10.50 15.78 -49.09
CA ARG Z 211 11.74 16.49 -49.32
C ARG Z 211 12.74 15.50 -49.89
N PRO Z 212 13.48 15.86 -50.93
CA PRO Z 212 14.32 14.86 -51.57
C PRO Z 212 15.26 14.19 -50.60
N GLU Z 213 15.79 14.96 -49.65
CA GLU Z 213 16.78 14.42 -48.72
C GLU Z 213 16.32 13.10 -48.16
N PHE Z 214 15.05 13.02 -47.78
CA PHE Z 214 14.34 11.76 -47.57
C PHE Z 214 14.69 10.81 -48.69
N LEU Z 215 14.23 11.16 -49.89
CA LEU Z 215 14.45 10.32 -51.06
C LEU Z 215 15.92 10.17 -51.39
N ASN Z 216 16.79 11.01 -50.85
CA ASN Z 216 18.15 10.97 -51.32
C ASN Z 216 19.00 9.96 -50.59
N ARG Z 217 18.52 9.42 -49.48
CA ARG Z 217 19.20 8.29 -48.89
C ARG Z 217 18.65 6.99 -49.43
N VAL Z 218 17.68 7.04 -50.33
CA VAL Z 218 17.18 5.82 -50.93
C VAL Z 218 18.31 5.12 -51.66
N ASP Z 219 18.31 3.79 -51.57
CA ASP Z 219 19.11 3.02 -52.50
C ASP Z 219 18.70 3.45 -53.89
N ASP Z 220 17.52 3.04 -54.31
CA ASP Z 220 16.88 3.60 -55.48
C ASP Z 220 15.41 3.27 -55.42
N ILE Z 221 14.63 3.99 -56.19
CA ILE Z 221 13.21 3.73 -56.29
C ILE Z 221 13.02 2.44 -57.04
N ILE Z 222 12.02 1.66 -56.66
CA ILE Z 222 11.80 0.35 -57.24
C ILE Z 222 10.46 0.36 -57.95
N VAL Z 223 10.49 0.32 -59.25
CA VAL Z 223 9.29 0.04 -60.01
C VAL Z 223 8.97 -1.44 -59.94
N PHE Z 224 7.70 -1.76 -60.09
CA PHE Z 224 7.23 -3.09 -60.47
C PHE Z 224 6.40 -2.93 -61.73
N HIS Z 225 6.80 -3.58 -62.80
CA HIS Z 225 6.15 -3.31 -64.07
C HIS Z 225 5.32 -4.50 -64.48
N ASN AA 1 33.78 -48.94 -29.99
CA ASN AA 1 33.63 -50.39 -29.81
C ASN AA 1 34.89 -51.00 -29.23
N ASN AA 2 36.03 -50.81 -29.91
CA ASN AA 2 37.28 -51.39 -29.44
C ASN AA 2 37.50 -51.09 -27.96
N LEU AA 3 37.24 -49.85 -27.55
CA LEU AA 3 37.25 -49.50 -26.14
C LEU AA 3 36.26 -50.37 -25.37
N LYS AA 4 34.97 -50.26 -25.70
CA LYS AA 4 33.98 -51.07 -25.01
C LYS AA 4 34.17 -52.56 -25.22
N GLU AA 5 34.71 -52.97 -26.38
CA GLU AA 5 35.11 -54.35 -26.53
C GLU AA 5 36.09 -54.74 -25.44
N ILE AA 6 37.04 -53.85 -25.15
CA ILE AA 6 37.92 -54.06 -24.02
C ILE AA 6 37.15 -53.97 -22.71
N GLU AA 7 36.31 -52.93 -22.58
CA GLU AA 7 35.39 -52.88 -21.45
C GLU AA 7 34.64 -54.20 -21.32
N GLN AA 8 34.15 -54.71 -22.44
CA GLN AA 8 33.39 -55.95 -22.47
C GLN AA 8 34.18 -57.11 -21.90
N GLU AA 9 35.21 -57.54 -22.63
CA GLU AA 9 36.03 -58.66 -22.20
C GLU AA 9 36.49 -58.50 -20.76
N ILE AA 10 36.76 -57.26 -20.35
CA ILE AA 10 36.96 -56.97 -18.94
C ILE AA 10 35.81 -57.52 -18.12
N GLU AA 11 34.60 -57.11 -18.48
CA GLU AA 11 33.43 -57.49 -17.69
C GLU AA 11 33.22 -58.99 -17.71
N LYS AA 12 33.66 -59.66 -18.78
CA LYS AA 12 33.47 -61.09 -18.94
C LYS AA 12 33.92 -61.89 -17.73
N VAL AA 13 35.22 -62.00 -17.56
CA VAL AA 13 35.74 -62.92 -16.58
C VAL AA 13 35.71 -62.33 -15.19
N LYS AA 14 35.80 -61.01 -15.09
CA LYS AA 14 35.91 -60.35 -13.79
C LYS AA 14 34.79 -60.80 -12.86
N ASN AA 15 33.60 -61.01 -13.42
CA ASN AA 15 32.52 -61.55 -12.62
C ASN AA 15 32.65 -63.05 -12.50
N GLU AA 16 33.17 -63.70 -13.52
CA GLU AA 16 33.32 -65.15 -13.48
C GLU AA 16 34.27 -65.55 -12.36
N LYS AA 17 35.46 -64.95 -12.36
CA LYS AA 17 36.46 -65.27 -11.34
C LYS AA 17 35.89 -65.11 -9.95
N ASP AA 18 34.94 -64.18 -9.77
CA ASP AA 18 34.31 -63.93 -8.49
C ASP AA 18 33.69 -65.20 -7.92
N ALA AA 19 32.67 -65.72 -8.59
CA ALA AA 19 31.89 -66.81 -8.03
C ALA AA 19 32.72 -68.07 -7.79
N ALA AA 20 33.92 -68.15 -8.37
CA ALA AA 20 34.61 -69.43 -8.44
C ALA AA 20 35.02 -69.90 -7.05
N VAL AA 21 35.82 -69.11 -6.35
CA VAL AA 21 36.36 -69.53 -5.07
C VAL AA 21 35.31 -69.52 -3.97
N HIS AA 22 34.11 -69.03 -4.26
CA HIS AA 22 33.10 -68.81 -3.23
C HIS AA 22 32.82 -70.05 -2.41
N ALA AA 23 33.08 -71.23 -2.94
CA ALA AA 23 32.80 -72.49 -2.26
C ALA AA 23 34.06 -73.33 -2.17
N GLN AA 24 34.00 -74.35 -1.34
CA GLN AA 24 35.17 -75.17 -1.04
C GLN AA 24 35.31 -76.20 -2.15
N GLU AA 25 36.40 -76.08 -2.93
CA GLU AA 25 36.56 -76.82 -4.17
C GLU AA 25 38.03 -77.19 -4.32
N PHE AA 26 38.29 -78.36 -4.87
CA PHE AA 26 39.64 -78.74 -5.30
C PHE AA 26 39.85 -78.55 -6.79
N GLU AA 27 38.82 -78.12 -7.53
CA GLU AA 27 38.82 -78.20 -8.98
C GLU AA 27 38.55 -76.84 -9.61
N ASN AA 28 40.08 -71.37 -6.55
CA ASN AA 28 41.09 -70.36 -6.87
C ASN AA 28 42.27 -70.94 -7.65
N ALA AA 29 42.42 -72.26 -7.66
CA ALA AA 29 43.58 -72.88 -8.29
C ALA AA 29 43.66 -72.56 -9.78
N ALA AA 30 42.63 -72.92 -10.54
CA ALA AA 30 42.76 -72.94 -12.00
C ALA AA 30 42.45 -71.59 -12.65
N ASN AA 31 41.17 -71.22 -12.69
CA ASN AA 31 40.79 -70.06 -13.50
C ASN AA 31 41.19 -68.75 -12.84
N LEU AA 32 41.12 -68.69 -11.50
CA LEU AA 32 41.51 -67.46 -10.81
C LEU AA 32 42.91 -67.05 -11.21
N ARG AA 33 43.84 -68.00 -11.25
CA ARG AA 33 45.16 -67.71 -11.76
C ARG AA 33 45.10 -67.44 -13.26
N ASP AA 34 44.27 -68.20 -13.98
CA ASP AA 34 44.13 -67.99 -15.42
C ASP AA 34 43.63 -66.57 -15.70
N LYS AA 35 42.56 -66.17 -15.03
CA LYS AA 35 41.94 -64.88 -15.32
C LYS AA 35 42.86 -63.72 -14.96
N GLN AA 36 43.47 -63.76 -13.77
CA GLN AA 36 44.24 -62.61 -13.32
C GLN AA 36 45.39 -62.29 -14.27
N THR AA 37 45.98 -63.31 -14.89
CA THR AA 37 46.86 -63.03 -16.01
C THR AA 37 46.07 -62.65 -17.24
N LYS AA 38 45.03 -63.43 -17.57
CA LYS AA 38 44.24 -63.14 -18.75
C LYS AA 38 43.64 -61.74 -18.68
N LEU AA 39 43.30 -61.27 -17.48
CA LEU AA 39 42.84 -59.89 -17.35
C LEU AA 39 44.00 -58.93 -17.55
N GLU AA 40 45.19 -59.30 -17.10
CA GLU AA 40 46.36 -58.45 -17.29
C GLU AA 40 46.79 -58.39 -18.74
N LYS AA 41 46.23 -59.23 -19.61
CA LYS AA 41 46.66 -59.27 -20.99
C LYS AA 41 46.29 -57.97 -21.74
N GLN AA 42 45.01 -57.66 -21.80
CA GLN AA 42 44.54 -56.52 -22.57
C GLN AA 42 44.20 -55.29 -21.73
N TYR AA 43 44.41 -55.35 -20.41
CA TYR AA 43 44.04 -54.24 -19.54
C TYR AA 43 44.76 -52.94 -19.89
N GLU AA 44 45.85 -53.00 -20.64
CA GLU AA 44 46.77 -51.87 -20.70
C GLU AA 44 46.21 -50.72 -21.56
N GLU AA 45 45.74 -51.02 -22.76
CA GLU AA 45 45.52 -49.97 -23.75
C GLU AA 45 44.46 -48.96 -23.35
N ALA AA 46 43.59 -49.33 -22.41
CA ALA AA 46 42.31 -48.65 -22.20
C ALA AA 46 42.44 -47.14 -22.07
N LYS AA 47 42.94 -46.67 -20.92
CA LYS AA 47 42.99 -45.22 -20.67
C LYS AA 47 43.88 -44.47 -21.65
N ASN AA 48 45.06 -44.97 -22.04
CA ASN AA 48 45.80 -44.27 -23.10
C ASN AA 48 45.01 -44.19 -24.39
N GLU AA 49 44.40 -45.30 -24.81
CA GLU AA 49 43.51 -45.24 -25.95
C GLU AA 49 42.25 -44.46 -25.62
N TRP AA 50 41.90 -44.37 -24.34
CA TRP AA 50 40.90 -43.39 -23.92
C TRP AA 50 41.47 -41.98 -23.87
N LYS AA 51 42.78 -41.87 -23.66
CA LYS AA 51 43.39 -40.54 -23.61
C LYS AA 51 43.36 -39.85 -24.97
N ASN AA 52 43.13 -40.59 -26.05
CA ASN AA 52 42.83 -39.94 -27.33
C ASN AA 52 41.56 -39.11 -27.24
N ALA AA 53 40.56 -39.61 -26.49
CA ALA AA 53 39.39 -38.80 -26.19
C ALA AA 53 39.75 -37.64 -25.26
N GLN AA 54 40.76 -37.82 -24.40
CA GLN AA 54 41.20 -36.77 -23.50
C GLN AA 54 41.94 -35.67 -24.25
N ASN AA 55 37.42 -44.08 -32.05
CA ASN AA 55 38.26 -43.10 -32.73
C ASN AA 55 37.69 -41.71 -32.61
N SER BA 1 40.83 -0.76 -24.57
CA SER BA 1 41.19 -1.01 -25.95
C SER BA 1 41.11 -2.50 -26.22
N VAL BA 2 40.77 -2.81 -27.47
CA VAL BA 2 40.76 -4.17 -27.93
C VAL BA 2 42.04 -4.89 -27.53
N VAL BA 3 43.18 -4.23 -27.71
CA VAL BA 3 44.44 -4.92 -27.51
C VAL BA 3 44.67 -5.20 -26.03
N ASP BA 4 44.56 -4.17 -25.19
CA ASP BA 4 44.71 -4.37 -23.75
C ASP BA 4 43.82 -5.51 -23.31
N THR BA 5 42.63 -5.55 -23.87
CA THR BA 5 41.73 -6.65 -23.59
C THR BA 5 42.45 -7.96 -23.80
N VAL BA 6 43.03 -8.15 -24.97
CA VAL BA 6 43.79 -9.36 -25.24
C VAL BA 6 44.73 -9.65 -24.09
N ALA BA 7 45.51 -8.64 -23.70
CA ALA BA 7 46.38 -8.80 -22.55
C ALA BA 7 45.60 -9.20 -21.32
N ILE BA 8 44.52 -8.49 -21.03
CA ILE BA 8 43.75 -8.83 -19.85
C ILE BA 8 43.10 -10.18 -20.06
N LEU BA 9 42.78 -10.50 -21.30
CA LEU BA 9 42.36 -11.84 -21.62
C LEU BA 9 43.52 -12.80 -21.42
N LYS BA 10 44.67 -12.47 -21.99
CA LYS BA 10 45.89 -13.19 -21.64
C LYS BA 10 46.03 -13.28 -20.14
N GLY BA 11 45.59 -12.25 -19.42
CA GLY BA 11 45.49 -12.36 -17.99
C GLY BA 11 44.65 -13.56 -17.62
N LEU BA 12 43.42 -13.61 -18.08
CA LEU BA 12 42.60 -14.76 -17.73
C LEU BA 12 42.81 -15.92 -18.67
N ARG BA 13 43.71 -15.78 -19.63
CA ARG BA 13 43.96 -16.89 -20.53
C ARG BA 13 44.15 -18.15 -19.70
N ASP BA 14 45.12 -18.22 -18.80
CA ASP BA 14 45.27 -19.45 -18.02
C ASP BA 14 44.05 -19.76 -17.22
N ARG BA 15 43.30 -18.74 -16.87
CA ARG BA 15 42.27 -18.90 -15.87
C ARG BA 15 41.26 -19.93 -16.32
N TYR BA 16 40.44 -19.58 -17.27
CA TYR BA 16 39.33 -20.48 -17.52
C TYR BA 16 39.74 -21.70 -18.33
N GLU BA 17 40.87 -21.64 -19.01
CA GLU BA 17 41.36 -22.88 -19.60
C GLU BA 17 41.79 -23.82 -18.50
N ALA BA 18 42.40 -23.30 -17.45
CA ALA BA 18 42.67 -24.19 -16.34
C ALA BA 18 41.38 -24.58 -15.68
N HIS BA 19 40.31 -23.82 -15.92
CA HIS BA 19 38.98 -24.30 -15.57
C HIS BA 19 38.45 -25.27 -16.60
N HIS BA 20 38.67 -24.95 -17.87
CA HIS BA 20 38.10 -25.70 -18.97
C HIS BA 20 39.09 -26.67 -19.59
N ARG BA 21 40.28 -26.77 -19.02
CA ARG BA 21 41.24 -27.76 -19.45
C ARG BA 21 41.54 -27.69 -20.92
N ILE BA 22 41.84 -26.50 -21.43
CA ILE BA 22 42.06 -26.30 -22.85
C ILE BA 22 43.30 -25.43 -23.04
N ASN BA 23 43.67 -25.21 -24.29
CA ASN BA 23 44.84 -24.43 -24.62
C ASN BA 23 44.39 -23.26 -25.49
N ILE BA 24 44.48 -22.05 -24.95
CA ILE BA 24 44.00 -20.89 -25.67
C ILE BA 24 44.99 -20.51 -26.74
N SER BA 25 44.49 -20.25 -27.94
CA SER BA 25 45.33 -19.80 -29.04
C SER BA 25 45.07 -18.34 -29.28
N ASP BA 26 46.08 -17.52 -28.99
CA ASP BA 26 45.94 -16.07 -29.02
C ASP BA 26 45.37 -15.60 -30.36
N GLU BA 27 45.62 -16.35 -31.42
CA GLU BA 27 44.98 -16.09 -32.70
C GLU BA 27 43.49 -15.88 -32.49
N ALA BA 28 42.80 -16.91 -32.01
CA ALA BA 28 41.44 -16.73 -31.53
C ALA BA 28 41.34 -15.51 -30.64
N ILE BA 29 42.24 -15.42 -29.67
CA ILE BA 29 42.10 -14.41 -28.64
C ILE BA 29 41.98 -13.04 -29.24
N GLU BA 30 42.92 -12.67 -30.09
CA GLU BA 30 42.79 -11.39 -30.76
C GLU BA 30 41.59 -11.41 -31.69
N ALA BA 31 41.26 -12.57 -32.22
CA ALA BA 31 40.22 -12.65 -33.24
C ALA BA 31 38.91 -12.08 -32.74
N ALA BA 32 38.28 -12.78 -31.80
CA ALA BA 32 37.03 -12.31 -31.26
C ALA BA 32 37.18 -10.87 -30.77
N VAL BA 33 38.34 -10.57 -30.23
CA VAL BA 33 38.58 -9.23 -29.69
C VAL BA 33 38.16 -8.20 -30.71
N LYS BA 34 38.73 -8.29 -31.91
CA LYS BA 34 38.16 -7.56 -33.02
C LYS BA 34 36.70 -7.95 -33.19
N LEU BA 35 36.48 -9.25 -33.37
CA LEU BA 35 35.21 -9.70 -33.91
C LEU BA 35 34.07 -9.35 -32.98
N SER BA 36 34.21 -9.65 -31.70
CA SER BA 36 33.15 -9.31 -30.76
C SER BA 36 32.90 -7.82 -30.77
N ASN BA 37 33.98 -7.05 -30.57
CA ASN BA 37 33.89 -5.60 -30.67
C ASN BA 37 33.15 -5.22 -31.93
N ARG BA 38 33.45 -5.89 -33.02
CA ARG BA 38 32.66 -5.71 -34.23
C ARG BA 38 31.22 -6.12 -33.98
N TYR BA 39 31.01 -7.36 -33.56
CA TYR BA 39 29.68 -7.92 -33.65
C TYR BA 39 28.87 -7.83 -32.37
N VAL BA 40 29.46 -7.51 -31.24
CA VAL BA 40 28.66 -7.58 -30.04
C VAL BA 40 28.54 -6.19 -29.43
N SER BA 41 27.33 -5.63 -29.37
CA SER BA 41 27.14 -4.34 -28.71
C SER BA 41 27.23 -4.38 -27.20
N ASP BA 42 26.61 -5.37 -26.58
CA ASP BA 42 26.08 -5.19 -25.24
C ASP BA 42 27.14 -5.40 -24.17
N ARG BA 43 27.55 -6.64 -23.96
CA ARG BA 43 28.62 -6.84 -23.02
C ARG BA 43 29.91 -6.29 -23.62
N PHE BA 44 30.97 -6.37 -22.86
CA PHE BA 44 32.17 -5.63 -23.19
C PHE BA 44 33.32 -6.57 -23.42
N LEU BA 45 34.07 -6.26 -24.46
CA LEU BA 45 35.20 -7.09 -24.84
C LEU BA 45 36.07 -7.45 -23.65
N PRO BA 46 36.31 -6.55 -22.70
CA PRO BA 46 36.92 -6.98 -21.43
C PRO BA 46 36.30 -8.23 -20.91
N ASP BA 47 35.01 -8.43 -21.16
CA ASP BA 47 34.36 -9.68 -20.84
C ASP BA 47 34.00 -10.41 -22.11
N LYS BA 48 33.13 -9.79 -22.89
CA LYS BA 48 32.40 -10.51 -23.92
C LYS BA 48 33.34 -11.36 -24.76
N ALA BA 49 34.55 -10.89 -24.98
CA ALA BA 49 35.57 -11.77 -25.52
C ALA BA 49 35.60 -13.02 -24.68
N ILE BA 50 36.06 -12.86 -23.44
CA ILE BA 50 36.13 -14.00 -22.54
C ILE BA 50 34.80 -14.74 -22.54
N ASP BA 51 33.70 -14.01 -22.57
CA ASP BA 51 32.41 -14.63 -22.76
C ASP BA 51 32.52 -15.58 -23.91
N LEU BA 52 32.72 -15.03 -25.11
CA LEU BA 52 32.91 -15.89 -26.25
C LEU BA 52 33.95 -16.94 -25.93
N ILE BA 53 35.09 -16.50 -25.43
CA ILE BA 53 36.20 -17.37 -25.10
C ILE BA 53 35.69 -18.53 -24.26
N ASP BA 54 35.32 -18.25 -23.02
CA ASP BA 54 34.83 -19.31 -22.15
C ASP BA 54 33.74 -20.10 -22.85
N GLU BA 55 32.83 -19.40 -23.53
CA GLU BA 55 31.80 -20.10 -24.28
C GLU BA 55 32.44 -20.95 -25.37
N ALA BA 56 33.31 -20.33 -26.15
CA ALA BA 56 34.12 -21.13 -27.05
C ALA BA 56 34.84 -22.20 -26.26
N SER BA 57 35.56 -21.78 -25.21
CA SER BA 57 36.19 -22.74 -24.32
C SER BA 57 35.21 -23.78 -23.87
N SER BA 58 33.95 -23.42 -23.73
CA SER BA 58 32.95 -24.44 -23.51
C SER BA 58 32.76 -25.24 -24.79
N LYS BA 59 32.32 -24.57 -25.85
CA LYS BA 59 31.98 -25.29 -27.06
C LYS BA 59 33.02 -26.30 -27.44
N VAL BA 60 34.29 -25.92 -27.38
CA VAL BA 60 35.35 -26.91 -27.55
C VAL BA 60 35.16 -27.96 -26.49
N ARG BA 61 35.30 -27.57 -25.22
CA ARG BA 61 35.15 -28.52 -24.13
C ARG BA 61 33.89 -29.34 -24.33
N LEU BA 62 32.79 -28.65 -24.65
CA LEU BA 62 31.53 -29.30 -24.98
C LEU BA 62 31.83 -30.46 -25.91
N LYS BA 63 32.32 -30.14 -27.10
CA LYS BA 63 32.81 -31.19 -27.97
C LYS BA 63 33.88 -32.00 -27.27
N SER BA 64 34.84 -31.29 -26.70
CA SER BA 64 35.92 -31.90 -25.95
C SER BA 64 35.38 -32.45 -24.65
N HIS BA 65 34.39 -31.76 -24.08
CA HIS BA 65 33.76 -32.17 -22.84
C HIS BA 65 33.25 -33.60 -23.01
N THR BA 66 32.49 -33.81 -24.07
CA THR BA 66 31.96 -35.14 -24.37
C THR BA 66 32.37 -35.53 -25.78
N THR BA 67 31.63 -36.45 -26.39
CA THR BA 67 31.91 -36.87 -27.74
C THR BA 67 31.78 -35.64 -28.63
N PRO BA 68 32.76 -35.43 -29.50
CA PRO BA 68 32.76 -34.27 -30.41
C PRO BA 68 31.46 -34.15 -31.18
N GLY BA 124 40.37 -34.59 -30.63
CA GLY BA 124 41.29 -34.70 -29.51
C GLY BA 124 41.93 -33.38 -29.15
N MET BA 125 41.80 -32.36 -30.00
CA MET BA 125 42.51 -31.11 -29.77
C MET BA 125 42.02 -30.51 -28.46
N SER BA 126 42.95 -30.32 -27.54
CA SER BA 126 42.65 -29.62 -26.30
C SER BA 126 42.71 -28.12 -26.48
N THR BA 127 43.58 -27.67 -27.37
CA THR BA 127 43.70 -26.26 -27.68
C THR BA 127 42.42 -25.73 -28.26
N SER BA 128 42.23 -24.43 -28.15
CA SER BA 128 41.09 -23.78 -28.77
C SER BA 128 41.53 -23.21 -30.10
N LEU BA 129 40.79 -23.54 -31.16
CA LEU BA 129 41.18 -23.04 -32.47
C LEU BA 129 41.09 -21.53 -32.44
N SER BA 130 41.80 -20.90 -33.36
CA SER BA 130 41.41 -19.54 -33.65
C SER BA 130 39.96 -19.54 -34.09
N GLU BA 131 39.75 -19.98 -35.33
CA GLU BA 131 38.54 -19.60 -36.05
C GLU BA 131 37.27 -20.05 -35.37
N GLU BA 132 36.97 -21.34 -35.46
CA GLU BA 132 35.67 -21.85 -35.04
C GLU BA 132 35.33 -21.37 -33.65
N ASP BA 133 36.29 -21.52 -32.73
CA ASP BA 133 36.16 -21.00 -31.39
C ASP BA 133 35.62 -19.60 -31.44
N ILE BA 134 36.22 -18.77 -32.26
CA ILE BA 134 35.60 -17.50 -32.52
C ILE BA 134 34.41 -17.84 -33.40
N ALA BA 135 34.73 -18.23 -34.61
CA ALA BA 135 33.82 -18.24 -35.74
C ALA BA 135 32.53 -18.94 -35.41
N GLU BA 136 32.60 -20.26 -35.31
CA GLU BA 136 31.41 -21.07 -35.08
C GLU BA 136 30.56 -20.44 -33.99
N VAL BA 137 31.11 -20.39 -32.80
CA VAL BA 137 30.45 -19.73 -31.69
C VAL BA 137 29.94 -18.36 -32.09
N ILE BA 138 30.81 -17.55 -32.67
CA ILE BA 138 30.36 -16.25 -33.14
C ILE BA 138 29.30 -16.41 -34.21
N ALA BA 139 29.47 -17.38 -35.10
CA ALA BA 139 28.39 -17.68 -36.00
C ALA BA 139 27.21 -18.22 -35.23
N GLY BA 140 27.46 -19.12 -34.29
CA GLY BA 140 26.41 -19.50 -33.36
C GLY BA 140 25.83 -18.25 -32.71
N TRP BA 141 26.69 -17.27 -32.46
CA TRP BA 141 26.17 -16.00 -32.02
C TRP BA 141 25.30 -15.37 -33.11
N THR BA 142 25.80 -15.34 -34.35
CA THR BA 142 25.02 -14.63 -35.36
C THR BA 142 24.78 -15.40 -36.65
N GLY BA 143 25.80 -15.59 -37.47
CA GLY BA 143 25.62 -16.30 -38.73
C GLY BA 143 26.62 -15.85 -39.76
N ILE BA 144 26.47 -16.40 -40.96
CA ILE BA 144 27.29 -16.05 -42.12
C ILE BA 144 28.77 -16.15 -41.78
N PRO BA 145 29.23 -17.31 -41.33
CA PRO BA 145 30.61 -17.41 -40.82
C PRO BA 145 31.63 -16.89 -41.78
N THR CA 1 37.04 -5.31 16.18
CA THR CA 1 35.97 -5.59 15.25
C THR CA 1 36.42 -5.38 13.80
N LEU CA 2 35.88 -4.35 13.16
CA LEU CA 2 36.23 -4.04 11.78
C LEU CA 2 36.62 -5.31 11.03
N ASP CA 3 35.62 -6.14 10.81
CA ASP CA 3 35.81 -7.45 10.20
C ASP CA 3 34.50 -7.84 9.53
N SER CA 4 34.36 -9.13 9.21
CA SER CA 4 33.29 -9.67 8.40
C SER CA 4 33.15 -8.82 7.16
N LEU CA 5 32.01 -8.17 6.98
CA LEU CA 5 31.85 -7.23 5.88
C LEU CA 5 33.04 -6.30 5.77
N ALA CA 6 33.57 -5.84 6.90
CA ALA CA 6 34.79 -5.06 6.84
C ALA CA 6 35.93 -5.98 6.42
N ARG CA 7 36.55 -5.68 5.27
CA ARG CA 7 37.73 -6.38 4.79
C ARG CA 7 38.52 -5.42 3.91
N ASP CA 8 39.80 -5.76 3.72
CA ASP CA 8 40.70 -4.95 2.91
C ASP CA 8 41.56 -5.86 2.05
N LEU CA 9 41.87 -5.37 0.85
CA LEU CA 9 42.78 -6.04 -0.04
C LEU CA 9 44.18 -5.43 -0.07
N THR CA 10 44.40 -4.33 0.65
CA THR CA 10 45.70 -3.68 0.58
C THR CA 10 46.80 -4.60 1.05
N VAL CA 11 46.69 -5.05 2.29
CA VAL CA 11 47.61 -6.06 2.76
C VAL CA 11 47.64 -7.22 1.79
N ILE CA 12 46.46 -7.65 1.34
CA ILE CA 12 46.39 -8.69 0.33
C ILE CA 12 47.24 -8.32 -0.88
N ALA CA 13 47.25 -7.05 -1.23
CA ALA CA 13 48.15 -6.62 -2.30
C ALA CA 13 49.59 -6.69 -1.84
N LYS CA 14 49.89 -6.14 -0.66
CA LYS CA 14 51.19 -6.42 -0.06
C LYS CA 14 51.40 -7.91 0.12
N ASP CA 15 50.32 -8.64 0.39
CA ASP CA 15 50.42 -10.08 0.31
C ASP CA 15 50.53 -10.55 -1.12
N GLY CA 16 50.41 -9.65 -2.09
CA GLY CA 16 50.44 -10.08 -3.47
C GLY CA 16 49.27 -10.96 -3.84
N THR CA 17 48.17 -10.87 -3.10
CA THR CA 17 47.03 -11.75 -3.35
C THR CA 17 46.37 -11.52 -4.69
N LEU CA 18 46.72 -10.46 -5.42
CA LEU CA 18 45.94 -10.03 -6.57
C LEU CA 18 46.87 -9.60 -7.69
N ASP CA 19 46.27 -9.01 -8.74
CA ASP CA 19 46.90 -8.88 -10.04
C ASP CA 19 47.45 -7.47 -10.23
N PRO CA 20 48.70 -7.29 -10.64
CA PRO CA 20 49.17 -5.96 -11.02
C PRO CA 20 48.36 -5.46 -12.21
N VAL CA 21 47.83 -4.25 -12.09
CA VAL CA 21 46.96 -3.71 -13.11
C VAL CA 21 47.84 -3.02 -14.15
N ILE CA 22 47.22 -2.50 -15.21
CA ILE CA 22 47.92 -1.59 -16.11
C ILE CA 22 46.96 -0.50 -16.56
N GLY CA 23 47.54 0.65 -16.90
CA GLY CA 23 46.96 1.60 -17.81
C GLY CA 23 45.93 2.54 -17.22
N ARG CA 24 45.32 2.17 -16.10
CA ARG CA 24 44.35 3.04 -15.46
C ARG CA 24 45.01 3.98 -14.48
N ASP CA 25 46.33 4.01 -14.53
CA ASP CA 25 47.17 4.83 -13.68
C ASP CA 25 46.66 6.27 -13.58
N LYS CA 26 46.82 7.02 -14.66
CA LYS CA 26 46.33 8.39 -14.64
C LYS CA 26 44.82 8.40 -14.44
N GLU CA 27 44.14 7.38 -14.93
CA GLU CA 27 42.75 7.20 -14.56
C GLU CA 27 42.62 7.16 -13.06
N ILE CA 28 43.40 6.29 -12.44
CA ILE CA 28 43.42 6.24 -10.99
C ILE CA 28 43.91 7.56 -10.41
N THR CA 29 44.88 8.18 -11.08
CA THR CA 29 45.40 9.47 -10.64
C THR CA 29 44.25 10.40 -10.27
N ARG CA 30 43.26 10.47 -11.16
CA ARG CA 30 42.00 11.10 -10.84
C ARG CA 30 41.41 10.47 -9.60
N VAL CA 31 41.01 9.21 -9.73
CA VAL CA 31 40.32 8.53 -8.65
C VAL CA 31 41.04 8.78 -7.34
N ILE CA 32 42.37 8.63 -7.38
CA ILE CA 32 43.24 9.07 -6.31
C ILE CA 32 42.83 10.47 -5.93
N GLU CA 33 43.12 11.41 -6.82
CA GLU CA 33 43.07 12.80 -6.45
C GLU CA 33 41.70 13.18 -5.95
N VAL CA 34 40.69 12.33 -6.15
CA VAL CA 34 39.37 12.62 -5.62
C VAL CA 34 39.44 12.78 -4.12
N LEU CA 35 40.20 11.92 -3.46
CA LEU CA 35 40.30 11.99 -2.01
C LEU CA 35 40.82 13.34 -1.55
N SER CA 36 41.66 13.99 -2.37
CA SER CA 36 42.25 15.25 -1.96
C SER CA 36 41.22 16.26 -1.54
N ARG CA 37 39.99 16.10 -2.01
CA ARG CA 37 39.02 17.18 -1.96
C ARG CA 37 38.40 17.27 -0.58
N ARG CA 38 38.55 18.44 0.05
CA ARG CA 38 37.70 18.76 1.18
C ARG CA 38 36.23 18.65 0.79
N THR CA 39 35.92 18.96 -0.45
CA THR CA 39 34.54 18.87 -0.90
C THR CA 39 34.12 17.42 -1.04
N LYS CA 40 34.67 16.72 -2.01
CA LYS CA 40 34.32 15.33 -2.21
C LYS CA 40 35.61 14.54 -2.28
N ASN CA 41 35.91 13.81 -1.22
CA ASN CA 41 36.93 12.80 -1.37
C ASN CA 41 36.41 11.61 -2.14
N ASN CA 42 35.11 11.55 -2.37
CA ASN CA 42 34.44 10.29 -2.66
C ASN CA 42 34.07 10.22 -4.11
N PRO CA 43 34.83 9.48 -4.91
CA PRO CA 43 34.48 9.26 -6.31
C PRO CA 43 33.47 8.14 -6.48
N VAL CA 44 32.81 8.19 -7.62
CA VAL CA 44 32.08 7.04 -8.15
C VAL CA 44 32.50 6.83 -9.58
N LEU CA 45 32.39 5.60 -10.05
CA LEU CA 45 32.78 5.28 -11.40
C LEU CA 45 31.60 4.88 -12.25
N ILE CA 46 31.70 5.23 -13.53
CA ILE CA 46 30.83 4.75 -14.57
C ILE CA 46 31.68 3.94 -15.52
N GLY CA 47 31.04 3.07 -16.28
CA GLY CA 47 31.74 2.34 -17.30
C GLY CA 47 31.07 1.01 -17.54
N GLU CA 48 31.83 0.11 -18.12
CA GLU CA 48 31.32 -1.21 -18.42
C GLU CA 48 31.67 -2.17 -17.30
N PRO CA 49 30.69 -2.89 -16.75
CA PRO CA 49 30.96 -3.80 -15.62
C PRO CA 49 31.97 -4.87 -15.97
N GLY CA 50 32.52 -5.47 -14.92
CA GLY CA 50 33.41 -6.61 -15.05
C GLY CA 50 34.71 -6.34 -15.77
N VAL CA 51 35.10 -5.08 -15.95
CA VAL CA 51 36.20 -4.77 -16.86
C VAL CA 51 37.52 -4.65 -16.13
N GLY CA 52 37.56 -4.88 -14.83
CA GLY CA 52 38.72 -4.54 -14.03
C GLY CA 52 38.50 -3.39 -13.09
N LYS CA 53 37.30 -2.83 -13.04
CA LYS CA 53 37.08 -1.63 -12.25
C LYS CA 53 37.35 -1.86 -10.77
N THR CA 54 36.82 -2.95 -10.20
CA THR CA 54 37.14 -3.20 -8.81
C THR CA 54 38.61 -3.57 -8.66
N ALA CA 55 39.23 -4.04 -9.73
CA ALA CA 55 40.68 -4.14 -9.72
C ALA CA 55 41.31 -2.78 -9.95
N ILE CA 56 40.73 -2.00 -10.86
CA ILE CA 56 41.05 -0.59 -10.92
C ILE CA 56 41.01 0.00 -9.53
N ALA CA 57 40.00 -0.38 -8.77
CA ALA CA 57 39.98 -0.08 -7.35
C ALA CA 57 41.26 -0.62 -6.77
N GLU CA 58 41.42 -1.93 -6.84
CA GLU CA 58 42.65 -2.51 -6.32
C GLU CA 58 43.86 -1.79 -6.87
N GLY CA 59 43.77 -1.35 -8.13
CA GLY CA 59 44.84 -0.55 -8.68
C GLY CA 59 45.23 0.57 -7.74
N LEU CA 60 44.23 1.28 -7.24
CA LEU CA 60 44.49 2.25 -6.17
C LEU CA 60 45.20 1.54 -5.04
N ALA CA 61 44.56 0.51 -4.52
CA ALA CA 61 45.10 -0.20 -3.38
C ALA CA 61 46.53 -0.65 -3.62
N GLN CA 62 46.82 -1.18 -4.81
CA GLN CA 62 48.22 -1.40 -5.13
C GLN CA 62 48.97 -0.09 -4.98
N ALA CA 63 48.63 0.88 -5.81
CA ALA CA 63 49.28 2.18 -5.72
C ALA CA 63 49.24 2.73 -4.32
N ILE CA 64 48.32 2.25 -3.51
CA ILE CA 64 48.34 2.57 -2.09
C ILE CA 64 49.49 1.82 -1.44
N VAL CA 65 49.41 0.49 -1.42
CA VAL CA 65 50.50 -0.26 -0.82
C VAL CA 65 51.78 -0.01 -1.58
N ASN CA 66 51.66 0.33 -2.87
CA ASN CA 66 52.82 0.83 -3.59
C ASN CA 66 53.30 2.13 -3.01
N ASN CA 67 52.46 2.81 -2.21
CA ASN CA 67 52.68 4.18 -1.81
C ASN CA 67 52.79 5.10 -3.02
N GLU CA 68 52.28 4.63 -4.16
CA GLU CA 68 52.02 5.55 -5.26
C GLU CA 68 50.92 6.51 -4.85
N VAL CA 69 50.19 6.15 -3.80
CA VAL CA 69 49.34 7.06 -3.05
C VAL CA 69 50.19 8.17 -2.43
N PRO CA 70 49.91 9.42 -2.70
CA PRO CA 70 50.59 10.48 -1.96
C PRO CA 70 50.01 10.70 -0.58
N GLU CA 71 50.51 11.73 0.07
CA GLU CA 71 50.63 11.76 1.53
C GLU CA 71 49.39 11.34 2.30
N THR CA 72 48.39 12.22 2.29
CA THR CA 72 47.32 12.15 3.28
C THR CA 72 46.76 10.75 3.34
N LEU CA 73 46.65 10.12 2.19
CA LEU CA 73 45.92 8.89 2.11
C LEU CA 73 46.78 7.71 2.47
N LYS CA 74 48.11 7.92 2.47
CA LYS CA 74 49.05 6.82 2.63
C LYS CA 74 48.75 6.01 3.88
N ASP CA 75 48.41 6.69 4.98
CA ASP CA 75 47.95 5.97 6.15
C ASP CA 75 46.66 5.23 5.89
N LYS CA 76 45.75 5.86 5.15
CA LYS CA 76 44.46 5.23 4.92
C LYS CA 76 44.63 3.98 4.08
N ARG CA 77 43.62 3.10 4.17
CA ARG CA 77 43.69 1.78 3.59
C ARG CA 77 42.37 1.45 2.91
N VAL CA 78 42.46 0.65 1.85
CA VAL CA 78 41.26 0.16 1.20
C VAL CA 78 40.36 -0.56 2.19
N MET CA 79 39.08 -0.44 1.93
CA MET CA 79 38.12 -1.45 2.36
C MET CA 79 37.32 -1.86 1.14
N SER CA 80 37.25 -3.16 0.94
CA SER CA 80 36.43 -3.75 -0.10
C SER CA 80 35.13 -4.17 0.54
N LEU CA 81 34.02 -3.63 0.04
CA LEU CA 81 32.73 -3.97 0.59
C LEU CA 81 32.49 -5.46 0.60
N ASP CA 82 31.68 -5.90 1.54
CA ASP CA 82 31.10 -7.22 1.49
C ASP CA 82 29.59 -7.02 1.50
N MET CA 83 28.90 -7.72 0.62
CA MET CA 83 27.46 -7.60 0.54
C MET CA 83 26.81 -8.94 0.83
N GLY CA 84 25.78 -8.88 1.67
CA GLY CA 84 25.14 -10.03 2.26
C GLY CA 84 24.08 -9.47 3.19
N THR CA 85 23.38 -10.33 3.92
CA THR CA 85 22.30 -9.87 4.77
C THR CA 85 21.85 -11.02 5.64
N VAL CA 86 21.12 -10.67 6.70
CA VAL CA 86 20.91 -11.56 7.83
C VAL CA 86 19.63 -11.25 8.59
N GLY CA 94 16.78 -10.34 11.94
CA GLY CA 94 15.90 -9.19 12.06
C GLY CA 94 16.22 -8.15 11.02
N GLU CA 95 16.76 -7.01 11.47
CA GLU CA 95 17.23 -6.02 10.52
C GLU CA 95 18.51 -6.51 9.85
N PHE CA 96 19.01 -5.69 8.94
CA PHE CA 96 20.14 -6.03 8.11
C PHE CA 96 21.09 -4.83 8.12
N GLU CA 97 20.57 -3.72 7.62
CA GLU CA 97 21.40 -2.58 7.27
C GLU CA 97 22.03 -1.94 8.50
N GLU CA 98 21.36 -2.02 9.64
CA GLU CA 98 21.90 -1.37 10.82
C GLU CA 98 23.34 -1.80 11.06
N ARG CA 99 23.63 -3.08 10.84
CA ARG CA 99 25.00 -3.55 10.80
C ARG CA 99 25.79 -2.65 9.87
N LEU CA 100 25.40 -2.70 8.60
CA LEU CA 100 25.99 -1.84 7.60
C LEU CA 100 25.97 -0.39 8.04
N LYS CA 101 24.89 0.03 8.69
CA LYS CA 101 24.91 1.32 9.35
C LYS CA 101 25.96 1.35 10.46
N LYS CA 102 26.03 0.28 11.24
CA LYS CA 102 26.88 0.29 12.41
C LYS CA 102 28.34 0.49 12.06
N VAL CA 103 28.84 -0.28 11.09
CA VAL CA 103 30.26 -0.30 10.78
C VAL CA 103 30.81 1.07 10.50
N MET CA 104 29.93 2.01 10.19
CA MET CA 104 30.38 3.27 9.63
C MET CA 104 31.09 4.10 10.67
N GLU CA 105 30.55 4.17 11.87
CA GLU CA 105 31.26 4.88 12.93
C GLU CA 105 32.56 4.18 13.23
N GLU CA 106 32.53 2.85 13.23
CA GLU CA 106 33.72 2.07 13.50
C GLU CA 106 34.86 2.53 12.62
N ILE CA 107 34.60 2.52 11.32
CA ILE CA 107 35.59 3.00 10.38
C ILE CA 107 35.78 4.50 10.53
N GLN CA 108 34.72 5.24 10.88
CA GLN CA 108 34.93 6.63 11.21
C GLN CA 108 35.73 6.75 12.50
N GLN CA 109 35.53 5.82 13.43
CA GLN CA 109 36.35 5.78 14.61
C GLN CA 109 37.79 5.43 14.27
N ALA CA 110 38.00 4.75 13.15
CA ALA CA 110 39.33 4.27 12.79
C ALA CA 110 40.33 5.38 12.59
N GLY CA 111 39.88 6.64 12.59
CA GLY CA 111 40.74 7.80 12.49
C GLY CA 111 41.51 7.81 11.17
N ASN CA 112 42.24 6.03 8.99
CA ASN CA 112 43.28 5.04 8.80
C ASN CA 112 42.94 4.13 7.65
N VAL CA 113 41.78 4.34 7.03
CA VAL CA 113 41.26 3.45 6.01
C VAL CA 113 40.49 4.24 4.96
N ILE CA 114 39.95 3.52 3.99
CA ILE CA 114 38.91 4.01 3.10
C ILE CA 114 38.13 2.78 2.63
N LEU CA 115 36.86 2.97 2.37
CA LEU CA 115 36.06 1.92 1.77
C LEU CA 115 35.72 2.28 0.33
N PHE CA 116 35.64 1.26 -0.50
CA PHE CA 116 35.07 1.39 -1.81
C PHE CA 116 33.68 0.76 -1.81
N ILE CA 117 32.66 1.58 -1.96
CA ILE CA 117 31.34 1.05 -2.24
C ILE CA 117 31.33 0.60 -3.68
N ASP CA 118 30.61 -0.47 -3.97
CA ASP CA 118 30.97 -1.18 -5.17
C ASP CA 118 30.08 -0.81 -6.34
N GLU CA 119 28.87 -1.35 -6.39
CA GLU CA 119 28.08 -1.17 -7.60
C GLU CA 119 26.67 -0.70 -7.33
N LEU CA 120 25.86 -1.54 -6.70
CA LEU CA 120 24.52 -1.08 -6.41
C LEU CA 120 24.61 -0.13 -5.24
N HIS CA 121 24.32 1.12 -5.50
CA HIS CA 121 24.33 2.11 -4.47
C HIS CA 121 22.89 2.45 -4.49
N THR CA 122 22.18 1.98 -3.48
CA THR CA 122 20.87 1.50 -3.82
C THR CA 122 19.71 2.34 -3.40
N LEU CA 123 18.77 2.45 -4.33
CA LEU CA 123 17.41 2.83 -4.03
C LEU CA 123 16.68 1.53 -3.73
N VAL CA 124 16.33 1.33 -2.46
CA VAL CA 124 15.92 0.04 -1.96
C VAL CA 124 14.55 0.15 -1.30
N GLY CA 125 13.90 -0.99 -1.12
CA GLY CA 125 12.71 -1.05 -0.30
C GLY CA 125 13.00 -0.90 1.17
N ALA CA 126 13.97 -1.67 1.68
CA ALA CA 126 14.30 -1.64 3.10
C ALA CA 126 15.79 -1.54 3.35
N ALA CA 135 17.44 1.06 3.38
CA ALA CA 135 17.13 1.60 2.06
C ALA CA 135 17.36 3.10 2.06
N SER CA 136 17.15 3.71 0.89
CA SER CA 136 17.10 5.16 0.79
C SER CA 136 18.33 5.76 1.45
N ASN CA 137 18.14 6.51 2.53
CA ASN CA 137 19.29 7.05 3.24
C ASN CA 137 19.71 6.00 4.26
N ILE CA 138 20.81 5.34 3.96
CA ILE CA 138 21.50 4.45 4.87
C ILE CA 138 22.96 4.78 4.72
N LEU CA 139 23.56 5.31 5.77
CA LEU CA 139 24.85 5.98 5.72
C LEU CA 139 24.76 7.24 4.89
N LYS CA 140 23.77 7.29 4.02
CA LYS CA 140 23.68 8.39 3.09
C LYS CA 140 23.68 9.70 3.84
N PRO CA 141 23.01 9.84 4.97
CA PRO CA 141 23.28 10.99 5.83
C PRO CA 141 24.70 10.98 6.37
N ALA CA 142 25.13 9.86 6.94
CA ALA CA 142 26.50 9.83 7.45
C ALA CA 142 27.48 9.97 6.32
N LEU CA 143 27.12 9.48 5.15
CA LEU CA 143 27.74 9.97 3.94
C LEU CA 143 27.62 11.48 3.93
N ALA CA 144 26.38 11.96 3.83
CA ALA CA 144 26.13 13.39 3.74
C ALA CA 144 26.69 14.15 4.93
N ARG CA 145 27.12 13.43 5.97
CA ARG CA 145 27.82 14.02 7.10
C ARG CA 145 29.08 14.77 6.67
N GLY CA 146 29.49 14.63 5.42
CA GLY CA 146 30.68 15.33 4.99
C GLY CA 146 31.92 14.74 5.61
N GLU CA 147 31.91 13.44 5.84
CA GLU CA 147 33.05 12.74 6.41
C GLU CA 147 33.19 11.42 5.69
N LEU CA 148 34.13 10.60 6.16
CA LEU CA 148 34.22 9.22 5.72
C LEU CA 148 34.50 9.10 4.22
N GLN CA 149 35.74 9.36 3.83
CA GLN CA 149 36.21 9.09 2.49
C GLN CA 149 35.86 7.67 2.05
N CYS CA 150 35.22 7.55 0.88
CA CYS CA 150 34.70 6.30 0.36
C CYS CA 150 34.68 6.42 -1.17
N ILE CA 151 34.51 5.31 -1.89
CA ILE CA 151 34.39 5.35 -3.34
C ILE CA 151 33.21 4.49 -3.79
N GLY CA 152 32.44 4.99 -4.76
CA GLY CA 152 31.44 4.20 -5.43
C GLY CA 152 31.83 3.85 -6.87
N ALA CA 153 30.98 3.03 -7.50
CA ALA CA 153 31.04 2.85 -8.95
C ALA CA 153 29.74 2.26 -9.47
N THR CA 154 29.46 2.52 -10.74
CA THR CA 154 28.34 1.91 -11.45
C THR CA 154 28.49 2.14 -12.94
N THR CA 155 27.43 1.92 -13.69
CA THR CA 155 27.26 2.57 -14.98
C THR CA 155 26.14 3.57 -14.84
N LEU CA 156 26.17 4.60 -15.67
CA LEU CA 156 25.28 5.74 -15.46
C LEU CA 156 23.84 5.30 -15.29
N ASP CA 157 23.47 4.23 -15.96
CA ASP CA 157 22.10 3.76 -15.94
C ASP CA 157 21.56 3.74 -14.53
N GLU CA 158 22.38 3.31 -13.59
CA GLU CA 158 22.05 3.50 -12.19
C GLU CA 158 22.37 4.92 -11.76
N TYR CA 159 23.54 5.41 -12.18
CA TYR CA 159 24.03 6.70 -11.72
C TYR CA 159 22.98 7.78 -11.89
N ARG CA 160 22.11 7.64 -12.88
CA ARG CA 160 21.03 8.58 -13.08
C ARG CA 160 20.21 8.78 -11.82
N LYS CA 161 20.21 7.82 -10.90
CA LYS CA 161 19.25 7.92 -9.83
C LYS CA 161 19.83 8.41 -8.52
N ASN CA 162 20.47 7.52 -7.76
CA ASN CA 162 20.65 7.74 -6.32
C ASN CA 162 21.51 8.98 -6.06
N ILE CA 163 22.73 8.98 -6.58
CA ILE CA 163 23.61 10.14 -6.46
C ILE CA 163 22.94 11.38 -7.05
N GLU CA 164 22.23 11.19 -8.16
CA GLU CA 164 21.62 12.31 -8.87
C GLU CA 164 20.30 12.74 -8.26
N LYS CA 165 19.40 11.80 -8.01
CA LYS CA 165 18.07 12.18 -7.52
C LYS CA 165 18.17 12.95 -6.22
N ASP CA 166 19.18 12.67 -5.40
CA ASP CA 166 19.55 13.62 -4.36
C ASP CA 166 20.21 14.84 -4.99
N ALA CA 167 21.30 14.62 -5.70
CA ALA CA 167 22.14 15.70 -6.17
C ALA CA 167 23.05 16.25 -5.11
N ALA CA 168 22.71 16.09 -3.83
CA ALA CA 168 23.65 16.37 -2.77
C ALA CA 168 24.58 15.20 -2.57
N LEU CA 169 24.11 14.00 -2.88
CA LEU CA 169 25.03 12.89 -3.01
C LEU CA 169 25.82 13.03 -4.29
N GLU CA 170 25.20 13.57 -5.32
CA GLU CA 170 25.99 14.17 -6.39
C GLU CA 170 26.94 15.20 -5.83
N ARG CA 171 26.44 16.05 -4.93
CA ARG CA 171 27.36 16.93 -4.24
C ARG CA 171 28.28 16.16 -3.31
N ARG CA 172 27.91 14.94 -2.93
CA ARG CA 172 28.84 14.05 -2.25
C ARG CA 172 29.72 13.23 -3.19
N PHE CA 173 29.22 12.84 -4.36
CA PHE CA 173 29.96 11.92 -5.20
C PHE CA 173 30.57 12.63 -6.39
N GLN CA 174 31.73 12.15 -6.82
CA GLN CA 174 32.36 12.62 -8.04
C GLN CA 174 32.34 11.49 -9.07
N PRO CA 175 31.61 11.70 -10.15
CA PRO CA 175 31.52 10.67 -11.17
C PRO CA 175 32.74 10.68 -12.08
N VAL CA 176 33.15 9.48 -12.48
CA VAL CA 176 34.23 9.29 -13.44
C VAL CA 176 33.90 8.04 -14.22
N GLN CA 177 34.34 8.01 -15.47
CA GLN CA 177 34.15 6.83 -16.30
C GLN CA 177 35.35 6.67 -17.20
N VAL CA 178 35.61 5.43 -17.60
CA VAL CA 178 36.69 5.12 -18.53
C VAL CA 178 36.19 4.08 -19.51
N ASP CA 179 36.58 4.28 -20.77
CA ASP CA 179 36.17 3.37 -21.85
C ASP CA 179 36.89 2.04 -21.72
N GLU CA 180 36.38 1.06 -22.44
CA GLU CA 180 37.11 -0.18 -22.55
C GLU CA 180 38.53 0.11 -22.99
N PRO CA 181 39.52 -0.44 -22.33
CA PRO CA 181 40.91 -0.15 -22.67
C PRO CA 181 41.21 -0.46 -24.12
N ARG DA 1 48.84 -36.23 -5.50
CA ARG DA 1 49.89 -37.01 -4.86
C ARG DA 1 50.39 -36.33 -3.60
N LEU DA 2 50.78 -37.14 -2.61
CA LEU DA 2 51.48 -36.59 -1.45
C LEU DA 2 52.91 -36.20 -1.86
N THR DA 3 53.70 -35.80 -0.87
CA THR DA 3 55.08 -35.41 -1.07
C THR DA 3 56.00 -35.98 0.01
N GLU DA 4 56.82 -35.13 0.60
CA GLU DA 4 57.75 -35.54 1.66
C GLU DA 4 57.00 -35.96 2.91
N ARG DA 5 56.51 -34.98 3.67
CA ARG DA 5 55.78 -35.27 4.90
C ARG DA 5 54.61 -36.19 4.59
N ALA DA 6 54.55 -37.32 5.27
CA ALA DA 6 53.48 -38.30 5.05
C ALA DA 6 53.98 -39.36 4.07
N GLN DA 7 54.32 -38.92 2.86
CA GLN DA 7 54.82 -39.83 1.84
C GLN DA 7 56.06 -40.51 2.40
N ARG DA 8 56.99 -39.71 2.90
CA ARG DA 8 58.22 -40.22 3.49
C ARG DA 8 57.84 -41.18 4.61
N VAL DA 9 56.97 -40.72 5.51
CA VAL DA 9 56.50 -41.54 6.61
C VAL DA 9 55.82 -42.74 5.95
N LEU DA 10 55.64 -42.64 4.64
CA LEU DA 10 55.03 -43.70 3.85
C LEU DA 10 56.08 -44.61 3.24
N ALA DA 11 57.26 -44.06 2.90
CA ALA DA 11 58.33 -44.90 2.38
C ALA DA 11 59.00 -45.68 3.49
N HIS DA 12 59.23 -45.03 4.64
CA HIS DA 12 59.71 -45.80 5.77
C HIS DA 12 58.65 -46.79 6.21
N ALA DA 13 57.37 -46.46 5.99
CA ALA DA 13 56.32 -47.46 6.06
C ALA DA 13 56.57 -48.56 5.03
N GLN DA 14 56.82 -48.17 3.78
CA GLN DA 14 57.22 -49.14 2.77
C GLN DA 14 58.52 -49.80 3.17
N GLU DA 15 59.46 -49.03 3.73
CA GLU DA 15 60.65 -49.61 4.32
C GLU DA 15 60.29 -50.59 5.43
N GLU DA 16 59.32 -50.19 6.27
CA GLU DA 16 58.78 -51.12 7.25
C GLU DA 16 57.97 -52.21 6.58
N ALA DA 17 57.28 -51.88 5.50
CA ALA DA 17 56.62 -52.90 4.70
C ALA DA 17 57.63 -53.83 4.04
N ILE DA 18 58.88 -53.40 3.92
CA ILE DA 18 59.96 -54.30 3.56
C ILE DA 18 60.66 -54.90 4.77
N ARG DA 19 60.38 -54.40 5.98
CA ARG DA 19 61.01 -54.96 7.17
C ARG DA 19 60.45 -56.34 7.51
N LEU DA 20 59.14 -56.42 7.73
CA LEU DA 20 58.48 -57.69 8.00
C LEU DA 20 57.77 -58.25 6.78
N ASN DA 21 57.85 -57.57 5.63
CA ASN DA 21 57.20 -57.97 4.39
C ASN DA 21 55.78 -58.45 4.60
N HIS DA 22 54.89 -57.54 4.99
CA HIS DA 22 53.52 -57.91 5.27
C HIS DA 22 52.77 -58.21 3.97
N SER DA 23 51.76 -59.06 4.02
CA SER DA 23 50.92 -59.26 2.82
C SER DA 23 50.09 -58.06 2.50
N ASN DA 24 49.96 -57.13 3.44
CA ASN DA 24 48.97 -56.07 3.39
C ASN DA 24 49.55 -54.89 4.14
N ILE DA 25 49.11 -53.68 3.81
CA ILE DA 25 49.68 -52.51 4.47
C ILE DA 25 48.87 -52.24 5.72
N GLY DA 26 49.47 -52.51 6.86
CA GLY DA 26 48.86 -52.29 8.14
C GLY DA 26 48.78 -50.79 8.41
N THR DA 27 47.81 -50.38 9.23
CA THR DA 27 47.83 -49.00 9.73
C THR DA 27 49.17 -48.61 10.33
N GLU DA 28 49.95 -49.60 10.77
CA GLU DA 28 51.13 -49.36 11.57
C GLU DA 28 52.39 -49.16 10.74
N HIS DA 29 52.38 -49.53 9.46
CA HIS DA 29 53.57 -49.33 8.64
C HIS DA 29 54.11 -47.92 8.80
N LEU DA 30 53.23 -46.94 8.66
CA LEU DA 30 53.67 -45.58 8.85
C LEU DA 30 53.67 -45.18 10.32
N LEU DA 31 52.93 -45.90 11.18
CA LEU DA 31 52.97 -45.61 12.61
C LEU DA 31 54.35 -45.91 13.19
N LEU DA 32 54.82 -47.15 12.99
CA LEU DA 32 56.20 -47.43 13.36
C LEU DA 32 57.19 -46.73 12.45
N GLY DA 33 56.74 -46.21 11.30
CA GLY DA 33 57.55 -45.30 10.52
C GLY DA 33 57.49 -43.88 11.05
N LEU DA 34 56.31 -43.43 11.48
CA LEU DA 34 56.16 -42.15 12.16
C LEU DA 34 57.25 -41.95 13.21
N MET DA 35 57.21 -42.78 14.25
CA MET DA 35 58.36 -42.93 15.12
C MET DA 35 59.56 -43.38 14.30
N LYS DA 36 60.70 -42.74 14.51
CA LYS DA 36 61.92 -43.29 13.95
C LYS DA 36 62.44 -44.45 14.78
N GLU DA 37 62.39 -44.28 16.10
CA GLU DA 37 62.95 -45.19 17.07
C GLU DA 37 62.33 -44.70 18.37
N PRO DA 38 62.49 -45.38 19.53
CA PRO DA 38 61.78 -44.96 20.75
C PRO DA 38 61.97 -43.49 21.11
N GLU DA 39 62.79 -42.76 20.35
CA GLU DA 39 63.04 -41.35 20.61
C GLU DA 39 61.74 -40.61 20.84
N GLY DA 40 61.75 -39.72 21.82
CA GLY DA 40 60.73 -38.69 21.90
C GLY DA 40 60.86 -37.67 20.79
N ILE DA 41 61.96 -37.69 20.04
CA ILE DA 41 62.21 -36.67 19.05
C ILE DA 41 61.12 -36.58 18.00
N ALA DA 42 56.25 -38.61 20.87
CA ALA DA 42 55.85 -37.88 22.07
C ALA DA 42 55.23 -36.54 21.71
N ALA DA 43 55.95 -35.75 20.92
CA ALA DA 43 55.52 -34.48 20.38
C ALA DA 43 54.22 -34.65 19.59
N LYS DA 44 53.81 -35.90 19.35
CA LYS DA 44 52.57 -36.15 18.65
C LYS DA 44 51.38 -35.54 19.37
N VAL DA 45 50.42 -35.09 18.57
CA VAL DA 45 49.21 -34.36 18.91
C VAL DA 45 48.17 -35.25 19.56
N LEU DA 46 48.42 -36.55 19.67
CA LEU DA 46 47.51 -37.51 20.30
C LEU DA 46 47.97 -37.79 21.73
N GLU DA 47 49.19 -38.31 21.87
CA GLU DA 47 49.74 -38.60 23.19
C GLU DA 47 49.56 -37.41 24.13
N SER DA 48 49.95 -36.23 23.67
CA SER DA 48 49.63 -35.03 24.43
C SER DA 48 48.14 -34.95 24.72
N PHE DA 49 47.30 -35.18 23.71
CA PHE DA 49 45.87 -35.15 23.92
C PHE DA 49 45.30 -36.31 24.71
N ASN DA 50 45.48 -37.54 24.23
CA ASN DA 50 44.80 -38.66 24.87
C ASN DA 50 45.67 -39.88 25.11
N ILE DA 51 46.05 -40.57 24.03
CA ILE DA 51 46.61 -41.91 24.11
C ILE DA 51 48.13 -41.87 24.04
N THR DA 52 48.78 -42.36 25.10
CA THR DA 52 50.23 -42.50 25.10
C THR DA 52 50.70 -43.27 23.86
N GLU DA 53 51.73 -42.74 23.20
CA GLU DA 53 52.30 -43.47 22.07
C GLU DA 53 53.28 -44.54 22.53
N ASP DA 54 54.02 -44.32 23.61
CA ASP DA 54 54.76 -45.41 24.22
C ASP DA 54 53.83 -46.58 24.50
N LYS DA 55 52.64 -46.28 25.01
CA LYS DA 55 51.54 -47.22 25.01
C LYS DA 55 51.18 -47.65 23.59
N VAL DA 56 51.08 -46.69 22.68
CA VAL DA 56 50.58 -46.97 21.34
C VAL DA 56 51.67 -47.58 20.44
N ILE DA 57 52.91 -47.07 20.52
CA ILE DA 57 54.02 -47.60 19.72
C ILE DA 57 54.20 -49.08 19.93
N GLU DA 58 54.44 -49.50 21.18
CA GLU DA 58 54.78 -50.89 21.41
C GLU DA 58 53.67 -51.82 20.93
N GLU DA 59 52.41 -51.42 21.12
CA GLU DA 59 51.31 -52.30 20.76
C GLU DA 59 51.09 -52.31 19.26
N VAL DA 60 51.37 -51.19 18.58
CA VAL DA 60 51.27 -51.22 17.13
C VAL DA 60 52.43 -51.98 16.53
N GLU DA 61 53.59 -51.99 17.20
CA GLU DA 61 54.73 -52.75 16.72
C GLU DA 61 54.40 -54.22 16.58
N LYS DA 62 53.76 -54.78 17.60
CA LYS DA 62 53.38 -56.19 17.56
C LYS DA 62 52.24 -56.46 16.60
N LEU DA 63 51.63 -55.43 16.02
CA LEU DA 63 50.72 -55.68 14.93
C LEU DA 63 51.46 -55.88 13.61
N ILE DA 64 52.61 -55.22 13.47
CA ILE DA 64 53.46 -55.47 12.32
C ILE DA 64 53.81 -56.94 12.20
N GLY DA 65 53.94 -57.62 13.33
CA GLY DA 65 54.35 -59.02 13.32
C GLY DA 65 53.19 -60.00 13.26
N HIS DA 66 52.62 -64.16 7.43
CA HIS DA 66 53.92 -63.91 6.82
C HIS DA 66 53.85 -64.03 5.30
N GLY DA 67 54.42 -63.06 4.61
CA GLY DA 67 54.33 -62.93 3.17
C GLY DA 67 55.73 -62.95 2.56
N GLN DA 68 55.80 -62.82 1.25
CA GLN DA 68 57.05 -62.92 0.50
C GLN DA 68 57.32 -61.59 -0.23
N ASP DA 69 58.47 -61.43 -0.90
CA ASP DA 69 58.86 -60.07 -1.35
C ASP DA 69 57.91 -59.40 -2.30
N HIS DA 70 57.44 -60.10 -3.34
CA HIS DA 70 56.57 -59.43 -4.31
C HIS DA 70 55.24 -59.04 -3.69
N VAL DA 71 54.49 -59.93 -3.04
CA VAL DA 71 53.30 -59.48 -2.28
C VAL DA 71 53.64 -58.67 -1.05
N GLY DA 72 54.91 -58.62 -0.62
CA GLY DA 72 55.28 -57.63 0.39
C GLY DA 72 54.91 -56.24 -0.12
N THR DA 73 54.44 -55.40 0.80
CA THR DA 73 53.96 -54.04 0.54
C THR DA 73 53.05 -53.97 -0.68
N LEU DA 74 52.22 -55.00 -0.89
CA LEU DA 74 51.40 -55.02 -2.09
C LEU DA 74 50.12 -54.21 -1.90
N HIS DA 75 49.47 -54.32 -0.75
CA HIS DA 75 48.11 -53.80 -0.69
C HIS DA 75 47.88 -52.96 0.56
N TYR DA 76 47.13 -51.85 0.40
CA TYR DA 76 46.97 -50.88 1.50
C TYR DA 76 46.16 -51.38 2.68
N THR DA 77 45.50 -52.53 2.59
CA THR DA 77 44.49 -52.92 3.58
C THR DA 77 43.33 -51.96 3.58
N PRO DA 78 42.45 -52.07 2.60
CA PRO DA 78 41.47 -51.03 2.28
C PRO DA 78 40.80 -50.42 3.51
N ARG DA 79 40.63 -51.21 4.57
CA ARG DA 79 40.33 -50.62 5.87
C ARG DA 79 41.28 -49.47 6.16
N ALA DA 80 42.58 -49.71 5.99
CA ALA DA 80 43.55 -48.62 5.96
C ALA DA 80 43.59 -47.92 4.60
N LYS DA 81 43.26 -48.65 3.52
CA LYS DA 81 43.47 -48.12 2.19
C LYS DA 81 42.85 -46.75 1.98
N LYS DA 82 41.65 -46.52 2.51
CA LYS DA 82 41.04 -45.20 2.40
C LYS DA 82 41.91 -44.14 3.05
N VAL DA 83 42.64 -44.53 4.10
CA VAL DA 83 43.19 -43.55 5.02
C VAL DA 83 44.17 -42.63 4.31
N ILE DA 84 44.93 -43.17 3.36
CA ILE DA 84 45.80 -42.31 2.56
C ILE DA 84 44.97 -41.30 1.78
N GLU DA 85 43.88 -41.77 1.16
CA GLU DA 85 42.97 -40.83 0.53
C GLU DA 85 42.16 -40.09 1.60
N LEU DA 86 41.78 -40.80 2.66
CA LEU DA 86 41.24 -40.12 3.83
C LEU DA 86 42.26 -39.13 4.39
N SER DA 87 43.55 -39.39 4.17
CA SER DA 87 44.54 -38.37 4.55
C SER DA 87 44.34 -37.12 3.74
N MET DA 88 43.95 -37.26 2.48
CA MET DA 88 43.70 -36.12 1.63
C MET DA 88 42.53 -35.27 2.10
N ASP DA 89 41.78 -35.74 3.11
CA ASP DA 89 40.51 -35.09 3.46
C ASP DA 89 40.70 -33.73 4.11
N GLU DA 90 41.71 -33.56 4.97
CA GLU DA 90 41.68 -32.49 5.97
C GLU DA 90 42.46 -31.24 5.53
N ALA DA 91 43.05 -31.24 4.33
CA ALA DA 91 43.89 -30.10 3.96
C ALA DA 91 43.13 -28.78 4.04
N ARG DA 92 41.80 -28.81 3.90
CA ARG DA 92 41.02 -27.58 3.92
C ARG DA 92 40.76 -27.09 5.34
N LYS DA 93 40.43 -28.00 6.27
CA LYS DA 93 40.25 -27.57 7.66
C LYS DA 93 41.57 -27.45 8.38
N LEU DA 94 42.54 -28.31 8.06
CA LEU DA 94 43.92 -27.94 8.34
C LEU DA 94 44.34 -26.73 7.52
N HIS DA 95 43.51 -26.31 6.57
CA HIS DA 95 43.66 -25.04 5.87
C HIS DA 95 44.97 -25.01 5.09
N HIS DA 96 45.06 -25.94 4.14
CA HIS DA 96 46.30 -26.33 3.49
C HIS DA 96 46.00 -26.68 2.04
N ASN DA 97 46.95 -26.37 1.16
CA ASN DA 97 46.87 -26.87 -0.21
C ASN DA 97 47.39 -28.29 -0.32
N PHE DA 98 48.32 -28.68 0.53
CA PHE DA 98 48.93 -30.00 0.51
C PHE DA 98 48.74 -30.71 1.84
N VAL DA 99 49.01 -32.01 1.83
CA VAL DA 99 48.56 -32.93 2.84
C VAL DA 99 49.79 -33.45 3.56
N GLY DA 100 49.97 -33.01 4.82
CA GLY DA 100 51.25 -33.19 5.49
C GLY DA 100 51.24 -34.43 6.38
N THR DA 101 52.34 -34.61 7.12
CA THR DA 101 52.48 -35.77 7.99
C THR DA 101 51.54 -35.71 9.17
N GLU DA 102 51.06 -34.52 9.54
CA GLU DA 102 49.99 -34.44 10.53
C GLU DA 102 48.66 -34.84 9.92
N HIS DA 103 48.52 -34.68 8.60
CA HIS DA 103 47.27 -34.92 7.89
C HIS DA 103 47.06 -36.40 7.60
N ILE DA 104 48.13 -37.09 7.21
CA ILE DA 104 48.05 -38.54 7.02
C ILE DA 104 47.64 -39.21 8.32
N LEU DA 105 48.35 -38.90 9.40
CA LEU DA 105 47.96 -39.38 10.71
C LEU DA 105 46.55 -38.95 11.04
N LEU DA 106 46.17 -37.75 10.62
CA LEU DA 106 44.81 -37.26 10.87
C LEU DA 106 43.78 -38.26 10.37
N GLY DA 107 44.01 -38.84 9.20
CA GLY DA 107 43.12 -39.87 8.74
C GLY DA 107 43.39 -41.19 9.44
N LEU DA 108 44.64 -41.42 9.84
CA LEU DA 108 44.98 -42.62 10.57
C LEU DA 108 44.19 -42.73 11.86
N ASN DA 112 41.46 -43.45 12.52
CA ASN DA 112 40.49 -44.54 12.53
C ASN DA 112 41.19 -45.89 12.50
N GLU DA 113 41.71 -46.34 11.35
CA GLU DA 113 42.24 -47.69 11.28
C GLU DA 113 43.59 -47.78 12.00
N GLY DA 114 44.32 -46.68 12.10
CA GLY DA 114 45.47 -46.69 12.99
C GLY DA 114 44.90 -46.31 14.34
N VAL DA 115 44.78 -47.33 15.18
CA VAL DA 115 44.12 -47.22 16.46
C VAL DA 115 43.98 -48.63 16.99
N ALA DA 116 43.67 -48.76 18.26
CA ALA DA 116 43.00 -49.94 18.76
C ALA DA 116 41.65 -49.44 19.20
N ALA DA 117 40.62 -49.68 18.41
CA ALA DA 117 39.28 -49.21 18.74
C ALA DA 117 38.47 -50.47 19.01
N ARG DA 118 38.23 -50.73 20.30
CA ARG DA 118 37.91 -52.05 20.81
C ARG DA 118 37.27 -51.88 22.18
N VAL DA 119 37.11 -52.99 22.91
CA VAL DA 119 36.70 -52.94 24.31
C VAL DA 119 37.58 -51.98 25.09
N PHE DA 120 38.90 -52.15 24.98
CA PHE DA 120 39.85 -51.15 25.44
C PHE DA 120 40.28 -50.36 24.21
N ALA DA 121 39.83 -49.12 24.11
CA ALA DA 121 40.03 -48.34 22.89
C ALA DA 121 41.27 -47.49 23.05
N ASN DA 122 42.31 -47.81 22.27
CA ASN DA 122 43.31 -46.81 21.92
C ASN DA 122 42.90 -46.40 20.53
N LEU DA 123 42.10 -45.36 20.44
CA LEU DA 123 41.72 -44.81 19.16
C LEU DA 123 42.85 -43.89 18.76
N ASP DA 124 42.61 -43.05 17.79
CA ASP DA 124 43.37 -41.82 17.67
C ASP DA 124 42.38 -40.68 17.63
N LEU DA 125 42.59 -39.69 18.49
CA LEU DA 125 41.68 -38.57 18.64
C LEU DA 125 41.44 -37.95 17.27
N ASN DA 126 40.18 -37.87 16.86
CA ASN DA 126 39.86 -37.56 15.48
C ASN DA 126 40.06 -36.08 15.16
N ILE DA 127 39.31 -35.20 15.83
CA ILE DA 127 39.32 -33.77 15.54
C ILE DA 127 40.01 -32.98 16.66
N THR DA 128 39.52 -33.09 17.89
CA THR DA 128 39.82 -32.14 18.95
C THR DA 128 41.32 -31.91 19.14
N LYS DA 129 42.08 -32.97 19.39
CA LYS DA 129 43.43 -32.78 19.90
C LYS DA 129 44.39 -32.38 18.80
N ALA DA 130 44.30 -32.99 17.61
CA ALA DA 130 45.23 -32.65 16.54
C ALA DA 130 45.13 -31.18 16.19
N ARG DA 131 43.93 -30.69 15.91
CA ARG DA 131 43.73 -29.34 15.42
C ARG DA 131 44.43 -28.30 16.29
N ALA DA 132 43.96 -28.14 17.53
CA ALA DA 132 44.56 -27.14 18.40
C ALA DA 132 46.02 -27.42 18.68
N GLN DA 133 46.42 -28.70 18.62
CA GLN DA 133 47.84 -28.99 18.73
C GLN DA 133 48.53 -28.95 17.38
N VAL DA 134 47.76 -28.93 16.29
CA VAL DA 134 48.30 -28.39 15.04
C VAL DA 134 48.23 -26.87 15.02
N VAL DA 135 47.25 -26.29 15.72
CA VAL DA 135 47.37 -24.87 16.06
C VAL DA 135 48.63 -24.64 16.86
N LYS DA 136 49.06 -25.65 17.64
CA LYS DA 136 50.40 -25.64 18.20
C LYS DA 136 51.44 -25.92 17.12
N ALA DA 137 51.25 -27.00 16.36
CA ALA DA 137 52.25 -27.47 15.41
C ALA DA 137 51.86 -27.03 14.01
N LEU DA 138 52.58 -26.04 13.50
CA LEU DA 138 52.24 -25.35 12.24
C LEU DA 138 50.88 -24.69 12.41
N GLY DA 139 49.97 -24.87 11.46
CA GLY DA 139 48.74 -24.13 11.27
C GLY DA 139 48.43 -24.14 9.78
N ASN DA 140 47.70 -23.11 9.33
CA ASN DA 140 47.79 -22.79 7.91
C ASN DA 140 49.24 -22.56 7.52
N PRO DA 141 50.08 -22.24 8.49
CA PRO DA 141 51.50 -21.93 8.32
C PRO DA 141 52.18 -22.97 7.45
N GLU DA 142 51.73 -24.21 7.54
CA GLU DA 142 52.30 -25.30 6.76
C GLU DA 142 51.47 -25.58 5.52
N MET DA 143 51.51 -24.66 4.56
CA MET DA 143 50.76 -24.80 3.32
C MET DA 143 51.07 -26.13 2.64
N SER DA 144 52.37 -26.43 2.51
CA SER DA 144 52.79 -27.67 1.87
C SER DA 144 53.58 -27.39 0.59
N ASN DA 145 54.06 -28.45 -0.04
CA ASN DA 145 54.83 -28.32 -1.28
C ASN DA 145 56.31 -28.22 -0.99
N LYS DA 146 56.88 -29.28 -0.44
CA LYS DA 146 58.31 -29.32 -0.12
C LYS DA 146 58.84 -30.74 -0.15
N ASN DA 147 58.59 -31.49 0.91
CA ASN DA 147 59.05 -32.87 1.01
C ASN DA 147 58.59 -33.54 2.28
N ALA DA 148 58.82 -32.87 3.41
CA ALA DA 148 58.44 -33.40 4.72
C ALA DA 148 59.50 -33.11 5.77
N GLN DA 149 59.36 -31.97 6.44
CA GLN DA 149 60.30 -31.57 7.48
C GLN DA 149 59.58 -31.03 8.70
N ALA DA 150 59.59 -31.81 9.78
CA ALA DA 150 58.94 -31.41 11.02
C ALA DA 150 58.90 -32.56 12.02
N SER DA 151 59.97 -33.35 12.05
CA SER DA 151 60.04 -34.49 12.96
C SER DA 151 60.45 -34.05 14.36
N LYS DA 152 59.85 -34.70 15.36
CA LYS DA 152 60.15 -34.37 16.75
C LYS DA 152 59.92 -32.89 17.04
N SER DA 153 60.87 -32.28 17.74
CA SER DA 153 60.78 -30.86 18.08
C SER DA 153 61.22 -29.97 16.92
N ASN DA 154 60.34 -29.73 15.97
CA ASN DA 154 60.64 -28.91 14.81
C ASN DA 154 59.36 -28.40 14.14
N ASN DA 155 59.21 -28.73 12.86
CA ASN DA 155 58.03 -28.32 12.10
C ASN DA 155 57.91 -26.80 12.07
N MET EA 1 32.76 25.61 42.22
CA MET EA 1 34.25 25.74 42.37
C MET EA 1 34.92 24.36 42.49
N ARG EA 2 36.24 24.33 42.70
CA ARG EA 2 37.07 23.12 42.65
C ARG EA 2 37.99 23.17 43.88
N ILE EA 3 38.11 22.09 44.67
CA ILE EA 3 38.80 22.05 45.96
C ILE EA 3 39.90 20.97 45.91
N GLU EA 4 40.97 21.14 46.68
CA GLU EA 4 42.01 20.14 46.91
C GLU EA 4 42.45 20.15 48.38
N ARG EA 5 42.91 19.00 48.87
CA ARG EA 5 43.44 18.79 50.23
C ARG EA 5 44.88 18.33 50.06
N VAL EA 6 45.85 19.27 50.09
CA VAL EA 6 47.25 18.94 49.91
C VAL EA 6 47.69 18.07 51.10
N ASP EA 7 47.43 18.60 52.30
CA ASP EA 7 47.69 17.97 53.59
C ASP EA 7 46.77 18.61 54.64
N ASP EA 8 47.07 18.44 55.93
CA ASP EA 8 46.24 18.94 57.03
C ASP EA 8 46.21 20.49 57.11
N THR EA 9 47.15 21.17 56.48
CA THR EA 9 47.46 22.58 56.73
C THR EA 9 47.35 23.41 55.46
N THR EA 10 48.00 22.96 54.38
CA THR EA 10 47.83 23.53 53.07
C THR EA 10 46.56 22.93 52.47
N VAL EA 11 45.73 23.79 51.90
CA VAL EA 11 44.66 23.42 50.99
C VAL EA 11 44.83 24.32 49.78
N LYS EA 12 44.28 23.94 48.63
CA LYS EA 12 44.12 24.90 47.54
C LYS EA 12 42.76 24.68 46.92
N LEU EA 13 42.35 25.62 46.09
CA LEU EA 13 41.12 25.54 45.35
C LEU EA 13 41.33 26.29 44.05
N PHE EA 14 40.41 26.10 43.11
CA PHE EA 14 40.41 26.80 41.85
C PHE EA 14 39.04 27.44 41.73
N ILE EA 15 39.04 28.71 41.33
CA ILE EA 15 37.90 29.60 41.36
C ILE EA 15 37.81 30.21 39.98
N THR EA 16 36.82 29.79 39.21
CA THR EA 16 36.55 30.40 37.91
C THR EA 16 35.99 31.79 38.16
N TYR EA 17 36.14 32.71 37.21
CA TYR EA 17 35.55 34.05 37.30
C TYR EA 17 34.05 33.98 37.57
N SER EA 18 33.34 33.02 36.96
CA SER EA 18 31.91 32.87 37.17
C SER EA 18 31.55 32.39 38.59
N ASP EA 19 32.44 31.66 39.28
CA ASP EA 19 32.21 31.29 40.68
C ASP EA 19 32.28 32.52 41.59
N ILE EA 20 33.08 33.51 41.20
CA ILE EA 20 33.26 34.75 41.93
C ILE EA 20 32.05 35.64 41.63
N GLU EA 21 31.63 35.72 40.37
CA GLU EA 21 30.45 36.46 39.92
C GLU EA 21 29.18 35.93 40.61
N ALA EA 22 29.07 34.61 40.77
CA ALA EA 22 27.91 33.96 41.37
C ALA EA 22 27.68 34.44 42.81
N ARG EA 23 28.78 34.50 43.54
CA ARG EA 23 28.83 35.03 44.90
C ARG EA 23 28.68 36.56 44.92
N GLY EA 24 28.63 37.20 43.75
CA GLY EA 24 28.45 38.64 43.60
C GLY EA 24 29.72 39.43 43.87
N PHE EA 25 30.88 38.76 43.96
CA PHE EA 25 32.18 39.41 43.96
C PHE EA 25 32.62 39.64 42.50
N SER EA 26 33.84 40.14 42.30
CA SER EA 26 34.45 40.28 40.97
C SER EA 26 35.87 39.78 41.09
N ARG EA 27 36.44 39.17 40.04
CA ARG EA 27 37.83 38.71 40.07
C ARG EA 27 38.78 39.83 40.48
N GLU EA 28 38.50 41.07 40.09
CA GLU EA 28 39.33 42.23 40.39
C GLU EA 28 39.03 42.71 41.81
N ASP EA 29 37.76 42.78 42.16
CA ASP EA 29 37.29 43.28 43.44
C ASP EA 29 37.82 42.45 44.61
N LEU EA 30 37.93 41.15 44.42
CA LEU EA 30 38.56 40.25 45.39
C LEU EA 30 39.94 40.80 45.76
N TRP EA 31 40.77 41.17 44.79
CA TRP EA 31 42.15 41.59 45.06
C TRP EA 31 42.25 43.07 45.43
N THR EA 32 41.31 43.90 44.97
CA THR EA 32 41.44 45.34 45.02
C THR EA 32 40.70 45.92 46.24
N ASN EA 33 39.79 45.16 46.85
CA ASN EA 33 39.33 45.34 48.24
C ASN EA 33 40.30 44.58 49.17
N ARG EA 34 40.00 44.46 50.48
CA ARG EA 34 40.80 43.66 51.41
C ARG EA 34 39.91 42.81 52.31
N LYS EA 35 38.90 43.44 52.90
CA LYS EA 35 37.89 42.76 53.69
C LYS EA 35 37.03 41.84 52.82
N ARG EA 36 36.75 42.25 51.58
CA ARG EA 36 35.93 41.47 50.65
C ARG EA 36 36.74 40.33 50.01
N GLY EA 37 38.05 40.34 50.14
CA GLY EA 37 38.85 39.18 49.77
C GLY EA 37 38.59 38.04 50.77
N GLU EA 38 38.51 38.37 52.07
CA GLU EA 38 38.43 37.42 53.17
C GLU EA 38 37.27 36.44 53.04
N GLU EA 39 36.19 36.91 52.43
CA GLU EA 39 34.94 36.20 52.21
C GLU EA 39 35.14 34.99 51.31
N PHE EA 40 36.08 35.08 50.37
CA PHE EA 40 36.43 33.97 49.49
C PHE EA 40 37.01 32.87 50.37
N PHE EA 41 37.90 33.25 51.29
CA PHE EA 41 38.64 32.32 52.11
C PHE EA 41 37.69 31.69 53.13
N TRP EA 42 36.78 32.48 53.71
CA TRP EA 42 35.71 31.95 54.53
C TRP EA 42 34.88 30.91 53.76
N SER EA 43 34.57 31.12 52.48
CA SER EA 43 33.81 30.18 51.67
C SER EA 43 34.50 28.82 51.50
N MET EA 44 35.83 28.73 51.67
CA MET EA 44 36.56 27.49 51.46
C MET EA 44 36.94 26.82 52.78
N MET EA 45 37.30 27.61 53.79
CA MET EA 45 37.34 27.15 55.16
C MET EA 45 36.02 26.50 55.54
N ASP EA 46 34.90 27.13 55.14
CA ASP EA 46 33.56 26.57 55.30
C ASP EA 46 33.44 25.17 54.71
N GLU EA 47 33.98 24.95 53.51
CA GLU EA 47 34.00 23.67 52.82
C GLU EA 47 34.80 22.59 53.58
N ILE EA 48 35.49 22.96 54.66
CA ILE EA 48 36.37 22.10 55.46
C ILE EA 48 36.00 22.21 56.94
N ASN EA 49 35.03 23.06 57.33
CA ASN EA 49 34.93 23.55 58.70
C ASN EA 49 34.74 22.46 59.76
N GLU EA 50 34.09 21.34 59.40
CA GLU EA 50 33.89 20.20 60.29
C GLU EA 50 35.22 19.52 60.69
N GLU EA 51 36.33 19.87 60.02
CA GLU EA 51 37.69 19.48 60.34
C GLU EA 51 38.52 20.69 60.76
N GLU EA 52 38.26 21.89 60.22
CA GLU EA 52 38.93 23.11 60.66
C GLU EA 52 38.69 23.37 62.15
N ASP EA 53 37.57 22.93 62.72
CA ASP EA 53 37.27 23.05 64.15
C ASP EA 53 38.36 22.38 65.03
N PHE EA 54 39.13 21.43 64.49
CA PHE EA 54 40.23 20.78 65.21
C PHE EA 54 41.53 21.60 65.14
N VAL EA 55 41.60 22.63 64.29
CA VAL EA 55 42.83 23.30 63.91
C VAL EA 55 42.71 24.83 63.85
N VAL EA 56 41.57 25.37 64.24
CA VAL EA 56 41.34 26.81 64.35
C VAL EA 56 42.03 27.32 65.63
N GLU EA 57 43.35 27.46 65.54
CA GLU EA 57 44.22 27.89 66.62
C GLU EA 57 45.41 28.70 66.09
N GLY EA 58 45.26 29.28 64.89
CA GLY EA 58 46.23 30.16 64.26
C GLY EA 58 45.62 30.86 63.05
N PRO EA 59 46.38 31.76 62.41
CA PRO EA 59 45.91 32.59 61.31
C PRO EA 59 45.75 31.80 60.01
N LEU EA 60 45.04 32.40 59.06
CA LEU EA 60 45.06 31.97 57.66
C LEU EA 60 46.20 32.70 56.96
N TRP EA 61 46.62 32.12 55.83
CA TRP EA 61 47.68 32.60 54.95
C TRP EA 61 47.21 32.27 53.55
N ILE EA 62 47.46 33.14 52.55
CA ILE EA 62 46.91 32.97 51.21
C ILE EA 62 48.03 33.20 50.19
N GLN EA 63 48.01 32.42 49.10
CA GLN EA 63 48.79 32.68 47.88
C GLN EA 63 47.87 32.39 46.67
N VAL EA 64 48.12 33.00 45.51
CA VAL EA 64 47.25 32.84 44.33
C VAL EA 64 48.08 32.82 43.04
N HIS EA 65 47.54 32.31 41.94
CA HIS EA 65 47.97 32.63 40.60
C HIS EA 65 46.72 32.72 39.73
N ALA EA 66 46.77 33.53 38.66
CA ALA EA 66 45.66 33.69 37.74
C ALA EA 66 45.90 32.87 36.48
N PHE EA 67 44.81 32.31 35.95
CA PHE EA 67 44.73 31.39 34.83
C PHE EA 67 43.74 31.98 33.81
N GLU EA 68 43.44 31.25 32.72
CA GLU EA 68 42.78 31.85 31.55
C GLU EA 68 41.39 32.40 31.83
N LYS EA 69 40.61 31.76 32.72
CA LYS EA 69 39.24 32.18 33.09
C LYS EA 69 38.96 31.98 34.59
N GLY EA 70 39.98 32.00 35.42
CA GLY EA 70 39.86 31.73 36.84
C GLY EA 70 41.21 31.90 37.53
N VAL EA 71 41.28 31.55 38.81
CA VAL EA 71 42.50 31.60 39.61
C VAL EA 71 42.60 30.33 40.43
N GLU EA 72 43.81 29.82 40.64
CA GLU EA 72 44.09 28.85 41.70
C GLU EA 72 44.58 29.64 42.91
N VAL EA 73 43.98 29.38 44.06
CA VAL EA 73 44.30 30.01 45.33
C VAL EA 73 44.77 28.87 46.24
N THR EA 74 45.94 29.01 46.86
CA THR EA 74 46.43 28.18 47.96
C THR EA 74 46.09 28.91 49.26
N ILE EA 75 45.79 28.16 50.33
CA ILE EA 75 45.60 28.66 51.67
C ILE EA 75 46.46 27.80 52.59
N SER EA 76 47.12 28.41 53.59
CA SER EA 76 48.08 27.74 54.46
C SER EA 76 47.80 28.16 55.92
N LYS EA 77 48.40 27.49 56.92
CA LYS EA 77 48.19 27.77 58.35
C LYS EA 77 49.49 27.56 59.11
N SER EA 78 49.66 28.27 60.23
CA SER EA 78 50.88 28.25 61.04
C SER EA 78 51.11 26.89 61.71
N LYS EA 79 50.06 26.08 61.92
CA LYS EA 79 50.14 24.77 62.56
C LYS EA 79 51.11 23.83 61.84
N ASN EA 80 51.37 24.05 60.54
CA ASN EA 80 52.38 23.36 59.75
C ASN EA 80 53.77 23.33 60.42
N GLU EA 81 54.08 24.35 61.24
CA GLU EA 81 55.37 24.51 61.93
C GLU EA 81 55.13 24.78 63.43
N ASP EA 82 54.07 24.22 64.01
CA ASP EA 82 53.83 24.31 65.45
C ASP EA 82 55.00 23.65 66.20
N MET EA 83 55.41 22.46 65.77
CA MET EA 83 56.70 21.89 66.14
C MET EA 83 57.77 22.63 65.34
N MET EA 84 58.75 23.24 66.02
CA MET EA 84 59.85 23.97 65.39
C MET EA 84 61.02 24.11 66.35
N ASN EA 85 60.75 24.46 67.62
CA ASN EA 85 61.78 24.77 68.62
C ASN EA 85 62.73 23.61 68.89
N MET EA 86 62.29 22.36 68.68
CA MET EA 86 63.10 21.17 68.91
C MET EA 86 64.26 21.05 67.91
N SER EA 87 64.17 21.66 66.72
CA SER EA 87 65.22 21.60 65.73
C SER EA 87 66.35 22.55 66.16
N ASP EA 88 67.60 22.12 65.95
CA ASP EA 88 68.81 22.87 66.27
C ASP EA 88 69.84 22.61 65.15
N ASP EA 89 70.85 23.49 64.96
CA ASP EA 89 71.79 23.43 63.85
C ASP EA 89 72.97 22.47 64.11
N ASP EA 90 72.71 21.43 64.88
CA ASP EA 90 73.66 20.46 65.40
C ASP EA 90 73.10 19.06 65.17
N MET FA 1 -14.94 20.86 56.30
CA MET FA 1 -13.71 21.54 56.83
C MET FA 1 -12.44 20.80 56.40
N ARG FA 2 -11.26 21.25 56.86
CA ARG FA 2 -9.95 20.80 56.42
C ARG FA 2 -9.10 20.57 57.68
N ILE FA 3 -8.42 19.43 57.84
CA ILE FA 3 -7.73 19.02 59.07
C ILE FA 3 -6.24 18.78 58.74
N GLU FA 4 -5.35 18.96 59.72
CA GLU FA 4 -3.95 18.59 59.66
C GLU FA 4 -3.49 18.00 61.00
N ARG FA 5 -2.48 17.12 60.96
CA ARG FA 5 -1.84 16.48 62.10
C ARG FA 5 -0.37 16.90 62.07
N VAL FA 6 -0.01 17.99 62.77
CA VAL FA 6 1.37 18.47 62.79
C VAL FA 6 2.24 17.41 63.46
N ASP FA 7 1.83 17.03 64.67
CA ASP FA 7 2.44 16.00 65.50
C ASP FA 7 1.39 15.48 66.49
N ASP FA 8 1.80 14.80 67.56
CA ASP FA 8 0.90 14.19 68.54
C ASP FA 8 0.11 15.23 69.37
N THR FA 9 0.55 16.50 69.38
CA THR FA 9 0.12 17.49 70.36
C THR FA 9 -0.46 18.73 69.66
N THR FA 10 0.26 19.28 68.69
CA THR FA 10 -0.25 20.31 67.82
C THR FA 10 -1.07 19.64 66.73
N VAL FA 11 -2.26 20.18 66.50
CA VAL FA 11 -3.05 19.92 65.31
C VAL FA 11 -3.42 21.30 64.76
N LYS FA 12 -3.78 21.40 63.49
CA LYS FA 12 -4.47 22.58 63.01
C LYS FA 12 -5.56 22.15 62.06
N LEU FA 13 -6.44 23.09 61.73
CA LEU FA 13 -7.50 22.89 60.79
C LEU FA 13 -7.77 24.22 60.12
N PHE FA 14 -8.52 24.17 59.02
CA PHE FA 14 -8.95 25.34 58.31
C PHE FA 14 -10.47 25.25 58.21
N ILE FA 15 -11.12 26.37 58.51
CA ILE FA 15 -12.54 26.48 58.71
C ILE FA 15 -13.02 27.62 57.82
N THR FA 16 -13.71 27.30 56.75
CA THR FA 16 -14.31 28.30 55.89
C THR FA 16 -15.48 28.91 56.65
N TYR FA 17 -15.86 30.14 56.34
CA TYR FA 17 -17.04 30.78 56.93
C TYR FA 17 -18.29 29.91 56.79
N SER FA 18 -18.46 29.24 55.65
CA SER FA 18 -19.60 28.38 55.43
C SER FA 18 -19.59 27.10 56.30
N ASP FA 19 -18.43 26.62 56.73
CA ASP FA 19 -18.34 25.49 57.67
C ASP FA 19 -18.85 25.92 59.05
N ILE FA 20 -18.67 27.19 59.39
CA ILE FA 20 -19.09 27.77 60.66
C ILE FA 20 -20.61 28.02 60.58
N GLU FA 21 -21.08 28.57 59.45
CA GLU FA 21 -22.50 28.80 59.16
C GLU FA 21 -23.29 27.49 59.20
N ALA FA 22 -22.71 26.41 58.67
CA ALA FA 22 -23.36 25.10 58.59
C ALA FA 22 -23.71 24.57 59.96
N ARG FA 23 -22.75 24.71 60.88
CA ARG FA 23 -22.90 24.39 62.29
C ARG FA 23 -23.79 25.39 63.02
N GLY FA 24 -24.21 26.46 62.34
CA GLY FA 24 -25.10 27.48 62.88
C GLY FA 24 -24.37 28.48 63.79
N PHE FA 25 -23.04 28.46 63.79
CA PHE FA 25 -22.23 29.52 64.41
C PHE FA 25 -22.06 30.66 63.39
N SER FA 26 -21.26 31.67 63.73
CA SER FA 26 -20.89 32.76 62.84
C SER FA 26 -19.40 32.99 63.01
N ARG FA 27 -18.67 33.37 61.96
CA ARG FA 27 -17.24 33.64 62.06
C ARG FA 27 -16.95 34.65 63.19
N GLU FA 28 -17.83 35.62 63.40
CA GLU FA 28 -17.68 36.66 64.41
C GLU FA 28 -18.09 36.10 65.77
N ASP FA 29 -19.21 35.39 65.81
CA ASP FA 29 -19.79 34.85 67.03
C ASP FA 29 -18.85 33.87 67.73
N LEU FA 30 -18.12 33.09 66.95
CA LEU FA 30 -17.06 32.22 67.46
C LEU FA 30 -16.12 33.03 68.37
N TRP FA 31 -15.63 34.18 67.92
CA TRP FA 31 -14.64 34.96 68.66
C TRP FA 31 -15.27 35.86 69.72
N THR FA 32 -16.52 36.27 69.52
CA THR FA 32 -17.14 37.34 70.31
C THR FA 32 -18.00 36.77 71.45
N ASN FA 33 -18.36 35.48 71.39
CA ASN FA 33 -18.77 34.66 72.54
C ASN FA 33 -17.49 34.06 73.17
N ARG FA 34 -17.63 33.13 74.14
CA ARG FA 34 -16.47 32.41 74.72
C ARG FA 34 -16.76 30.93 74.86
N LYS FA 35 -17.92 30.60 75.42
CA LYS FA 35 -18.41 29.24 75.54
C LYS FA 35 -18.75 28.66 74.16
N ARG FA 36 -19.25 29.50 73.25
CA ARG FA 36 -19.63 29.08 71.90
C ARG FA 36 -18.41 28.97 70.98
N GLY FA 37 -17.26 29.50 71.39
CA GLY FA 37 -16.02 29.22 70.69
C GLY FA 37 -15.62 27.75 70.91
N GLU FA 38 -15.77 27.26 72.15
CA GLU FA 38 -15.30 25.95 72.59
C GLU FA 38 -15.83 24.80 71.74
N GLU FA 39 -17.02 24.98 71.21
CA GLU FA 39 -17.76 24.03 70.39
C GLU FA 39 -17.03 23.74 69.10
N PHE FA 40 -16.33 24.74 68.55
CA PHE FA 40 -15.53 24.57 67.34
C PHE FA 40 -14.42 23.57 67.68
N PHE FA 41 -13.79 23.75 68.84
CA PHE FA 41 -12.64 22.97 69.25
C PHE FA 41 -13.09 21.54 69.58
N TRP FA 42 -14.24 21.39 70.24
CA TRP FA 42 -14.84 20.09 70.44
C TRP FA 42 -15.09 19.39 69.09
N SER FA 43 -15.54 20.09 68.05
CA SER FA 43 -15.77 19.53 66.73
C SER FA 43 -14.51 18.95 66.08
N MET FA 44 -13.30 19.38 66.48
CA MET FA 44 -12.06 18.94 65.86
C MET FA 44 -11.33 17.93 66.72
N MET FA 45 -11.34 18.11 68.04
CA MET FA 45 -10.99 17.07 68.98
C MET FA 45 -11.80 15.80 68.67
N ASP FA 46 -13.09 15.96 68.41
CA ASP FA 46 -13.96 14.88 67.96
C ASP FA 46 -13.41 14.14 66.75
N GLU FA 47 -12.90 14.88 65.75
CA GLU FA 47 -12.29 14.33 64.55
C GLU FA 47 -11.01 13.51 64.84
N ILE FA 48 -10.53 13.50 66.08
CA ILE FA 48 -9.31 12.86 66.53
C ILE FA 48 -9.58 11.97 67.76
N ASN FA 49 -10.81 11.94 68.28
CA ASN FA 49 -11.08 11.51 69.65
C ASN FA 49 -10.63 10.07 69.95
N GLU FA 50 -10.65 9.18 68.96
CA GLU FA 50 -10.20 7.79 69.11
C GLU FA 50 -8.69 7.70 69.41
N GLU FA 51 -7.96 8.80 69.26
CA GLU FA 51 -6.56 8.95 69.64
C GLU FA 51 -6.42 9.97 70.79
N GLU FA 52 -7.29 10.99 70.87
CA GLU FA 52 -7.28 11.93 71.99
C GLU FA 52 -7.54 11.21 73.32
N ASP FA 53 -8.25 10.08 73.31
CA ASP FA 53 -8.48 9.28 74.51
C ASP FA 53 -7.16 8.81 75.17
N PHE FA 54 -6.05 8.76 74.42
CA PHE FA 54 -4.74 8.41 74.96
C PHE FA 54 -4.02 9.61 75.60
N VAL FA 55 -4.52 10.84 75.41
CA VAL FA 55 -3.82 12.08 75.69
C VAL FA 55 -4.69 13.14 76.37
N VAL FA 56 -5.93 12.80 76.71
CA VAL FA 56 -6.82 13.67 77.45
C VAL FA 56 -6.42 13.67 78.93
N GLU FA 57 -5.35 14.40 79.23
CA GLU FA 57 -4.75 14.51 80.55
C GLU FA 57 -4.15 15.91 80.76
N GLY FA 58 -4.64 16.91 80.00
CA GLY FA 58 -4.28 18.31 80.13
C GLY FA 58 -5.24 19.18 79.32
N PRO FA 59 -5.07 20.52 79.40
CA PRO FA 59 -5.95 21.49 78.78
C PRO FA 59 -5.76 21.55 77.26
N LEU FA 60 -6.73 22.16 76.58
CA LEU FA 60 -6.60 22.62 75.20
C LEU FA 60 -6.01 24.04 75.22
N TRP FA 61 -5.43 24.42 74.09
CA TRP FA 61 -4.80 25.71 73.82
C TRP FA 61 -5.13 26.02 72.38
N ILE FA 62 -5.40 27.28 72.03
CA ILE FA 62 -5.87 27.63 70.69
C ILE FA 62 -5.07 28.84 70.19
N GLN FA 63 -4.76 28.87 68.89
CA GLN FA 63 -4.29 30.06 68.16
C GLN FA 63 -5.02 30.10 66.81
N VAL FA 64 -5.16 31.25 66.17
CA VAL FA 64 -5.92 31.39 64.91
C VAL FA 64 -5.25 32.45 64.01
N HIS FA 65 -5.53 32.42 62.70
CA HIS FA 65 -5.40 33.58 61.83
C HIS FA 65 -6.57 33.55 60.86
N ALA FA 66 -7.00 34.72 60.37
CA ALA FA 66 -8.10 34.84 59.43
C ALA FA 66 -7.54 35.03 58.01
N PHE FA 67 -8.24 34.43 57.04
CA PHE FA 67 -7.92 34.32 55.63
C PHE FA 67 -9.13 34.86 54.84
N GLU FA 68 -9.09 34.78 53.50
CA GLU FA 68 -10.01 35.54 52.66
C GLU FA 68 -11.49 35.16 52.85
N LYS FA 69 -11.80 33.88 53.10
CA LYS FA 69 -13.17 33.37 53.31
C LYS FA 69 -13.22 32.30 54.42
N GLY FA 70 -12.29 32.33 55.35
CA GLY FA 70 -12.18 31.31 56.39
C GLY FA 70 -11.06 31.66 57.36
N VAL FA 71 -10.76 30.76 58.28
CA VAL FA 71 -9.68 30.92 59.26
C VAL FA 71 -8.91 29.61 59.35
N GLU FA 72 -7.59 29.69 59.55
CA GLU FA 72 -6.80 28.55 60.03
C GLU FA 72 -6.70 28.68 61.54
N VAL FA 73 -7.02 27.60 62.24
CA VAL FA 73 -6.98 27.51 63.69
C VAL FA 73 -5.96 26.42 64.02
N THR FA 74 -4.97 26.72 64.86
CA THR FA 74 -4.08 25.74 65.49
C THR FA 74 -4.66 25.42 66.87
N ILE FA 75 -4.48 24.18 67.32
CA ILE FA 75 -4.82 23.73 68.66
C ILE FA 75 -3.59 23.01 69.21
N SER FA 76 -3.27 23.20 70.50
CA SER FA 76 -2.05 22.68 71.12
C SER FA 76 -2.43 22.07 72.48
N LYS FA 77 -1.51 21.33 73.13
CA LYS FA 77 -1.75 20.66 74.42
C LYS FA 77 -0.47 20.68 75.26
N SER FA 78 -0.61 20.67 76.59
CA SER FA 78 0.50 20.76 77.54
C SER FA 78 1.42 19.54 77.48
N LYS FA 79 0.92 18.38 77.02
CA LYS FA 79 1.68 17.13 76.95
C LYS FA 79 2.96 17.28 76.08
N ASN FA 80 2.98 18.26 75.17
CA ASN FA 80 4.17 18.64 74.38
C ASN FA 80 5.41 18.89 75.26
N GLU FA 81 5.23 19.32 76.51
CA GLU FA 81 6.29 19.62 77.45
C GLU FA 81 6.05 18.92 78.80
N ASP FA 82 5.44 17.72 78.78
CA ASP FA 82 5.28 16.90 79.98
C ASP FA 82 6.65 16.56 80.55
N MET FA 83 7.59 16.12 79.70
CA MET FA 83 9.00 16.10 80.03
C MET FA 83 9.51 17.54 79.95
N MET FA 84 10.09 18.04 81.05
CA MET FA 84 10.64 19.39 81.12
C MET FA 84 11.65 19.50 82.28
N ASN FA 85 11.31 18.95 83.45
CA ASN FA 85 12.10 19.09 84.67
C ASN FA 85 13.53 18.55 84.55
N MET FA 86 13.74 17.58 83.66
CA MET FA 86 15.06 16.97 83.44
C MET FA 86 16.06 17.93 82.81
N SER FA 87 15.61 18.97 82.09
CA SER FA 87 16.50 19.94 81.47
C SER FA 87 17.02 20.89 82.55
N ASP FA 88 18.30 21.26 82.45
CA ASP FA 88 18.99 22.17 83.36
C ASP FA 88 19.94 23.05 82.52
N ASP FA 89 20.37 24.23 83.03
CA ASP FA 89 21.14 25.21 82.27
C ASP FA 89 22.65 24.90 82.29
N ASP FA 90 23.00 23.62 82.37
CA ASP FA 90 24.34 23.09 82.54
C ASP FA 90 24.54 21.96 81.53
N MET GA 1 -32.37 -22.64 49.68
CA MET GA 1 -33.17 -21.87 50.67
C MET GA 1 -32.26 -21.10 51.65
N ARG GA 2 -32.85 -20.43 52.65
CA ARG GA 2 -32.17 -19.49 53.55
C ARG GA 2 -32.63 -19.82 54.96
N ILE GA 3 -31.73 -19.98 55.95
CA ILE GA 3 -32.03 -20.47 57.30
C ILE GA 3 -31.58 -19.41 58.32
N GLU GA 4 -32.23 -19.35 59.49
CA GLU GA 4 -31.82 -18.55 60.63
C GLU GA 4 -32.04 -19.34 61.93
N ARG GA 5 -31.24 -19.05 62.96
CA ARG GA 5 -31.30 -19.63 64.30
C ARG GA 5 -31.57 -18.46 65.27
N VAL GA 6 -32.85 -18.19 65.58
CA VAL GA 6 -33.20 -17.08 66.47
C VAL GA 6 -32.65 -17.40 67.85
N ASP GA 7 -33.00 -18.58 68.35
CA ASP GA 7 -32.57 -19.14 69.63
C ASP GA 7 -32.71 -20.67 69.56
N ASP GA 8 -32.71 -21.37 70.70
CA ASP GA 8 -32.77 -22.83 70.77
C ASP GA 8 -34.14 -23.41 70.30
N THR GA 9 -35.18 -22.58 70.23
CA THR GA 9 -36.56 -23.03 70.12
C THR GA 9 -37.23 -22.43 68.88
N THR GA 10 -37.13 -21.11 68.70
CA THR GA 10 -37.56 -20.46 67.48
C THR GA 10 -36.44 -20.61 66.47
N VAL GA 11 -36.81 -21.00 65.26
CA VAL GA 11 -35.98 -20.89 64.07
C VAL GA 11 -36.85 -20.19 63.03
N LYS GA 12 -36.26 -19.60 62.01
CA LYS GA 12 -37.02 -19.22 60.84
C LYS GA 12 -36.20 -19.54 59.61
N LEU GA 13 -36.83 -19.51 58.45
CA LEU GA 13 -36.19 -19.70 57.18
C LEU GA 13 -36.95 -18.88 56.16
N PHE GA 14 -36.35 -18.70 54.98
CA PHE GA 14 -36.96 -18.03 53.88
C PHE GA 14 -36.90 -19.00 52.70
N ILE GA 15 -38.03 -19.11 52.01
CA ILE GA 15 -38.28 -20.12 51.00
C ILE GA 15 -38.78 -19.39 49.77
N THR GA 16 -37.94 -19.30 48.75
CA THR GA 16 -38.35 -18.73 47.48
C THR GA 16 -39.33 -19.70 46.82
N TYR GA 17 -40.21 -19.21 45.94
CA TYR GA 17 -41.11 -20.07 45.19
C TYR GA 17 -40.36 -21.17 44.44
N SER GA 18 -39.18 -20.87 43.90
CA SER GA 18 -38.40 -21.86 43.18
C SER GA 18 -37.81 -22.94 44.10
N ASP GA 19 -37.57 -22.67 45.39
CA ASP GA 19 -37.14 -23.70 46.35
C ASP GA 19 -38.27 -24.69 46.60
N ILE GA 20 -39.51 -24.23 46.51
CA ILE GA 20 -40.71 -25.03 46.72
C ILE GA 20 -40.93 -25.86 45.44
N GLU GA 21 -40.81 -25.23 44.27
CA GLU GA 21 -40.90 -25.87 42.96
C GLU GA 21 -39.86 -26.99 42.80
N ALA GA 22 -38.65 -26.76 43.30
CA ALA GA 22 -37.52 -27.69 43.20
C ALA GA 22 -37.84 -29.01 43.89
N ARG GA 23 -38.42 -28.89 45.09
CA ARG GA 23 -38.92 -30.00 45.88
C ARG GA 23 -40.20 -30.59 45.28
N GLY GA 24 -40.75 -29.99 44.22
CA GLY GA 24 -41.93 -30.46 43.52
C GLY GA 24 -43.23 -30.11 44.25
N PHE GA 25 -43.17 -29.24 45.27
CA PHE GA 25 -44.35 -28.65 45.89
C PHE GA 25 -44.74 -27.41 45.07
N SER GA 26 -45.74 -26.66 45.53
CA SER GA 26 -46.16 -25.38 44.95
C SER GA 26 -46.37 -24.42 46.11
N ARG GA 27 -46.09 -23.12 45.94
CA ARG GA 27 -46.31 -22.13 46.99
C ARG GA 27 -47.76 -22.21 47.51
N GLU GA 28 -48.73 -22.49 46.65
CA GLU GA 28 -50.14 -22.55 46.99
C GLU GA 28 -50.43 -23.91 47.63
N ASP GA 29 -49.91 -24.99 47.05
CA ASP GA 29 -50.14 -26.35 47.47
C ASP GA 29 -49.66 -26.60 48.89
N LEU GA 30 -48.55 -25.97 49.27
CA LEU GA 30 -48.05 -25.99 50.64
C LEU GA 30 -49.18 -25.59 51.60
N TRP GA 31 -49.88 -24.49 51.33
CA TRP GA 31 -50.89 -23.96 52.25
C TRP GA 31 -52.26 -24.63 52.08
N THR GA 32 -52.55 -25.16 50.88
CA THR GA 32 -53.90 -25.58 50.50
C THR GA 32 -54.08 -27.09 50.69
N ASN GA 33 -52.97 -27.85 50.79
CA ASN GA 33 -52.94 -29.18 51.41
C ASN GA 33 -52.72 -29.02 52.93
N ARG GA 34 -52.48 -30.10 53.68
CA ARG GA 34 -52.14 -30.02 55.12
C ARG GA 34 -50.99 -30.95 55.46
N LYS GA 35 -51.08 -32.20 55.01
CA LYS GA 35 -50.01 -33.18 55.16
C LYS GA 35 -48.80 -32.79 54.31
N ARG GA 36 -49.02 -32.19 53.14
CA ARG GA 36 -47.95 -31.79 52.23
C ARG GA 36 -47.31 -30.47 52.67
N GLY GA 37 -47.92 -29.75 53.60
CA GLY GA 37 -47.25 -28.63 54.24
C GLY GA 37 -46.13 -29.14 55.14
N GLU GA 38 -46.39 -30.23 55.89
CA GLU GA 38 -45.52 -30.76 56.93
C GLU GA 38 -44.11 -31.08 56.42
N GLU GA 39 -44.03 -31.45 55.16
CA GLU GA 39 -42.82 -31.85 54.45
C GLU GA 39 -41.84 -30.69 54.37
N PHE GA 40 -42.35 -29.45 54.26
CA PHE GA 40 -41.52 -28.27 54.25
C PHE GA 40 -40.81 -28.18 55.60
N PHE GA 41 -41.57 -28.42 56.67
CA PHE GA 41 -41.09 -28.26 58.04
C PHE GA 41 -40.10 -29.37 58.35
N TRP GA 42 -40.38 -30.60 57.91
CA TRP GA 42 -39.42 -31.68 57.97
C TRP GA 42 -38.11 -31.32 57.26
N SER GA 43 -38.15 -30.66 56.11
CA SER GA 43 -36.96 -30.24 55.37
C SER GA 43 -36.07 -29.26 56.15
N MET GA 44 -36.60 -28.54 57.15
CA MET GA 44 -35.84 -27.54 57.88
C MET GA 44 -35.44 -28.04 59.26
N MET GA 45 -36.30 -28.78 59.93
CA MET GA 45 -35.92 -29.59 61.08
C MET GA 45 -34.74 -30.48 60.71
N ASP GA 46 -34.78 -31.09 59.51
CA ASP GA 46 -33.67 -31.85 58.96
C ASP GA 46 -32.36 -31.05 58.94
N GLU GA 47 -32.41 -29.78 58.52
CA GLU GA 47 -31.28 -28.88 58.48
C GLU GA 47 -30.69 -28.59 59.89
N ILE GA 48 -31.34 -29.04 60.95
CA ILE GA 48 -31.00 -28.81 62.34
C ILE GA 48 -30.93 -30.14 63.11
N ASN GA 49 -31.24 -31.29 62.48
CA ASN GA 49 -31.64 -32.48 63.20
C ASN GA 49 -30.58 -33.02 64.18
N GLU GA 50 -29.29 -32.80 63.90
CA GLU GA 50 -28.19 -33.21 64.78
C GLU GA 50 -28.21 -32.45 66.13
N GLU GA 51 -29.02 -31.40 66.24
CA GLU GA 51 -29.31 -30.66 67.46
C GLU GA 51 -30.77 -30.84 67.87
N GLU GA 52 -31.71 -31.00 66.93
CA GLU GA 52 -33.11 -31.28 67.26
C GLU GA 52 -33.24 -32.59 68.05
N ASP GA 53 -32.32 -33.55 67.88
CA ASP GA 53 -32.31 -34.79 68.65
C ASP GA 53 -32.23 -34.54 70.16
N PHE GA 54 -31.73 -33.38 70.61
CA PHE GA 54 -31.67 -33.01 72.02
C PHE GA 54 -32.98 -32.41 72.53
N VAL GA 55 -33.93 -32.09 71.63
CA VAL GA 55 -35.10 -31.27 71.92
C VAL GA 55 -36.39 -31.78 71.29
N VAL GA 56 -36.35 -32.95 70.66
CA VAL GA 56 -37.51 -33.62 70.12
C VAL GA 56 -38.29 -34.28 71.27
N GLU GA 57 -39.03 -33.45 71.99
CA GLU GA 57 -39.83 -33.82 73.16
C GLU GA 57 -41.09 -32.95 73.27
N GLY GA 58 -41.53 -32.37 72.15
CA GLY GA 58 -42.76 -31.60 72.03
C GLY GA 58 -43.09 -31.34 70.57
N PRO GA 59 -44.23 -30.69 70.30
CA PRO GA 59 -44.74 -30.45 68.96
C PRO GA 59 -43.97 -29.36 68.23
N LEU GA 60 -44.16 -29.31 66.91
CA LEU GA 60 -43.78 -28.17 66.09
C LEU GA 60 -44.95 -27.18 66.07
N TRP GA 61 -44.63 -25.93 65.75
CA TRP GA 61 -45.54 -24.79 65.66
C TRP GA 61 -45.02 -23.96 64.49
N ILE GA 62 -45.90 -23.38 63.68
CA ILE GA 62 -45.49 -22.70 62.44
C ILE GA 62 -46.20 -21.35 62.37
N GLN GA 63 -45.50 -20.32 61.86
CA GLN GA 63 -46.08 -19.04 61.41
C GLN GA 63 -45.41 -18.66 60.09
N VAL GA 64 -46.03 -17.86 59.23
CA VAL GA 64 -45.49 -17.51 57.92
C VAL GA 64 -45.87 -16.06 57.56
N HIS GA 65 -45.14 -15.44 56.62
CA HIS GA 65 -45.63 -14.31 55.84
C HIS GA 65 -45.13 -14.48 54.41
N ALA GA 66 -45.86 -13.95 53.44
CA ALA GA 66 -45.49 -14.03 52.03
C ALA GA 66 -44.86 -12.71 51.59
N PHE GA 67 -43.85 -12.82 50.72
CA PHE GA 67 -42.99 -11.77 50.19
C PHE GA 67 -43.05 -11.84 48.66
N GLU GA 68 -42.26 -11.02 47.96
CA GLU GA 68 -42.48 -10.77 46.53
C GLU GA 68 -42.32 -12.01 45.64
N LYS GA 69 -41.41 -12.93 45.98
CA LYS GA 69 -41.14 -14.17 45.23
C LYS GA 69 -40.85 -15.36 46.15
N GLY GA 70 -41.35 -15.33 47.38
CA GLY GA 70 -41.06 -16.34 48.38
C GLY GA 70 -41.83 -16.06 49.66
N VAL GA 71 -41.56 -16.82 50.71
CA VAL GA 71 -42.17 -16.66 52.03
C VAL GA 71 -41.09 -16.77 53.09
N GLU GA 72 -41.21 -16.02 54.18
CA GLU GA 72 -40.48 -16.30 55.42
C GLU GA 72 -41.41 -17.11 56.30
N VAL GA 73 -40.91 -18.23 56.81
CA VAL GA 73 -41.62 -19.14 57.69
C VAL GA 73 -40.84 -19.15 59.02
N THR GA 74 -41.51 -18.91 60.13
CA THR GA 74 -41.00 -19.14 61.48
C THR GA 74 -41.50 -20.52 61.93
N ILE GA 75 -40.70 -21.21 62.73
CA ILE GA 75 -41.07 -22.47 63.37
C ILE GA 75 -40.72 -22.32 64.86
N SER GA 76 -41.56 -22.82 65.76
CA SER GA 76 -41.41 -22.65 67.20
C SER GA 76 -41.66 -24.00 67.89
N LYS GA 77 -41.35 -24.14 69.19
CA LYS GA 77 -41.50 -25.38 69.96
C LYS GA 77 -41.92 -25.05 71.39
N SER GA 78 -42.65 -25.98 72.04
CA SER GA 78 -43.19 -25.81 73.38
C SER GA 78 -42.10 -25.70 74.45
N LYS GA 79 -40.90 -26.25 74.19
CA LYS GA 79 -39.78 -26.24 75.14
C LYS GA 79 -39.38 -24.83 75.57
N ASN GA 80 -39.69 -23.81 74.76
CA ASN GA 80 -39.55 -22.38 75.08
C ASN GA 80 -40.17 -22.00 76.44
N GLU GA 81 -41.22 -22.72 76.87
CA GLU GA 81 -41.95 -22.47 78.10
C GLU GA 81 -42.10 -23.78 78.91
N ASP GA 82 -41.11 -24.67 78.83
CA ASP GA 82 -41.08 -25.89 79.66
C ASP GA 82 -41.05 -25.50 81.13
N MET GA 83 -40.18 -24.56 81.49
CA MET GA 83 -40.28 -23.84 82.77
C MET GA 83 -41.42 -22.84 82.63
N MET GA 84 -42.42 -22.92 83.53
CA MET GA 84 -43.57 -22.01 83.54
C MET GA 84 -44.24 -22.02 84.92
N ASN GA 85 -44.43 -23.22 85.50
CA ASN GA 85 -45.18 -23.40 86.75
C ASN GA 85 -44.60 -22.62 87.93
N MET GA 86 -43.29 -22.37 87.91
CA MET GA 86 -42.61 -21.64 89.00
C MET GA 86 -43.03 -20.17 89.08
N SER GA 87 -43.52 -19.57 87.99
CA SER GA 87 -43.96 -18.19 87.99
C SER GA 87 -45.32 -18.10 88.69
N ASP GA 88 -45.52 -17.04 89.48
CA ASP GA 88 -46.74 -16.75 90.22
C ASP GA 88 -46.99 -15.23 90.18
N ASP GA 89 -48.23 -14.76 90.39
CA ASP GA 89 -48.61 -13.36 90.24
C ASP GA 89 -48.31 -12.51 91.49
N ASP GA 90 -47.26 -12.89 92.21
CA ASP GA 90 -46.85 -12.36 93.51
C ASP GA 90 -45.35 -12.11 93.46
N MET HA 1 -7.90 -60.90 20.52
CA MET HA 1 -9.14 -61.01 21.34
C MET HA 1 -8.99 -60.29 22.69
N ARG HA 2 -10.01 -60.37 23.57
CA ARG HA 2 -10.13 -59.60 24.80
C ARG HA 2 -10.55 -60.58 25.89
N ILE HA 3 -9.89 -60.60 27.06
CA ILE HA 3 -10.08 -61.60 28.12
C ILE HA 3 -10.48 -60.88 29.43
N GLU HA 4 -11.22 -61.56 30.30
CA GLU HA 4 -11.53 -61.12 31.65
C GLU HA 4 -11.47 -62.30 32.63
N ARG HA 5 -11.16 -62.02 33.90
CA ARG HA 5 -11.10 -62.97 35.01
C ARG HA 5 -12.12 -62.50 36.04
N VAL HA 6 -13.35 -63.01 35.97
CA VAL HA 6 -14.42 -62.61 36.90
C VAL HA 6 -14.01 -63.07 38.31
N ASP HA 7 -13.71 -64.36 38.41
CA ASP HA 7 -13.25 -65.03 39.62
C ASP HA 7 -12.49 -66.30 39.20
N ASP HA 8 -12.28 -67.25 40.12
CA ASP HA 8 -11.51 -68.47 39.87
C ASP HA 8 -12.21 -69.44 38.89
N THR HA 9 -13.52 -69.26 38.65
CA THR HA 9 -14.36 -70.27 38.02
C THR HA 9 -15.05 -69.70 36.78
N THR HA 10 -15.68 -68.54 36.90
CA THR HA 10 -16.20 -67.80 35.77
C THR HA 10 -15.04 -67.02 35.16
N VAL HA 11 -14.93 -67.11 33.83
CA VAL HA 11 -14.13 -66.20 33.02
C VAL HA 11 -15.06 -65.72 31.93
N LYS HA 12 -14.75 -64.60 31.28
CA LYS HA 12 -15.38 -64.27 30.02
C LYS HA 12 -14.34 -63.69 29.09
N LEU HA 13 -14.69 -63.59 27.82
CA LEU HA 13 -13.86 -62.99 26.82
C LEU HA 13 -14.77 -62.35 25.78
N PHE HA 14 -14.20 -61.52 24.93
CA PHE HA 14 -14.90 -60.90 23.84
C PHE HA 14 -14.10 -61.24 22.58
N ILE HA 15 -14.84 -61.65 21.55
CA ILE HA 15 -14.32 -62.24 20.34
C ILE HA 15 -14.94 -61.48 19.19
N THR HA 16 -14.14 -60.65 18.53
CA THR HA 16 -14.59 -59.95 17.34
C THR HA 16 -14.72 -60.97 16.22
N TYR HA 17 -15.56 -60.72 15.23
CA TYR HA 17 -15.70 -61.59 14.06
C TYR HA 17 -14.34 -61.86 13.39
N SER HA 18 -13.47 -60.84 13.33
CA SER HA 18 -12.15 -61.00 12.73
C SER HA 18 -11.22 -61.89 13.55
N ASP HA 19 -11.40 -62.01 14.87
CA ASP HA 19 -10.62 -62.94 15.70
C ASP HA 19 -11.01 -64.38 15.37
N ILE HA 20 -12.26 -64.59 14.98
CA ILE HA 20 -12.81 -65.89 14.63
C ILE HA 20 -12.32 -66.22 13.21
N GLU HA 21 -12.37 -65.26 12.29
CA GLU HA 21 -11.88 -65.38 10.92
C GLU HA 21 -10.39 -65.70 10.89
N ALA HA 22 -9.61 -65.08 11.78
CA ALA HA 22 -8.16 -65.26 11.86
C ALA HA 22 -7.78 -66.70 12.14
N ARG HA 23 -8.52 -67.30 13.08
CA ARG HA 23 -8.42 -68.70 13.43
C ARG HA 23 -9.02 -69.61 12.35
N GLY HA 24 -9.63 -69.03 11.32
CA GLY HA 24 -10.22 -69.73 10.19
C GLY HA 24 -11.58 -70.35 10.52
N PHE HA 25 -12.19 -69.98 11.65
CA PHE HA 25 -13.57 -70.29 11.96
C PHE HA 25 -14.47 -69.21 11.32
N SER HA 26 -15.77 -69.26 11.57
CA SER HA 26 -16.73 -68.23 11.16
C SER HA 26 -17.63 -67.97 12.35
N ARG HA 27 -18.11 -66.74 12.54
CA ARG HA 27 -19.03 -66.41 13.64
C ARG HA 27 -20.23 -67.37 13.64
N GLU HA 28 -20.72 -67.77 12.47
CA GLU HA 28 -21.88 -68.64 12.31
C GLU HA 28 -21.45 -70.08 12.55
N ASP HA 29 -20.33 -70.48 11.97
CA ASP HA 29 -19.81 -71.84 12.01
C ASP HA 29 -19.51 -72.29 13.43
N LEU HA 30 -19.03 -71.37 14.27
CA LEU HA 30 -18.84 -71.60 15.69
C LEU HA 30 -20.14 -72.17 16.29
N TRP HA 31 -21.29 -71.54 16.03
CA TRP HA 31 -22.54 -71.94 16.66
C TRP HA 31 -23.24 -73.09 15.93
N THR HA 32 -23.00 -73.23 14.62
CA THR HA 32 -23.78 -74.10 13.76
C THR HA 32 -23.10 -75.47 13.56
N ASN HA 33 -21.80 -75.57 13.88
CA ASN HA 33 -21.11 -76.83 14.19
C ASN HA 33 -21.28 -77.12 15.70
N ARG HA 34 -20.59 -78.11 16.26
CA ARG HA 34 -20.59 -78.38 17.71
C ARG HA 34 -19.19 -78.68 18.22
N LYS HA 35 -18.48 -79.56 17.53
CA LYS HA 35 -17.09 -79.88 17.81
C LYS HA 35 -16.18 -78.68 17.50
N ARG HA 36 -16.52 -77.91 16.46
CA ARG HA 36 -15.73 -76.75 16.05
C ARG HA 36 -16.04 -75.52 16.92
N GLY HA 37 -17.09 -75.57 17.73
CA GLY HA 37 -17.29 -74.56 18.75
C GLY HA 37 -16.23 -74.74 19.86
N GLU HA 38 -15.95 -75.99 20.24
CA GLU HA 38 -15.11 -76.35 21.38
C GLU HA 38 -13.71 -75.73 21.30
N GLU HA 39 -13.23 -75.56 20.08
CA GLU HA 39 -11.92 -75.04 19.74
C GLU HA 39 -11.75 -73.59 20.22
N PHE HA 40 -12.85 -72.83 20.20
CA PHE HA 40 -12.85 -71.46 20.68
C PHE HA 40 -12.55 -71.51 22.19
N PHE HA 41 -13.20 -72.44 22.88
CA PHE HA 41 -13.12 -72.54 24.34
C PHE HA 41 -11.74 -73.06 24.72
N TRP HA 42 -11.20 -74.02 23.98
CA TRP HA 42 -9.82 -74.45 24.14
C TRP HA 42 -8.85 -73.26 23.98
N SER HA 43 -9.08 -72.36 23.03
CA SER HA 43 -8.23 -71.19 22.81
C SER HA 43 -8.19 -70.24 24.01
N MET HA 44 -9.19 -70.26 24.91
CA MET HA 44 -9.26 -69.34 26.02
C MET HA 44 -8.87 -70.01 27.33
N MET HA 45 -9.26 -71.26 27.52
CA MET HA 45 -8.68 -72.11 28.55
C MET HA 45 -7.15 -72.12 28.41
N ASP HA 46 -6.65 -72.22 27.18
CA ASP HA 46 -5.23 -72.09 26.87
C ASP HA 46 -4.63 -70.80 27.43
N GLU HA 47 -5.31 -69.66 27.28
CA GLU HA 47 -4.91 -68.37 27.79
C GLU HA 47 -4.82 -68.33 29.33
N ILE HA 48 -5.26 -69.39 30.02
CA ILE HA 48 -5.34 -69.50 31.47
C ILE HA 48 -4.65 -70.81 31.94
N ASN HA 49 -4.16 -71.65 31.03
CA ASN HA 49 -3.92 -73.06 31.33
C ASN HA 49 -2.92 -73.30 32.47
N GLU HA 50 -1.96 -72.40 32.67
CA GLU HA 50 -0.98 -72.48 33.76
C GLU HA 50 -1.64 -72.35 35.15
N GLU HA 51 -2.90 -71.94 35.20
CA GLU HA 51 -3.74 -71.91 36.38
C GLU HA 51 -4.90 -72.91 36.26
N GLU HA 52 -5.41 -73.18 35.05
CA GLU HA 52 -6.44 -74.20 34.84
C GLU HA 52 -5.93 -75.59 35.29
N ASP HA 53 -4.63 -75.84 35.22
CA ASP HA 53 -4.04 -77.09 35.70
C ASP HA 53 -4.36 -77.38 37.18
N PHE HA 54 -4.68 -76.35 37.99
CA PHE HA 54 -5.07 -76.51 39.39
C PHE HA 54 -6.55 -76.86 39.54
N VAL HA 55 -7.35 -76.76 38.47
CA VAL HA 55 -8.82 -76.77 38.52
C VAL HA 55 -9.47 -77.60 37.43
N VAL HA 56 -8.67 -78.30 36.62
CA VAL HA 56 -9.15 -79.22 35.61
C VAL HA 56 -9.59 -80.53 36.29
N GLU HA 57 -10.78 -80.47 36.89
CA GLU HA 57 -11.39 -81.56 37.63
C GLU HA 57 -12.92 -81.53 37.51
N GLY HA 58 -13.42 -80.89 36.44
CA GLY HA 58 -14.84 -80.83 36.08
C GLY HA 58 -15.02 -80.28 34.68
N PRO HA 59 -16.27 -80.24 34.19
CA PRO HA 59 -16.59 -79.85 32.83
C PRO HA 59 -16.47 -78.33 32.62
N LEU HA 60 -16.44 -77.93 31.34
CA LEU HA 60 -16.65 -76.55 30.93
C LEU HA 60 -18.15 -76.33 30.73
N TRP HA 61 -18.55 -75.06 30.79
CA TRP HA 61 -19.91 -74.56 30.64
C TRP HA 61 -19.77 -73.25 29.88
N ILE HA 62 -20.68 -72.93 28.96
CA ILE HA 62 -20.53 -71.76 28.09
C ILE HA 62 -21.86 -71.00 28.06
N GLN HA 63 -21.79 -69.67 28.02
CA GLN HA 63 -22.91 -68.78 27.67
C GLN HA 63 -22.36 -67.68 26.74
N VAL HA 64 -23.20 -67.06 25.91
CA VAL HA 64 -22.74 -66.05 24.93
C VAL HA 64 -23.81 -64.95 24.77
N HIS HA 65 -23.41 -63.78 24.25
CA HIS HA 65 -24.32 -62.85 23.61
C HIS HA 65 -23.59 -62.25 22.40
N ALA HA 66 -24.32 -61.85 21.38
CA ALA HA 66 -23.75 -61.25 20.17
C ALA HA 66 -23.92 -59.73 20.23
N PHE HA 67 -22.90 -59.03 19.73
CA PHE HA 67 -22.70 -57.59 19.73
C PHE HA 67 -22.48 -57.15 18.27
N GLU HA 68 -22.19 -55.86 18.04
CA GLU HA 68 -22.28 -55.27 16.70
C GLU HA 68 -21.30 -55.90 15.69
N LYS HA 69 -20.10 -56.29 16.12
CA LYS HA 69 -19.06 -56.89 15.25
C LYS HA 69 -18.30 -58.03 15.97
N GLY HA 70 -18.92 -58.66 16.96
CA GLY HA 70 -18.27 -59.67 17.77
C GLY HA 70 -19.27 -60.26 18.76
N VAL HA 71 -18.79 -61.11 19.67
CA VAL HA 71 -19.59 -61.73 20.72
C VAL HA 71 -18.81 -61.66 22.03
N GLU HA 72 -19.52 -61.49 23.15
CA GLU HA 72 -18.97 -61.78 24.47
C GLU HA 72 -19.41 -63.18 24.83
N VAL HA 73 -18.45 -64.01 25.25
CA VAL HA 73 -18.64 -65.39 25.65
C VAL HA 73 -18.23 -65.46 27.12
N THR HA 74 -19.08 -65.99 27.99
CA THR HA 74 -18.76 -66.38 29.36
C THR HA 74 -18.46 -67.88 29.34
N ILE HA 75 -17.55 -68.32 30.20
CA ILE HA 75 -17.23 -69.72 30.43
C ILE HA 75 -17.27 -69.94 31.94
N SER HA 76 -17.82 -71.06 32.41
CA SER HA 76 -18.03 -71.35 33.82
C SER HA 76 -17.58 -72.79 34.11
N LYS HA 77 -17.47 -73.19 35.39
CA LYS HA 77 -17.00 -74.53 35.81
C LYS HA 77 -17.76 -74.97 37.06
N SER HA 78 -17.93 -76.28 37.24
CA SER HA 78 -18.68 -76.87 38.35
C SER HA 78 -18.02 -76.62 39.71
N LYS HA 79 -16.71 -76.38 39.75
CA LYS HA 79 -15.96 -76.15 40.98
C LYS HA 79 -16.51 -74.97 41.80
N ASN HA 80 -17.20 -74.02 41.14
CA ASN HA 80 -17.94 -72.92 41.77
C ASN HA 80 -18.88 -73.39 42.90
N GLU HA 81 -19.39 -74.62 42.82
CA GLU HA 81 -20.33 -75.22 43.78
C GLU HA 81 -19.84 -76.61 44.21
N ASP HA 82 -18.51 -76.82 44.27
CA ASP HA 82 -17.95 -78.06 44.81
C ASP HA 82 -18.37 -78.23 46.26
N MET HA 83 -18.26 -77.17 47.07
CA MET HA 83 -18.95 -77.09 48.35
C MET HA 83 -20.42 -76.79 48.07
N MET HA 84 -21.32 -77.66 48.56
CA MET HA 84 -22.77 -77.51 48.38
C MET HA 84 -23.53 -78.32 49.43
N ASN HA 85 -23.10 -79.56 49.67
CA ASN HA 85 -23.81 -80.51 50.54
C ASN HA 85 -23.97 -80.01 51.98
N MET HA 86 -23.05 -79.15 52.44
CA MET HA 86 -23.08 -78.61 53.80
C MET HA 86 -24.27 -77.66 54.04
N SER HA 87 -24.83 -77.05 52.99
CA SER HA 87 -25.97 -76.15 53.12
C SER HA 87 -27.23 -76.99 53.35
N ASP HA 88 -28.11 -76.52 54.23
CA ASP HA 88 -29.39 -77.14 54.57
C ASP HA 88 -30.44 -76.03 54.76
N ASP HA 89 -31.74 -76.34 54.65
CA ASP HA 89 -32.82 -75.35 54.66
C ASP HA 89 -33.25 -74.94 56.09
N ASP HA 90 -32.30 -74.99 57.01
CA ASP HA 90 -32.48 -74.80 58.45
C ASP HA 90 -31.41 -73.85 58.94
N MET IA 1 36.74 -51.05 4.92
CA MET IA 1 35.99 -52.28 5.35
C MET IA 1 35.10 -52.02 6.56
N ARG IA 2 34.43 -53.05 7.10
CA ARG IA 2 33.40 -52.95 8.13
C ARG IA 2 33.71 -54.03 9.17
N ILE IA 3 33.74 -53.73 10.47
CA ILE IA 3 34.20 -54.62 11.54
C ILE IA 3 33.05 -54.79 12.56
N GLU IA 4 33.01 -55.94 13.26
CA GLU IA 4 32.13 -56.19 14.39
C GLU IA 4 32.88 -56.97 15.48
N ARG IA 5 32.46 -56.80 16.74
CA ARG IA 5 32.99 -57.48 17.93
C ARG IA 5 31.82 -58.25 18.53
N VAL IA 6 31.65 -59.53 18.16
CA VAL IA 6 30.54 -60.34 18.67
C VAL IA 6 30.74 -60.52 20.18
N ASP IA 7 31.93 -60.99 20.54
CA ASP IA 7 32.39 -61.21 21.90
C ASP IA 7 33.93 -61.21 21.90
N ASP IA 8 34.57 -61.73 22.95
CA ASP IA 8 36.03 -61.74 23.09
C ASP IA 8 36.74 -62.66 22.07
N THR IA 9 36.01 -63.58 21.44
CA THR IA 9 36.59 -64.71 20.71
C THR IA 9 36.12 -64.72 19.26
N THR IA 10 34.82 -64.62 19.04
CA THR IA 10 34.25 -64.42 17.72
C THR IA 10 34.34 -62.94 17.40
N VAL IA 11 34.82 -62.64 16.19
CA VAL IA 11 34.68 -61.36 15.56
C VAL IA 11 34.12 -61.64 14.16
N LYS IA 12 33.52 -60.65 13.51
CA LYS IA 12 33.26 -60.76 12.09
C LYS IA 12 33.55 -59.43 11.45
N LEU IA 13 33.63 -59.41 10.13
CA LEU IA 13 33.82 -58.22 9.36
C LEU IA 13 33.11 -58.43 8.02
N PHE IA 14 32.94 -57.35 7.28
CA PHE IA 14 32.38 -57.37 5.96
C PHE IA 14 33.38 -56.68 5.06
N ILE IA 15 33.63 -57.31 3.91
CA ILE IA 15 34.70 -56.99 3.00
C ILE IA 15 34.07 -56.86 1.63
N THR IA 16 33.96 -55.63 1.13
CA THR IA 16 33.48 -55.39 -0.21
C THR IA 16 34.56 -55.86 -1.19
N TYR IA 17 34.18 -56.23 -2.42
CA TYR IA 17 35.16 -56.60 -3.44
C TYR IA 17 36.22 -55.51 -3.64
N SER IA 18 35.84 -54.24 -3.56
CA SER IA 18 36.78 -53.15 -3.72
C SER IA 18 37.76 -53.02 -2.54
N ASP IA 19 37.41 -53.47 -1.33
CA ASP IA 19 38.36 -53.51 -0.20
C ASP IA 19 39.44 -54.55 -0.45
N ILE IA 20 39.10 -55.61 -1.17
CA ILE IA 20 40.00 -56.70 -1.50
C ILE IA 20 40.90 -56.23 -2.65
N GLU IA 21 40.31 -55.57 -3.66
CA GLU IA 21 41.02 -54.98 -4.79
C GLU IA 21 42.03 -53.94 -4.34
N ALA IA 22 41.68 -53.13 -3.33
CA ALA IA 22 42.51 -52.06 -2.81
C ALA IA 22 43.82 -52.60 -2.25
N ARG IA 23 43.70 -53.70 -1.50
CA ARG IA 23 44.82 -54.46 -0.95
C ARG IA 23 45.55 -55.24 -2.05
N GLY IA 24 45.04 -55.23 -3.29
CA GLY IA 24 45.63 -55.89 -4.43
C GLY IA 24 45.38 -57.40 -4.46
N PHE IA 25 44.47 -57.89 -3.61
CA PHE IA 25 43.96 -59.26 -3.69
C PHE IA 25 42.79 -59.27 -4.70
N SER IA 26 42.12 -60.41 -4.85
CA SER IA 26 40.91 -60.55 -5.66
C SER IA 26 39.92 -61.36 -4.84
N ARG IA 27 38.62 -61.11 -4.95
CA ARG IA 27 37.61 -61.89 -4.23
C ARG IA 27 37.79 -63.39 -4.46
N GLU IA 28 38.20 -63.79 -5.67
CA GLU IA 28 38.38 -65.18 -6.06
C GLU IA 28 39.72 -65.68 -5.52
N ASP IA 29 40.76 -64.86 -5.69
CA ASP IA 29 42.13 -65.20 -5.32
C ASP IA 29 42.28 -65.46 -3.83
N LEU IA 30 41.53 -64.72 -3.02
CA LEU IA 30 41.44 -64.96 -1.58
C LEU IA 30 41.11 -66.44 -1.33
N TRP IA 31 40.09 -66.98 -1.99
CA TRP IA 31 39.62 -68.34 -1.73
C TRP IA 31 40.42 -69.40 -2.47
N THR IA 32 41.01 -69.03 -3.62
CA THR IA 32 41.57 -70.00 -4.57
C THR IA 32 43.08 -70.16 -4.37
N ASN IA 33 43.73 -69.21 -3.67
CA ASN IA 33 45.03 -69.40 -3.02
C ASN IA 33 44.78 -69.96 -1.60
N ARG IA 34 45.80 -70.06 -0.74
CA ARG IA 34 45.64 -70.48 0.66
C ARG IA 34 46.44 -69.59 1.61
N LYS IA 35 47.70 -69.37 1.27
CA LYS IA 35 48.57 -68.47 2.00
C LYS IA 35 48.11 -67.01 1.82
N ARG IA 36 47.59 -66.66 0.64
CA ARG IA 36 47.13 -65.31 0.34
C ARG IA 36 45.74 -65.05 0.92
N GLY IA 37 45.03 -66.08 1.37
CA GLY IA 37 43.83 -65.88 2.16
C GLY IA 37 44.21 -65.32 3.54
N GLU IA 38 45.28 -65.85 4.15
CA GLU IA 38 45.69 -65.57 5.51
C GLU IA 38 45.90 -64.08 5.79
N GLU IA 39 46.31 -63.37 4.76
CA GLU IA 39 46.62 -61.95 4.76
C GLU IA 39 45.38 -61.11 5.07
N PHE IA 40 44.22 -61.58 4.63
CA PHE IA 40 42.95 -60.92 4.92
C PHE IA 40 42.75 -60.98 6.43
N PHE IA 41 43.00 -62.15 7.02
CA PHE IA 41 42.74 -62.41 8.42
C PHE IA 41 43.75 -61.63 9.27
N TRP IA 42 45.01 -61.59 8.85
CA TRP IA 42 46.00 -60.72 9.47
C TRP IA 42 45.56 -59.26 9.47
N SER IA 43 44.94 -58.77 8.38
CA SER IA 43 44.45 -57.40 8.27
C SER IA 43 43.36 -57.07 9.31
N MET IA 44 42.65 -58.05 9.85
CA MET IA 44 41.56 -57.81 10.78
C MET IA 44 41.95 -58.10 12.21
N MET IA 45 42.75 -59.14 12.44
CA MET IA 45 43.47 -59.33 13.69
C MET IA 45 44.27 -58.06 14.01
N ASP IA 46 44.93 -57.48 13.01
CA ASP IA 46 45.60 -56.20 13.13
C ASP IA 46 44.69 -55.10 13.68
N GLU IA 47 43.45 -55.01 13.18
CA GLU IA 47 42.45 -54.06 13.63
C GLU IA 47 42.04 -54.26 15.12
N ILE IA 48 42.52 -55.32 15.75
CA ILE IA 48 42.18 -55.72 17.13
C ILE IA 48 43.47 -55.96 17.94
N ASN IA 49 44.66 -55.85 17.33
CA ASN IA 49 45.87 -56.48 17.86
C ASN IA 49 46.25 -56.02 19.27
N GLU IA 50 45.93 -54.77 19.63
CA GLU IA 50 46.20 -54.22 20.97
C GLU IA 50 45.39 -54.94 22.07
N GLU IA 51 44.41 -55.76 21.69
CA GLU IA 51 43.65 -56.65 22.55
C GLU IA 51 43.94 -58.12 22.22
N GLU IA 52 44.24 -58.45 20.95
CA GLU IA 52 44.62 -59.82 20.58
C GLU IA 52 45.90 -60.24 21.31
N ASP IA 53 46.78 -59.30 21.68
CA ASP IA 53 47.97 -59.60 22.47
C ASP IA 53 47.66 -60.29 23.82
N PHE IA 54 46.43 -60.14 24.35
CA PHE IA 54 45.99 -60.80 25.57
C PHE IA 54 45.51 -62.23 25.32
N VAL IA 55 45.32 -62.63 24.05
CA VAL IA 55 44.58 -63.84 23.68
C VAL IA 55 45.24 -64.62 22.54
N VAL IA 56 46.43 -64.21 22.10
CA VAL IA 56 47.22 -64.92 21.12
C VAL IA 56 47.90 -66.12 21.80
N GLU IA 57 47.10 -67.17 21.99
CA GLU IA 57 47.50 -68.40 22.66
C GLU IA 57 46.75 -69.61 22.08
N GLY IA 58 46.26 -69.47 20.84
CA GLY IA 58 45.61 -70.53 20.07
C GLY IA 58 45.44 -70.11 18.62
N PRO IA 59 44.91 -71.02 17.78
CA PRO IA 59 44.79 -70.82 16.34
C PRO IA 59 43.67 -69.85 15.99
N LEU IA 60 43.69 -69.36 14.74
CA LEU IA 60 42.55 -68.71 14.12
C LEU IA 60 41.67 -69.77 13.46
N TRP IA 61 40.42 -69.41 13.23
CA TRP IA 61 39.36 -70.22 12.62
C TRP IA 61 38.55 -69.24 11.78
N ILE IA 62 38.08 -69.64 10.59
CA ILE IA 62 37.42 -68.72 9.67
C ILE IA 62 36.14 -69.37 9.14
N GLN IA 63 35.09 -68.58 8.95
CA GLN IA 63 33.89 -68.94 8.18
C GLN IA 63 33.50 -67.72 7.33
N VAL IA 64 32.79 -67.90 6.21
CA VAL IA 64 32.45 -66.80 5.30
C VAL IA 64 31.06 -67.03 4.69
N HIS IA 65 30.42 -65.97 4.17
CA HIS IA 65 29.37 -66.09 3.17
C HIS IA 65 29.57 -64.94 2.18
N ALA IA 66 29.15 -65.12 0.93
CA ALA IA 66 29.25 -64.11 -0.11
C ALA IA 66 27.90 -63.42 -0.30
N PHE IA 67 27.96 -62.11 -0.56
CA PHE IA 67 26.86 -61.16 -0.68
C PHE IA 67 27.00 -60.47 -2.04
N GLU IA 68 26.13 -59.48 -2.34
CA GLU IA 68 25.97 -58.98 -3.71
C GLU IA 68 27.23 -58.34 -4.30
N LYS IA 69 28.05 -57.64 -3.48
CA LYS IA 69 29.30 -56.98 -3.91
C LYS IA 69 30.41 -57.12 -2.86
N GLY IA 70 30.36 -58.14 -2.04
CA GLY IA 70 31.30 -58.34 -0.95
C GLY IA 70 31.03 -59.65 -0.23
N VAL IA 71 31.72 -59.89 0.88
CA VAL IA 71 31.57 -61.07 1.72
C VAL IA 71 31.54 -60.65 3.18
N GLU IA 72 30.75 -61.33 4.00
CA GLU IA 72 30.90 -61.29 5.45
C GLU IA 72 31.76 -62.49 5.84
N VAL IA 73 32.81 -62.24 6.62
CA VAL IA 73 33.74 -63.23 7.11
C VAL IA 73 33.61 -63.20 8.64
N THR IA 74 33.39 -64.35 9.28
CA THR IA 74 33.50 -64.55 10.72
C THR IA 74 34.91 -65.12 10.98
N ILE IA 75 35.50 -64.79 12.12
CA ILE IA 75 36.74 -65.34 12.60
C ILE IA 75 36.50 -65.77 14.05
N SER IA 76 37.04 -66.92 14.47
CA SER IA 76 36.79 -67.51 15.78
C SER IA 76 38.13 -67.99 16.38
N LYS IA 77 38.18 -68.35 17.66
CA LYS IA 77 39.40 -68.79 18.37
C LYS IA 77 39.05 -69.88 19.38
N SER IA 78 40.00 -70.76 19.66
CA SER IA 78 39.82 -71.90 20.56
C SER IA 78 39.58 -71.49 22.02
N LYS IA 79 40.02 -70.28 22.42
CA LYS IA 79 39.88 -69.78 23.78
C LYS IA 79 38.40 -69.73 24.23
N ASN IA 80 37.45 -69.65 23.28
CA ASN IA 80 36.01 -69.77 23.53
C ASN IA 80 35.63 -71.00 24.37
N GLU IA 81 36.42 -72.08 24.29
CA GLU IA 81 36.19 -73.34 25.00
C GLU IA 81 37.46 -73.79 25.73
N ASP IA 82 38.28 -72.83 26.22
CA ASP IA 82 39.44 -73.15 27.05
C ASP IA 82 38.98 -73.87 28.32
N MET IA 83 37.96 -73.34 28.98
CA MET IA 83 37.20 -74.09 29.98
C MET IA 83 36.31 -75.08 29.23
N MET IA 84 36.44 -76.38 29.53
CA MET IA 84 35.64 -77.44 28.90
C MET IA 84 35.65 -78.70 29.78
N ASN IA 85 36.83 -79.08 30.29
CA ASN IA 85 37.03 -80.34 31.02
C ASN IA 85 36.16 -80.46 32.27
N MET IA 86 35.77 -79.32 32.88
CA MET IA 86 34.94 -79.31 34.08
C MET IA 86 33.52 -79.79 33.83
N SER IA 87 33.01 -79.73 32.60
CA SER IA 87 31.67 -80.19 32.27
C SER IA 87 31.68 -81.71 32.20
N ASP IA 88 30.61 -82.34 32.71
CA ASP IA 88 30.41 -83.78 32.74
C ASP IA 88 28.91 -84.06 32.45
N ASP IA 89 28.54 -85.27 32.01
CA ASP IA 89 27.19 -85.61 31.57
C ASP IA 89 26.27 -86.00 32.74
N ASP IA 90 26.53 -85.43 33.90
CA ASP IA 90 25.90 -85.74 35.18
C ASP IA 90 25.51 -84.43 35.85
N MET JA 1 53.46 -9.20 23.30
CA MET JA 1 54.12 -10.44 22.78
C MET JA 1 53.26 -11.69 23.07
N ARG JA 2 53.75 -12.88 22.72
CA ARG JA 2 53.02 -14.15 22.75
C ARG JA 2 53.93 -15.18 23.40
N ILE JA 3 53.48 -15.95 24.39
CA ILE JA 3 54.30 -16.86 25.22
C ILE JA 3 53.75 -18.29 25.09
N GLU JA 4 54.60 -19.31 25.25
CA GLU JA 4 54.22 -20.71 25.35
C GLU JA 4 55.08 -21.41 26.42
N ARG JA 5 54.52 -22.46 27.05
CA ARG JA 5 55.17 -23.30 28.05
C ARG JA 5 55.18 -24.72 27.47
N VAL JA 6 56.27 -25.11 26.78
CA VAL JA 6 56.37 -26.44 26.17
C VAL JA 6 56.37 -27.47 27.31
N ASP JA 7 57.30 -27.28 28.23
CA ASP JA 7 57.49 -28.08 29.44
C ASP JA 7 58.22 -27.24 30.48
N ASP JA 8 58.81 -27.85 31.52
CA ASP JA 8 59.48 -27.15 32.61
C ASP JA 8 60.77 -26.42 32.17
N THR JA 9 61.33 -26.78 31.01
CA THR JA 9 62.69 -26.43 30.63
C THR JA 9 62.71 -25.66 29.30
N THR JA 10 62.05 -26.19 28.27
CA THR JA 10 61.82 -25.48 27.04
C THR JA 10 60.63 -24.56 27.25
N VAL JA 11 60.80 -23.30 26.83
CA VAL JA 11 59.72 -22.36 26.62
C VAL JA 11 59.91 -21.82 25.21
N LYS JA 12 58.88 -21.26 24.59
CA LYS JA 12 59.08 -20.43 23.42
C LYS JA 12 58.16 -19.24 23.51
N LEU JA 13 58.40 -18.26 22.67
CA LEU JA 13 57.58 -17.07 22.56
C LEU JA 13 57.63 -16.61 21.11
N PHE JA 14 56.73 -15.71 20.76
CA PHE JA 14 56.70 -15.10 19.46
C PHE JA 14 56.73 -13.59 19.70
N ILE JA 15 57.58 -12.92 18.93
CA ILE JA 15 57.94 -11.54 19.11
C ILE JA 15 57.76 -10.85 17.77
N THR JA 16 56.72 -10.03 17.66
CA THR JA 16 56.50 -9.23 16.47
C THR JA 16 57.57 -8.15 16.43
N TYR JA 17 57.90 -7.64 15.25
CA TYR JA 17 58.85 -6.53 15.12
C TYR JA 17 58.45 -5.34 15.99
N SER JA 18 57.16 -5.05 16.09
CA SER JA 18 56.68 -3.95 16.90
C SER JA 18 56.85 -4.18 18.41
N ASP JA 19 56.88 -5.43 18.89
CA ASP JA 19 57.17 -5.73 20.29
C ASP JA 19 58.63 -5.41 20.60
N ILE JA 20 59.51 -5.54 19.61
CA ILE JA 20 60.93 -5.29 19.73
C ILE JA 20 61.13 -3.76 19.68
N GLU JA 21 60.45 -3.09 18.74
CA GLU JA 21 60.45 -1.63 18.60
C GLU JA 21 59.95 -0.95 19.87
N ALA JA 22 58.93 -1.51 20.51
CA ALA JA 22 58.31 -0.96 21.71
C ALA JA 22 59.31 -0.85 22.86
N ARG JA 23 60.08 -1.93 23.02
CA ARG JA 23 61.18 -2.03 23.96
C ARG JA 23 62.38 -1.18 23.52
N GLY JA 24 62.34 -0.59 22.33
CA GLY JA 24 63.36 0.28 21.79
C GLY JA 24 64.55 -0.51 21.22
N PHE JA 25 64.42 -1.83 21.05
CA PHE JA 25 65.37 -2.65 20.30
C PHE JA 25 64.99 -2.58 18.81
N SER JA 26 65.68 -3.34 17.97
CA SER JA 26 65.36 -3.50 16.54
C SER JA 26 65.46 -4.98 16.24
N ARG JA 27 64.64 -5.51 15.33
CA ARG JA 27 64.72 -6.92 14.94
C ARG JA 27 66.14 -7.30 14.52
N GLU JA 28 66.88 -6.40 13.88
CA GLU JA 28 68.23 -6.63 13.39
C GLU JA 28 69.21 -6.47 14.56
N ASP JA 29 69.03 -5.42 15.35
CA ASP JA 29 69.91 -5.08 16.46
C ASP JA 29 69.97 -6.17 17.52
N LEU JA 30 68.84 -6.85 17.75
CA LEU JA 30 68.78 -8.02 18.61
C LEU JA 30 69.86 -9.02 18.18
N TRP JA 31 69.94 -9.35 16.90
CA TRP JA 31 70.86 -10.39 16.42
C TRP JA 31 72.28 -9.87 16.19
N THR JA 32 72.43 -8.58 15.90
CA THR JA 32 73.68 -8.01 15.39
C THR JA 32 74.50 -7.38 16.53
N ASN JA 33 73.88 -7.11 17.68
CA ASN JA 33 74.55 -6.94 18.98
C ASN JA 33 74.70 -8.34 19.63
N ARG JA 34 75.13 -8.41 20.90
CA ARG JA 34 75.19 -9.69 21.64
C ARG JA 34 74.65 -9.53 23.06
N LYS JA 35 75.11 -8.49 23.75
CA LYS JA 35 74.63 -8.14 25.07
C LYS JA 35 73.18 -7.63 25.00
N ARG JA 36 72.81 -6.93 23.91
CA ARG JA 36 71.48 -6.38 23.73
C ARG JA 36 70.50 -7.45 23.25
N GLY JA 37 70.98 -8.61 22.82
CA GLY JA 37 70.11 -9.75 22.58
C GLY JA 37 69.59 -10.28 23.92
N GLU JA 38 70.45 -10.35 24.94
CA GLU JA 38 70.19 -10.98 26.22
C GLU JA 38 68.95 -10.41 26.93
N GLU JA 39 68.69 -9.13 26.68
CA GLU JA 39 67.62 -8.35 27.25
C GLU JA 39 66.26 -8.89 26.83
N PHE JA 40 66.18 -9.43 25.60
CA PHE JA 40 64.96 -10.05 25.10
C PHE JA 40 64.66 -11.26 25.99
N PHE JA 41 65.71 -12.04 26.27
CA PHE JA 41 65.59 -13.30 26.99
C PHE JA 41 65.26 -13.01 28.46
N TRP JA 42 65.89 -11.99 29.04
CA TRP JA 42 65.52 -11.50 30.35
C TRP JA 42 64.02 -11.11 30.41
N SER JA 43 63.49 -10.47 29.37
CA SER JA 43 62.09 -10.07 29.30
C SER JA 43 61.12 -11.27 29.35
N MET JA 44 61.54 -12.47 29.00
CA MET JA 44 60.67 -13.63 28.93
C MET JA 44 60.89 -14.56 30.12
N MET JA 45 62.12 -14.73 30.56
CA MET JA 45 62.42 -15.30 31.86
C MET JA 45 61.66 -14.54 32.94
N ASP JA 46 61.63 -13.21 32.86
CA ASP JA 46 60.82 -12.36 33.72
C ASP JA 46 59.35 -12.78 33.74
N GLU JA 47 58.76 -13.08 32.58
CA GLU JA 47 57.39 -13.54 32.43
C GLU JA 47 57.13 -14.90 33.12
N ILE JA 48 58.17 -15.55 33.63
CA ILE JA 48 58.14 -16.88 34.23
C ILE JA 48 58.83 -16.86 35.61
N ASN JA 49 59.40 -15.72 36.04
CA ASN JA 49 60.43 -15.71 37.07
C ASN JA 49 59.99 -16.29 38.42
N GLU JA 50 58.70 -16.18 38.76
CA GLU JA 50 58.13 -16.74 39.98
C GLU JA 50 58.19 -18.28 40.01
N GLU JA 51 58.51 -18.91 38.87
CA GLU JA 51 58.77 -20.34 38.72
C GLU JA 51 60.24 -20.57 38.33
N GLU JA 52 60.87 -19.66 37.58
CA GLU JA 52 62.29 -19.77 37.25
C GLU JA 52 63.15 -19.78 38.52
N ASP JA 53 62.70 -19.14 39.61
CA ASP JA 53 63.40 -19.16 40.89
C ASP JA 53 63.63 -20.59 41.42
N PHE JA 54 62.83 -21.58 40.98
CA PHE JA 54 63.00 -22.98 41.37
C PHE JA 54 64.05 -23.71 40.50
N VAL JA 55 64.50 -23.09 39.40
CA VAL JA 55 65.27 -23.74 38.34
C VAL JA 55 66.44 -22.91 37.82
N VAL JA 56 66.71 -21.77 38.43
CA VAL JA 56 67.86 -20.93 38.13
C VAL JA 56 69.11 -21.56 38.76
N GLU JA 57 69.61 -22.60 38.08
CA GLU JA 57 70.76 -23.39 38.51
C GLU JA 57 71.54 -23.92 37.29
N GLY JA 58 71.39 -23.25 36.14
CA GLY JA 58 72.12 -23.53 34.92
C GLY JA 58 71.91 -22.40 33.90
N PRO JA 59 72.57 -22.49 32.74
CA PRO JA 59 72.57 -21.44 31.72
C PRO JA 59 71.25 -21.40 30.95
N LEU JA 60 71.05 -20.29 30.23
CA LEU JA 60 70.04 -20.19 29.18
C LEU JA 60 70.64 -20.67 27.87
N TRP JA 61 69.77 -21.05 26.94
CA TRP JA 61 70.08 -21.54 25.61
C TRP JA 61 68.98 -20.97 24.71
N ILE JA 62 69.28 -20.55 23.48
CA ILE JA 62 68.32 -19.87 22.63
C ILE JA 62 68.37 -20.48 21.22
N GLN JA 63 67.20 -20.60 20.57
CA GLN JA 63 67.08 -20.86 19.14
C GLN JA 63 65.97 -19.94 18.59
N VAL JA 64 65.97 -19.61 17.30
CA VAL JA 64 65.00 -18.67 16.70
C VAL JA 64 64.64 -19.11 15.28
N HIS JA 65 63.51 -18.63 14.75
CA HIS JA 65 63.26 -18.55 13.32
C HIS JA 65 62.52 -17.25 13.06
N ALA JA 66 62.68 -16.67 11.86
CA ALA JA 66 62.01 -15.44 11.48
C ALA JA 66 60.81 -15.75 10.60
N PHE JA 67 59.75 -14.96 10.79
CA PHE JA 67 58.43 -15.08 10.18
C PHE JA 67 58.10 -13.73 9.52
N GLU JA 68 56.89 -13.57 8.98
CA GLU JA 68 56.60 -12.46 8.05
C GLU JA 68 56.74 -11.07 8.67
N LYS JA 69 56.40 -10.90 9.96
CA LYS JA 69 56.47 -9.61 10.68
C LYS JA 69 56.96 -9.80 12.14
N GLY JA 70 57.70 -10.86 12.41
CA GLY JA 70 58.13 -11.20 13.76
C GLY JA 70 59.02 -12.43 13.73
N VAL JA 71 59.38 -12.94 14.90
CA VAL JA 71 60.20 -14.14 15.08
C VAL JA 71 59.59 -15.00 16.16
N GLU JA 72 59.67 -16.33 16.02
CA GLU JA 72 59.48 -17.25 17.13
C GLU JA 72 60.86 -17.57 17.68
N VAL JA 73 61.01 -17.44 18.99
CA VAL JA 73 62.23 -17.71 19.72
C VAL JA 73 61.91 -18.85 20.69
N THR JA 74 62.69 -19.93 20.68
CA THR JA 74 62.69 -20.98 21.70
C THR JA 74 63.81 -20.63 22.70
N ILE JA 75 63.61 -20.96 23.97
CA ILE JA 75 64.62 -20.86 25.01
C ILE JA 75 64.64 -22.21 25.73
N SER JA 76 65.82 -22.71 26.11
CA SER JA 76 66.00 -24.04 26.68
C SER JA 76 66.96 -23.92 27.89
N LYS JA 77 67.09 -24.97 28.71
CA LYS JA 77 67.93 -24.99 29.92
C LYS JA 77 68.55 -26.37 30.11
N SER JA 78 69.72 -26.43 30.74
CA SER JA 78 70.49 -27.67 30.94
C SER JA 78 69.77 -28.65 31.87
N LYS JA 79 68.88 -28.17 32.75
CA LYS JA 79 68.15 -28.99 33.72
C LYS JA 79 67.34 -30.12 33.03
N ASN JA 80 66.98 -29.93 31.75
CA ASN JA 80 66.35 -30.95 30.90
C ASN JA 80 67.10 -32.30 30.91
N GLU JA 81 68.42 -32.27 31.12
CA GLU JA 81 69.29 -33.45 31.14
C GLU JA 81 70.17 -33.46 32.40
N ASP JA 82 69.65 -32.95 33.52
CA ASP JA 82 70.35 -33.03 34.81
C ASP JA 82 70.55 -34.49 35.19
N MET JA 83 69.50 -35.30 35.07
CA MET JA 83 69.63 -36.76 35.05
C MET JA 83 70.18 -37.15 33.68
N MET JA 84 71.32 -37.85 33.65
CA MET JA 84 71.96 -38.31 32.42
C MET JA 84 72.92 -39.48 32.71
N ASN JA 85 73.72 -39.35 33.77
CA ASN JA 85 74.80 -40.30 34.09
C ASN JA 85 74.28 -41.74 34.32
N MET JA 86 73.01 -41.88 34.76
CA MET JA 86 72.41 -43.18 35.02
C MET JA 86 72.21 -44.01 33.75
N SER JA 87 72.10 -43.39 32.58
CA SER JA 87 71.91 -44.10 31.31
C SER JA 87 73.25 -44.70 30.90
N ASP JA 88 73.20 -45.93 30.36
CA ASP JA 88 74.35 -46.70 29.88
C ASP JA 88 73.94 -47.44 28.60
N ASP JA 89 74.88 -47.85 27.73
CA ASP JA 89 74.60 -48.43 26.42
C ASP JA 89 74.32 -49.94 26.49
N ASP JA 90 73.75 -50.38 27.61
CA ASP JA 90 73.52 -51.77 27.98
C ASP JA 90 72.09 -51.89 28.50
N LYS KA 1 20.46 28.67 -60.06
CA LYS KA 1 20.99 27.73 -61.02
C LYS KA 1 22.32 27.18 -60.55
N LEU KA 2 22.48 25.88 -60.73
CA LEU KA 2 23.70 25.19 -60.30
C LEU KA 2 24.40 24.71 -61.55
N THR KA 3 25.50 25.36 -61.89
CA THR KA 3 26.08 25.20 -63.22
C THR KA 3 26.71 23.82 -63.38
N LYS KA 4 26.92 23.45 -64.64
CA LYS KA 4 27.58 22.20 -65.01
C LYS KA 4 28.80 22.03 -64.14
N GLU KA 5 29.46 23.14 -63.88
CA GLU KA 5 30.52 23.22 -62.89
C GLU KA 5 30.06 22.47 -61.67
N GLU KA 6 29.11 23.08 -60.98
CA GLU KA 6 28.63 22.56 -59.70
C GLU KA 6 28.35 21.09 -59.82
N LEU KA 7 27.63 20.71 -60.88
CA LEU KA 7 27.25 19.32 -61.09
C LEU KA 7 28.47 18.45 -60.90
N LYS KA 8 29.40 18.50 -61.84
CA LYS KA 8 30.55 17.64 -61.70
C LYS KA 8 31.37 18.03 -60.47
N GLU KA 9 31.36 19.30 -60.12
CA GLU KA 9 32.05 19.69 -58.89
C GLU KA 9 31.48 18.96 -57.70
N ILE KA 10 30.16 19.02 -57.53
CA ILE KA 10 29.57 18.25 -56.45
C ILE KA 10 29.84 16.77 -56.67
N VAL KA 11 29.76 16.32 -57.91
CA VAL KA 11 30.12 14.95 -58.24
C VAL KA 11 31.46 14.60 -57.64
N THR KA 12 32.38 15.55 -57.61
CA THR KA 12 33.58 15.31 -56.83
C THR KA 12 33.20 14.99 -55.40
N MET KA 13 32.76 16.00 -54.67
CA MET KA 13 32.61 15.82 -53.24
C MET KA 13 31.66 14.68 -52.96
N MET KA 14 30.80 14.35 -53.92
CA MET KA 14 30.12 13.08 -53.89
C MET KA 14 31.10 11.95 -53.62
N VAL KA 15 32.24 11.98 -54.32
CA VAL KA 15 33.21 10.93 -54.12
C VAL KA 15 33.74 10.92 -52.71
N ASN KA 16 33.69 12.06 -52.03
CA ASN KA 16 34.39 12.19 -50.76
C ASN KA 16 33.95 11.11 -49.79
N LYS KA 17 32.65 11.03 -49.53
CA LYS KA 17 32.13 10.03 -48.62
C LYS KA 17 32.71 8.67 -48.91
N LEU KA 18 32.81 8.32 -50.17
CA LEU KA 18 33.43 7.07 -50.57
C LEU KA 18 34.81 7.03 -49.97
N THR KA 19 35.67 7.87 -50.52
CA THR KA 19 37.04 7.93 -50.06
C THR KA 19 37.10 8.19 -48.55
N ASN KA 20 36.51 9.29 -48.10
CA ASN KA 20 36.68 9.69 -46.70
C ASN KA 20 36.19 8.62 -45.75
N ARG KA 21 35.47 7.65 -46.25
CA ARG KA 21 35.07 6.52 -45.46
C ARG KA 21 35.71 5.26 -45.98
N LEU KA 22 35.43 4.89 -47.20
CA LEU KA 22 35.69 3.52 -47.63
C LEU KA 22 37.18 3.40 -47.78
N SER KA 23 37.73 4.13 -48.73
CA SER KA 23 39.17 4.16 -48.83
C SER KA 23 39.79 4.76 -47.56
N GLU KA 24 38.97 5.27 -46.63
CA GLU KA 24 39.49 5.65 -45.33
C GLU KA 24 39.07 4.74 -44.20
N GLN KA 25 38.00 0.52 -46.25
CA GLN KA 25 38.36 -0.26 -47.43
C GLN KA 25 39.78 0.01 -47.90
N ASN KA 26 40.16 1.28 -48.00
CA ASN KA 26 41.50 1.63 -48.46
C ASN KA 26 41.72 1.09 -49.88
N ILE KA 27 41.00 1.68 -50.82
CA ILE KA 27 41.00 1.21 -52.20
C ILE KA 27 41.12 2.37 -53.17
N ASN KA 28 42.17 2.34 -53.98
CA ASN KA 28 42.43 3.43 -54.91
C ASN KA 28 41.26 3.60 -55.88
N ILE KA 29 41.10 4.82 -56.38
CA ILE KA 29 39.91 5.17 -57.12
C ILE KA 29 40.26 5.85 -58.43
N ILE KA 30 39.69 5.35 -59.53
CA ILE KA 30 39.82 5.99 -60.83
C ILE KA 30 38.51 6.62 -61.22
N VAL KA 31 38.62 7.66 -62.04
CA VAL KA 31 37.48 8.52 -62.36
C VAL KA 31 37.45 8.74 -63.86
N THR KA 32 36.38 8.29 -64.51
CA THR KA 32 36.22 8.51 -65.93
C THR KA 32 35.25 9.66 -66.13
N ASP KA 33 35.79 10.81 -66.52
CA ASP KA 33 35.00 12.02 -66.63
C ASP KA 33 33.77 11.77 -67.47
N LYS KA 34 33.98 11.17 -68.64
CA LYS KA 34 32.90 10.80 -69.54
C LYS KA 34 31.79 10.13 -68.77
N ALA KA 35 32.06 8.92 -68.27
CA ALA KA 35 31.08 8.25 -67.44
C ALA KA 35 30.63 9.17 -66.31
N LYS KA 36 31.59 9.70 -65.54
CA LYS KA 36 31.27 10.65 -64.49
C LYS KA 36 30.28 11.66 -65.00
N ASP KA 37 30.58 12.22 -66.17
CA ASP KA 37 29.66 13.16 -66.78
C ASP KA 37 28.41 12.43 -67.26
N LYS KA 38 28.58 11.34 -68.00
CA LYS KA 38 27.45 10.49 -68.35
C LYS KA 38 26.60 10.20 -67.13
N ILE KA 39 27.24 9.82 -66.04
CA ILE KA 39 26.56 9.83 -64.78
C ILE KA 39 26.01 11.22 -64.50
N ALA KA 40 26.89 12.20 -64.36
CA ALA KA 40 26.46 13.57 -64.05
C ALA KA 40 25.35 14.02 -64.98
N GLU KA 41 25.47 13.67 -66.26
CA GLU KA 41 24.39 13.83 -67.21
C GLU KA 41 23.10 13.34 -66.59
N GLU KA 42 23.01 12.04 -66.40
CA GLU KA 42 21.86 11.52 -65.67
C GLU KA 42 21.91 11.91 -64.21
N GLY KA 43 23.04 12.41 -63.73
CA GLY KA 43 23.16 12.78 -62.34
C GLY KA 43 22.27 13.93 -61.98
N TYR KA 44 22.42 15.05 -62.68
CA TYR KA 44 21.61 16.21 -62.34
C TYR KA 44 20.22 16.05 -62.90
N ASP KA 45 19.22 16.29 -62.07
CA ASP KA 45 17.87 16.51 -62.52
C ASP KA 45 17.52 17.97 -62.28
N PRO KA 46 16.68 18.51 -63.14
CA PRO KA 46 16.19 19.85 -62.90
C PRO KA 46 15.51 19.91 -61.54
N GLU KA 47 14.33 19.29 -61.46
CA GLU KA 47 13.47 19.39 -60.29
C GLU KA 47 14.21 19.01 -59.01
N TYR KA 48 14.65 17.76 -58.92
CA TYR KA 48 15.24 17.27 -57.69
C TYR KA 48 16.70 17.70 -57.54
N GLY KA 49 17.20 18.48 -58.47
CA GLY KA 49 18.61 18.74 -58.51
C GLY KA 49 19.33 17.49 -58.95
N ALA KA 50 20.63 17.49 -58.76
CA ALA KA 50 21.36 16.25 -58.92
C ALA KA 50 21.14 15.31 -57.75
N ARG KA 51 20.40 15.75 -56.72
CA ARG KA 51 20.31 15.08 -55.44
C ARG KA 51 20.23 13.57 -55.56
N PRO KA 52 19.48 13.01 -56.51
CA PRO KA 52 19.51 11.56 -56.70
C PRO KA 52 20.90 10.99 -56.79
N LEU KA 53 21.88 11.83 -57.14
CA LEU KA 53 23.22 11.36 -57.41
C LEU KA 53 23.69 10.38 -56.36
N ILE KA 54 23.46 10.72 -55.10
CA ILE KA 54 23.79 9.85 -54.01
C ILE KA 54 23.37 8.44 -54.34
N ARG KA 55 22.07 8.23 -54.41
CA ARG KA 55 21.59 6.96 -54.89
C ARG KA 55 22.25 6.61 -56.20
N ALA KA 56 22.16 7.52 -57.16
CA ALA KA 56 22.59 7.27 -58.52
C ALA KA 56 23.94 6.56 -58.51
N ILE KA 57 24.92 7.22 -57.94
CA ILE KA 57 26.23 6.62 -57.74
C ILE KA 57 26.12 5.24 -57.14
N GLN KA 58 25.73 5.18 -55.88
CA GLN KA 58 25.92 3.99 -55.07
C GLN KA 58 25.55 2.74 -55.83
N LYS KA 59 24.46 2.86 -56.59
CA LYS KA 59 23.79 1.72 -57.19
C LYS KA 59 24.81 0.84 -57.88
N THR KA 60 25.33 1.33 -58.99
CA THR KA 60 26.34 0.64 -59.76
C THR KA 60 27.72 0.79 -59.14
N ILE KA 61 27.96 1.92 -58.50
CA ILE KA 61 29.31 2.30 -58.16
C ILE KA 61 29.78 1.40 -57.05
N GLU KA 62 29.17 1.55 -55.89
CA GLU KA 62 29.46 0.63 -54.81
C GLU KA 62 29.37 -0.79 -55.29
N ASP KA 63 28.43 -1.07 -56.19
CA ASP KA 63 28.29 -2.40 -56.75
C ASP KA 63 29.59 -2.88 -57.36
N ASN KA 64 29.97 -2.26 -58.48
CA ASN KA 64 31.12 -2.75 -59.24
C ASN KA 64 32.28 -3.00 -58.30
N LEU KA 65 32.47 -2.11 -57.35
CA LEU KA 65 33.38 -2.39 -56.24
C LEU KA 65 32.98 -3.70 -55.59
N SER KA 66 31.82 -3.68 -54.92
CA SER KA 66 31.36 -4.88 -54.23
C SER KA 66 31.49 -6.08 -55.14
N GLU KA 67 31.14 -5.89 -56.40
CA GLU KA 67 31.41 -6.93 -57.38
C GLU KA 67 32.88 -7.25 -57.37
N LEU KA 68 33.70 -6.31 -57.82
CA LEU KA 68 35.13 -6.57 -57.88
C LEU KA 68 35.71 -6.82 -56.49
N ILE KA 69 34.97 -6.48 -55.43
CA ILE KA 69 35.31 -7.02 -54.12
C ILE KA 69 35.24 -8.53 -54.16
N LEU KA 70 34.28 -9.06 -54.88
CA LEU KA 70 34.22 -10.50 -55.00
C LEU KA 70 35.24 -11.01 -56.00
N ASP KA 71 35.39 -10.29 -57.12
CA ASP KA 71 35.85 -10.90 -58.36
C ASP KA 71 37.22 -11.55 -58.27
N GLY KA 72 37.99 -11.29 -57.22
CA GLY KA 72 39.27 -11.93 -56.94
C GLY KA 72 40.28 -11.68 -58.05
N ASN KA 73 39.84 -11.08 -59.16
CA ASN KA 73 40.75 -10.82 -60.28
C ASN KA 73 41.59 -9.56 -60.07
N GLN KA 74 40.94 -8.46 -59.72
CA GLN KA 74 41.65 -7.20 -59.47
C GLN KA 74 41.02 -6.58 -58.23
N ILE KA 75 41.82 -6.34 -57.19
CA ILE KA 75 41.30 -6.36 -55.83
C ILE KA 75 41.71 -5.14 -55.02
N GLU KA 76 41.51 -5.20 -53.71
CA GLU KA 76 41.63 -4.00 -52.88
C GLU KA 76 42.96 -3.31 -53.14
N GLY KA 77 42.90 -1.98 -53.12
CA GLY KA 77 43.96 -1.02 -53.30
C GLY KA 77 44.24 -0.80 -54.79
N LYS KA 78 43.53 -1.48 -55.69
CA LYS KA 78 43.56 -1.19 -57.11
C LYS KA 78 42.61 -0.05 -57.42
N LYS KA 79 42.31 0.18 -58.70
CA LYS KA 79 41.11 0.92 -59.09
C LYS KA 79 40.66 0.48 -60.48
N VAL KA 80 39.33 0.37 -60.65
CA VAL KA 80 38.69 0.06 -61.93
C VAL KA 80 37.36 0.82 -61.93
N THR KA 81 36.81 1.05 -63.12
CA THR KA 81 35.47 1.63 -63.23
C THR KA 81 34.88 1.27 -64.59
N VAL KA 82 33.75 1.88 -64.91
CA VAL KA 82 33.14 1.73 -66.22
C VAL KA 82 33.46 2.96 -67.07
N LEU LA 1 42.03 18.91 -31.25
CA LEU LA 1 42.75 19.98 -31.93
C LEU LA 1 41.96 21.27 -31.90
N THR LA 2 40.70 21.23 -32.31
CA THR LA 2 39.90 22.44 -32.20
C THR LA 2 39.76 22.82 -30.74
N LYS LA 3 39.42 21.85 -29.89
CA LYS LA 3 39.50 22.05 -28.46
C LYS LA 3 40.84 22.66 -28.10
N ILE LA 4 41.89 22.20 -28.74
CA ILE LA 4 43.21 22.72 -28.46
C ILE LA 4 43.25 24.14 -28.98
N ASN LA 5 43.20 24.25 -30.31
CA ASN LA 5 43.64 25.48 -30.95
C ASN LA 5 42.65 26.62 -30.72
N GLU LA 6 41.41 26.42 -31.16
CA GLU LA 6 40.37 27.42 -31.00
C GLU LA 6 40.89 28.63 -30.24
N THR LA 7 41.60 29.52 -30.94
CA THR LA 7 42.16 30.72 -30.33
C THR LA 7 41.09 31.80 -30.18
N GLU LA 8 40.07 31.74 -31.02
CA GLU LA 8 38.99 32.72 -30.98
C GLU LA 8 39.11 33.71 -32.13
N SER LA 9 39.69 33.26 -33.24
CA SER LA 9 39.86 34.11 -34.41
C SER LA 9 40.25 33.28 -35.63
N GLU LA 10 40.66 32.04 -35.39
CA GLU LA 10 41.06 31.14 -36.46
C GLU LA 10 39.88 30.78 -37.33
N LYS LA 11 38.77 30.42 -36.69
CA LYS LA 11 37.53 30.31 -37.43
C LYS LA 11 37.35 31.59 -38.20
N LEU LA 12 37.07 32.66 -37.48
CA LEU LA 12 36.69 33.95 -38.03
C LEU LA 12 37.59 34.26 -39.21
N LEU LA 13 38.87 34.47 -38.91
CA LEU LA 13 39.81 34.85 -39.94
C LEU LA 13 39.69 33.94 -41.15
N SER LA 14 39.49 32.65 -40.91
CA SER LA 14 39.41 31.75 -42.04
C SER LA 14 37.98 31.39 -42.38
N LEU LA 15 37.02 31.92 -41.62
CA LEU LA 15 35.68 31.34 -41.58
C LEU LA 15 35.07 31.22 -42.96
N GLU LA 16 35.31 32.21 -43.80
CA GLU LA 16 34.86 32.09 -45.17
C GLU LA 16 35.48 30.85 -45.78
N ASP LA 17 36.80 30.89 -45.97
CA ASP LA 17 37.47 29.76 -46.58
C ASP LA 17 37.30 28.52 -45.73
N THR LA 18 37.13 28.70 -44.42
CA THR LA 18 36.55 27.65 -43.61
C THR LA 18 35.25 27.22 -44.22
N LEU LA 19 34.24 28.08 -44.11
CA LEU LA 19 32.93 27.72 -44.61
C LEU LA 19 33.02 27.30 -46.06
N HIS LA 20 33.87 27.97 -46.83
CA HIS LA 20 34.00 27.65 -48.25
C HIS LA 20 34.29 26.18 -48.46
N GLU LA 21 34.76 25.50 -47.43
CA GLU LA 21 34.98 24.07 -47.51
C GLU LA 21 33.67 23.35 -47.74
N ARG LA 22 32.56 24.08 -47.75
CA ARG LA 22 31.28 23.37 -47.75
C ARG LA 22 30.44 23.57 -49.00
N VAL LA 23 29.79 24.71 -49.13
CA VAL LA 23 28.75 24.83 -50.15
C VAL LA 23 29.03 26.05 -51.00
N ILE LA 24 29.13 25.82 -52.29
CA ILE LA 24 29.33 26.92 -53.20
C ILE LA 24 28.10 27.81 -53.18
N GLY LA 25 28.29 29.06 -53.56
CA GLY LA 25 27.19 29.98 -53.67
C GLY LA 25 26.81 30.51 -52.31
N GLN LA 26 26.17 31.67 -52.34
CA GLN LA 26 25.88 32.44 -51.15
C GLN LA 26 27.15 32.79 -50.41
N LYS LA 27 28.26 32.77 -51.13
CA LYS LA 27 29.55 33.10 -50.55
C LYS LA 27 29.43 34.37 -49.73
N ASP LA 28 28.87 35.41 -50.34
CA ASP LA 28 28.48 36.60 -49.61
C ASP LA 28 27.71 36.25 -48.35
N ALA LA 29 26.53 35.65 -48.52
CA ALA LA 29 25.76 35.23 -47.37
C ALA LA 29 26.64 34.45 -46.43
N VAL LA 30 27.34 33.47 -46.99
CA VAL LA 30 28.38 32.78 -46.24
C VAL LA 30 29.25 33.80 -45.54
N ASN LA 31 29.81 34.73 -46.32
CA ASN LA 31 30.59 35.81 -45.74
C ASN LA 31 29.77 36.56 -44.72
N SER LA 32 28.60 37.02 -45.14
CA SER LA 32 27.71 37.71 -44.23
C SER LA 32 27.55 36.90 -42.96
N ILE LA 33 27.24 35.63 -43.11
CA ILE LA 33 27.13 34.76 -41.95
C ILE LA 33 28.41 34.82 -41.14
N SER LA 34 29.52 34.57 -41.81
CA SER LA 34 30.81 34.77 -41.15
C SER LA 34 30.86 36.15 -40.54
N LYS LA 35 30.63 37.16 -41.38
CA LYS LA 35 30.50 38.52 -40.87
C LYS LA 35 29.55 38.55 -39.69
N ALA LA 36 28.37 37.94 -39.86
CA ALA LA 36 27.36 37.98 -38.82
C ALA LA 36 27.90 37.49 -37.49
N VAL LA 37 28.16 36.19 -37.43
CA VAL LA 37 28.52 35.55 -36.18
C VAL LA 37 29.70 36.20 -35.51
N ARG LA 38 30.48 36.98 -36.24
CA ARG LA 38 31.54 37.70 -35.57
C ARG LA 38 30.95 38.74 -34.65
N ARG LA 39 29.83 39.33 -35.06
CA ARG LA 39 29.06 40.13 -34.13
C ARG LA 39 28.49 39.29 -33.01
N ALA LA 40 28.39 37.98 -33.21
CA ALA LA 40 28.12 37.15 -32.05
C ALA LA 40 29.24 37.25 -31.04
N ARG LA 41 30.30 37.95 -31.37
CA ARG LA 41 31.28 38.36 -30.40
C ARG LA 41 31.35 39.87 -30.38
N ALA LA 42 32.30 40.36 -29.58
CA ALA LA 42 32.62 41.78 -29.43
C ALA LA 42 31.56 42.48 -28.60
N GLY LA 43 30.38 41.86 -28.51
CA GLY LA 43 29.30 42.41 -27.73
C GLY LA 43 28.95 43.83 -28.09
N LEU LA 44 29.35 44.28 -29.28
CA LEU LA 44 28.98 45.61 -29.71
C LEU LA 44 27.49 45.71 -29.95
N LYS LA 45 26.87 44.62 -30.36
CA LYS LA 45 25.43 44.49 -30.29
C LYS LA 45 25.08 43.95 -28.91
N ASP LA 46 23.83 43.60 -28.69
CA ASP LA 46 23.44 43.15 -27.36
C ASP LA 46 24.13 41.84 -27.04
N PRO LA 47 24.97 41.79 -26.02
CA PRO LA 47 25.62 40.52 -25.66
C PRO LA 47 24.63 39.40 -25.49
N LYS LA 48 23.42 39.71 -25.10
CA LYS LA 48 22.30 38.79 -25.20
C LYS LA 48 21.51 39.23 -26.42
N ARG LA 49 21.56 38.45 -27.47
CA ARG LA 49 20.93 38.82 -28.73
C ARG LA 49 21.09 37.64 -29.67
N GLY LA 52 21.05 34.71 -32.83
CA GLY LA 52 21.71 34.46 -34.10
C GLY LA 52 20.63 34.06 -35.09
N SER LA 53 20.30 34.98 -35.99
CA SER LA 53 18.97 35.04 -36.60
C SER LA 53 19.06 35.13 -38.10
N PHE LA 54 18.64 34.08 -38.80
CA PHE LA 54 18.95 33.97 -40.21
C PHE LA 54 17.76 33.46 -40.98
N ILE LA 55 17.24 34.27 -41.89
CA ILE LA 55 16.13 33.88 -42.73
C ILE LA 55 16.67 33.37 -44.05
N PHE LA 56 16.50 32.08 -44.28
CA PHE LA 56 16.96 31.51 -45.53
C PHE LA 56 15.92 31.73 -46.62
N LEU LA 57 16.38 32.27 -47.73
CA LEU LA 57 15.59 32.44 -48.94
C LEU LA 57 16.17 31.40 -49.88
N GLY LA 58 15.45 30.31 -50.10
CA GLY LA 58 16.04 29.24 -50.87
C GLY LA 58 15.18 28.00 -50.88
N PRO LA 59 15.67 27.01 -51.60
CA PRO LA 59 14.93 25.80 -51.90
C PRO LA 59 15.47 24.62 -51.13
N THR LA 60 14.93 23.46 -51.43
CA THR LA 60 15.64 22.25 -51.09
C THR LA 60 16.93 22.18 -51.89
N GLY LA 61 17.89 21.44 -51.37
CA GLY LA 61 19.20 21.45 -51.97
C GLY LA 61 19.95 22.75 -51.81
N VAL LA 62 19.36 23.74 -51.16
CA VAL LA 62 19.91 25.08 -51.12
C VAL LA 62 21.00 25.23 -50.07
N GLY LA 63 21.37 24.17 -49.39
CA GLY LA 63 22.35 24.27 -48.33
C GLY LA 63 21.80 24.85 -47.06
N LYS LA 64 20.54 25.26 -47.08
CA LYS LA 64 19.89 25.77 -45.89
C LYS LA 64 20.22 24.87 -44.73
N THR LA 65 20.09 23.58 -44.97
CA THR LA 65 20.46 22.63 -43.95
C THR LA 65 21.97 22.62 -43.80
N GLU LA 66 22.67 22.40 -44.90
CA GLU LA 66 24.13 22.23 -44.91
C GLU LA 66 24.77 23.29 -44.04
N LEU LA 67 24.60 24.52 -44.49
CA LEU LA 67 25.11 25.68 -43.80
C LEU LA 67 24.84 25.52 -42.33
N ALA LA 68 23.56 25.64 -41.99
CA ALA LA 68 23.15 25.56 -40.61
C ALA LA 68 23.83 24.39 -39.93
N ARG LA 69 23.76 23.22 -40.56
CA ARG LA 69 24.53 22.09 -40.10
C ARG LA 69 25.97 22.53 -39.90
N ALA LA 70 26.66 22.77 -40.99
CA ALA LA 70 28.08 23.02 -40.87
C ALA LA 70 28.37 24.14 -39.90
N LEU LA 71 27.47 25.10 -39.79
CA LEU LA 71 27.72 26.29 -39.00
C LEU LA 71 28.32 25.93 -37.65
N ALA LA 72 27.52 25.34 -36.77
CA ALA LA 72 28.06 24.95 -35.49
C ALA LA 72 29.03 23.80 -35.65
N GLU LA 73 28.72 22.85 -36.53
CA GLU LA 73 29.70 21.87 -36.90
C GLU LA 73 31.03 22.54 -37.20
N SER LA 74 30.98 23.69 -37.83
CA SER LA 74 32.12 24.59 -37.81
C SER LA 74 32.23 25.28 -36.47
N MET LA 75 31.24 26.10 -36.13
CA MET LA 75 31.32 26.89 -34.91
C MET LA 75 31.50 26.05 -33.67
N PHE LA 76 30.48 25.29 -33.30
CA PHE LA 76 30.54 24.54 -32.07
C PHE LA 76 31.17 23.19 -32.26
N GLY LA 77 31.73 22.93 -33.43
CA GLY LA 77 32.48 21.70 -33.65
C GLY LA 77 31.55 20.50 -33.57
N ASP LA 78 30.31 20.71 -33.99
CA ASP LA 78 29.34 19.64 -34.13
C ASP LA 78 28.07 20.22 -34.69
N ASP LA 79 27.29 19.40 -35.37
CA ASP LA 79 26.01 19.83 -35.88
C ASP LA 79 24.86 19.45 -34.97
N ASP LA 80 25.12 18.64 -33.95
CA ASP LA 80 24.03 18.26 -33.07
C ASP LA 80 23.56 19.41 -32.22
N ALA LA 81 24.34 20.49 -32.20
CA ALA LA 81 23.86 21.74 -31.64
C ALA LA 81 22.58 22.17 -32.31
N MET LA 82 22.41 21.81 -33.57
CA MET LA 82 21.24 22.24 -34.31
C MET LA 82 19.98 21.65 -33.70
N ILE LA 83 18.87 22.35 -33.92
CA ILE LA 83 17.57 21.83 -33.56
C ILE LA 83 16.60 22.05 -34.71
N ARG LA 84 16.12 20.94 -35.27
CA ARG LA 84 15.02 20.98 -36.20
C ARG LA 84 13.76 21.38 -35.47
N VAL LA 85 12.99 22.29 -36.06
CA VAL LA 85 11.67 22.63 -35.54
C VAL LA 85 10.73 22.81 -36.72
N ASP LA 86 9.61 22.11 -36.70
CA ASP LA 86 8.69 22.13 -37.82
C ASP LA 86 7.64 23.19 -37.61
N MET LA 87 7.68 24.23 -38.44
CA MET LA 87 6.66 25.26 -38.36
C MET LA 87 5.30 24.71 -38.72
N SER LA 88 5.26 23.66 -39.53
CA SER LA 88 4.01 22.93 -39.72
C SER LA 88 3.43 22.56 -38.38
N GLU LA 89 4.28 22.27 -37.41
CA GLU LA 89 3.84 21.86 -36.10
C GLU LA 89 3.59 23.02 -35.18
N PHE LA 90 3.67 24.23 -35.71
CA PHE LA 90 3.41 25.42 -34.92
C PHE LA 90 2.05 25.95 -35.34
N MET LA 91 1.06 25.79 -34.46
CA MET LA 91 -0.30 26.18 -34.81
C MET LA 91 -0.90 27.18 -33.82
N GLU LA 92 -1.36 26.71 -32.66
CA GLU LA 92 -1.96 27.65 -31.73
C GLU LA 92 -1.41 27.44 -30.32
N LYS LA 93 -1.60 26.27 -29.76
CA LYS LA 93 -1.32 26.05 -28.36
C LYS LA 93 0.04 25.44 -28.11
N HIS LA 94 0.81 25.14 -29.16
CA HIS LA 94 2.10 24.50 -28.93
C HIS LA 94 3.00 25.40 -28.10
N ALA LA 95 2.62 26.66 -27.89
CA ALA LA 95 3.36 27.53 -26.99
C ALA LA 95 3.68 26.79 -25.71
N VAL LA 96 2.69 26.07 -25.18
CA VAL LA 96 2.96 25.14 -24.09
C VAL LA 96 4.07 24.18 -24.50
N SER LA 97 3.86 23.46 -25.59
CA SER LA 97 4.89 22.53 -26.01
C SER LA 97 6.10 23.25 -26.55
N ARG LA 98 6.03 24.57 -26.68
CA ARG LA 98 7.26 25.35 -26.72
C ARG LA 98 7.77 25.70 -25.33
N LEU LA 99 6.86 26.07 -24.43
CA LEU LA 99 7.22 26.73 -23.18
C LEU LA 99 6.40 26.14 -22.04
N VAL LA 100 7.08 25.77 -20.95
CA VAL LA 100 6.55 24.79 -20.00
C VAL LA 100 5.14 25.14 -19.55
N GLY LA 101 4.26 24.15 -19.60
CA GLY LA 101 2.88 24.34 -19.21
C GLY LA 101 2.72 24.45 -17.70
N ALA LA 102 2.09 23.44 -17.10
CA ALA LA 102 2.29 23.67 -15.58
C ALA LA 102 0.76 23.66 -15.43
N PRO LA 103 0.14 22.56 -15.86
CA PRO LA 103 -1.31 22.42 -15.77
C PRO LA 103 -1.72 22.72 -16.99
N PRO LA 104 -1.61 23.77 -17.79
CA PRO LA 104 -2.44 23.95 -18.97
C PRO LA 104 -3.75 24.64 -18.63
N HIS LA 109 0.82 16.62 -19.24
CA HIS LA 109 1.53 17.08 -18.06
C HIS LA 109 1.99 18.51 -18.16
N ASP LA 110 3.13 18.78 -17.54
CA ASP LA 110 3.78 20.08 -17.64
C ASP LA 110 4.92 19.90 -18.63
N ASP LA 111 4.77 20.47 -19.82
CA ASP LA 111 5.70 20.25 -20.91
C ASP LA 111 6.06 21.57 -21.57
N GLY LA 112 7.31 21.71 -21.98
CA GLY LA 112 7.75 22.94 -22.62
C GLY LA 112 9.04 22.80 -23.39
N GLY LA 113 9.06 23.37 -24.59
CA GLY LA 113 10.24 23.32 -25.44
C GLY LA 113 10.40 22.01 -26.19
N GLN LA 114 10.13 22.04 -27.49
CA GLN LA 114 10.55 20.97 -28.38
C GLN LA 114 12.07 21.04 -28.58
N LEU LA 115 12.60 22.26 -28.56
CA LEU LA 115 14.03 22.48 -28.72
C LEU LA 115 14.65 23.15 -27.49
N THR LA 116 13.80 23.65 -26.59
CA THR LA 116 14.27 24.30 -25.38
C THR LA 116 14.94 23.31 -24.44
N GLU LA 117 14.15 22.49 -23.78
CA GLU LA 117 14.68 21.49 -22.86
C GLU LA 117 15.93 20.89 -23.47
N LYS LA 118 15.95 20.76 -24.79
CA LYS LA 118 17.18 20.45 -25.50
C LYS LA 118 18.22 21.53 -25.30
N VAL LA 119 17.81 22.77 -25.19
CA VAL LA 119 18.77 23.80 -24.87
C VAL LA 119 19.04 23.81 -23.38
N ARG LA 120 17.97 23.67 -22.59
CA ARG LA 120 18.11 23.28 -21.20
C ARG LA 120 19.07 22.11 -21.14
N ARG LA 121 18.97 21.23 -22.12
CA ARG LA 121 20.03 20.25 -22.32
C ARG LA 121 21.28 20.91 -22.86
N LYS LA 122 21.16 21.67 -23.94
CA LYS LA 122 22.33 22.12 -24.70
C LYS LA 122 22.33 23.64 -24.88
N PRO LA 123 23.00 24.36 -23.99
CA PRO LA 123 22.97 25.82 -24.04
C PRO LA 123 23.64 26.42 -25.24
N TYR LA 124 24.40 25.64 -25.99
CA TYR LA 124 25.06 26.13 -27.19
C TYR LA 124 24.54 25.30 -28.34
N SER LA 125 23.79 25.93 -29.22
CA SER LA 125 22.94 25.13 -30.08
C SER LA 125 22.62 25.92 -31.35
N VAL LA 126 21.78 25.31 -32.19
CA VAL LA 126 21.31 25.95 -33.41
C VAL LA 126 19.85 25.59 -33.57
N ILE LA 127 19.06 26.52 -34.07
CA ILE LA 127 17.61 26.37 -34.05
C ILE LA 127 17.07 26.58 -35.46
N LEU LA 128 16.48 25.54 -36.03
CA LEU LA 128 15.94 25.61 -37.38
C LEU LA 128 14.43 25.78 -37.36
N PHE LA 129 13.93 26.74 -38.13
CA PHE LA 129 12.51 26.92 -38.37
C PHE LA 129 12.22 26.87 -39.87
N ASP LA 130 10.96 26.63 -40.20
CA ASP LA 130 10.60 26.05 -41.48
C ASP LA 130 9.59 26.93 -42.20
N GLU LA 131 10.00 27.53 -43.31
CA GLU LA 131 9.15 28.45 -44.06
C GLU LA 131 8.44 29.37 -43.07
N ILE LA 132 9.25 29.88 -42.15
CA ILE LA 132 8.84 30.06 -40.78
C ILE LA 132 7.49 30.75 -40.68
N GLU LA 133 7.27 31.75 -41.54
CA GLU LA 133 5.98 32.40 -41.65
C GLU LA 133 4.85 31.39 -41.83
N LYS LA 134 5.17 30.18 -42.30
CA LYS LA 134 4.20 29.10 -42.23
C LYS LA 134 3.66 28.94 -40.83
N ALA LA 135 4.48 29.17 -39.82
CA ALA LA 135 4.02 29.11 -38.45
C ALA LA 135 3.15 30.32 -38.13
N HIS LA 136 2.43 30.22 -37.05
CA HIS LA 136 1.28 31.08 -36.82
C HIS LA 136 1.65 32.36 -36.10
N PRO LA 137 0.85 33.39 -36.27
CA PRO LA 137 1.04 34.62 -35.49
C PRO LA 137 0.97 34.32 -34.01
N ASP LA 138 0.46 33.13 -33.73
CA ASP LA 138 0.76 32.47 -32.49
C ASP LA 138 2.23 32.66 -32.17
N VAL LA 139 3.09 32.07 -32.98
CA VAL LA 139 4.45 31.88 -32.54
C VAL LA 139 5.26 33.16 -32.63
N PHE LA 140 4.89 34.05 -33.54
CA PHE LA 140 5.76 35.18 -33.82
C PHE LA 140 6.20 35.88 -32.55
N ASN LA 141 5.29 35.99 -31.59
CA ASN LA 141 5.67 36.59 -30.32
C ASN LA 141 6.61 35.68 -29.54
N ILE LA 142 6.35 34.39 -29.55
CA ILE LA 142 7.29 33.53 -28.87
C ILE LA 142 8.49 33.32 -29.75
N LEU LA 143 8.30 33.43 -31.06
CA LEU LA 143 9.44 33.71 -31.90
C LEU LA 143 10.10 35.00 -31.45
N LEU LA 144 9.29 36.03 -31.29
CA LEU LA 144 9.81 37.28 -30.79
C LEU LA 144 10.49 37.08 -29.45
N GLN LA 145 9.97 36.17 -28.62
CA GLN LA 145 10.67 35.83 -27.38
C GLN LA 145 12.14 35.60 -27.63
N VAL LA 146 12.45 34.80 -28.65
CA VAL LA 146 13.84 34.67 -29.06
C VAL LA 146 14.39 36.02 -29.44
N LEU LA 147 13.69 36.70 -30.35
CA LEU LA 147 14.08 38.03 -30.75
C LEU LA 147 14.12 38.94 -29.54
N ASP LA 148 13.16 38.76 -28.64
CA ASP LA 148 13.21 39.42 -27.35
C ASP LA 148 14.52 39.12 -26.68
N ASP LA 149 15.18 40.18 -26.21
CA ASP LA 149 16.12 40.13 -25.09
C ASP LA 149 17.32 39.23 -25.38
N GLY LA 150 17.28 38.54 -26.51
CA GLY LA 150 18.34 37.61 -26.85
C GLY LA 150 18.51 36.46 -25.89
N HIS LA 151 17.53 36.26 -25.01
CA HIS LA 151 17.49 35.06 -24.20
C HIS LA 151 16.12 34.41 -24.32
N LEU LA 152 15.94 33.29 -23.62
CA LEU LA 152 14.74 32.48 -23.77
C LEU LA 152 14.15 32.20 -22.41
N THR LA 153 13.03 32.83 -22.12
CA THR LA 153 12.22 32.50 -20.95
C THR LA 153 11.54 31.15 -21.15
N ASP LA 154 11.08 30.57 -20.06
CA ASP LA 154 10.46 29.27 -20.06
C ASP LA 154 9.09 29.34 -19.43
N THR LA 155 8.33 28.25 -19.57
CA THR LA 155 7.07 28.16 -18.85
C THR LA 155 7.27 28.07 -17.36
N LYS LA 156 8.30 27.37 -16.93
CA LYS LA 156 8.75 27.53 -15.56
C LYS LA 156 9.42 28.88 -15.35
N GLY LA 157 9.62 29.65 -16.41
CA GLY LA 157 10.15 30.99 -16.33
C GLY LA 157 11.61 31.12 -16.69
N ARG LA 158 12.35 30.01 -16.68
CA ARG LA 158 13.79 30.10 -16.86
C ARG LA 158 14.15 30.79 -18.16
N THR LA 159 14.96 31.82 -18.05
CA THR LA 159 15.38 32.63 -19.19
C THR LA 159 16.81 32.25 -19.56
N VAL LA 160 17.04 31.88 -20.81
CA VAL LA 160 18.31 31.31 -21.20
C VAL LA 160 18.80 31.95 -22.48
N ASP LA 161 20.12 32.12 -22.59
CA ASP LA 161 20.69 32.89 -23.68
C ASP LA 161 20.47 32.22 -25.02
N PHE LA 162 19.99 33.02 -25.98
CA PHE LA 162 20.07 32.60 -27.36
C PHE LA 162 21.43 32.90 -27.96
N ARG LA 163 22.03 34.03 -27.58
CA ARG LA 163 23.31 34.42 -28.16
C ARG LA 163 24.33 33.30 -28.07
N ASN LA 164 24.19 32.43 -27.09
CA ASN LA 164 25.04 31.27 -27.02
C ASN LA 164 24.55 30.15 -27.92
N THR LA 165 23.50 30.41 -28.70
CA THR LA 165 23.09 29.48 -29.73
C THR LA 165 22.86 30.18 -31.05
N ILE LA 166 22.34 29.44 -32.02
CA ILE LA 166 21.99 30.00 -33.31
C ILE LA 166 20.53 29.68 -33.56
N ILE LA 167 19.87 30.51 -34.36
CA ILE LA 167 18.55 30.17 -34.84
C ILE LA 167 18.53 30.36 -36.34
N ILE LA 168 17.62 29.64 -36.99
CA ILE LA 168 17.57 29.56 -38.44
C ILE LA 168 16.15 29.81 -38.89
N MET LA 169 16.00 30.63 -39.92
CA MET LA 169 14.72 30.86 -40.54
C MET LA 169 14.84 30.52 -42.01
N THR LA 170 13.82 29.89 -42.54
CA THR LA 170 13.81 29.42 -43.92
C THR LA 170 12.60 29.96 -44.63
N SER LA 171 12.77 30.32 -45.90
CA SER LA 171 11.63 30.72 -46.71
C SER LA 171 11.81 30.25 -48.14
N ASN LA 172 10.79 29.60 -48.67
CA ASN LA 172 10.62 29.40 -50.10
C ASN LA 172 9.78 30.50 -50.70
N VAL LA 173 9.44 31.52 -49.91
CA VAL LA 173 8.46 32.52 -50.31
C VAL LA 173 8.70 33.01 -51.73
N GLY LA 174 9.95 33.21 -52.08
CA GLY LA 174 10.27 33.68 -53.40
C GLY LA 174 10.30 32.57 -54.42
N ALA LA 175 9.69 31.41 -54.12
CA ALA LA 175 9.72 30.29 -55.05
C ALA LA 175 9.44 30.78 -56.47
N GLN LA 176 8.36 31.54 -56.61
CA GLN LA 176 8.17 32.39 -57.75
C GLN LA 176 9.41 33.27 -57.91
N GLU LA 177 9.57 34.19 -56.97
CA GLU LA 177 10.57 35.25 -57.09
C GLU LA 177 11.95 34.68 -57.30
N LEU LA 178 12.14 33.40 -56.97
CA LEU LA 178 13.33 32.68 -57.38
C LEU LA 178 13.46 32.66 -58.89
N GLN LA 179 12.34 32.79 -59.61
CA GLN LA 179 12.42 32.78 -61.06
C GLN LA 179 13.43 33.80 -61.57
N ASP LA 180 13.59 34.89 -60.83
CA ASP LA 180 14.66 35.85 -61.09
C ASP LA 180 15.99 35.12 -61.19
N GLN LA 181 16.51 34.64 -60.06
CA GLN LA 181 17.75 33.89 -60.14
C GLN LA 181 17.55 32.52 -60.80
N ARG LA 182 16.29 32.08 -61.01
CA ARG LA 182 16.08 31.01 -61.98
C ARG LA 182 16.50 31.47 -63.36
N GLY LA 192 18.55 33.61 -63.40
CA GLY LA 192 19.78 34.17 -62.86
C GLY LA 192 19.70 35.68 -62.70
N GLN LA 193 18.49 36.22 -62.56
CA GLN LA 193 18.32 37.67 -62.56
C GLN LA 193 18.86 38.29 -61.27
N ASP LA 194 19.09 39.60 -61.34
CA ASP LA 194 19.55 40.35 -60.17
C ASP LA 194 18.60 40.13 -59.01
N TYR LA 195 19.16 39.72 -57.89
CA TYR LA 195 18.32 39.36 -56.77
C TYR LA 195 17.66 40.59 -56.20
N GLU LA 196 18.31 41.74 -56.32
CA GLU LA 196 17.78 42.96 -55.75
C GLU LA 196 16.31 43.12 -56.07
N THR LA 197 15.93 42.77 -57.30
CA THR LA 197 14.53 42.58 -57.61
C THR LA 197 13.91 41.69 -56.55
N ILE LA 198 14.24 40.41 -56.59
CA ILE LA 198 13.54 39.46 -55.74
C ILE LA 198 13.82 39.74 -54.27
N ARG LA 199 15.05 40.17 -53.96
CA ARG LA 199 15.35 40.61 -52.60
C ARG LA 199 14.26 41.53 -52.10
N LYS LA 200 14.16 42.69 -52.75
CA LYS LA 200 13.01 43.56 -52.50
C LYS LA 200 11.73 42.77 -52.66
N THR LA 201 11.60 42.10 -53.81
CA THR LA 201 10.35 41.45 -54.16
C THR LA 201 9.93 40.44 -53.11
N MET LA 202 10.88 39.71 -52.54
CA MET LA 202 10.49 38.83 -51.46
C MET LA 202 10.38 39.62 -50.16
N LEU LA 203 11.22 40.63 -49.99
CA LEU LA 203 11.29 41.34 -48.71
C LEU LA 203 9.92 41.73 -48.21
N LYS LA 204 9.27 42.65 -48.90
CA LYS LA 204 7.89 42.98 -48.56
C LYS LA 204 7.05 41.74 -48.38
N GLU LA 205 7.18 40.79 -49.31
CA GLU LA 205 6.39 39.57 -49.27
C GLU LA 205 6.52 38.88 -47.93
N LEU LA 206 7.74 38.73 -47.45
CA LEU LA 206 7.87 38.23 -46.09
C LEU LA 206 7.61 39.34 -45.09
N LYS LA 207 8.07 40.56 -45.40
CA LYS LA 207 7.72 41.71 -44.56
C LYS LA 207 6.22 41.76 -44.33
N ASN LA 208 5.44 41.33 -45.32
CA ASN LA 208 4.03 41.10 -45.08
C ASN LA 208 3.82 40.35 -43.77
N SER LA 209 4.36 39.13 -43.70
CA SER LA 209 4.06 38.24 -42.61
C SER LA 209 4.51 38.76 -41.25
N PHE LA 210 5.35 39.78 -41.21
CA PHE LA 210 5.98 40.11 -39.94
C PHE LA 210 6.03 41.61 -39.73
N ARG LA 211 5.60 42.04 -38.58
CA ARG LA 211 5.99 43.35 -38.11
C ARG LA 211 7.50 43.43 -38.17
N PRO LA 212 8.06 44.53 -38.67
CA PRO LA 212 9.51 44.55 -38.88
C PRO LA 212 10.27 44.21 -37.62
N GLU LA 213 9.79 44.69 -36.48
CA GLU LA 213 10.51 44.49 -35.22
C GLU LA 213 10.95 43.05 -35.08
N PHE LA 214 10.06 42.12 -35.39
CA PHE LA 214 10.39 40.74 -35.67
C PHE LA 214 11.63 40.69 -36.55
N LEU LA 215 11.48 41.16 -37.78
CA LEU LA 215 12.56 41.16 -38.74
C LEU LA 215 13.72 42.01 -38.30
N ASN LA 216 13.54 42.89 -37.33
CA ASN LA 216 14.61 43.83 -37.06
C ASN LA 216 15.62 43.29 -36.08
N ARG LA 217 15.33 42.20 -35.41
CA ARG LA 217 16.36 41.52 -34.66
C ARG LA 217 17.09 40.50 -35.48
N VAL LA 218 16.70 40.34 -36.75
CA VAL LA 218 17.40 39.42 -37.62
C VAL LA 218 18.86 39.84 -37.74
N ASP LA 219 19.73 38.86 -37.77
CA ASP LA 219 21.09 39.12 -38.22
C ASP LA 219 20.96 39.76 -39.59
N ASP LA 220 20.62 38.96 -40.58
CA ASP LA 220 20.16 39.46 -41.87
C ASP LA 220 19.42 38.35 -42.58
N ILE LA 221 18.66 38.75 -43.57
CA ILE LA 221 17.94 37.78 -44.38
C ILE LA 221 18.96 37.05 -45.24
N ILE LA 222 18.71 35.76 -45.47
CA ILE LA 222 19.66 34.93 -46.19
C ILE LA 222 19.01 34.46 -47.48
N VAL LA 223 19.46 34.96 -48.58
CA VAL LA 223 19.11 34.38 -49.86
C VAL LA 223 19.91 33.11 -50.08
N PHE LA 224 19.34 32.21 -50.87
CA PHE LA 224 20.09 31.15 -51.54
C PHE LA 224 19.82 31.29 -53.02
N HIS LA 225 20.87 31.48 -53.80
CA HIS LA 225 20.66 31.81 -55.19
C HIS LA 225 21.07 30.64 -56.07
N ASN MA 1 65.57 8.32 -9.58
CA ASN MA 1 66.64 7.33 -9.44
C ASN MA 1 67.35 7.49 -8.10
N ASN MA 2 67.88 8.68 -7.83
CA ASN MA 2 68.61 8.91 -6.58
C ASN MA 2 67.79 8.41 -5.39
N LEU MA 3 66.50 8.70 -5.37
CA LEU MA 3 65.61 8.13 -4.38
C LEU MA 3 65.65 6.61 -4.43
N LYS MA 4 65.25 6.02 -5.56
CA LYS MA 4 65.27 4.57 -5.67
C LYS MA 4 66.67 4.00 -5.57
N GLU MA 5 67.69 4.74 -6.01
CA GLU MA 5 69.05 4.32 -5.73
C GLU MA 5 69.25 4.13 -4.24
N ILE MA 6 68.73 5.07 -3.46
CA ILE MA 6 68.73 4.90 -2.01
C ILE MA 6 67.82 3.76 -1.61
N GLU MA 7 66.60 3.72 -2.16
CA GLU MA 7 65.74 2.55 -1.99
C GLU MA 7 66.53 1.29 -2.30
N GLN MA 8 67.26 1.29 -3.40
CA GLN MA 8 68.03 0.14 -3.85
C GLN MA 8 69.03 -0.30 -2.80
N GLU MA 9 70.07 0.51 -2.59
CA GLU MA 9 71.11 0.18 -1.61
C GLU MA 9 70.51 -0.21 -0.28
N ILE MA 10 69.40 0.43 0.11
CA ILE MA 10 68.64 -0.06 1.24
C ILE MA 10 68.33 -1.53 1.09
N GLU MA 11 67.71 -1.88 -0.05
CA GLU MA 11 67.27 -3.26 -0.24
C GLU MA 11 68.46 -4.21 -0.28
N LYS MA 12 69.63 -3.72 -0.69
CA LYS MA 12 70.82 -4.55 -0.82
C LYS MA 12 71.12 -5.35 0.43
N VAL MA 13 71.60 -4.67 1.46
CA VAL MA 13 72.14 -5.37 2.59
C VAL MA 13 71.03 -5.84 3.52
N LYS MA 14 69.92 -5.09 3.55
CA LYS MA 14 68.87 -5.38 4.51
C LYS MA 14 68.44 -6.83 4.45
N ASN MA 15 68.42 -7.40 3.25
CA ASN MA 15 68.14 -8.82 3.13
C ASN MA 15 69.40 -9.63 3.43
N GLU MA 16 70.57 -9.10 3.10
CA GLU MA 16 71.80 -9.83 3.36
C GLU MA 16 71.98 -10.05 4.85
N LYS MA 17 71.92 -8.97 5.61
CA LYS MA 17 72.09 -9.05 7.06
C LYS MA 17 71.16 -10.09 7.66
N ASP MA 18 69.99 -10.27 7.07
CA ASP MA 18 69.00 -11.23 7.54
C ASP MA 18 69.59 -12.63 7.63
N ALA MA 19 69.95 -13.20 6.49
CA ALA MA 19 70.35 -14.60 6.45
C ALA MA 19 71.57 -14.89 7.28
N ALA MA 20 72.32 -13.86 7.69
CA ALA MA 20 73.65 -14.09 8.22
C ALA MA 20 73.59 -14.84 9.56
N VAL MA 21 72.91 -14.27 10.54
CA VAL MA 21 72.92 -14.87 11.87
C VAL MA 21 72.07 -16.12 11.94
N HIS MA 22 71.35 -16.45 10.87
CA HIS MA 22 70.38 -17.53 10.92
C HIS MA 22 70.95 -18.84 11.42
N ALA MA 23 72.26 -19.03 11.30
CA ALA MA 23 72.91 -20.27 11.69
C ALA MA 23 74.01 -19.97 12.70
N GLN MA 24 74.48 -21.03 13.35
CA GLN MA 24 75.45 -20.89 14.42
C GLN MA 24 76.83 -20.76 13.80
N GLU MA 25 77.45 -19.60 13.97
CA GLU MA 25 78.66 -19.22 13.26
C GLU MA 25 79.54 -18.41 14.19
N PHE MA 26 80.86 -18.59 14.05
CA PHE MA 26 81.83 -17.72 14.70
C PHE MA 26 82.38 -16.66 13.75
N GLU MA 27 81.97 -16.69 12.48
CA GLU MA 27 82.67 -15.94 11.43
C GLU MA 27 81.72 -15.03 10.68
N ASN MA 28 76.39 -12.70 13.50
CA ASN MA 28 76.05 -11.33 13.89
C ASN MA 28 77.27 -10.48 14.17
N ALA MA 29 78.43 -11.10 14.37
CA ALA MA 29 79.63 -10.37 14.77
C ALA MA 29 80.02 -9.33 13.72
N ALA MA 30 80.29 -9.76 12.50
CA ALA MA 30 80.98 -8.91 11.52
C ALA MA 30 80.02 -8.02 10.75
N ASN MA 31 79.28 -8.60 9.81
CA ASN MA 31 78.54 -7.77 8.86
C ASN MA 31 77.30 -7.16 9.50
N LEU MA 32 76.65 -7.88 10.42
CA LEU MA 32 75.47 -7.34 11.09
C LEU MA 32 75.80 -6.00 11.73
N ARG MA 33 76.93 -5.92 12.41
CA ARG MA 33 77.37 -4.64 12.92
C ARG MA 33 77.78 -3.72 11.78
N ASP MA 34 78.42 -4.27 10.75
CA ASP MA 34 78.81 -3.46 9.59
C ASP MA 34 77.58 -2.85 8.93
N LYS MA 35 76.57 -3.68 8.65
CA LYS MA 35 75.42 -3.21 7.92
C LYS MA 35 74.63 -2.17 8.70
N GLN MA 36 74.36 -2.45 9.99
CA GLN MA 36 73.48 -1.57 10.76
C GLN MA 36 74.02 -0.16 10.84
N THR MA 37 75.35 -0.01 10.87
CA THR MA 37 75.92 1.32 10.65
C THR MA 37 75.84 1.70 9.18
N LYS MA 38 76.27 0.78 8.29
CA LYS MA 38 76.25 1.07 6.86
C LYS MA 38 74.85 1.43 6.39
N LEU MA 39 73.83 0.81 7.00
CA LEU MA 39 72.45 1.21 6.67
C LEU MA 39 72.15 2.59 7.23
N GLU MA 40 72.68 2.90 8.42
CA GLU MA 40 72.47 4.21 9.01
C GLU MA 40 73.19 5.31 8.24
N LYS MA 41 74.07 4.96 7.30
CA LYS MA 41 74.84 5.96 6.59
C LYS MA 41 73.97 6.84 5.70
N GLN MA 42 73.27 6.23 4.74
CA GLN MA 42 72.49 6.97 3.77
C GLN MA 42 70.99 6.98 4.05
N TYR MA 43 70.54 6.38 5.15
CA TYR MA 43 69.12 6.27 5.45
C TYR MA 43 68.44 7.62 5.57
N GLU MA 44 69.20 8.70 5.79
CA GLU MA 44 68.61 9.94 6.28
C GLU MA 44 67.83 10.68 5.19
N GLU MA 45 68.42 10.86 4.01
CA GLU MA 45 67.90 11.85 3.07
C GLU MA 45 66.51 11.50 2.55
N ALA MA 46 66.09 10.23 2.67
CA ALA MA 46 65.00 9.69 1.87
C ALA MA 46 63.72 10.52 1.95
N LYS MA 47 63.03 10.48 3.08
CA LYS MA 47 61.75 11.17 3.17
C LYS MA 47 61.85 12.69 3.02
N ASN MA 48 62.85 13.38 3.58
CA ASN MA 48 62.98 14.80 3.26
C ASN MA 48 63.18 15.03 1.78
N GLU MA 49 64.07 14.26 1.15
CA GLU MA 49 64.20 14.36 -0.30
C GLU MA 49 62.97 13.80 -0.98
N TRP MA 50 62.21 12.93 -0.30
CA TRP MA 50 60.86 12.60 -0.77
C TRP MA 50 59.88 13.72 -0.44
N LYS MA 51 60.15 14.51 0.59
CA LYS MA 51 59.24 15.59 0.93
C LYS MA 51 59.24 16.69 -0.12
N ASN MA 52 60.24 16.72 -1.01
CA ASN MA 52 60.14 17.58 -2.18
C ASN MA 52 58.97 17.18 -3.06
N ALA MA 53 58.71 15.87 -3.17
CA ALA MA 53 57.48 15.40 -3.80
C ALA MA 53 56.26 15.77 -2.99
N GLN MA 54 56.40 15.84 -1.66
CA GLN MA 54 55.29 16.21 -0.79
C GLN MA 54 54.95 17.70 -0.91
N ASN MA 55 63.69 14.42 -8.97
CA ASN MA 55 63.48 15.87 -8.97
C ASN MA 55 62.07 16.20 -9.38
N SER NA 1 27.09 36.36 -6.60
CA SER NA 1 27.89 37.05 -7.59
C SER NA 1 29.23 36.36 -7.74
N VAL NA 2 29.75 36.44 -8.95
CA VAL NA 2 31.07 35.92 -9.25
C VAL NA 2 32.08 36.39 -8.20
N VAL NA 3 32.01 37.67 -7.85
CA VAL NA 3 33.04 38.22 -6.98
C VAL NA 3 32.91 37.68 -5.57
N ASP NA 4 31.71 37.77 -4.99
CA ASP NA 4 31.49 37.22 -3.67
C ASP NA 4 31.98 35.80 -3.62
N THR NA 5 31.72 35.06 -4.70
CA THR NA 5 32.22 33.72 -4.80
C THR NA 5 33.70 33.70 -4.50
N VAL NA 6 34.46 34.52 -5.22
CA VAL NA 6 35.90 34.59 -4.97
C VAL NA 6 36.16 34.73 -3.48
N ALA NA 7 35.47 35.68 -2.84
CA ALA NA 7 35.59 35.82 -1.40
C ALA NA 7 35.24 34.53 -0.70
N ILE NA 8 34.10 33.94 -1.05
CA ILE NA 8 33.72 32.71 -0.38
C ILE NA 8 34.68 31.62 -0.77
N LEU NA 9 35.23 31.70 -1.98
CA LEU NA 9 36.32 30.83 -2.34
C LEU NA 9 37.55 31.16 -1.51
N LYS NA 10 37.90 32.44 -1.45
CA LYS NA 10 38.88 32.89 -0.48
C LYS NA 10 38.54 32.36 0.90
N GLY NA 11 37.26 32.25 1.20
CA GLY NA 11 36.87 31.55 2.40
C GLY NA 11 37.45 30.16 2.41
N LEU NA 12 37.14 29.36 1.40
CA LEU NA 12 37.71 28.03 1.39
C LEU NA 12 39.09 27.97 0.79
N ARG NA 13 39.63 29.12 0.40
CA ARG NA 13 40.97 29.11 -0.15
C ARG NA 13 41.87 28.30 0.76
N ASP NA 14 42.02 28.66 2.03
CA ASP NA 14 42.90 27.86 2.88
C ASP NA 14 42.44 26.44 2.99
N ARG NA 15 41.14 26.23 2.84
CA ARG NA 15 40.55 24.97 3.20
C ARG NA 15 41.17 23.85 2.39
N TYR NA 16 40.85 23.76 1.13
CA TYR NA 16 41.27 22.56 0.44
C TYR NA 16 42.74 22.59 0.06
N GLU NA 17 43.36 23.76 0.02
CA GLU NA 17 44.80 23.75 -0.13
C GLU NA 17 45.44 23.18 1.11
N ALA NA 18 44.90 23.49 2.28
CA ALA NA 18 45.43 22.82 3.45
C ALA NA 18 45.03 21.36 3.41
N HIS NA 19 44.03 21.01 2.60
CA HIS NA 19 43.81 19.61 2.28
C HIS NA 19 44.76 19.13 1.22
N HIS NA 20 44.97 19.95 0.20
CA HIS NA 20 45.74 19.57 -0.96
C HIS NA 20 47.16 20.09 -0.92
N ARG NA 21 47.54 20.74 0.17
CA ARG NA 21 48.92 21.15 0.37
C ARG NA 21 49.44 22.01 -0.77
N ILE NA 22 48.69 23.03 -1.16
CA ILE NA 22 49.06 23.87 -2.29
C ILE NA 22 48.86 25.32 -1.91
N ASN NA 23 49.21 26.21 -2.83
CA ASN NA 23 49.11 27.64 -2.60
C ASN NA 23 48.19 28.22 -3.67
N ILE NA 24 47.02 28.68 -3.26
CA ILE NA 24 46.05 29.17 -4.23
C ILE NA 24 46.46 30.56 -4.70
N SER NA 25 46.41 30.77 -6.00
CA SER NA 25 46.71 32.07 -6.57
C SER NA 25 45.41 32.70 -7.02
N ASP NA 26 45.02 33.78 -6.35
CA ASP NA 26 43.72 34.41 -6.58
C ASP NA 26 43.52 34.72 -8.04
N GLU NA 27 44.61 34.97 -8.78
CA GLU NA 27 44.51 35.11 -10.22
C GLU NA 27 43.69 33.98 -10.81
N ALA NA 28 44.15 32.74 -10.64
CA ALA NA 28 43.30 31.60 -10.92
C ALA NA 28 41.93 31.78 -10.31
N ILE NA 29 41.90 32.13 -9.03
CA ILE NA 29 40.66 32.11 -8.29
C ILE NA 29 39.61 32.95 -9.00
N GLU NA 30 39.94 34.20 -9.29
CA GLU NA 30 39.00 35.00 -10.05
C GLU NA 30 38.82 34.42 -11.44
N ALA NA 31 39.87 33.80 -11.97
CA ALA NA 31 39.85 33.38 -13.35
C ALA NA 31 38.68 32.44 -13.62
N ALA NA 32 38.74 31.24 -13.07
CA ALA NA 32 37.65 30.30 -13.27
C ALA NA 32 36.33 30.93 -12.90
N VAL NA 33 36.36 31.77 -11.87
CA VAL NA 33 35.13 32.40 -11.41
C VAL NA 33 34.40 33.01 -12.59
N LYS NA 34 35.07 33.87 -13.32
CA LYS NA 34 34.57 34.23 -14.64
C LYS NA 34 34.38 32.98 -15.48
N LEU NA 35 35.46 32.24 -15.63
CA LEU NA 35 35.53 31.24 -16.68
C LEU NA 35 34.47 30.18 -16.49
N SER NA 36 34.39 29.62 -15.28
CA SER NA 36 33.38 28.60 -15.03
C SER NA 36 32.00 29.16 -15.30
N ASN NA 37 31.69 30.29 -14.64
CA ASN NA 37 30.45 31.00 -14.90
C ASN NA 37 30.21 31.12 -16.39
N ARG NA 38 31.27 31.44 -17.13
CA ARG NA 38 31.18 31.40 -18.58
C ARG NA 38 30.88 29.97 -19.05
N TYR NA 39 31.73 29.03 -18.69
CA TYR NA 39 31.70 27.76 -19.37
C TYR NA 39 30.91 26.69 -18.69
N VAL NA 40 30.51 26.85 -17.44
CA VAL NA 40 29.87 25.73 -16.79
C VAL NA 40 28.43 26.08 -16.45
N SER NA 41 27.47 25.40 -17.05
CA SER NA 41 26.06 25.65 -16.70
C SER NA 41 25.65 25.11 -15.35
N ASP NA 42 26.07 23.89 -15.02
CA ASP NA 42 25.29 23.03 -14.14
C ASP NA 42 25.54 23.32 -12.67
N ARG NA 43 26.70 22.94 -12.19
CA ARG NA 43 27.01 23.29 -10.82
C ARG NA 43 27.23 24.80 -10.74
N PHE NA 44 27.48 25.27 -9.55
CA PHE NA 44 27.42 26.69 -9.31
C PHE NA 44 28.76 27.20 -8.86
N LEU NA 45 29.12 28.35 -9.41
CA LEU NA 45 30.41 28.95 -9.10
C LEU NA 45 30.69 28.97 -7.61
N PRO NA 46 29.71 29.23 -6.73
CA PRO NA 46 29.92 28.99 -5.31
C PRO NA 46 30.59 27.67 -5.06
N ASP NA 47 30.31 26.69 -5.90
CA ASP NA 47 31.04 25.43 -5.84
C ASP NA 47 31.93 25.30 -7.05
N LYS NA 48 31.30 25.23 -8.21
CA LYS NA 48 31.96 24.73 -9.40
C LYS NA 48 33.32 25.35 -9.59
N ALA NA 49 33.47 26.61 -9.20
CA ALA NA 49 34.79 27.18 -9.09
C ALA NA 49 35.62 26.24 -8.24
N ILE NA 50 35.28 26.18 -6.96
CA ILE NA 50 36.01 25.31 -6.05
C ILE NA 50 36.12 23.92 -6.64
N ASP NA 51 35.05 23.45 -7.28
CA ASP NA 51 35.13 22.21 -8.04
C ASP NA 51 36.37 22.29 -8.90
N LEU NA 52 36.36 23.19 -9.87
CA LEU NA 52 37.54 23.36 -10.69
C LEU NA 52 38.75 23.49 -9.79
N ILE NA 53 38.66 24.41 -8.84
CA ILE NA 53 39.74 24.69 -7.93
C ILE NA 53 40.27 23.39 -7.37
N ASP NA 54 39.49 22.76 -6.50
CA ASP NA 54 39.94 21.50 -5.90
C ASP NA 54 40.40 20.55 -6.97
N GLU NA 55 39.66 20.46 -8.07
CA GLU NA 55 40.10 19.62 -9.17
C GLU NA 55 41.41 20.11 -9.72
N ALA NA 56 41.48 21.40 -10.01
CA ALA NA 56 42.77 21.98 -10.33
C ALA NA 56 43.73 21.69 -9.19
N SER NA 57 43.32 22.04 -7.96
CA SER NA 57 44.11 21.70 -6.78
C SER NA 57 44.49 20.24 -6.80
N SER NA 58 43.63 19.39 -7.34
CA SER NA 58 44.05 18.03 -7.56
C SER NA 58 45.07 17.99 -8.69
N LYS NA 59 44.65 18.40 -9.88
CA LYS NA 59 45.52 18.26 -11.03
C LYS NA 59 46.93 18.70 -10.75
N VAL NA 60 47.08 19.85 -10.10
CA VAL NA 60 48.40 20.24 -9.64
C VAL NA 60 48.90 19.14 -8.72
N ARG NA 61 48.22 18.95 -7.59
CA ARG NA 61 48.64 17.93 -6.65
C ARG NA 61 48.90 16.63 -7.37
N LEU NA 62 47.98 16.24 -8.26
CA LEU NA 62 48.13 15.09 -9.11
C LEU NA 62 49.55 15.10 -9.66
N LYS NA 63 49.84 16.11 -10.47
CA LYS NA 63 51.22 16.31 -10.89
C LYS NA 63 52.12 16.45 -9.68
N SER NA 64 51.71 17.32 -8.77
CA SER NA 64 52.43 17.56 -7.54
C SER NA 64 52.27 16.34 -6.64
N HIS NA 65 51.11 15.70 -6.70
CA HIS NA 65 50.82 14.52 -5.90
C HIS NA 65 51.90 13.48 -6.18
N THR NA 66 52.12 13.20 -7.46
CA THR NA 66 53.15 12.26 -7.87
C THR NA 66 54.09 12.94 -8.84
N THR NA 67 54.77 12.13 -9.66
CA THR NA 67 55.68 12.69 -10.65
C THR NA 67 54.86 13.55 -11.59
N PRO NA 68 55.34 14.77 -11.86
CA PRO NA 68 54.64 15.70 -12.75
C PRO NA 68 54.24 15.05 -14.07
N GLY NA 124 57.98 21.49 -9.12
CA GLY NA 124 58.09 21.70 -7.69
C GLY NA 124 57.10 22.72 -7.17
N MET NA 125 56.43 23.46 -8.06
CA MET NA 125 55.56 24.54 -7.61
C MET NA 125 54.44 23.95 -6.78
N SER NA 126 54.35 24.39 -5.54
CA SER NA 126 53.24 24.01 -4.69
C SER NA 126 52.03 24.89 -4.93
N THR NA 127 52.26 26.13 -5.31
CA THR NA 127 51.19 27.05 -5.64
C THR NA 127 50.42 26.55 -6.83
N SER NA 128 49.18 27.02 -6.95
CA SER NA 128 48.38 26.71 -8.10
C SER NA 128 48.47 27.86 -9.08
N LEU NA 129 48.79 27.55 -10.33
CA LEU NA 129 48.94 28.61 -11.31
C LEU NA 129 47.59 29.29 -11.46
N SER NA 130 47.62 30.51 -11.96
CA SER NA 130 46.38 30.99 -12.51
C SER NA 130 45.95 30.06 -13.63
N GLU NA 131 46.63 30.18 -14.76
CA GLU NA 131 46.07 29.72 -16.01
C GLU NA 131 45.73 28.24 -16.01
N GLU NA 132 46.75 27.40 -16.13
CA GLU NA 132 46.54 25.98 -16.37
C GLU NA 132 45.55 25.40 -15.38
N ASP NA 133 45.77 25.71 -14.10
CA ASP NA 133 44.84 25.34 -13.06
C ASP NA 133 43.44 25.64 -13.50
N ILE NA 134 43.22 26.84 -13.97
CA ILE NA 134 41.96 27.09 -14.61
C ILE NA 134 42.07 26.36 -15.93
N ALA NA 135 42.91 26.89 -16.79
CA ALA NA 135 42.91 26.62 -18.22
C ALA NA 135 42.89 25.14 -18.51
N GLU NA 136 44.03 24.50 -18.28
CA GLU NA 136 44.19 23.10 -18.60
C GLU NA 136 42.97 22.32 -18.15
N VAL NA 137 42.76 22.30 -16.83
CA VAL NA 137 41.57 21.69 -16.26
C VAL NA 137 40.32 22.12 -16.99
N ILE NA 138 40.15 23.44 -17.13
CA ILE NA 138 39.00 23.93 -17.87
C ILE NA 138 39.05 23.45 -19.30
N ALA NA 139 40.24 23.46 -19.90
CA ALA NA 139 40.36 22.83 -21.20
C ALA NA 139 40.11 21.34 -21.08
N GLY NA 140 40.69 20.70 -20.06
CA GLY NA 140 40.30 19.34 -19.75
C GLY NA 140 38.80 19.26 -19.58
N TRP NA 141 38.21 20.32 -19.01
CA TRP NA 141 36.77 20.38 -19.02
C TRP NA 141 36.24 20.46 -20.45
N THR NA 142 36.79 21.34 -21.27
CA THR NA 142 36.19 21.50 -22.59
C THR NA 142 37.18 21.44 -23.75
N GLY NA 143 38.00 22.45 -23.94
CA GLY NA 143 38.93 22.45 -25.05
C GLY NA 143 39.27 23.86 -25.48
N ILE NA 144 40.06 23.94 -26.54
CA ILE NA 144 40.45 25.21 -27.16
C ILE NA 144 41.02 26.16 -26.12
N PRO NA 145 42.06 25.76 -25.40
CA PRO NA 145 42.53 26.57 -24.27
C PRO NA 145 42.80 28.00 -24.63
N THR OA 1 19.63 10.31 24.59
CA THR OA 1 19.50 9.93 23.19
C THR OA 1 19.87 11.09 22.27
N LEU OA 2 18.86 11.63 21.58
CA LEU OA 2 19.08 12.74 20.66
C LEU OA 2 20.48 12.69 20.09
N ASP OA 3 20.70 11.68 19.24
CA ASP OA 3 22.01 11.40 18.67
C ASP OA 3 21.77 10.66 17.35
N SER OA 4 22.84 10.03 16.84
CA SER OA 4 22.88 9.43 15.51
C SER OA 4 22.38 10.45 14.53
N LEU OA 5 21.28 10.15 13.85
CA LEU OA 5 20.65 11.13 12.97
C LEU OA 5 20.53 12.48 13.64
N ALA OA 6 20.20 12.50 14.92
CA ALA OA 6 20.21 13.78 15.63
C ALA OA 6 21.65 14.23 15.78
N ARG OA 7 21.97 15.38 15.20
CA ARG OA 7 23.27 16.02 15.34
C ARG OA 7 23.09 17.52 15.16
N ASP OA 8 24.08 18.28 15.64
CA ASP OA 8 24.06 19.72 15.55
C ASP OA 8 25.44 20.23 15.19
N LEU OA 9 25.45 21.31 14.42
CA LEU OA 9 26.67 22.01 14.07
C LEU OA 9 26.91 23.27 14.88
N THR OA 10 25.97 23.66 15.75
CA THR OA 10 26.13 24.92 16.47
C THR OA 10 27.37 24.90 17.34
N VAL OA 11 27.43 23.94 18.25
CA VAL OA 11 28.64 23.73 19.01
C VAL OA 11 29.82 23.62 18.05
N ILE OA 12 29.64 22.84 16.99
CA ILE OA 12 30.67 22.74 15.98
C ILE OA 12 31.08 24.11 15.48
N ALA OA 13 30.11 25.01 15.35
CA ALA OA 13 30.44 26.39 15.01
C ALA OA 13 31.16 27.06 16.16
N LYS OA 14 30.62 26.95 17.37
CA LYS OA 14 31.42 27.35 18.54
C LYS OA 14 32.71 26.57 18.61
N ASP OA 15 32.69 25.32 18.15
CA ASP OA 15 33.94 24.63 17.94
C ASP OA 15 34.69 25.17 16.75
N GLY OA 16 34.09 26.09 15.99
CA GLY OA 16 34.75 26.57 14.81
C GLY OA 16 34.94 25.52 13.75
N THR OA 17 34.12 24.46 13.79
CA THR OA 17 34.31 23.35 12.86
C THR OA 17 34.05 23.74 11.41
N LEU OA 18 33.52 24.93 11.14
CA LEU OA 18 32.99 25.23 9.82
C LEU OA 18 33.36 26.66 9.43
N ASP OA 19 32.77 27.13 8.33
CA ASP OA 19 33.27 28.28 7.59
C ASP OA 19 32.44 29.51 7.91
N PRO OA 20 33.04 30.64 8.28
CA PRO OA 20 32.27 31.88 8.37
C PRO OA 20 31.69 32.25 7.02
N VAL OA 21 30.39 32.49 7.00
CA VAL OA 21 29.70 32.76 5.75
C VAL OA 21 29.81 34.23 5.44
N ILE OA 22 29.28 34.66 4.30
CA ILE OA 22 29.08 36.08 4.05
C ILE OA 22 27.77 36.29 3.31
N GLY OA 23 27.21 37.48 3.49
CA GLY OA 23 26.30 38.08 2.54
C GLY OA 23 24.87 37.61 2.61
N ARG OA 24 24.62 36.44 3.16
CA ARG OA 24 23.26 35.95 3.27
C ARG OA 24 22.63 36.41 4.58
N ASP OA 25 23.30 37.33 5.25
CA ASP OA 25 22.89 37.89 6.51
C ASP OA 25 21.42 38.29 6.50
N LYS OA 26 21.10 39.38 5.80
CA LYS OA 26 19.71 39.78 5.72
C LYS OA 26 18.87 38.70 5.08
N GLU OA 27 19.46 37.93 4.19
CA GLU OA 27 18.79 36.74 3.70
C GLU OA 27 18.45 35.85 4.89
N ILE OA 28 19.44 35.57 5.71
CA ILE OA 28 19.19 34.81 6.93
C ILE OA 28 18.24 35.56 7.84
N THR OA 29 18.37 36.89 7.88
CA THR OA 29 17.50 37.71 8.69
C THR OA 29 16.05 37.29 8.50
N ARG OA 30 15.65 37.13 7.26
CA ARG OA 30 14.40 36.49 6.92
C ARG OA 30 14.35 35.11 7.55
N VAL OA 31 15.21 34.22 7.06
CA VAL OA 31 15.18 32.84 7.51
C VAL OA 31 15.08 32.79 9.02
N ILE OA 32 15.91 33.59 9.67
CA ILE OA 32 15.78 33.85 11.09
C ILE OA 32 14.34 34.17 11.37
N GLU OA 33 13.90 35.34 10.90
CA GLU OA 33 12.65 35.87 11.38
C GLU OA 33 11.50 34.93 11.10
N VAL OA 34 11.72 33.90 10.28
CA VAL OA 34 10.67 32.92 10.06
C VAL OA 34 10.26 32.29 11.36
N LEU OA 35 11.24 31.97 12.21
CA LEU OA 35 10.92 31.33 13.47
C LEU OA 35 9.99 32.18 14.31
N SER OA 36 10.07 33.50 14.17
CA SER OA 36 9.26 34.38 14.99
C SER OA 36 7.79 34.05 14.91
N ARG OA 37 7.37 33.40 13.85
CA ARG OA 37 5.96 33.32 13.51
C ARG OA 37 5.27 32.26 14.34
N ARG OA 38 4.25 32.68 15.10
CA ARG OA 38 3.30 31.72 15.62
C ARG OA 38 2.71 30.89 14.50
N THR OA 39 2.54 31.49 13.33
CA THR OA 39 1.99 30.77 12.20
C THR OA 39 3.00 29.76 11.68
N LYS OA 40 4.07 30.24 11.07
CA LYS OA 40 5.07 29.33 10.54
C LYS OA 40 6.41 29.79 11.05
N ASN OA 41 6.95 29.05 12.01
CA ASN OA 41 8.35 29.23 12.31
C ASN OA 41 9.22 28.63 11.22
N ASN OA 42 8.62 27.85 10.32
CA ASN OA 42 9.37 26.87 9.55
C ASN OA 42 9.55 27.34 8.13
N PRO OA 43 10.72 27.82 7.79
CA PRO OA 43 11.01 28.20 6.40
C PRO OA 43 11.44 27.01 5.57
N VAL OA 44 11.28 27.17 4.27
CA VAL OA 44 11.96 26.34 3.30
C VAL OA 44 12.66 27.23 2.29
N LEU OA 45 13.72 26.71 1.68
CA LEU OA 45 14.47 27.49 0.72
C LEU OA 45 14.36 26.93 -0.68
N ILE OA 46 14.38 27.86 -1.63
CA ILE OA 46 14.54 27.54 -3.03
C ILE OA 46 15.86 28.14 -3.46
N GLY OA 47 16.39 27.64 -4.56
CA GLY OA 47 17.58 28.22 -5.14
C GLY OA 47 18.38 27.16 -5.87
N GLU OA 48 19.64 27.46 -6.06
CA GLU OA 48 20.51 26.55 -6.75
C GLU OA 48 21.26 25.67 -5.76
N PRO OA 49 21.21 24.35 -5.92
CA PRO OA 49 21.86 23.45 -4.96
C PRO OA 49 23.36 23.71 -4.84
N GLY OA 50 23.93 23.19 -3.76
CA GLY OA 50 25.36 23.23 -3.54
C GLY OA 50 25.97 24.60 -3.40
N VAL OA 51 25.18 25.64 -3.17
CA VAL OA 51 25.69 27.00 -3.30
C VAL OA 51 26.13 27.56 -1.96
N GLY OA 52 26.07 26.79 -0.90
CA GLY OA 52 26.23 27.33 0.43
C GLY OA 52 24.98 27.34 1.27
N LYS OA 53 23.86 26.84 0.73
CA LYS OA 53 22.59 26.94 1.42
C LYS OA 53 22.62 26.24 2.77
N THR OA 54 23.12 25.00 2.82
CA THR OA 54 23.19 24.36 4.12
C THR OA 54 24.24 25.04 4.98
N ALA OA 55 25.18 25.74 4.36
CA ALA OA 55 26.03 26.63 5.14
C ALA OA 55 25.29 27.92 5.46
N ILE OA 56 24.53 28.43 4.50
CA ILE OA 56 23.55 29.45 4.80
C ILE OA 56 22.76 29.04 6.02
N ALA OA 57 22.36 27.77 6.05
CA ALA OA 57 21.82 27.20 7.27
C ALA OA 57 22.81 27.45 8.37
N GLU OA 58 23.99 26.86 8.23
CA GLU OA 58 25.02 27.09 9.24
C GLU OA 58 25.18 28.57 9.52
N GLY OA 59 25.02 29.40 8.49
CA GLY OA 59 25.04 30.83 8.72
C GLY OA 59 24.13 31.21 9.85
N LEU OA 60 22.91 30.69 9.83
CA LEU OA 60 22.03 30.85 10.98
C LEU OA 60 22.74 30.35 12.21
N ALA OA 61 23.16 29.09 12.16
CA ALA OA 61 23.78 28.46 13.31
C ALA OA 61 24.96 29.28 13.82
N GLN OA 62 25.79 29.79 12.92
CA GLN OA 62 26.78 30.75 13.38
C GLN OA 62 26.07 31.89 14.08
N ALA OA 63 25.26 32.63 13.34
CA ALA OA 63 24.52 33.73 13.92
C ALA OA 63 23.74 33.30 15.15
N ILE OA 64 23.48 32.00 15.26
CA ILE OA 64 22.94 31.47 16.50
C ILE OA 64 24.02 31.48 17.55
N VAL OA 65 25.07 30.68 17.35
CA VAL OA 65 26.13 30.68 18.34
C VAL OA 65 26.76 32.05 18.42
N ASN OA 66 26.69 32.82 17.34
CA ASN OA 66 27.04 34.22 17.42
C ASN OA 66 26.10 34.96 18.34
N ASN OA 67 24.94 34.38 18.64
CA ASN OA 67 23.82 35.07 19.27
C ASN OA 67 23.40 36.27 18.44
N GLU OA 68 23.74 36.26 17.16
CA GLU OA 68 23.09 37.15 16.24
C GLU OA 68 21.63 36.75 16.10
N VAL OA 69 21.32 35.53 16.54
CA VAL OA 69 19.96 35.10 16.83
C VAL OA 69 19.37 35.95 17.94
N PRO OA 70 18.24 36.58 17.73
CA PRO OA 70 17.59 37.25 18.85
C PRO OA 70 16.80 36.28 19.71
N GLU OA 71 16.07 36.83 20.66
CA GLU OA 71 15.80 36.18 21.95
C GLU OA 71 15.34 34.75 21.86
N THR OA 72 14.09 34.58 21.43
CA THR OA 72 13.38 33.33 21.67
C THR OA 72 14.22 32.15 21.24
N LEU OA 73 14.93 32.33 20.15
CA LEU OA 73 15.57 31.21 19.51
C LEU OA 73 16.93 30.95 20.13
N LYS OA 74 17.46 31.92 20.87
CA LYS OA 74 18.82 31.86 21.36
C LYS OA 74 19.07 30.58 22.15
N ASP OA 75 18.09 30.16 22.96
CA ASP OA 75 18.19 28.87 23.59
C ASP OA 75 18.18 27.74 22.58
N LYS OA 76 17.33 27.86 21.57
CA LYS OA 76 17.23 26.78 20.59
C LYS OA 76 18.52 26.63 19.83
N ARG OA 77 18.70 25.45 19.24
CA ARG OA 77 19.95 25.06 18.62
C ARG OA 77 19.66 24.36 17.30
N VAL OA 78 20.59 24.52 16.37
CA VAL OA 78 20.50 23.79 15.10
C VAL OA 78 20.40 22.31 15.35
N MET OA 79 19.69 21.64 14.46
CA MET OA 79 19.93 20.25 14.16
C MET OA 79 20.11 20.11 12.68
N SER OA 80 21.18 19.46 12.30
CA SER OA 80 21.45 19.13 10.92
C SER OA 80 20.98 17.71 10.69
N LEU OA 81 20.06 17.53 9.75
CA LEU OA 81 19.53 16.21 9.47
C LEU OA 81 20.64 15.23 9.15
N ASP OA 82 20.38 13.98 9.44
CA ASP OA 82 21.16 12.88 8.91
C ASP OA 82 20.21 12.00 8.13
N MET OA 83 20.61 11.61 6.93
CA MET OA 83 19.76 10.77 6.11
C MET OA 83 20.46 9.46 5.83
N GLY OA 84 19.69 8.39 5.98
CA GLY OA 84 20.18 7.02 5.98
C GLY OA 84 18.97 6.16 6.26
N THR OA 85 19.16 4.85 6.37
CA THR OA 85 18.03 3.96 6.55
C THR OA 85 18.56 2.57 6.89
N VAL OA 86 17.66 1.74 7.42
CA VAL OA 86 18.04 0.54 8.14
C VAL OA 86 16.95 -0.53 8.13
N GLY OA 94 14.00 -3.62 9.50
CA GLY OA 94 12.57 -3.63 9.27
C GLY OA 94 12.09 -2.30 8.73
N GLU OA 95 11.35 -1.54 9.53
CA GLU OA 95 10.98 -0.20 9.12
C GLU OA 95 12.20 0.71 9.20
N PHE OA 96 11.98 1.95 8.81
CA PHE OA 96 13.03 2.94 8.69
C PHE OA 96 12.54 4.21 9.36
N GLU OA 97 11.45 4.75 8.80
CA GLU OA 97 11.03 6.10 9.12
C GLU OA 97 10.57 6.24 10.55
N GLU OA 98 10.05 5.16 11.14
CA GLU OA 98 9.55 5.27 12.50
C GLU OA 98 10.61 5.87 13.41
N ARG OA 99 11.85 5.46 13.23
CA ARG OA 99 12.98 6.11 13.87
C ARG OA 99 12.84 7.61 13.63
N LEU OA 100 12.94 7.98 12.36
CA LEU OA 100 12.76 9.36 11.95
C LEU OA 100 11.47 9.93 12.50
N LYS OA 101 10.41 9.11 12.53
CA LYS OA 101 9.21 9.50 13.25
C LYS OA 101 9.52 9.63 14.73
N LYS OA 102 10.28 8.68 15.29
CA LYS OA 102 10.46 8.66 16.73
C LYS OA 102 11.15 9.91 17.25
N VAL OA 103 12.24 10.30 16.60
CA VAL OA 103 13.07 11.38 17.11
C VAL OA 103 12.28 12.66 17.34
N MET OA 104 11.12 12.75 16.74
CA MET OA 104 10.43 14.02 16.68
C MET OA 104 9.91 14.42 18.05
N GLU OA 105 9.31 13.48 18.76
CA GLU OA 105 8.88 13.80 20.12
C GLU OA 105 10.08 14.12 20.98
N GLU OA 106 11.16 13.36 20.79
CA GLU OA 106 12.38 13.57 21.55
C GLU OA 106 12.78 15.03 21.49
N ILE OA 107 12.91 15.53 20.26
CA ILE OA 107 13.25 16.92 20.08
C ILE OA 107 12.08 17.80 20.49
N GLN OA 108 10.85 17.33 20.32
CA GLN OA 108 9.73 18.07 20.89
C GLN OA 108 9.79 18.00 22.41
N GLN OA 109 10.25 16.87 22.94
CA GLN OA 109 10.48 16.79 24.37
C GLN OA 109 11.58 17.72 24.81
N ALA OA 110 12.49 18.06 23.91
CA ALA OA 110 13.66 18.84 24.26
C ALA OA 110 13.31 20.23 24.77
N GLY OA 111 12.04 20.61 24.70
CA GLY OA 111 11.56 21.88 25.24
C GLY OA 111 12.24 23.06 24.55
N ASN OA 112 14.55 23.69 22.89
CA ASN OA 112 15.94 23.91 23.16
C ASN OA 112 16.76 23.78 21.90
N VAL OA 113 16.11 23.46 20.79
CA VAL OA 113 16.79 23.15 19.54
C VAL OA 113 15.94 23.61 18.36
N ILE OA 114 16.46 23.36 17.17
CA ILE OA 114 15.70 23.39 15.93
C ILE OA 114 16.38 22.45 14.96
N LEU OA 115 15.61 21.84 14.08
CA LEU OA 115 16.19 21.05 13.02
C LEU OA 115 16.01 21.77 11.69
N PHE OA 116 16.99 21.56 10.82
CA PHE OA 116 16.86 21.94 9.43
C PHE OA 116 16.65 20.68 8.60
N ILE OA 117 15.46 20.54 8.04
CA ILE OA 117 15.27 19.52 7.03
C ILE OA 117 15.94 20.00 5.75
N ASP OA 118 16.49 19.08 4.99
CA ASP OA 118 17.52 19.55 4.09
C ASP OA 118 17.00 19.76 2.68
N GLU OA 119 16.81 18.69 1.92
CA GLU OA 119 16.50 18.89 0.51
C GLU OA 119 15.32 18.08 0.04
N LEU OA 120 15.45 16.77 0.02
CA LEU OA 120 14.30 15.99 -0.39
C LEU OA 120 13.33 15.98 0.76
N HIS OA 121 12.20 16.60 0.55
CA HIS OA 121 11.17 16.63 1.53
C HIS OA 121 10.14 15.88 0.79
N THR OA 122 9.94 14.64 1.19
CA THR OA 122 9.72 13.69 0.13
C THR OA 122 8.32 13.17 -0.03
N LEU OA 123 7.93 13.09 -1.29
CA LEU OA 123 6.83 12.25 -1.73
C LEU OA 123 7.45 10.90 -2.04
N VAL OA 124 7.18 9.90 -1.21
CA VAL OA 124 7.92 8.66 -1.18
C VAL OA 124 6.96 7.49 -1.35
N GLY OA 125 7.52 6.34 -1.70
CA GLY OA 125 6.77 5.10 -1.67
C GLY OA 125 6.50 4.62 -0.26
N ALA OA 126 7.53 4.58 0.58
CA ALA OA 126 7.38 4.08 1.95
C ALA OA 126 8.03 4.99 2.97
N ALA OA 135 6.76 7.49 4.22
CA ALA OA 135 6.42 8.27 3.03
C ALA OA 135 5.31 9.24 3.35
N SER OA 136 4.94 10.04 2.34
CA SER OA 136 3.74 10.86 2.43
C SER OA 136 3.76 11.66 3.71
N ASN OA 137 2.82 11.40 4.61
CA ASN OA 137 2.83 12.08 5.89
C ASN OA 137 3.68 11.26 6.84
N ILE OA 138 4.88 11.77 7.08
CA ILE OA 138 5.79 11.27 8.09
C ILE OA 138 6.32 12.49 8.80
N LEU OA 139 5.97 12.65 10.07
CA LEU OA 139 6.11 13.89 10.81
C LEU OA 139 5.20 14.95 10.24
N LYS OA 140 4.83 14.76 8.97
CA LYS OA 140 4.06 15.79 8.29
C LYS OA 140 2.83 16.14 9.10
N PRO OA 141 2.12 15.19 9.70
CA PRO OA 141 1.14 15.55 10.72
C PRO OA 141 1.78 16.20 11.92
N ALA OA 142 2.82 15.58 12.49
CA ALA OA 142 3.44 16.20 13.65
C ALA OA 142 4.08 17.51 13.25
N LEU OA 143 4.54 17.60 12.01
CA LEU OA 143 4.72 18.90 11.41
C LEU OA 143 3.42 19.65 11.53
N ALA OA 144 2.39 19.16 10.84
CA ALA OA 144 1.11 19.83 10.82
C ALA OA 144 0.52 20.01 12.22
N ARG OA 145 1.12 19.36 13.21
CA ARG OA 145 0.76 19.57 14.61
C ARG OA 145 0.90 21.03 15.02
N GLY OA 146 1.50 21.86 14.19
CA GLY OA 146 1.64 23.25 14.56
C GLY OA 146 2.65 23.43 15.67
N GLU OA 147 3.67 22.58 15.69
CA GLU OA 147 4.71 22.66 16.69
C GLU OA 147 6.04 22.39 15.99
N LEU OA 148 7.10 22.32 16.78
CA LEU OA 148 8.38 21.85 16.28
C LEU OA 148 8.94 22.73 15.16
N GLN OA 149 9.46 23.89 15.54
CA GLN OA 149 10.21 24.73 14.64
C GLN OA 149 11.29 23.94 13.90
N CYS OA 150 11.29 24.06 12.57
CA CYS OA 150 12.18 23.29 11.68
C CYS OA 150 12.37 24.12 10.42
N ILE OA 151 13.36 23.78 9.58
CA ILE OA 151 13.56 24.46 8.30
C ILE OA 151 13.73 23.44 7.20
N GLY OA 152 13.13 23.71 6.03
CA GLY OA 152 13.39 22.96 4.83
C GLY OA 152 14.19 23.76 3.80
N ALA OA 153 14.55 23.08 2.71
CA ALA OA 153 15.04 23.75 1.51
C ALA OA 153 14.94 22.84 0.31
N THR OA 154 14.85 23.45 -0.87
CA THR OA 154 14.91 22.73 -2.15
C THR OA 154 15.11 23.72 -3.27
N THR OA 155 14.90 23.29 -4.50
CA THR OA 155 14.54 24.19 -5.57
C THR OA 155 13.09 23.94 -5.93
N LEU OA 156 12.43 24.95 -6.48
CA LEU OA 156 10.98 24.90 -6.63
C LEU OA 156 10.56 23.62 -7.31
N ASP OA 157 11.39 23.13 -8.22
CA ASP OA 157 11.04 21.96 -9.00
C ASP OA 157 10.48 20.87 -8.12
N GLU OA 158 11.07 20.68 -6.95
CA GLU OA 158 10.44 19.85 -5.95
C GLU OA 158 9.36 20.62 -5.21
N TYR OA 159 9.65 21.88 -4.88
CA TYR OA 159 8.75 22.69 -4.07
C TYR OA 159 7.35 22.67 -4.63
N ARG OA 160 7.21 22.53 -5.94
CA ARG OA 160 5.90 22.44 -6.56
C ARG OA 160 5.04 21.37 -5.92
N LYS OA 161 5.65 20.37 -5.28
CA LYS OA 161 4.82 19.24 -4.90
C LYS OA 161 4.46 19.22 -3.43
N ASN OA 162 5.37 18.76 -2.57
CA ASN OA 162 4.98 18.26 -1.25
C ASN OA 162 4.36 19.37 -0.40
N ILE OA 163 5.11 20.45 -0.18
CA ILE OA 163 4.59 21.61 0.54
C ILE OA 163 3.35 22.15 -0.14
N GLU OA 164 3.36 22.16 -1.48
CA GLU OA 164 2.27 22.73 -2.25
C GLU OA 164 1.08 21.79 -2.40
N LYS OA 165 1.34 20.54 -2.79
CA LYS OA 165 0.22 19.62 -3.05
C LYS OA 165 -0.64 19.45 -1.81
N ASP OA 166 -0.04 19.54 -0.62
CA ASP OA 166 -0.85 19.78 0.56
C ASP OA 166 -1.38 21.20 0.56
N ALA OA 167 -0.47 22.17 0.53
CA ALA OA 167 -0.82 23.55 0.73
C ALA OA 167 -1.02 23.92 2.17
N ALA OA 168 -1.34 22.95 3.03
CA ALA OA 168 -1.30 23.17 4.45
C ALA OA 168 0.12 23.04 4.98
N LEU OA 169 0.92 22.23 4.31
CA LEU OA 169 2.35 22.29 4.54
C LEU OA 169 2.92 23.54 3.93
N GLU OA 170 2.37 23.96 2.80
CA GLU OA 170 2.52 25.35 2.41
C GLU OA 170 2.05 26.26 3.53
N ARG OA 171 0.89 25.94 4.12
CA ARG OA 171 0.50 26.68 5.31
C ARG OA 171 1.43 26.39 6.48
N ARG OA 172 2.16 25.27 6.43
CA ARG OA 172 3.25 25.04 7.38
C ARG OA 172 4.58 25.65 6.96
N PHE OA 173 4.88 25.71 5.67
CA PHE OA 173 6.21 26.12 5.24
C PHE OA 173 6.20 27.53 4.67
N GLN OA 174 7.29 28.25 4.89
CA GLN OA 174 7.50 29.54 4.27
C GLN OA 174 8.63 29.43 3.25
N PRO OA 175 8.30 29.62 1.99
CA PRO OA 175 9.31 29.52 0.94
C PRO OA 175 10.14 30.78 0.86
N VAL OA 176 11.43 30.60 0.58
CA VAL OA 176 12.34 31.71 0.34
C VAL OA 176 13.38 31.20 -0.66
N GLN OA 177 13.89 32.11 -1.47
CA GLN OA 177 14.93 31.76 -2.42
C GLN OA 177 15.89 32.93 -2.54
N VAL OA 178 17.13 32.62 -2.90
CA VAL OA 178 18.15 33.63 -3.12
C VAL OA 178 18.95 33.24 -4.34
N ASP OA 179 19.26 34.23 -5.17
CA ASP OA 179 20.02 34.02 -6.39
C ASP OA 179 21.47 33.70 -6.08
N GLU OA 180 22.16 33.19 -7.09
CA GLU OA 180 23.59 33.04 -6.95
C GLU OA 180 24.18 34.37 -6.51
N PRO OA 181 25.02 34.38 -5.49
CA PRO OA 181 25.58 35.63 -5.00
C PRO OA 181 26.30 36.40 -6.08
N ARG PA 1 55.12 14.92 18.47
CA ARG PA 1 55.95 14.76 19.66
C ARG PA 1 55.13 14.93 20.93
N LEU PA 2 55.50 14.20 21.98
CA LEU PA 2 54.93 14.46 23.29
C LEU PA 2 55.49 15.76 23.86
N THR PA 3 55.13 16.04 25.11
CA THR PA 3 55.57 17.24 25.80
C THR PA 3 55.99 16.93 27.24
N GLU PA 4 55.47 17.72 28.18
CA GLU PA 4 55.79 17.55 29.59
C GLU PA 4 55.22 16.23 30.13
N ARG PA 5 53.92 16.20 30.36
CA ARG PA 5 53.26 15.01 30.88
C ARG PA 5 53.54 13.84 29.93
N ALA PA 6 54.09 12.76 30.48
CA ALA PA 6 54.43 11.59 29.68
C ALA PA 6 55.90 11.67 29.27
N GLN PA 7 56.24 12.72 28.53
CA GLN PA 7 57.61 12.91 28.09
C GLN PA 7 58.49 12.99 29.33
N ARG PA 8 58.10 13.84 30.27
CA ARG PA 8 58.82 14.00 31.52
C ARG PA 8 58.91 12.63 32.19
N VAL PA 9 57.75 11.98 32.33
CA VAL PA 9 57.70 10.65 32.92
C VAL PA 9 58.57 9.77 32.04
N LEU PA 10 58.97 10.34 30.89
CA LEU PA 10 59.83 9.65 29.94
C LEU PA 10 61.29 9.99 30.17
N ALA PA 11 61.58 11.23 30.61
CA ALA PA 11 62.95 11.59 30.91
C ALA PA 11 63.40 10.99 32.23
N HIS PA 12 62.52 11.01 33.25
CA HIS PA 12 62.86 10.30 34.46
C HIS PA 12 62.93 8.80 34.18
N ALA PA 13 62.16 8.35 33.20
CA ALA PA 13 62.40 7.02 32.62
C ALA PA 13 63.79 6.95 32.03
N GLN PA 14 64.15 7.92 31.19
CA GLN PA 14 65.52 8.02 30.70
C GLN PA 14 66.48 8.22 31.86
N GLU PA 15 66.10 9.03 32.84
CA GLU PA 15 66.87 9.12 34.07
C GLU PA 15 66.96 7.76 34.75
N GLU PA 16 65.84 7.03 34.78
CA GLU PA 16 65.88 5.66 35.25
C GLU PA 16 66.61 4.76 34.26
N ALA PA 17 66.49 5.05 32.97
CA ALA PA 17 67.31 4.36 31.99
C ALA PA 17 68.78 4.69 32.15
N ILE PA 18 69.09 5.79 32.82
CA ILE PA 18 70.45 6.05 33.25
C ILE PA 18 70.73 5.54 34.66
N ARG PA 19 69.70 5.12 35.40
CA ARG PA 19 69.93 4.61 36.74
C ARG PA 19 70.58 3.23 36.71
N LEU PA 20 69.92 2.27 36.07
CA LEU PA 20 70.47 0.93 35.92
C LEU PA 20 71.08 0.69 34.55
N ASN PA 21 71.09 1.71 33.68
CA ASN PA 21 71.61 1.63 32.32
C ASN PA 21 71.20 0.34 31.61
N HIS PA 22 69.91 0.21 31.32
CA HIS PA 22 69.43 -1.01 30.69
C HIS PA 22 69.86 -1.06 29.23
N SER PA 23 70.01 -2.26 28.66
CA SER PA 23 70.28 -2.35 27.22
C SER PA 23 69.09 -1.94 26.39
N ASN PA 24 67.91 -1.85 27.01
CA ASN PA 24 66.65 -1.77 26.30
C ASN PA 24 65.70 -1.01 27.21
N ILE PA 25 64.70 -0.36 26.62
CA ILE PA 25 63.79 0.44 27.44
C ILE PA 25 62.66 -0.46 27.90
N GLY PA 26 62.66 -0.80 29.18
CA GLY PA 26 61.66 -1.62 29.77
C GLY PA 26 60.36 -0.85 29.87
N THR PA 27 59.23 -1.54 29.88
CA THR PA 27 57.97 -0.88 30.23
C THR PA 27 58.05 -0.09 31.52
N GLU PA 28 59.00 -0.45 32.39
CA GLU PA 28 59.03 0.06 33.75
C GLU PA 28 59.84 1.35 33.89
N HIS PA 29 60.66 1.71 32.90
CA HIS PA 29 61.43 2.94 32.99
C HIS PA 29 60.54 4.10 33.39
N LEU PA 30 59.42 4.25 32.69
CA LEU PA 30 58.49 5.30 33.06
C LEU PA 30 57.57 4.88 34.19
N LEU PA 31 57.41 3.56 34.42
CA LEU PA 31 56.59 3.12 35.55
C LEU PA 31 57.23 3.50 36.87
N LEU PA 32 58.49 3.10 37.07
CA LEU PA 32 59.21 3.59 38.23
C LEU PA 32 59.52 5.07 38.12
N GLY PA 33 59.40 5.65 36.92
CA GLY PA 33 59.43 7.10 36.78
C GLY PA 33 58.08 7.72 37.09
N LEU PA 34 56.99 7.07 36.67
CA LEU PA 34 55.64 7.50 37.06
C LEU PA 34 55.56 7.80 38.55
N MET PA 35 55.74 6.78 39.36
CA MET PA 35 56.03 6.99 40.77
C MET PA 35 57.30 7.81 40.90
N LYS PA 36 57.26 8.83 41.76
CA LYS PA 36 58.50 9.49 42.10
C LYS PA 36 59.28 8.69 43.13
N GLU PA 37 58.58 8.15 44.10
CA GLU PA 37 59.13 7.47 45.26
C GLU PA 37 57.91 6.79 45.86
N PRO PA 38 58.02 5.92 46.90
CA PRO PA 38 56.82 5.20 47.37
C PRO PA 38 55.63 6.08 47.71
N GLU PA 39 55.79 7.41 47.61
CA GLU PA 39 54.71 8.34 47.90
C GLU PA 39 53.42 7.90 47.24
N GLY PA 40 52.33 8.03 47.98
CA GLY PA 40 51.02 8.01 47.36
C GLY PA 40 50.76 9.27 46.52
N ILE PA 41 51.63 10.27 46.64
CA ILE PA 41 51.38 11.54 45.97
C ILE PA 41 51.24 11.40 44.48
N ALA PA 42 49.26 5.78 43.74
CA ALA PA 42 47.99 5.46 44.38
C ALA PA 42 46.82 6.09 43.66
N ALA PA 43 46.89 7.40 43.48
CA ALA PA 43 45.95 8.20 42.72
C ALA PA 43 45.79 7.65 41.31
N LYS PA 44 46.65 6.71 40.90
CA LYS PA 44 46.55 6.12 39.59
C LYS PA 44 45.21 5.43 39.39
N VAL PA 45 44.75 5.50 38.15
CA VAL PA 45 43.47 5.07 37.63
C VAL PA 45 43.36 3.55 37.51
N LEU PA 46 44.45 2.83 37.81
CA LEU PA 46 44.48 1.37 37.77
C LEU PA 46 44.31 0.81 39.18
N GLU PA 47 45.24 1.17 40.08
CA GLU PA 47 45.15 0.70 41.46
C GLU PA 47 43.76 0.92 42.03
N SER PA 48 43.22 2.13 41.87
CA SER PA 48 41.82 2.34 42.22
C SER PA 48 40.93 1.34 41.50
N PHE PA 49 41.14 1.15 40.20
CA PHE PA 49 40.35 0.19 39.46
C PHE PA 49 40.62 -1.27 39.77
N ASN PA 50 41.86 -1.72 39.56
CA ASN PA 50 42.12 -3.15 39.67
C ASN PA 50 43.38 -3.50 40.46
N ILE PA 51 44.54 -3.22 39.89
CA ILE PA 51 45.82 -3.76 40.35
C ILE PA 51 46.54 -2.76 41.26
N THR PA 52 46.77 -3.16 42.51
CA THR PA 52 47.58 -2.36 43.42
C THR PA 52 48.91 -1.99 42.79
N GLU PA 53 49.28 -0.72 42.90
CA GLU PA 53 50.59 -0.32 42.40
C GLU PA 53 51.69 -0.60 43.42
N ASP PA 54 51.41 -0.49 44.71
CA ASP PA 54 52.35 -1.02 45.70
C ASP PA 54 52.69 -2.46 45.37
N LYS PA 55 51.67 -3.24 45.02
CA LYS PA 55 51.87 -4.53 44.37
C LYS PA 55 52.62 -4.37 43.05
N VAL PA 56 52.23 -3.39 42.24
CA VAL PA 56 52.79 -3.26 40.90
C VAL PA 56 54.15 -2.56 40.91
N ILE PA 57 54.31 -1.51 41.73
CA ILE PA 57 55.59 -0.79 41.82
C ILE PA 57 56.74 -1.73 42.17
N GLU PA 58 56.63 -2.43 43.29
CA GLU PA 58 57.77 -3.21 43.75
C GLU PA 58 58.16 -4.26 42.72
N GLU PA 59 57.17 -4.87 42.06
CA GLU PA 59 57.48 -5.95 41.14
C GLU PA 59 58.01 -5.39 39.82
N VAL PA 60 57.58 -4.19 39.43
CA VAL PA 60 58.16 -3.61 38.23
C VAL PA 60 59.56 -3.11 38.52
N GLU PA 61 59.83 -2.70 39.78
CA GLU PA 61 61.16 -2.26 40.15
C GLU PA 61 62.20 -3.34 39.88
N LYS PA 62 61.89 -4.57 40.31
CA LYS PA 62 62.82 -5.67 40.09
C LYS PA 62 62.89 -6.10 38.65
N LEU PA 63 62.05 -5.55 37.77
CA LEU PA 63 62.28 -5.78 36.36
C LEU PA 63 63.34 -4.84 35.82
N ILE PA 64 63.44 -3.64 36.39
CA ILE PA 64 64.52 -2.74 36.05
C ILE PA 64 65.88 -3.40 36.23
N GLY PA 65 65.98 -4.29 37.22
CA GLY PA 65 67.26 -4.92 37.53
C GLY PA 65 67.48 -6.24 36.80
N HIS PA 66 72.89 -6.54 32.07
CA HIS PA 66 73.57 -5.30 32.41
C HIS PA 66 74.28 -4.73 31.19
N GLY PA 67 74.10 -3.44 30.97
CA GLY PA 67 74.57 -2.74 29.78
C GLY PA 67 75.51 -1.62 30.19
N GLN PA 68 76.00 -0.88 29.20
CA GLN PA 68 77.00 0.17 29.41
C GLN PA 68 76.43 1.52 28.95
N ASP PA 69 77.13 2.65 29.14
CA ASP PA 69 76.45 3.96 28.99
C ASP PA 69 75.89 4.24 27.61
N HIS PA 70 76.65 3.98 26.54
CA HIS PA 70 76.13 4.33 25.21
C HIS PA 70 74.93 3.47 24.84
N VAL PA 71 74.98 2.13 24.92
CA VAL PA 71 73.76 1.34 24.75
C VAL PA 71 72.76 1.50 25.89
N GLY PA 72 73.14 2.11 27.01
CA GLY PA 72 72.13 2.51 27.98
C GLY PA 72 71.11 3.40 27.31
N THR PA 73 69.84 3.22 27.69
CA THR PA 73 68.68 3.91 27.13
C THR PA 73 68.71 3.97 25.60
N LEU PA 74 69.19 2.90 24.96
CA LEU PA 74 69.33 2.94 23.51
C LEU PA 74 68.01 2.57 22.83
N HIS PA 75 67.30 1.56 23.32
CA HIS PA 75 66.22 1.03 22.50
C HIS PA 75 64.93 0.84 23.28
N TYR PA 76 63.80 1.16 22.66
CA TYR PA 76 62.51 1.18 23.36
C TYR PA 76 62.00 -0.19 23.80
N THR PA 77 62.61 -1.29 23.36
CA THR PA 77 62.01 -2.61 23.51
C THR PA 77 60.71 -2.71 22.75
N PRO PA 78 60.79 -2.87 21.43
CA PRO PA 78 59.67 -2.67 20.53
C PRO PA 78 58.36 -3.25 21.04
N ARG PA 79 58.43 -4.35 21.79
CA ARG PA 79 57.28 -4.76 22.58
C ARG PA 79 56.71 -3.58 23.37
N ALA PA 80 57.60 -2.85 24.05
CA ALA PA 80 57.24 -1.54 24.59
C ALA PA 80 57.30 -0.45 23.54
N LYS PA 81 58.17 -0.61 22.52
CA LYS PA 81 58.42 0.47 21.58
C LYS PA 81 57.16 1.07 20.98
N LYS PA 82 56.18 0.22 20.63
CA LYS PA 82 54.93 0.74 20.11
C LYS PA 82 54.25 1.64 21.12
N VAL PA 83 54.46 1.37 22.41
CA VAL PA 83 53.57 1.91 23.43
C VAL PA 83 53.64 3.43 23.45
N ILE PA 84 54.81 3.99 23.21
CA ILE PA 84 54.90 5.44 23.09
C ILE PA 84 54.07 5.93 21.91
N GLU PA 85 54.17 5.25 20.79
CA GLU PA 85 53.28 5.58 19.69
C GLU PA 85 51.88 5.06 19.97
N LEU PA 86 51.78 3.88 20.59
CA LEU PA 86 50.51 3.44 21.15
C LEU PA 86 50.00 4.44 22.17
N SER PA 87 50.89 5.18 22.83
CA SER PA 87 50.43 6.26 23.70
C SER PA 87 49.71 7.32 22.89
N MET PA 88 50.17 7.55 21.66
CA MET PA 88 49.53 8.53 20.79
C MET PA 88 48.12 8.13 20.40
N ASP PA 89 47.70 6.90 20.72
CA ASP PA 89 46.45 6.37 20.19
C ASP PA 89 45.21 7.06 20.75
N GLU PA 90 45.21 7.38 22.05
CA GLU PA 90 43.95 7.60 22.76
C GLU PA 90 43.54 9.07 22.86
N ALA PA 91 44.32 10.00 22.29
CA ALA PA 91 44.01 11.41 22.47
C ALA PA 91 42.60 11.75 22.01
N ARG PA 92 42.05 10.97 21.07
CA ARG PA 92 40.73 11.27 20.55
C ARG PA 92 39.62 10.76 21.47
N LYS PA 93 39.76 9.55 22.02
CA LYS PA 93 38.75 9.07 22.97
C LYS PA 93 38.99 9.63 24.35
N LEU PA 94 40.25 9.83 24.74
CA LEU PA 94 40.50 10.78 25.81
C LEU PA 94 40.12 12.20 25.39
N HIS PA 95 39.80 12.39 24.11
CA HIS PA 95 39.20 13.61 23.61
C HIS PA 95 40.14 14.80 23.83
N HIS PA 96 41.30 14.69 23.19
CA HIS PA 96 42.46 15.52 23.46
C HIS PA 96 43.21 15.79 22.16
N ASN PA 97 43.80 16.97 22.06
CA ASN PA 97 44.72 17.23 20.96
C ASN PA 97 46.12 16.70 21.26
N PHE PA 98 46.49 16.63 22.53
CA PHE PA 98 47.81 16.17 22.95
C PHE PA 98 47.69 14.99 23.89
N VAL PA 99 48.82 14.33 24.10
CA VAL PA 99 48.90 12.99 24.66
C VAL PA 99 49.57 13.09 26.01
N GLY PA 100 48.79 12.89 27.07
CA GLY PA 100 49.24 13.26 28.41
C GLY PA 100 49.81 12.05 29.15
N THR PA 101 50.17 12.28 30.41
CA THR PA 101 50.76 11.22 31.23
C THR PA 101 49.76 10.12 31.57
N GLU PA 102 48.46 10.43 31.50
CA GLU PA 102 47.47 9.36 31.59
C GLU PA 102 47.40 8.57 30.29
N HIS PA 103 47.77 9.20 29.19
CA HIS PA 103 47.66 8.59 27.85
C HIS PA 103 48.82 7.66 27.57
N ILE PA 104 50.03 8.06 27.96
CA ILE PA 104 51.17 7.16 27.81
C ILE PA 104 50.95 5.89 28.61
N LEU PA 105 50.59 6.02 29.87
CA LEU PA 105 50.22 4.87 30.67
C LEU PA 105 49.06 4.13 30.02
N LEU PA 106 48.14 4.86 29.40
CA LEU PA 106 47.02 4.22 28.74
C LEU PA 106 47.51 3.17 27.74
N GLY PA 107 48.56 3.49 27.00
CA GLY PA 107 49.12 2.49 26.12
C GLY PA 107 49.97 1.50 26.90
N LEU PA 108 50.56 1.94 28.00
CA LEU PA 108 51.35 1.04 28.82
C LEU PA 108 50.51 -0.11 29.33
N ASN PA 112 49.47 -2.56 28.17
CA ASN PA 112 49.84 -3.86 27.62
C ASN PA 112 51.22 -4.28 28.10
N GLU PA 113 52.30 -3.71 27.54
CA GLU PA 113 53.63 -4.20 27.89
C GLU PA 113 54.05 -3.77 29.28
N GLY PA 114 53.50 -2.67 29.78
CA GLY PA 114 53.68 -2.37 31.20
C GLY PA 114 52.55 -3.10 31.87
N VAL PA 115 52.91 -4.22 32.49
CA VAL PA 115 51.96 -5.15 33.06
C VAL PA 115 52.75 -6.38 33.45
N ALA PA 116 52.17 -7.23 34.25
CA ALA PA 116 52.54 -8.63 34.26
C ALA PA 116 51.32 -9.36 33.74
N ALA PA 117 51.36 -9.78 32.49
CA ALA PA 117 50.22 -10.45 31.89
C ALA PA 117 50.68 -11.88 31.66
N ARG PA 118 50.21 -12.78 32.50
CA ARG PA 118 50.86 -14.07 32.76
C ARG PA 118 49.84 -14.98 33.42
N VAL PA 119 50.32 -16.13 33.93
CA VAL PA 119 49.48 -17.00 34.76
C VAL PA 119 48.83 -16.21 35.88
N PHE PA 120 49.63 -15.45 36.62
CA PHE PA 120 49.13 -14.43 37.54
C PHE PA 120 49.24 -13.09 36.82
N ALA PA 121 48.12 -12.53 36.40
CA ALA PA 121 48.13 -11.35 35.55
C ALA PA 121 48.00 -10.11 36.43
N ASN PA 122 49.07 -9.32 36.47
CA ASN PA 122 48.92 -7.91 36.80
C ASN PA 122 49.03 -7.26 35.42
N LEU PA 123 47.87 -7.04 34.82
CA LEU PA 123 47.81 -6.34 33.56
C LEU PA 123 47.82 -4.87 33.92
N ASP PA 124 47.47 -4.02 32.97
CA ASP PA 124 46.94 -2.72 33.31
C ASP PA 124 45.61 -2.59 32.61
N LEU PA 125 44.58 -2.21 33.38
CA LEU PA 125 43.22 -2.13 32.87
C LEU PA 125 43.22 -1.25 31.63
N ASN PA 126 42.72 -1.79 30.52
CA ASN PA 126 42.92 -1.16 29.22
C ASN PA 126 42.01 0.06 29.04
N ILE PA 127 40.70 -0.15 29.05
CA ILE PA 127 39.72 0.90 28.79
C ILE PA 127 38.97 1.32 30.05
N THR PA 128 38.29 0.37 30.71
CA THR PA 128 37.26 0.67 31.68
C THR PA 128 37.72 1.66 32.75
N LYS PA 129 38.78 1.32 33.47
CA LYS PA 129 39.08 2.04 34.71
C LYS PA 129 39.68 3.42 34.44
N ALA PA 130 40.61 3.50 33.48
CA ALA PA 130 41.26 4.79 33.20
C ALA PA 130 40.23 5.84 32.82
N ARG PA 131 39.39 5.53 31.82
CA ARG PA 131 38.47 6.51 31.26
C ARG PA 131 37.63 7.20 32.33
N ALA PA 132 36.77 6.44 33.00
CA ALA PA 132 35.90 7.04 34.01
C ALA PA 132 36.71 7.62 35.16
N GLN PA 133 37.89 7.09 35.41
CA GLN PA 133 38.75 7.72 36.40
C GLN PA 133 39.64 8.81 35.78
N VAL PA 134 39.71 8.85 34.45
CA VAL PA 134 40.09 10.10 33.78
C VAL PA 134 38.89 11.02 33.67
N VAL PA 135 37.68 10.48 33.58
CA VAL PA 135 36.51 11.30 33.85
C VAL PA 135 36.59 11.86 35.27
N LYS PA 136 37.23 11.11 36.17
CA LYS PA 136 37.62 11.69 37.45
C LYS PA 136 38.80 12.65 37.27
N ALA PA 137 39.87 12.19 36.61
CA ALA PA 137 41.11 12.96 36.52
C ALA PA 137 41.17 13.64 35.17
N LEU PA 138 40.98 14.95 35.18
CA LEU PA 138 40.81 15.76 33.96
C LEU PA 138 39.59 15.26 33.20
N GLY PA 139 39.70 15.03 31.91
CA GLY PA 139 38.62 14.84 30.96
C GLY PA 139 39.12 15.32 29.60
N ASN PA 140 38.17 15.73 28.75
CA ASN PA 140 38.56 16.66 27.69
C ASN PA 140 39.26 17.87 28.28
N PRO PA 141 38.99 18.14 29.56
CA PRO PA 141 39.51 19.30 30.29
C PRO PA 141 41.00 19.45 30.08
N GLU PA 142 41.71 18.33 29.94
CA GLU PA 142 43.15 18.36 29.73
C GLU PA 142 43.49 18.24 28.25
N MET PA 143 43.21 19.30 27.49
CA MET PA 143 43.49 19.32 26.07
C MET PA 143 44.94 18.98 25.78
N SER PA 144 45.85 19.64 26.50
CA SER PA 144 47.28 19.41 26.33
C SER PA 144 47.98 20.66 25.82
N ASN PA 145 49.30 20.57 25.66
CA ASN PA 145 50.09 21.70 25.18
C ASN PA 145 50.60 22.55 26.33
N LYS PA 146 51.46 21.96 27.16
CA LYS PA 146 52.02 22.67 28.31
C LYS PA 146 53.39 22.11 28.68
N ASN PA 147 53.40 20.98 29.37
CA ASN PA 147 54.63 20.34 29.79
C ASN PA 147 54.38 19.04 30.54
N ALA PA 148 53.50 19.09 31.52
CA ALA PA 148 53.18 17.91 32.32
C ALA PA 148 53.00 18.27 33.79
N GLN PA 149 51.78 18.59 34.17
CA GLN PA 149 51.48 18.95 35.56
C GLN PA 149 50.20 18.28 36.04
N ALA PA 150 50.34 17.30 36.92
CA ALA PA 150 49.20 16.58 37.46
C ALA PA 150 49.64 15.36 38.25
N SER PA 151 50.74 15.50 38.98
CA SER PA 151 51.28 14.41 39.79
C SER PA 151 50.52 14.28 41.11
N LYS PA 152 50.31 13.04 41.55
CA LYS PA 152 49.61 12.79 42.80
C LYS PA 152 48.24 13.47 42.81
N SER PA 153 47.93 14.11 43.94
CA SER PA 153 46.65 14.81 44.08
C SER PA 153 46.67 16.18 43.42
N ASN PA 154 46.46 16.22 42.11
CA ASN PA 154 46.46 17.48 41.37
C ASN PA 154 45.76 17.33 40.03
N ASN PA 155 46.48 17.61 38.95
CA ASN PA 155 45.93 17.51 37.60
C ASN PA 155 44.71 18.41 37.44
#